data_8A1D
#
_entry.id   8A1D
#
_cell.length_a   1.00
_cell.length_b   1.00
_cell.length_c   1.00
_cell.angle_alpha   90.00
_cell.angle_beta   90.00
_cell.angle_gamma   90.00
#
_symmetry.space_group_name_H-M   'P 1'
#
loop_
_entity.id
_entity.type
_entity.pdbx_description
1 polymer 'Macrophage-expressed gene 1 protein'
2 non-polymer 2-acetamido-2-deoxy-beta-D-glucopyranose
3 non-polymer CYCLOHEXYL-HEXYL-BETA-D-MALTOSIDE
#
_entity_poly.entity_id   1
_entity_poly.type   'polypeptide(L)'
_entity_poly.pdbx_seq_one_letter_code
;ETGDKPLGETGTTGFQICKNALKLPVLEVLPGGGWDNLRNVDMGRVMDLTYTNCKTTEDGQYIIPDEVYTIPQKESNLEM
NSEVLESWMNYQSTTSLSINTELALFSRVNGKFSTEFQRMKTLQVKDQAVTTRVQVRNRIYTVKTTPTSELSLGFTKALM
DICDQLEKNQTKMATYLAELLILNYGTHVITSVDAGAALVQEDHVRSSFLLDNQNSQNTVTASAGIAFLNIVNFKVETDY
ISQTSLTKDYLSNRTNSRVQSFGGVPFYPGITLETWQKGITNHLVAIDRAGLPLHFFIKPDKLPGLPGPLVKKLSKTVET
AVRHYYTFNTHPGCTNVDSPNFNFQANMDDDSCDAKVTNFTFGGVYQECTELSGDVLCQNLEQKNLLTGDFSCPPGYSPV
HLLSQTHEEGYSRLECKKKCTLKIFCKTVCEDVFRVAKAEFRAYWCVAAGQVPDNSGLLFGGVFTDKTINPMTNAQSCPA
GYIPLNLFESLKVCVSLDYELGFKFSVPFGGFFSCIMGNPLVNSDTAKDVRAPSLKKCPGGFSQHLAVISDGCQVSYCVK
AGIFTGGSLLPVRLPPYTKPPLMSQVATNTVIVTNSETARSWIKDPQTNQWKLGEPLELRRAMTVIHGDSNGMSGGGTKT
ETSQVAPA
;
_entity_poly.pdbx_strand_id   A,B,C,D,E,F,G,H,I,J,K,L,M,N,O,P
#
# COMPACT_ATOMS: atom_id res chain seq x y z
N THR A 13 52.07 32.37 -23.14
CA THR A 13 51.46 33.11 -22.05
C THR A 13 50.02 32.65 -21.83
N GLY A 14 49.81 31.35 -21.94
CA GLY A 14 48.49 30.79 -21.77
C GLY A 14 48.15 30.56 -20.31
N PHE A 15 46.86 30.40 -20.05
CA PHE A 15 46.39 30.14 -18.71
C PHE A 15 45.95 28.70 -18.51
N GLN A 16 46.19 27.83 -19.49
CA GLN A 16 45.71 26.46 -19.36
C GLN A 16 46.45 25.71 -18.28
N ILE A 17 47.71 26.06 -18.04
CA ILE A 17 48.46 25.42 -16.97
C ILE A 17 47.79 25.68 -15.63
N CYS A 18 47.42 26.93 -15.38
CA CYS A 18 46.73 27.24 -14.13
C CYS A 18 45.36 26.60 -14.06
N LYS A 19 44.63 26.60 -15.17
CA LYS A 19 43.30 25.99 -15.16
C LYS A 19 43.37 24.50 -14.85
N ASN A 20 44.39 23.82 -15.37
CA ASN A 20 44.52 22.40 -15.08
C ASN A 20 44.72 22.17 -13.59
N ALA A 21 45.42 23.08 -12.92
CA ALA A 21 45.68 22.93 -11.50
C ALA A 21 44.50 23.39 -10.67
N LEU A 22 44.10 24.65 -10.82
CA LEU A 22 43.10 25.23 -9.93
C LEU A 22 41.69 24.82 -10.30
N LYS A 23 41.43 24.53 -11.58
CA LYS A 23 40.08 24.20 -12.05
C LYS A 23 39.11 25.35 -11.82
N LEU A 24 39.48 26.55 -12.25
CA LEU A 24 38.65 27.72 -12.10
C LEU A 24 38.54 28.44 -13.43
N PRO A 25 37.47 29.18 -13.67
CA PRO A 25 37.41 30.04 -14.85
C PRO A 25 38.36 31.22 -14.71
N VAL A 26 38.70 31.81 -15.83
CA VAL A 26 39.54 32.99 -15.84
C VAL A 26 38.65 34.20 -15.99
N LEU A 27 38.87 35.21 -15.17
CA LEU A 27 38.10 36.45 -15.26
C LEU A 27 38.24 37.04 -16.65
N GLU A 28 37.14 37.08 -17.39
CA GLU A 28 37.19 37.45 -18.79
C GLU A 28 37.21 38.96 -19.02
N VAL A 29 37.05 39.75 -17.98
CA VAL A 29 37.07 41.21 -18.10
C VAL A 29 38.45 41.66 -17.63
N LEU A 30 39.30 42.04 -18.57
CA LEU A 30 40.68 42.35 -18.23
C LEU A 30 41.08 43.69 -18.81
N PRO A 31 41.82 44.49 -18.06
CA PRO A 31 42.32 45.75 -18.61
C PRO A 31 43.58 45.51 -19.40
N GLY A 32 44.27 46.59 -19.77
CA GLY A 32 45.49 46.45 -20.53
C GLY A 32 45.30 46.29 -22.01
N GLY A 33 44.08 46.41 -22.50
CA GLY A 33 43.81 46.32 -23.91
C GLY A 33 43.70 47.70 -24.55
N GLY A 34 43.81 47.72 -25.86
CA GLY A 34 43.58 48.94 -26.59
C GLY A 34 42.12 49.33 -26.58
N TRP A 35 41.87 50.58 -26.92
CA TRP A 35 40.50 51.08 -26.91
C TRP A 35 40.40 52.20 -27.94
N ASP A 36 39.47 52.06 -28.87
CA ASP A 36 39.23 53.07 -29.89
C ASP A 36 38.23 54.06 -29.32
N ASN A 37 38.74 55.19 -28.84
CA ASN A 37 37.88 56.17 -28.19
C ASN A 37 36.84 56.73 -29.15
N LEU A 38 37.04 56.59 -30.45
CA LEU A 38 36.06 57.08 -31.41
C LEU A 38 34.93 56.08 -31.60
N ARG A 39 35.27 54.85 -31.99
CA ARG A 39 34.26 53.84 -32.24
C ARG A 39 33.77 53.15 -30.98
N ASN A 40 34.44 53.34 -29.85
CA ASN A 40 34.05 52.78 -28.56
C ASN A 40 34.02 51.25 -28.62
N VAL A 41 35.18 50.70 -28.99
CA VAL A 41 35.30 49.26 -29.13
C VAL A 41 36.74 48.86 -28.80
N ASP A 42 36.88 47.71 -28.15
CA ASP A 42 38.20 47.20 -27.79
C ASP A 42 39.03 46.92 -29.02
N MET A 43 40.33 47.15 -28.93
CA MET A 43 41.20 47.04 -30.09
C MET A 43 42.26 45.96 -30.00
N GLY A 44 43.17 46.03 -29.04
CA GLY A 44 44.25 45.06 -29.05
C GLY A 44 45.06 45.11 -27.78
N ARG A 45 45.75 44.01 -27.52
CA ARG A 45 46.45 43.84 -26.26
C ARG A 45 47.69 44.71 -26.23
N VAL A 46 47.72 45.68 -25.32
CA VAL A 46 48.88 46.55 -25.19
C VAL A 46 49.78 46.12 -24.03
N MET A 47 49.23 45.98 -22.84
CA MET A 47 49.99 45.42 -21.74
C MET A 47 50.16 43.92 -21.94
N ASP A 48 51.15 43.37 -21.24
CA ASP A 48 51.46 41.95 -21.36
C ASP A 48 50.71 41.19 -20.28
N LEU A 49 49.94 40.19 -20.67
CA LEU A 49 49.20 39.36 -19.73
C LEU A 49 49.86 38.00 -19.66
N THR A 50 50.35 37.64 -18.49
CA THR A 50 50.97 36.35 -18.26
C THR A 50 50.34 35.68 -17.05
N TYR A 51 50.34 34.36 -17.05
CA TYR A 51 49.76 33.59 -15.97
C TYR A 51 50.82 32.70 -15.35
N THR A 52 52.02 33.23 -15.17
CA THR A 52 53.10 32.44 -14.61
C THR A 52 52.82 32.07 -13.17
N ASN A 53 52.31 33.02 -12.39
CA ASN A 53 52.14 32.79 -10.96
C ASN A 53 50.84 32.11 -10.61
N CYS A 54 49.96 31.87 -11.58
CA CYS A 54 48.63 31.32 -11.34
C CYS A 54 47.90 32.12 -10.26
N LYS A 55 47.93 33.43 -10.45
CA LYS A 55 47.31 34.34 -9.50
C LYS A 55 45.79 34.16 -9.51
N THR A 56 45.17 34.39 -8.37
CA THR A 56 43.75 34.16 -8.19
C THR A 56 43.15 35.33 -7.41
N THR A 57 41.89 35.62 -7.67
CA THR A 57 41.18 36.56 -6.81
C THR A 57 41.04 35.94 -5.42
N GLU A 58 41.06 36.81 -4.41
CA GLU A 58 41.11 36.33 -3.02
C GLU A 58 39.97 35.39 -2.70
N ASP A 59 38.81 35.62 -3.29
CA ASP A 59 37.67 34.75 -3.01
C ASP A 59 37.79 33.40 -3.70
N GLY A 60 38.79 33.21 -4.53
CA GLY A 60 38.96 31.96 -5.23
C GLY A 60 37.86 31.69 -6.23
N GLN A 61 37.49 32.71 -6.99
CA GLN A 61 36.51 32.56 -8.04
C GLN A 61 37.09 32.63 -9.43
N TYR A 62 38.16 33.39 -9.64
CA TYR A 62 38.71 33.58 -10.97
C TYR A 62 40.22 33.55 -10.93
N ILE A 63 40.79 33.17 -12.06
CA ILE A 63 42.23 33.20 -12.29
C ILE A 63 42.52 34.49 -13.01
N ILE A 64 43.39 35.32 -12.46
CA ILE A 64 43.71 36.58 -13.10
C ILE A 64 45.17 36.60 -13.52
N PRO A 65 45.53 37.39 -14.53
CA PRO A 65 46.94 37.50 -14.90
C PRO A 65 47.74 38.20 -13.81
N ASP A 66 49.05 38.00 -13.85
CA ASP A 66 49.91 38.54 -12.82
C ASP A 66 49.99 40.05 -12.84
N GLU A 67 49.53 40.71 -13.89
CA GLU A 67 49.72 42.13 -14.05
C GLU A 67 48.50 42.93 -13.62
N VAL A 68 47.48 42.28 -13.07
CA VAL A 68 46.26 42.96 -12.65
C VAL A 68 45.96 42.60 -11.20
N TYR A 69 45.22 43.47 -10.56
CA TYR A 69 44.71 43.21 -9.22
C TYR A 69 43.28 43.68 -9.15
N THR A 70 42.49 43.02 -8.30
CA THR A 70 41.06 43.23 -8.23
C THR A 70 40.67 43.78 -6.87
N ILE A 71 39.86 44.83 -6.88
CA ILE A 71 39.21 45.34 -5.69
C ILE A 71 37.81 44.75 -5.65
N PRO A 72 37.44 44.03 -4.60
CA PRO A 72 36.12 43.38 -4.52
C PRO A 72 35.01 44.34 -4.11
N GLN A 73 34.38 44.96 -5.09
CA GLN A 73 33.32 45.92 -4.83
C GLN A 73 31.95 45.29 -5.10
N LYS A 74 31.66 44.19 -4.44
CA LYS A 74 30.49 43.40 -4.82
C LYS A 74 29.23 44.19 -4.49
N GLU A 75 28.64 44.82 -5.49
CA GLU A 75 27.49 45.71 -5.30
C GLU A 75 26.37 45.29 -6.24
N SER A 76 25.14 45.55 -5.81
CA SER A 76 23.96 45.31 -6.64
C SER A 76 23.03 46.49 -6.46
N ASN A 77 22.44 46.95 -7.55
CA ASN A 77 21.38 47.95 -7.51
C ASN A 77 20.16 47.39 -8.21
N LEU A 78 19.00 47.53 -7.57
CA LEU A 78 17.73 47.10 -8.12
C LEU A 78 16.78 48.28 -8.11
N GLU A 79 16.20 48.61 -9.25
CA GLU A 79 15.07 49.52 -9.31
C GLU A 79 13.90 48.76 -9.91
N MET A 80 12.74 48.87 -9.30
CA MET A 80 11.50 48.38 -9.89
C MET A 80 10.49 49.51 -9.82
N ASN A 81 9.91 49.87 -10.95
CA ASN A 81 8.83 50.84 -10.99
C ASN A 81 7.66 50.20 -11.69
N SER A 82 6.52 50.17 -11.03
CA SER A 82 5.28 49.70 -11.63
C SER A 82 4.27 50.82 -11.56
N GLU A 83 3.44 50.93 -12.58
CA GLU A 83 2.42 51.97 -12.64
C GLU A 83 1.20 51.43 -13.35
N VAL A 84 0.07 51.44 -12.68
CA VAL A 84 -1.18 50.95 -13.24
C VAL A 84 -2.17 52.11 -13.27
N LEU A 85 -2.76 52.38 -14.42
CA LEU A 85 -3.81 53.37 -14.54
C LEU A 85 -5.03 52.69 -15.13
N GLU A 86 -6.18 52.87 -14.53
CA GLU A 86 -7.42 52.37 -15.09
C GLU A 86 -8.46 53.47 -15.10
N SER A 87 -9.25 53.50 -16.15
CA SER A 87 -10.37 54.42 -16.24
C SER A 87 -11.58 53.61 -16.64
N TRP A 88 -12.70 53.86 -15.97
CA TRP A 88 -13.95 53.22 -16.31
C TRP A 88 -15.01 54.30 -16.35
N MET A 89 -15.72 54.38 -17.47
CA MET A 89 -16.83 55.33 -17.58
C MET A 89 -18.02 54.56 -18.12
N ASN A 90 -19.08 54.50 -17.34
CA ASN A 90 -20.29 53.80 -17.71
C ASN A 90 -21.45 54.78 -17.72
N TYR A 91 -22.30 54.67 -18.74
CA TYR A 91 -23.38 55.62 -18.92
C TYR A 91 -24.61 54.86 -19.41
N GLN A 92 -25.77 55.21 -18.88
CA GLN A 92 -27.02 54.63 -19.34
C GLN A 92 -28.06 55.73 -19.45
N SER A 93 -29.06 55.49 -20.30
CA SER A 93 -30.15 56.43 -20.50
C SER A 93 -31.37 55.64 -20.88
N THR A 94 -32.52 55.99 -20.30
CA THR A 94 -33.77 55.34 -20.64
C THR A 94 -34.87 56.38 -20.64
N THR A 95 -35.43 56.67 -21.80
CA THR A 95 -36.53 57.60 -21.92
C THR A 95 -37.75 56.84 -22.42
N SER A 96 -38.86 56.99 -21.70
CA SER A 96 -40.09 56.31 -22.06
C SER A 96 -41.21 57.32 -22.13
N LEU A 97 -42.02 57.22 -23.16
CA LEU A 97 -43.17 58.10 -23.37
C LEU A 97 -44.38 57.25 -23.67
N SER A 98 -45.55 57.71 -23.21
CA SER A 98 -46.78 56.97 -23.44
C SER A 98 -47.93 57.96 -23.54
N ILE A 99 -48.71 57.84 -24.61
CA ILE A 99 -49.87 58.69 -24.84
C ILE A 99 -51.07 57.78 -25.05
N ASN A 100 -52.10 57.94 -24.22
CA ASN A 100 -53.33 57.20 -24.39
C ASN A 100 -54.48 58.17 -24.57
N THR A 101 -55.24 57.99 -25.65
CA THR A 101 -56.38 58.83 -25.97
C THR A 101 -57.61 57.96 -26.08
N GLU A 102 -58.71 58.40 -25.50
CA GLU A 102 -60.00 57.72 -25.59
C GLU A 102 -61.05 58.76 -25.92
N LEU A 103 -61.97 58.41 -26.81
CA LEU A 103 -63.01 59.32 -27.27
C LEU A 103 -64.28 58.54 -27.52
N ALA A 104 -65.33 58.84 -26.76
CA ALA A 104 -66.63 58.22 -26.95
C ALA A 104 -67.64 59.31 -27.25
N LEU A 105 -68.26 59.23 -28.42
CA LEU A 105 -69.27 60.18 -28.86
C LEU A 105 -70.63 59.50 -28.88
N PHE A 106 -71.64 60.18 -28.35
CA PHE A 106 -73.03 59.75 -28.38
C PHE A 106 -73.22 58.40 -27.72
N SER A 107 -72.28 57.99 -26.89
CA SER A 107 -72.27 56.69 -26.22
C SER A 107 -72.35 55.53 -27.20
N ARG A 108 -72.03 55.77 -28.46
CA ARG A 108 -72.00 54.71 -29.45
C ARG A 108 -70.67 54.62 -30.19
N VAL A 109 -70.08 55.74 -30.56
CA VAL A 109 -68.86 55.77 -31.35
C VAL A 109 -67.69 55.80 -30.39
N ASN A 110 -66.89 54.74 -30.37
CA ASN A 110 -65.74 54.64 -29.48
C ASN A 110 -64.45 54.71 -30.28
N GLY A 111 -63.42 55.26 -29.65
CA GLY A 111 -62.11 55.33 -30.26
C GLY A 111 -61.01 55.35 -29.23
N LYS A 112 -59.93 54.61 -29.48
CA LYS A 112 -58.78 54.54 -28.60
C LYS A 112 -57.52 54.69 -29.44
N PHE A 113 -56.48 55.26 -28.84
CA PHE A 113 -55.24 55.56 -29.54
C PHE A 113 -54.13 55.57 -28.51
N SER A 114 -53.39 54.48 -28.40
CA SER A 114 -52.35 54.34 -27.38
C SER A 114 -51.01 54.11 -28.05
N THR A 115 -50.08 55.03 -27.86
CA THR A 115 -48.74 54.93 -28.41
C THR A 115 -47.75 54.95 -27.27
N GLU A 116 -46.64 54.24 -27.45
CA GLU A 116 -45.57 54.17 -26.47
C GLU A 116 -44.24 54.14 -27.18
N PHE A 117 -43.29 54.91 -26.69
CA PHE A 117 -41.93 54.92 -27.19
C PHE A 117 -40.96 54.65 -26.05
N GLN A 118 -39.92 53.89 -26.34
CA GLN A 118 -38.86 53.64 -25.37
C GLN A 118 -37.52 53.71 -26.09
N ARG A 119 -36.58 54.42 -25.48
CA ARG A 119 -35.22 54.50 -25.99
C ARG A 119 -34.28 54.23 -24.83
N MET A 120 -33.53 53.14 -24.93
CA MET A 120 -32.49 52.81 -23.97
C MET A 120 -31.15 52.91 -24.66
N LYS A 121 -30.16 53.42 -23.95
CA LYS A 121 -28.84 53.64 -24.50
C LYS A 121 -27.82 53.31 -23.43
N THR A 122 -26.73 52.67 -23.83
CA THR A 122 -25.69 52.24 -22.91
C THR A 122 -24.33 52.49 -23.53
N LEU A 123 -23.41 53.01 -22.75
CA LEU A 123 -22.04 53.21 -23.17
C LEU A 123 -21.11 52.76 -22.06
N GLN A 124 -20.02 52.13 -22.43
CA GLN A 124 -19.00 51.73 -21.48
C GLN A 124 -17.65 51.95 -22.11
N VAL A 125 -16.74 52.54 -21.36
CA VAL A 125 -15.37 52.73 -21.79
C VAL A 125 -14.46 52.26 -20.67
N LYS A 126 -13.48 51.44 -21.01
CA LYS A 126 -12.58 50.91 -20.00
C LYS A 126 -11.16 50.94 -20.54
N ASP A 127 -10.27 51.65 -19.86
CA ASP A 127 -8.89 51.76 -20.26
C ASP A 127 -7.99 51.23 -19.17
N GLN A 128 -6.97 50.48 -19.57
CA GLN A 128 -5.93 50.05 -18.65
C GLN A 128 -4.59 50.37 -19.28
N ALA A 129 -3.67 50.87 -18.48
CA ALA A 129 -2.30 51.11 -18.91
C ALA A 129 -1.39 50.65 -17.79
N VAL A 130 -0.68 49.55 -18.02
CA VAL A 130 0.27 49.00 -17.08
C VAL A 130 1.66 49.26 -17.61
N THR A 131 2.55 49.73 -16.75
CA THR A 131 3.91 50.04 -17.16
C THR A 131 4.87 49.55 -16.09
N THR A 132 5.75 48.64 -16.46
CA THR A 132 6.69 48.03 -15.54
C THR A 132 8.09 48.27 -16.04
N ARG A 133 9.02 48.51 -15.11
CA ARG A 133 10.41 48.71 -15.47
C ARG A 133 11.27 48.12 -14.36
N VAL A 134 12.14 47.20 -14.73
CA VAL A 134 13.06 46.55 -13.80
C VAL A 134 14.46 46.86 -14.26
N GLN A 135 15.34 47.17 -13.33
CA GLN A 135 16.70 47.56 -13.68
C GLN A 135 17.66 46.99 -12.65
N VAL A 136 18.49 46.06 -13.07
CA VAL A 136 19.47 45.41 -12.21
C VAL A 136 20.85 45.81 -12.67
N ARG A 137 21.74 46.07 -11.72
CA ARG A 137 23.11 46.43 -12.07
C ARG A 137 24.03 45.86 -11.01
N ASN A 138 24.74 44.79 -11.34
CA ASN A 138 25.75 44.20 -10.48
C ASN A 138 27.12 44.68 -10.91
N ARG A 139 27.92 45.12 -9.95
CA ARG A 139 29.31 45.44 -10.18
C ARG A 139 30.12 44.62 -9.20
N ILE A 140 30.81 43.59 -9.68
CA ILE A 140 31.44 42.65 -8.78
C ILE A 140 32.84 43.11 -8.43
N TYR A 141 33.72 43.16 -9.42
CA TYR A 141 35.12 43.49 -9.19
C TYR A 141 35.46 44.79 -9.87
N THR A 142 36.61 45.33 -9.49
CA THR A 142 37.27 46.38 -10.26
C THR A 142 38.69 45.90 -10.54
N VAL A 143 39.00 45.66 -11.80
CA VAL A 143 40.28 45.10 -12.20
C VAL A 143 41.16 46.23 -12.70
N LYS A 144 42.35 46.34 -12.16
CA LYS A 144 43.28 47.39 -12.55
C LYS A 144 44.62 46.77 -12.93
N THR A 145 45.32 47.43 -13.84
CA THR A 145 46.66 46.98 -14.20
C THR A 145 47.66 47.37 -13.13
N THR A 146 48.56 46.46 -12.83
CA THR A 146 49.63 46.76 -11.89
C THR A 146 50.50 47.88 -12.45
N PRO A 147 50.94 48.83 -11.62
CA PRO A 147 51.77 49.92 -12.14
C PRO A 147 53.09 49.45 -12.73
N THR A 148 53.55 48.25 -12.40
CA THR A 148 54.80 47.72 -12.93
C THR A 148 54.60 46.88 -14.18
N SER A 149 53.49 47.09 -14.89
CA SER A 149 53.18 46.26 -16.03
C SER A 149 54.10 46.58 -17.21
N GLU A 150 54.22 45.62 -18.11
CA GLU A 150 55.07 45.73 -19.28
C GLU A 150 54.25 45.66 -20.56
N LEU A 151 54.77 46.31 -21.60
CA LEU A 151 54.10 46.30 -22.88
C LEU A 151 54.13 44.91 -23.50
N SER A 152 53.11 44.62 -24.30
CA SER A 152 53.02 43.31 -24.91
C SER A 152 54.09 43.16 -25.98
N LEU A 153 54.28 41.92 -26.43
CA LEU A 153 55.27 41.67 -27.46
C LEU A 153 54.92 42.39 -28.76
N GLY A 154 53.67 42.27 -29.19
CA GLY A 154 53.29 42.86 -30.47
C GLY A 154 53.36 44.37 -30.47
N PHE A 155 52.91 45.00 -29.37
CA PHE A 155 52.97 46.45 -29.30
C PHE A 155 54.41 46.92 -29.34
N THR A 156 55.30 46.25 -28.61
CA THR A 156 56.71 46.59 -28.66
C THR A 156 57.26 46.43 -30.07
N LYS A 157 56.87 45.35 -30.75
CA LYS A 157 57.39 45.12 -32.10
C LYS A 157 56.95 46.23 -33.06
N ALA A 158 55.68 46.62 -32.99
CA ALA A 158 55.22 47.70 -33.85
C ALA A 158 55.95 49.00 -33.53
N LEU A 159 56.16 49.29 -32.25
CA LEU A 159 56.89 50.49 -31.89
C LEU A 159 58.32 50.45 -32.41
N MET A 160 58.97 49.29 -32.31
CA MET A 160 60.32 49.16 -32.84
C MET A 160 60.34 49.38 -34.35
N ASP A 161 59.33 48.88 -35.05
CA ASP A 161 59.27 49.10 -36.49
C ASP A 161 59.15 50.59 -36.81
N ILE A 162 58.32 51.30 -36.06
CA ILE A 162 58.20 52.74 -36.30
C ILE A 162 59.53 53.43 -35.99
N CYS A 163 60.19 53.02 -34.91
CA CYS A 163 61.48 53.62 -34.57
C CYS A 163 62.50 53.40 -35.67
N ASP A 164 62.55 52.18 -36.22
CA ASP A 164 63.50 51.89 -37.29
C ASP A 164 63.17 52.69 -38.54
N GLN A 165 61.89 52.80 -38.89
CA GLN A 165 61.53 53.60 -40.05
C GLN A 165 61.91 55.06 -39.87
N LEU A 166 61.72 55.60 -38.66
CA LEU A 166 62.19 56.96 -38.40
C LEU A 166 63.70 57.05 -38.51
N GLU A 167 64.41 56.05 -37.99
CA GLU A 167 65.85 56.03 -38.05
C GLU A 167 66.35 56.02 -39.49
N LYS A 168 65.63 55.36 -40.38
CA LYS A 168 65.97 55.40 -41.80
C LYS A 168 65.63 56.72 -42.46
N ASN A 169 65.29 57.75 -41.68
CA ASN A 169 65.03 59.08 -42.19
C ASN A 169 63.93 59.07 -43.26
N GLN A 170 62.97 58.17 -43.08
CA GLN A 170 61.88 58.00 -44.02
C GLN A 170 60.58 58.25 -43.27
N THR A 171 60.17 59.51 -43.23
CA THR A 171 58.97 59.91 -42.49
C THR A 171 57.69 59.56 -43.22
N LYS A 172 57.78 59.03 -44.43
CA LYS A 172 56.56 58.74 -45.17
C LYS A 172 55.89 57.48 -44.66
N MET A 173 56.56 56.34 -44.76
CA MET A 173 55.97 55.13 -44.19
C MET A 173 56.04 55.10 -42.68
N ALA A 174 56.78 56.01 -42.06
CA ALA A 174 56.72 56.13 -40.61
C ALA A 174 55.33 56.53 -40.17
N THR A 175 54.75 57.55 -40.81
CA THR A 175 53.41 57.97 -40.45
C THR A 175 52.37 56.92 -40.83
N TYR A 176 52.56 56.25 -41.96
CA TYR A 176 51.67 55.16 -42.33
C TYR A 176 51.70 54.04 -41.29
N LEU A 177 52.90 53.67 -40.85
CA LEU A 177 53.04 52.64 -39.83
C LEU A 177 52.41 53.08 -38.52
N ALA A 178 52.56 54.36 -38.17
CA ALA A 178 51.91 54.86 -36.96
C ALA A 178 50.40 54.80 -37.07
N GLU A 179 49.85 55.15 -38.23
CA GLU A 179 48.40 55.06 -38.38
C GLU A 179 47.94 53.61 -38.32
N LEU A 180 48.75 52.68 -38.84
CA LEU A 180 48.45 51.27 -38.67
C LEU A 180 48.45 50.89 -37.20
N LEU A 181 49.39 51.42 -36.44
CA LEU A 181 49.40 51.18 -35.00
C LEU A 181 48.11 51.67 -34.37
N ILE A 182 47.66 52.85 -34.76
CA ILE A 182 46.42 53.39 -34.23
C ILE A 182 45.26 52.49 -34.56
N LEU A 183 45.20 52.02 -35.80
CA LEU A 183 44.11 51.15 -36.21
C LEU A 183 44.12 49.85 -35.43
N ASN A 184 45.29 49.26 -35.21
CA ASN A 184 45.34 47.97 -34.55
C ASN A 184 45.12 48.07 -33.05
N TYR A 185 45.63 49.11 -32.41
CA TYR A 185 45.60 49.20 -30.95
C TYR A 185 44.75 50.35 -30.43
N GLY A 186 44.11 51.10 -31.29
CA GLY A 186 43.21 52.12 -30.81
C GLY A 186 43.94 53.30 -30.20
N THR A 187 43.15 54.18 -29.60
CA THR A 187 43.64 55.46 -29.11
C THR A 187 44.10 55.40 -27.66
N HIS A 188 43.31 54.81 -26.78
CA HIS A 188 43.69 54.73 -25.38
C HIS A 188 44.02 53.30 -25.00
N VAL A 189 44.54 53.16 -23.79
CA VAL A 189 44.77 51.85 -23.18
C VAL A 189 43.96 51.80 -21.90
N ILE A 190 43.22 50.72 -21.72
CA ILE A 190 42.34 50.59 -20.57
C ILE A 190 43.17 50.16 -19.36
N THR A 191 43.14 50.98 -18.32
CA THR A 191 43.85 50.66 -17.09
C THR A 191 42.95 50.12 -16.00
N SER A 192 41.64 50.30 -16.12
CA SER A 192 40.74 49.79 -15.11
C SER A 192 39.37 49.54 -15.72
N VAL A 193 38.79 48.38 -15.41
CA VAL A 193 37.45 48.02 -15.83
C VAL A 193 36.65 47.68 -14.59
N ASP A 194 35.36 47.47 -14.78
CA ASP A 194 34.48 47.01 -13.72
C ASP A 194 33.75 45.77 -14.22
N ALA A 195 34.18 44.60 -13.79
CA ALA A 195 33.47 43.40 -14.16
C ALA A 195 32.09 43.42 -13.53
N GLY A 196 31.08 43.06 -14.30
CA GLY A 196 29.75 43.09 -13.76
C GLY A 196 28.70 42.68 -14.76
N ALA A 197 27.44 42.94 -14.45
CA ALA A 197 26.34 42.59 -15.32
C ALA A 197 25.24 43.61 -15.14
N ALA A 198 24.36 43.69 -16.13
CA ALA A 198 23.27 44.65 -16.06
C ALA A 198 22.08 44.09 -16.81
N LEU A 199 20.90 44.59 -16.47
CA LEU A 199 19.66 44.07 -17.03
C LEU A 199 18.60 45.16 -16.97
N VAL A 200 17.84 45.31 -18.04
CA VAL A 200 16.73 46.24 -18.08
C VAL A 200 15.55 45.54 -18.69
N GLN A 201 14.40 45.59 -18.02
CA GLN A 201 13.16 45.14 -18.60
C GLN A 201 12.19 46.29 -18.61
N GLU A 202 11.49 46.48 -19.71
CA GLU A 202 10.38 47.42 -19.80
C GLU A 202 9.18 46.66 -20.31
N ASP A 203 8.01 47.01 -19.81
CA ASP A 203 6.79 46.31 -20.16
C ASP A 203 5.65 47.32 -20.19
N HIS A 204 4.91 47.34 -21.29
CA HIS A 204 3.74 48.20 -21.44
C HIS A 204 2.56 47.34 -21.84
N VAL A 205 1.41 47.60 -21.24
CA VAL A 205 0.16 46.98 -21.63
C VAL A 205 -0.88 48.08 -21.72
N ARG A 206 -1.61 48.12 -22.83
CA ARG A 206 -2.70 49.05 -23.00
C ARG A 206 -3.93 48.29 -23.47
N SER A 207 -5.02 48.40 -22.73
CA SER A 207 -6.28 47.80 -23.11
C SER A 207 -7.33 48.88 -23.21
N SER A 208 -8.09 48.87 -24.28
CA SER A 208 -9.21 49.78 -24.47
C SER A 208 -10.43 48.95 -24.85
N PHE A 209 -11.50 49.12 -24.11
CA PHE A 209 -12.75 48.42 -24.39
C PHE A 209 -13.87 49.42 -24.47
N LEU A 210 -14.55 49.45 -25.60
CA LEU A 210 -15.67 50.34 -25.82
C LEU A 210 -16.89 49.53 -26.15
N LEU A 211 -17.98 49.79 -25.45
CA LEU A 211 -19.22 49.07 -25.67
C LEU A 211 -20.31 50.10 -25.85
N ASP A 212 -21.16 49.90 -26.84
CA ASP A 212 -22.25 50.78 -27.16
C ASP A 212 -23.49 49.93 -27.34
N ASN A 213 -24.64 50.47 -26.99
CA ASN A 213 -25.86 49.68 -27.03
C ASN A 213 -27.05 50.62 -27.15
N GLN A 214 -27.99 50.26 -28.02
CA GLN A 214 -29.22 51.03 -28.19
C GLN A 214 -30.38 50.08 -28.33
N ASN A 215 -31.45 50.34 -27.60
CA ASN A 215 -32.70 49.62 -27.74
C ASN A 215 -33.79 50.63 -28.03
N SER A 216 -34.58 50.38 -29.05
CA SER A 216 -35.68 51.27 -29.39
C SER A 216 -36.93 50.44 -29.47
N GLN A 217 -38.06 51.04 -29.11
CA GLN A 217 -39.32 50.30 -29.12
C GLN A 217 -40.48 51.24 -29.31
N ASN A 218 -41.36 50.94 -30.25
CA ASN A 218 -42.58 51.72 -30.48
C ASN A 218 -43.76 50.77 -30.44
N THR A 219 -44.88 51.26 -29.92
CA THR A 219 -46.12 50.50 -29.87
C THR A 219 -47.27 51.43 -30.18
N VAL A 220 -48.10 51.06 -31.14
CA VAL A 220 -49.25 51.87 -31.54
C VAL A 220 -50.46 50.97 -31.61
N THR A 221 -51.48 51.25 -30.81
CA THR A 221 -52.72 50.49 -30.81
C THR A 221 -53.87 51.47 -31.03
N ALA A 222 -54.55 51.34 -32.15
CA ALA A 222 -55.64 52.25 -32.50
C ALA A 222 -56.92 51.44 -32.69
N SER A 223 -57.93 51.75 -31.90
CA SER A 223 -59.21 51.06 -31.95
C SER A 223 -60.32 52.05 -32.29
N ALA A 224 -61.38 51.57 -32.93
CA ALA A 224 -62.51 52.40 -33.31
C ALA A 224 -63.72 51.50 -33.49
N GLY A 225 -64.77 51.75 -32.71
CA GLY A 225 -65.98 50.94 -32.81
C GLY A 225 -67.25 51.75 -32.93
N ILE A 226 -67.93 51.61 -34.06
CA ILE A 226 -69.24 52.24 -34.27
C ILE A 226 -70.28 51.18 -33.94
N ALA A 227 -71.06 51.42 -32.88
CA ALA A 227 -72.06 50.47 -32.43
C ALA A 227 -73.41 51.15 -32.35
N PHE A 228 -74.25 50.93 -33.36
CA PHE A 228 -75.62 51.42 -33.35
C PHE A 228 -76.46 50.58 -32.38
N LEU A 229 -77.78 50.77 -32.44
CA LEU A 229 -78.72 50.04 -31.59
C LEU A 229 -79.09 48.72 -32.26
N ASN A 230 -78.13 47.79 -32.25
CA ASN A 230 -78.36 46.42 -32.70
C ASN A 230 -78.81 46.35 -34.15
N ILE A 231 -78.35 47.29 -34.97
CA ILE A 231 -78.56 47.26 -36.41
C ILE A 231 -77.23 47.18 -37.16
N VAL A 232 -76.25 47.94 -36.73
CA VAL A 232 -74.93 47.95 -37.36
C VAL A 232 -73.87 47.94 -36.26
N ASN A 233 -72.87 47.08 -36.42
CA ASN A 233 -71.70 47.07 -35.54
C ASN A 233 -70.47 47.01 -36.42
N PHE A 234 -69.48 47.84 -36.13
CA PHE A 234 -68.27 47.95 -36.96
C PHE A 234 -67.10 48.26 -36.05
N LYS A 235 -66.28 47.26 -35.76
CA LYS A 235 -65.20 47.41 -34.80
C LYS A 235 -63.87 47.11 -35.47
N VAL A 236 -62.93 48.05 -35.39
CA VAL A 236 -61.66 47.96 -36.09
C VAL A 236 -60.55 48.29 -35.10
N GLU A 237 -59.61 47.36 -34.89
CA GLU A 237 -58.44 47.64 -34.08
C GLU A 237 -57.18 47.23 -34.80
N THR A 238 -56.19 48.11 -34.80
CA THR A 238 -54.88 47.83 -35.38
C THR A 238 -53.84 47.91 -34.27
N ASP A 239 -52.86 47.00 -34.33
CA ASP A 239 -51.76 46.96 -33.38
C ASP A 239 -50.46 46.89 -34.15
N TYR A 240 -49.49 47.70 -33.77
CA TYR A 240 -48.22 47.83 -34.47
C TYR A 240 -47.10 47.91 -33.44
N ILE A 241 -46.19 46.96 -33.47
CA ILE A 241 -45.07 46.93 -32.54
C ILE A 241 -43.79 46.93 -33.34
N SER A 242 -42.86 47.80 -32.98
CA SER A 242 -41.52 47.81 -33.53
C SER A 242 -40.53 47.75 -32.38
N GLN A 243 -39.43 47.03 -32.58
CA GLN A 243 -38.46 46.84 -31.51
C GLN A 243 -37.11 46.51 -32.12
N THR A 244 -36.13 47.38 -31.89
CA THR A 244 -34.80 47.20 -32.45
C THR A 244 -33.77 47.20 -31.33
N SER A 245 -32.67 46.51 -31.56
CA SER A 245 -31.51 46.55 -30.68
C SER A 245 -30.26 46.64 -31.53
N LEU A 246 -29.22 47.21 -30.96
CA LEU A 246 -27.98 47.38 -31.71
C LEU A 246 -26.85 47.55 -30.71
N THR A 247 -25.98 46.55 -30.59
CA THR A 247 -24.85 46.60 -29.68
C THR A 247 -23.57 46.50 -30.48
N LYS A 248 -22.60 47.33 -30.12
CA LYS A 248 -21.30 47.37 -30.78
C LYS A 248 -20.23 47.25 -29.72
N ASP A 249 -19.27 46.35 -29.94
CA ASP A 249 -18.13 46.25 -29.05
C ASP A 249 -16.87 46.60 -29.80
N TYR A 250 -15.82 46.90 -29.04
CA TYR A 250 -14.53 47.15 -29.64
C TYR A 250 -13.49 46.91 -28.56
N LEU A 251 -12.53 46.04 -28.84
CA LEU A 251 -11.51 45.70 -27.86
C LEU A 251 -10.15 45.89 -28.50
N SER A 252 -9.19 46.34 -27.70
CA SER A 252 -7.86 46.64 -28.23
C SER A 252 -6.84 46.36 -27.15
N ASN A 253 -5.96 45.39 -27.39
CA ASN A 253 -4.85 45.09 -26.51
C ASN A 253 -3.54 45.40 -27.22
N ARG A 254 -2.58 45.95 -26.49
CA ARG A 254 -1.27 46.24 -27.06
C ARG A 254 -0.23 46.05 -25.96
N THR A 255 0.63 45.05 -26.10
CA THR A 255 1.65 44.78 -25.10
C THR A 255 3.01 44.84 -25.76
N ASN A 256 3.93 45.57 -25.15
CA ASN A 256 5.31 45.65 -25.61
C ASN A 256 6.22 45.25 -24.47
N SER A 257 7.10 44.29 -24.71
CA SER A 257 8.13 43.94 -23.75
C SER A 257 9.47 44.19 -24.41
N ARG A 258 10.41 44.71 -23.65
CA ARG A 258 11.75 44.95 -24.17
C ARG A 258 12.76 44.62 -23.08
N VAL A 259 13.64 43.68 -23.35
CA VAL A 259 14.63 43.25 -22.39
C VAL A 259 16.00 43.48 -22.99
N GLN A 260 16.89 44.10 -22.23
CA GLN A 260 18.23 44.39 -22.69
C GLN A 260 19.20 43.95 -21.61
N SER A 261 20.08 43.02 -21.94
CA SER A 261 20.94 42.38 -20.96
C SER A 261 22.39 42.61 -21.34
N PHE A 262 23.25 42.76 -20.34
CA PHE A 262 24.69 42.83 -20.54
C PHE A 262 25.34 41.87 -19.56
N GLY A 263 25.88 40.78 -20.06
CA GLY A 263 26.48 39.82 -19.17
C GLY A 263 25.45 38.90 -18.60
N GLY A 264 25.87 37.79 -18.05
CA GLY A 264 24.94 36.82 -17.51
C GLY A 264 24.45 35.86 -18.57
N VAL A 265 23.57 34.97 -18.15
CA VAL A 265 23.00 33.98 -19.05
C VAL A 265 22.18 34.69 -20.12
N PRO A 266 22.08 34.16 -21.34
CA PRO A 266 21.12 34.71 -22.29
C PRO A 266 19.73 34.75 -21.70
N PHE A 267 19.05 35.88 -21.85
CA PHE A 267 17.77 36.07 -21.21
C PHE A 267 16.66 35.36 -21.97
N TYR A 268 15.72 34.79 -21.25
CA TYR A 268 14.51 34.27 -21.83
C TYR A 268 13.33 34.67 -20.96
N PRO A 269 12.13 34.80 -21.52
CA PRO A 269 11.04 35.45 -20.79
C PRO A 269 10.70 34.79 -19.46
N GLY A 270 10.73 33.48 -19.37
CA GLY A 270 10.25 32.84 -18.17
C GLY A 270 11.27 32.80 -17.05
N ILE A 271 12.38 33.51 -17.23
CA ILE A 271 13.47 33.48 -16.27
C ILE A 271 13.10 34.38 -15.11
N THR A 272 13.62 34.04 -13.94
CA THR A 272 13.42 34.82 -12.74
C THR A 272 14.71 35.51 -12.36
N LEU A 273 14.58 36.69 -11.75
CA LEU A 273 15.77 37.42 -11.37
C LEU A 273 16.67 36.63 -10.43
N GLU A 274 16.12 35.69 -9.67
CA GLU A 274 16.96 34.80 -8.90
C GLU A 274 17.86 33.97 -9.81
N THR A 275 17.26 33.36 -10.83
CA THR A 275 18.04 32.54 -11.75
C THR A 275 19.05 33.36 -12.52
N TRP A 276 18.68 34.58 -12.92
CA TRP A 276 19.61 35.41 -13.64
C TRP A 276 20.74 35.89 -12.75
N GLN A 277 20.44 36.28 -11.52
CA GLN A 277 21.47 36.75 -10.61
C GLN A 277 22.42 35.63 -10.21
N LYS A 278 21.92 34.42 -10.06
CA LYS A 278 22.77 33.29 -9.73
C LYS A 278 23.58 32.79 -10.91
N GLY A 279 23.31 33.29 -12.11
CA GLY A 279 23.96 32.82 -13.30
C GLY A 279 25.05 33.71 -13.85
N ILE A 280 25.45 34.74 -13.14
CA ILE A 280 26.51 35.63 -13.62
C ILE A 280 27.87 35.18 -13.14
N THR A 281 27.97 33.97 -12.60
CA THR A 281 29.21 33.52 -11.98
C THR A 281 30.36 33.52 -12.97
N ASN A 282 30.10 33.19 -14.22
CA ASN A 282 31.14 33.16 -15.21
C ASN A 282 30.93 34.13 -16.35
N HIS A 283 29.74 34.70 -16.49
CA HIS A 283 29.42 35.55 -17.64
C HIS A 283 29.44 37.02 -17.20
N LEU A 284 30.59 37.47 -16.72
CA LEU A 284 30.77 38.86 -16.34
C LEU A 284 31.26 39.66 -17.54
N VAL A 285 30.89 40.93 -17.58
CA VAL A 285 31.16 41.80 -18.71
C VAL A 285 31.65 43.14 -18.22
N ALA A 286 32.57 43.75 -18.94
CA ALA A 286 33.02 45.08 -18.61
C ALA A 286 31.85 46.05 -18.72
N ILE A 287 31.43 46.59 -17.57
CA ILE A 287 30.34 47.57 -17.57
C ILE A 287 30.85 48.99 -17.46
N ASP A 288 32.13 49.19 -17.19
CA ASP A 288 32.66 50.54 -17.08
C ASP A 288 34.17 50.41 -17.20
N ARG A 289 34.81 51.42 -17.79
CA ARG A 289 36.24 51.36 -18.04
C ARG A 289 36.84 52.75 -18.00
N ALA A 290 38.11 52.81 -17.60
CA ALA A 290 38.89 54.03 -17.61
C ALA A 290 40.27 53.72 -18.15
N GLY A 291 40.90 54.70 -18.79
CA GLY A 291 42.15 54.46 -19.46
C GLY A 291 42.98 55.72 -19.59
N LEU A 292 44.08 55.56 -20.31
CA LEU A 292 45.01 56.64 -20.53
C LEU A 292 45.40 56.72 -21.99
N PRO A 293 45.71 57.90 -22.51
CA PRO A 293 46.19 58.01 -23.89
C PRO A 293 47.43 57.17 -24.08
N LEU A 294 47.56 56.57 -25.27
CA LEU A 294 48.63 55.59 -25.44
C LEU A 294 50.00 56.26 -25.47
N HIS A 295 50.08 57.51 -25.95
CA HIS A 295 51.36 58.18 -25.95
C HIS A 295 51.90 58.35 -24.54
N PHE A 296 51.04 58.24 -23.54
CA PHE A 296 51.48 58.25 -22.16
C PHE A 296 52.29 57.01 -21.83
N PHE A 297 52.13 55.94 -22.59
CA PHE A 297 52.88 54.71 -22.34
C PHE A 297 54.15 54.61 -23.17
N ILE A 298 54.41 55.57 -24.05
CA ILE A 298 55.64 55.55 -24.83
C ILE A 298 56.70 56.33 -24.07
N LYS A 299 57.42 55.64 -23.20
CA LYS A 299 58.34 56.25 -22.26
C LYS A 299 59.67 55.53 -22.31
N PRO A 300 60.77 56.24 -22.06
CA PRO A 300 62.09 55.59 -22.13
C PRO A 300 62.22 54.40 -21.22
N ASP A 301 61.68 54.49 -20.01
CA ASP A 301 61.78 53.39 -19.05
C ASP A 301 60.91 52.21 -19.44
N LYS A 302 59.89 52.43 -20.26
CA LYS A 302 58.98 51.38 -20.68
C LYS A 302 59.46 50.61 -21.88
N LEU A 303 60.42 51.16 -22.63
CA LEU A 303 61.01 50.52 -23.81
C LEU A 303 62.51 50.42 -23.63
N PRO A 304 63.01 49.31 -23.07
CA PRO A 304 64.46 49.18 -22.89
C PRO A 304 65.24 49.20 -24.19
N GLY A 305 64.66 48.68 -25.28
CA GLY A 305 65.42 48.52 -26.51
C GLY A 305 65.79 49.84 -27.17
N LEU A 306 65.11 50.92 -26.79
CA LEU A 306 65.45 52.10 -27.56
C LEU A 306 65.98 53.22 -26.67
N PRO A 307 66.82 54.09 -27.22
CA PRO A 307 67.35 55.21 -26.42
C PRO A 307 66.30 56.29 -26.21
N GLY A 308 66.55 57.11 -25.18
CA GLY A 308 65.62 58.13 -24.75
C GLY A 308 65.26 59.16 -25.80
N PRO A 309 66.26 59.78 -26.43
CA PRO A 309 65.94 60.74 -27.50
C PRO A 309 65.14 60.14 -28.63
N LEU A 310 65.36 58.86 -28.95
CA LEU A 310 64.56 58.20 -29.97
C LEU A 310 63.12 58.00 -29.52
N VAL A 311 62.91 57.53 -28.30
CA VAL A 311 61.54 57.27 -27.86
C VAL A 311 60.79 58.57 -27.72
N LYS A 312 61.48 59.67 -27.44
CA LYS A 312 60.80 60.96 -27.39
C LYS A 312 60.20 61.31 -28.75
N LYS A 313 61.00 61.18 -29.81
CA LYS A 313 60.49 61.44 -31.15
C LYS A 313 59.41 60.44 -31.54
N LEU A 314 59.58 59.18 -31.10
CA LEU A 314 58.58 58.16 -31.37
C LEU A 314 57.24 58.53 -30.75
N SER A 315 57.26 58.98 -29.49
CA SER A 315 56.04 59.43 -28.85
C SER A 315 55.45 60.62 -29.56
N LYS A 316 56.30 61.55 -30.01
CA LYS A 316 55.79 62.71 -30.72
C LYS A 316 55.06 62.30 -32.00
N THR A 317 55.66 61.39 -32.77
CA THR A 317 55.02 61.02 -34.02
C THR A 317 53.76 60.19 -33.78
N VAL A 318 53.77 59.35 -32.75
CA VAL A 318 52.55 58.60 -32.43
C VAL A 318 51.43 59.56 -32.03
N GLU A 319 51.76 60.56 -31.21
CA GLU A 319 50.74 61.49 -30.75
C GLU A 319 50.21 62.32 -31.92
N THR A 320 51.08 62.72 -32.85
CA THR A 320 50.58 63.47 -33.98
C THR A 320 49.76 62.57 -34.91
N ALA A 321 50.09 61.28 -34.98
CA ALA A 321 49.23 60.36 -35.71
C ALA A 321 47.86 60.30 -35.08
N VAL A 322 47.80 60.25 -33.75
CA VAL A 322 46.52 60.24 -33.07
C VAL A 322 45.75 61.52 -33.36
N ARG A 323 46.45 62.65 -33.34
CA ARG A 323 45.80 63.92 -33.59
C ARG A 323 45.22 63.97 -34.99
N HIS A 324 45.98 63.47 -35.97
CA HIS A 324 45.45 63.40 -37.33
C HIS A 324 44.23 62.48 -37.40
N TYR A 325 44.31 61.33 -36.74
CA TYR A 325 43.21 60.39 -36.73
C TYR A 325 41.95 61.01 -36.13
N TYR A 326 42.12 61.83 -35.09
CA TYR A 326 40.98 62.54 -34.53
C TYR A 326 40.46 63.61 -35.48
N THR A 327 41.36 64.42 -36.03
CA THR A 327 40.92 65.56 -36.84
C THR A 327 40.19 65.10 -38.09
N PHE A 328 40.64 64.02 -38.72
CA PHE A 328 39.96 63.55 -39.91
C PHE A 328 38.52 63.18 -39.62
N ASN A 329 38.27 62.59 -38.45
CA ASN A 329 36.95 62.06 -38.15
C ASN A 329 36.17 62.97 -37.21
N PHE A 360 27.17 71.42 -48.94
CA PHE A 360 25.99 72.23 -48.69
C PHE A 360 25.63 72.17 -47.21
N THR A 361 24.75 73.07 -46.77
CA THR A 361 24.32 73.10 -45.37
C THR A 361 22.82 72.86 -45.29
N PHE A 362 22.43 71.97 -44.39
CA PHE A 362 21.03 71.58 -44.20
C PHE A 362 20.54 72.20 -42.90
N GLY A 363 19.67 73.20 -43.00
CA GLY A 363 19.24 73.97 -41.86
C GLY A 363 18.07 73.43 -41.10
N GLY A 364 17.55 72.27 -41.45
CA GLY A 364 16.48 71.63 -40.70
C GLY A 364 15.21 71.50 -41.52
N VAL A 365 14.22 70.89 -40.87
CA VAL A 365 12.93 70.61 -41.50
C VAL A 365 11.82 71.04 -40.55
N TYR A 366 10.63 71.19 -41.12
CA TYR A 366 9.43 71.46 -40.35
C TYR A 366 8.23 71.01 -41.16
N GLN A 367 7.27 70.37 -40.50
CA GLN A 367 6.10 69.80 -41.16
C GLN A 367 4.86 70.54 -40.68
N GLU A 368 4.29 71.37 -41.54
CA GLU A 368 3.07 72.08 -41.21
C GLU A 368 1.86 71.16 -41.36
N CYS A 369 0.99 71.19 -40.37
CA CYS A 369 -0.22 70.39 -40.36
C CYS A 369 -1.42 71.32 -40.23
N THR A 370 -2.38 71.17 -41.15
CA THR A 370 -3.61 71.96 -41.13
C THR A 370 -4.79 71.03 -40.94
N GLU A 371 -5.57 71.28 -39.90
CA GLU A 371 -6.74 70.46 -39.60
C GLU A 371 -7.88 70.88 -40.52
N LEU A 372 -8.37 69.93 -41.33
CA LEU A 372 -9.52 70.19 -42.17
C LEU A 372 -10.83 69.72 -41.56
N SER A 373 -10.77 68.78 -40.62
CA SER A 373 -11.98 68.28 -39.95
C SER A 373 -11.55 67.76 -38.58
N GLY A 374 -12.07 68.39 -37.52
CA GLY A 374 -11.65 68.06 -36.18
C GLY A 374 -10.29 68.65 -35.87
N ASP A 375 -9.77 68.28 -34.70
CA ASP A 375 -8.45 68.72 -34.26
C ASP A 375 -7.69 67.56 -33.65
N VAL A 376 -7.80 66.39 -34.27
CA VAL A 376 -7.20 65.18 -33.73
C VAL A 376 -5.94 64.77 -34.46
N LEU A 377 -5.86 64.98 -35.77
CA LEU A 377 -4.71 64.49 -36.52
C LEU A 377 -3.47 65.33 -36.26
N CYS A 378 -3.60 66.65 -36.27
CA CYS A 378 -2.44 67.53 -36.24
C CYS A 378 -1.76 67.58 -34.88
N GLN A 379 -2.34 66.95 -33.86
CA GLN A 379 -1.68 66.89 -32.56
C GLN A 379 -0.38 66.09 -32.63
N ASN A 380 -0.21 65.27 -33.66
CA ASN A 380 1.00 64.47 -33.82
C ASN A 380 1.64 64.57 -35.19
N LEU A 381 0.96 65.15 -36.18
CA LEU A 381 1.50 65.24 -37.52
C LEU A 381 2.27 66.54 -37.77
N GLU A 382 2.36 67.41 -36.77
CA GLU A 382 3.08 68.66 -36.90
C GLU A 382 4.47 68.52 -36.33
N GLN A 383 5.41 69.24 -36.91
CA GLN A 383 6.80 69.23 -36.44
C GLN A 383 7.40 70.60 -36.67
N LYS A 384 7.70 71.31 -35.58
CA LYS A 384 8.35 72.59 -35.70
C LYS A 384 9.82 72.40 -36.07
N ASN A 385 10.44 73.48 -36.53
CA ASN A 385 11.87 73.46 -36.77
C ASN A 385 12.61 73.36 -35.44
N LEU A 386 13.66 72.55 -35.45
CA LEU A 386 14.47 72.36 -34.24
C LEU A 386 15.16 73.64 -33.82
N LEU A 387 15.74 74.38 -34.77
CA LEU A 387 16.53 75.56 -34.44
C LEU A 387 15.69 76.76 -34.05
N THR A 388 14.49 76.91 -34.63
CA THR A 388 13.66 78.07 -34.37
C THR A 388 12.45 77.78 -33.49
N GLY A 389 12.13 76.51 -33.26
CA GLY A 389 10.94 76.19 -32.51
C GLY A 389 9.66 76.63 -33.18
N ASP A 390 9.62 76.60 -34.51
CA ASP A 390 8.48 77.11 -35.25
C ASP A 390 8.47 76.49 -36.64
N PHE A 391 7.38 76.68 -37.36
CA PHE A 391 7.23 76.16 -38.71
C PHE A 391 7.88 77.14 -39.70
N SER A 392 9.20 77.25 -39.59
CA SER A 392 9.94 78.21 -40.38
C SER A 392 11.39 77.74 -40.47
N CYS A 393 12.19 78.47 -41.23
CA CYS A 393 13.60 78.16 -41.32
C CYS A 393 14.44 79.21 -40.62
N PRO A 394 15.60 78.85 -40.11
CA PRO A 394 16.47 79.81 -39.45
C PRO A 394 17.00 80.82 -40.45
N PRO A 395 17.46 81.98 -39.99
CA PRO A 395 18.01 82.98 -40.92
C PRO A 395 19.17 82.41 -41.70
N GLY A 396 19.23 82.78 -42.97
CA GLY A 396 20.21 82.24 -43.90
C GLY A 396 19.74 81.03 -44.66
N TYR A 397 18.55 80.50 -44.36
CA TYR A 397 18.04 79.32 -45.03
C TYR A 397 16.71 79.64 -45.71
N SER A 398 16.52 79.04 -46.89
CA SER A 398 15.31 79.21 -47.67
C SER A 398 14.46 77.96 -47.55
N PRO A 399 13.25 78.05 -47.02
CA PRO A 399 12.37 76.86 -46.97
C PRO A 399 12.12 76.31 -48.36
N VAL A 400 12.16 74.98 -48.47
CA VAL A 400 11.92 74.28 -49.72
C VAL A 400 10.74 73.34 -49.51
N HIS A 401 9.72 73.48 -50.35
CA HIS A 401 8.55 72.61 -50.23
C HIS A 401 8.94 71.19 -50.58
N LEU A 402 8.92 70.30 -49.59
CA LEU A 402 9.24 68.91 -49.85
C LEU A 402 8.04 68.17 -50.40
N LEU A 403 6.94 68.12 -49.64
CA LEU A 403 5.76 67.40 -50.06
C LEU A 403 4.56 67.78 -49.20
N SER A 404 3.40 67.91 -49.82
CA SER A 404 2.14 68.14 -49.10
C SER A 404 1.20 67.01 -49.45
N GLN A 405 0.62 66.37 -48.43
CA GLN A 405 -0.31 65.29 -48.64
C GLN A 405 -1.39 65.30 -47.57
N THR A 406 -2.54 64.74 -47.91
CA THR A 406 -3.70 64.71 -47.02
C THR A 406 -3.87 63.30 -46.43
N HIS A 407 -4.22 63.27 -45.15
CA HIS A 407 -4.36 62.02 -44.42
C HIS A 407 -5.71 61.99 -43.73
N GLU A 408 -6.38 60.84 -43.78
CA GLU A 408 -7.70 60.65 -43.22
C GLU A 408 -7.68 59.54 -42.19
N GLU A 409 -8.50 59.67 -41.16
CA GLU A 409 -8.56 58.67 -40.10
C GLU A 409 -9.89 58.74 -39.39
N GLY A 410 -10.50 57.58 -39.15
CA GLY A 410 -11.76 57.51 -38.44
C GLY A 410 -11.53 57.38 -36.95
N TYR A 411 -12.19 58.23 -36.17
CA TYR A 411 -12.06 58.20 -34.72
C TYR A 411 -13.43 58.41 -34.10
N SER A 412 -13.66 57.75 -32.98
CA SER A 412 -14.89 57.88 -32.23
C SER A 412 -14.63 58.73 -30.99
N ARG A 413 -15.17 59.94 -30.99
CA ARG A 413 -15.02 60.86 -29.87
C ARG A 413 -16.24 60.75 -28.97
N LEU A 414 -16.01 60.52 -27.68
CA LEU A 414 -17.09 60.41 -26.71
C LEU A 414 -17.16 61.72 -25.93
N GLU A 415 -18.35 62.32 -25.89
CA GLU A 415 -18.53 63.57 -25.16
C GLU A 415 -19.84 63.55 -24.40
N CYS A 416 -19.85 64.19 -23.24
CA CYS A 416 -21.02 64.28 -22.38
C CYS A 416 -21.45 65.73 -22.24
N LYS A 417 -22.74 65.97 -22.41
CA LYS A 417 -23.30 67.33 -22.36
C LYS A 417 -24.51 67.34 -21.45
N LYS A 418 -24.71 68.44 -20.74
CA LYS A 418 -25.82 68.61 -19.82
C LYS A 418 -26.92 69.38 -20.54
N LYS A 419 -27.95 68.66 -20.98
CA LYS A 419 -29.09 69.29 -21.64
C LYS A 419 -30.16 69.60 -20.61
N CYS A 420 -30.62 70.85 -20.58
CA CYS A 420 -31.69 71.29 -19.71
C CYS A 420 -32.84 71.80 -20.56
N THR A 421 -33.92 71.03 -20.62
CA THR A 421 -35.13 71.46 -21.30
C THR A 421 -36.07 72.11 -20.29
N LEU A 422 -36.61 73.27 -20.67
CA LEU A 422 -37.50 74.06 -19.83
C LEU A 422 -36.82 74.50 -18.54
N LYS A 423 -35.49 74.50 -18.52
CA LYS A 423 -34.67 74.91 -17.38
C LYS A 423 -34.94 74.09 -16.13
N ILE A 424 -35.75 73.03 -16.24
CA ILE A 424 -36.03 72.16 -15.09
C ILE A 424 -35.73 70.70 -15.38
N PHE A 425 -35.82 70.24 -16.62
CA PHE A 425 -35.49 68.86 -16.96
C PHE A 425 -34.03 68.85 -17.40
N CYS A 426 -33.15 68.69 -16.42
CA CYS A 426 -31.71 68.69 -16.68
C CYS A 426 -31.17 67.27 -16.58
N LYS A 427 -30.52 66.82 -17.65
CA LYS A 427 -29.92 65.49 -17.67
C LYS A 427 -28.61 65.57 -18.43
N THR A 428 -27.64 64.77 -18.00
CA THR A 428 -26.38 64.65 -18.72
C THR A 428 -26.51 63.48 -19.68
N VAL A 429 -26.29 63.73 -20.95
CA VAL A 429 -26.30 62.70 -21.98
C VAL A 429 -24.91 62.57 -22.55
N CYS A 430 -24.41 61.34 -22.61
CA CYS A 430 -23.11 61.05 -23.20
C CYS A 430 -23.35 60.38 -24.54
N GLU A 431 -22.71 60.90 -25.58
CA GLU A 431 -22.84 60.36 -26.92
C GLU A 431 -21.48 60.27 -27.57
N ASP A 432 -21.31 59.25 -28.40
CA ASP A 432 -20.07 59.05 -29.16
C ASP A 432 -20.35 59.31 -30.63
N VAL A 433 -19.46 60.08 -31.25
CA VAL A 433 -19.58 60.45 -32.65
C VAL A 433 -18.39 59.88 -33.39
N PHE A 434 -18.65 59.12 -34.44
CA PHE A 434 -17.60 58.59 -35.29
C PHE A 434 -17.38 59.57 -36.43
N ARG A 435 -16.22 60.23 -36.42
CA ARG A 435 -15.90 61.24 -37.42
C ARG A 435 -14.65 60.82 -38.17
N VAL A 436 -14.61 61.13 -39.46
CA VAL A 436 -13.46 60.87 -40.30
C VAL A 436 -12.68 62.18 -40.36
N ALA A 437 -11.70 62.32 -39.47
CA ALA A 437 -10.88 63.51 -39.44
C ALA A 437 -9.86 63.48 -40.58
N LYS A 438 -9.77 64.58 -41.30
CA LYS A 438 -8.86 64.72 -42.44
C LYS A 438 -7.98 65.94 -42.22
N ALA A 439 -6.67 65.77 -42.39
CA ALA A 439 -5.72 66.84 -42.20
C ALA A 439 -4.66 66.79 -43.28
N GLU A 440 -4.27 67.96 -43.79
CA GLU A 440 -3.23 68.05 -44.80
C GLU A 440 -1.94 68.47 -44.12
N PHE A 441 -0.90 67.66 -44.28
CA PHE A 441 0.42 67.99 -43.77
C PHE A 441 1.31 68.44 -44.92
N ARG A 442 2.03 69.53 -44.70
CA ARG A 442 2.96 70.09 -45.68
C ARG A 442 4.35 70.09 -45.04
N ALA A 443 5.21 69.17 -45.47
CA ALA A 443 6.57 69.09 -44.99
C ALA A 443 7.50 69.81 -45.93
N TYR A 444 8.40 70.60 -45.34
CA TYR A 444 9.40 71.39 -46.05
C TYR A 444 10.78 70.96 -45.56
N TRP A 445 11.81 71.63 -46.07
CA TRP A 445 13.16 71.44 -45.56
C TRP A 445 13.97 72.69 -45.86
N CYS A 446 14.88 73.03 -44.96
CA CYS A 446 15.66 74.25 -45.05
C CYS A 446 16.99 73.97 -45.73
N VAL A 447 17.20 74.60 -46.88
CA VAL A 447 18.48 74.52 -47.57
C VAL A 447 19.20 75.85 -47.39
N ALA A 448 20.51 75.82 -47.53
CA ALA A 448 21.30 77.04 -47.41
C ALA A 448 21.00 77.96 -48.59
N ALA A 449 20.57 79.19 -48.28
CA ALA A 449 20.28 80.15 -49.35
C ALA A 449 21.53 80.51 -50.13
N GLY A 450 22.65 80.72 -49.44
CA GLY A 450 23.90 81.07 -50.09
C GLY A 450 25.10 80.63 -49.27
N GLN A 451 26.10 81.51 -49.15
CA GLN A 451 27.27 81.22 -48.33
C GLN A 451 26.91 81.47 -46.86
N VAL A 452 26.25 80.49 -46.26
CA VAL A 452 25.86 80.56 -44.86
C VAL A 452 27.11 80.47 -44.00
N PRO A 453 27.12 81.03 -42.80
CA PRO A 453 28.31 80.89 -41.93
C PRO A 453 28.50 79.44 -41.52
N ASP A 454 29.71 78.93 -41.74
CA ASP A 454 30.05 77.56 -41.44
C ASP A 454 30.72 77.49 -40.07
N ASN A 455 30.39 76.46 -39.30
CA ASN A 455 29.50 75.37 -39.67
C ASN A 455 28.14 75.48 -39.01
N SER A 456 27.65 76.71 -38.87
CA SER A 456 26.35 76.93 -38.26
C SER A 456 25.25 76.27 -39.09
N GLY A 457 24.58 75.28 -38.52
CA GLY A 457 23.58 74.52 -39.23
C GLY A 457 23.26 73.23 -38.49
N LEU A 458 22.85 72.23 -39.26
CA LEU A 458 22.50 70.92 -38.72
C LEU A 458 23.13 69.83 -39.56
N LEU A 459 23.30 68.66 -38.96
CA LEU A 459 23.92 67.53 -39.62
C LEU A 459 22.89 66.43 -39.85
N PHE A 460 23.01 65.78 -41.01
CA PHE A 460 22.06 64.78 -41.47
C PHE A 460 22.54 63.42 -40.99
N GLY A 461 21.82 62.82 -40.06
CA GLY A 461 22.15 61.54 -39.50
C GLY A 461 21.40 60.36 -40.06
N GLY A 462 20.82 60.50 -41.24
CA GLY A 462 20.12 59.40 -41.86
C GLY A 462 18.65 59.36 -41.49
N VAL A 463 17.88 58.66 -42.32
CA VAL A 463 16.44 58.55 -42.14
C VAL A 463 16.06 57.08 -42.13
N PHE A 464 14.97 56.80 -41.43
CA PHE A 464 14.49 55.43 -41.29
C PHE A 464 13.01 55.48 -40.97
N THR A 465 12.28 54.48 -41.46
CA THR A 465 10.86 54.35 -41.20
C THR A 465 10.62 53.12 -40.34
N ASP A 466 9.35 52.91 -39.99
CA ASP A 466 8.96 51.73 -39.22
C ASP A 466 9.14 50.44 -39.99
N LYS A 467 9.18 50.50 -41.32
CA LYS A 467 9.35 49.31 -42.14
C LYS A 467 10.69 49.26 -42.87
N THR A 468 11.44 50.33 -42.88
CA THR A 468 12.76 50.37 -43.50
C THR A 468 13.84 50.37 -42.42
N ILE A 469 15.08 50.53 -42.87
CA ILE A 469 16.23 50.54 -41.99
C ILE A 469 17.04 51.80 -42.28
N ASN A 470 17.88 52.19 -41.33
CA ASN A 470 18.79 53.30 -41.57
C ASN A 470 20.15 52.75 -41.94
N PRO A 471 20.56 52.86 -43.21
CA PRO A 471 21.82 52.22 -43.64
C PRO A 471 23.04 52.73 -42.90
N MET A 472 23.04 53.99 -42.48
CA MET A 472 24.22 54.54 -41.83
C MET A 472 24.45 53.89 -40.47
N THR A 473 23.38 53.44 -39.81
CA THR A 473 23.48 52.71 -38.56
C THR A 473 23.02 51.27 -38.64
N ASN A 474 22.40 50.86 -39.75
CA ASN A 474 21.83 49.52 -39.88
C ASN A 474 20.86 49.20 -38.75
N ALA A 475 20.12 50.21 -38.31
CA ALA A 475 19.16 50.07 -37.22
C ALA A 475 18.06 51.09 -37.41
N GLN A 476 16.90 50.79 -36.80
CA GLN A 476 15.79 51.74 -36.81
C GLN A 476 15.86 52.66 -35.59
N SER A 477 16.93 53.43 -35.54
CA SER A 477 17.13 54.42 -34.49
C SER A 477 18.15 55.44 -34.99
N CYS A 478 18.34 56.48 -34.21
CA CYS A 478 19.32 57.50 -34.52
C CYS A 478 20.57 57.29 -33.68
N PRO A 479 21.73 57.74 -34.16
CA PRO A 479 22.96 57.57 -33.39
C PRO A 479 22.90 58.34 -32.08
N ALA A 480 23.89 58.08 -31.24
CA ALA A 480 24.01 58.81 -29.98
C ALA A 480 24.23 60.29 -30.28
N GLY A 481 23.60 61.14 -29.48
CA GLY A 481 23.68 62.58 -29.70
C GLY A 481 22.83 63.09 -30.84
N TYR A 482 21.94 62.27 -31.36
CA TYR A 482 21.04 62.65 -32.43
C TYR A 482 19.61 62.72 -31.90
N ILE A 483 18.77 63.43 -32.63
CA ILE A 483 17.36 63.58 -32.30
C ILE A 483 16.56 63.14 -33.52
N PRO A 484 15.51 62.35 -33.34
CA PRO A 484 14.62 62.04 -34.47
C PRO A 484 13.55 63.11 -34.60
N LEU A 485 13.35 63.60 -35.82
CA LEU A 485 12.27 64.52 -36.14
C LEU A 485 11.29 63.82 -37.07
N ASN A 486 10.01 64.02 -36.80
CA ASN A 486 8.96 63.42 -37.61
C ASN A 486 8.77 64.25 -38.86
N LEU A 487 8.92 63.62 -40.02
CA LEU A 487 8.79 64.31 -41.30
C LEU A 487 7.56 63.87 -42.07
N PHE A 488 7.24 62.58 -42.03
CA PHE A 488 6.01 62.09 -42.63
C PHE A 488 5.20 61.36 -41.57
N GLU A 489 4.21 60.58 -42.01
CA GLU A 489 3.46 59.77 -41.07
C GLU A 489 4.35 58.75 -40.37
N SER A 490 5.42 58.29 -41.05
CA SER A 490 6.28 57.26 -40.50
C SER A 490 7.76 57.48 -40.76
N LEU A 491 8.16 58.64 -41.28
CA LEU A 491 9.56 58.90 -41.58
C LEU A 491 10.20 59.71 -40.47
N LYS A 492 11.36 59.24 -40.00
CA LYS A 492 12.12 59.92 -38.97
C LYS A 492 13.45 60.36 -39.54
N VAL A 493 13.88 61.56 -39.18
CA VAL A 493 15.14 62.13 -39.65
C VAL A 493 16.03 62.40 -38.45
N CYS A 494 17.26 61.90 -38.49
CA CYS A 494 18.19 62.05 -37.39
C CYS A 494 19.00 63.33 -37.57
N VAL A 495 18.90 64.23 -36.59
CA VAL A 495 19.55 65.54 -36.65
C VAL A 495 20.35 65.74 -35.37
N SER A 496 21.61 66.13 -35.51
CA SER A 496 22.49 66.32 -34.38
C SER A 496 22.91 67.79 -34.27
N LEU A 497 23.03 68.26 -33.03
CA LEU A 497 23.52 69.60 -32.75
C LEU A 497 25.02 69.66 -32.55
N ASP A 498 25.60 68.74 -31.77
CA ASP A 498 27.03 68.77 -31.53
C ASP A 498 27.79 68.52 -32.84
N TYR A 499 28.80 69.35 -33.09
CA TYR A 499 29.47 69.31 -34.38
C TYR A 499 30.44 68.14 -34.45
N GLU A 500 31.14 67.85 -33.36
CA GLU A 500 32.07 66.73 -33.34
C GLU A 500 31.33 65.40 -33.44
N LEU A 501 30.29 65.23 -32.63
CA LEU A 501 29.56 63.98 -32.62
C LEU A 501 28.94 63.69 -33.98
N GLY A 502 28.33 64.70 -34.59
CA GLY A 502 27.81 64.52 -35.93
C GLY A 502 28.91 64.25 -36.94
N PHE A 503 29.97 65.06 -36.91
CA PHE A 503 31.00 64.93 -37.93
C PHE A 503 31.65 63.55 -37.88
N LYS A 504 31.62 62.90 -36.72
CA LYS A 504 32.01 61.51 -36.64
C LYS A 504 30.84 60.54 -36.82
N PHE A 505 29.61 61.04 -36.89
CA PHE A 505 28.45 60.18 -37.08
C PHE A 505 27.48 60.80 -38.09
N SER A 506 28.00 61.31 -39.20
CA SER A 506 27.13 61.90 -40.22
C SER A 506 27.69 61.56 -41.60
N VAL A 507 26.94 61.97 -42.61
CA VAL A 507 27.31 61.80 -44.01
C VAL A 507 26.99 63.12 -44.71
N PRO A 508 27.79 63.56 -45.67
CA PRO A 508 27.47 64.80 -46.39
C PRO A 508 26.09 64.72 -47.02
N PHE A 509 25.35 65.81 -46.95
CA PHE A 509 23.98 65.89 -47.40
C PHE A 509 23.88 66.77 -48.63
N GLY A 510 23.02 66.37 -49.57
CA GLY A 510 22.88 67.11 -50.80
C GLY A 510 21.54 67.81 -50.94
N GLY A 511 20.49 67.19 -50.44
CA GLY A 511 19.16 67.77 -50.51
C GLY A 511 18.09 66.72 -50.70
N PHE A 512 16.83 67.13 -50.52
CA PHE A 512 15.69 66.27 -50.70
C PHE A 512 14.97 66.60 -52.01
N PHE A 513 14.22 65.63 -52.51
CA PHE A 513 13.39 65.85 -53.68
C PHE A 513 12.31 64.78 -53.73
N SER A 514 11.13 65.18 -54.19
CA SER A 514 9.99 64.27 -54.22
C SER A 514 9.56 63.98 -55.65
N CYS A 515 8.45 63.25 -55.81
CA CYS A 515 8.00 62.92 -57.15
C CYS A 515 7.40 64.13 -57.86
N ILE A 516 7.07 65.18 -57.12
CA ILE A 516 6.47 66.37 -57.70
C ILE A 516 7.42 67.56 -57.71
N MET A 517 8.31 67.65 -56.72
CA MET A 517 9.26 68.76 -56.69
C MET A 517 10.66 68.18 -56.60
N GLY A 518 11.52 68.58 -57.55
CA GLY A 518 12.85 68.04 -57.64
C GLY A 518 13.85 68.77 -56.77
N ASN A 519 15.11 68.37 -56.92
CA ASN A 519 16.19 68.96 -56.14
C ASN A 519 16.57 70.30 -56.73
N PRO A 520 16.54 71.39 -55.94
CA PRO A 520 16.90 72.71 -56.49
C PRO A 520 18.38 72.88 -56.76
N LEU A 521 19.23 71.99 -56.25
CA LEU A 521 20.68 72.17 -56.33
C LEU A 521 21.29 71.44 -57.51
N VAL A 522 20.50 71.09 -58.53
CA VAL A 522 21.07 70.46 -59.71
C VAL A 522 21.81 71.49 -60.55
N ASN A 523 22.62 70.99 -61.49
CA ASN A 523 23.37 71.87 -62.37
C ASN A 523 23.17 71.47 -63.83
N ALA A 532 15.69 79.02 -61.57
CA ALA A 532 16.64 77.90 -61.56
C ALA A 532 15.92 76.57 -61.74
N PRO A 533 16.33 75.78 -62.72
CA PRO A 533 15.69 74.49 -62.96
C PRO A 533 15.82 73.57 -61.76
N SER A 534 14.73 72.86 -61.46
CA SER A 534 14.66 71.96 -60.31
C SER A 534 14.48 70.55 -60.84
N LEU A 535 15.57 69.79 -60.88
CA LEU A 535 15.57 68.43 -61.37
C LEU A 535 15.67 67.45 -60.22
N LYS A 536 15.14 66.26 -60.45
CA LYS A 536 15.13 65.20 -59.44
C LYS A 536 16.41 64.38 -59.61
N LYS A 537 17.54 65.00 -59.27
CA LYS A 537 18.84 64.39 -59.43
C LYS A 537 19.77 64.92 -58.35
N CYS A 538 20.60 64.04 -57.82
CA CYS A 538 21.56 64.43 -56.80
C CYS A 538 22.76 65.12 -57.44
N PRO A 539 23.14 66.31 -56.98
CA PRO A 539 24.23 67.03 -57.61
C PRO A 539 25.57 66.38 -57.34
N GLY A 540 26.49 66.57 -58.29
CA GLY A 540 27.84 66.08 -58.11
C GLY A 540 27.90 64.57 -57.93
N GLY A 541 28.77 64.14 -57.02
CA GLY A 541 28.95 62.73 -56.76
C GLY A 541 28.03 62.19 -55.70
N PHE A 542 27.07 63.02 -55.28
CA PHE A 542 26.07 62.57 -54.31
C PHE A 542 25.19 61.51 -54.95
N SER A 543 24.90 60.46 -54.19
CA SER A 543 24.07 59.37 -54.68
C SER A 543 22.63 59.55 -54.24
N GLN A 544 21.73 58.96 -55.02
CA GLN A 544 20.29 59.03 -54.76
C GLN A 544 19.84 57.76 -54.07
N HIS A 545 19.25 57.91 -52.89
CA HIS A 545 18.74 56.78 -52.13
C HIS A 545 17.32 57.06 -51.66
N LEU A 546 16.46 56.06 -51.85
CA LEU A 546 15.05 56.20 -51.48
C LEU A 546 14.91 56.37 -49.97
N ALA A 547 14.01 57.29 -49.58
CA ALA A 547 13.72 57.54 -48.18
C ALA A 547 12.36 57.05 -47.75
N VAL A 548 11.33 57.27 -48.57
CA VAL A 548 9.98 56.85 -48.21
C VAL A 548 9.11 56.81 -49.46
N ILE A 549 8.00 56.08 -49.37
CA ILE A 549 6.99 56.04 -50.42
C ILE A 549 5.68 56.45 -49.78
N SER A 550 5.30 57.72 -49.95
CA SER A 550 4.11 58.28 -49.34
C SER A 550 3.04 58.41 -50.42
N ASP A 551 2.00 57.58 -50.33
CA ASP A 551 0.87 57.61 -51.26
C ASP A 551 1.34 57.46 -52.70
N GLY A 552 2.29 56.55 -52.90
CA GLY A 552 2.85 56.31 -54.21
C GLY A 552 3.85 57.34 -54.69
N CYS A 553 4.09 58.39 -53.91
CA CYS A 553 5.08 59.40 -54.26
C CYS A 553 6.39 59.06 -53.56
N GLN A 554 7.47 58.98 -54.33
CA GLN A 554 8.78 58.67 -53.78
C GLN A 554 9.39 59.92 -53.19
N VAL A 555 10.06 59.76 -52.05
CA VAL A 555 10.89 60.81 -51.46
C VAL A 555 12.26 60.21 -51.21
N SER A 556 13.29 60.90 -51.69
CA SER A 556 14.66 60.42 -51.61
C SER A 556 15.55 61.52 -51.06
N TYR A 557 16.81 61.17 -50.83
CA TYR A 557 17.82 62.08 -50.31
C TYR A 557 19.12 61.87 -51.09
N CYS A 558 20.07 62.77 -50.87
CA CYS A 558 21.32 62.76 -51.62
C CYS A 558 22.49 62.67 -50.65
N VAL A 559 23.30 61.63 -50.80
CA VAL A 559 24.50 61.42 -49.99
C VAL A 559 25.65 61.06 -50.92
N LYS A 560 26.86 61.35 -50.45
CA LYS A 560 28.05 61.01 -51.22
C LYS A 560 28.18 59.50 -51.36
N ALA A 561 28.42 59.05 -52.60
CA ALA A 561 28.53 57.63 -52.86
C ALA A 561 29.79 57.00 -52.25
N GLY A 562 30.75 57.82 -51.82
CA GLY A 562 31.98 57.29 -51.28
C GLY A 562 31.83 56.63 -49.92
N ILE A 563 30.80 57.01 -49.16
CA ILE A 563 30.57 56.44 -47.84
C ILE A 563 29.68 55.20 -47.90
N PHE A 564 28.64 55.23 -48.72
CA PHE A 564 27.78 54.06 -48.84
C PHE A 564 28.50 52.94 -49.58
N THR A 565 28.13 51.70 -49.23
CA THR A 565 28.79 50.51 -49.74
C THR A 565 27.74 49.40 -49.82
N GLY A 566 28.20 48.15 -49.95
CA GLY A 566 27.27 47.03 -49.95
C GLY A 566 26.46 46.92 -48.68
N GLY A 567 27.10 47.15 -47.53
CA GLY A 567 26.40 47.27 -46.27
C GLY A 567 26.32 46.00 -45.45
N SER A 568 26.48 44.84 -46.06
CA SER A 568 26.46 43.60 -45.29
C SER A 568 27.75 43.42 -44.51
N LEU A 569 28.86 43.96 -45.01
CA LEU A 569 30.10 44.08 -44.28
C LEU A 569 30.33 45.56 -44.04
N LEU A 570 30.46 45.94 -42.78
CA LEU A 570 30.77 47.32 -42.45
C LEU A 570 32.28 47.51 -42.50
N PRO A 571 32.82 48.14 -43.54
CA PRO A 571 34.27 48.30 -43.62
C PRO A 571 34.79 49.21 -42.52
N VAL A 572 36.02 48.91 -42.07
CA VAL A 572 36.67 49.73 -41.06
C VAL A 572 37.43 50.85 -41.77
N ARG A 573 36.74 51.93 -42.09
CA ARG A 573 37.35 53.06 -42.80
C ARG A 573 37.73 54.11 -41.79
N LEU A 574 38.90 53.91 -41.19
CA LEU A 574 39.47 54.81 -40.19
C LEU A 574 40.85 55.22 -40.74
N PRO A 575 42.02 54.75 -40.26
CA PRO A 575 43.21 54.93 -41.09
C PRO A 575 43.43 53.73 -41.99
N PRO A 576 44.31 53.82 -43.00
CA PRO A 576 45.16 54.96 -43.36
C PRO A 576 44.41 56.03 -44.13
N TYR A 577 44.84 57.28 -43.98
CA TYR A 577 44.29 58.38 -44.76
C TYR A 577 45.13 58.65 -45.99
N THR A 578 46.07 57.76 -46.30
CA THR A 578 46.86 57.80 -47.52
C THR A 578 47.35 56.40 -47.83
N LYS A 579 47.50 56.11 -49.11
CA LYS A 579 48.04 54.83 -49.53
C LYS A 579 49.49 54.73 -49.08
N PRO A 580 50.00 53.50 -48.88
CA PRO A 580 51.39 53.34 -48.44
C PRO A 580 52.34 54.11 -49.33
N PRO A 581 52.99 55.14 -48.79
CA PRO A 581 53.87 55.97 -49.61
C PRO A 581 55.09 55.18 -50.09
N LEU A 582 55.51 55.47 -51.32
CA LEU A 582 56.68 54.81 -51.86
C LEU A 582 57.95 55.34 -51.21
N MET A 583 58.99 54.52 -51.23
CA MET A 583 60.26 54.91 -50.63
C MET A 583 60.97 55.97 -51.47
N THR B 13 47.90 22.51 -38.29
CA THR B 13 46.84 23.50 -38.14
C THR B 13 45.52 22.83 -37.84
N GLY B 14 45.57 21.71 -37.14
CA GLY B 14 44.37 20.99 -36.76
C GLY B 14 44.07 21.12 -35.29
N PHE B 15 42.85 21.50 -34.95
CA PHE B 15 42.46 21.69 -33.56
C PHE B 15 42.14 20.38 -32.87
N GLN B 16 42.35 19.25 -33.54
CA GLN B 16 41.95 17.99 -32.95
C GLN B 16 42.76 17.65 -31.72
N ILE B 17 44.02 18.09 -31.68
CA ILE B 17 44.84 17.85 -30.50
C ILE B 17 44.25 18.55 -29.28
N CYS B 18 43.90 19.83 -29.45
CA CYS B 18 43.31 20.56 -28.34
C CYS B 18 41.98 19.96 -27.93
N LYS B 19 41.17 19.55 -28.89
CA LYS B 19 39.91 18.90 -28.53
C LYS B 19 40.14 17.64 -27.74
N ASN B 20 41.15 16.85 -28.12
CA ASN B 20 41.49 15.67 -27.34
C ASN B 20 41.90 16.07 -25.93
N ALA B 21 42.63 17.18 -25.80
CA ALA B 21 43.07 17.61 -24.47
C ALA B 21 41.92 18.22 -23.68
N LEU B 22 41.33 19.29 -24.19
CA LEU B 22 40.41 20.09 -23.41
C LEU B 22 38.97 19.59 -23.46
N LYS B 23 38.60 18.84 -24.49
CA LYS B 23 37.23 18.35 -24.67
C LYS B 23 36.23 19.50 -24.74
N LEU B 24 36.48 20.42 -25.67
CA LEU B 24 35.64 21.58 -25.86
C LEU B 24 35.32 21.74 -27.33
N PRO B 25 34.22 22.40 -27.66
CA PRO B 25 33.98 22.76 -29.06
C PRO B 25 34.91 23.89 -29.47
N VAL B 26 35.07 24.04 -30.74
CA VAL B 26 35.81 25.17 -31.29
C VAL B 26 34.81 26.24 -31.70
N LEU B 27 35.13 27.49 -31.41
CA LEU B 27 34.28 28.58 -31.82
C LEU B 27 34.17 28.61 -33.34
N GLU B 28 32.98 28.29 -33.85
CA GLU B 28 32.85 28.05 -35.29
C GLU B 28 32.84 29.32 -36.11
N VAL B 29 32.72 30.47 -35.49
CA VAL B 29 32.67 31.74 -36.21
C VAL B 29 34.00 32.45 -36.00
N LEU B 30 34.74 32.64 -37.09
CA LEU B 30 36.10 33.13 -36.98
C LEU B 30 36.39 34.17 -38.05
N PRO B 31 37.17 35.17 -37.72
CA PRO B 31 37.57 36.16 -38.71
C PRO B 31 38.75 35.67 -39.53
N GLY B 32 39.33 36.54 -40.34
CA GLY B 32 40.46 36.16 -41.13
C GLY B 32 40.14 35.48 -42.44
N GLY B 33 38.86 35.34 -42.78
CA GLY B 33 38.47 34.75 -44.03
C GLY B 33 38.19 35.79 -45.09
N GLY B 34 38.19 35.34 -46.33
CA GLY B 34 37.81 36.19 -47.42
C GLY B 34 36.32 36.48 -47.42
N TRP B 35 35.94 37.54 -48.11
CA TRP B 35 34.55 37.96 -48.13
C TRP B 35 34.26 38.65 -49.44
N ASP B 36 33.27 38.15 -50.17
CA ASP B 36 32.88 38.72 -51.44
C ASP B 36 31.90 39.85 -51.17
N ASN B 37 32.38 41.08 -51.24
CA ASN B 37 31.52 42.21 -50.90
C ASN B 37 30.38 42.38 -51.86
N LEU B 38 30.42 41.73 -53.02
CA LEU B 38 29.31 41.80 -53.95
C LEU B 38 28.22 40.81 -53.60
N ARG B 39 28.54 39.53 -53.58
CA ARG B 39 27.56 38.49 -53.29
C ARG B 39 27.33 38.28 -51.80
N ASN B 40 28.12 38.91 -50.94
CA ASN B 40 27.98 38.80 -49.49
C ASN B 40 28.03 37.33 -49.04
N VAL B 41 29.17 36.71 -49.31
CA VAL B 41 29.36 35.31 -48.94
C VAL B 41 30.84 35.10 -48.64
N ASP B 42 31.12 34.28 -47.65
CA ASP B 42 32.50 33.99 -47.29
C ASP B 42 33.19 33.27 -48.43
N MET B 43 34.48 33.53 -48.59
CA MET B 43 35.16 32.99 -49.76
C MET B 43 36.32 32.07 -49.46
N GLY B 44 37.25 32.47 -48.60
CA GLY B 44 38.39 31.60 -48.37
C GLY B 44 39.25 32.17 -47.28
N ARG B 45 40.14 31.34 -46.77
CA ARG B 45 40.95 31.71 -45.62
C ARG B 45 42.14 32.52 -46.09
N VAL B 46 42.20 33.77 -45.65
CA VAL B 46 43.32 34.64 -45.99
C VAL B 46 44.38 34.62 -44.90
N MET B 47 44.02 34.93 -43.68
CA MET B 47 44.98 34.94 -42.60
C MET B 47 45.06 33.56 -41.98
N ASP B 48 46.27 33.16 -41.61
CA ASP B 48 46.56 31.81 -41.18
C ASP B 48 45.92 31.53 -39.83
N LEU B 49 45.29 30.36 -39.70
CA LEU B 49 44.72 29.93 -38.42
C LEU B 49 45.49 28.71 -37.94
N THR B 50 46.04 28.79 -36.74
CA THR B 50 46.77 27.70 -36.12
C THR B 50 46.26 27.47 -34.72
N TYR B 51 46.39 26.24 -34.25
CA TYR B 51 45.96 25.90 -32.91
C TYR B 51 47.12 25.31 -32.13
N THR B 52 48.30 25.90 -32.28
CA THR B 52 49.48 25.38 -31.60
C THR B 52 49.37 25.52 -30.10
N ASN B 53 48.91 26.68 -29.64
CA ASN B 53 48.89 26.97 -28.21
C ASN B 53 47.69 26.41 -27.49
N CYS B 54 46.73 25.84 -28.20
CA CYS B 54 45.47 25.39 -27.61
C CYS B 54 44.83 26.52 -26.80
N LYS B 55 44.77 27.68 -27.45
CA LYS B 55 44.21 28.86 -26.81
C LYS B 55 42.72 28.68 -26.57
N THR B 56 42.22 29.31 -25.51
CA THR B 56 40.84 29.15 -25.10
C THR B 56 40.26 30.51 -24.75
N THR B 57 38.96 30.66 -24.92
CA THR B 57 38.31 31.86 -24.39
C THR B 57 38.33 31.82 -22.87
N GLU B 58 38.44 33.01 -22.27
CA GLU B 58 38.68 33.09 -20.84
C GLU B 58 37.64 32.32 -20.04
N ASP B 59 36.39 32.38 -20.46
CA ASP B 59 35.36 31.65 -19.75
C ASP B 59 35.51 30.15 -19.90
N GLY B 60 36.47 29.68 -20.68
CA GLY B 60 36.67 28.26 -20.84
C GLY B 60 35.53 27.58 -21.55
N GLN B 61 34.96 28.23 -22.55
CA GLN B 61 33.80 27.68 -23.26
C GLN B 61 34.16 27.21 -24.66
N TYR B 62 35.10 27.88 -25.32
CA TYR B 62 35.47 27.54 -26.69
C TYR B 62 36.98 27.54 -26.84
N ILE B 63 37.44 26.74 -27.81
CA ILE B 63 38.82 26.74 -28.26
C ILE B 63 38.91 27.72 -29.41
N ILE B 64 39.94 28.55 -29.40
CA ILE B 64 40.09 29.51 -30.49
C ILE B 64 41.48 29.42 -31.07
N PRO B 65 41.66 29.79 -32.34
CA PRO B 65 43.00 29.79 -32.92
C PRO B 65 43.89 30.84 -32.27
N ASP B 66 45.19 30.61 -32.37
CA ASP B 66 46.16 31.47 -31.71
C ASP B 66 46.20 32.88 -32.27
N GLU B 67 45.58 33.12 -33.41
CA GLU B 67 45.70 34.39 -34.09
C GLU B 67 44.50 35.30 -33.85
N VAL B 68 43.57 34.91 -32.99
CA VAL B 68 42.40 35.72 -32.71
C VAL B 68 42.26 35.90 -31.20
N TYR B 69 41.53 36.93 -30.83
CA TYR B 69 41.17 37.13 -29.44
C TYR B 69 39.72 37.55 -29.35
N THR B 70 39.09 37.25 -28.24
CA THR B 70 37.66 37.44 -28.06
C THR B 70 37.41 38.50 -27.00
N ILE B 71 36.42 39.35 -27.24
CA ILE B 71 35.89 40.27 -26.26
C ILE B 71 34.53 39.75 -25.82
N PRO B 72 34.32 39.47 -24.56
CA PRO B 72 33.06 38.89 -24.10
C PRO B 72 31.98 39.95 -23.91
N GLN B 73 31.19 40.16 -24.95
CA GLN B 73 30.11 41.13 -24.90
C GLN B 73 28.76 40.44 -24.80
N LYS B 74 28.57 39.65 -23.75
CA LYS B 74 27.42 38.76 -23.70
C LYS B 74 26.15 39.57 -23.49
N GLU B 75 25.49 39.92 -24.59
CA GLU B 75 24.32 40.77 -24.58
C GLU B 75 23.13 40.02 -25.14
N SER B 76 21.94 40.33 -24.66
CA SER B 76 20.71 39.78 -25.19
C SER B 76 19.71 40.92 -25.33
N ASN B 77 18.98 40.95 -26.44
CA ASN B 77 17.90 41.89 -26.64
C ASN B 77 16.64 41.12 -26.96
N LEU B 78 15.56 41.43 -26.27
CA LEU B 78 14.27 40.80 -26.48
C LEU B 78 13.26 41.88 -26.81
N GLU B 79 12.47 41.65 -27.85
CA GLU B 79 11.31 42.49 -28.14
C GLU B 79 10.12 41.56 -28.26
N MET B 80 9.02 41.89 -27.60
CA MET B 80 7.77 41.17 -27.77
C MET B 80 6.67 42.19 -27.96
N ASN B 81 6.00 42.14 -29.10
CA ASN B 81 4.85 42.98 -29.36
C ASN B 81 3.66 42.06 -29.56
N SER B 82 2.53 42.42 -28.98
CA SER B 82 1.29 41.72 -29.21
C SER B 82 0.22 42.77 -29.45
N GLU B 83 -0.81 42.41 -30.21
CA GLU B 83 -1.89 43.33 -30.49
C GLU B 83 -3.14 42.55 -30.83
N VAL B 84 -4.17 42.70 -30.01
CA VAL B 84 -5.43 42.02 -30.21
C VAL B 84 -6.50 43.06 -30.46
N LEU B 85 -7.22 42.92 -31.56
CA LEU B 85 -8.36 43.77 -31.86
C LEU B 85 -9.58 42.90 -32.03
N GLU B 86 -10.66 43.25 -31.35
CA GLU B 86 -11.91 42.53 -31.51
C GLU B 86 -13.03 43.51 -31.74
N SER B 87 -13.93 43.17 -32.65
CA SER B 87 -15.12 43.96 -32.93
C SER B 87 -16.31 43.05 -32.88
N TRP B 88 -17.36 43.50 -32.22
CA TRP B 88 -18.60 42.75 -32.14
C TRP B 88 -19.75 43.70 -32.41
N MET B 89 -20.46 43.48 -33.50
CA MET B 89 -21.61 44.29 -33.87
C MET B 89 -22.82 43.38 -33.94
N ASN B 90 -23.72 43.53 -32.98
CA ASN B 90 -24.93 42.72 -32.94
C ASN B 90 -26.13 43.63 -33.18
N TYR B 91 -27.13 43.10 -33.86
CA TYR B 91 -28.28 43.89 -34.28
C TYR B 91 -29.50 43.00 -34.28
N GLN B 92 -30.62 43.51 -33.78
CA GLN B 92 -31.87 42.77 -33.81
C GLN B 92 -32.99 43.72 -34.20
N SER B 93 -34.06 43.17 -34.74
CA SER B 93 -35.22 43.94 -35.13
C SER B 93 -36.44 43.05 -35.04
N THR B 94 -37.58 43.63 -34.69
CA THR B 94 -38.83 42.88 -34.55
C THR B 94 -39.99 43.82 -34.76
N THR B 95 -40.73 43.63 -35.85
CA THR B 95 -41.90 44.45 -36.14
C THR B 95 -43.12 43.55 -36.24
N SER B 96 -44.12 43.81 -35.41
CA SER B 96 -45.39 43.10 -35.47
C SER B 96 -46.51 44.07 -35.78
N LEU B 97 -47.38 43.70 -36.71
CA LEU B 97 -48.50 44.54 -37.12
C LEU B 97 -49.76 43.68 -37.12
N SER B 98 -50.73 44.04 -36.28
CA SER B 98 -51.94 43.25 -36.10
C SER B 98 -53.16 44.10 -36.37
N ILE B 99 -54.06 43.60 -37.21
CA ILE B 99 -55.28 44.30 -37.60
C ILE B 99 -56.45 43.38 -37.31
N ASN B 100 -57.46 43.86 -36.60
CA ASN B 100 -58.67 43.10 -36.39
C ASN B 100 -59.87 43.93 -36.79
N THR B 101 -60.74 43.35 -37.60
CA THR B 101 -61.95 44.01 -38.08
C THR B 101 -63.14 43.12 -37.77
N GLU B 102 -64.21 43.72 -37.24
CA GLU B 102 -65.44 43.00 -36.98
C GLU B 102 -66.60 43.86 -37.45
N LEU B 103 -67.50 43.26 -38.23
CA LEU B 103 -68.63 43.97 -38.82
C LEU B 103 -69.88 43.12 -38.67
N ALA B 104 -70.84 43.60 -37.91
CA ALA B 104 -72.13 42.94 -37.74
C ALA B 104 -73.23 43.83 -38.29
N LEU B 105 -73.97 43.32 -39.27
CA LEU B 105 -75.07 44.05 -39.88
C LEU B 105 -76.38 43.38 -39.49
N PHE B 106 -77.33 44.20 -39.04
CA PHE B 106 -78.70 43.78 -38.74
C PHE B 106 -78.75 42.71 -37.67
N SER B 107 -77.71 42.60 -36.86
CA SER B 107 -77.59 41.60 -35.81
C SER B 107 -77.70 40.17 -36.36
N ARG B 108 -77.46 40.00 -37.65
CA ARG B 108 -77.50 38.67 -38.26
C ARG B 108 -76.27 38.36 -39.10
N VAL B 109 -75.77 39.31 -39.87
CA VAL B 109 -74.66 39.08 -40.80
C VAL B 109 -73.38 39.48 -40.08
N ASN B 110 -72.61 38.50 -39.63
CA ASN B 110 -71.36 38.75 -38.92
C ASN B 110 -70.18 38.60 -39.87
N GLY B 111 -69.10 39.31 -39.55
CA GLY B 111 -67.86 39.18 -40.29
C GLY B 111 -66.66 39.56 -39.45
N LYS B 112 -65.58 38.79 -39.56
CA LYS B 112 -64.34 39.05 -38.86
C LYS B 112 -63.19 38.95 -39.85
N PHE B 113 -62.12 39.68 -39.56
CA PHE B 113 -60.97 39.74 -40.47
C PHE B 113 -59.76 40.10 -39.62
N SER B 114 -58.92 39.12 -39.31
CA SER B 114 -57.75 39.33 -38.48
C SER B 114 -56.50 39.05 -39.30
N THR B 115 -55.65 40.05 -39.44
CA THR B 115 -54.46 39.97 -40.27
C THR B 115 -53.25 40.35 -39.44
N GLU B 116 -52.25 39.49 -39.41
CA GLU B 116 -51.05 39.75 -38.64
C GLU B 116 -49.80 39.50 -39.47
N PHE B 117 -48.92 40.49 -39.49
CA PHE B 117 -47.58 40.35 -40.05
C PHE B 117 -46.58 40.44 -38.92
N GLN B 118 -45.49 39.68 -39.01
CA GLN B 118 -44.43 39.72 -38.02
C GLN B 118 -43.10 39.45 -38.68
N ARG B 119 -42.17 40.37 -38.51
CA ARG B 119 -40.80 40.26 -39.02
C ARG B 119 -39.85 40.26 -37.85
N MET B 120 -38.88 39.37 -37.87
CA MET B 120 -37.76 39.38 -36.94
C MET B 120 -36.49 39.29 -37.75
N LYS B 121 -35.49 40.05 -37.37
CA LYS B 121 -34.23 40.09 -38.09
C LYS B 121 -33.10 40.10 -37.08
N THR B 122 -31.99 39.47 -37.42
CA THR B 122 -30.83 39.38 -36.54
C THR B 122 -29.57 39.39 -37.38
N LEU B 123 -28.61 40.19 -36.96
CA LEU B 123 -27.30 40.21 -37.58
C LEU B 123 -26.23 40.19 -36.51
N GLN B 124 -25.15 39.48 -36.76
CA GLN B 124 -24.04 39.46 -35.85
C GLN B 124 -22.76 39.45 -36.65
N VAL B 125 -21.82 40.31 -36.28
CA VAL B 125 -20.52 40.38 -36.92
C VAL B 125 -19.48 40.35 -35.83
N LYS B 126 -18.47 39.50 -35.99
CA LYS B 126 -17.44 39.33 -34.99
C LYS B 126 -16.08 39.22 -35.67
N ASP B 127 -15.18 40.14 -35.36
CA ASP B 127 -13.86 40.16 -35.95
C ASP B 127 -12.80 40.06 -34.87
N GLN B 128 -11.80 39.25 -35.12
CA GLN B 128 -10.64 39.19 -34.25
C GLN B 128 -9.39 39.27 -35.10
N ALA B 129 -8.44 40.08 -34.68
CA ALA B 129 -7.15 40.20 -35.34
C ALA B 129 -6.09 40.18 -34.27
N VAL B 130 -5.31 39.10 -34.23
CA VAL B 130 -4.23 38.94 -33.28
C VAL B 130 -2.92 39.00 -34.04
N THR B 131 -2.02 39.85 -33.60
CA THR B 131 -0.70 39.96 -34.19
C THR B 131 0.32 39.80 -33.08
N THR B 132 1.36 39.01 -33.34
CA THR B 132 2.38 38.73 -32.35
C THR B 132 3.73 38.76 -33.03
N ARG B 133 4.72 39.38 -32.39
CA ARG B 133 6.06 39.45 -32.94
C ARG B 133 7.06 39.31 -31.82
N VAL B 134 7.90 38.29 -31.91
CA VAL B 134 8.96 38.04 -30.94
C VAL B 134 10.28 38.19 -31.66
N GLN B 135 11.25 38.83 -31.01
CA GLN B 135 12.52 39.10 -31.66
C GLN B 135 13.63 39.01 -30.63
N VAL B 136 14.45 37.96 -30.73
CA VAL B 136 15.56 37.73 -29.82
C VAL B 136 16.84 37.95 -30.58
N ARG B 137 17.82 38.57 -29.93
CA ARG B 137 19.12 38.78 -30.56
C ARG B 137 20.19 38.67 -29.49
N ASN B 138 20.98 37.60 -29.54
CA ASN B 138 22.09 37.41 -28.62
C ASN B 138 23.39 37.71 -29.34
N ARG B 139 24.25 38.48 -28.69
CA ARG B 139 25.60 38.70 -29.18
C ARG B 139 26.55 38.26 -28.09
N ILE B 140 27.27 37.16 -28.29
CA ILE B 140 28.03 36.58 -27.21
C ILE B 140 29.45 37.13 -27.20
N TYR B 141 30.21 36.81 -28.22
CA TYR B 141 31.61 37.21 -28.30
C TYR B 141 31.82 38.16 -29.46
N THR B 142 32.93 38.88 -29.41
CA THR B 142 33.44 39.61 -30.57
C THR B 142 34.84 39.09 -30.84
N VAL B 143 35.02 38.41 -31.96
CA VAL B 143 36.27 37.77 -32.29
C VAL B 143 37.02 38.66 -33.26
N LYS B 144 38.28 38.96 -32.96
CA LYS B 144 39.09 39.81 -33.82
C LYS B 144 40.41 39.13 -34.11
N THR B 145 41.00 39.49 -35.25
CA THR B 145 42.31 38.95 -35.60
C THR B 145 43.40 39.71 -34.86
N THR B 146 44.37 38.98 -34.37
CA THR B 146 45.52 39.60 -33.74
C THR B 146 46.26 40.44 -34.78
N PRO B 147 46.70 41.65 -34.43
CA PRO B 147 47.39 42.48 -35.43
C PRO B 147 48.68 41.88 -35.93
N THR B 148 49.26 40.91 -35.21
CA THR B 148 50.52 40.29 -35.60
C THR B 148 50.31 39.00 -36.38
N SER B 149 49.16 38.81 -37.01
CA SER B 149 48.90 37.55 -37.67
C SER B 149 49.46 37.56 -39.09
N GLU B 150 49.52 36.36 -39.68
CA GLU B 150 50.17 36.15 -40.96
C GLU B 150 49.18 35.63 -42.00
N LEU B 151 49.52 35.84 -43.26
CA LEU B 151 48.70 35.34 -44.34
C LEU B 151 48.80 33.82 -44.41
N SER B 152 47.73 33.20 -44.89
CA SER B 152 47.69 31.75 -44.93
C SER B 152 48.63 31.23 -46.01
N LEU B 153 48.83 29.91 -45.99
CA LEU B 153 49.70 29.30 -46.98
C LEU B 153 49.17 29.47 -48.39
N GLY B 154 47.89 29.17 -48.60
CA GLY B 154 47.35 29.23 -49.94
C GLY B 154 47.34 30.64 -50.51
N PHE B 155 46.98 31.62 -49.69
CA PHE B 155 46.98 33.00 -50.16
C PHE B 155 48.39 33.45 -50.53
N THR B 156 49.36 33.11 -49.70
CA THR B 156 50.75 33.43 -50.03
C THR B 156 51.16 32.79 -51.33
N LYS B 157 50.80 31.51 -51.52
CA LYS B 157 51.20 30.83 -52.75
C LYS B 157 50.58 31.48 -53.97
N ALA B 158 49.30 31.84 -53.88
CA ALA B 158 48.66 32.51 -55.01
C ALA B 158 49.35 33.84 -55.31
N LEU B 159 49.68 34.60 -54.28
CA LEU B 159 50.37 35.86 -54.51
C LEU B 159 51.75 35.63 -55.14
N MET B 160 52.45 34.59 -54.69
CA MET B 160 53.74 34.25 -55.27
C MET B 160 53.58 33.94 -56.75
N ASP B 161 52.51 33.23 -57.11
CA ASP B 161 52.29 32.91 -58.51
C ASP B 161 52.05 34.16 -59.32
N ILE B 162 51.25 35.09 -58.79
CA ILE B 162 51.01 36.33 -59.55
C ILE B 162 52.29 37.13 -59.70
N CYS B 163 53.11 37.18 -58.64
CA CYS B 163 54.39 37.87 -58.74
C CYS B 163 55.28 37.23 -59.79
N ASP B 164 55.30 35.91 -59.85
CA ASP B 164 56.10 35.22 -60.86
C ASP B 164 55.61 35.55 -62.27
N GLN B 165 54.29 35.55 -62.47
CA GLN B 165 53.76 35.90 -63.77
C GLN B 165 54.15 37.33 -64.17
N LEU B 166 54.12 38.26 -63.21
CA LEU B 166 54.61 39.60 -63.51
C LEU B 166 56.09 39.58 -63.85
N GLU B 167 56.87 38.81 -63.11
CA GLU B 167 58.31 38.73 -63.37
C GLU B 167 58.59 38.20 -64.76
N LYS B 168 57.73 37.34 -65.29
CA LYS B 168 57.88 36.88 -66.66
C LYS B 168 57.42 37.91 -67.68
N ASN B 169 57.19 39.15 -67.24
CA ASN B 169 56.84 40.27 -68.12
C ASN B 169 55.58 40.00 -68.93
N GLN B 170 54.82 38.97 -68.57
CA GLN B 170 53.57 38.66 -69.23
C GLN B 170 52.41 39.06 -68.33
N THR B 171 51.67 40.07 -68.77
CA THR B 171 50.64 40.68 -67.95
C THR B 171 49.28 40.03 -68.09
N LYS B 172 48.97 39.46 -69.24
CA LYS B 172 47.65 38.92 -69.47
C LYS B 172 47.36 37.76 -68.52
N MET B 173 48.24 36.77 -68.48
CA MET B 173 48.04 35.67 -67.55
C MET B 173 48.13 36.14 -66.11
N ALA B 174 48.91 37.19 -65.86
CA ALA B 174 48.94 37.78 -64.52
C ALA B 174 47.58 38.32 -64.13
N THR B 175 46.92 39.03 -65.06
CA THR B 175 45.59 39.57 -64.77
C THR B 175 44.59 38.44 -64.58
N TYR B 176 44.68 37.40 -65.41
CA TYR B 176 43.80 36.25 -65.22
C TYR B 176 44.01 35.62 -63.86
N LEU B 177 45.26 35.45 -63.44
CA LEU B 177 45.55 34.84 -62.17
C LEU B 177 45.06 35.70 -61.02
N ALA B 178 45.16 37.03 -61.17
CA ALA B 178 44.63 37.92 -60.15
C ALA B 178 43.12 37.82 -60.04
N GLU B 179 42.43 37.73 -61.17
CA GLU B 179 40.98 37.57 -61.12
C GLU B 179 40.61 36.23 -60.50
N LEU B 180 41.41 35.19 -60.75
CA LEU B 180 41.22 33.93 -60.06
C LEU B 180 41.39 34.09 -58.55
N LEU B 181 42.39 34.86 -58.14
CA LEU B 181 42.58 35.13 -56.73
C LEU B 181 41.35 35.80 -56.13
N ILE B 182 40.81 36.79 -56.83
CA ILE B 182 39.63 37.48 -56.33
C ILE B 182 38.46 36.52 -56.22
N LEU B 183 38.27 35.69 -57.25
CA LEU B 183 37.17 34.75 -57.25
C LEU B 183 37.28 33.78 -56.08
N ASN B 184 38.49 33.31 -55.78
CA ASN B 184 38.65 32.34 -54.71
C ASN B 184 38.59 32.98 -53.33
N TYR B 185 39.04 34.22 -53.19
CA TYR B 185 39.20 34.82 -51.87
C TYR B 185 38.36 36.07 -51.69
N GLY B 186 37.52 36.41 -52.64
CA GLY B 186 36.66 37.54 -52.42
C GLY B 186 37.40 38.86 -52.47
N THR B 187 36.72 39.90 -52.02
CA THR B 187 37.21 41.26 -52.10
C THR B 187 37.82 41.75 -50.78
N HIS B 188 37.13 41.54 -49.67
CA HIS B 188 37.64 41.99 -48.38
C HIS B 188 38.10 40.81 -47.54
N VAL B 189 38.77 41.13 -46.45
CA VAL B 189 39.16 40.15 -45.44
C VAL B 189 38.50 40.55 -44.14
N ILE B 190 37.84 39.60 -43.49
CA ILE B 190 37.10 39.91 -42.29
C ILE B 190 38.04 39.95 -41.11
N THR B 191 38.10 41.10 -40.44
CA THR B 191 38.96 41.27 -39.29
C THR B 191 38.23 41.14 -37.97
N SER B 192 36.90 41.18 -37.96
CA SER B 192 36.16 41.04 -36.73
C SER B 192 34.75 40.56 -37.03
N VAL B 193 34.26 39.65 -36.19
CA VAL B 193 32.90 39.14 -36.29
C VAL B 193 32.30 39.19 -34.90
N ASP B 194 30.97 39.12 -34.85
CA ASP B 194 30.25 39.02 -33.59
C ASP B 194 29.56 37.68 -33.56
N ALA B 195 30.11 36.74 -32.81
CA ALA B 195 29.43 35.47 -32.61
C ALA B 195 28.11 35.74 -31.93
N GLY B 196 27.07 35.04 -32.37
CA GLY B 196 25.77 35.29 -31.76
C GLY B 196 24.66 34.50 -32.41
N ALA B 197 23.43 34.90 -32.14
CA ALA B 197 22.28 34.20 -32.67
C ALA B 197 21.13 35.18 -32.73
N ALA B 198 20.12 34.84 -33.52
CA ALA B 198 18.96 35.70 -33.64
C ALA B 198 17.74 34.87 -33.95
N LEU B 199 16.57 35.41 -33.64
CA LEU B 199 15.33 34.69 -33.84
C LEU B 199 14.22 35.70 -34.04
N VAL B 200 13.36 35.46 -35.01
CA VAL B 200 12.20 36.32 -35.26
C VAL B 200 11.00 35.42 -35.46
N GLN B 201 9.92 35.70 -34.73
CA GLN B 201 8.66 35.02 -34.97
C GLN B 201 7.59 36.07 -35.23
N GLU B 202 6.77 35.82 -36.24
CA GLU B 202 5.60 36.64 -36.52
C GLU B 202 4.41 35.73 -36.56
N ASP B 203 3.28 36.20 -36.05
CA ASP B 203 2.06 35.43 -35.99
C ASP B 203 0.87 36.33 -36.24
N HIS B 204 -0.02 35.89 -37.12
CA HIS B 204 -1.25 36.62 -37.41
C HIS B 204 -2.41 35.65 -37.34
N VAL B 205 -3.50 36.07 -36.72
CA VAL B 205 -4.74 35.32 -36.71
C VAL B 205 -5.87 36.30 -37.03
N ARG B 206 -6.66 35.98 -38.05
CA ARG B 206 -7.80 36.80 -38.41
C ARG B 206 -9.02 35.91 -38.46
N SER B 207 -10.01 36.21 -37.63
CA SER B 207 -11.23 35.44 -37.59
C SER B 207 -12.41 36.37 -37.86
N SER B 208 -13.23 36.00 -38.81
CA SER B 208 -14.44 36.75 -39.14
C SER B 208 -15.62 35.82 -39.01
N PHE B 209 -16.66 36.27 -38.32
CA PHE B 209 -17.88 35.50 -38.20
C PHE B 209 -19.05 36.41 -38.51
N LEU B 210 -19.90 35.96 -39.42
CA LEU B 210 -21.09 36.69 -39.80
C LEU B 210 -22.28 35.77 -39.64
N LEU B 211 -23.32 36.28 -39.00
CA LEU B 211 -24.54 35.51 -38.82
C LEU B 211 -25.71 36.39 -39.23
N ASP B 212 -26.62 35.82 -39.99
CA ASP B 212 -27.79 36.52 -40.47
C ASP B 212 -29.01 35.65 -40.21
N ASN B 213 -30.12 36.27 -39.87
CA ASN B 213 -31.31 35.52 -39.52
C ASN B 213 -32.54 36.34 -39.81
N GLN B 214 -33.53 35.71 -40.44
CA GLN B 214 -34.80 36.36 -40.74
C GLN B 214 -35.93 35.40 -40.40
N ASN B 215 -36.94 35.89 -39.70
CA ASN B 215 -38.15 35.12 -39.45
C ASN B 215 -39.33 35.97 -39.89
N SER B 216 -40.19 35.39 -40.72
CA SER B 216 -41.38 36.08 -41.19
C SER B 216 -42.57 35.24 -40.80
N GLN B 217 -43.69 35.88 -40.51
CA GLN B 217 -44.89 35.17 -40.10
C GLN B 217 -46.11 35.98 -40.48
N ASN B 218 -47.01 35.38 -41.26
CA ASN B 218 -48.28 35.99 -41.63
C ASN B 218 -49.40 35.10 -41.13
N THR B 219 -50.49 35.72 -40.69
CA THR B 219 -51.65 35.01 -40.18
C THR B 219 -52.92 35.76 -40.55
N VAL B 220 -53.72 35.18 -41.44
CA VAL B 220 -54.98 35.76 -41.88
C VAL B 220 -56.09 34.83 -41.42
N THR B 221 -57.14 35.39 -40.83
CA THR B 221 -58.31 34.64 -40.43
C THR B 221 -59.55 35.45 -40.78
N ALA B 222 -60.33 34.96 -41.74
CA ALA B 222 -61.49 35.69 -42.25
C ALA B 222 -62.73 34.85 -42.03
N SER B 223 -63.70 35.39 -41.31
CA SER B 223 -64.94 34.70 -41.01
C SER B 223 -66.13 35.52 -41.50
N ALA B 224 -67.19 34.85 -41.90
CA ALA B 224 -68.40 35.50 -42.37
C ALA B 224 -69.58 34.59 -42.11
N GLY B 225 -70.54 35.04 -41.32
CA GLY B 225 -71.69 34.21 -41.00
C GLY B 225 -73.02 34.90 -41.18
N ILE B 226 -73.81 34.43 -42.15
CA ILE B 226 -75.15 34.92 -42.38
C ILE B 226 -76.10 34.03 -41.60
N ALA B 227 -76.70 34.56 -40.56
CA ALA B 227 -77.57 33.78 -39.68
C ALA B 227 -78.97 34.38 -39.71
N PHE B 228 -79.85 33.79 -40.52
CA PHE B 228 -81.24 34.20 -40.57
C PHE B 228 -81.97 33.72 -39.32
N LEU B 229 -83.29 33.85 -39.32
CA LEU B 229 -84.13 33.47 -38.18
C LEU B 229 -84.49 32.00 -38.29
N ASN B 230 -83.47 31.16 -38.06
CA ASN B 230 -83.63 29.70 -38.00
C ASN B 230 -84.09 29.12 -39.34
N ILE B 231 -83.85 29.84 -40.43
CA ILE B 231 -84.15 29.36 -41.78
C ILE B 231 -82.88 29.05 -42.56
N VAL B 232 -81.93 29.98 -42.54
CA VAL B 232 -80.65 29.79 -43.23
C VAL B 232 -79.54 30.16 -42.26
N ASN B 233 -78.50 29.33 -42.19
CA ASN B 233 -77.33 29.61 -41.38
C ASN B 233 -76.09 29.21 -42.18
N PHE B 234 -75.44 30.20 -42.79
CA PHE B 234 -74.33 29.98 -43.71
C PHE B 234 -73.08 30.62 -43.12
N LYS B 235 -72.17 29.81 -42.61
CA LYS B 235 -70.99 30.32 -41.93
C LYS B 235 -69.73 29.80 -42.62
N VAL B 236 -68.80 30.72 -42.91
CA VAL B 236 -67.60 30.40 -43.66
C VAL B 236 -66.41 31.02 -42.93
N GLU B 237 -65.40 30.23 -42.59
CA GLU B 237 -64.18 30.78 -42.05
C GLU B 237 -62.98 30.18 -42.76
N THR B 238 -62.06 31.03 -43.17
CA THR B 238 -60.82 30.62 -43.81
C THR B 238 -59.65 31.10 -42.97
N ASP B 239 -58.58 30.32 -42.98
CA ASP B 239 -57.38 30.61 -42.22
C ASP B 239 -56.17 30.53 -43.16
N TYR B 240 -55.07 31.14 -42.75
CA TYR B 240 -53.87 31.15 -43.58
C TYR B 240 -52.70 31.50 -42.67
N ILE B 241 -51.72 30.63 -42.57
CA ILE B 241 -50.51 30.90 -41.80
C ILE B 241 -49.32 30.74 -42.72
N SER B 242 -48.25 31.47 -42.42
CA SER B 242 -47.02 31.36 -43.21
C SER B 242 -45.85 31.75 -42.33
N GLN B 243 -45.02 30.78 -41.95
CA GLN B 243 -43.82 31.04 -41.17
C GLN B 243 -42.61 30.68 -42.01
N THR B 244 -41.67 31.60 -42.13
CA THR B 244 -40.41 31.31 -42.80
C THR B 244 -39.26 31.68 -41.87
N SER B 245 -38.20 30.90 -41.92
CA SER B 245 -36.96 31.22 -41.24
C SER B 245 -35.83 31.07 -42.23
N LEU B 246 -34.80 31.88 -42.07
CA LEU B 246 -33.64 31.81 -42.95
C LEU B 246 -32.44 32.31 -42.18
N THR B 247 -31.54 31.39 -41.81
CA THR B 247 -30.32 31.74 -41.11
C THR B 247 -29.14 31.39 -41.97
N LYS B 248 -28.22 32.33 -42.10
CA LYS B 248 -27.02 32.15 -42.91
C LYS B 248 -25.81 32.50 -42.06
N ASP B 249 -24.92 31.55 -41.87
CA ASP B 249 -23.69 31.79 -41.13
C ASP B 249 -22.53 31.89 -42.10
N TYR B 250 -21.39 32.33 -41.57
CA TYR B 250 -20.18 32.42 -42.36
C TYR B 250 -19.02 32.56 -41.38
N LEU B 251 -18.01 31.73 -41.52
CA LEU B 251 -16.86 31.77 -40.65
C LEU B 251 -15.61 31.79 -41.49
N SER B 252 -14.57 32.44 -40.99
CA SER B 252 -13.34 32.56 -41.77
C SER B 252 -12.18 32.73 -40.81
N ASN B 253 -11.36 31.69 -40.66
CA ASN B 253 -10.13 31.75 -39.90
C ASN B 253 -8.96 31.81 -40.86
N ARG B 254 -7.96 32.60 -40.52
CA ARG B 254 -6.72 32.65 -41.30
C ARG B 254 -5.57 32.87 -40.33
N THR B 255 -4.68 31.91 -40.23
CA THR B 255 -3.52 32.03 -39.34
C THR B 255 -2.26 31.92 -40.17
N ASN B 256 -1.31 32.81 -39.93
CA ASN B 256 0.00 32.76 -40.54
C ASN B 256 1.03 32.78 -39.43
N SER B 257 2.06 31.95 -39.56
CA SER B 257 3.20 31.99 -38.67
C SER B 257 4.45 32.01 -39.53
N ARG B 258 5.43 32.81 -39.14
CA ARG B 258 6.67 32.86 -39.88
C ARG B 258 7.81 32.96 -38.88
N VAL B 259 8.68 31.96 -38.86
CA VAL B 259 9.81 31.93 -37.95
C VAL B 259 11.08 31.95 -38.76
N GLN B 260 12.02 32.77 -38.36
CA GLN B 260 13.31 32.88 -39.01
C GLN B 260 14.39 32.89 -37.96
N SER B 261 15.30 31.94 -38.04
CA SER B 261 16.29 31.72 -36.99
C SER B 261 17.68 31.79 -37.61
N PHE B 262 18.63 32.32 -36.86
CA PHE B 262 20.03 32.34 -37.26
C PHE B 262 20.85 31.82 -36.08
N GLY B 263 21.43 30.66 -36.22
CA GLY B 263 22.11 30.07 -35.09
C GLY B 263 21.15 29.35 -34.17
N GLY B 264 21.72 28.60 -33.26
CA GLY B 264 20.92 27.86 -32.30
C GLY B 264 20.39 26.57 -32.89
N VAL B 265 19.58 25.90 -32.10
CA VAL B 265 18.97 24.63 -32.50
C VAL B 265 18.04 24.88 -33.67
N PRO B 266 17.87 23.93 -34.60
CA PRO B 266 16.81 24.09 -35.61
C PRO B 266 15.46 24.30 -34.94
N PHE B 267 14.76 25.33 -35.37
CA PHE B 267 13.54 25.72 -34.70
C PHE B 267 12.40 24.76 -35.03
N TYR B 268 11.56 24.50 -34.03
CA TYR B 268 10.31 23.79 -34.26
C TYR B 268 9.24 24.47 -33.43
N PRO B 269 7.98 24.41 -33.87
CA PRO B 269 6.95 25.30 -33.31
C PRO B 269 6.75 25.17 -31.82
N GLY B 270 6.86 23.99 -31.25
CA GLY B 270 6.54 23.84 -29.84
C GLY B 270 7.65 24.28 -28.92
N ILE B 271 8.74 24.78 -29.48
CA ILE B 271 9.92 25.10 -28.70
C ILE B 271 9.66 26.37 -27.91
N THR B 272 10.34 26.49 -26.78
CA THR B 272 10.21 27.64 -25.91
C THR B 272 11.49 28.46 -25.96
N LEU B 273 11.34 29.78 -25.80
CA LEU B 273 12.51 30.63 -25.85
C LEU B 273 13.54 30.24 -24.79
N GLU B 274 13.11 29.62 -23.70
CA GLU B 274 14.08 29.10 -22.76
C GLU B 274 14.94 28.02 -23.40
N THR B 275 14.29 27.03 -24.02
CA THR B 275 15.02 25.95 -24.64
C THR B 275 15.87 26.45 -25.80
N TRP B 276 15.36 27.38 -26.58
CA TRP B 276 16.16 27.91 -27.68
C TRP B 276 17.35 28.69 -27.16
N GLN B 277 17.16 29.50 -26.12
CA GLN B 277 18.26 30.29 -25.60
C GLN B 277 19.32 29.42 -24.94
N LYS B 278 18.92 28.34 -24.30
CA LYS B 278 19.88 27.43 -23.72
C LYS B 278 20.56 26.55 -24.74
N GLY B 279 20.13 26.60 -25.99
CA GLY B 279 20.66 25.69 -27.00
C GLY B 279 21.71 26.30 -27.91
N ILE B 280 22.01 27.58 -27.75
CA ILE B 280 22.95 28.25 -28.62
C ILE B 280 24.39 28.03 -28.15
N THR B 281 24.59 27.17 -27.16
CA THR B 281 25.90 27.07 -26.52
C THR B 281 26.96 26.61 -27.51
N ASN B 282 26.55 25.94 -28.58
CA ASN B 282 27.48 25.49 -29.59
C ASN B 282 27.13 25.93 -30.99
N HIS B 283 25.92 26.43 -31.21
CA HIS B 283 25.47 26.82 -32.53
C HIS B 283 25.44 28.33 -32.62
N LEU B 284 26.60 28.93 -32.89
CA LEU B 284 26.72 30.38 -32.97
C LEU B 284 27.14 30.73 -34.39
N VAL B 285 26.56 31.79 -34.93
CA VAL B 285 26.83 32.19 -36.31
C VAL B 285 27.23 33.65 -36.30
N ALA B 286 27.89 34.08 -37.36
CA ALA B 286 28.34 35.45 -37.44
C ALA B 286 27.17 36.36 -37.72
N ILE B 287 26.77 37.15 -36.72
CA ILE B 287 25.67 38.07 -36.90
C ILE B 287 26.11 39.44 -37.36
N ASP B 288 27.42 39.70 -37.37
CA ASP B 288 27.93 40.98 -37.82
C ASP B 288 29.39 40.81 -38.16
N ARG B 289 29.89 41.62 -39.08
CA ARG B 289 31.29 41.48 -39.49
C ARG B 289 31.81 42.80 -40.02
N ALA B 290 33.10 43.01 -39.82
CA ALA B 290 33.82 44.16 -40.34
C ALA B 290 35.12 43.67 -40.95
N GLY B 291 35.58 44.33 -42.00
CA GLY B 291 36.74 43.87 -42.71
C GLY B 291 37.51 45.00 -43.36
N LEU B 292 38.53 44.61 -44.11
CA LEU B 292 39.38 45.55 -44.82
C LEU B 292 39.57 45.09 -46.25
N PRO B 293 39.74 46.02 -47.19
CA PRO B 293 40.02 45.61 -48.57
C PRO B 293 41.29 44.79 -48.63
N LEU B 294 41.30 43.79 -49.50
CA LEU B 294 42.39 42.84 -49.45
C LEU B 294 43.69 43.42 -49.99
N HIS B 295 43.64 44.50 -50.75
CA HIS B 295 44.88 45.15 -51.16
C HIS B 295 45.59 45.77 -49.97
N PHE B 296 44.88 45.89 -48.85
CA PHE B 296 45.50 46.43 -47.64
C PHE B 296 46.45 45.41 -47.01
N PHE B 297 46.24 44.12 -47.26
CA PHE B 297 47.10 43.09 -46.70
C PHE B 297 48.29 42.76 -47.59
N ILE B 298 48.34 43.30 -48.81
CA ILE B 298 49.50 43.08 -49.66
C ILE B 298 50.51 44.18 -49.39
N LYS B 299 51.37 43.94 -48.40
CA LYS B 299 52.32 44.93 -47.93
C LYS B 299 53.68 44.27 -47.82
N PRO B 300 54.76 45.03 -47.99
CA PRO B 300 56.10 44.42 -47.96
C PRO B 300 56.39 43.66 -46.68
N ASP B 301 55.97 44.21 -45.54
CA ASP B 301 56.20 43.58 -44.25
C ASP B 301 55.38 42.33 -44.05
N LYS B 302 54.40 42.10 -44.93
CA LYS B 302 53.50 40.97 -44.81
C LYS B 302 53.92 39.78 -45.66
N LEU B 303 54.70 40.02 -46.72
CA LEU B 303 55.20 38.97 -47.59
C LEU B 303 56.72 38.97 -47.56
N PRO B 304 57.34 38.10 -46.74
CA PRO B 304 58.80 38.04 -46.71
C PRO B 304 59.44 37.65 -48.03
N GLY B 305 58.79 36.80 -48.81
CA GLY B 305 59.44 36.24 -49.98
C GLY B 305 59.73 37.25 -51.08
N LEU B 306 58.98 38.35 -51.09
CA LEU B 306 59.20 39.21 -52.24
C LEU B 306 59.79 40.56 -51.81
N PRO B 307 60.50 41.23 -52.71
CA PRO B 307 60.99 42.58 -52.40
C PRO B 307 59.87 43.61 -52.44
N GLY B 308 60.12 44.78 -51.87
CA GLY B 308 59.13 45.84 -51.81
C GLY B 308 58.63 46.36 -53.15
N PRO B 309 59.54 46.68 -54.08
CA PRO B 309 59.09 47.15 -55.38
C PRO B 309 58.19 46.16 -56.09
N LEU B 310 58.42 44.87 -55.94
CA LEU B 310 57.54 43.87 -56.54
C LEU B 310 56.17 43.85 -55.88
N VAL B 311 56.11 43.89 -54.55
CA VAL B 311 54.82 43.81 -53.89
C VAL B 311 54.02 45.07 -54.15
N LYS B 312 54.69 46.19 -54.43
CA LYS B 312 53.95 47.39 -54.81
C LYS B 312 53.17 47.15 -56.10
N LYS B 313 53.83 46.60 -57.12
CA LYS B 313 53.14 46.27 -58.35
C LYS B 313 52.08 45.20 -58.12
N LEU B 314 52.37 44.24 -57.24
CA LEU B 314 51.39 43.23 -56.88
C LEU B 314 50.12 43.88 -56.35
N SER B 315 50.26 44.79 -55.40
CA SER B 315 49.11 45.46 -54.84
C SER B 315 48.39 46.27 -55.91
N LYS B 316 49.14 46.94 -56.78
CA LYS B 316 48.53 47.73 -57.83
C LYS B 316 47.65 46.85 -58.73
N THR B 317 48.20 45.72 -59.16
CA THR B 317 47.44 44.89 -60.09
C THR B 317 46.28 44.19 -59.40
N VAL B 318 46.43 43.79 -58.14
CA VAL B 318 45.30 43.21 -57.43
C VAL B 318 44.21 44.25 -57.26
N GLU B 319 44.58 45.49 -56.93
CA GLU B 319 43.58 46.53 -56.76
C GLU B 319 42.87 46.83 -58.07
N THR B 320 43.60 46.85 -59.18
CA THR B 320 42.94 47.08 -60.46
C THR B 320 42.05 45.91 -60.83
N ALA B 321 42.43 44.69 -60.44
CA ALA B 321 41.53 43.56 -60.63
C ALA B 321 40.26 43.74 -59.83
N VAL B 322 40.37 44.23 -58.59
CA VAL B 322 39.20 44.49 -57.77
C VAL B 322 38.32 45.53 -58.44
N ARG B 323 38.94 46.59 -58.96
CA ARG B 323 38.18 47.65 -59.59
C ARG B 323 37.43 47.13 -60.80
N HIS B 324 38.09 46.31 -61.62
CA HIS B 324 37.41 45.72 -62.77
C HIS B 324 36.27 44.82 -62.32
N TYR B 325 36.50 44.00 -61.30
CA TYR B 325 35.47 43.11 -60.80
C TYR B 325 34.26 43.89 -60.32
N TYR B 326 34.47 44.99 -59.63
CA TYR B 326 33.36 45.85 -59.23
C TYR B 326 32.66 46.44 -60.43
N THR B 327 33.42 47.04 -61.36
CA THR B 327 32.82 47.79 -62.45
C THR B 327 31.97 46.90 -63.34
N PHE B 328 32.45 45.70 -63.65
CA PHE B 328 31.68 44.83 -64.54
C PHE B 328 30.35 44.45 -63.91
N ASN B 329 30.35 44.21 -62.59
CA ASN B 329 29.17 43.71 -61.93
C ASN B 329 28.46 44.82 -61.16
N PHE B 360 17.78 49.71 -73.99
CA PHE B 360 16.57 50.50 -73.77
C PHE B 360 16.48 50.98 -72.33
N THR B 361 15.62 51.95 -72.09
CA THR B 361 15.38 52.47 -70.75
C THR B 361 13.92 52.28 -70.37
N PHE B 362 13.69 51.77 -69.17
CA PHE B 362 12.35 51.48 -68.66
C PHE B 362 12.06 52.50 -67.56
N GLY B 363 11.03 53.32 -67.79
CA GLY B 363 10.74 54.45 -66.92
C GLY B 363 9.68 54.23 -65.87
N GLY B 364 9.28 53.00 -65.61
CA GLY B 364 8.31 52.71 -64.58
C GLY B 364 7.00 52.17 -65.15
N VAL B 365 6.11 51.83 -64.23
CA VAL B 365 4.80 51.28 -64.57
C VAL B 365 3.73 51.97 -63.74
N TYR B 366 2.49 51.83 -64.19
CA TYR B 366 1.34 52.30 -63.43
C TYR B 366 0.11 51.56 -63.94
N GLN B 367 -0.78 51.20 -63.02
CA GLN B 367 -1.98 50.43 -63.35
C GLN B 367 -3.20 51.27 -63.01
N GLU B 368 -3.89 51.75 -64.03
CA GLU B 368 -5.14 52.46 -63.83
C GLU B 368 -6.26 51.49 -63.49
N CYS B 369 -7.12 51.91 -62.57
CA CYS B 369 -8.26 51.12 -62.15
C CYS B 369 -9.52 51.94 -62.28
N THR B 370 -10.54 51.37 -62.92
CA THR B 370 -11.82 52.03 -63.10
C THR B 370 -12.90 51.22 -62.40
N GLU B 371 -13.65 51.87 -61.52
CA GLU B 371 -14.75 51.23 -60.81
C GLU B 371 -16.01 51.27 -61.66
N LEU B 372 -16.54 50.10 -61.96
CA LEU B 372 -17.80 50.01 -62.69
C LEU B 372 -18.99 49.69 -61.79
N SER B 373 -18.75 49.14 -60.61
CA SER B 373 -19.81 48.82 -59.68
C SER B 373 -19.21 48.83 -58.28
N GLY B 374 -19.63 49.80 -57.45
CA GLY B 374 -19.06 49.95 -56.14
C GLY B 374 -17.70 50.61 -56.18
N ASP B 375 -17.06 50.63 -55.02
CA ASP B 375 -15.72 51.19 -54.89
C ASP B 375 -14.86 50.31 -53.99
N VAL B 376 -14.95 48.99 -54.19
CA VAL B 376 -14.29 48.04 -53.32
C VAL B 376 -13.05 47.43 -53.96
N LEU B 377 -12.96 47.41 -55.29
CA LEU B 377 -11.84 46.73 -55.93
C LEU B 377 -10.66 47.66 -56.18
N CYS B 378 -10.94 48.86 -56.70
CA CYS B 378 -9.87 49.76 -57.11
C CYS B 378 -9.08 50.32 -55.95
N GLN B 379 -9.53 50.10 -54.72
CA GLN B 379 -8.76 50.48 -53.55
C GLN B 379 -7.45 49.70 -53.46
N ASN B 380 -7.34 48.56 -54.15
CA ASN B 380 -6.13 47.75 -54.06
C ASN B 380 -5.53 47.38 -55.41
N LEU B 381 -6.23 47.60 -56.51
CA LEU B 381 -5.74 47.22 -57.83
C LEU B 381 -5.04 48.37 -58.55
N GLU B 382 -4.95 49.53 -57.93
CA GLU B 382 -4.35 50.70 -58.55
C GLU B 382 -2.90 50.83 -58.13
N GLN B 383 -2.08 51.35 -59.04
CA GLN B 383 -0.66 51.54 -58.76
C GLN B 383 -0.19 52.79 -59.50
N LYS B 384 0.13 53.83 -58.75
CA LYS B 384 0.63 55.05 -59.37
C LYS B 384 2.05 54.82 -59.87
N ASN B 385 2.48 55.68 -60.80
CA ASN B 385 3.86 55.64 -61.23
C ASN B 385 4.79 56.05 -60.09
N LEU B 386 5.86 55.29 -59.93
CA LEU B 386 6.79 55.54 -58.84
C LEU B 386 7.43 56.91 -58.95
N LEU B 387 7.88 57.28 -60.14
CA LEU B 387 8.64 58.51 -60.33
C LEU B 387 7.77 59.76 -60.32
N THR B 388 6.54 59.67 -60.83
CA THR B 388 5.66 60.82 -60.91
C THR B 388 4.57 60.84 -59.85
N GLY B 389 4.38 59.75 -59.12
CA GLY B 389 3.30 59.72 -58.14
C GLY B 389 1.93 59.81 -58.75
N ASP B 390 1.74 59.28 -59.96
CA ASP B 390 0.49 59.44 -60.67
C ASP B 390 0.33 58.27 -61.64
N PHE B 391 -0.83 58.23 -62.31
CA PHE B 391 -1.08 57.25 -63.35
C PHE B 391 -0.59 57.80 -64.69
N SER B 392 0.73 57.97 -64.77
CA SER B 392 1.34 58.61 -65.93
C SER B 392 2.75 58.06 -66.08
N CYS B 393 3.49 58.65 -67.01
CA CYS B 393 4.87 58.27 -67.23
C CYS B 393 5.79 59.48 -67.08
N PRO B 394 7.04 59.27 -66.70
CA PRO B 394 7.97 60.38 -66.54
C PRO B 394 8.27 61.02 -67.88
N PRO B 395 8.77 62.26 -67.89
CA PRO B 395 9.14 62.90 -69.15
C PRO B 395 10.17 62.07 -69.90
N GLY B 396 10.02 62.02 -71.21
CA GLY B 396 10.88 61.19 -72.04
C GLY B 396 10.43 59.76 -72.18
N TYR B 397 9.35 59.37 -71.53
CA TYR B 397 8.83 58.01 -71.60
C TYR B 397 7.42 58.01 -72.16
N SER B 398 7.18 57.08 -73.07
CA SER B 398 5.88 56.95 -73.72
C SER B 398 5.08 55.88 -73.01
N PRO B 399 3.91 56.19 -72.47
CA PRO B 399 3.06 55.15 -71.88
C PRO B 399 2.67 54.13 -72.94
N VAL B 400 2.89 52.86 -72.62
CA VAL B 400 2.53 51.75 -73.50
C VAL B 400 1.44 50.96 -72.83
N HIS B 401 0.33 50.75 -73.53
CA HIS B 401 -0.76 49.96 -72.98
C HIS B 401 -0.31 48.51 -72.85
N LEU B 402 -0.12 48.06 -71.61
CA LEU B 402 0.27 46.67 -71.39
C LEU B 402 -0.95 45.76 -71.50
N LEU B 403 -1.93 45.95 -70.62
CA LEU B 403 -3.13 45.11 -70.67
C LEU B 403 -4.28 45.68 -69.85
N SER B 404 -5.50 45.57 -70.37
CA SER B 404 -6.70 46.01 -69.66
C SER B 404 -7.64 44.83 -69.52
N GLN B 405 -8.11 44.58 -68.30
CA GLN B 405 -9.06 43.49 -68.06
C GLN B 405 -10.02 43.87 -66.94
N THR B 406 -11.18 43.22 -66.95
CA THR B 406 -12.19 43.43 -65.93
C THR B 406 -12.15 42.31 -64.90
N HIS B 407 -12.53 42.64 -63.68
CA HIS B 407 -12.48 41.70 -62.57
C HIS B 407 -13.72 41.87 -61.72
N GLU B 408 -14.28 40.75 -61.27
CA GLU B 408 -15.51 40.72 -60.48
C GLU B 408 -15.26 40.04 -59.14
N GLU B 409 -15.97 40.50 -58.11
CA GLU B 409 -15.87 39.87 -56.81
C GLU B 409 -17.12 40.15 -56.00
N GLY B 410 -17.65 39.12 -55.36
CA GLY B 410 -18.84 39.26 -54.54
C GLY B 410 -18.50 39.62 -53.11
N TYR B 411 -19.05 40.74 -52.65
CA TYR B 411 -18.80 41.22 -51.31
C TYR B 411 -20.12 41.58 -50.63
N SER B 412 -20.16 41.38 -49.33
CA SER B 412 -21.33 41.74 -48.52
C SER B 412 -20.99 43.00 -47.74
N ARG B 413 -21.66 44.09 -48.07
CA ARG B 413 -21.48 45.36 -47.39
C ARG B 413 -22.61 45.57 -46.40
N LEU B 414 -22.27 45.78 -45.14
CA LEU B 414 -23.26 46.00 -44.09
C LEU B 414 -23.33 47.49 -43.80
N GLU B 415 -24.52 48.06 -43.87
CA GLU B 415 -24.70 49.48 -43.61
C GLU B 415 -25.93 49.69 -42.73
N CYS B 416 -25.87 50.72 -41.89
CA CYS B 416 -26.95 51.06 -40.99
C CYS B 416 -27.47 52.45 -41.30
N LYS B 417 -28.79 52.62 -41.24
CA LYS B 417 -29.43 53.88 -41.57
C LYS B 417 -30.48 54.20 -40.51
N LYS B 418 -30.67 55.48 -40.22
CA LYS B 418 -31.71 55.93 -39.30
C LYS B 418 -32.92 56.34 -40.12
N LYS B 419 -33.91 55.44 -40.21
CA LYS B 419 -35.15 55.74 -40.92
C LYS B 419 -36.14 56.37 -39.95
N CYS B 420 -36.65 57.54 -40.31
CA CYS B 420 -37.66 58.24 -39.52
C CYS B 420 -38.91 58.40 -40.38
N THR B 421 -39.92 57.59 -40.09
CA THR B 421 -41.20 57.71 -40.77
C THR B 421 -42.10 58.67 -39.98
N LEU B 422 -42.74 59.57 -40.71
CA LEU B 422 -43.59 60.61 -40.15
C LEU B 422 -42.83 61.53 -39.20
N LYS B 423 -41.50 61.58 -39.32
CA LYS B 423 -40.61 62.41 -38.52
C LYS B 423 -40.70 62.08 -37.03
N ILE B 424 -41.47 61.06 -36.66
CA ILE B 424 -41.64 60.70 -35.26
C ILE B 424 -41.29 59.25 -34.97
N PHE B 425 -41.40 58.34 -35.93
CA PHE B 425 -41.02 56.96 -35.74
C PHE B 425 -39.61 56.78 -36.30
N CYS B 426 -38.62 56.98 -35.44
CA CYS B 426 -37.22 56.88 -35.82
C CYS B 426 -36.64 55.58 -35.29
N LYS B 427 -36.03 54.81 -36.19
CA LYS B 427 -35.37 53.56 -35.82
C LYS B 427 -34.14 53.39 -36.68
N THR B 428 -33.12 52.76 -36.12
CA THR B 428 -31.91 52.43 -36.85
C THR B 428 -32.05 51.01 -37.38
N VAL B 429 -31.92 50.85 -38.70
CA VAL B 429 -32.02 49.57 -39.36
C VAL B 429 -30.70 49.27 -40.05
N CYS B 430 -30.15 48.10 -39.78
CA CYS B 430 -28.90 47.66 -40.39
C CYS B 430 -29.21 46.55 -41.38
N GLU B 431 -28.71 46.67 -42.59
CA GLU B 431 -28.90 45.68 -43.63
C GLU B 431 -27.60 45.40 -44.35
N ASP B 432 -27.43 44.16 -44.78
CA ASP B 432 -26.26 43.75 -45.54
C ASP B 432 -26.66 43.42 -46.96
N VAL B 433 -25.90 43.94 -47.92
CA VAL B 433 -26.19 43.78 -49.33
C VAL B 433 -25.04 43.02 -49.98
N PHE B 434 -25.36 41.96 -50.71
CA PHE B 434 -24.38 41.19 -51.45
C PHE B 434 -24.31 41.75 -52.86
N ARG B 435 -23.19 42.38 -53.21
CA ARG B 435 -23.01 42.97 -54.52
C ARG B 435 -21.78 42.39 -55.19
N VAL B 436 -21.86 42.20 -56.50
CA VAL B 436 -20.75 41.73 -57.31
C VAL B 436 -20.06 42.98 -57.85
N ALA B 437 -19.03 43.44 -57.16
CA ALA B 437 -18.28 44.59 -57.62
C ALA B 437 -17.48 44.22 -58.86
N LYS B 438 -17.63 45.03 -59.90
CA LYS B 438 -16.94 44.86 -61.17
C LYS B 438 -16.06 46.08 -61.41
N ALA B 439 -14.79 45.85 -61.68
CA ALA B 439 -13.84 46.94 -61.91
C ALA B 439 -12.90 46.58 -63.04
N GLU B 440 -12.62 47.54 -63.91
CA GLU B 440 -11.72 47.33 -65.04
C GLU B 440 -10.38 47.97 -64.71
N PHE B 441 -9.34 47.16 -64.66
CA PHE B 441 -7.98 47.65 -64.43
C PHE B 441 -7.22 47.71 -65.75
N ARG B 442 -6.51 48.80 -65.96
CA ARG B 442 -5.67 48.98 -67.14
C ARG B 442 -4.25 49.25 -66.69
N ALA B 443 -3.36 48.29 -66.95
CA ALA B 443 -1.96 48.42 -66.61
C ALA B 443 -1.16 48.85 -67.83
N TYR B 444 -0.28 49.83 -67.61
CA TYR B 444 0.58 50.39 -68.63
C TYR B 444 2.02 50.31 -68.14
N TRP B 445 2.97 50.41 -69.08
CA TRP B 445 4.37 50.46 -68.72
C TRP B 445 5.06 51.51 -69.56
N CYS B 446 5.98 52.24 -68.93
CA CYS B 446 6.62 53.40 -69.54
C CYS B 446 7.91 52.95 -70.21
N VAL B 447 7.97 53.07 -71.53
CA VAL B 447 9.20 52.81 -72.27
C VAL B 447 9.76 54.16 -72.72
N ALA B 448 11.08 54.18 -72.90
CA ALA B 448 11.74 55.43 -73.27
C ALA B 448 11.32 55.86 -74.67
N ALA B 449 10.97 57.14 -74.81
CA ALA B 449 10.54 57.66 -76.11
C ALA B 449 11.70 57.74 -77.10
N GLY B 450 12.87 58.20 -76.66
CA GLY B 450 14.01 58.32 -77.52
C GLY B 450 15.32 58.22 -76.77
N GLN B 451 16.29 59.06 -77.15
CA GLN B 451 17.58 59.09 -76.45
C GLN B 451 17.40 59.85 -75.15
N VAL B 452 16.85 59.15 -74.16
CA VAL B 452 16.61 59.71 -72.83
C VAL B 452 17.94 59.96 -72.15
N PRO B 453 18.03 60.92 -71.23
CA PRO B 453 19.26 61.07 -70.45
C PRO B 453 19.55 59.82 -69.64
N ASP B 454 20.82 59.47 -69.57
CA ASP B 454 21.27 58.26 -68.91
C ASP B 454 22.09 58.60 -67.68
N ASN B 455 21.89 57.83 -66.61
CA ASN B 455 21.02 56.65 -66.59
C ASN B 455 19.69 56.93 -65.90
N SER B 456 19.15 58.12 -66.12
CA SER B 456 17.87 58.49 -65.52
C SER B 456 16.78 57.50 -65.91
N GLY B 457 16.26 56.78 -64.92
CA GLY B 457 15.24 55.77 -65.17
C GLY B 457 15.13 54.83 -63.99
N LEU B 458 14.60 53.65 -64.26
CA LEU B 458 14.42 52.62 -63.26
C LEU B 458 15.00 51.31 -63.75
N LEU B 459 15.39 50.46 -62.81
CA LEU B 459 16.05 49.20 -63.11
C LEU B 459 15.11 48.03 -62.80
N PHE B 460 15.12 47.05 -63.69
CA PHE B 460 14.20 45.93 -63.64
C PHE B 460 14.81 44.83 -62.78
N GLY B 461 14.19 44.56 -61.65
CA GLY B 461 14.67 43.57 -60.71
C GLY B 461 13.96 42.22 -60.75
N GLY B 462 13.26 41.91 -61.82
CA GLY B 462 12.58 40.64 -61.91
C GLY B 462 11.18 40.70 -61.33
N VAL B 463 10.35 39.75 -61.75
CA VAL B 463 8.95 39.71 -61.36
C VAL B 463 8.63 38.34 -60.82
N PHE B 464 7.60 38.28 -59.99
CA PHE B 464 7.16 37.04 -59.39
C PHE B 464 5.72 37.18 -58.96
N THR B 465 5.02 36.05 -58.90
CA THR B 465 3.65 35.98 -58.43
C THR B 465 3.58 35.08 -57.20
N ASP B 466 2.37 34.97 -56.65
CA ASP B 466 2.13 34.10 -55.51
C ASP B 466 2.25 32.62 -55.85
N LYS B 467 2.11 32.26 -57.12
CA LYS B 467 2.23 30.87 -57.53
C LYS B 467 3.52 30.58 -58.30
N THR B 468 4.30 31.59 -58.64
CA THR B 468 5.55 31.43 -59.35
C THR B 468 6.72 31.82 -58.46
N ILE B 469 7.91 31.79 -59.06
CA ILE B 469 9.14 32.12 -58.37
C ILE B 469 9.87 33.17 -59.20
N ASN B 470 10.70 33.98 -58.53
CA ASN B 470 11.51 34.96 -59.25
C ASN B 470 12.87 34.36 -59.52
N PRO B 471 13.18 33.97 -60.76
CA PRO B 471 14.45 33.28 -61.03
C PRO B 471 15.68 34.09 -60.71
N MET B 472 15.63 35.41 -60.87
CA MET B 472 16.82 36.23 -60.67
C MET B 472 17.28 36.18 -59.22
N THR B 473 16.34 36.03 -58.28
CA THR B 473 16.70 35.83 -56.87
C THR B 473 16.33 34.46 -56.33
N ASN B 474 15.71 33.60 -57.15
CA ASN B 474 15.27 32.28 -56.72
C ASN B 474 14.36 32.35 -55.49
N ALA B 475 13.65 33.47 -55.33
CA ALA B 475 12.78 33.66 -54.19
C ALA B 475 11.62 34.54 -54.62
N GLN B 476 10.50 34.38 -53.94
CA GLN B 476 9.33 35.23 -54.19
C GLN B 476 9.47 36.56 -53.45
N SER B 477 10.53 37.30 -53.78
CA SER B 477 10.81 38.57 -53.12
C SER B 477 11.69 39.40 -54.04
N CYS B 478 12.00 40.61 -53.61
CA CYS B 478 12.85 41.53 -54.34
C CYS B 478 14.21 41.66 -53.67
N PRO B 479 15.25 42.00 -54.43
CA PRO B 479 16.57 42.17 -53.82
C PRO B 479 16.63 43.36 -52.86
N ALA B 480 17.80 43.57 -52.26
CA ALA B 480 17.99 44.70 -51.37
C ALA B 480 17.85 46.01 -52.15
N GLY B 481 17.22 47.00 -51.53
CA GLY B 481 17.01 48.27 -52.18
C GLY B 481 15.96 48.27 -53.26
N TYR B 482 15.19 47.20 -53.37
CA TYR B 482 14.17 47.08 -54.42
C TYR B 482 12.79 47.19 -53.83
N ILE B 483 11.89 47.77 -54.62
CA ILE B 483 10.53 48.06 -54.20
C ILE B 483 9.59 47.21 -55.04
N PRO B 484 8.66 46.49 -54.44
CA PRO B 484 7.69 45.74 -55.24
C PRO B 484 6.49 46.60 -55.63
N LEU B 485 6.15 46.60 -56.90
CA LEU B 485 5.00 47.34 -57.42
C LEU B 485 3.98 46.34 -57.96
N ASN B 486 2.73 46.51 -57.54
CA ASN B 486 1.68 45.61 -57.98
C ASN B 486 1.19 46.02 -59.35
N LEU B 487 1.21 45.07 -60.30
CA LEU B 487 0.85 45.37 -61.67
C LEU B 487 -0.34 44.56 -62.15
N PHE B 488 -0.51 43.34 -61.65
CA PHE B 488 -1.74 42.59 -61.86
C PHE B 488 -2.38 42.26 -60.52
N GLU B 489 -3.41 41.42 -60.54
CA GLU B 489 -4.01 40.98 -59.30
C GLU B 489 -3.02 40.23 -58.42
N SER B 490 -2.04 39.55 -59.03
CA SER B 490 -1.06 38.78 -58.29
C SER B 490 0.37 38.97 -58.76
N LEU B 491 0.60 39.85 -59.74
CA LEU B 491 1.93 40.07 -60.27
C LEU B 491 2.58 41.27 -59.59
N LYS B 492 3.86 41.10 -59.24
CA LYS B 492 4.63 42.16 -58.61
C LYS B 492 5.93 42.33 -59.37
N VAL B 493 6.40 43.57 -59.47
CA VAL B 493 7.61 43.92 -60.21
C VAL B 493 8.60 44.57 -59.25
N CYS B 494 9.84 44.09 -59.26
CA CYS B 494 10.88 44.66 -58.41
C CYS B 494 11.56 45.81 -59.14
N VAL B 495 11.47 47.00 -58.58
CA VAL B 495 12.02 48.21 -59.18
C VAL B 495 12.79 48.97 -58.12
N SER B 496 14.04 49.31 -58.40
CA SER B 496 14.88 50.01 -57.45
C SER B 496 15.28 51.39 -57.98
N LEU B 497 15.54 52.29 -57.04
CA LEU B 497 15.96 53.65 -57.36
C LEU B 497 17.47 53.84 -57.33
N ASP B 498 18.17 53.24 -56.37
CA ASP B 498 19.60 53.42 -56.28
C ASP B 498 20.29 52.78 -57.48
N TYR B 499 21.17 53.55 -58.12
CA TYR B 499 21.73 53.11 -59.39
C TYR B 499 22.76 52.02 -59.20
N GLU B 500 23.62 52.16 -58.20
CA GLU B 500 24.67 51.16 -57.95
C GLU B 500 24.07 49.83 -57.55
N LEU B 501 23.20 49.83 -56.54
CA LEU B 501 22.61 48.60 -56.06
C LEU B 501 21.78 47.92 -57.14
N GLY B 502 21.04 48.72 -57.91
CA GLY B 502 20.30 48.15 -59.03
C GLY B 502 21.22 47.51 -60.05
N PHE B 503 22.21 48.27 -60.53
CA PHE B 503 23.10 47.73 -61.56
C PHE B 503 23.81 46.49 -61.08
N LYS B 504 24.02 46.36 -59.77
CA LYS B 504 24.58 45.12 -59.25
C LYS B 504 23.50 44.08 -58.94
N PHE B 505 22.22 44.43 -59.06
CA PHE B 505 21.15 43.47 -58.83
C PHE B 505 20.06 43.62 -59.88
N SER B 506 20.43 43.79 -61.14
CA SER B 506 19.44 43.94 -62.20
C SER B 506 19.89 43.16 -63.42
N VAL B 507 19.02 43.14 -64.42
CA VAL B 507 19.28 42.55 -65.73
C VAL B 507 18.77 43.55 -66.76
N PRO B 508 19.44 43.71 -67.90
CA PRO B 508 18.91 44.63 -68.92
C PRO B 508 17.50 44.25 -69.33
N PHE B 509 16.66 45.27 -69.49
CA PHE B 509 15.26 45.08 -69.82
C PHE B 509 14.98 45.60 -71.22
N GLY B 510 14.17 44.84 -71.95
CA GLY B 510 13.90 45.15 -73.34
C GLY B 510 12.47 45.60 -73.59
N GLY B 511 11.54 45.06 -72.83
CA GLY B 511 10.15 45.47 -72.96
C GLY B 511 9.20 44.36 -72.62
N PHE B 512 7.97 44.74 -72.30
CA PHE B 512 6.88 43.81 -72.04
C PHE B 512 6.06 43.60 -73.30
N PHE B 513 5.24 42.55 -73.27
CA PHE B 513 4.24 42.39 -74.32
C PHE B 513 3.13 41.48 -73.80
N SER B 514 1.94 41.67 -74.36
CA SER B 514 0.77 40.92 -73.93
C SER B 514 0.35 39.93 -75.00
N CYS B 515 -0.73 39.18 -74.75
CA CYS B 515 -1.20 38.22 -75.73
C CYS B 515 -1.95 38.91 -76.87
N ILE B 516 -2.38 40.15 -76.66
CA ILE B 516 -3.19 40.87 -77.62
C ILE B 516 -2.40 41.95 -78.36
N MET B 517 -1.50 42.67 -77.67
CA MET B 517 -0.56 43.53 -78.37
C MET B 517 0.85 43.26 -77.87
N GLY B 518 1.81 43.22 -78.79
CA GLY B 518 3.18 42.88 -78.48
C GLY B 518 4.06 44.08 -78.17
N ASN B 519 5.36 43.81 -78.14
CA ASN B 519 6.35 44.85 -77.88
C ASN B 519 6.58 45.67 -79.14
N PRO B 520 6.40 46.99 -79.09
CA PRO B 520 6.64 47.82 -80.28
C PRO B 520 8.11 48.02 -80.60
N LEU B 521 9.03 47.50 -79.79
CA LEU B 521 10.45 47.65 -80.02
C LEU B 521 11.02 46.57 -80.94
N VAL B 522 10.15 45.85 -81.64
CA VAL B 522 10.62 44.85 -82.60
C VAL B 522 11.23 45.54 -83.81
N ASN B 523 11.87 44.74 -84.66
CA ASN B 523 12.51 45.25 -85.86
C ASN B 523 12.40 44.24 -87.01
N ALA B 532 4.41 51.99 -86.98
CA ALA B 532 5.45 50.99 -86.76
C ALA B 532 4.83 49.66 -86.35
N PRO B 533 5.30 48.57 -86.97
CA PRO B 533 4.80 47.24 -86.61
C PRO B 533 5.08 46.91 -85.15
N SER B 534 4.12 46.23 -84.52
CA SER B 534 4.25 45.79 -83.13
C SER B 534 4.13 44.27 -83.11
N LEU B 535 5.27 43.59 -82.97
CA LEU B 535 5.31 42.15 -82.92
C LEU B 535 5.56 41.68 -81.49
N LYS B 536 5.13 40.45 -81.23
CA LYS B 536 5.29 39.83 -79.91
C LYS B 536 6.61 39.06 -79.90
N LYS B 537 7.70 39.82 -79.87
CA LYS B 537 9.04 39.23 -79.95
C LYS B 537 10.01 40.12 -79.21
N CYS B 538 10.94 39.50 -78.49
CA CYS B 538 11.97 40.28 -77.80
C CYS B 538 13.01 40.74 -78.79
N PRO B 539 13.24 42.04 -78.92
CA PRO B 539 14.23 42.54 -79.86
C PRO B 539 15.65 42.20 -79.43
N GLY B 540 16.55 42.15 -80.41
CA GLY B 540 17.94 41.85 -80.13
C GLY B 540 18.11 40.43 -79.61
N GLY B 541 19.08 40.25 -78.72
CA GLY B 541 19.34 38.95 -78.15
C GLY B 541 18.57 38.73 -76.86
N PHE B 542 17.61 39.61 -76.58
CA PHE B 542 16.83 39.51 -75.37
C PHE B 542 16.02 38.23 -75.36
N SER B 543 15.97 37.57 -74.21
CA SER B 543 15.23 36.34 -74.05
C SER B 543 13.77 36.64 -73.70
N GLN B 544 12.89 35.75 -74.16
CA GLN B 544 11.47 35.87 -73.91
C GLN B 544 11.08 34.94 -72.76
N HIS B 545 10.61 35.51 -71.66
CA HIS B 545 10.27 34.74 -70.49
C HIS B 545 8.91 35.18 -69.95
N LEU B 546 8.08 34.19 -69.62
CA LEU B 546 6.73 34.45 -69.15
C LEU B 546 6.74 35.22 -67.83
N ALA B 547 5.80 36.16 -67.70
CA ALA B 547 5.64 36.92 -66.47
C ALA B 547 4.37 36.53 -65.72
N VAL B 548 3.24 36.42 -66.41
CA VAL B 548 1.98 36.11 -65.75
C VAL B 548 0.98 35.61 -66.78
N ILE B 549 -0.07 34.95 -66.31
CA ILE B 549 -1.17 34.49 -67.14
C ILE B 549 -2.46 35.04 -66.54
N SER B 550 -3.01 36.06 -67.17
CA SER B 550 -4.20 36.74 -66.68
C SER B 550 -5.38 36.35 -67.58
N ASP B 551 -6.23 35.46 -67.07
CA ASP B 551 -7.44 35.01 -67.77
C ASP B 551 -7.10 34.49 -69.17
N GLY B 552 -6.04 33.69 -69.23
CA GLY B 552 -5.59 33.12 -70.48
C GLY B 552 -4.75 34.02 -71.34
N CYS B 553 -4.53 35.27 -70.94
CA CYS B 553 -3.68 36.19 -71.67
C CYS B 553 -2.27 36.10 -71.11
N GLN B 554 -1.30 35.86 -71.99
CA GLN B 554 0.09 35.70 -71.59
C GLN B 554 0.76 37.07 -71.57
N VAL B 555 1.39 37.41 -70.45
CA VAL B 555 2.20 38.60 -70.32
C VAL B 555 3.62 38.16 -70.02
N SER B 556 4.58 38.70 -70.78
CA SER B 556 5.98 38.31 -70.66
C SER B 556 6.85 39.56 -70.67
N TYR B 557 8.15 39.35 -70.50
CA TYR B 557 9.14 40.41 -70.50
C TYR B 557 10.37 39.95 -71.27
N CYS B 558 11.28 40.89 -71.51
CA CYS B 558 12.46 40.63 -72.33
C CYS B 558 13.71 40.98 -71.54
N VAL B 559 14.59 39.99 -71.37
CA VAL B 559 15.87 40.18 -70.71
C VAL B 559 16.94 39.48 -71.53
N LYS B 560 18.19 39.91 -71.33
CA LYS B 560 19.30 39.28 -72.03
C LYS B 560 19.42 37.81 -71.65
N ALA B 561 19.60 36.96 -72.65
CA ALA B 561 19.67 35.52 -72.42
C ALA B 561 20.98 35.09 -71.78
N GLY B 562 22.01 35.93 -71.81
CA GLY B 562 23.31 35.55 -71.28
C GLY B 562 23.34 35.39 -69.77
N ILE B 563 22.37 35.97 -69.07
CA ILE B 563 22.32 35.90 -67.61
C ILE B 563 21.49 34.71 -67.14
N PHE B 564 20.37 34.43 -67.81
CA PHE B 564 19.55 33.29 -67.42
C PHE B 564 20.24 31.99 -67.80
N THR B 565 20.13 30.99 -66.93
CA THR B 565 20.83 29.73 -67.09
C THR B 565 19.89 28.60 -66.67
N GLY B 566 20.47 27.42 -66.42
CA GLY B 566 19.66 26.26 -66.07
C GLY B 566 18.79 26.49 -64.85
N GLY B 567 19.33 27.17 -63.83
CA GLY B 567 18.59 27.57 -62.65
C GLY B 567 18.74 26.62 -61.48
N SER B 568 18.87 25.32 -61.74
CA SER B 568 19.09 24.37 -60.66
C SER B 568 20.52 24.44 -60.13
N LEU B 569 21.46 24.83 -60.99
CA LEU B 569 22.83 25.08 -60.61
C LEU B 569 23.10 26.53 -60.95
N LEU B 570 23.34 27.36 -59.94
CA LEU B 570 23.67 28.74 -60.25
C LEU B 570 25.19 28.89 -60.35
N PRO B 571 25.73 29.10 -61.54
CA PRO B 571 27.18 29.22 -61.67
C PRO B 571 27.68 30.54 -61.12
N VAL B 572 28.97 30.59 -60.84
CA VAL B 572 29.62 31.81 -60.37
C VAL B 572 30.13 32.60 -61.56
N ARG B 573 29.23 33.37 -62.20
CA ARG B 573 29.58 34.15 -63.39
C ARG B 573 30.06 35.53 -62.94
N LEU B 574 31.28 35.55 -62.40
CA LEU B 574 31.89 36.76 -61.90
C LEU B 574 33.22 36.93 -62.66
N PRO B 575 34.42 36.69 -62.13
CA PRO B 575 35.56 36.57 -63.05
C PRO B 575 35.77 35.13 -63.44
N PRO B 576 36.55 34.85 -64.50
CA PRO B 576 37.25 35.81 -65.37
C PRO B 576 36.29 36.47 -66.34
N TYR B 577 36.51 37.76 -66.63
CA TYR B 577 35.74 38.46 -67.64
C TYR B 577 36.31 38.25 -69.02
N THR B 578 37.25 37.31 -69.15
CA THR B 578 37.88 36.96 -70.42
C THR B 578 38.38 35.54 -70.32
N LYS B 579 38.61 34.92 -71.46
CA LYS B 579 39.16 33.57 -71.49
C LYS B 579 40.63 33.62 -71.08
N PRO B 580 41.16 32.49 -70.60
CA PRO B 580 42.58 32.45 -70.23
C PRO B 580 43.46 32.93 -71.37
N PRO B 581 44.14 34.05 -71.19
CA PRO B 581 44.90 34.64 -72.29
C PRO B 581 46.17 33.86 -72.57
N LEU B 582 46.51 33.77 -73.85
CA LEU B 582 47.71 33.07 -74.25
C LEU B 582 48.95 33.86 -73.84
N MET B 583 50.08 33.15 -73.73
CA MET B 583 51.34 33.78 -73.33
C MET B 583 51.75 34.84 -74.34
N THR C 13 42.21 6.75 -49.65
CA THR C 13 41.45 7.99 -49.50
C THR C 13 40.13 7.73 -48.82
N GLY C 14 40.14 6.87 -47.82
CA GLY C 14 38.94 6.52 -47.08
C GLY C 14 38.93 7.22 -45.74
N PHE C 15 37.73 7.47 -45.23
CA PHE C 15 37.54 8.17 -43.98
C PHE C 15 37.40 7.22 -42.80
N GLN C 16 37.53 5.93 -43.03
CA GLN C 16 37.27 4.98 -41.95
C GLN C 16 38.22 5.14 -40.79
N ILE C 17 39.45 5.58 -41.07
CA ILE C 17 40.40 5.81 -39.98
C ILE C 17 39.89 6.91 -39.06
N CYS C 18 39.45 8.03 -39.64
CA CYS C 18 38.95 9.12 -38.82
C CYS C 18 37.69 8.73 -38.07
N LYS C 19 36.80 7.96 -38.71
CA LYS C 19 35.63 7.48 -37.99
C LYS C 19 36.04 6.61 -36.81
N ASN C 20 37.04 5.76 -36.99
CA ASN C 20 37.52 4.95 -35.88
C ASN C 20 38.06 5.83 -34.77
N ALA C 21 38.74 6.92 -35.12
CA ALA C 21 39.33 7.77 -34.10
C ALA C 21 38.29 8.67 -33.45
N LEU C 22 37.48 9.37 -34.26
CA LEU C 22 36.60 10.40 -33.75
C LEU C 22 35.20 9.94 -33.45
N LYS C 23 34.75 8.83 -34.03
CA LYS C 23 33.39 8.34 -33.85
C LYS C 23 32.35 9.38 -34.25
N LEU C 24 32.53 9.95 -35.44
CA LEU C 24 31.61 10.95 -35.95
C LEU C 24 31.14 10.57 -37.34
N PRO C 25 29.93 10.97 -37.72
CA PRO C 25 29.51 10.76 -39.10
C PRO C 25 30.24 11.71 -40.03
N VAL C 26 30.30 11.34 -41.27
CA VAL C 26 30.90 12.18 -42.29
C VAL C 26 29.82 13.05 -42.89
N LEU C 27 30.14 14.32 -43.13
CA LEU C 27 29.20 15.18 -43.83
C LEU C 27 28.94 14.63 -45.21
N GLU C 28 27.70 14.16 -45.43
CA GLU C 28 27.42 13.39 -46.63
C GLU C 28 27.24 14.26 -47.86
N VAL C 29 27.03 15.56 -47.70
CA VAL C 29 26.85 16.45 -48.84
C VAL C 29 28.17 17.17 -49.05
N LEU C 30 28.79 16.94 -50.19
CA LEU C 30 30.13 17.44 -50.43
C LEU C 30 30.25 18.01 -51.83
N PRO C 31 31.02 19.06 -52.01
CA PRO C 31 31.26 19.61 -53.34
C PRO C 31 32.34 18.80 -54.05
N GLY C 32 32.76 19.30 -55.20
CA GLY C 32 33.80 18.67 -55.97
C GLY C 32 33.32 17.67 -56.99
N GLY C 33 32.07 17.24 -56.92
CA GLY C 33 31.55 16.32 -57.90
C GLY C 33 31.10 17.01 -59.16
N GLY C 34 31.00 16.23 -60.23
CA GLY C 34 30.51 16.77 -61.47
C GLY C 34 29.01 16.93 -61.44
N TRP C 35 28.51 17.81 -62.29
CA TRP C 35 27.10 18.13 -62.31
C TRP C 35 26.63 18.21 -63.75
N ASP C 36 25.80 17.25 -64.15
CA ASP C 36 25.14 17.31 -65.45
C ASP C 36 24.06 18.36 -65.37
N ASN C 37 24.30 19.49 -66.02
CA ASN C 37 23.37 20.61 -66.01
C ASN C 37 22.18 20.38 -66.90
N LEU C 38 22.32 19.59 -67.96
CA LEU C 38 21.18 19.24 -68.79
C LEU C 38 20.16 18.45 -68.00
N ARG C 39 20.59 17.37 -67.37
CA ARG C 39 19.70 16.50 -66.62
C ARG C 39 19.64 16.84 -65.15
N ASN C 40 20.43 17.82 -64.70
CA ASN C 40 20.45 18.26 -63.30
C ASN C 40 20.68 17.07 -62.37
N VAL C 41 21.86 16.46 -62.50
CA VAL C 41 22.15 15.28 -61.70
C VAL C 41 23.65 15.18 -61.44
N ASP C 42 23.98 14.60 -60.29
CA ASP C 42 25.37 14.47 -59.86
C ASP C 42 26.08 13.38 -60.64
N MET C 43 27.37 13.59 -60.87
CA MET C 43 28.22 12.60 -61.51
C MET C 43 29.56 12.57 -60.79
N GLY C 44 30.34 11.52 -61.08
CA GLY C 44 31.58 11.22 -60.39
C GLY C 44 32.46 12.40 -60.10
N ARG C 45 33.17 12.36 -58.97
CA ARG C 45 33.80 13.56 -58.46
C ARG C 45 34.99 13.98 -59.32
N VAL C 46 35.19 15.29 -59.40
CA VAL C 46 36.31 15.85 -60.14
C VAL C 46 37.47 16.19 -59.22
N MET C 47 37.22 16.95 -58.16
CA MET C 47 38.30 17.26 -57.24
C MET C 47 38.57 16.08 -56.32
N ASP C 48 39.77 16.05 -55.78
CA ASP C 48 40.21 14.92 -54.96
C ASP C 48 39.80 15.16 -53.52
N LEU C 49 39.19 14.15 -52.90
CA LEU C 49 38.76 14.25 -51.51
C LEU C 49 39.52 13.20 -50.71
N THR C 50 40.38 13.68 -49.81
CA THR C 50 41.22 12.82 -48.98
C THR C 50 40.99 13.17 -47.52
N TYR C 51 40.73 12.16 -46.70
CA TYR C 51 40.55 12.38 -45.27
C TYR C 51 41.84 12.11 -44.51
N THR C 52 42.93 12.71 -44.97
CA THR C 52 44.23 12.44 -44.38
C THR C 52 44.37 13.08 -43.00
N ASN C 53 43.88 14.31 -42.85
CA ASN C 53 44.07 15.04 -41.61
C ASN C 53 42.95 14.83 -40.60
N CYS C 54 41.93 14.06 -40.94
CA CYS C 54 40.77 13.86 -40.08
C CYS C 54 40.17 15.20 -39.67
N LYS C 55 40.04 16.07 -40.66
CA LYS C 55 39.53 17.41 -40.43
C LYS C 55 38.07 17.35 -40.02
N THR C 56 37.69 18.20 -39.08
CA THR C 56 36.34 18.22 -38.53
C THR C 56 35.75 19.61 -38.63
N THR C 57 34.43 19.68 -38.77
CA THR C 57 33.75 20.97 -38.63
C THR C 57 33.94 21.48 -37.22
N GLU C 58 34.05 22.81 -37.09
CA GLU C 58 34.43 23.40 -35.82
C GLU C 58 33.51 22.99 -34.70
N ASP C 59 32.22 22.85 -34.97
CA ASP C 59 31.30 22.45 -33.92
C ASP C 59 31.51 21.01 -33.51
N GLY C 60 32.39 20.28 -34.17
CA GLY C 60 32.65 18.90 -33.83
C GLY C 60 31.49 17.99 -34.12
N GLN C 61 30.78 18.21 -35.21
CA GLN C 61 29.60 17.43 -35.56
C GLN C 61 29.82 16.49 -36.73
N TYR C 62 30.63 16.87 -37.71
CA TYR C 62 30.85 16.05 -38.89
C TYR C 62 32.33 16.02 -39.22
N ILE C 63 32.72 14.93 -39.88
CA ILE C 63 34.06 14.77 -40.44
C ILE C 63 34.02 15.27 -41.86
N ILE C 64 34.99 16.09 -42.24
CA ILE C 64 35.00 16.63 -43.59
C ILE C 64 36.32 16.31 -44.27
N PRO C 65 36.35 16.20 -45.60
CA PRO C 65 37.61 15.99 -46.30
C PRO C 65 38.52 17.20 -46.17
N ASP C 66 39.81 16.95 -46.34
CA ASP C 66 40.80 17.99 -46.14
C ASP C 66 40.73 19.09 -47.17
N GLU C 67 39.97 18.91 -48.24
CA GLU C 67 39.95 19.88 -49.33
C GLU C 67 38.74 20.80 -49.29
N VAL C 68 37.92 20.73 -48.24
CA VAL C 68 36.74 21.56 -48.15
C VAL C 68 36.72 22.27 -46.81
N TYR C 69 36.02 23.40 -46.77
CA TYR C 69 35.80 24.11 -45.53
C TYR C 69 34.33 24.49 -45.45
N THR C 70 33.82 24.56 -44.23
CA THR C 70 32.40 24.76 -43.99
C THR C 70 32.18 26.10 -43.31
N ILE C 71 31.22 26.86 -43.80
CA ILE C 71 30.73 28.03 -43.10
C ILE C 71 29.46 27.66 -42.36
N PRO C 72 29.42 27.81 -41.05
CA PRO C 72 28.24 27.44 -40.25
C PRO C 72 27.14 28.47 -40.32
N GLN C 73 26.20 28.26 -41.25
CA GLN C 73 25.12 29.21 -41.47
C GLN C 73 23.82 28.65 -40.93
N LYS C 74 23.83 28.26 -39.68
CA LYS C 74 22.73 27.49 -39.12
C LYS C 74 21.47 28.34 -39.08
N GLU C 75 20.57 28.12 -40.02
CA GLU C 75 19.36 28.91 -40.18
C GLU C 75 18.17 27.99 -40.35
N SER C 76 17.02 28.42 -39.84
CA SER C 76 15.77 27.69 -40.01
C SER C 76 14.72 28.68 -40.43
N ASN C 77 13.88 28.30 -41.37
CA ASN C 77 12.71 29.09 -41.75
C ASN C 77 11.48 28.22 -41.60
N LEU C 78 10.46 28.77 -40.96
CA LEU C 78 9.19 28.10 -40.79
C LEU C 78 8.10 28.96 -41.41
N GLU C 79 7.12 28.32 -42.03
CA GLU C 79 5.92 29.00 -42.49
C GLU C 79 4.75 28.08 -42.19
N MET C 80 3.70 28.63 -41.61
CA MET C 80 2.47 27.89 -41.39
C MET C 80 1.30 28.77 -41.80
N ASN C 81 0.51 28.31 -42.75
CA ASN C 81 -0.69 29.02 -43.16
C ASN C 81 -1.87 28.08 -42.94
N SER C 82 -2.79 28.49 -42.09
CA SER C 82 -4.02 27.72 -41.87
C SER C 82 -5.20 28.61 -42.20
N GLU C 83 -6.15 28.07 -42.94
CA GLU C 83 -7.33 28.81 -43.36
C GLU C 83 -8.54 27.92 -43.19
N VAL C 84 -9.60 28.44 -42.57
CA VAL C 84 -10.83 27.71 -42.36
C VAL C 84 -11.98 28.56 -42.87
N LEU C 85 -12.83 27.98 -43.69
CA LEU C 85 -14.04 28.64 -44.17
C LEU C 85 -15.22 27.75 -43.87
N GLU C 86 -16.22 28.27 -43.17
CA GLU C 86 -17.42 27.51 -42.91
C GLU C 86 -18.65 28.34 -43.26
N SER C 87 -19.57 27.73 -43.98
CA SER C 87 -20.82 28.37 -44.34
C SER C 87 -21.96 27.50 -43.84
N TRP C 88 -22.92 28.11 -43.17
CA TRP C 88 -24.11 27.41 -42.73
C TRP C 88 -25.31 28.21 -43.17
N MET C 89 -26.18 27.59 -43.96
CA MET C 89 -27.40 28.25 -44.41
C MET C 89 -28.58 27.33 -44.08
N ASN C 90 -29.47 27.80 -43.23
CA ASN C 90 -30.61 27.02 -42.79
C ASN C 90 -31.90 27.75 -43.11
N TYR C 91 -32.86 27.02 -43.67
CA TYR C 91 -34.10 27.61 -44.14
C TYR C 91 -35.25 26.73 -43.71
N GLN C 92 -36.34 27.35 -43.27
CA GLN C 92 -37.55 26.63 -42.92
C GLN C 92 -38.75 27.38 -43.42
N SER C 93 -39.83 26.65 -43.67
CA SER C 93 -41.07 27.23 -44.17
C SER C 93 -42.22 26.42 -43.61
N THR C 94 -43.34 27.07 -43.30
CA THR C 94 -44.52 26.39 -42.81
C THR C 94 -45.75 27.21 -43.17
N THR C 95 -46.56 26.70 -44.08
CA THR C 95 -47.80 27.36 -44.48
C THR C 95 -48.96 26.46 -44.11
N SER C 96 -49.92 27.00 -43.36
CA SER C 96 -51.11 26.26 -42.96
C SER C 96 -52.35 27.03 -43.35
N LEU C 97 -53.28 26.34 -43.99
CA LEU C 97 -54.54 26.89 -44.47
C LEU C 97 -55.67 26.03 -43.93
N SER C 98 -56.76 26.66 -43.53
CA SER C 98 -57.89 25.92 -42.96
C SER C 98 -59.20 26.61 -43.32
N ILE C 99 -60.04 25.92 -44.08
CA ILE C 99 -61.32 26.44 -44.53
C ILE C 99 -62.42 25.64 -43.86
N ASN C 100 -63.33 26.31 -43.17
CA ASN C 100 -64.47 25.65 -42.55
C ASN C 100 -65.76 26.31 -43.01
N THR C 101 -66.67 25.49 -43.53
CA THR C 101 -67.94 25.95 -44.05
C THR C 101 -69.06 25.24 -43.32
N GLU C 102 -70.10 25.98 -42.94
CA GLU C 102 -71.29 25.41 -42.34
C GLU C 102 -72.51 26.02 -43.01
N LEU C 103 -73.53 25.20 -43.24
CA LEU C 103 -74.74 25.64 -43.92
C LEU C 103 -75.93 24.89 -43.37
N ALA C 104 -76.86 25.61 -42.75
CA ALA C 104 -78.07 25.01 -42.20
C ALA C 104 -79.29 25.65 -42.85
N LEU C 105 -80.02 24.86 -43.63
CA LEU C 105 -81.21 25.31 -44.34
C LEU C 105 -82.43 24.76 -43.64
N PHE C 106 -83.42 25.63 -43.43
CA PHE C 106 -84.72 25.27 -42.89
C PHE C 106 -84.60 24.60 -41.52
N SER C 107 -83.49 24.84 -40.83
CA SER C 107 -83.21 24.26 -39.52
C SER C 107 -83.23 22.73 -39.55
N ARG C 108 -83.12 22.14 -40.73
CA ARG C 108 -83.13 20.69 -40.85
C ARG C 108 -81.97 20.16 -41.68
N VAL C 109 -81.60 20.83 -42.76
CA VAL C 109 -80.57 20.36 -43.67
C VAL C 109 -79.26 21.00 -43.25
N ASN C 110 -78.40 20.23 -42.59
CA ASN C 110 -77.11 20.71 -42.13
C ASN C 110 -76.01 20.24 -43.07
N GLY C 111 -74.95 21.04 -43.14
CA GLY C 111 -73.78 20.70 -43.92
C GLY C 111 -72.53 21.34 -43.38
N LYS C 112 -71.45 20.58 -43.31
CA LYS C 112 -70.15 21.07 -42.89
C LYS C 112 -69.09 20.63 -43.88
N PHE C 113 -68.03 21.42 -43.99
CA PHE C 113 -66.99 21.19 -44.99
C PHE C 113 -65.71 21.84 -44.49
N SER C 114 -64.80 21.05 -43.93
CA SER C 114 -63.60 21.58 -43.29
C SER C 114 -62.37 20.94 -43.90
N THR C 115 -61.54 21.75 -44.55
CA THR C 115 -60.30 21.28 -45.16
C THR C 115 -59.13 22.04 -44.54
N GLU C 116 -57.95 21.44 -44.64
CA GLU C 116 -56.75 22.02 -44.08
C GLU C 116 -55.54 21.51 -44.84
N PHE C 117 -54.71 22.43 -45.31
CA PHE C 117 -53.48 22.11 -46.03
C PHE C 117 -52.32 22.64 -45.23
N GLN C 118 -51.32 21.80 -44.99
CA GLN C 118 -50.18 22.19 -44.18
C GLN C 118 -48.90 21.72 -44.84
N ARG C 119 -48.03 22.65 -45.21
CA ARG C 119 -46.76 22.33 -45.85
C ARG C 119 -45.62 22.87 -45.01
N MET C 120 -44.69 22.00 -44.66
CA MET C 120 -43.46 22.39 -43.99
C MET C 120 -42.30 22.02 -44.89
N LYS C 121 -41.31 22.89 -44.96
CA LYS C 121 -40.14 22.68 -45.79
C LYS C 121 -38.91 23.05 -45.00
N THR C 122 -37.81 22.35 -45.24
CA THR C 122 -36.59 22.57 -44.50
C THR C 122 -35.40 22.31 -45.43
N LEU C 123 -34.44 23.21 -45.40
CA LEU C 123 -33.19 23.04 -46.13
C LEU C 123 -32.03 23.41 -45.23
N GLN C 124 -30.93 22.69 -45.36
CA GLN C 124 -29.73 23.00 -44.60
C GLN C 124 -28.54 22.74 -45.49
N VAL C 125 -27.62 23.70 -45.54
CA VAL C 125 -26.37 23.55 -46.26
C VAL C 125 -25.25 23.89 -45.30
N LYS C 126 -24.24 23.02 -45.24
CA LYS C 126 -23.12 23.23 -44.34
C LYS C 126 -21.84 22.90 -45.09
N ASP C 127 -21.00 23.89 -45.32
CA ASP C 127 -19.76 23.72 -46.04
C ASP C 127 -18.58 24.05 -45.13
N GLN C 128 -17.53 23.25 -45.23
CA GLN C 128 -16.28 23.53 -44.54
C GLN C 128 -15.14 23.31 -45.50
N ALA C 129 -14.18 24.22 -45.48
CA ALA C 129 -12.96 24.09 -46.27
C ALA C 129 -11.80 24.46 -45.37
N VAL C 130 -10.94 23.49 -45.08
CA VAL C 130 -9.79 23.68 -44.22
C VAL C 130 -8.56 23.45 -45.05
N THR C 131 -7.64 24.41 -45.05
CA THR C 131 -6.41 24.31 -45.80
C THR C 131 -5.25 24.63 -44.88
N THR C 132 -4.30 23.70 -44.78
CA THR C 132 -3.14 23.87 -43.94
C THR C 132 -1.89 23.67 -44.77
N ARG C 133 -0.93 24.56 -44.64
CA ARG C 133 0.34 24.44 -45.33
C ARG C 133 1.47 24.71 -44.35
N VAL C 134 2.41 23.77 -44.24
CA VAL C 134 3.56 23.91 -43.38
C VAL C 134 4.80 23.80 -44.23
N GLN C 135 5.79 24.65 -44.00
CA GLN C 135 6.98 24.67 -44.82
C GLN C 135 8.18 24.96 -43.95
N VAL C 136 9.06 23.98 -43.82
CA VAL C 136 10.27 24.08 -43.02
C VAL C 136 11.46 24.03 -43.95
N ARG C 137 12.46 24.86 -43.69
CA ARG C 137 13.67 24.84 -44.49
C ARG C 137 14.85 25.17 -43.60
N ASN C 138 15.69 24.18 -43.33
CA ASN C 138 16.91 24.36 -42.56
C ASN C 138 18.10 24.40 -43.49
N ARG C 139 18.98 25.37 -43.29
CA ARG C 139 20.25 25.44 -44.01
C ARG C 139 21.34 25.46 -42.94
N ILE C 140 22.11 24.38 -42.84
CA ILE C 140 23.04 24.25 -41.74
C ILE C 140 24.42 24.76 -42.12
N TYR C 141 25.05 24.13 -43.09
CA TYR C 141 26.40 24.45 -43.48
C TYR C 141 26.44 24.90 -44.93
N THR C 142 27.48 25.65 -45.26
CA THR C 142 27.84 25.90 -46.65
C THR C 142 29.22 25.33 -46.87
N VAL C 143 29.31 24.26 -47.65
CA VAL C 143 30.55 23.54 -47.86
C VAL C 143 31.16 24.01 -49.16
N LYS C 144 32.40 24.46 -49.11
CA LYS C 144 33.08 24.94 -50.30
C LYS C 144 34.39 24.18 -50.47
N THR C 145 34.84 24.07 -51.71
CA THR C 145 36.14 23.48 -51.99
C THR C 145 37.24 24.48 -51.68
N THR C 146 38.29 24.00 -51.05
CA THR C 146 39.47 24.84 -50.83
C THR C 146 40.05 25.22 -52.19
N PRO C 147 40.44 26.48 -52.38
CA PRO C 147 40.99 26.87 -53.69
C PRO C 147 42.24 26.13 -54.08
N THR C 148 42.97 25.56 -53.12
CA THR C 148 44.19 24.82 -53.40
C THR C 148 43.93 23.35 -53.70
N SER C 149 42.72 23.01 -54.13
CA SER C 149 42.38 21.62 -54.32
C SER C 149 42.96 21.09 -55.62
N GLU C 150 43.13 19.77 -55.68
CA GLU C 150 43.68 19.09 -56.83
C GLU C 150 42.68 18.10 -57.40
N LEU C 151 42.79 17.87 -58.71
CA LEU C 151 41.83 17.00 -59.38
C LEU C 151 41.97 15.56 -58.90
N SER C 152 40.89 14.82 -59.04
CA SER C 152 40.90 13.44 -58.59
C SER C 152 41.76 12.59 -59.51
N LEU C 153 42.10 11.41 -59.03
CA LEU C 153 42.92 10.50 -59.83
C LEU C 153 42.22 10.12 -61.12
N GLY C 154 40.95 9.71 -61.04
CA GLY C 154 40.27 9.23 -62.22
C GLY C 154 40.06 10.32 -63.26
N PHE C 155 39.69 11.51 -62.82
CA PHE C 155 39.50 12.60 -63.77
C PHE C 155 40.81 12.95 -64.47
N THR C 156 41.90 12.99 -63.72
CA THR C 156 43.21 13.23 -64.33
C THR C 156 43.54 12.14 -65.32
N LYS C 157 43.26 10.89 -64.97
CA LYS C 157 43.58 9.80 -65.88
C LYS C 157 42.80 9.91 -67.18
N ALA C 158 41.51 10.24 -67.09
CA ALA C 158 40.73 10.43 -68.31
C ALA C 158 41.28 11.58 -69.14
N LEU C 159 41.66 12.68 -68.49
CA LEU C 159 42.20 13.81 -69.23
C LEU C 159 43.50 13.43 -69.92
N MET C 160 44.39 12.70 -69.22
CA MET C 160 45.63 12.28 -69.84
C MET C 160 45.38 11.35 -71.00
N ASP C 161 44.37 10.49 -70.89
CA ASP C 161 44.03 9.62 -72.00
C ASP C 161 43.62 10.43 -73.22
N ILE C 162 42.80 11.45 -73.02
CA ILE C 162 42.40 12.30 -74.14
C ILE C 162 43.60 13.02 -74.72
N CYS C 163 44.49 13.52 -73.85
CA CYS C 163 45.66 14.24 -74.33
C CYS C 163 46.56 13.34 -75.17
N ASP C 164 46.77 12.11 -74.71
CA ASP C 164 47.61 11.18 -75.47
C ASP C 164 46.94 10.81 -76.78
N GLN C 165 45.63 10.61 -76.78
CA GLN C 165 44.94 10.27 -78.01
C GLN C 165 45.04 11.41 -79.02
N LEU C 166 44.94 12.66 -78.57
CA LEU C 166 45.15 13.77 -79.48
C LEU C 166 46.61 13.86 -79.92
N GLU C 167 47.54 13.56 -79.02
CA GLU C 167 48.95 13.59 -79.36
C GLU C 167 49.28 12.58 -80.43
N LYS C 168 48.53 11.48 -80.50
CA LYS C 168 48.68 10.53 -81.58
C LYS C 168 48.10 11.03 -82.89
N ASN C 169 47.74 12.32 -82.99
CA ASN C 169 47.22 12.93 -84.20
C ASN C 169 45.94 12.22 -84.65
N GLN C 170 45.23 11.66 -83.68
CA GLN C 170 44.00 10.91 -83.92
C GLN C 170 42.86 11.67 -83.28
N THR C 171 42.28 12.60 -84.03
CA THR C 171 41.20 13.43 -83.52
C THR C 171 39.85 12.74 -83.57
N LYS C 172 39.80 11.50 -84.06
CA LYS C 172 38.51 10.85 -84.20
C LYS C 172 38.08 10.21 -82.88
N MET C 173 38.86 9.26 -82.38
CA MET C 173 38.54 8.63 -81.10
C MET C 173 38.72 9.60 -79.95
N ALA C 174 39.47 10.68 -80.14
CA ALA C 174 39.61 11.67 -79.08
C ALA C 174 38.28 12.34 -78.75
N THR C 175 37.51 12.69 -79.78
CA THR C 175 36.21 13.31 -79.52
C THR C 175 35.26 12.33 -78.84
N TYR C 176 35.32 11.07 -79.25
CA TYR C 176 34.53 10.06 -78.54
C TYR C 176 34.94 9.97 -77.08
N LEU C 177 36.24 9.97 -76.82
CA LEU C 177 36.71 9.88 -75.44
C LEU C 177 36.26 11.11 -74.63
N ALA C 178 36.29 12.28 -75.24
CA ALA C 178 35.83 13.49 -74.54
C ALA C 178 34.34 13.43 -74.27
N GLU C 179 33.56 12.91 -75.22
CA GLU C 179 32.13 12.77 -74.96
C GLU C 179 31.88 11.78 -73.84
N LEU C 180 32.69 10.73 -73.77
CA LEU C 180 32.64 9.83 -72.61
C LEU C 180 32.95 10.58 -71.33
N LEU C 181 33.92 11.47 -71.38
CA LEU C 181 34.25 12.28 -70.20
C LEU C 181 33.06 13.10 -69.76
N ILE C 182 32.38 13.73 -70.71
CA ILE C 182 31.20 14.53 -70.37
C ILE C 182 30.11 13.65 -69.81
N LEU C 183 29.96 12.44 -70.36
CA LEU C 183 28.96 11.52 -69.85
C LEU C 183 29.25 11.12 -68.41
N ASN C 184 30.51 10.85 -68.09
CA ASN C 184 30.84 10.35 -66.76
C ASN C 184 30.97 11.46 -65.72
N TYR C 185 31.28 12.69 -66.11
CA TYR C 185 31.55 13.74 -65.14
C TYR C 185 30.65 14.95 -65.32
N GLY C 186 29.66 14.87 -66.18
CA GLY C 186 28.76 15.99 -66.30
C GLY C 186 29.42 17.18 -66.95
N THR C 187 28.71 18.31 -66.89
CA THR C 187 29.12 19.53 -67.55
C THR C 187 29.87 20.47 -66.61
N HIS C 188 29.33 20.72 -65.43
CA HIS C 188 29.97 21.62 -64.49
C HIS C 188 30.60 20.83 -63.35
N VAL C 189 31.30 21.56 -62.49
CA VAL C 189 31.87 21.02 -61.27
C VAL C 189 31.35 21.84 -60.11
N ILE C 190 30.83 21.17 -59.09
CA ILE C 190 30.21 21.87 -57.97
C ILE C 190 31.29 22.31 -57.00
N THR C 191 31.34 23.61 -56.72
CA THR C 191 32.31 24.15 -55.79
C THR C 191 31.73 24.47 -54.42
N SER C 192 30.44 24.78 -54.33
CA SER C 192 29.84 25.08 -53.05
C SER C 192 28.44 24.51 -53.01
N VAL C 193 28.08 23.93 -51.87
CA VAL C 193 26.75 23.41 -51.62
C VAL C 193 26.25 23.96 -50.30
N ASP C 194 24.98 23.75 -50.02
CA ASP C 194 24.39 24.11 -48.74
C ASP C 194 23.77 22.86 -48.14
N ALA C 195 24.42 22.29 -47.16
CA ALA C 195 23.81 21.20 -46.42
C ALA C 195 22.55 21.69 -45.75
N GLY C 196 21.51 20.90 -45.78
CA GLY C 196 20.26 21.34 -45.20
C GLY C 196 19.18 20.31 -45.35
N ALA C 197 17.96 20.75 -45.11
CA ALA C 197 16.80 19.88 -45.19
C ALA C 197 15.57 20.74 -45.41
N ALA C 198 14.51 20.12 -45.90
CA ALA C 198 13.30 20.86 -46.17
C ALA C 198 12.11 19.94 -46.02
N LEU C 199 10.94 20.54 -45.78
CA LEU C 199 9.73 19.77 -45.56
C LEU C 199 8.55 20.62 -45.98
N VAL C 200 7.61 20.03 -46.72
CA VAL C 200 6.42 20.74 -47.16
C VAL C 200 5.22 19.84 -46.93
N GLN C 201 4.25 20.31 -46.17
CA GLN C 201 2.99 19.59 -45.99
C GLN C 201 1.85 20.46 -46.45
N GLU C 202 0.92 19.87 -47.18
CA GLU C 202 -0.32 20.52 -47.58
C GLU C 202 -1.46 19.62 -47.17
N ASP C 203 -2.57 20.21 -46.77
CA ASP C 203 -3.71 19.47 -46.29
C ASP C 203 -4.99 20.21 -46.62
N HIS C 204 -5.88 19.56 -47.37
CA HIS C 204 -7.17 20.12 -47.73
C HIS C 204 -8.25 19.22 -47.19
N VAL C 205 -9.29 19.80 -46.60
CA VAL C 205 -10.46 19.08 -46.16
C VAL C 205 -11.67 19.85 -46.61
N ARG C 206 -12.54 19.21 -47.38
CA ARG C 206 -13.77 19.82 -47.85
C ARG C 206 -14.93 18.96 -47.41
N SER C 207 -15.87 19.55 -46.69
CA SER C 207 -17.02 18.84 -46.17
C SER C 207 -18.29 19.57 -46.56
N SER C 208 -19.11 18.94 -47.38
CA SER C 208 -20.37 19.51 -47.82
C SER C 208 -21.49 18.66 -47.25
N PHE C 209 -22.51 19.31 -46.70
CA PHE C 209 -23.66 18.60 -46.16
C PHE C 209 -24.93 19.30 -46.61
N LEU C 210 -25.81 18.55 -47.24
CA LEU C 210 -27.08 19.06 -47.73
C LEU C 210 -28.19 18.26 -47.09
N LEU C 211 -29.20 18.96 -46.59
CA LEU C 211 -30.36 18.31 -45.98
C LEU C 211 -31.60 18.97 -46.53
N ASP C 212 -32.57 18.15 -46.89
CA ASP C 212 -33.83 18.60 -47.47
C ASP C 212 -34.94 17.87 -46.75
N ASN C 213 -36.08 18.53 -46.60
CA ASN C 213 -37.18 17.94 -45.84
C ASN C 213 -38.48 18.59 -46.26
N GLN C 214 -39.50 17.77 -46.49
CA GLN C 214 -40.82 18.27 -46.87
C GLN C 214 -41.87 17.49 -46.11
N ASN C 215 -42.83 18.16 -45.52
CA ASN C 215 -44.00 17.53 -44.92
C ASN C 215 -45.24 18.16 -45.53
N SER C 216 -46.18 17.33 -45.96
CA SER C 216 -47.40 17.81 -46.57
C SER C 216 -48.57 17.07 -45.96
N GLN C 217 -49.53 17.80 -45.41
CA GLN C 217 -50.64 17.18 -44.69
C GLN C 217 -51.94 17.84 -45.11
N ASN C 218 -52.83 17.06 -45.73
CA ASN C 218 -54.14 17.54 -46.13
C ASN C 218 -55.18 16.84 -45.27
N THR C 219 -56.23 17.55 -44.93
CA THR C 219 -57.36 17.01 -44.17
C THR C 219 -58.64 17.53 -44.77
N VAL C 220 -59.61 16.67 -44.98
CA VAL C 220 -60.92 17.05 -45.49
C VAL C 220 -61.98 16.32 -44.67
N THR C 221 -63.00 17.05 -44.23
CA THR C 221 -64.13 16.47 -43.50
C THR C 221 -65.41 17.08 -44.03
N ALA C 222 -66.25 16.28 -44.67
CA ALA C 222 -67.47 16.76 -45.29
C ALA C 222 -68.66 16.03 -44.68
N SER C 223 -69.54 16.78 -44.01
CA SER C 223 -70.70 16.23 -43.35
C SER C 223 -71.97 16.83 -43.94
N ALA C 224 -73.05 16.06 -43.92
CA ALA C 224 -74.32 16.49 -44.48
C ALA C 224 -75.44 15.69 -43.82
N GLY C 225 -76.40 16.39 -43.21
CA GLY C 225 -77.49 15.71 -42.53
C GLY C 225 -78.86 16.29 -42.80
N ILE C 226 -79.74 15.48 -43.38
CA ILE C 226 -81.13 15.85 -43.60
C ILE C 226 -81.93 15.31 -42.41
N ALA C 227 -82.52 16.20 -41.63
CA ALA C 227 -83.23 15.83 -40.42
C ALA C 227 -84.66 16.35 -40.48
N PHE C 228 -85.57 15.51 -40.98
CA PHE C 228 -86.99 15.85 -40.99
C PHE C 228 -87.55 15.78 -39.57
N LEU C 229 -88.87 15.90 -39.45
CA LEU C 229 -89.54 15.89 -38.16
C LEU C 229 -89.96 14.45 -37.81
N ASN C 230 -88.96 13.67 -37.39
CA ASN C 230 -89.16 12.32 -36.89
C ASN C 230 -89.80 11.40 -37.93
N ILE C 231 -89.47 11.60 -39.20
CA ILE C 231 -89.83 10.68 -40.27
C ILE C 231 -88.60 10.16 -41.00
N VAL C 232 -87.71 11.05 -41.42
CA VAL C 232 -86.49 10.68 -42.13
C VAL C 232 -85.32 11.40 -41.47
N ASN C 233 -84.24 10.68 -41.25
CA ASN C 233 -83.00 11.24 -40.71
C ASN C 233 -81.83 10.57 -41.40
N PHE C 234 -81.11 11.32 -42.22
CA PHE C 234 -80.07 10.80 -43.10
C PHE C 234 -78.80 11.62 -42.90
N LYS C 235 -77.79 11.02 -42.30
CA LYS C 235 -76.57 11.76 -41.95
C LYS C 235 -75.36 11.06 -42.54
N VAL C 236 -74.49 11.83 -43.20
CA VAL C 236 -73.34 11.29 -43.91
C VAL C 236 -72.14 12.15 -43.56
N GLU C 237 -71.05 11.53 -43.12
CA GLU C 237 -69.80 12.28 -42.94
C GLU C 237 -68.64 11.49 -43.52
N THR C 238 -67.84 12.14 -44.34
CA THR C 238 -66.65 11.55 -44.94
C THR C 238 -65.44 12.30 -44.40
N ASP C 239 -64.34 11.58 -44.23
CA ASP C 239 -63.09 12.16 -43.77
C ASP C 239 -61.94 11.63 -44.61
N TYR C 240 -60.89 12.42 -44.72
CA TYR C 240 -59.77 12.09 -45.61
C TYR C 240 -58.54 12.79 -45.11
N ILE C 241 -57.54 12.05 -44.67
CA ILE C 241 -56.29 12.60 -44.19
C ILE C 241 -55.14 12.05 -45.01
N SER C 242 -54.30 12.92 -45.52
CA SER C 242 -53.16 12.53 -46.35
C SER C 242 -51.91 13.22 -45.81
N GLN C 243 -51.05 12.46 -45.14
CA GLN C 243 -49.86 13.02 -44.50
C GLN C 243 -48.63 12.34 -45.10
N THR C 244 -47.75 13.13 -45.71
CA THR C 244 -46.52 12.63 -46.29
C THR C 244 -45.33 13.40 -45.76
N SER C 245 -44.18 12.75 -45.73
CA SER C 245 -42.93 13.40 -45.36
C SER C 245 -41.80 12.78 -46.17
N LEU C 246 -40.87 13.62 -46.62
CA LEU C 246 -39.79 13.18 -47.48
C LEU C 246 -38.54 13.96 -47.09
N THR C 247 -37.55 13.28 -46.53
CA THR C 247 -36.31 13.90 -46.15
C THR C 247 -35.16 13.28 -46.93
N LYS C 248 -34.30 14.12 -47.46
CA LYS C 248 -33.14 13.68 -48.21
C LYS C 248 -31.89 14.26 -47.58
N ASP C 249 -30.82 13.50 -47.57
CA ASP C 249 -29.55 14.00 -47.09
C ASP C 249 -28.50 13.79 -48.16
N TYR C 250 -27.34 14.39 -47.93
CA TYR C 250 -26.21 14.21 -48.81
C TYR C 250 -24.99 14.69 -48.04
N LEU C 251 -23.98 13.85 -47.94
CA LEU C 251 -22.76 14.21 -47.23
C LEU C 251 -21.58 13.94 -48.15
N SER C 252 -20.55 14.76 -48.03
CA SER C 252 -19.36 14.60 -48.85
C SER C 252 -18.17 15.09 -48.06
N ASN C 253 -17.16 14.23 -47.91
CA ASN C 253 -15.88 14.59 -47.35
C ASN C 253 -14.80 14.34 -48.37
N ARG C 254 -13.82 15.21 -48.45
CA ARG C 254 -12.67 14.99 -49.32
C ARG C 254 -11.46 15.56 -48.62
N THR C 255 -10.51 14.70 -48.26
CA THR C 255 -9.30 15.14 -47.58
C THR C 255 -8.11 14.72 -48.43
N ASN C 256 -7.24 15.67 -48.75
CA ASN C 256 -6.01 15.40 -49.47
C ASN C 256 -4.85 15.89 -48.64
N SER C 257 -3.91 15.03 -48.36
CA SER C 257 -2.68 15.41 -47.68
C SER C 257 -1.53 15.09 -48.60
N ARG C 258 -0.57 16.00 -48.69
CA ARG C 258 0.60 15.79 -49.53
C ARG C 258 1.82 16.28 -48.77
N VAL C 259 2.74 15.37 -48.50
CA VAL C 259 3.96 15.67 -47.76
C VAL C 259 5.13 15.39 -48.67
N GLN C 260 6.09 16.30 -48.70
CA GLN C 260 7.29 16.14 -49.50
C GLN C 260 8.48 16.58 -48.68
N SER C 261 9.43 15.67 -48.49
CA SER C 261 10.55 15.88 -47.59
C SER C 261 11.84 15.77 -48.36
N PHE C 262 12.82 16.59 -48.01
CA PHE C 262 14.16 16.49 -48.55
C PHE C 262 15.14 16.45 -47.39
N GLY C 263 15.81 15.33 -47.22
CA GLY C 263 16.70 15.20 -46.10
C GLY C 263 15.92 14.93 -44.84
N GLY C 264 16.56 14.40 -43.83
CA GLY C 264 15.89 14.11 -42.59
C GLY C 264 15.38 12.69 -42.55
N VAL C 265 14.71 12.38 -41.46
CA VAL C 265 14.12 11.04 -41.28
C VAL C 265 13.03 10.84 -42.33
N PRO C 266 12.81 9.62 -42.82
CA PRO C 266 11.64 9.39 -43.65
C PRO C 266 10.37 9.82 -42.93
N PHE C 267 9.53 10.58 -43.63
CA PHE C 267 8.36 11.16 -43.00
C PHE C 267 7.26 10.13 -42.83
N TYR C 268 6.56 10.20 -41.70
CA TYR C 268 5.33 9.45 -41.50
C TYR C 268 4.31 10.38 -40.88
N PRO C 269 3.02 10.15 -41.12
CA PRO C 269 2.02 11.19 -40.84
C PRO C 269 1.98 11.66 -39.40
N GLY C 270 2.10 10.75 -38.43
CA GLY C 270 1.91 11.15 -37.06
C GLY C 270 3.14 11.74 -36.43
N ILE C 271 4.03 12.32 -37.23
CA ILE C 271 5.30 12.82 -36.74
C ILE C 271 5.12 14.27 -36.36
N THR C 272 5.91 14.71 -35.38
CA THR C 272 5.91 16.08 -34.96
C THR C 272 7.08 16.81 -35.58
N LEU C 273 6.90 18.10 -35.83
CA LEU C 273 8.01 18.88 -36.34
C LEU C 273 9.18 18.89 -35.38
N GLU C 274 8.96 18.69 -34.08
CA GLU C 274 10.09 18.56 -33.18
C GLU C 274 10.88 17.31 -33.49
N THR C 275 10.20 16.18 -33.66
CA THR C 275 10.90 14.94 -33.94
C THR C 275 11.61 15.00 -35.28
N TRP C 276 11.00 15.64 -36.27
CA TRP C 276 11.64 15.74 -37.57
C TRP C 276 12.83 16.69 -37.53
N GLN C 277 12.69 17.82 -36.84
CA GLN C 277 13.77 18.78 -36.76
C GLN C 277 14.95 18.24 -35.97
N LYS C 278 14.69 17.42 -34.97
CA LYS C 278 15.77 16.83 -34.19
C LYS C 278 16.40 15.63 -34.87
N GLY C 279 15.92 15.25 -36.05
CA GLY C 279 16.39 14.05 -36.69
C GLY C 279 17.25 14.29 -37.90
N ILE C 280 17.55 15.54 -38.22
CA ILE C 280 18.33 15.85 -39.40
C ILE C 280 19.81 15.86 -39.06
N THR C 281 20.14 15.45 -37.83
CA THR C 281 21.51 15.57 -37.36
C THR C 281 22.48 14.77 -38.22
N ASN C 282 21.99 13.77 -38.93
CA ASN C 282 22.82 13.03 -39.85
C ASN C 282 22.31 13.08 -41.27
N HIS C 283 21.02 13.21 -41.47
CA HIS C 283 20.41 13.12 -42.80
C HIS C 283 20.30 14.52 -43.38
N LEU C 284 21.39 15.00 -43.97
CA LEU C 284 21.42 16.31 -44.60
C LEU C 284 21.60 16.11 -46.09
N VAL C 285 20.95 16.92 -46.89
CA VAL C 285 21.02 16.79 -48.33
C VAL C 285 21.41 18.13 -48.92
N ALA C 286 21.96 18.11 -50.13
CA ALA C 286 22.34 19.35 -50.78
C ALA C 286 21.10 20.08 -51.24
N ILE C 287 20.73 21.14 -50.53
CA ILE C 287 19.56 21.90 -50.93
C ILE C 287 19.89 23.01 -51.90
N ASP C 288 21.18 23.29 -52.12
CA ASP C 288 21.57 24.35 -53.02
C ASP C 288 22.98 24.06 -53.47
N ARG C 289 23.33 24.52 -54.67
CA ARG C 289 24.67 24.24 -55.18
C ARG C 289 25.05 25.28 -56.21
N ALA C 290 26.35 25.57 -56.27
CA ALA C 290 26.94 26.47 -57.23
C ALA C 290 28.20 25.83 -57.78
N GLY C 291 28.52 26.11 -59.03
CA GLY C 291 29.63 25.43 -59.68
C GLY C 291 30.23 26.27 -60.78
N LEU C 292 31.16 25.65 -61.50
CA LEU C 292 31.85 26.28 -62.61
C LEU C 292 31.89 25.34 -63.80
N PRO C 293 31.88 25.87 -65.02
CA PRO C 293 32.02 24.99 -66.18
C PRO C 293 33.32 24.24 -66.11
N LEU C 294 33.29 22.98 -66.53
CA LEU C 294 34.42 22.11 -66.21
C LEU C 294 35.65 22.42 -67.04
N HIS C 295 35.52 23.12 -68.17
CA HIS C 295 36.71 23.53 -68.90
C HIS C 295 37.54 24.48 -68.08
N PHE C 296 36.92 25.16 -67.11
CA PHE C 296 37.63 26.10 -66.27
C PHE C 296 38.69 25.40 -65.42
N PHE C 297 38.53 24.10 -65.18
CA PHE C 297 39.50 23.35 -64.42
C PHE C 297 40.61 22.76 -65.27
N ILE C 298 40.52 22.86 -66.58
CA ILE C 298 41.57 22.36 -67.48
C ILE C 298 42.55 23.51 -67.64
N LYS C 299 43.50 23.59 -66.72
CA LYS C 299 44.49 24.65 -66.69
C LYS C 299 45.86 24.04 -66.49
N PRO C 300 46.90 24.65 -67.08
CA PRO C 300 48.24 24.04 -66.98
C PRO C 300 48.71 23.85 -65.55
N ASP C 301 48.47 24.83 -64.69
CA ASP C 301 48.84 24.68 -63.29
C ASP C 301 48.02 23.63 -62.59
N LYS C 302 46.89 23.23 -63.16
CA LYS C 302 46.04 22.20 -62.59
C LYS C 302 46.45 20.81 -63.04
N LEU C 303 47.19 20.69 -64.13
CA LEU C 303 47.66 19.42 -64.67
C LEU C 303 49.17 19.50 -64.87
N PRO C 304 49.95 19.18 -63.83
CA PRO C 304 51.40 19.24 -63.98
C PRO C 304 51.95 18.29 -65.03
N GLY C 305 51.26 17.19 -65.31
CA GLY C 305 51.82 16.16 -66.16
C GLY C 305 51.80 16.49 -67.64
N LEU C 306 51.15 17.59 -68.01
CA LEU C 306 51.05 17.81 -69.45
C LEU C 306 51.55 19.19 -69.84
N PRO C 307 52.01 19.36 -71.08
CA PRO C 307 52.47 20.68 -71.54
C PRO C 307 51.31 21.66 -71.69
N GLY C 308 51.66 22.94 -71.54
CA GLY C 308 50.69 24.02 -71.65
C GLY C 308 49.97 24.11 -72.99
N PRO C 309 50.73 24.10 -74.09
CA PRO C 309 50.07 24.09 -75.40
C PRO C 309 49.15 22.91 -75.60
N LEU C 310 49.49 21.74 -75.07
CA LEU C 310 48.60 20.60 -75.16
C LEU C 310 47.34 20.79 -74.32
N VAL C 311 47.48 21.33 -73.11
CA VAL C 311 46.28 21.46 -72.27
C VAL C 311 45.36 22.53 -72.84
N LYS C 312 45.91 23.51 -73.56
CA LYS C 312 45.03 24.47 -74.23
C LYS C 312 44.16 23.78 -75.26
N LYS C 313 44.76 22.90 -76.07
CA LYS C 313 43.98 22.13 -77.03
C LYS C 313 43.01 21.20 -76.33
N LEU C 314 43.40 20.63 -75.19
CA LEU C 314 42.51 19.80 -74.41
C LEU C 314 41.29 20.58 -73.96
N SER C 315 41.50 21.79 -73.47
CA SER C 315 40.38 22.64 -73.08
C SER C 315 39.50 22.94 -74.28
N LYS C 316 40.11 23.22 -75.42
CA LYS C 316 39.32 23.53 -76.62
C LYS C 316 38.43 22.35 -76.99
N THR C 317 39.00 21.15 -77.02
CA THR C 317 38.21 20.01 -77.47
C THR C 317 37.17 19.61 -76.43
N VAL C 318 37.48 19.74 -75.14
CA VAL C 318 36.48 19.46 -74.12
C VAL C 318 35.34 20.45 -74.23
N GLU C 319 35.66 21.73 -74.43
CA GLU C 319 34.62 22.73 -74.55
C GLU C 319 33.76 22.49 -75.79
N THR C 320 34.36 22.09 -76.90
CA THR C 320 33.55 21.82 -78.07
C THR C 320 32.70 20.58 -77.89
N ALA C 321 33.21 19.58 -77.15
CA ALA C 321 32.38 18.42 -76.84
C ALA C 321 31.18 18.83 -76.01
N VAL C 322 31.41 19.69 -75.01
CA VAL C 322 30.31 20.19 -74.19
C VAL C 322 29.31 20.94 -75.04
N ARG C 323 29.81 21.77 -75.97
CA ARG C 323 28.92 22.54 -76.82
C ARG C 323 28.07 21.62 -77.67
N HIS C 324 28.67 20.58 -78.25
CA HIS C 324 27.91 19.62 -79.03
C HIS C 324 26.84 18.94 -78.19
N TYR C 325 27.24 18.47 -77.01
CA TYR C 325 26.32 17.79 -76.10
C TYR C 325 25.15 18.67 -75.73
N TYR C 326 25.40 19.96 -75.49
CA TYR C 326 24.31 20.90 -75.27
C TYR C 326 23.45 21.05 -76.51
N THR C 327 24.08 21.27 -77.67
CA THR C 327 23.33 21.65 -78.86
C THR C 327 22.35 20.57 -79.28
N PHE C 328 22.77 19.30 -79.29
CA PHE C 328 21.80 18.30 -79.70
C PHE C 328 20.67 18.21 -78.69
N ASN C 329 20.96 18.46 -77.42
CA ASN C 329 19.94 18.41 -76.38
C ASN C 329 19.54 19.80 -75.92
N PHE C 360 7.34 20.56 -87.99
CA PHE C 360 5.98 21.09 -87.81
C PHE C 360 5.91 21.99 -86.57
N THR C 361 5.33 23.17 -86.74
CA THR C 361 5.18 24.12 -85.65
C THR C 361 3.76 24.02 -85.09
N PHE C 362 3.67 23.79 -83.79
CA PHE C 362 2.40 23.64 -83.10
C PHE C 362 2.16 24.92 -82.31
N GLY C 363 1.16 25.70 -82.73
CA GLY C 363 0.92 27.03 -82.22
C GLY C 363 0.01 27.13 -81.03
N GLY C 364 -0.43 26.02 -80.46
CA GLY C 364 -1.26 26.05 -79.28
C GLY C 364 -2.57 25.30 -79.50
N VAL C 365 -3.36 25.26 -78.42
CA VAL C 365 -4.64 24.60 -78.41
C VAL C 365 -5.67 25.50 -77.73
N TYR C 366 -6.93 25.18 -77.96
CA TYR C 366 -8.04 25.85 -77.28
C TYR C 366 -9.26 24.95 -77.33
N GLN C 367 -10.03 24.93 -76.25
CA GLN C 367 -11.21 24.09 -76.14
C GLN C 367 -12.44 24.98 -75.97
N GLU C 368 -13.30 24.99 -76.99
CA GLU C 368 -14.53 25.77 -76.93
C GLU C 368 -15.61 25.00 -76.18
N CYS C 369 -16.37 25.73 -75.37
CA CYS C 369 -17.44 25.15 -74.57
C CYS C 369 -18.73 25.89 -74.86
N THR C 370 -19.80 25.14 -75.06
CA THR C 370 -21.13 25.70 -75.30
C THR C 370 -22.09 25.10 -74.29
N GLU C 371 -22.84 25.95 -73.60
CA GLU C 371 -23.78 25.51 -72.58
C GLU C 371 -25.11 25.19 -73.24
N LEU C 372 -25.55 23.93 -73.09
CA LEU C 372 -26.87 23.53 -73.58
C LEU C 372 -27.95 23.63 -72.52
N SER C 373 -27.58 23.60 -71.25
CA SER C 373 -28.55 23.71 -70.16
C SER C 373 -27.80 24.18 -68.92
N GLY C 374 -28.13 25.39 -68.45
CA GLY C 374 -27.42 25.97 -67.33
C GLY C 374 -26.13 26.64 -67.76
N ASP C 375 -25.36 27.05 -66.76
CA ASP C 375 -24.08 27.72 -66.98
C ASP C 375 -23.03 27.19 -66.01
N VAL C 376 -23.00 25.88 -65.81
CA VAL C 376 -22.14 25.28 -64.81
C VAL C 376 -20.96 24.51 -65.42
N LEU C 377 -21.16 23.82 -66.53
CA LEU C 377 -20.10 22.98 -67.06
C LEU C 377 -19.03 23.79 -67.77
N CYS C 378 -19.40 24.89 -68.41
CA CYS C 378 -18.47 25.66 -69.21
C CYS C 378 -17.60 26.60 -68.40
N GLN C 379 -17.79 26.66 -67.09
CA GLN C 379 -16.90 27.47 -66.27
C GLN C 379 -15.49 26.91 -66.20
N ASN C 380 -15.32 25.62 -66.51
CA ASN C 380 -14.02 24.97 -66.40
C ASN C 380 -13.63 24.16 -67.62
N LEU C 381 -14.55 23.85 -68.53
CA LEU C 381 -14.23 23.10 -69.74
C LEU C 381 -13.71 23.99 -70.86
N GLU C 382 -13.66 25.29 -70.64
CA GLU C 382 -13.16 26.24 -71.62
C GLU C 382 -11.68 26.48 -71.40
N GLN C 383 -10.97 26.72 -72.50
CA GLN C 383 -9.52 26.96 -72.44
C GLN C 383 -9.15 27.84 -73.61
N LYS C 384 -8.85 29.10 -73.33
CA LYS C 384 -8.43 30.01 -74.39
C LYS C 384 -7.00 29.68 -74.83
N ASN C 385 -6.68 30.09 -76.06
CA ASN C 385 -5.33 29.90 -76.56
C ASN C 385 -4.35 30.76 -75.77
N LEU C 386 -3.19 30.17 -75.47
CA LEU C 386 -2.20 30.84 -74.66
C LEU C 386 -1.65 32.08 -75.34
N LEU C 387 -1.35 32.00 -76.64
CA LEU C 387 -0.73 33.11 -77.35
C LEU C 387 -1.71 34.24 -77.64
N THR C 388 -2.98 33.94 -77.83
CA THR C 388 -3.97 34.96 -78.17
C THR C 388 -4.92 35.29 -77.04
N GLY C 389 -4.97 34.48 -75.99
CA GLY C 389 -5.96 34.69 -74.96
C GLY C 389 -7.39 34.53 -75.43
N ASP C 390 -7.61 33.65 -76.40
CA ASP C 390 -8.92 33.52 -77.02
C ASP C 390 -9.10 32.09 -77.50
N PHE C 391 -10.28 31.80 -78.04
CA PHE C 391 -10.56 30.49 -78.62
C PHE C 391 -10.28 30.53 -80.11
N SER C 392 -9.03 30.86 -80.44
CA SER C 392 -8.62 31.03 -81.82
C SER C 392 -7.14 30.67 -81.92
N CYS C 393 -6.60 30.79 -83.13
CA CYS C 393 -5.20 30.49 -83.36
C CYS C 393 -4.44 31.77 -83.68
N PRO C 394 -3.14 31.81 -83.38
CA PRO C 394 -2.33 32.98 -83.73
C PRO C 394 -2.17 33.09 -85.23
N PRO C 395 -1.74 34.25 -85.73
CA PRO C 395 -1.54 34.39 -87.17
C PRO C 395 -0.54 33.36 -87.69
N GLY C 396 -0.83 32.82 -88.87
CA GLY C 396 -0.02 31.78 -89.45
C GLY C 396 -0.39 30.37 -89.04
N TYR C 397 -1.35 30.22 -88.13
CA TYR C 397 -1.77 28.91 -87.67
C TYR C 397 -3.24 28.68 -87.98
N SER C 398 -3.54 27.49 -88.48
CA SER C 398 -4.88 27.15 -88.90
C SER C 398 -5.54 26.25 -87.87
N PRO C 399 -6.68 26.62 -87.32
CA PRO C 399 -7.36 25.75 -86.36
C PRO C 399 -7.73 24.42 -87.01
N VAL C 400 -7.51 23.33 -86.27
CA VAL C 400 -7.88 22.00 -86.71
C VAL C 400 -8.79 21.40 -85.63
N HIS C 401 -9.97 20.95 -86.04
CA HIS C 401 -10.89 20.35 -85.09
C HIS C 401 -10.31 19.05 -84.58
N LEU C 402 -9.96 19.02 -83.30
CA LEU C 402 -9.48 17.78 -82.71
C LEU C 402 -10.63 16.88 -82.31
N LEU C 403 -11.52 17.37 -81.43
CA LEU C 403 -12.65 16.56 -81.02
C LEU C 403 -13.74 17.38 -80.33
N SER C 404 -15.00 17.13 -80.68
CA SER C 404 -16.14 17.76 -80.03
C SER C 404 -17.00 16.66 -79.41
N GLN C 405 -17.28 16.78 -78.12
CA GLN C 405 -18.12 15.82 -77.43
C GLN C 405 -18.94 16.54 -76.37
N THR C 406 -20.03 15.90 -75.97
CA THR C 406 -20.95 16.47 -75.00
C THR C 406 -20.81 15.75 -73.66
N HIS C 407 -20.96 16.51 -72.59
CA HIS C 407 -20.85 16.01 -71.23
C HIS C 407 -22.08 16.41 -70.44
N GLU C 408 -22.58 15.50 -69.63
CA GLU C 408 -23.77 15.71 -68.82
C GLU C 408 -23.45 15.46 -67.35
N GLU C 409 -23.98 16.30 -66.48
CA GLU C 409 -23.74 16.18 -65.04
C GLU C 409 -24.92 16.74 -64.28
N GLY C 410 -25.38 16.01 -63.26
CA GLY C 410 -26.50 16.44 -62.45
C GLY C 410 -26.02 17.20 -61.22
N TYR C 411 -26.58 18.40 -61.03
CA TYR C 411 -26.20 19.25 -59.93
C TYR C 411 -27.45 19.83 -59.28
N SER C 412 -27.39 20.02 -57.97
CA SER C 412 -28.48 20.62 -57.21
C SER C 412 -28.12 22.07 -56.93
N ARG C 413 -28.90 22.99 -57.49
CA ARG C 413 -28.70 24.42 -57.32
C ARG C 413 -29.73 24.96 -56.36
N LEU C 414 -29.28 25.68 -55.33
CA LEU C 414 -30.16 26.27 -54.35
C LEU C 414 -30.30 27.75 -54.67
N GLU C 415 -31.54 28.23 -54.79
CA GLU C 415 -31.78 29.64 -55.03
C GLU C 415 -32.90 30.13 -54.12
N CYS C 416 -32.79 31.39 -53.68
CA CYS C 416 -33.78 32.01 -52.82
C CYS C 416 -34.40 33.20 -53.54
N LYS C 417 -35.73 33.31 -53.46
CA LYS C 417 -36.47 34.37 -54.11
C LYS C 417 -37.42 35.01 -53.12
N LYS C 418 -37.63 36.32 -53.25
CA LYS C 418 -38.62 37.02 -52.44
C LYS C 418 -39.91 37.11 -53.26
N LYS C 419 -40.86 36.24 -52.93
CA LYS C 419 -42.15 36.22 -53.61
C LYS C 419 -43.16 37.04 -52.81
N CYS C 420 -43.86 37.94 -53.50
CA CYS C 420 -44.84 38.82 -52.90
C CYS C 420 -46.16 38.62 -53.63
N THR C 421 -47.13 38.00 -52.95
CA THR C 421 -48.49 37.90 -53.46
C THR C 421 -49.31 39.07 -52.95
N LEU C 422 -50.09 39.68 -53.85
CA LEU C 422 -50.94 40.82 -53.57
C LEU C 422 -50.14 42.03 -53.09
N LYS C 423 -48.85 42.06 -53.37
CA LYS C 423 -47.93 43.14 -53.04
C LYS C 423 -47.77 43.36 -51.54
N ILE C 424 -48.44 42.56 -50.71
CA ILE C 424 -48.31 42.71 -49.26
C ILE C 424 -48.05 41.40 -48.53
N PHE C 425 -48.17 40.25 -49.18
CA PHE C 425 -47.70 38.99 -48.59
C PHE C 425 -46.34 38.70 -49.21
N CYS C 426 -45.30 39.23 -48.58
CA CYS C 426 -43.93 39.05 -49.04
C CYS C 426 -43.23 38.04 -48.14
N LYS C 427 -42.62 37.05 -48.77
CA LYS C 427 -41.86 36.04 -48.04
C LYS C 427 -40.72 35.56 -48.91
N THR C 428 -39.61 35.21 -48.28
CA THR C 428 -38.46 34.64 -48.98
C THR C 428 -38.60 33.12 -48.96
N VAL C 429 -38.63 32.52 -50.14
CA VAL C 429 -38.69 31.07 -50.29
C VAL C 429 -37.39 30.62 -50.94
N CYS C 430 -36.73 29.65 -50.31
CA CYS C 430 -35.52 29.05 -50.87
C CYS C 430 -35.89 27.66 -51.36
N GLU C 431 -35.54 27.37 -52.61
CA GLU C 431 -35.78 26.05 -53.17
C GLU C 431 -34.54 25.57 -53.91
N ASP C 432 -34.34 24.26 -53.87
CA ASP C 432 -33.23 23.63 -54.56
C ASP C 432 -33.76 22.79 -55.72
N VAL C 433 -33.11 22.91 -56.87
CA VAL C 433 -33.54 22.23 -58.08
C VAL C 433 -32.41 21.34 -58.55
N PHE C 434 -32.73 20.07 -58.80
CA PHE C 434 -31.76 19.11 -59.32
C PHE C 434 -31.85 19.14 -60.84
N ARG C 435 -30.89 19.79 -61.48
CA ARG C 435 -30.88 19.93 -62.93
C ARG C 435 -29.69 19.21 -63.50
N VAL C 436 -29.89 18.56 -64.65
CA VAL C 436 -28.82 17.90 -65.38
C VAL C 436 -28.33 18.90 -66.43
N ALA C 437 -27.13 19.43 -66.21
CA ALA C 437 -26.52 20.34 -67.16
C ALA C 437 -25.75 19.56 -68.21
N LYS C 438 -25.98 19.91 -69.47
CA LYS C 438 -25.28 19.31 -70.60
C LYS C 438 -24.55 20.40 -71.35
N ALA C 439 -23.28 20.15 -71.68
CA ALA C 439 -22.46 21.11 -72.40
C ALA C 439 -21.62 20.38 -73.44
N GLU C 440 -21.50 20.97 -74.62
CA GLU C 440 -20.72 20.39 -75.70
C GLU C 440 -19.38 21.12 -75.76
N PHE C 441 -18.32 20.43 -75.35
CA PHE C 441 -16.96 20.97 -75.43
C PHE C 441 -16.35 20.59 -76.77
N ARG C 442 -15.68 21.55 -77.39
CA ARG C 442 -15.04 21.35 -78.69
C ARG C 442 -13.58 21.79 -78.57
N ALA C 443 -12.67 20.82 -78.60
CA ALA C 443 -11.25 21.09 -78.50
C ALA C 443 -10.60 21.06 -79.87
N TYR C 444 -9.77 22.07 -80.14
CA TYR C 444 -9.09 22.27 -81.40
C TYR C 444 -7.60 22.38 -81.14
N TRP C 445 -6.80 22.33 -82.20
CA TRP C 445 -5.37 22.53 -82.07
C TRP C 445 -4.85 23.27 -83.29
N CYS C 446 -3.89 24.16 -83.06
CA CYS C 446 -3.37 25.05 -84.09
C CYS C 446 -2.10 24.46 -84.67
N VAL C 447 -2.12 24.13 -85.95
CA VAL C 447 -0.94 23.68 -86.66
C VAL C 447 -0.45 24.83 -87.52
N ALA C 448 0.84 24.78 -87.87
CA ALA C 448 1.42 25.79 -88.74
C ALA C 448 0.83 25.66 -90.14
N ALA C 449 0.23 26.75 -90.63
CA ALA C 449 -0.37 26.73 -91.95
C ALA C 449 0.67 26.54 -93.05
N GLY C 450 1.82 27.19 -92.93
CA GLY C 450 2.87 27.07 -93.91
C GLY C 450 4.24 27.30 -93.31
N GLN C 451 5.07 28.10 -93.98
CA GLN C 451 6.40 28.44 -93.47
C GLN C 451 6.26 29.57 -92.46
N VAL C 452 5.84 29.21 -91.25
CA VAL C 452 5.69 30.18 -90.16
C VAL C 452 7.06 30.67 -89.75
N PRO C 453 7.19 31.88 -89.21
CA PRO C 453 8.51 32.33 -88.74
C PRO C 453 9.01 31.45 -87.61
N ASP C 454 10.31 31.18 -87.62
CA ASP C 454 10.96 30.35 -86.62
C ASP C 454 11.87 31.22 -85.75
N ASN C 455 11.89 30.94 -84.45
CA ASN C 455 11.18 29.84 -83.81
C ASN C 455 9.99 30.33 -82.97
N SER C 456 9.27 31.32 -83.49
CA SER C 456 8.07 31.83 -82.82
C SER C 456 7.00 30.74 -82.83
N GLY C 457 6.51 30.37 -81.66
CA GLY C 457 5.51 29.32 -81.55
C GLY C 457 5.53 28.72 -80.16
N LEU C 458 5.02 27.49 -80.07
CA LEU C 458 4.93 26.76 -78.81
C LEU C 458 5.52 25.38 -78.97
N LEU C 459 5.99 24.83 -77.85
CA LEU C 459 6.67 23.54 -77.81
C LEU C 459 5.82 22.53 -77.05
N PHE C 460 6.02 21.26 -77.38
CA PHE C 460 5.20 20.17 -76.85
C PHE C 460 6.01 19.44 -75.78
N GLY C 461 5.61 19.62 -74.52
CA GLY C 461 6.28 19.00 -73.40
C GLY C 461 5.62 17.73 -72.88
N GLY C 462 4.76 17.09 -73.66
CA GLY C 462 4.12 15.87 -73.24
C GLY C 462 2.80 16.14 -72.55
N VAL C 463 1.96 15.11 -72.52
CA VAL C 463 0.63 15.19 -71.94
C VAL C 463 0.48 14.09 -70.89
N PHE C 464 -0.53 14.26 -70.04
CA PHE C 464 -0.85 13.28 -69.03
C PHE C 464 -2.27 13.52 -68.56
N THR C 465 -2.90 12.46 -68.07
CA THR C 465 -4.25 12.52 -67.51
C THR C 465 -4.21 12.21 -66.03
N ASP C 466 -5.39 12.14 -65.43
CA ASP C 466 -5.51 11.78 -64.03
C ASP C 466 -5.16 10.33 -63.74
N LYS C 467 -5.36 9.43 -64.71
CA LYS C 467 -5.08 8.02 -64.51
C LYS C 467 -3.91 7.52 -65.34
N THR C 468 -3.28 8.36 -66.14
CA THR C 468 -2.10 7.99 -66.90
C THR C 468 -0.89 8.75 -66.38
N ILE C 469 0.24 8.58 -67.05
CA ILE C 469 1.49 9.19 -66.66
C ILE C 469 2.07 9.89 -67.88
N ASN C 470 2.94 10.88 -67.65
CA ASN C 470 3.60 11.55 -68.74
C ASN C 470 4.97 10.94 -68.95
N PRO C 471 5.16 10.11 -69.98
CA PRO C 471 6.43 9.38 -70.12
C PRO C 471 7.65 10.28 -70.26
N MET C 472 7.50 11.46 -70.87
CA MET C 472 8.66 12.33 -71.06
C MET C 472 9.20 12.81 -69.73
N THR C 473 8.34 12.91 -68.71
CA THR C 473 8.79 13.19 -67.35
C THR C 473 8.51 12.07 -66.37
N ASN C 474 7.81 11.01 -66.78
CA ASN C 474 7.44 9.90 -65.91
C ASN C 474 6.67 10.37 -64.67
N ALA C 475 5.95 11.48 -64.80
CA ALA C 475 5.19 12.03 -63.69
C ALA C 475 3.97 12.74 -64.26
N GLN C 476 2.93 12.84 -63.44
CA GLN C 476 1.73 13.57 -63.84
C GLN C 476 1.88 15.07 -63.62
N SER C 477 2.90 15.65 -64.24
CA SER C 477 3.16 17.07 -64.11
C SER C 477 3.93 17.52 -65.34
N CYS C 478 4.20 18.82 -65.41
CA CYS C 478 4.92 19.40 -66.52
C CYS C 478 6.30 19.85 -66.06
N PRO C 479 7.29 19.88 -66.96
CA PRO C 479 8.64 20.31 -66.56
C PRO C 479 8.68 21.77 -66.14
N ALA C 480 9.85 22.21 -65.68
CA ALA C 480 10.02 23.61 -65.32
C ALA C 480 9.88 24.49 -66.55
N GLY C 481 9.33 25.68 -66.36
CA GLY C 481 9.09 26.58 -67.48
C GLY C 481 7.96 26.18 -68.38
N TYR C 482 7.04 25.34 -67.89
CA TYR C 482 5.95 24.83 -68.70
C TYR C 482 4.61 25.20 -68.08
N ILE C 483 3.57 25.13 -68.91
CA ILE C 483 2.21 25.43 -68.50
C ILE C 483 1.34 24.24 -68.87
N PRO C 484 0.55 23.71 -67.94
CA PRO C 484 -0.44 22.68 -68.30
C PRO C 484 -1.73 23.33 -68.78
N LEU C 485 -2.12 23.02 -70.00
CA LEU C 485 -3.33 23.52 -70.61
C LEU C 485 -4.37 22.42 -70.64
N ASN C 486 -5.57 22.72 -70.16
CA ASN C 486 -6.64 21.74 -70.13
C ASN C 486 -7.22 21.59 -71.52
N LEU C 487 -7.23 20.36 -72.03
CA LEU C 487 -7.71 20.09 -73.38
C LEU C 487 -8.91 19.17 -73.39
N PHE C 488 -8.97 18.21 -72.47
CA PHE C 488 -10.16 17.39 -72.29
C PHE C 488 -10.67 17.56 -70.87
N GLU C 489 -11.63 16.73 -70.48
CA GLU C 489 -12.10 16.75 -69.09
C GLU C 489 -10.96 16.44 -68.13
N SER C 490 -9.99 15.64 -68.55
CA SER C 490 -8.89 15.25 -67.68
C SER C 490 -7.53 15.32 -68.34
N LEU C 491 -7.43 15.81 -69.57
CA LEU C 491 -6.15 15.85 -70.27
C LEU C 491 -5.51 17.21 -70.14
N LYS C 492 -4.23 17.21 -69.79
CA LYS C 492 -3.43 18.42 -69.67
C LYS C 492 -2.24 18.30 -70.61
N VAL C 493 -1.95 19.38 -71.31
CA VAL C 493 -0.85 19.44 -72.28
C VAL C 493 0.20 20.39 -71.74
N CYS C 494 1.45 19.90 -71.67
CA CYS C 494 2.55 20.72 -71.19
C CYS C 494 3.11 21.53 -72.36
N VAL C 495 2.96 22.84 -72.28
CA VAL C 495 3.43 23.75 -73.32
C VAL C 495 4.29 24.82 -72.68
N SER C 496 5.52 24.96 -73.15
CA SER C 496 6.43 25.96 -72.63
C SER C 496 6.46 27.17 -73.54
N LEU C 497 6.71 28.34 -72.94
CA LEU C 497 6.85 29.57 -73.69
C LEU C 497 8.31 29.95 -73.92
N ASP C 498 9.19 29.69 -72.96
CA ASP C 498 10.61 29.94 -73.18
C ASP C 498 11.17 28.95 -74.18
N TYR C 499 11.91 29.49 -75.15
CA TYR C 499 12.46 28.67 -76.22
C TYR C 499 13.52 27.71 -75.72
N GLU C 500 14.45 28.19 -74.89
CA GLU C 500 15.59 27.38 -74.47
C GLU C 500 15.14 26.23 -73.57
N LEU C 501 14.34 26.54 -72.54
CA LEU C 501 13.92 25.51 -71.60
C LEU C 501 13.04 24.47 -72.28
N GLY C 502 12.17 24.91 -73.18
CA GLY C 502 11.40 23.97 -73.96
C GLY C 502 12.29 23.09 -74.82
N PHE C 503 13.19 23.70 -75.58
CA PHE C 503 14.04 22.93 -76.48
C PHE C 503 14.85 21.90 -75.72
N LYS C 504 15.30 22.24 -74.51
CA LYS C 504 16.01 21.27 -73.69
C LYS C 504 15.07 20.33 -72.94
N PHE C 505 13.76 20.59 -72.98
CA PHE C 505 12.81 19.72 -72.28
C PHE C 505 11.57 19.49 -73.12
N SER C 506 11.73 19.20 -74.41
CA SER C 506 10.58 18.91 -75.26
C SER C 506 11.02 17.93 -76.35
N VAL C 507 10.05 17.56 -77.18
CA VAL C 507 10.26 16.67 -78.32
C VAL C 507 9.60 17.33 -79.52
N PRO C 508 10.18 17.25 -80.71
CA PRO C 508 9.51 17.78 -81.90
C PRO C 508 8.15 17.12 -82.09
N PHE C 509 7.19 17.91 -82.55
CA PHE C 509 5.79 17.50 -82.60
C PHE C 509 5.35 17.34 -84.05
N GLY C 510 4.44 16.41 -84.28
CA GLY C 510 3.96 16.13 -85.61
C GLY C 510 2.49 16.43 -85.81
N GLY C 511 1.70 16.27 -84.76
CA GLY C 511 0.28 16.59 -84.84
C GLY C 511 -0.57 15.66 -83.98
N PHE C 512 -1.82 16.05 -83.80
CA PHE C 512 -2.80 15.26 -83.07
C PHE C 512 -3.77 14.60 -84.06
N PHE C 513 -4.45 13.56 -83.58
CA PHE C 513 -5.52 12.97 -84.38
C PHE C 513 -6.46 12.22 -83.47
N SER C 514 -7.72 12.13 -83.89
CA SER C 514 -8.76 11.52 -83.09
C SER C 514 -9.31 10.28 -83.77
N CYS C 515 -10.33 9.65 -83.18
CA CYS C 515 -10.94 8.49 -83.81
C CYS C 515 -11.81 8.90 -84.99
N ILE C 516 -12.14 10.18 -85.10
CA ILE C 516 -13.01 10.67 -86.17
C ILE C 516 -12.33 11.71 -87.04
N MET C 517 -11.27 12.34 -86.54
CA MET C 517 -10.50 13.28 -87.36
C MET C 517 -9.03 12.91 -87.24
N GLY C 518 -8.46 12.39 -88.32
CA GLY C 518 -7.06 12.03 -88.35
C GLY C 518 -6.16 13.24 -88.55
N ASN C 519 -4.87 12.97 -88.53
CA ASN C 519 -3.89 14.03 -88.74
C ASN C 519 -3.80 14.35 -90.23
N PRO C 520 -4.10 15.58 -90.65
CA PRO C 520 -4.06 15.89 -92.08
C PRO C 520 -2.66 15.89 -92.66
N LEU C 521 -1.63 15.86 -91.83
CA LEU C 521 -0.26 15.98 -92.27
C LEU C 521 0.32 14.66 -92.77
N VAL C 522 -0.54 13.65 -92.98
CA VAL C 522 -0.08 12.39 -93.56
C VAL C 522 0.39 12.62 -95.00
N ASN C 523 1.23 11.71 -95.47
CA ASN C 523 1.74 11.79 -96.83
C ASN C 523 1.85 10.39 -97.44
N ALA C 532 -7.12 17.44 -99.57
CA ALA C 532 -6.03 16.82 -98.82
C ALA C 532 -6.53 15.67 -97.96
N PRO C 533 -6.04 14.46 -98.24
CA PRO C 533 -6.41 13.31 -97.41
C PRO C 533 -5.93 13.49 -95.98
N SER C 534 -6.75 13.03 -95.03
CA SER C 534 -6.44 13.13 -93.61
C SER C 534 -6.54 11.72 -93.02
N LEU C 535 -5.40 11.08 -92.79
CA LEU C 535 -5.35 9.74 -92.27
C LEU C 535 -4.88 9.75 -90.82
N LYS C 536 -5.22 8.68 -90.11
CA LYS C 536 -4.88 8.53 -88.69
C LYS C 536 -3.51 7.89 -88.61
N LYS C 537 -2.49 8.67 -88.94
CA LYS C 537 -1.12 8.18 -88.97
C LYS C 537 -0.18 9.35 -88.73
N CYS C 538 0.89 9.08 -87.99
CA CYS C 538 1.88 10.12 -87.74
C CYS C 538 2.76 10.30 -88.97
N PRO C 539 2.95 11.53 -89.44
CA PRO C 539 3.80 11.75 -90.61
C PRO C 539 5.27 11.49 -90.29
N GLY C 540 6.01 11.18 -91.34
CA GLY C 540 7.45 10.96 -91.19
C GLY C 540 7.75 9.80 -90.26
N GLY C 541 8.82 9.95 -89.48
CA GLY C 541 9.21 8.93 -88.53
C GLY C 541 8.63 9.17 -87.16
N PHE C 542 7.65 10.07 -87.07
CA PHE C 542 7.03 10.39 -85.80
C PHE C 542 6.28 9.18 -85.26
N SER C 543 6.35 8.98 -83.96
CA SER C 543 5.73 7.84 -83.31
C SER C 543 4.34 8.21 -82.80
N GLN C 544 3.47 7.21 -82.73
CA GLN C 544 2.09 7.37 -82.31
C GLN C 544 1.90 6.76 -80.93
N HIS C 545 1.53 7.60 -79.96
CA HIS C 545 1.27 7.14 -78.61
C HIS C 545 -0.07 7.70 -78.13
N LEU C 546 -0.84 6.85 -77.47
CA LEU C 546 -2.15 7.24 -76.97
C LEU C 546 -2.02 8.40 -75.98
N ALA C 547 -2.92 9.37 -76.13
CA ALA C 547 -2.99 10.50 -75.21
C ALA C 547 -4.19 10.43 -74.28
N VAL C 548 -5.37 10.06 -74.78
CA VAL C 548 -6.56 9.99 -73.95
C VAL C 548 -7.62 9.17 -74.66
N ILE C 549 -8.60 8.69 -73.90
CA ILE C 549 -9.75 7.99 -74.43
C ILE C 549 -10.99 8.73 -73.95
N SER C 550 -11.64 9.45 -74.85
CA SER C 550 -12.83 10.24 -74.54
C SER C 550 -14.04 9.51 -75.10
N ASP C 551 -14.79 8.84 -74.22
CA ASP C 551 -16.01 8.12 -74.58
C ASP C 551 -15.73 7.10 -75.69
N GLY C 552 -14.65 6.36 -75.53
CA GLY C 552 -14.25 5.37 -76.50
C GLY C 552 -13.53 5.91 -77.71
N CYS C 553 -13.46 7.24 -77.86
CA CYS C 553 -12.73 7.85 -78.96
C CYS C 553 -11.27 8.05 -78.55
N GLN C 554 -10.36 7.48 -79.33
CA GLN C 554 -8.94 7.56 -79.01
C GLN C 554 -8.37 8.87 -79.56
N VAL C 555 -7.62 9.58 -78.73
CA VAL C 555 -6.88 10.75 -79.15
C VAL C 555 -5.41 10.52 -78.82
N SER C 556 -4.54 10.76 -79.79
CA SER C 556 -3.11 10.52 -79.65
C SER C 556 -2.33 11.70 -80.20
N TYR C 557 -1.02 11.65 -80.02
CA TYR C 557 -0.12 12.68 -80.51
C TYR C 557 1.04 12.01 -81.25
N CYS C 558 1.82 12.82 -81.96
CA CYS C 558 2.89 12.33 -82.81
C CYS C 558 4.20 12.97 -82.39
N VAL C 559 5.15 12.14 -81.96
CA VAL C 559 6.47 12.61 -81.56
C VAL C 559 7.51 11.68 -82.17
N LYS C 560 8.74 12.19 -82.26
CA LYS C 560 9.83 11.40 -82.84
C LYS C 560 10.11 10.18 -81.98
N ALA C 561 10.18 9.02 -82.64
CA ALA C 561 10.41 7.76 -81.93
C ALA C 561 11.83 7.66 -81.38
N GLY C 562 12.75 8.50 -81.86
CA GLY C 562 14.13 8.41 -81.42
C GLY C 562 14.37 8.94 -80.02
N ILE C 563 13.36 9.56 -79.41
CA ILE C 563 13.51 10.13 -78.08
C ILE C 563 12.77 9.26 -77.07
N PHE C 564 11.62 8.70 -77.48
CA PHE C 564 10.84 7.89 -76.56
C PHE C 564 11.54 6.58 -76.27
N THR C 565 11.49 6.16 -75.00
CA THR C 565 12.18 4.97 -74.52
C THR C 565 11.19 4.00 -73.90
N GLY C 566 11.72 2.86 -73.44
CA GLY C 566 10.88 1.84 -72.84
C GLY C 566 10.21 2.29 -71.55
N GLY C 567 11.00 2.91 -70.67
CA GLY C 567 10.49 3.45 -69.42
C GLY C 567 10.80 2.62 -68.20
N SER C 568 10.95 1.30 -68.35
CA SER C 568 11.35 0.47 -67.22
C SER C 568 12.82 0.62 -66.90
N LEU C 569 13.64 0.85 -67.92
CA LEU C 569 15.05 1.20 -67.76
C LEU C 569 15.28 2.41 -68.63
N LEU C 570 15.26 3.59 -68.03
CA LEU C 570 15.51 4.81 -68.79
C LEU C 570 16.98 4.90 -69.13
N PRO C 571 17.39 4.68 -70.37
CA PRO C 571 18.81 4.75 -70.70
C PRO C 571 19.25 6.20 -70.82
N VAL C 572 20.53 6.42 -70.53
CA VAL C 572 21.08 7.77 -70.68
C VAL C 572 21.49 7.98 -72.14
N ARG C 573 20.54 8.49 -72.93
CA ARG C 573 20.74 8.72 -74.36
C ARG C 573 21.24 10.14 -74.57
N LEU C 574 22.51 10.35 -74.24
CA LEU C 574 23.12 11.64 -74.48
C LEU C 574 24.45 11.32 -75.20
N PRO C 575 25.66 11.43 -74.63
CA PRO C 575 26.83 11.05 -75.42
C PRO C 575 27.05 9.54 -75.36
N PRO C 576 27.76 8.95 -76.34
CA PRO C 576 28.38 9.58 -77.49
C PRO C 576 27.34 9.93 -78.54
N TYR C 577 27.61 10.91 -79.39
CA TYR C 577 26.68 11.25 -80.45
C TYR C 577 27.11 10.69 -81.78
N THR C 578 28.11 9.81 -81.76
CA THR C 578 28.51 9.04 -82.93
C THR C 578 29.15 7.76 -82.42
N LYS C 579 29.10 6.73 -83.26
CA LYS C 579 29.82 5.51 -82.95
C LYS C 579 31.32 5.79 -83.01
N PRO C 580 32.11 5.18 -82.14
CA PRO C 580 33.52 5.55 -82.01
C PRO C 580 34.24 5.47 -83.35
N PRO C 581 34.65 6.60 -83.90
CA PRO C 581 35.31 6.59 -85.20
C PRO C 581 36.64 5.85 -85.14
N LEU C 582 36.94 5.12 -86.20
CA LEU C 582 38.07 4.22 -86.20
C LEU C 582 39.38 4.99 -86.29
N MET C 583 40.48 4.27 -86.05
CA MET C 583 41.82 4.86 -86.10
C MET C 583 42.09 5.56 -87.42
N THR D 13 36.08 -11.51 -53.43
CA THR D 13 35.12 -10.43 -53.60
C THR D 13 34.02 -10.52 -52.56
N GLY D 14 34.40 -10.90 -51.35
CA GLY D 14 33.47 -11.05 -50.25
C GLY D 14 33.52 -9.83 -49.35
N PHE D 15 32.35 -9.41 -48.89
CA PHE D 15 32.23 -8.27 -48.00
C PHE D 15 32.23 -8.68 -46.54
N GLN D 16 32.43 -9.97 -46.27
CA GLN D 16 32.32 -10.44 -44.90
C GLN D 16 33.41 -9.85 -44.01
N ILE D 17 34.56 -9.53 -44.59
CA ILE D 17 35.63 -8.92 -43.80
C ILE D 17 35.18 -7.57 -43.28
N CYS D 18 34.60 -6.74 -44.15
CA CYS D 18 34.13 -5.44 -43.73
C CYS D 18 32.99 -5.57 -42.72
N LYS D 19 32.09 -6.52 -42.92
CA LYS D 19 31.02 -6.72 -41.96
C LYS D 19 31.58 -7.10 -40.60
N ASN D 20 32.59 -7.96 -40.57
CA ASN D 20 33.23 -8.29 -39.30
C ASN D 20 33.85 -7.06 -38.67
N ALA D 21 34.40 -6.17 -39.50
CA ALA D 21 35.04 -4.98 -38.97
C ALA D 21 34.00 -3.93 -38.56
N LEU D 22 33.14 -3.53 -39.49
CA LEU D 22 32.27 -2.38 -39.28
C LEU D 22 30.94 -2.74 -38.64
N LYS D 23 30.49 -3.99 -38.79
CA LYS D 23 29.19 -4.42 -38.25
C LYS D 23 28.05 -3.60 -38.83
N LEU D 24 28.02 -3.52 -40.16
CA LEU D 24 27.02 -2.77 -40.88
C LEU D 24 26.40 -3.65 -41.97
N PRO D 25 25.17 -3.38 -42.36
CA PRO D 25 24.61 -4.07 -43.52
C PRO D 25 25.26 -3.60 -44.80
N VAL D 26 25.15 -4.40 -45.82
CA VAL D 26 25.61 -4.01 -47.14
C VAL D 26 24.42 -3.48 -47.94
N LEU D 27 24.62 -2.36 -48.62
CA LEU D 27 23.57 -1.81 -49.45
C LEU D 27 23.20 -2.82 -50.52
N GLU D 28 21.97 -3.31 -50.47
CA GLU D 28 21.60 -4.46 -51.29
C GLU D 28 21.25 -4.09 -52.72
N VAL D 29 20.99 -2.82 -53.01
CA VAL D 29 20.74 -2.40 -54.38
C VAL D 29 22.06 -1.86 -54.93
N LEU D 30 22.50 -2.42 -56.04
CA LEU D 30 23.80 -2.08 -56.57
C LEU D 30 23.74 -2.07 -58.09
N PRO D 31 24.34 -1.08 -58.70
CA PRO D 31 24.38 -1.05 -60.16
C PRO D 31 25.45 -1.99 -60.68
N GLY D 32 25.76 -1.90 -61.97
CA GLY D 32 26.79 -2.73 -62.54
C GLY D 32 26.34 -4.11 -62.91
N GLY D 33 25.05 -4.41 -62.78
CA GLY D 33 24.51 -5.68 -63.18
C GLY D 33 23.86 -5.61 -64.55
N GLY D 34 23.75 -6.76 -65.17
CA GLY D 34 23.06 -6.83 -66.43
C GLY D 34 21.58 -6.61 -66.28
N TRP D 35 20.92 -6.29 -67.39
CA TRP D 35 19.49 -5.99 -67.35
C TRP D 35 18.89 -6.40 -68.67
N ASP D 36 17.87 -7.26 -68.61
CA ASP D 36 17.18 -7.73 -69.80
C ASP D 36 16.07 -6.74 -70.13
N ASN D 37 16.29 -5.92 -71.15
CA ASN D 37 15.33 -4.88 -71.46
C ASN D 37 14.02 -5.44 -72.00
N LEU D 38 14.01 -6.69 -72.44
CA LEU D 38 12.77 -7.29 -72.92
C LEU D 38 11.90 -7.76 -71.78
N ARG D 39 12.47 -8.52 -70.86
CA ARG D 39 11.73 -9.08 -69.75
C ARG D 39 11.79 -8.24 -68.49
N ASN D 40 12.53 -7.13 -68.49
CA ASN D 40 12.63 -6.22 -67.36
C ASN D 40 13.04 -6.98 -66.09
N VAL D 41 14.23 -7.57 -66.14
CA VAL D 41 14.71 -8.37 -65.02
C VAL D 41 16.23 -8.27 -64.98
N ASP D 42 16.77 -8.16 -63.77
CA ASP D 42 18.21 -8.16 -63.59
C ASP D 42 18.78 -9.50 -64.02
N MET D 43 19.93 -9.50 -64.66
CA MET D 43 20.47 -10.74 -65.19
C MET D 43 21.76 -11.19 -64.54
N GLY D 44 22.83 -10.41 -64.64
CA GLY D 44 24.10 -10.90 -64.16
C GLY D 44 25.07 -9.77 -63.90
N ARG D 45 26.17 -10.10 -63.26
CA ARG D 45 27.11 -9.10 -62.77
C ARG D 45 28.10 -8.79 -63.87
N VAL D 46 28.09 -7.55 -64.34
CA VAL D 46 28.99 -7.13 -65.41
C VAL D 46 30.22 -6.43 -64.85
N MET D 47 30.03 -5.39 -64.06
CA MET D 47 31.17 -4.74 -63.43
C MET D 47 31.66 -5.53 -62.23
N ASP D 48 32.95 -5.42 -61.97
CA ASP D 48 33.57 -6.14 -60.87
C ASP D 48 33.25 -5.39 -59.58
N LEU D 49 32.66 -6.07 -58.62
CA LEU D 49 32.36 -5.48 -57.32
C LEU D 49 33.31 -6.08 -56.30
N THR D 50 34.17 -5.25 -55.74
CA THR D 50 35.13 -5.65 -54.74
C THR D 50 34.93 -4.84 -53.48
N TYR D 51 35.21 -5.45 -52.34
CA TYR D 51 35.08 -4.79 -51.05
C TYR D 51 36.43 -4.71 -50.37
N THR D 52 37.47 -4.44 -51.16
CA THR D 52 38.81 -4.35 -50.61
C THR D 52 38.93 -3.19 -49.62
N ASN D 53 38.39 -2.04 -49.99
CA ASN D 53 38.59 -0.83 -49.19
C ASN D 53 37.59 -0.69 -48.05
N CYS D 54 36.61 -1.57 -47.96
CA CYS D 54 35.55 -1.49 -46.95
C CYS D 54 34.91 -0.10 -46.99
N LYS D 55 34.59 0.32 -48.19
CA LYS D 55 34.00 1.63 -48.40
C LYS D 55 32.61 1.68 -47.79
N THR D 56 32.24 2.86 -47.30
CA THR D 56 31.00 3.07 -46.58
C THR D 56 30.35 4.36 -47.05
N THR D 57 29.02 4.38 -47.04
CA THR D 57 28.33 5.63 -47.28
C THR D 57 28.64 6.62 -46.17
N GLU D 58 28.68 7.90 -46.52
CA GLU D 58 29.16 8.91 -45.60
C GLU D 58 28.34 8.94 -44.32
N ASP D 59 27.04 8.68 -44.42
CA ASP D 59 26.22 8.69 -43.21
C ASP D 59 26.54 7.51 -42.31
N GLY D 60 27.34 6.56 -42.78
CA GLY D 60 27.68 5.43 -41.97
C GLY D 60 26.59 4.39 -41.84
N GLN D 61 25.69 4.31 -42.81
CA GLN D 61 24.57 3.39 -42.76
C GLN D 61 24.84 2.08 -43.46
N TYR D 62 25.52 2.11 -44.60
CA TYR D 62 25.69 0.92 -45.43
C TYR D 62 27.13 0.79 -45.90
N ILE D 63 27.50 -0.44 -46.16
CA ILE D 63 28.78 -0.79 -46.78
C ILE D 63 28.55 -0.87 -48.28
N ILE D 64 29.45 -0.29 -49.05
CA ILE D 64 29.28 -0.30 -50.50
C ILE D 64 30.56 -0.81 -51.17
N PRO D 65 30.48 -1.39 -52.35
CA PRO D 65 31.69 -1.81 -53.06
C PRO D 65 32.50 -0.61 -53.47
N ASP D 66 33.80 -0.85 -53.68
CA ASP D 66 34.71 0.23 -54.00
C ASP D 66 34.39 0.90 -55.32
N GLU D 67 33.61 0.26 -56.18
CA GLU D 67 33.41 0.74 -57.53
C GLU D 67 32.12 1.54 -57.69
N VAL D 68 31.44 1.86 -56.59
CA VAL D 68 30.22 2.63 -56.65
C VAL D 68 30.32 3.82 -55.70
N TYR D 69 29.54 4.85 -55.97
CA TYR D 69 29.43 5.98 -55.08
C TYR D 69 27.96 6.36 -54.97
N THR D 70 27.57 6.88 -53.82
CA THR D 70 26.17 7.15 -53.51
C THR D 70 25.96 8.63 -53.34
N ILE D 71 24.98 9.17 -54.05
CA ILE D 71 24.49 10.52 -53.78
C ILE D 71 23.34 10.42 -52.79
N PRO D 72 23.45 11.02 -51.62
CA PRO D 72 22.36 10.96 -50.63
C PRO D 72 21.26 11.94 -50.97
N GLN D 73 20.13 11.41 -51.43
CA GLN D 73 18.93 12.20 -51.67
C GLN D 73 17.84 11.55 -50.85
N LYS D 74 17.68 11.99 -49.61
CA LYS D 74 16.75 11.35 -48.68
C LYS D 74 15.41 12.06 -48.79
N GLU D 75 14.63 11.65 -49.78
CA GLU D 75 13.35 12.26 -50.11
C GLU D 75 12.22 11.31 -49.76
N SER D 76 11.11 11.86 -49.28
CA SER D 76 9.90 11.11 -48.99
C SER D 76 8.73 11.83 -49.64
N ASN D 77 7.82 11.08 -50.22
CA ASN D 77 6.56 11.62 -50.73
C ASN D 77 5.41 10.88 -50.08
N LEU D 78 4.45 11.63 -49.57
CA LEU D 78 3.22 11.10 -48.99
C LEU D 78 2.04 11.74 -49.70
N GLU D 79 1.07 10.91 -50.08
CA GLU D 79 -0.21 11.42 -50.57
C GLU D 79 -1.31 10.58 -49.96
N MET D 80 -2.20 11.19 -49.19
CA MET D 80 -3.37 10.51 -48.66
C MET D 80 -4.61 11.21 -49.19
N ASN D 81 -5.50 10.47 -49.84
CA ASN D 81 -6.76 11.00 -50.33
C ASN D 81 -7.87 10.17 -49.71
N SER D 82 -8.77 10.82 -48.99
CA SER D 82 -9.94 10.16 -48.42
C SER D 82 -11.19 10.84 -48.95
N GLU D 83 -12.19 10.06 -49.28
CA GLU D 83 -13.43 10.58 -49.84
C GLU D 83 -14.60 9.81 -49.27
N VAL D 84 -15.53 10.51 -48.63
CA VAL D 84 -16.69 9.88 -48.03
C VAL D 84 -17.94 10.48 -48.65
N LEU D 85 -18.80 9.62 -49.21
CA LEU D 85 -20.07 10.06 -49.75
C LEU D 85 -21.17 9.33 -48.99
N GLU D 86 -22.14 10.07 -48.49
CA GLU D 86 -23.24 9.49 -47.75
C GLU D 86 -24.54 10.09 -48.25
N SER D 87 -25.49 9.24 -48.60
CA SER D 87 -26.81 9.66 -49.05
C SER D 87 -27.85 9.04 -48.14
N TRP D 88 -28.87 9.81 -47.80
CA TRP D 88 -29.95 9.32 -46.96
C TRP D 88 -31.24 9.92 -47.48
N MET D 89 -32.14 9.06 -47.95
CA MET D 89 -33.47 9.48 -48.38
C MET D 89 -34.50 8.74 -47.54
N ASN D 90 -35.37 9.50 -46.90
CA ASN D 90 -36.43 8.93 -46.07
C ASN D 90 -37.77 9.46 -46.57
N TYR D 91 -38.65 8.55 -46.95
CA TYR D 91 -39.98 8.91 -47.45
C TYR D 91 -41.00 8.28 -46.53
N GLN D 92 -42.05 9.02 -46.22
CA GLN D 92 -43.06 8.55 -45.30
C GLN D 92 -44.41 9.08 -45.76
N SER D 93 -45.39 8.20 -45.88
CA SER D 93 -46.71 8.58 -46.36
C SER D 93 -47.75 7.96 -45.44
N THR D 94 -48.91 8.61 -45.35
CA THR D 94 -50.00 8.12 -44.52
C THR D 94 -51.31 8.71 -45.01
N THR D 95 -52.13 7.91 -45.64
CA THR D 95 -53.45 8.34 -46.08
C THR D 95 -54.50 7.64 -45.22
N SER D 96 -55.57 8.36 -44.89
CA SER D 96 -56.61 7.83 -44.02
C SER D 96 -57.96 8.38 -44.48
N LEU D 97 -58.88 7.49 -44.82
CA LEU D 97 -60.20 7.85 -45.30
C LEU D 97 -61.24 7.28 -44.35
N SER D 98 -62.20 8.10 -43.94
CA SER D 98 -63.28 7.68 -43.06
C SER D 98 -64.61 8.10 -43.66
N ILE D 99 -65.54 7.15 -43.78
CA ILE D 99 -66.87 7.41 -44.29
C ILE D 99 -67.87 6.88 -43.28
N ASN D 100 -68.85 7.69 -42.92
CA ASN D 100 -69.95 7.26 -42.07
C ASN D 100 -71.26 7.57 -42.77
N THR D 101 -72.31 6.86 -42.34
CA THR D 101 -73.61 7.04 -42.95
C THR D 101 -74.66 6.54 -41.97
N GLU D 102 -75.76 7.29 -41.85
CA GLU D 102 -76.87 6.91 -41.01
C GLU D 102 -78.16 7.13 -41.76
N LEU D 103 -79.22 6.43 -41.36
CA LEU D 103 -80.52 6.56 -41.97
C LEU D 103 -81.57 6.13 -40.97
N ALA D 104 -82.65 6.91 -40.87
CA ALA D 104 -83.76 6.59 -39.98
C ALA D 104 -85.07 6.85 -40.71
N LEU D 105 -85.68 5.79 -41.25
CA LEU D 105 -86.89 5.87 -42.03
C LEU D 105 -88.08 5.57 -41.13
N PHE D 106 -89.10 6.43 -41.19
CA PHE D 106 -90.37 6.25 -40.50
C PHE D 106 -90.19 6.12 -38.99
N SER D 107 -89.05 6.57 -38.48
CA SER D 107 -88.69 6.43 -37.07
C SER D 107 -88.72 4.98 -36.60
N ARG D 108 -88.61 4.03 -37.53
CA ARG D 108 -88.59 2.62 -37.17
C ARG D 108 -87.35 1.93 -37.72
N VAL D 109 -87.01 2.22 -38.96
CA VAL D 109 -85.90 1.54 -39.65
C VAL D 109 -84.65 2.36 -39.47
N ASN D 110 -83.58 1.74 -38.97
CA ASN D 110 -82.32 2.43 -38.72
C ASN D 110 -81.20 1.70 -39.44
N GLY D 111 -80.43 2.44 -40.23
CA GLY D 111 -79.26 1.88 -40.87
C GLY D 111 -78.02 2.69 -40.55
N LYS D 112 -76.91 2.03 -40.27
CA LYS D 112 -75.63 2.67 -40.06
C LYS D 112 -74.58 1.98 -40.89
N PHE D 113 -73.59 2.75 -41.34
CA PHE D 113 -72.55 2.26 -42.23
C PHE D 113 -71.29 3.04 -41.91
N SER D 114 -70.14 2.36 -41.91
CA SER D 114 -68.89 3.06 -41.66
C SER D 114 -67.75 2.27 -42.28
N THR D 115 -66.92 2.95 -43.06
CA THR D 115 -65.76 2.32 -43.68
C THR D 115 -64.56 3.22 -43.46
N GLU D 116 -63.45 2.65 -43.03
CA GLU D 116 -62.23 3.40 -42.81
C GLU D 116 -61.07 2.66 -43.45
N PHE D 117 -60.38 3.34 -44.34
CA PHE D 117 -59.17 2.84 -44.97
C PHE D 117 -57.98 3.62 -44.44
N GLN D 118 -56.82 2.99 -44.38
CA GLN D 118 -55.64 3.64 -43.86
C GLN D 118 -54.41 2.97 -44.43
N ARG D 119 -53.66 3.70 -45.24
CA ARG D 119 -52.46 3.19 -45.88
C ARG D 119 -51.27 4.03 -45.44
N MET D 120 -50.36 3.44 -44.68
CA MET D 120 -49.12 4.11 -44.33
C MET D 120 -47.96 3.39 -44.97
N LYS D 121 -47.03 4.17 -45.52
CA LYS D 121 -45.93 3.64 -46.31
C LYS D 121 -44.65 4.30 -45.83
N THR D 122 -43.55 3.58 -45.91
CA THR D 122 -42.26 4.11 -45.47
C THR D 122 -41.16 3.53 -46.34
N LEU D 123 -40.23 4.38 -46.75
CA LEU D 123 -39.06 3.98 -47.49
C LEU D 123 -37.85 4.66 -46.90
N GLN D 124 -36.74 3.95 -46.87
CA GLN D 124 -35.49 4.52 -46.41
C GLN D 124 -34.37 3.95 -47.26
N VAL D 125 -33.56 4.82 -47.85
CA VAL D 125 -32.40 4.41 -48.61
C VAL D 125 -31.21 5.10 -48.00
N LYS D 126 -30.15 4.35 -47.73
CA LYS D 126 -28.94 4.91 -47.16
C LYS D 126 -27.75 4.33 -47.90
N ASP D 127 -26.88 5.20 -48.40
CA ASP D 127 -25.70 4.77 -49.12
C ASP D 127 -24.46 5.41 -48.51
N GLN D 128 -23.40 4.63 -48.43
CA GLN D 128 -22.10 5.16 -48.01
C GLN D 128 -21.05 4.60 -48.92
N ALA D 129 -20.14 5.46 -49.35
CA ALA D 129 -18.99 5.06 -50.15
C ALA D 129 -17.78 5.76 -49.59
N VAL D 130 -16.85 5.00 -49.03
CA VAL D 130 -15.64 5.54 -48.45
C VAL D 130 -14.47 5.00 -49.24
N THR D 131 -13.66 5.91 -49.78
CA THR D 131 -12.51 5.55 -50.59
C THR D 131 -11.28 6.20 -50.00
N THR D 132 -10.28 5.40 -49.67
CA THR D 132 -9.05 5.88 -49.07
C THR D 132 -7.88 5.39 -49.90
N ARG D 133 -6.94 6.28 -50.18
CA ARG D 133 -5.74 5.92 -50.92
C ARG D 133 -4.54 6.55 -50.24
N VAL D 134 -3.54 5.75 -49.94
CA VAL D 134 -2.31 6.21 -49.31
C VAL D 134 -1.16 5.79 -50.20
N GLN D 135 -0.27 6.73 -50.49
CA GLN D 135 0.86 6.43 -51.35
C GLN D 135 2.12 7.03 -50.73
N VAL D 136 3.05 6.17 -50.39
CA VAL D 136 4.33 6.56 -49.80
C VAL D 136 5.43 6.18 -50.77
N ARG D 137 6.40 7.05 -50.92
CA ARG D 137 7.54 6.72 -51.78
C ARG D 137 8.79 7.36 -51.21
N ASN D 138 9.69 6.54 -50.68
CA ASN D 138 10.96 7.01 -50.18
C ASN D 138 12.03 6.70 -51.20
N ARG D 139 12.84 7.71 -51.52
CA ARG D 139 14.06 7.51 -52.28
C ARG D 139 15.20 7.94 -51.38
N ILE D 140 16.13 7.05 -51.08
CA ILE D 140 17.16 7.29 -50.09
C ILE D 140 18.49 7.64 -50.72
N TYR D 141 19.03 6.73 -51.53
CA TYR D 141 20.32 6.95 -52.17
C TYR D 141 20.17 6.84 -53.68
N THR D 142 21.11 7.43 -54.38
CA THR D 142 21.31 7.14 -55.80
C THR D 142 22.68 6.53 -55.94
N VAL D 143 22.74 5.25 -56.25
CA VAL D 143 23.99 4.51 -56.32
C VAL D 143 24.43 4.45 -57.77
N LYS D 144 25.66 4.89 -58.04
CA LYS D 144 26.19 4.92 -59.39
C LYS D 144 27.50 4.17 -59.46
N THR D 145 27.84 3.67 -60.64
CA THR D 145 29.13 3.04 -60.83
C THR D 145 30.20 4.11 -61.03
N THR D 146 31.35 3.88 -60.43
CA THR D 146 32.48 4.74 -60.67
C THR D 146 32.88 4.64 -62.13
N PRO D 147 33.21 5.76 -62.79
CA PRO D 147 33.59 5.69 -64.21
C PRO D 147 34.82 4.85 -64.46
N THR D 148 35.65 4.63 -63.45
CA THR D 148 36.88 3.86 -63.59
C THR D 148 36.67 2.38 -63.35
N SER D 149 35.44 1.88 -63.47
CA SER D 149 35.18 0.50 -63.14
C SER D 149 35.52 -0.42 -64.29
N GLU D 150 35.88 -1.65 -63.95
CA GLU D 150 36.27 -2.68 -64.91
C GLU D 150 35.28 -3.83 -64.89
N LEU D 151 35.30 -4.61 -65.96
CA LEU D 151 34.34 -5.69 -66.08
C LEU D 151 34.64 -6.80 -65.08
N SER D 152 33.60 -7.56 -64.75
CA SER D 152 33.77 -8.66 -63.83
C SER D 152 34.55 -9.79 -64.49
N LEU D 153 35.03 -10.71 -63.67
CA LEU D 153 35.83 -11.81 -64.19
C LEU D 153 35.02 -12.66 -65.16
N GLY D 154 33.81 -13.05 -64.77
CA GLY D 154 33.03 -13.93 -65.62
C GLY D 154 32.66 -13.29 -66.95
N PHE D 155 32.29 -12.02 -66.92
CA PHE D 155 31.95 -11.34 -68.18
C PHE D 155 33.16 -11.26 -69.10
N THR D 156 34.32 -10.93 -68.54
CA THR D 156 35.53 -10.91 -69.35
C THR D 156 35.82 -12.28 -69.93
N LYS D 157 35.63 -13.33 -69.13
CA LYS D 157 35.87 -14.67 -69.62
C LYS D 157 34.95 -15.00 -70.78
N ALA D 158 33.67 -14.64 -70.67
CA ALA D 158 32.74 -14.91 -71.76
C ALA D 158 33.16 -14.18 -73.03
N LEU D 159 33.54 -12.90 -72.89
CA LEU D 159 33.96 -12.15 -74.07
C LEU D 159 35.21 -12.73 -74.69
N MET D 160 36.18 -13.14 -73.87
CA MET D 160 37.38 -13.76 -74.42
C MET D 160 37.04 -15.06 -75.14
N ASP D 161 36.10 -15.83 -74.61
CA ASP D 161 35.71 -17.06 -75.28
C ASP D 161 35.10 -16.78 -76.64
N ILE D 162 34.23 -15.78 -76.71
CA ILE D 162 33.65 -15.43 -78.01
C ILE D 162 34.72 -14.94 -78.97
N CYS D 163 35.66 -14.13 -78.47
CA CYS D 163 36.72 -13.63 -79.34
C CYS D 163 37.58 -14.77 -79.87
N ASP D 164 37.90 -15.74 -79.02
CA ASP D 164 38.70 -16.87 -79.46
C ASP D 164 37.95 -17.72 -80.47
N GLN D 165 36.64 -17.90 -80.26
CA GLN D 165 35.85 -18.64 -81.24
C GLN D 165 35.81 -17.93 -82.58
N LEU D 166 35.71 -16.60 -82.58
CA LEU D 166 35.81 -15.85 -83.83
C LEU D 166 37.19 -16.00 -84.45
N GLU D 167 38.23 -15.94 -83.62
CA GLU D 167 39.60 -16.08 -84.11
C GLU D 167 39.82 -17.44 -84.76
N LYS D 168 39.10 -18.46 -84.30
CA LYS D 168 39.18 -19.77 -84.95
C LYS D 168 38.43 -19.81 -86.28
N ASN D 169 38.08 -18.65 -86.84
CA ASN D 169 37.44 -18.57 -88.16
C ASN D 169 36.11 -19.31 -88.18
N GLN D 170 35.52 -19.43 -86.99
CA GLN D 170 34.27 -20.16 -86.81
C GLN D 170 33.19 -19.15 -86.40
N THR D 171 32.42 -18.68 -87.37
CA THR D 171 31.35 -17.74 -87.10
C THR D 171 30.08 -18.41 -86.63
N LYS D 172 30.08 -19.74 -86.53
CA LYS D 172 28.86 -20.45 -86.20
C LYS D 172 28.68 -20.59 -84.69
N MET D 173 29.61 -21.25 -84.02
CA MET D 173 29.51 -21.34 -82.56
C MET D 173 29.70 -19.98 -81.90
N ALA D 174 30.31 -19.02 -82.60
CA ALA D 174 30.44 -17.69 -82.05
C ALA D 174 29.07 -17.05 -81.82
N THR D 175 28.17 -17.18 -82.79
CA THR D 175 26.84 -16.61 -82.62
C THR D 175 26.09 -17.28 -81.47
N TYR D 176 26.19 -18.59 -81.36
CA TYR D 176 25.59 -19.29 -80.24
C TYR D 176 26.15 -18.81 -78.91
N LEU D 177 27.46 -18.66 -78.83
CA LEU D 177 28.07 -18.21 -77.58
C LEU D 177 27.65 -16.79 -77.25
N ALA D 178 27.54 -15.93 -78.26
CA ALA D 178 27.07 -14.57 -78.02
C ALA D 178 25.64 -14.55 -77.54
N GLU D 179 24.80 -15.41 -78.10
CA GLU D 179 23.42 -15.48 -77.65
C GLU D 179 23.35 -15.98 -76.21
N LEU D 180 24.23 -16.90 -75.84
CA LEU D 180 24.31 -17.29 -74.42
C LEU D 180 24.74 -16.11 -73.57
N LEU D 181 25.67 -15.30 -74.07
CA LEU D 181 26.08 -14.12 -73.33
C LEU D 181 24.90 -13.19 -73.09
N ILE D 182 24.10 -12.97 -74.13
CA ILE D 182 22.92 -12.13 -74.00
C ILE D 182 21.97 -12.71 -72.97
N LEU D 183 21.74 -14.02 -73.04
CA LEU D 183 20.83 -14.65 -72.10
C LEU D 183 21.30 -14.50 -70.66
N ASN D 184 22.60 -14.66 -70.43
CA ASN D 184 23.11 -14.61 -69.07
C ASN D 184 23.22 -13.19 -68.53
N TYR D 185 23.54 -12.21 -69.37
CA TYR D 185 23.81 -10.87 -68.88
C TYR D 185 22.82 -9.84 -69.40
N GLY D 186 21.77 -10.27 -70.08
CA GLY D 186 20.80 -9.30 -70.51
C GLY D 186 21.32 -8.40 -71.62
N THR D 187 20.59 -7.33 -71.86
CA THR D 187 20.88 -6.42 -72.95
C THR D 187 21.64 -5.18 -72.52
N HIS D 188 21.19 -4.51 -71.47
CA HIS D 188 21.84 -3.32 -70.98
C HIS D 188 22.62 -3.63 -69.71
N VAL D 189 23.40 -2.65 -69.28
CA VAL D 189 24.10 -2.71 -68.01
C VAL D 189 23.66 -1.52 -67.18
N ILE D 190 23.29 -1.77 -65.94
CA ILE D 190 22.76 -0.71 -65.10
C ILE D 190 23.90 0.10 -64.50
N THR D 191 23.90 1.40 -64.77
CA THR D 191 24.93 2.29 -64.24
C THR D 191 24.49 3.05 -63.01
N SER D 192 23.19 3.19 -62.77
CA SER D 192 22.72 3.91 -61.60
C SER D 192 21.36 3.37 -61.19
N VAL D 193 21.13 3.33 -59.89
CA VAL D 193 19.85 2.92 -59.33
C VAL D 193 19.46 3.91 -58.26
N ASP D 194 18.24 3.75 -57.75
CA ASP D 194 17.77 4.56 -56.64
C ASP D 194 17.28 3.63 -55.54
N ALA D 195 18.05 3.49 -54.48
CA ALA D 195 17.57 2.73 -53.34
C ALA D 195 16.36 3.41 -52.76
N GLY D 196 15.38 2.64 -52.32
CA GLY D 196 14.22 3.24 -51.72
C GLY D 196 13.14 2.21 -51.44
N ALA D 197 11.94 2.72 -51.26
CA ALA D 197 10.80 1.86 -50.95
C ALA D 197 9.54 2.59 -51.37
N ALA D 198 8.46 1.82 -51.53
CA ALA D 198 7.21 2.42 -51.94
C ALA D 198 6.08 1.61 -51.34
N LEU D 199 4.91 2.23 -51.27
CA LEU D 199 3.77 1.61 -50.61
C LEU D 199 2.50 2.23 -51.15
N VAL D 200 1.53 1.40 -51.51
CA VAL D 200 0.26 1.87 -52.03
C VAL D 200 -0.84 1.12 -51.32
N GLN D 201 -1.75 1.86 -50.69
CA GLN D 201 -2.93 1.28 -50.06
C GLN D 201 -4.16 1.87 -50.71
N GLU D 202 -5.11 1.02 -51.09
CA GLU D 202 -6.39 1.48 -51.58
C GLU D 202 -7.46 0.76 -50.77
N ASP D 203 -8.56 1.45 -50.50
CA ASP D 203 -9.61 0.95 -49.65
C ASP D 203 -10.95 1.50 -50.09
N HIS D 204 -11.90 0.61 -50.38
CA HIS D 204 -13.25 0.98 -50.77
C HIS D 204 -14.22 0.32 -49.83
N VAL D 205 -15.21 1.08 -49.36
CA VAL D 205 -16.30 0.55 -48.55
C VAL D 205 -17.60 1.06 -49.11
N ARG D 206 -18.50 0.15 -49.48
CA ARG D 206 -19.80 0.54 -50.01
C ARG D 206 -20.89 -0.12 -49.19
N SER D 207 -21.78 0.69 -48.61
CA SER D 207 -22.88 0.21 -47.80
C SER D 207 -24.18 0.72 -48.38
N SER D 208 -25.10 -0.18 -48.67
CA SER D 208 -26.39 0.17 -49.22
C SER D 208 -27.46 -0.46 -48.36
N PHE D 209 -28.38 0.36 -47.86
CA PHE D 209 -29.44 -0.11 -46.98
C PHE D 209 -30.78 0.37 -47.51
N LEU D 210 -31.67 -0.57 -47.79
CA LEU D 210 -33.00 -0.26 -48.30
C LEU D 210 -34.03 -0.81 -47.32
N LEU D 211 -35.03 0.00 -47.01
CA LEU D 211 -36.08 -0.41 -46.10
C LEU D 211 -37.41 0.00 -46.68
N ASP D 212 -38.34 -0.94 -46.78
CA ASP D 212 -39.66 -0.70 -47.32
C ASP D 212 -40.67 -1.16 -46.29
N ASN D 213 -41.80 -0.46 -46.21
CA ASN D 213 -42.77 -0.75 -45.16
C ASN D 213 -44.14 -0.33 -45.62
N GLN D 214 -45.12 -1.22 -45.51
CA GLN D 214 -46.49 -0.94 -45.92
C GLN D 214 -47.43 -1.45 -44.85
N ASN D 215 -48.33 -0.59 -44.37
CA ASN D 215 -49.39 -0.97 -43.47
C ASN D 215 -50.72 -0.58 -44.11
N SER D 216 -51.62 -1.54 -44.25
CA SER D 216 -52.92 -1.31 -44.87
C SER D 216 -53.99 -1.80 -43.91
N GLN D 217 -54.93 -0.93 -43.58
CA GLN D 217 -55.94 -1.24 -42.58
C GLN D 217 -57.32 -0.83 -43.11
N ASN D 218 -58.27 -1.76 -43.05
CA ASN D 218 -59.64 -1.50 -43.47
C ASN D 218 -60.57 -1.88 -42.33
N THR D 219 -61.62 -1.09 -42.15
CA THR D 219 -62.57 -1.29 -41.07
C THR D 219 -63.97 -1.00 -41.59
N VAL D 220 -64.84 -2.00 -41.58
CA VAL D 220 -66.20 -1.88 -42.09
C VAL D 220 -67.17 -2.27 -40.99
N THR D 221 -68.16 -1.44 -40.74
CA THR D 221 -69.22 -1.73 -39.78
C THR D 221 -70.55 -1.42 -40.44
N ALA D 222 -71.51 -2.34 -40.34
CA ALA D 222 -72.82 -2.17 -40.97
C ALA D 222 -73.89 -2.61 -39.99
N SER D 223 -74.74 -1.69 -39.58
CA SER D 223 -75.80 -1.96 -38.62
C SER D 223 -77.15 -1.70 -39.26
N ALA D 224 -78.16 -2.44 -38.82
CA ALA D 224 -79.52 -2.28 -39.34
C ALA D 224 -80.50 -2.79 -38.30
N GLY D 225 -81.42 -1.93 -37.89
CA GLY D 225 -82.44 -2.32 -36.93
C GLY D 225 -83.84 -1.95 -37.37
N ILE D 226 -84.72 -2.94 -37.44
CA ILE D 226 -86.14 -2.74 -37.73
C ILE D 226 -86.89 -2.89 -36.41
N ALA D 227 -87.53 -1.81 -35.97
CA ALA D 227 -88.24 -1.78 -34.70
C ALA D 227 -89.68 -1.35 -34.94
N PHE D 228 -90.59 -2.32 -35.01
CA PHE D 228 -92.01 -2.02 -35.10
C PHE D 228 -92.52 -1.60 -33.72
N LEU D 229 -93.84 -1.52 -33.59
CA LEU D 229 -94.47 -1.04 -32.35
C LEU D 229 -94.68 -2.21 -31.40
N ASN D 230 -93.58 -2.60 -30.74
CA ASN D 230 -93.61 -3.63 -29.72
C ASN D 230 -94.22 -4.94 -30.21
N ILE D 231 -93.95 -5.28 -31.47
CA ILE D 231 -94.34 -6.56 -32.05
C ILE D 231 -93.14 -7.31 -32.60
N VAL D 232 -92.33 -6.65 -33.42
CA VAL D 232 -91.12 -7.23 -33.99
C VAL D 232 -89.97 -6.28 -33.73
N ASN D 233 -88.84 -6.83 -33.27
CA ASN D 233 -87.59 -6.07 -33.16
C ASN D 233 -86.50 -6.96 -33.75
N PHE D 234 -85.78 -6.44 -34.74
CA PHE D 234 -84.83 -7.23 -35.52
C PHE D 234 -83.59 -6.39 -35.75
N LYS D 235 -82.49 -6.73 -35.09
CA LYS D 235 -81.28 -5.93 -35.16
C LYS D 235 -80.12 -6.79 -35.63
N VAL D 236 -79.40 -6.30 -36.63
CA VAL D 236 -78.31 -7.04 -37.26
C VAL D 236 -77.11 -6.11 -37.38
N GLU D 237 -75.96 -6.55 -36.89
CA GLU D 237 -74.75 -5.76 -37.01
C GLU D 237 -73.65 -6.66 -37.52
N THR D 238 -72.84 -6.16 -38.46
CA THR D 238 -71.67 -6.87 -38.95
C THR D 238 -70.47 -5.96 -38.81
N ASP D 239 -69.32 -6.55 -38.53
CA ASP D 239 -68.05 -5.84 -38.43
C ASP D 239 -66.97 -6.60 -39.16
N TYR D 240 -65.94 -5.89 -39.60
CA TYR D 240 -64.89 -6.50 -40.40
C TYR D 240 -63.65 -5.63 -40.33
N ILE D 241 -62.56 -6.18 -39.79
CA ILE D 241 -61.30 -5.45 -39.68
C ILE D 241 -60.23 -6.25 -40.39
N SER D 242 -59.39 -5.56 -41.15
CA SER D 242 -58.30 -6.20 -41.89
C SER D 242 -57.06 -5.33 -41.77
N GLN D 243 -56.06 -5.80 -41.05
CA GLN D 243 -54.78 -5.11 -40.95
C GLN D 243 -53.70 -5.99 -41.56
N THR D 244 -52.90 -5.41 -42.44
CA THR D 244 -51.73 -6.10 -42.98
C THR D 244 -50.53 -5.20 -42.85
N SER D 245 -49.38 -5.79 -42.57
CA SER D 245 -48.11 -5.09 -42.54
C SER D 245 -47.11 -5.89 -43.35
N LEU D 246 -46.14 -5.19 -43.91
CA LEU D 246 -45.12 -5.83 -44.72
C LEU D 246 -43.90 -4.94 -44.76
N THR D 247 -42.82 -5.38 -44.12
CA THR D 247 -41.57 -4.65 -44.13
C THR D 247 -40.49 -5.52 -44.75
N LYS D 248 -39.72 -4.91 -45.65
CA LYS D 248 -38.65 -5.61 -46.36
C LYS D 248 -37.39 -4.81 -46.19
N ASP D 249 -36.33 -5.44 -45.69
CA ASP D 249 -35.05 -4.78 -45.54
C ASP D 249 -34.02 -5.47 -46.42
N TYR D 250 -33.07 -4.68 -46.90
CA TYR D 250 -31.98 -5.19 -47.70
C TYR D 250 -30.73 -4.44 -47.26
N LEU D 251 -29.65 -5.16 -47.06
CA LEU D 251 -28.41 -4.55 -46.60
C LEU D 251 -27.26 -5.15 -47.37
N SER D 252 -26.31 -4.32 -47.79
CA SER D 252 -25.21 -4.79 -48.61
C SER D 252 -23.96 -4.01 -48.24
N ASN D 253 -22.96 -4.72 -47.72
CA ASN D 253 -21.65 -4.16 -47.46
C ASN D 253 -20.65 -4.78 -48.43
N ARG D 254 -19.74 -3.99 -48.95
CA ARG D 254 -18.67 -4.51 -49.80
C ARG D 254 -17.43 -3.71 -49.50
N THR D 255 -16.40 -4.36 -48.97
CA THR D 255 -15.14 -3.68 -48.67
C THR D 255 -14.03 -4.35 -49.44
N ASN D 256 -13.23 -3.56 -50.14
CA ASN D 256 -12.05 -4.05 -50.84
C ASN D 256 -10.85 -3.27 -50.36
N SER D 257 -9.83 -3.98 -49.93
CA SER D 257 -8.55 -3.36 -49.61
C SER D 257 -7.51 -3.96 -50.54
N ARG D 258 -6.53 -3.15 -50.93
CA ARG D 258 -5.44 -3.65 -51.73
C ARG D 258 -4.17 -2.91 -51.33
N VAL D 259 -3.16 -3.65 -50.90
CA VAL D 259 -1.90 -3.09 -50.46
C VAL D 259 -0.80 -3.67 -51.31
N GLN D 260 0.07 -2.81 -51.82
CA GLN D 260 1.18 -3.23 -52.65
C GLN D 260 2.41 -2.50 -52.17
N SER D 261 3.42 -3.25 -51.74
CA SER D 261 4.59 -2.68 -51.09
C SER D 261 5.83 -3.12 -51.85
N PHE D 262 6.78 -2.21 -52.00
CA PHE D 262 8.08 -2.52 -52.57
C PHE D 262 9.13 -2.13 -51.55
N GLY D 263 9.87 -3.10 -51.08
CA GLY D 263 10.84 -2.73 -50.06
C GLY D 263 10.20 -2.62 -48.69
N GLY D 264 11.05 -2.54 -47.69
CA GLY D 264 10.58 -2.41 -46.34
C GLY D 264 10.12 -3.73 -45.78
N VAL D 265 9.58 -3.65 -44.57
CA VAL D 265 9.08 -4.82 -43.85
C VAL D 265 7.92 -5.42 -44.63
N PRO D 266 7.71 -6.73 -44.62
CA PRO D 266 6.48 -7.28 -45.17
C PRO D 266 5.28 -6.64 -44.51
N PHE D 267 4.29 -6.31 -45.31
CA PHE D 267 3.16 -5.52 -44.84
C PHE D 267 2.11 -6.41 -44.18
N TYR D 268 1.54 -5.92 -43.09
CA TYR D 268 0.38 -6.53 -42.46
C TYR D 268 -0.62 -5.44 -42.14
N PRO D 269 -1.91 -5.75 -42.10
CA PRO D 269 -2.93 -4.70 -42.11
C PRO D 269 -2.85 -3.73 -40.95
N GLY D 270 -2.48 -4.17 -39.77
CA GLY D 270 -2.54 -3.29 -38.62
C GLY D 270 -1.36 -2.36 -38.50
N ILE D 271 -0.42 -2.45 -39.44
CA ILE D 271 0.83 -1.72 -39.34
C ILE D 271 0.55 -0.24 -39.53
N THR D 272 1.33 0.57 -38.83
CA THR D 272 1.25 2.01 -38.95
C THR D 272 2.32 2.49 -39.91
N LEU D 273 2.05 3.61 -40.57
CA LEU D 273 3.06 4.16 -41.45
C LEU D 273 4.34 4.50 -40.71
N GLU D 274 4.26 4.81 -39.42
CA GLU D 274 5.48 5.04 -38.67
C GLU D 274 6.33 3.78 -38.59
N THR D 275 5.70 2.66 -38.25
CA THR D 275 6.44 1.41 -38.16
C THR D 275 7.00 1.00 -39.50
N TRP D 276 6.23 1.20 -40.58
CA TRP D 276 6.75 0.85 -41.89
C TRP D 276 7.89 1.76 -42.31
N GLN D 277 7.75 3.07 -42.09
CA GLN D 277 8.80 4.00 -42.48
C GLN D 277 10.06 3.78 -41.67
N LYS D 278 9.95 3.40 -40.41
CA LYS D 278 11.13 3.14 -39.60
C LYS D 278 11.72 1.77 -39.86
N GLY D 279 11.11 0.98 -40.73
CA GLY D 279 11.59 -0.36 -40.95
C GLY D 279 12.24 -0.59 -42.30
N ILE D 280 12.42 0.47 -43.07
CA ILE D 280 13.03 0.33 -44.39
C ILE D 280 14.54 0.46 -44.26
N THR D 281 15.02 0.52 -43.02
CA THR D 281 16.42 0.88 -42.79
C THR D 281 17.37 -0.15 -43.35
N ASN D 282 16.90 -1.35 -43.65
CA ASN D 282 17.73 -2.37 -44.25
C ASN D 282 17.09 -3.03 -45.45
N HIS D 283 15.81 -2.83 -45.67
CA HIS D 283 15.10 -3.44 -46.79
C HIS D 283 14.85 -2.38 -47.84
N LEU D 284 15.85 -2.11 -48.67
CA LEU D 284 15.76 -1.10 -49.71
C LEU D 284 15.75 -1.80 -51.06
N VAL D 285 14.94 -1.30 -51.97
CA VAL D 285 14.73 -1.94 -53.27
C VAL D 285 15.02 -0.92 -54.35
N ALA D 286 15.63 -1.37 -55.45
CA ALA D 286 15.83 -0.51 -56.59
C ALA D 286 14.49 -0.04 -57.12
N ILE D 287 14.15 1.22 -56.92
CA ILE D 287 12.90 1.74 -57.42
C ILE D 287 13.05 2.39 -58.78
N ASP D 288 14.27 2.72 -59.18
CA ASP D 288 14.49 3.38 -60.46
C ASP D 288 15.90 3.06 -60.90
N ARG D 289 16.08 2.84 -62.20
CA ARG D 289 17.37 2.41 -62.69
C ARG D 289 17.61 2.97 -64.09
N ALA D 290 18.87 3.22 -64.39
CA ALA D 290 19.29 3.71 -65.69
C ALA D 290 20.48 2.88 -66.14
N GLY D 291 20.60 2.65 -67.45
CA GLY D 291 21.65 1.80 -67.95
C GLY D 291 22.11 2.23 -69.34
N LEU D 292 23.05 1.45 -69.86
CA LEU D 292 23.63 1.68 -71.17
C LEU D 292 23.60 0.38 -71.96
N PRO D 293 23.54 0.45 -73.28
CA PRO D 293 23.63 -0.77 -74.08
C PRO D 293 24.95 -1.46 -73.83
N LEU D 294 24.93 -2.79 -73.84
CA LEU D 294 26.12 -3.49 -73.37
C LEU D 294 27.23 -3.50 -74.41
N HIS D 295 26.91 -3.26 -75.69
CA HIS D 295 27.99 -3.09 -76.66
C HIS D 295 28.82 -1.86 -76.35
N PHE D 296 28.26 -0.94 -75.58
CA PHE D 296 28.95 0.28 -75.19
C PHE D 296 30.10 -0.02 -74.23
N PHE D 297 30.09 -1.19 -73.59
CA PHE D 297 31.17 -1.56 -72.68
C PHE D 297 32.19 -2.47 -73.31
N ILE D 298 31.99 -2.90 -74.55
CA ILE D 298 32.97 -3.70 -75.25
C ILE D 298 33.88 -2.76 -76.02
N LYS D 299 34.90 -2.25 -75.35
CA LYS D 299 35.79 -1.27 -75.94
C LYS D 299 37.23 -1.67 -75.65
N PRO D 300 38.17 -1.30 -76.53
CA PRO D 300 39.55 -1.76 -76.36
C PRO D 300 40.15 -1.38 -75.02
N ASP D 301 39.87 -0.17 -74.55
CA ASP D 301 40.38 0.29 -73.27
C ASP D 301 39.75 -0.46 -72.10
N LYS D 302 38.66 -1.17 -72.34
CA LYS D 302 37.98 -1.94 -71.30
C LYS D 302 38.45 -3.37 -71.22
N LEU D 303 39.04 -3.90 -72.30
CA LEU D 303 39.54 -5.28 -72.35
C LEU D 303 41.02 -5.24 -72.63
N PRO D 304 41.87 -5.22 -71.61
CA PRO D 304 43.32 -5.26 -71.86
C PRO D 304 43.79 -6.51 -72.58
N GLY D 305 43.11 -7.64 -72.39
CA GLY D 305 43.60 -8.89 -72.94
C GLY D 305 43.43 -9.01 -74.43
N LEU D 306 42.71 -8.09 -75.05
CA LEU D 306 42.53 -8.35 -76.49
C LEU D 306 42.92 -7.13 -77.32
N PRO D 307 43.35 -7.35 -78.55
CA PRO D 307 43.68 -6.23 -79.44
C PRO D 307 42.44 -5.49 -79.91
N GLY D 308 42.64 -4.24 -80.31
CA GLY D 308 41.58 -3.37 -80.74
C GLY D 308 40.79 -3.84 -81.95
N PRO D 309 41.47 -4.24 -83.03
CA PRO D 309 40.75 -4.76 -84.18
C PRO D 309 39.89 -5.97 -83.85
N LEU D 310 40.34 -6.82 -82.94
CA LEU D 310 39.52 -7.94 -82.50
C LEU D 310 38.29 -7.48 -81.73
N VAL D 311 38.46 -6.54 -80.81
CA VAL D 311 37.33 -6.16 -79.97
C VAL D 311 36.31 -5.37 -80.76
N LYS D 312 36.73 -4.71 -81.84
CA LYS D 312 35.74 -4.07 -82.70
C LYS D 312 34.81 -5.09 -83.32
N LYS D 313 35.37 -6.16 -83.87
CA LYS D 313 34.54 -7.24 -84.41
C LYS D 313 33.71 -7.90 -83.32
N LEU D 314 34.28 -8.06 -82.13
CA LEU D 314 33.55 -8.63 -81.02
C LEU D 314 32.33 -7.79 -80.66
N SER D 315 32.52 -6.48 -80.58
CA SER D 315 31.40 -5.59 -80.31
C SER D 315 30.38 -5.66 -81.42
N LYS D 316 30.84 -5.74 -82.67
CA LYS D 316 29.91 -5.83 -83.80
C LYS D 316 29.04 -7.07 -83.70
N THR D 317 29.65 -8.21 -83.39
CA THR D 317 28.87 -9.44 -83.33
C THR D 317 27.96 -9.48 -82.11
N VAL D 318 28.41 -8.93 -80.98
CA VAL D 318 27.52 -8.86 -79.83
C VAL D 318 26.32 -7.97 -80.15
N GLU D 319 26.56 -6.84 -80.81
CA GLU D 319 25.47 -5.95 -81.15
C GLU D 319 24.51 -6.59 -82.14
N THR D 320 25.05 -7.34 -83.10
CA THR D 320 24.14 -7.99 -84.06
C THR D 320 23.35 -9.10 -83.38
N ALA D 321 23.93 -9.80 -82.41
CA ALA D 321 23.16 -10.76 -81.64
C ALA D 321 22.05 -10.07 -80.87
N VAL D 322 22.35 -8.92 -80.27
CA VAL D 322 21.34 -8.16 -79.55
C VAL D 322 20.22 -7.76 -80.49
N ARG D 323 20.57 -7.29 -81.67
CA ARG D 323 19.57 -6.86 -82.64
C ARG D 323 18.68 -8.03 -83.05
N HIS D 324 19.28 -9.19 -83.29
CA HIS D 324 18.49 -10.36 -83.64
C HIS D 324 17.53 -10.75 -82.51
N TYR D 325 18.05 -10.79 -81.29
CA TYR D 325 17.25 -11.12 -80.13
C TYR D 325 16.07 -10.16 -79.97
N TYR D 326 16.30 -8.87 -80.19
CA TYR D 326 15.20 -7.91 -80.19
C TYR D 326 14.21 -8.21 -81.29
N THR D 327 14.69 -8.37 -82.54
CA THR D 327 13.82 -8.40 -83.69
C THR D 327 12.89 -9.60 -83.66
N PHE D 328 13.39 -10.78 -83.31
CA PHE D 328 12.54 -11.96 -83.37
C PHE D 328 11.41 -11.86 -82.35
N ASN D 329 11.69 -11.33 -81.16
CA ASN D 329 10.67 -11.19 -80.14
C ASN D 329 9.85 -9.93 -80.36
N PHE D 360 -2.55 -12.69 -89.68
CA PHE D 360 -3.89 -12.20 -89.40
C PHE D 360 -3.81 -10.91 -88.57
N THR D 361 -4.51 -9.87 -89.03
CA THR D 361 -4.53 -8.59 -88.34
C THR D 361 -5.88 -8.40 -87.66
N PHE D 362 -5.85 -8.07 -86.37
CA PHE D 362 -7.04 -7.92 -85.55
C PHE D 362 -7.35 -6.43 -85.41
N GLY D 363 -8.42 -5.99 -86.04
CA GLY D 363 -8.79 -4.58 -86.02
C GLY D 363 -9.58 -4.13 -84.81
N GLY D 364 -9.85 -5.02 -83.87
CA GLY D 364 -10.51 -4.66 -82.63
C GLY D 364 -11.83 -5.39 -82.46
N VAL D 365 -12.52 -5.02 -81.37
CA VAL D 365 -13.80 -5.60 -81.02
C VAL D 365 -14.76 -4.49 -80.60
N TYR D 366 -16.03 -4.84 -80.57
CA TYR D 366 -17.08 -3.95 -80.05
C TYR D 366 -18.27 -4.81 -79.68
N GLN D 367 -18.88 -4.53 -78.53
CA GLN D 367 -20.00 -5.32 -78.04
C GLN D 367 -21.24 -4.44 -78.00
N GLU D 368 -22.14 -4.64 -78.95
CA GLU D 368 -23.38 -3.88 -79.00
C GLU D 368 -24.37 -4.40 -77.97
N CYS D 369 -25.07 -3.47 -77.34
CA CYS D 369 -26.05 -3.81 -76.30
C CYS D 369 -27.40 -3.24 -76.72
N THR D 370 -28.43 -4.08 -76.64
CA THR D 370 -29.80 -3.67 -76.93
C THR D 370 -30.66 -3.90 -75.70
N GLU D 371 -31.38 -2.88 -75.28
CA GLU D 371 -32.23 -2.95 -74.11
C GLU D 371 -33.56 -3.58 -74.48
N LEU D 372 -33.99 -4.60 -73.73
CA LEU D 372 -35.31 -5.17 -73.91
C LEU D 372 -36.30 -4.75 -72.83
N SER D 373 -35.81 -4.29 -71.68
CA SER D 373 -36.68 -3.81 -70.62
C SER D 373 -35.87 -2.88 -69.73
N GLY D 374 -36.22 -1.61 -69.71
CA GLY D 374 -35.45 -0.63 -68.98
C GLY D 374 -34.23 -0.18 -69.74
N ASP D 375 -33.41 0.63 -69.08
CA ASP D 375 -32.17 1.14 -69.65
C ASP D 375 -31.05 1.06 -68.63
N VAL D 376 -30.99 -0.03 -67.88
CA VAL D 376 -30.03 -0.18 -66.81
C VAL D 376 -28.88 -1.11 -67.17
N LEU D 377 -29.14 -2.19 -67.91
CA LEU D 377 -28.09 -3.17 -68.16
C LEU D 377 -27.07 -2.68 -69.18
N CYS D 378 -27.51 -1.95 -70.20
CA CYS D 378 -26.63 -1.56 -71.29
C CYS D 378 -25.68 -0.44 -70.93
N GLN D 379 -25.78 0.12 -69.73
CA GLN D 379 -24.84 1.16 -69.33
C GLN D 379 -23.42 0.64 -69.21
N ASN D 380 -23.25 -0.67 -69.03
CA ASN D 380 -21.92 -1.26 -68.93
C ASN D 380 -21.70 -2.45 -69.86
N LEU D 381 -22.71 -2.89 -70.59
CA LEU D 381 -22.57 -3.99 -71.52
C LEU D 381 -22.25 -3.52 -72.94
N GLU D 382 -22.01 -2.24 -73.12
CA GLU D 382 -21.69 -1.69 -74.44
C GLU D 382 -20.23 -1.28 -74.48
N GLN D 383 -19.58 -1.60 -75.60
CA GLN D 383 -18.15 -1.33 -75.77
C GLN D 383 -17.93 -0.83 -77.20
N LYS D 384 -17.59 0.44 -77.34
CA LYS D 384 -17.31 0.99 -78.65
C LYS D 384 -15.94 0.49 -79.14
N ASN D 385 -15.77 0.51 -80.46
CA ASN D 385 -14.47 0.16 -81.03
C ASN D 385 -13.43 1.20 -80.66
N LEU D 386 -12.23 0.73 -80.34
CA LEU D 386 -11.17 1.62 -79.91
C LEU D 386 -10.77 2.60 -80.99
N LEU D 387 -10.67 2.15 -82.24
CA LEU D 387 -10.15 2.99 -83.31
C LEU D 387 -11.19 3.93 -83.89
N THR D 388 -12.44 3.48 -84.00
CA THR D 388 -13.50 4.31 -84.56
C THR D 388 -14.32 5.05 -83.52
N GLY D 389 -14.26 4.64 -82.26
CA GLY D 389 -15.09 5.25 -81.26
C GLY D 389 -16.56 4.96 -81.43
N ASP D 390 -16.89 3.82 -82.04
CA ASP D 390 -18.28 3.46 -82.31
C ASP D 390 -18.39 1.94 -82.40
N PHE D 391 -19.62 1.46 -82.46
CA PHE D 391 -19.89 0.02 -82.56
C PHE D 391 -19.78 -0.43 -84.01
N SER D 392 -18.56 -0.34 -84.53
CA SER D 392 -18.28 -0.70 -85.91
C SER D 392 -16.82 -1.12 -86.01
N CYS D 393 -16.39 -1.41 -87.24
CA CYS D 393 -15.01 -1.76 -87.49
C CYS D 393 -14.33 -0.68 -88.33
N PRO D 394 -13.01 -0.53 -88.21
CA PRO D 394 -12.30 0.43 -89.04
C PRO D 394 -12.35 0.03 -90.50
N PRO D 395 -12.09 0.95 -91.42
CA PRO D 395 -12.05 0.59 -92.84
C PRO D 395 -11.02 -0.50 -93.10
N GLY D 396 -11.36 -1.43 -93.98
CA GLY D 396 -10.51 -2.56 -94.29
C GLY D 396 -10.73 -3.78 -93.42
N TYR D 397 -11.64 -3.72 -92.45
CA TYR D 397 -11.90 -4.83 -91.56
C TYR D 397 -13.34 -5.28 -91.68
N SER D 398 -13.55 -6.58 -91.53
CA SER D 398 -14.87 -7.18 -91.66
C SER D 398 -15.45 -7.43 -90.27
N PRO D 399 -16.58 -6.80 -89.92
CA PRO D 399 -17.22 -7.11 -88.65
C PRO D 399 -17.69 -8.56 -88.63
N VAL D 400 -17.16 -9.33 -87.69
CA VAL D 400 -17.53 -10.73 -87.53
C VAL D 400 -18.24 -10.89 -86.20
N HIS D 401 -19.46 -11.40 -86.24
CA HIS D 401 -20.24 -11.62 -85.03
C HIS D 401 -19.60 -12.71 -84.20
N LEU D 402 -19.26 -12.40 -82.96
CA LEU D 402 -18.68 -13.40 -82.07
C LEU D 402 -19.77 -14.14 -81.30
N LEU D 403 -20.60 -13.40 -80.56
CA LEU D 403 -21.67 -14.05 -79.80
C LEU D 403 -22.71 -13.03 -79.36
N SER D 404 -23.97 -13.37 -79.51
CA SER D 404 -25.08 -12.55 -79.00
C SER D 404 -25.85 -13.38 -77.98
N GLN D 405 -26.03 -12.82 -76.79
CA GLN D 405 -26.76 -13.50 -75.73
C GLN D 405 -27.55 -12.49 -74.92
N THR D 406 -28.58 -12.98 -74.24
CA THR D 406 -29.47 -12.14 -73.45
C THR D 406 -29.26 -12.39 -71.97
N HIS D 407 -29.29 -11.30 -71.20
CA HIS D 407 -29.05 -11.33 -69.77
C HIS D 407 -30.20 -10.64 -69.04
N GLU D 408 -30.65 -11.24 -67.95
CA GLU D 408 -31.74 -10.70 -67.14
C GLU D 408 -31.25 -10.48 -65.72
N GLU D 409 -31.55 -9.31 -65.17
CA GLU D 409 -31.13 -8.95 -63.82
C GLU D 409 -32.26 -8.23 -63.12
N GLY D 410 -32.55 -8.61 -61.88
CA GLY D 410 -33.59 -7.97 -61.10
C GLY D 410 -33.04 -6.82 -60.30
N TYR D 411 -33.66 -5.64 -60.46
CA TYR D 411 -33.24 -4.45 -59.76
C TYR D 411 -34.47 -3.69 -59.30
N SER D 412 -34.34 -3.02 -58.16
CA SER D 412 -35.39 -2.17 -57.63
C SER D 412 -35.04 -0.72 -57.90
N ARG D 413 -35.86 -0.06 -58.69
CA ARG D 413 -35.68 1.35 -59.03
C ARG D 413 -36.64 2.18 -58.20
N LEU D 414 -36.12 3.18 -57.51
CA LEU D 414 -36.92 4.06 -56.66
C LEU D 414 -37.13 5.38 -57.38
N GLU D 415 -38.38 5.81 -57.49
CA GLU D 415 -38.68 7.09 -58.13
C GLU D 415 -39.77 7.81 -57.34
N CYS D 416 -39.68 9.13 -57.33
CA CYS D 416 -40.65 9.98 -56.66
C CYS D 416 -41.37 10.85 -57.68
N LYS D 417 -42.67 11.02 -57.49
CA LYS D 417 -43.50 11.77 -58.42
C LYS D 417 -44.34 12.77 -57.65
N LYS D 418 -44.74 13.84 -58.33
CA LYS D 418 -45.57 14.91 -57.75
C LYS D 418 -46.98 14.74 -58.28
N LYS D 419 -47.81 14.00 -57.57
CA LYS D 419 -49.18 13.75 -58.00
C LYS D 419 -50.09 14.83 -57.46
N CYS D 420 -50.81 15.51 -58.36
CA CYS D 420 -51.75 16.57 -58.01
C CYS D 420 -53.12 16.18 -58.52
N THR D 421 -54.02 15.85 -57.61
CA THR D 421 -55.42 15.64 -57.95
C THR D 421 -56.19 16.93 -57.69
N LEU D 422 -57.01 17.31 -58.67
CA LEU D 422 -57.87 18.49 -58.60
C LEU D 422 -57.08 19.78 -58.53
N LYS D 423 -55.79 19.75 -58.88
CA LYS D 423 -54.88 20.88 -58.85
C LYS D 423 -54.76 21.50 -57.47
N ILE D 424 -55.34 20.88 -56.45
CA ILE D 424 -55.22 21.36 -55.08
C ILE D 424 -54.68 20.30 -54.13
N PHE D 425 -54.91 19.02 -54.38
CA PHE D 425 -54.37 17.94 -53.55
C PHE D 425 -53.07 17.48 -54.20
N CYS D 426 -51.98 18.14 -53.85
CA CYS D 426 -50.66 17.83 -54.37
C CYS D 426 -49.85 17.13 -53.29
N LYS D 427 -49.24 16.00 -53.66
CA LYS D 427 -48.41 15.25 -52.73
C LYS D 427 -47.32 14.55 -53.52
N THR D 428 -46.17 14.37 -52.87
CA THR D 428 -45.07 13.59 -53.43
C THR D 428 -45.26 12.14 -53.01
N VAL D 429 -45.21 11.23 -53.98
CA VAL D 429 -45.29 9.81 -53.71
C VAL D 429 -44.02 9.15 -54.25
N CYS D 430 -43.30 8.47 -53.37
CA CYS D 430 -42.09 7.74 -53.76
C CYS D 430 -42.42 6.26 -53.75
N GLU D 431 -42.14 5.58 -54.86
CA GLU D 431 -42.37 4.16 -54.97
C GLU D 431 -41.17 3.48 -55.59
N ASP D 432 -40.92 2.25 -55.17
CA ASP D 432 -39.85 1.43 -55.72
C ASP D 432 -40.47 0.28 -56.50
N VAL D 433 -39.93 0.00 -57.68
CA VAL D 433 -40.44 -1.04 -58.55
C VAL D 433 -39.33 -2.07 -58.74
N PHE D 434 -39.66 -3.33 -58.50
CA PHE D 434 -38.72 -4.43 -58.69
C PHE D 434 -38.91 -4.96 -60.09
N ARG D 435 -38.06 -4.51 -61.02
CA ARG D 435 -38.15 -4.88 -62.43
C ARG D 435 -36.99 -5.79 -62.79
N VAL D 436 -37.27 -6.77 -63.63
CA VAL D 436 -36.24 -7.65 -64.17
C VAL D 436 -35.87 -7.09 -65.54
N ALA D 437 -34.78 -6.33 -65.59
CA ALA D 437 -34.30 -5.78 -66.85
C ALA D 437 -33.61 -6.85 -67.67
N LYS D 438 -33.95 -6.90 -68.96
CA LYS D 438 -33.37 -7.86 -69.88
C LYS D 438 -32.69 -7.10 -71.01
N ALA D 439 -31.46 -7.49 -71.33
CA ALA D 439 -30.68 -6.85 -72.38
C ALA D 439 -30.01 -7.90 -73.23
N GLU D 440 -30.06 -7.73 -74.54
CA GLU D 440 -29.37 -8.62 -75.49
C GLU D 440 -28.07 -7.94 -75.91
N PHE D 441 -26.95 -8.49 -75.44
CA PHE D 441 -25.64 -7.98 -75.81
C PHE D 441 -25.11 -8.80 -76.98
N ARG D 442 -24.58 -8.09 -77.99
CA ARG D 442 -24.03 -8.71 -79.18
C ARG D 442 -22.57 -8.27 -79.30
N ALA D 443 -21.65 -9.22 -79.12
CA ALA D 443 -20.23 -8.96 -79.23
C ALA D 443 -19.72 -9.42 -80.59
N TYR D 444 -18.96 -8.54 -81.24
CA TYR D 444 -18.39 -8.76 -82.56
C TYR D 444 -16.88 -8.66 -82.46
N TRP D 445 -16.19 -9.02 -83.55
CA TRP D 445 -14.75 -8.84 -83.63
C TRP D 445 -14.36 -8.53 -85.06
N CYS D 446 -13.46 -7.57 -85.22
CA CYS D 446 -13.06 -7.06 -86.53
C CYS D 446 -11.85 -7.84 -87.02
N VAL D 447 -12.06 -8.68 -88.03
CA VAL D 447 -10.98 -9.39 -88.69
C VAL D 447 -10.60 -8.63 -89.94
N ALA D 448 -9.36 -8.80 -90.37
CA ALA D 448 -8.88 -8.17 -91.59
C ALA D 448 -9.53 -8.84 -92.80
N ALA D 449 -10.04 -8.02 -93.72
CA ALA D 449 -10.67 -8.57 -94.92
C ALA D 449 -9.64 -9.09 -95.93
N GLY D 450 -8.55 -8.35 -96.13
CA GLY D 450 -7.54 -8.75 -97.09
C GLY D 450 -6.16 -8.22 -96.77
N GLN D 451 -5.44 -7.74 -97.78
CA GLN D 451 -4.10 -7.21 -97.60
C GLN D 451 -4.21 -5.81 -96.99
N VAL D 452 -4.45 -5.79 -95.69
CA VAL D 452 -4.56 -4.53 -94.94
C VAL D 452 -3.18 -3.91 -94.84
N PRO D 453 -3.07 -2.59 -94.73
CA PRO D 453 -1.76 -1.97 -94.49
C PRO D 453 -1.18 -2.43 -93.15
N ASP D 454 0.12 -2.65 -93.13
CA ASP D 454 0.82 -3.12 -91.95
C ASP D 454 1.81 -2.05 -91.48
N ASN D 455 1.93 -1.89 -90.16
CA ASN D 455 1.23 -2.68 -89.15
C ASN D 455 0.13 -1.88 -88.47
N SER D 456 -0.56 -1.03 -89.25
CA SER D 456 -1.64 -0.23 -88.71
C SER D 456 -2.78 -1.16 -88.27
N GLY D 457 -3.01 -1.23 -86.96
CA GLY D 457 -4.02 -2.11 -86.43
C GLY D 457 -3.87 -2.27 -84.92
N LEU D 458 -4.39 -3.38 -84.42
CA LEU D 458 -4.42 -3.65 -82.98
C LEU D 458 -3.88 -5.03 -82.70
N LEU D 459 -3.35 -5.21 -81.50
CA LEU D 459 -2.64 -6.42 -81.12
C LEU D 459 -3.38 -7.12 -79.97
N PHE D 460 -3.15 -8.42 -79.85
CA PHE D 460 -3.87 -9.27 -78.90
C PHE D 460 -2.97 -9.52 -77.70
N GLY D 461 -3.27 -8.87 -76.59
CA GLY D 461 -2.51 -8.99 -75.37
C GLY D 461 -3.03 -9.99 -74.37
N GLY D 462 -3.91 -10.90 -74.77
CA GLY D 462 -4.42 -11.91 -73.87
C GLY D 462 -5.74 -11.49 -73.25
N VAL D 463 -6.43 -12.47 -72.68
CA VAL D 463 -7.73 -12.27 -72.07
C VAL D 463 -7.73 -12.89 -70.68
N PHE D 464 -8.65 -12.42 -69.85
CA PHE D 464 -8.75 -12.92 -68.48
C PHE D 464 -10.11 -12.55 -67.91
N THR D 465 -10.61 -13.41 -67.04
CA THR D 465 -11.87 -13.19 -66.34
C THR D 465 -11.60 -13.05 -64.85
N ASP D 466 -12.68 -12.95 -64.08
CA ASP D 466 -12.59 -12.87 -62.63
C ASP D 466 -12.30 -14.23 -61.99
N LYS D 467 -12.55 -15.33 -62.69
CA LYS D 467 -12.32 -16.66 -62.15
C LYS D 467 -11.25 -17.45 -62.89
N THR D 468 -10.77 -16.96 -64.02
CA THR D 468 -9.71 -17.60 -64.77
C THR D 468 -8.44 -16.76 -64.72
N ILE D 469 -7.38 -17.30 -65.29
CA ILE D 469 -6.06 -16.68 -65.25
C ILE D 469 -5.59 -16.43 -66.67
N ASN D 470 -4.80 -15.36 -66.85
CA ASN D 470 -4.25 -15.06 -68.16
C ASN D 470 -2.84 -15.61 -68.25
N PRO D 471 -2.63 -16.76 -68.91
CA PRO D 471 -1.30 -17.38 -68.91
C PRO D 471 -0.21 -16.51 -69.55
N MET D 472 -0.57 -15.61 -70.46
CA MET D 472 0.46 -14.80 -71.11
C MET D 472 1.11 -13.86 -70.10
N THR D 473 0.38 -13.48 -69.05
CA THR D 473 0.96 -12.73 -67.94
C THR D 473 0.91 -13.47 -66.61
N ASN D 474 0.24 -14.62 -66.55
CA ASN D 474 0.04 -15.35 -65.30
C ASN D 474 -0.60 -14.46 -64.24
N ALA D 475 -1.50 -13.59 -64.69
CA ALA D 475 -2.16 -12.63 -63.81
C ALA D 475 -3.51 -12.28 -64.40
N GLN D 476 -4.40 -11.78 -63.54
CA GLN D 476 -5.71 -11.32 -63.99
C GLN D 476 -5.71 -9.82 -64.28
N SER D 477 -4.85 -9.40 -65.20
CA SER D 477 -4.74 -8.00 -65.57
C SER D 477 -4.15 -7.92 -66.98
N CYS D 478 -3.90 -6.70 -67.43
CA CYS D 478 -3.32 -6.46 -68.75
C CYS D 478 -1.88 -5.98 -68.62
N PRO D 479 -1.05 -6.25 -69.63
CA PRO D 479 0.35 -5.78 -69.57
C PRO D 479 0.45 -4.27 -69.66
N ALA D 480 1.67 -3.76 -69.51
CA ALA D 480 1.89 -2.32 -69.62
C ALA D 480 1.59 -1.84 -71.03
N GLY D 481 1.05 -0.63 -71.14
CA GLY D 481 0.71 -0.07 -72.43
C GLY D 481 -0.53 -0.65 -73.06
N TYR D 482 -1.30 -1.44 -72.33
CA TYR D 482 -2.48 -2.10 -72.85
C TYR D 482 -3.75 -1.49 -72.30
N ILE D 483 -4.84 -1.68 -73.03
CA ILE D 483 -6.16 -1.21 -72.66
C ILE D 483 -7.06 -2.42 -72.55
N PRO D 484 -7.67 -2.69 -71.40
CA PRO D 484 -8.63 -3.80 -71.29
C PRO D 484 -10.00 -3.35 -71.80
N LEU D 485 -10.52 -4.05 -72.79
CA LEU D 485 -11.84 -3.79 -73.34
C LEU D 485 -12.78 -4.90 -72.92
N ASN D 486 -13.92 -4.52 -72.36
CA ASN D 486 -14.91 -5.50 -71.92
C ASN D 486 -15.59 -6.09 -73.15
N LEU D 487 -15.56 -7.40 -73.26
CA LEU D 487 -16.12 -8.07 -74.42
C LEU D 487 -17.22 -9.06 -74.04
N PHE D 488 -17.13 -9.66 -72.85
CA PHE D 488 -18.26 -10.39 -72.28
C PHE D 488 -18.71 -9.72 -70.99
N GLU D 489 -19.62 -10.37 -70.27
CA GLU D 489 -20.05 -9.85 -68.98
C GLU D 489 -18.89 -9.77 -68.00
N SER D 490 -17.91 -10.67 -68.11
CA SER D 490 -16.78 -10.68 -67.20
C SER D 490 -15.44 -10.83 -67.91
N LEU D 491 -15.40 -10.92 -69.24
CA LEU D 491 -14.17 -11.14 -69.97
C LEU D 491 -13.66 -9.82 -70.54
N LYS D 492 -12.34 -9.63 -70.44
CA LYS D 492 -11.69 -8.42 -70.93
C LYS D 492 -10.54 -8.82 -71.85
N VAL D 493 -10.34 -8.02 -72.89
CA VAL D 493 -9.30 -8.26 -73.88
C VAL D 493 -8.29 -7.13 -73.81
N CYS D 494 -7.01 -7.48 -73.69
CA CYS D 494 -5.95 -6.48 -73.62
C CYS D 494 -5.53 -6.11 -75.03
N VAL D 495 -5.77 -4.85 -75.40
CA VAL D 495 -5.43 -4.34 -76.73
C VAL D 495 -4.57 -3.10 -76.54
N SER D 496 -3.39 -3.10 -77.13
CA SER D 496 -2.47 -1.98 -77.03
C SER D 496 -2.37 -1.27 -78.37
N LEU D 497 -2.22 0.05 -78.32
CA LEU D 497 -2.10 0.85 -79.55
C LEU D 497 -0.66 0.98 -80.01
N ASP D 498 0.29 1.12 -79.10
CA ASP D 498 1.68 1.27 -79.50
C ASP D 498 2.22 -0.04 -80.06
N TYR D 499 2.84 0.05 -81.23
CA TYR D 499 3.33 -1.12 -81.95
C TYR D 499 4.44 -1.84 -81.19
N GLU D 500 5.39 -1.09 -80.64
CA GLU D 500 6.53 -1.71 -79.98
C GLU D 500 6.09 -2.50 -78.75
N LEU D 501 5.29 -1.87 -77.88
CA LEU D 501 4.88 -2.51 -76.64
C LEU D 501 4.03 -3.74 -76.93
N GLY D 502 3.09 -3.64 -77.86
CA GLY D 502 2.30 -4.79 -78.21
C GLY D 502 3.14 -5.91 -78.79
N PHE D 503 4.02 -5.58 -79.74
CA PHE D 503 4.83 -6.63 -80.37
C PHE D 503 5.72 -7.31 -79.34
N LYS D 504 6.19 -6.57 -78.34
CA LYS D 504 7.01 -7.17 -77.30
C LYS D 504 6.20 -7.82 -76.20
N PHE D 505 4.88 -7.63 -76.18
CA PHE D 505 4.03 -8.18 -75.12
C PHE D 505 2.75 -8.77 -75.71
N SER D 506 2.87 -9.50 -76.81
CA SER D 506 1.70 -10.14 -77.40
C SER D 506 2.13 -11.38 -78.17
N VAL D 507 1.14 -12.08 -78.71
CA VAL D 507 1.34 -13.28 -79.52
C VAL D 507 0.45 -13.14 -80.75
N PRO D 508 0.87 -13.57 -81.93
CA PRO D 508 0.02 -13.45 -83.11
C PRO D 508 -1.32 -14.14 -82.93
N PHE D 509 -2.36 -13.50 -83.47
CA PHE D 509 -3.73 -13.95 -83.33
C PHE D 509 -4.27 -14.43 -84.67
N GLY D 510 -5.20 -15.38 -84.60
CA GLY D 510 -5.76 -15.94 -85.82
C GLY D 510 -7.24 -15.68 -86.00
N GLY D 511 -7.98 -15.63 -84.91
CA GLY D 511 -9.40 -15.40 -84.97
C GLY D 511 -10.13 -16.09 -83.83
N PHE D 512 -11.31 -15.58 -83.53
CA PHE D 512 -12.17 -16.12 -82.49
C PHE D 512 -13.18 -17.10 -83.09
N PHE D 513 -13.81 -17.87 -82.21
CA PHE D 513 -14.88 -18.75 -82.62
C PHE D 513 -15.76 -19.08 -81.43
N SER D 514 -17.04 -19.29 -81.70
CA SER D 514 -18.02 -19.56 -80.66
C SER D 514 -18.57 -20.98 -80.79
N CYS D 515 -19.48 -21.36 -79.90
CA CYS D 515 -20.07 -22.69 -79.98
C CYS D 515 -21.11 -22.78 -81.09
N ILE D 516 -21.58 -21.64 -81.59
CA ILE D 516 -22.63 -21.60 -82.60
C ILE D 516 -22.10 -21.15 -83.95
N MET D 517 -21.02 -20.36 -83.97
CA MET D 517 -20.39 -19.99 -85.23
C MET D 517 -18.89 -19.91 -85.01
N GLY D 518 -18.15 -20.61 -85.86
CA GLY D 518 -16.71 -20.73 -85.69
C GLY D 518 -15.94 -19.68 -86.46
N ASN D 519 -14.64 -19.90 -86.55
CA ASN D 519 -13.77 -19.02 -87.32
C ASN D 519 -13.91 -19.34 -88.81
N PRO D 520 -14.29 -18.37 -89.65
CA PRO D 520 -14.34 -18.63 -91.09
C PRO D 520 -12.98 -18.79 -91.74
N LEU D 521 -11.90 -18.53 -91.03
CA LEU D 521 -10.55 -18.55 -91.60
C LEU D 521 -9.97 -19.96 -91.67
N VAL D 522 -10.80 -21.00 -91.50
CA VAL D 522 -10.31 -22.36 -91.62
C VAL D 522 -9.99 -22.66 -93.08
N ASN D 523 -9.17 -23.70 -93.29
CA ASN D 523 -8.73 -24.05 -94.63
C ASN D 523 -8.74 -25.56 -94.84
N ALA D 532 -17.23 -19.08 -97.74
CA ALA D 532 -16.16 -19.90 -97.19
C ALA D 532 -16.63 -20.66 -95.97
N PRO D 533 -16.24 -21.93 -95.86
CA PRO D 533 -16.61 -22.72 -94.68
C PRO D 533 -16.05 -22.10 -93.40
N SER D 534 -16.84 -22.20 -92.34
CA SER D 534 -16.49 -21.65 -91.02
C SER D 534 -16.50 -22.80 -90.03
N LEU D 535 -15.31 -23.32 -89.72
CA LEU D 535 -15.16 -24.44 -88.81
C LEU D 535 -14.61 -23.96 -87.48
N LYS D 536 -14.82 -24.78 -86.45
CA LYS D 536 -14.37 -24.50 -85.10
C LYS D 536 -12.97 -25.09 -84.93
N LYS D 537 -12.01 -24.49 -85.63
CA LYS D 537 -10.63 -24.93 -85.59
C LYS D 537 -9.73 -23.74 -85.86
N CYS D 538 -8.64 -23.65 -85.12
CA CYS D 538 -7.70 -22.56 -85.33
C CYS D 538 -6.92 -22.79 -86.63
N PRO D 539 -6.91 -21.83 -87.54
CA PRO D 539 -6.18 -22.00 -88.80
C PRO D 539 -4.67 -22.01 -88.57
N GLY D 540 -3.97 -22.68 -89.49
CA GLY D 540 -2.53 -22.76 -89.39
C GLY D 540 -2.11 -23.53 -88.15
N GLY D 541 -0.94 -23.18 -87.62
CA GLY D 541 -0.41 -23.85 -86.45
C GLY D 541 -0.83 -23.18 -85.15
N PHE D 542 -1.77 -22.25 -85.25
CA PHE D 542 -2.26 -21.55 -84.07
C PHE D 542 -2.98 -22.54 -83.15
N SER D 543 -2.66 -22.47 -81.86
CA SER D 543 -3.23 -23.43 -80.92
C SER D 543 -4.52 -22.87 -80.34
N GLN D 544 -5.36 -23.78 -79.86
CA GLN D 544 -6.68 -23.45 -79.32
C GLN D 544 -6.65 -23.55 -77.80
N HIS D 545 -6.96 -22.45 -77.14
CA HIS D 545 -7.05 -22.42 -75.68
C HIS D 545 -8.35 -21.74 -75.28
N LEU D 546 -9.02 -22.33 -74.29
CA LEU D 546 -10.32 -21.81 -73.86
C LEU D 546 -10.18 -20.40 -73.31
N ALA D 547 -11.17 -19.56 -73.62
CA ALA D 547 -11.23 -18.19 -73.14
C ALA D 547 -12.33 -17.98 -72.11
N VAL D 548 -13.54 -18.50 -72.36
CA VAL D 548 -14.66 -18.27 -71.46
C VAL D 548 -15.75 -19.31 -71.75
N ILE D 549 -16.64 -19.49 -70.79
CA ILE D 549 -17.81 -20.35 -70.94
C ILE D 549 -19.02 -19.46 -70.64
N SER D 550 -19.73 -19.05 -71.68
CA SER D 550 -20.87 -18.14 -71.56
C SER D 550 -22.16 -18.93 -71.77
N ASP D 551 -22.82 -19.27 -70.67
CA ASP D 551 -24.11 -19.98 -70.70
C ASP D 551 -24.00 -21.30 -71.45
N GLY D 552 -22.89 -22.01 -71.20
CA GLY D 552 -22.61 -23.26 -71.86
C GLY D 552 -21.98 -23.12 -73.22
N CYS D 553 -21.79 -21.90 -73.72
CA CYS D 553 -21.16 -21.67 -75.01
C CYS D 553 -19.66 -21.47 -74.80
N GLN D 554 -18.85 -22.33 -75.40
CA GLN D 554 -17.41 -22.29 -75.23
C GLN D 554 -16.82 -21.30 -76.22
N VAL D 555 -16.15 -20.26 -75.70
CA VAL D 555 -15.49 -19.26 -76.54
C VAL D 555 -14.00 -19.36 -76.29
N SER D 556 -13.22 -19.40 -77.37
CA SER D 556 -11.78 -19.56 -77.29
C SER D 556 -11.11 -18.61 -78.27
N TYR D 557 -9.79 -18.57 -78.21
CA TYR D 557 -8.96 -17.75 -79.07
C TYR D 557 -7.92 -18.62 -79.75
N CYS D 558 -7.26 -18.07 -80.76
CA CYS D 558 -6.30 -18.81 -81.56
C CYS D 558 -4.98 -18.04 -81.61
N VAL D 559 -3.96 -18.57 -80.95
CA VAL D 559 -2.61 -18.02 -81.01
C VAL D 559 -1.62 -19.16 -81.20
N LYS D 560 -0.41 -18.79 -81.61
CA LYS D 560 0.61 -19.79 -81.90
C LYS D 560 1.00 -20.57 -80.66
N ALA D 561 1.25 -21.87 -80.84
CA ALA D 561 1.66 -22.71 -79.73
C ALA D 561 3.13 -22.55 -79.38
N GLY D 562 3.92 -21.87 -80.22
CA GLY D 562 5.34 -21.73 -79.98
C GLY D 562 5.69 -20.87 -78.79
N ILE D 563 4.76 -20.03 -78.35
CA ILE D 563 4.99 -19.18 -77.17
C ILE D 563 4.31 -19.82 -75.97
N PHE D 564 3.17 -20.47 -76.20
CA PHE D 564 2.45 -21.13 -75.13
C PHE D 564 3.25 -22.31 -74.60
N THR D 565 3.25 -22.47 -73.28
CA THR D 565 4.04 -23.50 -72.61
C THR D 565 3.22 -24.09 -71.47
N GLY D 566 3.86 -24.94 -70.66
CA GLY D 566 3.16 -25.62 -69.58
C GLY D 566 2.67 -24.68 -68.49
N GLY D 567 3.51 -23.75 -68.06
CA GLY D 567 3.13 -22.75 -67.09
C GLY D 567 3.47 -23.09 -65.65
N SER D 568 3.78 -24.36 -65.33
CA SER D 568 4.22 -24.70 -63.99
C SER D 568 5.55 -24.04 -63.68
N LEU D 569 6.48 -24.11 -64.62
CA LEU D 569 7.67 -23.27 -64.63
C LEU D 569 7.68 -22.51 -65.94
N LEU D 570 8.29 -21.35 -65.95
CA LEU D 570 8.35 -20.60 -67.19
C LEU D 570 9.69 -20.83 -67.86
N PRO D 571 9.74 -21.63 -68.92
CA PRO D 571 11.02 -21.83 -69.60
C PRO D 571 11.41 -20.59 -70.38
N VAL D 572 12.66 -20.16 -70.24
CA VAL D 572 13.08 -18.90 -70.86
C VAL D 572 13.29 -19.10 -72.36
N ARG D 573 12.28 -18.74 -73.14
CA ARG D 573 12.30 -18.90 -74.60
C ARG D 573 12.95 -17.67 -75.20
N LEU D 574 14.20 -17.46 -74.83
CA LEU D 574 15.06 -16.37 -75.25
C LEU D 574 16.32 -17.06 -75.79
N PRO D 575 17.43 -16.39 -76.13
CA PRO D 575 18.43 -17.06 -76.96
C PRO D 575 19.09 -18.21 -76.21
N PRO D 576 19.58 -19.23 -76.92
CA PRO D 576 19.83 -19.31 -78.35
C PRO D 576 18.59 -19.38 -79.22
N TYR D 577 18.77 -18.97 -80.47
CA TYR D 577 17.70 -18.92 -81.45
C TYR D 577 17.91 -19.95 -82.54
N THR D 578 18.92 -20.79 -82.38
CA THR D 578 19.30 -21.82 -83.33
C THR D 578 20.20 -22.80 -82.59
N LYS D 579 19.96 -24.09 -82.81
CA LYS D 579 20.74 -25.13 -82.17
C LYS D 579 22.21 -24.94 -82.53
N PRO D 580 23.12 -25.23 -81.60
CA PRO D 580 24.54 -24.88 -81.78
C PRO D 580 25.07 -25.41 -83.09
N PRO D 581 25.39 -24.52 -84.03
CA PRO D 581 25.88 -24.98 -85.33
C PRO D 581 27.24 -25.62 -85.21
N LEU D 582 27.46 -26.66 -86.02
CA LEU D 582 28.69 -27.43 -85.94
C LEU D 582 29.86 -26.66 -86.53
N MET D 583 31.07 -27.09 -86.16
CA MET D 583 32.28 -26.41 -86.60
C MET D 583 32.52 -26.59 -88.08
N THR E 13 30.67 -30.30 -49.49
CA THR E 13 29.90 -29.12 -49.86
C THR E 13 28.87 -28.82 -48.80
N GLY E 14 29.34 -28.59 -47.58
CA GLY E 14 28.47 -28.33 -46.45
C GLY E 14 28.54 -26.88 -46.04
N PHE E 15 27.41 -26.36 -45.57
CA PHE E 15 27.32 -24.99 -45.12
C PHE E 15 27.51 -24.86 -43.62
N GLN E 16 27.85 -25.94 -42.93
CA GLN E 16 27.93 -25.87 -41.48
C GLN E 16 29.07 -24.97 -41.02
N ILE E 17 30.15 -24.91 -41.79
CA ILE E 17 31.26 -24.04 -41.41
C ILE E 17 30.81 -22.59 -41.37
N CYS E 18 30.11 -22.15 -42.40
CA CYS E 18 29.62 -20.78 -42.43
C CYS E 18 28.61 -20.52 -41.33
N LYS E 19 27.72 -21.48 -41.07
CA LYS E 19 26.75 -21.31 -40.00
C LYS E 19 27.46 -21.14 -38.66
N ASN E 20 28.50 -21.93 -38.42
CA ASN E 20 29.27 -21.76 -37.20
C ASN E 20 29.90 -20.39 -37.16
N ALA E 21 30.40 -19.92 -38.29
CA ALA E 21 31.03 -18.60 -38.32
C ALA E 21 30.02 -17.48 -38.21
N LEU E 22 28.91 -17.56 -38.95
CA LEU E 22 28.01 -16.43 -39.09
C LEU E 22 26.76 -16.52 -38.25
N LYS E 23 26.33 -17.72 -37.88
CA LYS E 23 25.10 -17.92 -37.09
C LYS E 23 23.88 -17.38 -37.85
N LEU E 24 23.77 -17.78 -39.11
CA LEU E 24 22.65 -17.38 -39.95
C LEU E 24 22.04 -18.61 -40.60
N PRO E 25 20.75 -18.57 -40.90
CA PRO E 25 20.14 -19.68 -41.65
C PRO E 25 20.59 -19.63 -43.10
N VAL E 26 20.41 -20.74 -43.77
CA VAL E 26 20.68 -20.82 -45.19
C VAL E 26 19.38 -20.61 -45.94
N LEU E 27 19.44 -19.81 -46.99
CA LEU E 27 18.28 -19.63 -47.85
C LEU E 27 17.86 -20.99 -48.41
N GLU E 28 16.68 -21.45 -48.01
CA GLU E 28 16.31 -22.82 -48.27
C GLU E 28 15.82 -23.05 -49.69
N VAL E 29 15.50 -22.00 -50.43
CA VAL E 29 15.02 -22.13 -51.79
C VAL E 29 16.13 -21.73 -52.73
N LEU E 30 16.63 -22.69 -53.51
CA LEU E 30 17.81 -22.46 -54.31
C LEU E 30 17.61 -23.00 -55.71
N PRO E 31 18.18 -22.35 -56.70
CA PRO E 31 18.07 -22.83 -58.07
C PRO E 31 19.10 -23.90 -58.35
N GLY E 32 19.23 -24.30 -59.61
CA GLY E 32 20.22 -25.28 -59.97
C GLY E 32 19.79 -26.71 -59.75
N GLY E 33 18.55 -26.95 -59.39
CA GLY E 33 18.05 -28.29 -59.22
C GLY E 33 17.29 -28.77 -60.44
N GLY E 34 17.17 -30.08 -60.56
CA GLY E 34 16.38 -30.65 -61.61
C GLY E 34 14.90 -30.41 -61.39
N TRP E 35 14.14 -30.51 -62.47
CA TRP E 35 12.72 -30.21 -62.42
C TRP E 35 12.00 -31.11 -63.41
N ASP E 36 11.06 -31.90 -62.92
CA ASP E 36 10.28 -32.78 -63.76
C ASP E 36 9.09 -32.01 -64.29
N ASN E 37 9.16 -31.60 -65.55
CA ASN E 37 8.10 -30.77 -66.12
C ASN E 37 6.77 -31.51 -66.20
N LEU E 38 6.79 -32.85 -66.27
CA LEU E 38 5.55 -33.60 -66.35
C LEU E 38 4.82 -33.62 -65.03
N ARG E 39 5.55 -33.85 -63.94
CA ARG E 39 4.94 -33.97 -62.62
C ARG E 39 5.09 -32.71 -61.78
N ASN E 40 5.82 -31.71 -62.26
CA ASN E 40 5.99 -30.43 -61.57
C ASN E 40 6.57 -30.60 -60.17
N VAL E 41 7.62 -31.41 -60.08
CA VAL E 41 8.28 -31.67 -58.81
C VAL E 41 9.78 -31.48 -58.99
N ASP E 42 10.44 -31.03 -57.93
CA ASP E 42 11.88 -30.92 -57.94
C ASP E 42 12.50 -32.31 -57.94
N MET E 43 13.58 -32.49 -58.68
CA MET E 43 14.15 -33.82 -58.87
C MET E 43 15.54 -34.01 -58.29
N GLY E 44 16.52 -33.22 -58.70
CA GLY E 44 17.86 -33.50 -58.21
C GLY E 44 18.78 -32.35 -58.52
N ARG E 45 19.93 -32.36 -57.90
CA ARG E 45 20.86 -31.24 -57.98
C ARG E 45 21.71 -31.40 -59.23
N VAL E 46 21.53 -30.50 -60.19
CA VAL E 46 22.29 -30.55 -61.43
C VAL E 46 23.52 -29.66 -61.35
N MET E 47 23.34 -28.41 -60.94
CA MET E 47 24.49 -27.52 -60.83
C MET E 47 25.10 -27.64 -59.45
N ASP E 48 26.41 -27.51 -59.39
CA ASP E 48 27.15 -27.69 -58.15
C ASP E 48 26.86 -26.53 -57.21
N LEU E 49 26.61 -26.84 -55.94
CA LEU E 49 26.43 -25.84 -54.92
C LEU E 49 27.47 -26.05 -53.82
N THR E 50 28.31 -25.05 -53.61
CA THR E 50 29.35 -25.09 -52.59
C THR E 50 29.26 -23.85 -51.72
N TYR E 51 29.80 -23.97 -50.52
CA TYR E 51 29.80 -22.87 -49.58
C TYR E 51 31.21 -22.53 -49.17
N THR E 52 32.12 -22.54 -50.14
CA THR E 52 33.52 -22.25 -49.86
C THR E 52 33.70 -20.83 -49.36
N ASN E 53 33.02 -19.87 -49.98
CA ASN E 53 33.25 -18.47 -49.69
C ASN E 53 32.39 -17.95 -48.54
N CYS E 54 31.46 -18.75 -48.03
CA CYS E 54 30.52 -18.31 -47.00
C CYS E 54 29.80 -17.05 -47.45
N LYS E 55 29.30 -17.10 -48.67
CA LYS E 55 28.63 -15.96 -49.27
C LYS E 55 27.32 -15.68 -48.55
N THR E 56 26.96 -14.41 -48.46
CA THR E 56 25.77 -13.97 -47.75
C THR E 56 25.01 -12.98 -48.61
N THR E 57 23.69 -12.98 -48.47
CA THR E 57 22.91 -11.93 -49.10
C THR E 57 23.23 -10.59 -48.44
N GLU E 58 23.19 -9.53 -49.25
CA GLU E 58 23.71 -8.24 -48.79
C GLU E 58 23.05 -7.78 -47.52
N ASP E 59 21.76 -8.03 -47.37
CA ASP E 59 21.08 -7.61 -46.15
C ASP E 59 21.51 -8.43 -44.95
N GLY E 60 22.29 -9.48 -45.15
CA GLY E 60 22.79 -10.26 -44.04
C GLY E 60 21.76 -11.13 -43.38
N GLN E 61 20.78 -11.61 -44.13
CA GLN E 61 19.75 -12.47 -43.58
C GLN E 61 20.00 -13.94 -43.83
N TYR E 62 20.56 -14.30 -44.98
CA TYR E 62 20.70 -15.68 -45.37
C TYR E 62 22.11 -15.96 -45.90
N ILE E 63 22.51 -17.21 -45.76
CA ILE E 63 23.75 -17.72 -46.31
C ILE E 63 23.41 -18.38 -47.63
N ILE E 64 24.16 -18.08 -48.67
CA ILE E 64 23.84 -18.63 -49.98
C ILE E 64 25.07 -19.32 -50.56
N PRO E 65 24.89 -20.29 -51.45
CA PRO E 65 26.04 -20.90 -52.10
C PRO E 65 26.78 -19.90 -52.98
N ASP E 66 28.02 -20.25 -53.29
CA ASP E 66 28.85 -19.36 -54.08
C ASP E 66 28.38 -19.23 -55.51
N GLU E 67 27.45 -20.06 -55.96
CA GLU E 67 27.07 -20.11 -57.36
C GLU E 67 25.75 -19.40 -57.64
N VAL E 68 25.21 -18.66 -56.67
CA VAL E 68 23.95 -17.97 -56.85
C VAL E 68 24.10 -16.53 -56.40
N TYR E 69 23.21 -15.69 -56.92
CA TYR E 69 23.11 -14.30 -56.49
C TYR E 69 21.64 -13.95 -56.35
N THR E 70 21.35 -13.02 -55.45
CA THR E 70 19.98 -12.69 -55.10
C THR E 70 19.68 -11.25 -55.47
N ILE E 71 18.54 -11.03 -56.11
CA ILE E 71 18.00 -9.69 -56.33
C ILE E 71 16.95 -9.43 -55.26
N PRO E 72 17.10 -8.40 -54.46
CA PRO E 72 16.20 -8.13 -53.32
C PRO E 72 14.92 -7.44 -53.76
N GLN E 73 13.94 -8.23 -54.16
CA GLN E 73 12.68 -7.70 -54.65
C GLN E 73 11.61 -7.76 -53.57
N LYS E 74 11.88 -7.14 -52.43
CA LYS E 74 11.04 -7.35 -51.25
C LYS E 74 9.68 -6.71 -51.49
N GLU E 75 8.71 -7.51 -51.91
CA GLU E 75 7.39 -7.04 -52.30
C GLU E 75 6.33 -7.78 -51.52
N SER E 76 5.25 -7.08 -51.19
CA SER E 76 4.09 -7.68 -50.53
C SER E 76 2.85 -7.24 -51.30
N ASN E 77 1.92 -8.18 -51.50
CA ASN E 77 0.60 -7.85 -52.01
C ASN E 77 -0.44 -8.34 -51.01
N LEU E 78 -1.33 -7.46 -50.63
CA LEU E 78 -2.45 -7.78 -49.77
C LEU E 78 -3.73 -7.51 -50.55
N GLU E 79 -4.71 -8.39 -50.41
CA GLU E 79 -6.03 -8.15 -50.99
C GLU E 79 -7.06 -8.66 -50.02
N MET E 80 -7.91 -7.79 -49.49
CA MET E 80 -8.95 -8.18 -48.57
C MET E 80 -10.30 -7.78 -49.13
N ASN E 81 -11.13 -8.77 -49.46
CA ASN E 81 -12.49 -8.53 -49.91
C ASN E 81 -13.44 -9.00 -48.83
N SER E 82 -14.49 -8.25 -48.59
CA SER E 82 -15.57 -8.66 -47.70
C SER E 82 -16.88 -8.32 -48.39
N GLU E 83 -17.93 -9.03 -48.03
CA GLU E 83 -19.24 -8.79 -48.63
C GLU E 83 -20.32 -9.34 -47.71
N VAL E 84 -21.18 -8.46 -47.21
CA VAL E 84 -22.25 -8.85 -46.32
C VAL E 84 -23.57 -8.53 -47.00
N LEU E 85 -24.44 -9.52 -47.11
CA LEU E 85 -25.77 -9.32 -47.65
C LEU E 85 -26.78 -9.77 -46.61
N GLU E 86 -27.73 -8.90 -46.28
CA GLU E 86 -28.80 -9.25 -45.38
C GLU E 86 -30.12 -8.95 -46.04
N SER E 87 -31.09 -9.83 -45.85
CA SER E 87 -32.44 -9.63 -46.39
C SER E 87 -33.43 -9.99 -45.32
N TRP E 88 -34.21 -9.02 -44.88
CA TRP E 88 -35.22 -9.22 -43.85
C TRP E 88 -36.57 -8.92 -44.45
N MET E 89 -37.45 -9.92 -44.43
CA MET E 89 -38.82 -9.76 -44.89
C MET E 89 -39.75 -10.09 -43.73
N ASN E 90 -40.71 -9.20 -43.49
CA ASN E 90 -41.62 -9.34 -42.36
C ASN E 90 -43.03 -9.07 -42.85
N TYR E 91 -43.91 -10.04 -42.72
CA TYR E 91 -45.29 -9.89 -43.16
C TYR E 91 -46.20 -10.24 -42.00
N GLN E 92 -47.23 -9.44 -41.79
CA GLN E 92 -48.13 -9.66 -40.67
C GLN E 92 -49.53 -9.28 -41.13
N SER E 93 -50.49 -10.18 -40.91
CA SER E 93 -51.85 -10.01 -41.37
C SER E 93 -52.82 -10.31 -40.23
N THR E 94 -53.95 -9.62 -40.22
CA THR E 94 -54.91 -9.76 -39.14
C THR E 94 -56.29 -9.43 -39.69
N THR E 95 -57.14 -10.43 -39.83
CA THR E 95 -58.51 -10.21 -40.28
C THR E 95 -59.46 -10.58 -39.15
N SER E 96 -60.56 -9.84 -39.05
CA SER E 96 -61.60 -10.09 -38.08
C SER E 96 -62.95 -10.01 -38.76
N LEU E 97 -63.96 -10.59 -38.11
CA LEU E 97 -65.31 -10.50 -38.64
C LEU E 97 -66.28 -10.80 -37.50
N SER E 98 -67.15 -9.85 -37.19
CA SER E 98 -68.14 -10.00 -36.13
C SER E 98 -69.53 -9.85 -36.74
N ILE E 99 -70.44 -10.74 -36.36
CA ILE E 99 -71.83 -10.68 -36.80
C ILE E 99 -72.71 -10.81 -35.58
N ASN E 100 -73.53 -9.81 -35.32
CA ASN E 100 -74.50 -9.89 -34.24
C ASN E 100 -75.90 -9.78 -34.79
N THR E 101 -76.74 -10.76 -34.49
CA THR E 101 -78.11 -10.79 -34.96
C THR E 101 -79.02 -10.91 -33.75
N GLU E 102 -80.03 -10.06 -33.67
CA GLU E 102 -81.01 -10.11 -32.61
C GLU E 102 -82.41 -10.07 -33.20
N LEU E 103 -83.33 -10.79 -32.58
CA LEU E 103 -84.71 -10.83 -33.05
C LEU E 103 -85.63 -10.93 -31.85
N ALA E 104 -86.66 -10.08 -31.82
CA ALA E 104 -87.68 -10.12 -30.79
C ALA E 104 -89.04 -10.18 -31.46
N LEU E 105 -89.84 -11.19 -31.13
CA LEU E 105 -91.17 -11.35 -31.69
C LEU E 105 -92.20 -11.25 -30.58
N PHE E 106 -93.22 -10.43 -30.81
CA PHE E 106 -94.37 -10.27 -29.94
C PHE E 106 -93.97 -9.86 -28.53
N SER E 107 -92.78 -9.27 -28.39
CA SER E 107 -92.21 -8.87 -27.11
C SER E 107 -92.05 -10.05 -26.15
N ARG E 108 -92.05 -11.28 -26.66
CA ARG E 108 -91.86 -12.45 -25.82
C ARG E 108 -90.75 -13.37 -26.31
N VAL E 109 -90.67 -13.66 -27.60
CA VAL E 109 -89.75 -14.65 -28.11
C VAL E 109 -88.48 -13.95 -28.58
N ASN E 110 -87.35 -14.27 -27.96
CA ASN E 110 -86.08 -13.65 -28.28
C ASN E 110 -85.16 -14.67 -28.94
N GLY E 111 -84.33 -14.19 -29.87
CA GLY E 111 -83.29 -15.01 -30.45
C GLY E 111 -82.07 -14.19 -30.79
N LYS E 112 -80.91 -14.57 -30.24
CA LYS E 112 -79.66 -13.88 -30.48
C LYS E 112 -78.67 -14.82 -31.12
N PHE E 113 -77.74 -14.27 -31.89
CA PHE E 113 -76.76 -15.06 -32.62
C PHE E 113 -75.54 -14.19 -32.88
N SER E 114 -74.47 -14.41 -32.13
CA SER E 114 -73.24 -13.65 -32.30
C SER E 114 -72.13 -14.57 -32.74
N THR E 115 -71.51 -14.25 -33.86
CA THR E 115 -70.42 -15.03 -34.43
C THR E 115 -69.23 -14.13 -34.60
N GLU E 116 -68.03 -14.71 -34.50
CA GLU E 116 -66.81 -13.93 -34.62
C GLU E 116 -65.70 -14.83 -35.11
N PHE E 117 -65.08 -14.45 -36.22
CA PHE E 117 -63.91 -15.11 -36.74
C PHE E 117 -62.73 -14.16 -36.65
N GLN E 118 -61.55 -14.72 -36.42
CA GLN E 118 -60.35 -13.90 -36.31
C GLN E 118 -59.16 -14.74 -36.78
N ARG E 119 -58.44 -14.24 -37.76
CA ARG E 119 -57.29 -14.95 -38.31
C ARG E 119 -56.09 -14.03 -38.32
N MET E 120 -55.05 -14.42 -37.60
CA MET E 120 -53.80 -13.68 -37.59
C MET E 120 -52.73 -14.55 -38.21
N LYS E 121 -51.83 -13.92 -38.98
CA LYS E 121 -50.78 -14.65 -39.66
C LYS E 121 -49.51 -13.81 -39.58
N THR E 122 -48.37 -14.47 -39.48
CA THR E 122 -47.09 -13.78 -39.41
C THR E 122 -46.05 -14.61 -40.14
N LEU E 123 -45.23 -13.95 -40.93
CA LEU E 123 -44.12 -14.60 -41.61
C LEU E 123 -42.89 -13.74 -41.45
N GLN E 124 -41.76 -14.38 -41.23
CA GLN E 124 -40.49 -13.67 -41.17
C GLN E 124 -39.44 -14.49 -41.90
N VAL E 125 -38.65 -13.81 -42.70
CA VAL E 125 -37.52 -14.43 -43.40
C VAL E 125 -36.31 -13.55 -43.14
N LYS E 126 -35.18 -14.16 -42.82
CA LYS E 126 -33.98 -13.41 -42.53
C LYS E 126 -32.80 -14.16 -43.11
N ASP E 127 -32.15 -13.57 -44.09
CA ASP E 127 -31.00 -14.19 -44.74
C ASP E 127 -29.77 -13.35 -44.51
N GLN E 128 -28.66 -14.01 -44.21
CA GLN E 128 -27.37 -13.35 -44.16
C GLN E 128 -26.38 -14.18 -44.95
N ALA E 129 -25.54 -13.49 -45.71
CA ALA E 129 -24.45 -14.14 -46.44
C ALA E 129 -23.23 -13.26 -46.27
N VAL E 130 -22.23 -13.78 -45.59
CA VAL E 130 -20.99 -13.05 -45.34
C VAL E 130 -19.87 -13.80 -46.03
N THR E 131 -19.22 -13.14 -46.97
CA THR E 131 -18.08 -13.71 -47.68
C THR E 131 -16.87 -12.87 -47.35
N THR E 132 -15.76 -13.53 -47.06
CA THR E 132 -14.51 -12.84 -46.79
C THR E 132 -13.39 -13.57 -47.49
N ARG E 133 -12.51 -12.84 -48.14
CA ARG E 133 -11.37 -13.43 -48.82
C ARG E 133 -10.15 -12.59 -48.54
N VAL E 134 -9.08 -13.23 -48.08
CA VAL E 134 -7.82 -12.55 -47.81
C VAL E 134 -6.74 -13.24 -48.62
N GLN E 135 -5.92 -12.45 -49.27
CA GLN E 135 -4.89 -13.03 -50.13
C GLN E 135 -3.60 -12.25 -49.93
N VAL E 136 -2.59 -12.91 -49.40
CA VAL E 136 -1.29 -12.31 -49.14
C VAL E 136 -0.26 -13.01 -50.00
N ARG E 137 0.64 -12.23 -50.58
CA ARG E 137 1.70 -12.81 -51.39
C ARG E 137 2.97 -12.00 -51.21
N ASN E 138 3.96 -12.59 -50.57
CA ASN E 138 5.26 -11.96 -50.38
C ASN E 138 6.26 -12.59 -51.31
N ARG E 139 7.00 -11.75 -52.02
CA ARG E 139 8.12 -12.19 -52.83
C ARG E 139 9.34 -11.46 -52.33
N ILE E 140 10.28 -12.16 -51.71
CA ILE E 140 11.35 -11.45 -51.03
C ILE E 140 12.58 -11.36 -51.94
N TYR E 141 13.12 -12.50 -52.33
CA TYR E 141 14.31 -12.54 -53.16
C TYR E 141 13.99 -13.17 -54.50
N THR E 142 14.86 -12.93 -55.46
CA THR E 142 14.92 -13.71 -56.69
C THR E 142 16.31 -14.28 -56.79
N VAL E 143 16.44 -15.59 -56.68
CA VAL E 143 17.73 -16.25 -56.60
C VAL E 143 18.04 -16.85 -57.96
N LYS E 144 19.21 -16.51 -58.50
CA LYS E 144 19.61 -16.99 -59.82
C LYS E 144 20.97 -17.66 -59.72
N THR E 145 21.22 -18.61 -60.61
CA THR E 145 22.54 -19.23 -60.67
C THR E 145 23.52 -18.33 -61.37
N THR E 146 24.73 -18.28 -60.85
CA THR E 146 25.80 -17.56 -61.52
C THR E 146 26.04 -18.19 -62.88
N PRO E 147 26.22 -17.41 -63.94
CA PRO E 147 26.42 -18.00 -65.26
C PRO E 147 27.67 -18.85 -65.35
N THR E 148 28.62 -18.69 -64.44
CA THR E 148 29.87 -19.43 -64.45
C THR E 148 29.82 -20.64 -63.53
N SER E 149 28.67 -21.27 -63.39
CA SER E 149 28.55 -22.36 -62.43
C SER E 149 28.77 -23.70 -63.13
N GLU E 150 29.18 -24.68 -62.32
CA GLU E 150 29.57 -26.00 -62.81
C GLU E 150 28.50 -27.03 -62.47
N LEU E 151 28.50 -28.12 -63.23
CA LEU E 151 27.55 -29.18 -62.94
C LEU E 151 27.92 -29.88 -61.64
N SER E 152 26.92 -30.50 -61.03
CA SER E 152 27.17 -31.23 -59.80
C SER E 152 28.01 -32.46 -60.09
N LEU E 153 28.64 -32.98 -59.04
CA LEU E 153 29.48 -34.16 -59.19
C LEU E 153 28.67 -35.35 -59.68
N GLY E 154 27.51 -35.60 -59.09
CA GLY E 154 26.73 -36.76 -59.46
C GLY E 154 26.19 -36.68 -60.87
N PHE E 155 25.74 -35.50 -61.29
CA PHE E 155 25.26 -35.34 -62.65
C PHE E 155 26.37 -35.60 -63.65
N THR E 156 27.56 -35.06 -63.39
CA THR E 156 28.69 -35.33 -64.27
C THR E 156 29.00 -36.81 -64.30
N LYS E 157 28.96 -37.47 -63.15
CA LYS E 157 29.26 -38.90 -63.12
C LYS E 157 28.27 -39.70 -63.96
N ALA E 158 26.98 -39.38 -63.83
CA ALA E 158 25.97 -40.08 -64.62
C ALA E 158 26.20 -39.83 -66.11
N LEU E 159 26.50 -38.59 -66.48
CA LEU E 159 26.75 -38.31 -67.89
C LEU E 159 27.98 -39.06 -68.40
N MET E 160 29.03 -39.13 -67.59
CA MET E 160 30.22 -39.88 -67.98
C MET E 160 29.89 -41.35 -68.16
N ASP E 161 29.06 -41.90 -67.29
CA ASP E 161 28.67 -43.30 -67.45
C ASP E 161 27.93 -43.52 -68.75
N ILE E 162 27.01 -42.61 -69.09
CA ILE E 162 26.30 -42.74 -70.35
C ILE E 162 27.27 -42.64 -71.53
N CYS E 163 28.22 -41.71 -71.43
CA CYS E 163 29.20 -41.54 -72.51
C CYS E 163 30.03 -42.79 -72.69
N ASP E 164 30.46 -43.41 -71.59
CA ASP E 164 31.26 -44.63 -71.69
C ASP E 164 30.45 -45.78 -72.26
N GLN E 165 29.19 -45.90 -71.84
CA GLN E 165 28.34 -46.94 -72.44
C GLN E 165 28.17 -46.72 -73.93
N LEU E 166 28.04 -45.47 -74.37
CA LEU E 166 28.00 -45.20 -75.81
C LEU E 166 29.32 -45.54 -76.47
N GLU E 167 30.43 -45.19 -75.82
CA GLU E 167 31.75 -45.48 -76.35
C GLU E 167 31.95 -46.96 -76.56
N LYS E 168 31.36 -47.78 -75.70
CA LYS E 168 31.38 -49.23 -75.90
C LYS E 168 30.45 -49.70 -77.01
N ASN E 169 29.88 -48.77 -77.78
CA ASN E 169 29.01 -49.08 -78.91
C ASN E 169 27.83 -49.96 -78.49
N GLN E 170 27.32 -49.66 -77.30
CA GLN E 170 26.18 -50.39 -76.75
C GLN E 170 25.04 -49.41 -76.57
N THR E 171 24.26 -49.22 -77.62
CA THR E 171 23.13 -48.30 -77.59
C THR E 171 22.00 -48.81 -76.72
N LYS E 172 22.07 -50.06 -76.27
CA LYS E 172 20.95 -50.64 -75.56
C LYS E 172 20.86 -50.11 -74.13
N MET E 173 21.86 -50.41 -73.31
CA MET E 173 21.84 -49.92 -71.95
C MET E 173 22.18 -48.44 -71.87
N ALA E 174 22.68 -47.85 -72.95
CA ALA E 174 22.85 -46.40 -72.98
C ALA E 174 21.51 -45.69 -72.86
N THR E 175 20.50 -46.16 -73.61
CA THR E 175 19.19 -45.55 -73.53
C THR E 175 18.56 -45.78 -72.16
N TYR E 176 18.76 -46.97 -71.59
CA TYR E 176 18.27 -47.23 -70.24
C TYR E 176 18.91 -46.28 -69.24
N LEU E 177 20.22 -46.10 -69.34
CA LEU E 177 20.90 -45.23 -68.40
C LEU E 177 20.47 -43.78 -68.59
N ALA E 178 20.19 -43.38 -69.83
CA ALA E 178 19.68 -42.03 -70.07
C ALA E 178 18.30 -41.84 -69.46
N GLU E 179 17.42 -42.85 -69.60
CA GLU E 179 16.12 -42.74 -68.97
C GLU E 179 16.25 -42.70 -67.45
N LEU E 180 17.23 -43.41 -66.91
CA LEU E 180 17.53 -43.29 -65.49
C LEU E 180 17.92 -41.86 -65.14
N LEU E 181 18.74 -41.24 -65.98
CA LEU E 181 19.15 -39.87 -65.75
C LEU E 181 17.94 -38.94 -65.74
N ILE E 182 17.04 -39.14 -66.70
CA ILE E 182 15.84 -38.31 -66.75
C ILE E 182 15.02 -38.49 -65.50
N LEU E 183 14.84 -39.74 -65.07
CA LEU E 183 14.06 -40.02 -63.87
C LEU E 183 14.66 -39.35 -62.65
N ASN E 184 15.98 -39.40 -62.51
CA ASN E 184 16.60 -38.87 -61.32
C ASN E 184 16.66 -37.35 -61.33
N TYR E 185 16.88 -36.74 -62.49
CA TYR E 185 17.14 -35.30 -62.56
C TYR E 185 16.07 -34.54 -63.31
N GLY E 186 14.98 -35.20 -63.67
CA GLY E 186 13.91 -34.46 -64.30
C GLY E 186 14.25 -34.05 -65.73
N THR E 187 13.46 -33.13 -66.24
CA THR E 187 13.57 -32.69 -67.63
C THR E 187 14.28 -31.35 -67.76
N HIS E 188 13.99 -30.40 -66.89
CA HIS E 188 14.59 -29.08 -66.94
C HIS E 188 15.51 -28.86 -65.76
N VAL E 189 16.24 -27.76 -65.82
CA VAL E 189 17.09 -27.30 -64.73
C VAL E 189 16.61 -25.92 -64.34
N ILE E 190 16.39 -25.70 -63.06
CA ILE E 190 15.85 -24.43 -62.59
C ILE E 190 17.00 -23.44 -62.44
N THR E 191 16.96 -22.36 -63.23
CA THR E 191 17.98 -21.34 -63.18
C THR E 191 17.59 -20.14 -62.34
N SER E 192 16.33 -20.01 -61.96
CA SER E 192 15.93 -18.90 -61.09
C SER E 192 14.64 -19.28 -60.39
N VAL E 193 14.53 -18.86 -59.13
CA VAL E 193 13.35 -19.06 -58.32
C VAL E 193 12.98 -17.74 -57.67
N ASP E 194 11.88 -17.74 -56.96
CA ASP E 194 11.46 -16.58 -56.17
C ASP E 194 11.18 -17.04 -54.75
N ALA E 195 12.08 -16.70 -53.84
CA ALA E 195 11.80 -16.96 -52.44
C ALA E 195 10.60 -16.15 -52.01
N GLY E 196 9.70 -16.78 -51.27
CA GLY E 196 8.56 -16.03 -50.81
C GLY E 196 7.54 -16.85 -50.05
N ALA E 197 6.36 -16.28 -49.89
CA ALA E 197 5.31 -16.91 -49.11
C ALA E 197 3.97 -16.47 -49.68
N ALA E 198 2.93 -17.23 -49.38
CA ALA E 198 1.61 -16.91 -49.88
C ALA E 198 0.57 -17.43 -48.90
N LEU E 199 -0.61 -16.86 -48.97
CA LEU E 199 -1.67 -17.20 -48.02
C LEU E 199 -3.01 -16.84 -48.62
N VAL E 200 -3.98 -17.74 -48.50
CA VAL E 200 -5.32 -17.50 -49.00
C VAL E 200 -6.30 -17.93 -47.93
N GLN E 201 -7.27 -17.08 -47.62
CA GLN E 201 -8.34 -17.43 -46.71
C GLN E 201 -9.67 -17.13 -47.36
N GLU E 202 -10.64 -18.02 -47.18
CA GLU E 202 -11.98 -17.83 -47.71
C GLU E 202 -12.98 -18.26 -46.66
N ASP E 203 -13.83 -17.34 -46.22
CA ASP E 203 -14.91 -17.65 -45.31
C ASP E 203 -16.24 -17.39 -45.99
N HIS E 204 -17.16 -18.33 -45.85
CA HIS E 204 -18.55 -18.16 -46.25
C HIS E 204 -19.41 -18.45 -45.03
N VAL E 205 -20.35 -17.56 -44.74
CA VAL E 205 -21.32 -17.78 -43.69
C VAL E 205 -22.69 -17.52 -44.28
N ARG E 206 -23.60 -18.48 -44.16
CA ARG E 206 -24.96 -18.32 -44.64
C ARG E 206 -25.92 -18.67 -43.52
N SER E 207 -26.78 -17.71 -43.18
CA SER E 207 -27.80 -17.91 -42.16
C SER E 207 -29.15 -17.72 -42.82
N SER E 208 -30.06 -18.65 -42.59
CA SER E 208 -31.43 -18.52 -43.07
C SER E 208 -32.35 -18.79 -41.91
N PHE E 209 -33.24 -17.85 -41.62
CA PHE E 209 -34.18 -17.98 -40.54
C PHE E 209 -35.58 -17.76 -41.06
N LEU E 210 -36.46 -18.70 -40.80
CA LEU E 210 -37.84 -18.62 -41.26
C LEU E 210 -38.77 -18.84 -40.10
N LEU E 211 -39.77 -17.98 -39.98
CA LEU E 211 -40.74 -18.07 -38.90
C LEU E 211 -42.12 -17.95 -39.50
N ASP E 212 -43.04 -18.78 -39.04
CA ASP E 212 -44.39 -18.83 -39.61
C ASP E 212 -45.38 -19.06 -38.48
N ASN E 213 -46.18 -18.05 -38.18
CA ASN E 213 -47.11 -18.07 -37.06
C ASN E 213 -48.52 -17.93 -37.60
N GLN E 214 -49.46 -18.71 -37.04
CA GLN E 214 -50.86 -18.61 -37.42
C GLN E 214 -51.71 -18.72 -36.17
N ASN E 215 -52.67 -17.82 -36.03
CA ASN E 215 -53.69 -17.90 -34.99
C ASN E 215 -55.06 -17.89 -35.66
N SER E 216 -55.95 -18.72 -35.17
CA SER E 216 -57.31 -18.80 -35.71
C SER E 216 -58.28 -18.95 -34.55
N GLN E 217 -59.25 -18.06 -34.45
CA GLN E 217 -60.18 -18.02 -33.34
C GLN E 217 -61.60 -17.90 -33.86
N ASN E 218 -62.50 -18.72 -33.31
CA ASN E 218 -63.90 -18.69 -33.69
C ASN E 218 -64.74 -18.67 -32.42
N THR E 219 -65.70 -17.76 -32.36
CA THR E 219 -66.64 -17.66 -31.25
C THR E 219 -68.05 -17.71 -31.81
N VAL E 220 -68.88 -18.55 -31.24
CA VAL E 220 -70.28 -18.70 -31.66
C VAL E 220 -71.15 -18.71 -30.42
N THR E 221 -72.18 -17.87 -30.40
CA THR E 221 -73.10 -17.82 -29.28
C THR E 221 -74.52 -17.74 -29.82
N ALA E 222 -75.36 -18.69 -29.44
CA ALA E 222 -76.73 -18.75 -29.95
C ALA E 222 -77.69 -18.85 -28.77
N SER E 223 -78.56 -17.87 -28.63
CA SER E 223 -79.49 -17.80 -27.52
C SER E 223 -80.92 -17.78 -28.04
N ALA E 224 -81.84 -18.36 -27.27
CA ALA E 224 -83.25 -18.40 -27.61
C ALA E 224 -84.06 -18.42 -26.33
N GLY E 225 -84.95 -17.43 -26.17
CA GLY E 225 -85.76 -17.35 -24.97
C GLY E 225 -87.24 -17.17 -25.25
N ILE E 226 -88.05 -18.15 -24.84
CA ILE E 226 -89.50 -18.13 -25.03
C ILE E 226 -90.12 -17.85 -23.68
N ALA E 227 -90.74 -16.69 -23.53
CA ALA E 227 -91.29 -16.25 -22.25
C ALA E 227 -92.73 -15.83 -22.44
N PHE E 228 -93.66 -16.70 -22.07
CA PHE E 228 -95.08 -16.39 -22.11
C PHE E 228 -95.45 -15.52 -20.91
N LEU E 229 -96.75 -15.41 -20.64
CA LEU E 229 -97.26 -14.56 -19.56
C LEU E 229 -97.40 -15.38 -18.28
N ASN E 230 -96.26 -15.58 -17.62
CA ASN E 230 -96.20 -16.23 -16.31
C ASN E 230 -96.85 -17.61 -16.33
N ILE E 231 -96.61 -18.36 -17.41
CA ILE E 231 -97.05 -19.74 -17.53
C ILE E 231 -95.89 -20.66 -17.88
N VAL E 232 -95.14 -20.33 -18.93
CA VAL E 232 -93.99 -21.11 -19.37
C VAL E 232 -92.84 -20.16 -19.64
N ASN E 233 -91.65 -20.53 -19.19
CA ASN E 233 -90.43 -19.81 -19.50
C ASN E 233 -89.37 -20.82 -19.89
N PHE E 234 -88.71 -20.60 -21.02
CA PHE E 234 -87.74 -21.54 -21.54
C PHE E 234 -86.58 -20.77 -22.16
N LYS E 235 -85.40 -20.88 -21.56
CA LYS E 235 -84.23 -20.16 -22.00
C LYS E 235 -83.13 -21.15 -22.33
N VAL E 236 -82.57 -21.06 -23.53
CA VAL E 236 -81.48 -21.94 -23.95
C VAL E 236 -80.42 -21.11 -24.65
N GLU E 237 -79.19 -21.19 -24.16
CA GLU E 237 -78.07 -20.57 -24.85
C GLU E 237 -76.96 -21.60 -25.00
N THR E 238 -76.31 -21.61 -26.16
CA THR E 238 -75.15 -22.43 -26.41
C THR E 238 -73.99 -21.53 -26.79
N ASP E 239 -72.83 -21.79 -26.20
CA ASP E 239 -71.62 -21.03 -26.47
C ASP E 239 -70.56 -21.97 -27.00
N TYR E 240 -69.63 -21.40 -27.77
CA TYR E 240 -68.58 -22.21 -28.39
C TYR E 240 -67.40 -21.30 -28.68
N ILE E 241 -66.21 -21.73 -28.28
CA ILE E 241 -64.96 -21.04 -28.59
C ILE E 241 -63.99 -22.06 -29.15
N SER E 242 -63.19 -21.65 -30.12
CA SER E 242 -62.18 -22.52 -30.71
C SER E 242 -60.98 -21.67 -31.08
N GLN E 243 -59.86 -21.87 -30.38
CA GLN E 243 -58.61 -21.20 -30.68
C GLN E 243 -57.59 -22.22 -31.13
N THR E 244 -56.83 -21.89 -32.16
CA THR E 244 -55.68 -22.68 -32.55
C THR E 244 -54.52 -21.75 -32.84
N SER E 245 -53.33 -22.15 -32.38
CA SER E 245 -52.10 -21.47 -32.73
C SER E 245 -51.17 -22.48 -33.36
N LEU E 246 -50.29 -22.00 -34.21
CA LEU E 246 -49.33 -22.89 -34.84
C LEU E 246 -48.16 -22.04 -35.30
N THR E 247 -47.02 -22.16 -34.63
CA THR E 247 -45.81 -21.45 -35.00
C THR E 247 -44.77 -22.47 -35.40
N LYS E 248 -44.09 -22.21 -36.51
CA LYS E 248 -43.06 -23.10 -37.03
C LYS E 248 -41.83 -22.26 -37.36
N ASP E 249 -40.70 -22.62 -36.78
CA ASP E 249 -39.45 -21.94 -37.07
C ASP E 249 -38.54 -22.86 -37.86
N TYR E 250 -37.49 -22.28 -38.40
CA TYR E 250 -36.50 -23.05 -39.12
C TYR E 250 -35.25 -22.20 -39.24
N LEU E 251 -34.17 -22.63 -38.61
CA LEU E 251 -32.92 -21.91 -38.61
C LEU E 251 -31.87 -22.76 -39.28
N SER E 252 -30.98 -22.13 -40.05
CA SER E 252 -30.00 -22.86 -40.82
C SER E 252 -28.72 -22.02 -40.91
N ASN E 253 -27.66 -22.50 -40.30
CA ASN E 253 -26.34 -21.88 -40.40
C ASN E 253 -25.43 -22.78 -41.22
N ARG E 254 -24.57 -22.17 -42.01
CA ARG E 254 -23.56 -22.94 -42.74
C ARG E 254 -22.33 -22.06 -42.88
N THR E 255 -21.22 -22.47 -42.28
CA THR E 255 -19.97 -21.72 -42.38
C THR E 255 -18.91 -22.62 -42.97
N ASN E 256 -18.18 -22.12 -43.97
CA ASN E 256 -17.06 -22.82 -44.55
C ASN E 256 -15.85 -21.90 -44.50
N SER E 257 -14.77 -22.37 -43.91
CA SER E 257 -13.51 -21.63 -43.94
C SER E 257 -12.48 -22.51 -44.61
N ARG E 258 -11.71 -21.93 -45.51
CA ARG E 258 -10.65 -22.66 -46.18
C ARG E 258 -9.41 -21.78 -46.22
N VAL E 259 -8.30 -22.30 -45.71
CA VAL E 259 -7.04 -21.57 -45.64
C VAL E 259 -5.98 -22.38 -46.34
N GLN E 260 -5.20 -21.74 -47.19
CA GLN E 260 -4.13 -22.40 -47.90
C GLN E 260 -2.89 -21.53 -47.81
N SER E 261 -1.84 -22.07 -47.23
CA SER E 261 -0.64 -21.31 -46.92
C SER E 261 0.56 -21.98 -47.58
N PHE E 262 1.39 -21.19 -48.24
CA PHE E 262 2.64 -21.68 -48.81
C PHE E 262 3.78 -20.95 -48.14
N GLY E 263 4.61 -21.67 -47.43
CA GLY E 263 5.63 -20.95 -46.72
C GLY E 263 5.11 -20.37 -45.42
N GLY E 264 6.02 -19.87 -44.63
CA GLY E 264 5.67 -19.24 -43.39
C GLY E 264 5.40 -20.26 -42.30
N VAL E 265 5.01 -19.75 -41.16
CA VAL E 265 4.67 -20.60 -40.01
C VAL E 265 3.45 -21.45 -40.37
N PRO E 266 3.34 -22.69 -39.89
CA PRO E 266 2.09 -23.41 -40.06
C PRO E 266 0.91 -22.63 -39.54
N PHE E 267 -0.17 -22.62 -40.30
CA PHE E 267 -1.28 -21.72 -40.03
C PHE E 267 -2.22 -22.31 -38.98
N TYR E 268 -2.70 -21.46 -38.09
CA TYR E 268 -3.76 -21.83 -37.17
C TYR E 268 -4.77 -20.69 -37.14
N PRO E 269 -6.04 -21.00 -36.88
CA PRO E 269 -7.10 -20.02 -37.14
C PRO E 269 -6.96 -18.70 -36.42
N GLY E 270 -6.48 -18.69 -35.18
CA GLY E 270 -6.48 -17.46 -34.42
C GLY E 270 -5.31 -16.55 -34.76
N ILE E 271 -4.46 -16.97 -35.68
CA ILE E 271 -3.25 -16.25 -36.01
C ILE E 271 -3.62 -14.95 -36.71
N THR E 272 -2.82 -13.94 -36.48
CA THR E 272 -3.01 -12.64 -37.11
C THR E 272 -2.03 -12.50 -38.26
N LEU E 273 -2.43 -11.71 -39.25
CA LEU E 273 -1.54 -11.47 -40.37
C LEU E 273 -0.24 -10.83 -39.93
N GLU E 274 -0.22 -10.10 -38.83
CA GLU E 274 1.05 -9.58 -38.33
C GLU E 274 1.97 -10.70 -37.93
N THR E 275 1.47 -11.66 -37.15
CA THR E 275 2.29 -12.78 -36.73
C THR E 275 2.73 -13.61 -37.91
N TRP E 276 1.84 -13.86 -38.86
CA TRP E 276 2.21 -14.66 -40.01
C TRP E 276 3.24 -13.95 -40.87
N GLN E 277 3.07 -12.65 -41.10
CA GLN E 277 4.03 -11.91 -41.89
C GLN E 277 5.38 -11.85 -41.22
N LYS E 278 5.42 -11.66 -39.91
CA LYS E 278 6.69 -11.62 -39.20
C LYS E 278 7.34 -12.99 -39.07
N GLY E 279 6.65 -14.05 -39.46
CA GLY E 279 7.15 -15.38 -39.23
C GLY E 279 7.74 -16.05 -40.45
N ILE E 280 7.84 -15.32 -41.56
CA ILE E 280 8.35 -15.91 -42.80
C ILE E 280 9.85 -15.68 -42.89
N THR E 281 10.45 -15.22 -41.78
CA THR E 281 11.85 -14.84 -41.84
C THR E 281 12.76 -16.01 -42.18
N ASN E 282 12.36 -17.22 -41.82
CA ASN E 282 13.16 -18.39 -42.14
C ASN E 282 12.40 -19.41 -42.97
N HIS E 283 11.10 -19.28 -43.11
CA HIS E 283 10.29 -20.24 -43.84
C HIS E 283 9.87 -19.64 -45.17
N LEU E 284 10.75 -19.71 -46.16
CA LEU E 284 10.48 -19.18 -47.48
C LEU E 284 10.36 -20.34 -48.44
N VAL E 285 9.50 -20.20 -49.43
CA VAL E 285 9.18 -21.28 -50.36
C VAL E 285 9.30 -20.75 -51.77
N ALA E 286 9.76 -21.59 -52.68
CA ALA E 286 9.79 -21.23 -54.08
C ALA E 286 8.37 -20.96 -54.57
N ILE E 287 8.05 -19.70 -54.84
CA ILE E 287 6.72 -19.37 -55.32
C ILE E 287 6.66 -19.26 -56.84
N ASP E 288 7.81 -19.22 -57.51
CA ASP E 288 7.84 -19.16 -58.95
C ASP E 288 9.23 -19.56 -59.39
N ARG E 289 9.33 -20.21 -60.54
CA ARG E 289 10.61 -20.71 -61.00
C ARG E 289 10.68 -20.65 -62.52
N ALA E 290 11.90 -20.54 -63.03
CA ALA E 290 12.17 -20.54 -64.46
C ALA E 290 13.36 -21.42 -64.72
N GLY E 291 13.34 -22.15 -65.84
CA GLY E 291 14.36 -23.13 -66.10
C GLY E 291 14.65 -23.29 -67.58
N LEU E 292 15.58 -24.19 -67.85
CA LEU E 292 16.06 -24.49 -69.19
C LEU E 292 16.01 -25.98 -69.45
N PRO E 293 15.87 -26.39 -70.70
CA PRO E 293 15.86 -27.82 -71.02
C PRO E 293 17.19 -28.47 -70.66
N LEU E 294 17.14 -29.78 -70.44
CA LEU E 294 18.32 -30.49 -69.97
C LEU E 294 19.42 -30.50 -71.03
N HIS E 295 19.06 -30.71 -72.30
CA HIS E 295 20.09 -30.80 -73.34
C HIS E 295 20.87 -29.50 -73.45
N PHE E 296 20.33 -28.42 -72.91
CA PHE E 296 21.03 -27.15 -72.90
C PHE E 296 22.33 -27.22 -72.12
N PHE E 297 22.35 -27.93 -71.00
CA PHE E 297 23.53 -27.98 -70.15
C PHE E 297 24.53 -29.03 -70.57
N ILE E 298 24.23 -29.84 -71.57
CA ILE E 298 25.17 -30.82 -72.07
C ILE E 298 25.92 -30.18 -73.22
N LYS E 299 26.99 -29.45 -72.90
CA LYS E 299 27.77 -28.73 -73.89
C LYS E 299 29.24 -29.02 -73.65
N PRO E 300 30.06 -28.98 -74.70
CA PRO E 300 31.48 -29.31 -74.54
C PRO E 300 32.19 -28.45 -73.52
N ASP E 301 31.88 -27.16 -73.48
CA ASP E 301 32.50 -26.25 -72.53
C ASP E 301 32.10 -26.53 -71.10
N LYS E 302 31.08 -27.35 -70.90
CA LYS E 302 30.58 -27.67 -69.58
C LYS E 302 31.11 -28.98 -69.03
N LEU E 303 31.54 -29.90 -69.90
CA LEU E 303 32.11 -31.18 -69.49
C LEU E 303 33.56 -31.26 -69.94
N PRO E 304 34.51 -30.86 -69.11
CA PRO E 304 35.92 -30.92 -69.52
C PRO E 304 36.40 -32.32 -69.83
N GLY E 305 35.89 -33.34 -69.13
CA GLY E 305 36.43 -34.68 -69.29
C GLY E 305 36.15 -35.28 -70.65
N LEU E 306 35.15 -34.78 -71.35
CA LEU E 306 34.90 -35.54 -72.55
C LEU E 306 35.14 -34.70 -73.80
N PRO E 307 35.51 -35.34 -74.91
CA PRO E 307 35.70 -34.61 -76.17
C PRO E 307 34.37 -34.14 -76.74
N GLY E 308 34.46 -33.08 -77.54
CA GLY E 308 33.30 -32.44 -78.12
C GLY E 308 32.41 -33.33 -78.97
N PRO E 309 33.00 -34.08 -79.90
CA PRO E 309 32.18 -34.99 -80.70
C PRO E 309 31.41 -35.99 -79.87
N LEU E 310 31.98 -36.45 -78.76
CA LEU E 310 31.26 -37.34 -77.87
C LEU E 310 30.10 -36.65 -77.17
N VAL E 311 30.32 -35.46 -76.64
CA VAL E 311 29.25 -34.80 -75.90
C VAL E 311 28.13 -34.38 -76.84
N LYS E 312 28.44 -34.16 -78.12
CA LYS E 312 27.36 -33.86 -79.07
C LYS E 312 26.41 -35.04 -79.18
N LYS E 313 26.96 -36.24 -79.38
CA LYS E 313 26.12 -37.43 -79.43
C LYS E 313 25.41 -37.67 -78.11
N LEU E 314 26.09 -37.39 -77.00
CA LEU E 314 25.48 -37.56 -75.69
C LEU E 314 24.27 -36.66 -75.52
N SER E 315 24.40 -35.40 -75.93
CA SER E 315 23.26 -34.49 -75.91
C SER E 315 22.15 -35.00 -76.81
N LYS E 316 22.53 -35.53 -77.98
CA LYS E 316 21.52 -36.05 -78.90
C LYS E 316 20.71 -37.16 -78.26
N THR E 317 21.39 -38.11 -77.61
CA THR E 317 20.66 -39.22 -77.02
C THR E 317 19.88 -38.80 -75.79
N VAL E 318 20.40 -37.84 -75.02
CA VAL E 318 19.63 -37.35 -73.88
C VAL E 318 18.35 -36.66 -74.36
N GLU E 319 18.46 -35.85 -75.41
CA GLU E 319 17.27 -35.17 -75.91
C GLU E 319 16.29 -36.16 -76.50
N THR E 320 16.76 -37.20 -77.18
CA THR E 320 15.83 -38.18 -77.71
C THR E 320 15.16 -38.96 -76.57
N ALA E 321 15.89 -39.20 -75.48
CA ALA E 321 15.27 -39.81 -74.31
C ALA E 321 14.19 -38.91 -73.73
N VAL E 322 14.47 -37.60 -73.67
CA VAL E 322 13.48 -36.66 -73.18
C VAL E 322 12.25 -36.68 -74.06
N ARG E 323 12.44 -36.72 -75.37
CA ARG E 323 11.31 -36.76 -76.28
C ARG E 323 10.50 -38.03 -76.08
N HIS E 324 11.17 -39.17 -75.94
CA HIS E 324 10.47 -40.43 -75.71
C HIS E 324 9.67 -40.38 -74.42
N TYR E 325 10.28 -39.87 -73.35
CA TYR E 325 9.61 -39.72 -72.06
C TYR E 325 8.40 -38.83 -72.16
N TYR E 326 8.49 -37.71 -72.89
CA TYR E 326 7.33 -36.87 -73.13
C TYR E 326 6.25 -37.61 -73.89
N THR E 327 6.64 -38.33 -74.94
CA THR E 327 5.67 -38.95 -75.83
C THR E 327 4.85 -40.03 -75.12
N PHE E 328 5.48 -40.90 -74.33
CA PHE E 328 4.70 -41.98 -73.75
C PHE E 328 3.67 -41.47 -72.76
N ASN E 329 4.04 -40.47 -71.94
CA ASN E 329 3.11 -39.88 -70.96
C ASN E 329 2.30 -38.76 -71.59
N PHE E 360 -11.20 -46.24 -77.19
CA PHE E 360 -12.51 -45.60 -77.34
C PHE E 360 -12.41 -44.10 -77.11
N THR E 361 -13.31 -43.36 -77.75
CA THR E 361 -13.35 -41.90 -77.64
C THR E 361 -14.67 -41.47 -77.02
N PHE E 362 -14.58 -40.54 -76.08
CA PHE E 362 -15.75 -40.04 -75.33
C PHE E 362 -16.12 -38.67 -75.90
N GLY E 363 -17.34 -38.54 -76.41
CA GLY E 363 -17.78 -37.29 -76.97
C GLY E 363 -18.43 -36.32 -76.00
N GLY E 364 -18.62 -36.71 -74.75
CA GLY E 364 -19.19 -35.85 -73.74
C GLY E 364 -20.42 -36.45 -73.09
N VAL E 365 -21.00 -35.65 -72.20
CA VAL E 365 -22.20 -36.03 -71.45
C VAL E 365 -23.12 -34.83 -71.35
N TYR E 366 -24.38 -35.12 -71.00
CA TYR E 366 -25.38 -34.10 -70.75
C TYR E 366 -26.44 -34.72 -69.86
N GLN E 367 -26.91 -33.95 -68.86
CA GLN E 367 -27.86 -34.47 -67.88
C GLN E 367 -29.18 -33.71 -68.03
N GLU E 368 -30.12 -34.31 -68.74
CA GLU E 368 -31.44 -33.72 -68.94
C GLU E 368 -32.21 -33.65 -67.63
N CYS E 369 -33.00 -32.59 -67.48
CA CYS E 369 -33.80 -32.38 -66.28
C CYS E 369 -35.25 -32.18 -66.68
N THR E 370 -36.15 -32.88 -66.01
CA THR E 370 -37.58 -32.76 -66.24
C THR E 370 -38.28 -32.34 -64.96
N GLU E 371 -39.06 -31.27 -65.05
CA GLU E 371 -39.81 -30.78 -63.90
C GLU E 371 -41.19 -31.44 -63.87
N LEU E 372 -41.44 -32.23 -62.84
CA LEU E 372 -42.76 -32.81 -62.65
C LEU E 372 -43.62 -32.00 -61.68
N SER E 373 -43.00 -31.15 -60.87
CA SER E 373 -43.73 -30.31 -59.93
C SER E 373 -42.84 -29.14 -59.56
N GLY E 374 -43.24 -27.93 -59.96
CA GLY E 374 -42.43 -26.75 -59.71
C GLY E 374 -41.35 -26.57 -60.75
N ASP E 375 -40.53 -25.54 -60.53
CA ASP E 375 -39.39 -25.25 -61.40
C ASP E 375 -38.17 -24.92 -60.55
N VAL E 376 -37.96 -25.68 -59.48
CA VAL E 376 -36.87 -25.42 -58.56
C VAL E 376 -35.74 -26.45 -58.66
N LEU E 377 -36.06 -27.71 -58.94
CA LEU E 377 -35.02 -28.74 -58.94
C LEU E 377 -34.13 -28.66 -60.17
N CYS E 378 -34.66 -28.16 -61.29
CA CYS E 378 -33.91 -28.13 -62.54
C CYS E 378 -33.03 -26.91 -62.68
N GLN E 379 -33.02 -26.01 -61.70
CA GLN E 379 -32.18 -24.82 -61.80
C GLN E 379 -30.69 -25.14 -61.73
N ASN E 380 -30.31 -26.18 -60.98
CA ASN E 380 -28.91 -26.48 -60.76
C ASN E 380 -28.51 -27.92 -61.12
N LEU E 381 -29.46 -28.78 -61.44
CA LEU E 381 -29.14 -30.16 -61.81
C LEU E 381 -28.81 -30.30 -63.29
N GLU E 382 -29.32 -29.41 -64.13
CA GLU E 382 -29.14 -29.50 -65.56
C GLU E 382 -27.72 -29.12 -65.96
N GLN E 383 -27.15 -29.92 -66.86
CA GLN E 383 -25.80 -29.69 -67.36
C GLN E 383 -25.78 -29.92 -68.86
N LYS E 384 -25.44 -28.88 -69.62
CA LYS E 384 -25.39 -28.98 -71.06
C LYS E 384 -24.04 -29.53 -71.50
N ASN E 385 -24.01 -30.06 -72.72
CA ASN E 385 -22.77 -30.53 -73.31
C ASN E 385 -21.82 -29.35 -73.53
N LEU E 386 -20.55 -29.55 -73.21
CA LEU E 386 -19.57 -28.47 -73.28
C LEU E 386 -19.37 -27.95 -74.70
N LEU E 387 -19.25 -28.85 -75.68
CA LEU E 387 -18.93 -28.46 -77.04
C LEU E 387 -20.10 -27.81 -77.76
N THR E 388 -21.31 -28.30 -77.55
CA THR E 388 -22.49 -27.80 -78.25
C THR E 388 -23.33 -26.83 -77.43
N GLY E 389 -23.19 -26.84 -76.11
CA GLY E 389 -24.03 -26.01 -75.27
C GLY E 389 -25.47 -26.46 -75.20
N ASP E 390 -25.73 -27.75 -75.36
CA ASP E 390 -27.10 -28.26 -75.39
C ASP E 390 -27.11 -29.70 -74.91
N PHE E 391 -28.30 -30.18 -74.55
CA PHE E 391 -28.48 -31.56 -74.11
C PHE E 391 -28.43 -32.50 -75.31
N SER E 392 -27.24 -32.58 -75.90
CA SER E 392 -27.04 -33.37 -77.10
C SER E 392 -25.58 -33.78 -77.16
N CYS E 393 -25.25 -34.62 -78.15
CA CYS E 393 -23.89 -35.07 -78.36
C CYS E 393 -23.30 -34.39 -79.61
N PRO E 394 -21.98 -34.22 -79.64
CA PRO E 394 -21.35 -33.66 -80.83
C PRO E 394 -21.48 -34.62 -82.00
N PRO E 395 -21.36 -34.12 -83.23
CA PRO E 395 -21.47 -35.01 -84.39
C PRO E 395 -20.46 -36.14 -84.32
N GLY E 396 -20.89 -37.33 -84.73
CA GLY E 396 -20.08 -38.52 -84.63
C GLY E 396 -20.22 -39.29 -83.34
N TYR E 397 -21.02 -38.81 -82.40
CA TYR E 397 -21.20 -39.49 -81.12
C TYR E 397 -22.67 -39.75 -80.87
N SER E 398 -22.95 -40.96 -80.39
CA SER E 398 -24.30 -41.42 -80.15
C SER E 398 -24.63 -41.25 -78.68
N PRO E 399 -25.69 -40.52 -78.32
CA PRO E 399 -26.13 -40.51 -76.92
C PRO E 399 -26.47 -41.92 -76.46
N VAL E 400 -26.03 -42.26 -75.25
CA VAL E 400 -26.36 -43.53 -74.63
C VAL E 400 -27.04 -43.24 -73.30
N HIS E 401 -28.19 -43.87 -73.07
CA HIS E 401 -28.95 -43.64 -71.85
C HIS E 401 -28.17 -44.18 -70.65
N LEU E 402 -27.47 -43.28 -69.95
CA LEU E 402 -26.69 -43.71 -68.80
C LEU E 402 -27.60 -44.11 -67.65
N LEU E 403 -28.41 -43.18 -67.14
CA LEU E 403 -29.33 -43.50 -66.05
C LEU E 403 -30.37 -42.40 -65.91
N SER E 404 -31.63 -42.80 -65.77
CA SER E 404 -32.73 -41.88 -65.51
C SER E 404 -33.36 -42.27 -64.17
N GLN E 405 -33.43 -41.30 -63.25
CA GLN E 405 -34.00 -41.56 -61.93
C GLN E 405 -34.76 -40.33 -61.45
N THR E 406 -35.72 -40.58 -60.56
CA THR E 406 -36.57 -39.54 -60.00
C THR E 406 -36.19 -39.25 -58.56
N HIS E 407 -36.17 -37.95 -58.21
CA HIS E 407 -35.86 -37.54 -56.86
C HIS E 407 -36.85 -36.48 -56.40
N GLU E 408 -37.02 -36.37 -55.09
CA GLU E 408 -37.99 -35.48 -54.47
C GLU E 408 -37.33 -34.65 -53.38
N GLU E 409 -37.71 -33.37 -53.30
CA GLU E 409 -37.18 -32.46 -52.30
C GLU E 409 -38.29 -31.55 -51.81
N GLY E 410 -38.38 -31.37 -50.50
CA GLY E 410 -39.37 -30.49 -49.90
C GLY E 410 -38.79 -29.11 -49.71
N TYR E 411 -39.44 -28.12 -50.33
CA TYR E 411 -39.01 -26.74 -50.24
C TYR E 411 -40.21 -25.85 -49.96
N SER E 412 -39.98 -24.80 -49.18
CA SER E 412 -40.99 -23.81 -48.89
C SER E 412 -40.73 -22.57 -49.74
N ARG E 413 -41.72 -22.19 -50.54
CA ARG E 413 -41.62 -21.01 -51.38
C ARG E 413 -42.61 -19.97 -50.88
N LEU E 414 -42.10 -18.76 -50.62
CA LEU E 414 -42.93 -17.66 -50.14
C LEU E 414 -43.24 -16.74 -51.31
N GLU E 415 -44.51 -16.40 -51.49
CA GLU E 415 -44.93 -15.49 -52.55
C GLU E 415 -45.98 -14.55 -52.01
N CYS E 416 -45.98 -13.32 -52.51
CA CYS E 416 -46.92 -12.29 -52.08
C CYS E 416 -47.78 -11.86 -53.25
N LYS E 417 -49.09 -11.75 -53.02
CA LYS E 417 -50.02 -11.34 -54.05
C LYS E 417 -50.93 -10.25 -53.50
N LYS E 418 -51.30 -9.30 -54.36
CA LYS E 418 -52.21 -8.22 -53.98
C LYS E 418 -53.62 -8.64 -54.39
N LYS E 419 -54.40 -9.12 -53.42
CA LYS E 419 -55.79 -9.50 -53.67
C LYS E 419 -56.68 -8.26 -53.50
N CYS E 420 -57.50 -7.98 -54.51
CA CYS E 420 -58.44 -6.87 -54.47
C CYS E 420 -59.85 -7.43 -54.67
N THR E 421 -60.69 -7.25 -53.66
CA THR E 421 -62.10 -7.60 -53.75
C THR E 421 -62.92 -6.34 -53.90
N LEU E 422 -63.87 -6.36 -54.84
CA LEU E 422 -64.76 -5.24 -55.14
C LEU E 422 -63.98 -4.01 -55.62
N LYS E 423 -62.76 -4.20 -56.08
CA LYS E 423 -61.88 -3.15 -56.59
C LYS E 423 -61.62 -2.05 -55.57
N ILE E 424 -62.07 -2.23 -54.33
CA ILE E 424 -61.82 -1.27 -53.26
C ILE E 424 -61.13 -1.89 -52.06
N PHE E 425 -61.30 -3.18 -51.79
CA PHE E 425 -60.64 -3.84 -50.67
C PHE E 425 -59.39 -4.53 -51.22
N CYS E 426 -58.30 -3.77 -51.25
CA CYS E 426 -57.03 -4.29 -51.75
C CYS E 426 -56.10 -4.54 -50.56
N LYS E 427 -55.49 -5.73 -50.54
CA LYS E 427 -54.54 -6.06 -49.49
C LYS E 427 -53.51 -7.01 -50.07
N THR E 428 -52.26 -6.83 -49.64
CA THR E 428 -51.18 -7.73 -50.03
C THR E 428 -51.12 -8.85 -49.00
N VAL E 429 -51.24 -10.09 -49.47
CA VAL E 429 -51.14 -11.27 -48.62
C VAL E 429 -49.94 -12.09 -49.08
N CYS E 430 -49.08 -12.42 -48.13
CA CYS E 430 -47.90 -13.25 -48.39
C CYS E 430 -48.18 -14.63 -47.82
N GLU E 431 -48.03 -15.66 -48.65
CA GLU E 431 -48.26 -17.03 -48.25
C GLU E 431 -47.10 -17.90 -48.69
N ASP E 432 -46.79 -18.91 -47.88
CA ASP E 432 -45.74 -19.86 -48.17
C ASP E 432 -46.33 -21.24 -48.45
N VAL E 433 -45.73 -21.93 -49.41
CA VAL E 433 -46.20 -23.25 -49.82
C VAL E 433 -45.07 -24.24 -49.63
N PHE E 434 -45.36 -25.33 -48.93
CA PHE E 434 -44.41 -26.41 -48.72
C PHE E 434 -44.62 -27.45 -49.81
N ARG E 435 -43.88 -27.32 -50.91
CA ARG E 435 -44.04 -28.19 -52.06
C ARG E 435 -42.95 -29.26 -52.07
N VAL E 436 -43.35 -30.49 -52.29
CA VAL E 436 -42.44 -31.61 -52.49
C VAL E 436 -42.19 -31.70 -53.99
N ALA E 437 -41.22 -30.93 -54.48
CA ALA E 437 -40.90 -30.92 -55.89
C ALA E 437 -40.23 -32.24 -56.27
N LYS E 438 -40.71 -32.85 -57.35
CA LYS E 438 -40.18 -34.11 -57.85
C LYS E 438 -39.69 -33.90 -59.28
N ALA E 439 -38.46 -34.34 -59.54
CA ALA E 439 -37.86 -34.18 -60.86
C ALA E 439 -37.24 -35.51 -61.29
N GLU E 440 -37.37 -35.83 -62.58
CA GLU E 440 -36.74 -37.00 -63.16
C GLU E 440 -35.54 -36.53 -63.96
N PHE E 441 -34.34 -36.83 -63.48
CA PHE E 441 -33.11 -36.48 -64.17
C PHE E 441 -32.67 -37.66 -65.02
N ARG E 442 -32.30 -37.38 -66.26
CA ARG E 442 -31.83 -38.39 -67.20
C ARG E 442 -30.44 -37.99 -67.66
N ALA E 443 -29.43 -38.71 -67.18
CA ALA E 443 -28.05 -38.49 -67.59
C ALA E 443 -27.69 -39.47 -68.69
N TYR E 444 -26.99 -38.97 -69.70
CA TYR E 444 -26.58 -39.74 -70.86
C TYR E 444 -25.07 -39.58 -71.06
N TRP E 445 -24.51 -40.39 -71.96
CA TRP E 445 -23.10 -40.28 -72.29
C TRP E 445 -22.93 -40.56 -73.77
N CYS E 446 -21.99 -39.87 -74.40
CA CYS E 446 -21.79 -39.91 -75.84
C CYS E 446 -20.63 -40.86 -76.16
N VAL E 447 -20.96 -42.05 -76.63
CA VAL E 447 -19.95 -42.99 -77.09
C VAL E 447 -19.69 -42.73 -78.57
N ALA E 448 -18.49 -43.08 -79.01
CA ALA E 448 -18.15 -42.94 -80.42
C ALA E 448 -18.90 -43.97 -81.25
N ALA E 449 -19.72 -43.51 -82.19
CA ALA E 449 -20.47 -44.42 -83.03
C ALA E 449 -19.56 -45.25 -83.92
N GLY E 450 -18.51 -44.64 -84.47
CA GLY E 450 -17.59 -45.35 -85.34
C GLY E 450 -16.20 -44.78 -85.30
N GLN E 451 -15.53 -44.71 -86.46
CA GLN E 451 -14.16 -44.21 -86.55
C GLN E 451 -14.20 -42.68 -86.61
N VAL E 452 -14.39 -42.08 -85.44
CA VAL E 452 -14.40 -40.63 -85.32
C VAL E 452 -12.97 -40.13 -85.53
N PRO E 453 -12.79 -38.90 -86.04
CA PRO E 453 -11.43 -38.37 -86.16
C PRO E 453 -10.77 -38.22 -84.81
N ASP E 454 -9.47 -38.50 -84.77
CA ASP E 454 -8.68 -38.42 -83.55
C ASP E 454 -7.72 -37.24 -83.63
N ASN E 455 -7.57 -36.53 -82.52
CA ASN E 455 -8.22 -36.81 -81.24
C ASN E 455 -9.26 -35.75 -80.88
N SER E 456 -10.00 -35.27 -81.88
CA SER E 456 -11.01 -34.23 -81.65
C SER E 456 -12.08 -34.77 -80.71
N GLY E 457 -12.06 -34.30 -79.48
CA GLY E 457 -12.95 -34.82 -78.45
C GLY E 457 -12.45 -34.44 -77.06
N LEU E 458 -12.71 -35.33 -76.12
CA LEU E 458 -12.40 -35.12 -74.72
C LEU E 458 -11.99 -36.45 -74.08
N LEU E 459 -11.26 -36.37 -72.98
CA LEU E 459 -10.77 -37.54 -72.26
C LEU E 459 -11.42 -37.64 -70.88
N PHE E 460 -11.33 -38.83 -70.30
CA PHE E 460 -11.94 -39.17 -69.02
C PHE E 460 -11.00 -38.73 -67.90
N GLY E 461 -11.32 -37.60 -67.28
CA GLY E 461 -10.50 -37.04 -66.24
C GLY E 461 -10.81 -37.50 -64.84
N GLY E 462 -11.58 -38.57 -64.69
CA GLY E 462 -11.88 -39.13 -63.39
C GLY E 462 -13.20 -38.64 -62.84
N VAL E 463 -13.80 -39.48 -61.99
CA VAL E 463 -15.07 -39.20 -61.36
C VAL E 463 -14.88 -39.22 -59.86
N PHE E 464 -15.64 -38.39 -59.15
CA PHE E 464 -15.52 -38.31 -57.70
C PHE E 464 -16.79 -37.70 -57.13
N THR E 465 -17.15 -38.15 -55.93
CA THR E 465 -18.29 -37.64 -55.20
C THR E 465 -17.83 -36.92 -53.95
N ASP E 466 -18.80 -36.50 -53.14
CA ASP E 466 -18.51 -35.80 -51.89
C ASP E 466 -18.04 -36.73 -50.78
N LYS E 467 -18.29 -38.03 -50.89
CA LYS E 467 -17.91 -38.98 -49.86
C LYS E 467 -16.85 -39.97 -50.29
N THR E 468 -16.52 -40.03 -51.58
CA THR E 468 -15.53 -40.96 -52.09
C THR E 468 -14.27 -40.19 -52.49
N ILE E 469 -13.32 -40.90 -53.09
CA ILE E 469 -12.05 -40.33 -53.50
C ILE E 469 -11.88 -40.56 -54.99
N ASN E 470 -11.09 -39.69 -55.63
CA ASN E 470 -10.76 -39.86 -57.03
C ASN E 470 -9.34 -40.37 -57.14
N PRO E 471 -9.12 -41.67 -57.35
CA PRO E 471 -7.75 -42.21 -57.35
C PRO E 471 -6.87 -41.67 -58.46
N MET E 472 -7.44 -41.15 -59.55
CA MET E 472 -6.62 -40.63 -60.64
C MET E 472 -5.85 -39.39 -60.18
N THR E 473 -6.42 -38.61 -59.27
CA THR E 473 -5.71 -37.51 -58.64
C THR E 473 -5.53 -37.67 -57.14
N ASN E 474 -6.05 -38.75 -56.54
CA ASN E 474 -6.00 -38.96 -55.09
C ASN E 474 -6.60 -37.80 -54.33
N ALA E 475 -7.64 -37.18 -54.89
CA ALA E 475 -8.28 -36.03 -54.24
C ALA E 475 -9.69 -35.89 -54.79
N GLN E 476 -10.53 -35.17 -54.05
CA GLN E 476 -11.89 -34.90 -54.46
C GLN E 476 -11.98 -33.59 -55.25
N SER E 477 -11.24 -33.50 -56.34
CA SER E 477 -11.21 -32.30 -57.16
C SER E 477 -10.82 -32.68 -58.58
N CYS E 478 -10.53 -31.68 -59.40
CA CYS E 478 -10.11 -31.88 -60.77
C CYS E 478 -8.71 -31.30 -61.01
N PRO E 479 -7.92 -31.92 -61.90
CA PRO E 479 -6.58 -31.39 -62.15
C PRO E 479 -6.59 -30.06 -62.88
N ALA E 480 -5.40 -29.52 -63.14
CA ALA E 480 -5.28 -28.24 -63.82
C ALA E 480 -5.78 -28.36 -65.25
N GLY E 481 -6.41 -27.30 -65.74
CA GLY E 481 -6.95 -27.28 -67.07
C GLY E 481 -8.26 -28.03 -67.23
N TYR E 482 -8.79 -28.60 -66.16
CA TYR E 482 -9.98 -29.43 -66.21
C TYR E 482 -11.23 -28.63 -65.83
N ILE E 483 -12.36 -29.10 -66.29
CA ILE E 483 -13.65 -28.46 -66.10
C ILE E 483 -14.59 -29.51 -65.46
N PRO E 484 -15.18 -29.23 -64.29
CA PRO E 484 -16.07 -30.22 -63.69
C PRO E 484 -17.52 -30.14 -64.14
N LEU E 485 -17.97 -31.17 -64.82
CA LEU E 485 -19.33 -31.27 -65.33
C LEU E 485 -20.14 -32.18 -64.41
N ASN E 486 -21.37 -31.77 -64.12
CA ASN E 486 -22.22 -32.50 -63.19
C ASN E 486 -22.95 -33.61 -63.94
N LEU E 487 -22.82 -34.83 -63.45
CA LEU E 487 -23.49 -35.99 -64.05
C LEU E 487 -24.57 -36.57 -63.17
N PHE E 488 -24.39 -36.54 -61.85
CA PHE E 488 -25.43 -36.94 -60.93
C PHE E 488 -25.74 -35.80 -59.97
N GLU E 489 -26.50 -36.08 -58.91
CA GLU E 489 -26.72 -35.07 -57.88
C GLU E 489 -25.43 -34.71 -57.17
N SER E 490 -24.45 -35.63 -57.15
CA SER E 490 -23.21 -35.40 -56.44
C SER E 490 -21.96 -35.80 -57.23
N LEU E 491 -22.11 -36.42 -58.39
CA LEU E 491 -20.97 -36.93 -59.14
C LEU E 491 -20.51 -35.92 -60.16
N LYS E 492 -19.21 -35.62 -60.15
CA LYS E 492 -18.62 -34.64 -61.04
C LYS E 492 -17.53 -35.31 -61.87
N VAL E 493 -17.51 -35.00 -63.16
CA VAL E 493 -16.54 -35.56 -64.10
C VAL E 493 -15.64 -34.43 -64.58
N CYS E 494 -14.33 -34.66 -64.51
CA CYS E 494 -13.35 -33.68 -64.92
C CYS E 494 -13.09 -33.84 -66.42
N VAL E 495 -13.34 -32.79 -67.19
CA VAL E 495 -13.15 -32.80 -68.64
C VAL E 495 -12.35 -31.57 -69.02
N SER E 496 -11.18 -31.79 -69.62
CA SER E 496 -10.28 -30.70 -69.98
C SER E 496 -10.26 -30.52 -71.50
N LEU E 497 -10.20 -29.26 -71.94
CA LEU E 497 -10.20 -28.98 -73.36
C LEU E 497 -8.86 -29.30 -74.01
N ASP E 498 -7.75 -28.97 -73.35
CA ASP E 498 -6.43 -29.18 -73.95
C ASP E 498 -6.15 -30.67 -74.11
N TYR E 499 -5.63 -31.02 -75.29
CA TYR E 499 -5.41 -32.42 -75.62
C TYR E 499 -4.19 -32.98 -74.91
N GLU E 500 -3.10 -32.21 -74.87
CA GLU E 500 -1.90 -32.67 -74.17
C GLU E 500 -2.15 -32.81 -72.68
N LEU E 501 -2.85 -31.84 -72.08
CA LEU E 501 -3.16 -31.92 -70.66
C LEU E 501 -4.01 -33.13 -70.34
N GLY E 502 -5.00 -33.41 -71.18
CA GLY E 502 -5.79 -34.63 -70.99
C GLY E 502 -4.96 -35.88 -71.13
N PHE E 503 -4.11 -35.93 -72.16
CA PHE E 503 -3.28 -37.10 -72.37
C PHE E 503 -2.34 -37.35 -71.19
N LYS E 504 -1.83 -36.28 -70.59
CA LYS E 504 -0.92 -36.39 -69.45
C LYS E 504 -1.65 -36.50 -68.12
N PHE E 505 -2.96 -36.30 -68.09
CA PHE E 505 -3.72 -36.33 -66.84
C PHE E 505 -5.03 -37.10 -66.98
N SER E 506 -4.98 -38.26 -67.62
CA SER E 506 -6.17 -39.08 -67.75
C SER E 506 -5.78 -40.54 -67.90
N VAL E 507 -6.78 -41.40 -68.07
CA VAL E 507 -6.62 -42.84 -68.22
C VAL E 507 -7.51 -43.25 -69.39
N PRO E 508 -7.12 -44.23 -70.20
CA PRO E 508 -8.01 -44.68 -71.27
C PRO E 508 -9.35 -45.13 -70.72
N PHE E 509 -10.41 -44.79 -71.45
CA PHE E 509 -11.78 -45.07 -71.03
C PHE E 509 -12.46 -45.97 -72.05
N GLY E 510 -13.32 -46.85 -71.56
CA GLY E 510 -14.00 -47.81 -72.41
C GLY E 510 -15.48 -47.54 -72.57
N GLY E 511 -16.10 -47.00 -71.54
CA GLY E 511 -17.52 -46.70 -71.58
C GLY E 511 -18.17 -46.95 -70.24
N PHE E 512 -19.30 -46.27 -70.03
CA PHE E 512 -20.06 -46.35 -68.79
C PHE E 512 -21.13 -47.43 -68.89
N PHE E 513 -21.67 -47.81 -67.74
CA PHE E 513 -22.76 -48.76 -67.68
C PHE E 513 -23.50 -48.61 -66.36
N SER E 514 -24.74 -49.08 -66.33
CA SER E 514 -25.60 -48.94 -65.17
C SER E 514 -26.16 -50.28 -64.72
N CYS E 515 -26.98 -50.27 -63.67
CA CYS E 515 -27.65 -51.51 -63.25
C CYS E 515 -28.76 -51.88 -64.21
N ILE E 516 -29.29 -50.92 -64.97
CA ILE E 516 -30.39 -51.16 -65.89
C ILE E 516 -29.91 -51.22 -67.34
N MET E 517 -28.66 -50.89 -67.61
CA MET E 517 -28.08 -51.14 -68.93
C MET E 517 -26.57 -51.26 -68.76
N GLY E 518 -26.01 -52.30 -69.37
CA GLY E 518 -24.58 -52.50 -69.36
C GLY E 518 -23.88 -51.75 -70.47
N ASN E 519 -22.60 -52.02 -70.62
CA ASN E 519 -21.83 -51.43 -71.70
C ASN E 519 -22.12 -52.17 -73.00
N PRO E 520 -22.61 -51.49 -74.05
CA PRO E 520 -22.87 -52.19 -75.31
C PRO E 520 -21.61 -52.59 -76.06
N LEU E 521 -20.44 -52.19 -75.58
CA LEU E 521 -19.18 -52.44 -76.26
C LEU E 521 -18.53 -53.75 -75.82
N VAL E 522 -19.31 -54.66 -75.21
CA VAL E 522 -18.75 -55.93 -74.76
C VAL E 522 -18.50 -56.85 -75.96
N ASN E 523 -17.65 -57.84 -75.75
CA ASN E 523 -17.34 -58.83 -76.78
C ASN E 523 -17.70 -60.23 -76.29
N ALA E 532 -26.69 -55.49 -81.05
CA ALA E 532 -25.43 -55.52 -80.31
C ALA E 532 -25.69 -55.84 -78.84
N PRO E 533 -25.09 -56.93 -78.35
CA PRO E 533 -25.25 -57.29 -76.94
C PRO E 533 -24.69 -56.21 -76.03
N SER E 534 -25.37 -55.99 -74.91
CA SER E 534 -24.99 -54.97 -73.93
C SER E 534 -24.91 -55.66 -72.57
N LEU E 535 -23.72 -56.10 -72.19
CA LEU E 535 -23.48 -56.72 -70.90
C LEU E 535 -22.74 -55.75 -69.98
N LYS E 536 -22.77 -56.05 -68.69
CA LYS E 536 -22.13 -55.23 -67.67
C LYS E 536 -20.73 -55.77 -67.43
N LYS E 537 -19.85 -55.49 -68.39
CA LYS E 537 -18.47 -55.95 -68.31
C LYS E 537 -17.60 -55.00 -69.11
N CYS E 538 -16.44 -54.68 -68.57
CA CYS E 538 -15.53 -53.76 -69.28
C CYS E 538 -14.82 -54.49 -70.41
N PRO E 539 -14.88 -53.97 -71.63
CA PRO E 539 -14.23 -54.65 -72.76
C PRO E 539 -12.71 -54.63 -72.63
N GLY E 540 -12.09 -55.64 -73.23
CA GLY E 540 -10.64 -55.74 -73.18
C GLY E 540 -10.14 -55.98 -71.78
N GLY E 541 -8.99 -55.41 -71.46
CA GLY E 541 -8.41 -55.56 -70.14
C GLY E 541 -8.74 -54.41 -69.21
N PHE E 542 -9.71 -53.59 -69.60
CA PHE E 542 -10.14 -52.46 -68.79
C PHE E 542 -10.74 -52.98 -67.48
N SER E 543 -10.35 -52.37 -66.37
CA SER E 543 -10.82 -52.79 -65.06
C SER E 543 -12.10 -52.05 -64.68
N GLN E 544 -12.91 -52.71 -63.87
CA GLN E 544 -14.17 -52.16 -63.39
C GLN E 544 -14.00 -51.70 -61.94
N HIS E 545 -14.26 -50.41 -61.71
CA HIS E 545 -14.21 -49.85 -60.36
C HIS E 545 -15.47 -49.02 -60.12
N LEU E 546 -16.00 -49.13 -58.91
CA LEU E 546 -17.25 -48.47 -58.58
C LEU E 546 -17.11 -46.95 -58.66
N ALA E 547 -18.11 -46.30 -59.27
CA ALA E 547 -18.14 -44.86 -59.41
C ALA E 547 -19.14 -44.19 -58.49
N VAL E 548 -20.37 -44.71 -58.43
CA VAL E 548 -21.41 -44.12 -57.59
C VAL E 548 -22.51 -45.15 -57.38
N ILE E 549 -23.28 -44.96 -56.31
CA ILE E 549 -24.44 -45.80 -55.99
C ILE E 549 -25.63 -44.87 -55.88
N SER E 550 -26.57 -44.99 -56.81
CA SER E 550 -27.75 -44.14 -56.88
C SER E 550 -28.99 -45.02 -56.67
N ASP E 551 -29.55 -44.97 -55.47
CA ASP E 551 -30.79 -45.67 -55.13
C ASP E 551 -30.66 -47.18 -55.37
N GLY E 552 -29.53 -47.73 -54.95
CA GLY E 552 -29.26 -49.14 -55.16
C GLY E 552 -28.82 -49.49 -56.55
N CYS E 553 -28.67 -48.51 -57.44
CA CYS E 553 -28.18 -48.75 -58.79
C CYS E 553 -26.69 -48.41 -58.83
N GLN E 554 -25.88 -49.40 -59.21
CA GLN E 554 -24.43 -49.26 -59.21
C GLN E 554 -23.96 -48.74 -60.57
N VAL E 555 -23.39 -47.55 -60.59
CA VAL E 555 -22.86 -46.94 -61.80
C VAL E 555 -21.34 -46.94 -61.70
N SER E 556 -20.67 -47.42 -62.74
CA SER E 556 -19.23 -47.60 -62.72
C SER E 556 -18.64 -47.14 -64.05
N TYR E 557 -17.31 -47.11 -64.11
CA TYR E 557 -16.55 -46.71 -65.28
C TYR E 557 -15.59 -47.83 -65.66
N CYS E 558 -15.11 -47.80 -66.90
CA CYS E 558 -14.19 -48.81 -67.41
C CYS E 558 -12.87 -48.15 -67.78
N VAL E 559 -11.83 -48.44 -66.99
CA VAL E 559 -10.50 -47.90 -67.21
C VAL E 559 -9.50 -49.04 -67.17
N LYS E 560 -8.35 -48.82 -67.80
CA LYS E 560 -7.32 -49.85 -67.88
C LYS E 560 -6.78 -50.19 -66.50
N ALA E 561 -6.51 -51.48 -66.29
CA ALA E 561 -5.93 -51.94 -65.04
C ALA E 561 -4.44 -51.70 -64.94
N GLY E 562 -3.78 -51.35 -66.04
CA GLY E 562 -2.34 -51.14 -66.01
C GLY E 562 -1.91 -49.85 -65.35
N ILE E 563 -2.82 -48.89 -65.22
CA ILE E 563 -2.52 -47.60 -64.61
C ILE E 563 -2.98 -47.55 -63.15
N PHE E 564 -4.09 -48.19 -62.84
CA PHE E 564 -4.56 -48.25 -61.46
C PHE E 564 -3.66 -49.16 -60.63
N THR E 565 -3.48 -48.78 -59.37
CA THR E 565 -2.64 -49.52 -58.43
C THR E 565 -3.23 -49.39 -57.03
N GLY E 566 -2.44 -49.73 -56.02
CA GLY E 566 -2.92 -49.68 -54.65
C GLY E 566 -3.25 -48.26 -54.20
N GLY E 567 -2.37 -47.31 -54.48
CA GLY E 567 -2.59 -45.93 -54.13
C GLY E 567 -2.02 -45.50 -52.80
N SER E 568 -1.68 -46.44 -51.92
CA SER E 568 -1.03 -46.07 -50.67
C SER E 568 0.41 -45.65 -50.91
N LEU E 569 1.08 -46.32 -51.86
CA LEU E 569 2.37 -45.88 -52.39
C LEU E 569 2.18 -45.60 -53.87
N LEU E 570 2.54 -44.41 -54.30
CA LEU E 570 2.44 -44.07 -55.72
C LEU E 570 3.76 -44.37 -56.40
N PRO E 571 3.86 -45.44 -57.17
CA PRO E 571 5.13 -45.71 -57.87
C PRO E 571 5.37 -44.68 -58.94
N VAL E 572 6.63 -44.33 -59.19
CA VAL E 572 6.92 -43.40 -60.28
C VAL E 572 7.05 -44.19 -61.57
N ARG E 573 5.91 -44.48 -62.20
CA ARG E 573 5.85 -45.24 -63.44
C ARG E 573 6.04 -44.29 -64.61
N LEU E 574 7.27 -43.84 -64.78
CA LEU E 574 7.66 -43.03 -65.92
C LEU E 574 8.84 -43.77 -66.57
N PRO E 575 10.13 -43.43 -66.42
CA PRO E 575 11.15 -44.36 -66.90
C PRO E 575 11.59 -45.30 -65.79
N PRO E 576 12.13 -46.48 -66.13
CA PRO E 576 12.48 -46.97 -67.46
C PRO E 576 11.26 -47.40 -68.26
N TYR E 577 11.28 -47.15 -69.57
CA TYR E 577 10.21 -47.51 -70.47
C TYR E 577 10.41 -48.92 -71.04
N THR E 578 11.59 -49.49 -70.86
CA THR E 578 11.88 -50.83 -71.33
C THR E 578 12.85 -51.47 -70.34
N LYS E 579 12.63 -52.76 -70.06
CA LYS E 579 13.50 -53.46 -69.13
C LYS E 579 14.95 -53.42 -69.63
N PRO E 580 15.91 -53.39 -68.71
CA PRO E 580 17.31 -53.14 -69.09
C PRO E 580 17.78 -54.12 -70.16
N PRO E 581 18.01 -53.64 -71.37
CA PRO E 581 18.45 -54.54 -72.45
C PRO E 581 19.83 -55.08 -72.18
N LEU E 582 20.04 -56.34 -72.55
CA LEU E 582 21.29 -57.02 -72.27
C LEU E 582 22.40 -56.50 -73.18
N MET E 583 23.62 -56.91 -72.87
CA MET E 583 24.81 -56.49 -73.63
C MET E 583 24.69 -56.83 -75.10
N THR F 13 27.16 -45.62 -38.40
CA THR F 13 26.03 -44.94 -39.03
C THR F 13 25.13 -44.30 -37.99
N GLY F 14 25.75 -43.74 -36.96
CA GLY F 14 25.02 -43.13 -35.85
C GLY F 14 25.05 -41.61 -35.98
N PHE F 15 23.90 -40.99 -35.70
CA PHE F 15 23.76 -39.55 -35.77
C PHE F 15 24.05 -38.88 -34.44
N GLN F 16 24.48 -39.64 -33.43
CA GLN F 16 24.68 -39.05 -32.12
C GLN F 16 25.81 -38.05 -32.13
N ILE F 17 26.82 -38.24 -32.99
CA ILE F 17 27.91 -37.27 -33.08
C ILE F 17 27.38 -35.93 -33.54
N CYS F 18 26.56 -35.93 -34.59
CA CYS F 18 25.99 -34.68 -35.08
C CYS F 18 25.07 -34.05 -34.05
N LYS F 19 24.27 -34.86 -33.35
CA LYS F 19 23.43 -34.29 -32.30
C LYS F 19 24.27 -33.62 -31.23
N ASN F 20 25.37 -34.26 -30.84
CA ASN F 20 26.26 -33.62 -29.87
C ASN F 20 26.81 -32.31 -30.41
N ALA F 21 27.17 -32.28 -31.69
CA ALA F 21 27.71 -31.07 -32.26
C ALA F 21 26.66 -29.99 -32.44
N LEU F 22 25.49 -30.34 -32.97
CA LEU F 22 24.52 -29.34 -33.41
C LEU F 22 23.35 -29.16 -32.46
N LYS F 23 23.04 -30.16 -31.64
CA LYS F 23 21.92 -30.08 -30.71
C LYS F 23 20.60 -29.86 -31.45
N LEU F 24 20.34 -30.72 -32.43
CA LEU F 24 19.13 -30.64 -33.23
C LEU F 24 18.47 -32.01 -33.30
N PRO F 25 17.15 -32.07 -33.49
CA PRO F 25 16.50 -33.35 -33.72
C PRO F 25 16.83 -33.86 -35.12
N VAL F 26 16.74 -35.16 -35.31
CA VAL F 26 16.89 -35.74 -36.64
C VAL F 26 15.51 -35.87 -37.27
N LEU F 27 15.43 -35.58 -38.56
CA LEU F 27 14.16 -35.75 -39.27
C LEU F 27 13.76 -37.22 -39.23
N GLU F 28 12.67 -37.50 -38.54
CA GLU F 28 12.32 -38.89 -38.25
C GLU F 28 11.68 -39.61 -39.42
N VAL F 29 11.34 -38.90 -40.48
CA VAL F 29 10.70 -39.50 -41.64
C VAL F 29 11.71 -39.47 -42.78
N LEU F 30 12.14 -40.66 -43.22
CA LEU F 30 13.23 -40.75 -44.16
C LEU F 30 12.90 -41.76 -45.24
N PRO F 31 13.37 -41.53 -46.46
CA PRO F 31 13.12 -42.48 -47.54
C PRO F 31 14.14 -43.59 -47.51
N GLY F 32 14.18 -44.39 -48.57
CA GLY F 32 15.15 -45.45 -48.65
C GLY F 32 14.79 -46.69 -47.88
N GLY F 33 13.61 -46.75 -47.30
CA GLY F 33 13.17 -47.93 -46.60
C GLY F 33 12.38 -48.86 -47.49
N GLY F 34 12.36 -50.12 -47.10
CA GLY F 34 11.51 -51.08 -47.77
C GLY F 34 10.05 -50.79 -47.52
N TRP F 35 9.21 -51.29 -48.41
CA TRP F 35 7.78 -51.05 -48.32
C TRP F 35 7.05 -52.25 -48.86
N ASP F 36 6.14 -52.79 -48.06
CA ASP F 36 5.32 -53.93 -48.45
C ASP F 36 4.05 -53.39 -49.08
N ASN F 37 3.98 -53.46 -50.41
CA ASN F 37 2.83 -52.92 -51.11
C ASN F 37 1.54 -53.67 -50.77
N LEU F 38 1.64 -54.91 -50.33
CA LEU F 38 0.43 -55.66 -50.01
C LEU F 38 -0.15 -55.24 -48.67
N ARG F 39 0.68 -55.21 -47.63
CA ARG F 39 0.22 -54.85 -46.30
C ARG F 39 0.35 -53.36 -46.01
N ASN F 40 0.97 -52.59 -46.90
CA ASN F 40 1.13 -51.14 -46.73
C ASN F 40 1.82 -50.82 -45.41
N VAL F 41 3.06 -51.28 -45.28
CA VAL F 41 3.82 -51.06 -44.06
C VAL F 41 5.30 -51.00 -44.41
N ASP F 42 6.03 -50.11 -43.77
CA ASP F 42 7.46 -50.02 -43.92
C ASP F 42 8.10 -51.32 -43.44
N MET F 43 9.16 -51.74 -44.13
CA MET F 43 9.71 -53.06 -43.84
C MET F 43 11.15 -53.04 -43.36
N GLY F 44 12.06 -52.40 -44.09
CA GLY F 44 13.45 -52.48 -43.67
C GLY F 44 14.27 -51.45 -44.42
N ARG F 45 15.50 -51.29 -43.97
CA ARG F 45 16.38 -50.26 -44.51
C ARG F 45 17.12 -50.84 -45.71
N VAL F 46 16.78 -50.35 -46.90
CA VAL F 46 17.40 -50.81 -48.13
C VAL F 46 18.59 -49.95 -48.50
N MET F 47 18.37 -48.66 -48.70
CA MET F 47 19.46 -47.78 -49.10
C MET F 47 20.21 -47.30 -47.85
N ASP F 48 21.53 -47.25 -47.97
CA ASP F 48 22.38 -46.95 -46.83
C ASP F 48 22.17 -45.51 -46.39
N LEU F 49 22.01 -45.31 -45.08
CA LEU F 49 21.91 -43.98 -44.51
C LEU F 49 23.05 -43.77 -43.54
N THR F 50 23.83 -42.71 -43.75
CA THR F 50 24.95 -42.38 -42.91
C THR F 50 24.88 -40.90 -42.53
N TYR F 51 25.52 -40.56 -41.43
CA TYR F 51 25.55 -39.20 -40.95
C TYR F 51 26.99 -38.72 -40.80
N THR F 52 27.82 -39.07 -41.77
CA THR F 52 29.22 -38.69 -41.71
C THR F 52 29.39 -37.17 -41.78
N ASN F 53 28.62 -36.53 -42.65
CA ASN F 53 28.83 -35.12 -42.94
C ASN F 53 28.04 -34.20 -42.03
N CYS F 54 27.19 -34.73 -41.15
CA CYS F 54 26.33 -33.93 -40.29
C CYS F 54 25.51 -32.96 -41.12
N LYS F 55 24.95 -33.48 -42.21
CA LYS F 55 24.15 -32.66 -43.10
C LYS F 55 22.89 -32.18 -42.40
N THR F 56 22.47 -30.98 -42.74
CA THR F 56 21.33 -30.33 -42.10
C THR F 56 20.40 -29.79 -43.17
N THR F 57 19.12 -29.71 -42.85
CA THR F 57 18.23 -28.96 -43.72
C THR F 57 18.58 -27.48 -43.64
N GLU F 58 18.38 -26.78 -44.76
CA GLU F 58 18.89 -25.42 -44.88
C GLU F 58 18.36 -24.52 -43.78
N ASP F 59 17.10 -24.70 -43.39
CA ASP F 59 16.56 -23.88 -42.32
C ASP F 59 17.14 -24.21 -40.97
N GLY F 60 18.02 -25.20 -40.88
CA GLY F 60 18.66 -25.51 -39.63
C GLY F 60 17.75 -26.14 -38.61
N GLN F 61 16.67 -26.79 -39.06
CA GLN F 61 15.70 -27.39 -38.18
C GLN F 61 16.00 -28.85 -37.86
N TYR F 62 16.49 -29.62 -38.84
CA TYR F 62 16.65 -31.04 -38.68
C TYR F 62 17.99 -31.50 -39.24
N ILE F 63 18.47 -32.61 -38.69
CA ILE F 63 19.65 -33.30 -39.19
C ILE F 63 19.18 -34.40 -40.13
N ILE F 64 19.81 -34.51 -41.29
CA ILE F 64 19.40 -35.50 -42.26
C ILE F 64 20.60 -36.33 -42.69
N PRO F 65 20.39 -37.57 -43.14
CA PRO F 65 21.52 -38.37 -43.62
C PRO F 65 22.09 -37.78 -44.88
N ASP F 66 23.33 -38.18 -45.18
CA ASP F 66 24.03 -37.65 -46.33
C ASP F 66 23.42 -38.05 -47.65
N GLU F 67 22.51 -39.02 -47.66
CA GLU F 67 22.00 -39.57 -48.91
C GLU F 67 20.64 -39.02 -49.29
N VAL F 68 20.15 -37.99 -48.59
CA VAL F 68 18.84 -37.44 -48.85
C VAL F 68 18.95 -35.94 -48.99
N TYR F 69 17.99 -35.36 -49.70
CA TYR F 69 17.84 -33.92 -49.79
C TYR F 69 16.39 -33.56 -49.61
N THR F 70 16.15 -32.37 -49.07
CA THR F 70 14.81 -31.93 -48.70
C THR F 70 14.40 -30.76 -49.56
N ILE F 71 13.18 -30.80 -50.06
CA ILE F 71 12.54 -29.67 -50.73
C ILE F 71 11.58 -29.03 -49.74
N PRO F 72 11.75 -27.77 -49.40
CA PRO F 72 10.93 -27.11 -48.37
C PRO F 72 9.60 -26.61 -48.90
N GLN F 73 8.59 -27.47 -48.81
CA GLN F 73 7.25 -27.14 -49.30
C GLN F 73 6.33 -26.79 -48.15
N LYS F 74 6.69 -25.78 -47.36
CA LYS F 74 6.01 -25.58 -46.09
C LYS F 74 4.59 -25.10 -46.36
N GLU F 75 3.65 -26.03 -46.41
CA GLU F 75 2.27 -25.77 -46.79
C GLU F 75 1.31 -26.19 -45.69
N SER F 76 0.20 -25.49 -45.57
CA SER F 76 -0.85 -25.80 -44.61
C SER F 76 -2.19 -25.67 -45.32
N ASN F 77 -3.07 -26.64 -45.12
CA ASN F 77 -4.44 -26.56 -45.60
C ASN F 77 -5.39 -26.70 -44.43
N LEU F 78 -6.36 -25.82 -44.36
CA LEU F 78 -7.37 -25.82 -43.32
C LEU F 78 -8.74 -25.84 -43.97
N GLU F 79 -9.63 -26.70 -43.49
CA GLU F 79 -11.02 -26.67 -43.90
C GLU F 79 -11.87 -26.79 -42.66
N MET F 80 -12.73 -25.81 -42.41
CA MET F 80 -13.66 -25.85 -41.31
C MET F 80 -15.07 -25.74 -41.88
N ASN F 81 -15.89 -26.74 -41.63
CA ASN F 81 -17.29 -26.72 -42.04
C ASN F 81 -18.13 -26.81 -40.79
N SER F 82 -19.13 -25.96 -40.70
CA SER F 82 -20.10 -26.02 -39.63
C SER F 82 -21.50 -26.00 -40.22
N GLU F 83 -22.46 -26.54 -39.50
CA GLU F 83 -23.83 -26.57 -39.99
C GLU F 83 -24.78 -26.74 -38.82
N VAL F 84 -25.63 -25.75 -38.60
CA VAL F 84 -26.61 -25.79 -37.53
C VAL F 84 -27.99 -25.79 -38.16
N LEU F 85 -28.83 -26.73 -37.74
CA LEU F 85 -30.20 -26.80 -38.22
C LEU F 85 -31.12 -26.88 -37.01
N GLU F 86 -32.01 -25.91 -36.87
CA GLU F 86 -33.01 -25.96 -35.83
C GLU F 86 -34.39 -25.93 -36.46
N SER F 87 -35.31 -26.68 -35.86
CA SER F 87 -36.68 -26.73 -36.32
C SER F 87 -37.57 -26.73 -35.09
N TRP F 88 -38.38 -25.70 -34.95
CA TRP F 88 -39.28 -25.54 -33.84
C TRP F 88 -40.70 -25.57 -34.37
N MET F 89 -41.55 -26.41 -33.80
CA MET F 89 -42.95 -26.49 -34.19
C MET F 89 -43.78 -26.47 -32.93
N ASN F 90 -44.46 -25.35 -32.68
CA ASN F 90 -45.30 -25.18 -31.52
C ASN F 90 -46.75 -25.07 -31.96
N TYR F 91 -47.64 -25.73 -31.24
CA TYR F 91 -49.04 -25.82 -31.62
C TYR F 91 -49.90 -25.85 -30.38
N GLN F 92 -51.03 -25.15 -30.43
CA GLN F 92 -51.99 -25.15 -29.34
C GLN F 92 -53.38 -25.29 -29.91
N SER F 93 -54.33 -25.63 -29.04
CA SER F 93 -55.72 -25.79 -29.43
C SER F 93 -56.58 -25.68 -28.19
N THR F 94 -57.46 -24.69 -28.14
CA THR F 94 -58.39 -24.53 -27.04
C THR F 94 -59.80 -24.54 -27.60
N THR F 95 -60.63 -25.45 -27.12
CA THR F 95 -62.03 -25.50 -27.50
C THR F 95 -62.90 -25.48 -26.26
N SER F 96 -64.01 -24.76 -26.34
CA SER F 96 -64.95 -24.66 -25.23
C SER F 96 -66.36 -24.88 -25.77
N LEU F 97 -67.27 -25.22 -24.86
CA LEU F 97 -68.65 -25.40 -25.24
C LEU F 97 -69.51 -25.28 -23.98
N SER F 98 -70.35 -24.25 -23.93
CA SER F 98 -71.22 -24.01 -22.79
C SER F 98 -72.66 -24.16 -23.24
N ILE F 99 -73.46 -24.86 -22.45
CA ILE F 99 -74.88 -25.02 -22.72
C ILE F 99 -75.64 -24.70 -21.45
N ASN F 100 -76.51 -23.70 -21.50
CA ASN F 100 -77.37 -23.37 -20.36
C ASN F 100 -78.82 -23.54 -20.78
N THR F 101 -79.58 -24.26 -19.97
CA THR F 101 -80.98 -24.51 -20.24
C THR F 101 -81.78 -24.21 -18.99
N GLU F 102 -82.89 -23.51 -19.14
CA GLU F 102 -83.83 -23.29 -18.05
C GLU F 102 -85.23 -23.61 -18.51
N LEU F 103 -86.12 -23.90 -17.57
CA LEU F 103 -87.51 -24.19 -17.89
C LEU F 103 -88.34 -23.94 -16.65
N ALA F 104 -89.10 -22.85 -16.64
CA ALA F 104 -90.00 -22.52 -15.55
C ALA F 104 -91.43 -22.77 -15.99
N LEU F 105 -92.14 -23.60 -15.24
CA LEU F 105 -93.52 -23.97 -15.57
C LEU F 105 -94.44 -23.45 -14.47
N PHE F 106 -95.50 -22.76 -14.86
CA PHE F 106 -96.52 -22.28 -13.95
C PHE F 106 -95.96 -21.38 -12.86
N SER F 107 -94.78 -20.82 -13.09
CA SER F 107 -94.08 -19.95 -12.13
C SER F 107 -93.76 -20.67 -10.82
N ARG F 108 -93.74 -22.00 -10.83
CA ARG F 108 -93.39 -22.77 -9.64
C ARG F 108 -92.30 -23.80 -9.89
N VAL F 109 -92.39 -24.58 -10.95
CA VAL F 109 -91.51 -25.71 -11.19
C VAL F 109 -90.35 -25.19 -12.04
N ASN F 110 -89.20 -24.99 -11.41
CA ASN F 110 -88.02 -24.52 -12.10
C ASN F 110 -87.06 -25.68 -12.35
N GLY F 111 -86.38 -25.65 -13.49
CA GLY F 111 -85.35 -26.62 -13.78
C GLY F 111 -84.22 -26.04 -14.59
N LYS F 112 -82.99 -26.14 -14.08
CA LYS F 112 -81.81 -25.63 -14.77
C LYS F 112 -80.86 -26.78 -15.05
N PHE F 113 -80.09 -26.65 -16.11
CA PHE F 113 -79.16 -27.71 -16.52
C PHE F 113 -78.08 -27.07 -17.39
N SER F 114 -76.93 -26.79 -16.79
CA SER F 114 -75.84 -26.17 -17.52
C SER F 114 -74.65 -27.11 -17.56
N THR F 115 -74.15 -27.36 -18.77
CA THR F 115 -73.00 -28.23 -18.96
C THR F 115 -71.93 -27.48 -19.74
N GLU F 116 -70.71 -27.53 -19.24
CA GLU F 116 -69.57 -26.89 -19.87
C GLU F 116 -68.54 -27.97 -20.16
N PHE F 117 -67.92 -27.88 -21.33
CA PHE F 117 -66.84 -28.76 -21.71
C PHE F 117 -65.69 -27.93 -22.25
N GLN F 118 -64.48 -28.29 -21.89
CA GLN F 118 -63.30 -27.53 -22.28
C GLN F 118 -62.16 -28.48 -22.55
N ARG F 119 -61.54 -28.38 -23.72
CA ARG F 119 -60.42 -29.22 -24.08
C ARG F 119 -59.27 -28.35 -24.55
N MET F 120 -58.11 -28.51 -23.93
CA MET F 120 -56.90 -27.82 -24.32
C MET F 120 -55.86 -28.84 -24.72
N LYS F 121 -55.10 -28.54 -25.77
CA LYS F 121 -54.08 -29.45 -26.25
C LYS F 121 -52.88 -28.61 -26.70
N THR F 122 -51.69 -29.03 -26.30
CA THR F 122 -50.46 -28.33 -26.64
C THR F 122 -49.45 -29.35 -27.13
N LEU F 123 -48.69 -28.99 -28.16
CA LEU F 123 -47.61 -29.84 -28.65
C LEU F 123 -46.44 -28.96 -29.03
N GLN F 124 -45.28 -29.26 -28.47
CA GLN F 124 -44.05 -28.60 -28.87
C GLN F 124 -43.08 -29.65 -29.36
N VAL F 125 -42.45 -29.38 -30.50
CA VAL F 125 -41.38 -30.23 -31.00
C VAL F 125 -40.21 -29.32 -31.34
N LYS F 126 -39.02 -29.74 -30.93
CA LYS F 126 -37.83 -28.93 -31.13
C LYS F 126 -36.70 -29.87 -31.53
N ASP F 127 -36.14 -29.67 -32.72
CA ASP F 127 -35.08 -30.52 -33.23
C ASP F 127 -33.89 -29.65 -33.54
N GLN F 128 -32.73 -30.02 -33.02
CA GLN F 128 -31.50 -29.28 -33.24
C GLN F 128 -30.44 -30.24 -33.70
N ALA F 129 -29.68 -29.85 -34.72
CA ALA F 129 -28.65 -30.72 -35.28
C ALA F 129 -27.44 -29.87 -35.63
N VAL F 130 -26.34 -30.10 -34.95
CA VAL F 130 -25.10 -29.37 -35.17
C VAL F 130 -24.09 -30.34 -35.75
N THR F 131 -23.38 -29.92 -36.77
CA THR F 131 -22.33 -30.72 -37.37
C THR F 131 -21.11 -29.86 -37.58
N THR F 132 -19.95 -30.37 -37.21
CA THR F 132 -18.71 -29.63 -37.33
C THR F 132 -17.64 -30.57 -37.88
N ARG F 133 -16.82 -30.07 -38.78
CA ARG F 133 -15.70 -30.84 -39.30
C ARG F 133 -14.52 -29.92 -39.49
N VAL F 134 -13.39 -30.26 -38.88
CA VAL F 134 -12.16 -29.52 -39.00
C VAL F 134 -11.14 -30.44 -39.64
N GLN F 135 -10.40 -29.93 -40.60
CA GLN F 135 -9.42 -30.75 -41.31
C GLN F 135 -8.17 -29.92 -41.54
N VAL F 136 -7.09 -30.28 -40.86
CA VAL F 136 -5.81 -29.63 -40.99
C VAL F 136 -4.86 -30.59 -41.69
N ARG F 137 -4.03 -30.05 -42.57
CA ARG F 137 -3.04 -30.88 -43.24
C ARG F 137 -1.81 -30.03 -43.51
N ASN F 138 -0.74 -30.30 -42.77
CA ASN F 138 0.54 -29.65 -42.98
C ASN F 138 1.45 -30.58 -43.75
N ARG F 139 2.11 -30.04 -44.76
CA ARG F 139 3.14 -30.76 -45.49
C ARG F 139 4.38 -29.88 -45.45
N ILE F 140 5.39 -30.27 -44.69
CA ILE F 140 6.49 -29.35 -44.45
C ILE F 140 7.61 -29.60 -45.44
N TYR F 141 8.20 -30.78 -45.41
CA TYR F 141 9.32 -31.10 -46.27
C TYR F 141 8.94 -32.17 -47.26
N THR F 142 9.78 -32.33 -48.28
CA THR F 142 9.73 -33.48 -49.15
C THR F 142 11.14 -34.07 -49.19
N VAL F 143 11.32 -35.27 -48.66
CA VAL F 143 12.63 -35.88 -48.52
C VAL F 143 12.81 -36.89 -49.64
N LYS F 144 13.90 -36.79 -50.37
CA LYS F 144 14.19 -37.71 -51.46
C LYS F 144 15.59 -38.28 -51.31
N THR F 145 15.78 -39.49 -51.81
CA THR F 145 17.10 -40.11 -51.80
C THR F 145 17.98 -39.52 -52.88
N THR F 146 19.23 -39.27 -52.54
CA THR F 146 20.18 -38.81 -53.53
C THR F 146 20.37 -39.91 -54.57
N PRO F 147 20.38 -39.57 -55.86
CA PRO F 147 20.49 -40.62 -56.88
C PRO F 147 21.77 -41.43 -56.80
N THR F 148 22.80 -40.92 -56.12
CA THR F 148 24.07 -41.60 -56.02
C THR F 148 24.18 -42.45 -54.76
N SER F 149 23.05 -42.69 -54.09
CA SER F 149 23.10 -43.40 -52.82
C SER F 149 23.33 -44.90 -53.05
N GLU F 150 23.81 -45.56 -52.00
CA GLU F 150 24.22 -46.95 -52.07
C GLU F 150 23.37 -47.82 -51.15
N LEU F 151 23.31 -49.10 -51.47
CA LEU F 151 22.52 -50.03 -50.69
C LEU F 151 23.12 -50.22 -49.30
N SER F 152 22.26 -50.55 -48.36
CA SER F 152 22.70 -50.77 -46.99
C SER F 152 23.51 -52.05 -46.90
N LEU F 153 24.19 -52.21 -45.77
CA LEU F 153 25.00 -53.40 -45.57
C LEU F 153 24.14 -54.66 -45.56
N GLY F 154 23.03 -54.63 -44.83
CA GLY F 154 22.23 -55.84 -44.69
C GLY F 154 21.58 -56.29 -45.99
N PHE F 155 21.04 -55.34 -46.76
CA PHE F 155 20.43 -55.69 -48.03
C PHE F 155 21.46 -56.29 -48.96
N THR F 156 22.65 -55.69 -49.02
CA THR F 156 23.72 -56.24 -49.83
C THR F 156 24.07 -57.64 -49.38
N LYS F 157 24.17 -57.86 -48.08
CA LYS F 157 24.54 -59.17 -47.59
C LYS F 157 23.51 -60.23 -47.98
N ALA F 158 22.23 -59.90 -47.85
CA ALA F 158 21.21 -60.85 -48.27
C ALA F 158 21.30 -61.13 -49.76
N LEU F 159 21.55 -60.09 -50.56
CA LEU F 159 21.67 -60.31 -51.99
C LEU F 159 22.86 -61.20 -52.33
N MET F 160 23.99 -60.99 -51.66
CA MET F 160 25.15 -61.84 -51.91
C MET F 160 24.87 -63.28 -51.49
N ASP F 161 24.12 -63.46 -50.40
CA ASP F 161 23.78 -64.83 -50.01
C ASP F 161 22.94 -65.51 -51.07
N ILE F 162 21.95 -64.80 -51.61
CA ILE F 162 21.14 -65.38 -52.68
C ILE F 162 22.01 -65.68 -53.90
N CYS F 163 22.92 -64.77 -54.23
CA CYS F 163 23.80 -64.98 -55.38
C CYS F 163 24.67 -66.22 -55.18
N ASP F 164 25.21 -66.40 -53.98
CA ASP F 164 26.05 -67.56 -53.72
C ASP F 164 25.25 -68.85 -53.81
N GLN F 165 24.05 -68.88 -53.24
CA GLN F 165 23.28 -70.11 -53.35
C GLN F 165 22.86 -70.41 -54.78
N LEU F 166 22.49 -69.40 -55.57
CA LEU F 166 22.18 -69.69 -56.96
C LEU F 166 23.44 -70.11 -57.72
N GLU F 167 24.59 -69.60 -57.30
CA GLU F 167 25.86 -70.04 -57.87
C GLU F 167 26.11 -71.51 -57.56
N LYS F 168 25.69 -71.97 -56.38
CA LYS F 168 25.81 -73.37 -56.04
C LYS F 168 24.81 -74.26 -56.77
N ASN F 169 24.11 -73.73 -57.78
CA ASN F 169 23.16 -74.49 -58.57
C ASN F 169 22.10 -75.13 -57.69
N GLN F 170 21.71 -74.39 -56.66
CA GLN F 170 20.71 -74.86 -55.69
C GLN F 170 19.51 -73.92 -55.78
N THR F 171 18.64 -74.18 -56.74
CA THR F 171 17.45 -73.36 -56.93
C THR F 171 16.44 -73.53 -55.79
N LYS F 172 16.66 -74.50 -54.92
CA LYS F 172 15.70 -74.78 -53.85
C LYS F 172 15.77 -73.72 -52.77
N MET F 173 16.89 -73.65 -52.05
CA MET F 173 17.02 -72.64 -51.00
C MET F 173 17.22 -71.25 -51.57
N ALA F 174 17.54 -71.11 -52.85
CA ALA F 174 17.61 -69.79 -53.44
C ALA F 174 16.25 -69.10 -53.40
N THR F 175 15.20 -69.81 -53.80
CA THR F 175 13.87 -69.23 -53.76
C THR F 175 13.45 -68.92 -52.33
N TYR F 176 13.77 -69.81 -51.40
CA TYR F 176 13.45 -69.57 -50.00
C TYR F 176 14.15 -68.31 -49.49
N LEU F 177 15.43 -68.16 -49.80
CA LEU F 177 16.16 -67.00 -49.34
C LEU F 177 15.62 -65.73 -49.98
N ALA F 178 15.22 -65.80 -51.25
CA ALA F 178 14.60 -64.65 -51.88
C ALA F 178 13.28 -64.28 -51.21
N GLU F 179 12.49 -65.28 -50.84
CA GLU F 179 11.23 -64.99 -50.17
C GLU F 179 11.47 -64.36 -48.80
N LEU F 180 12.51 -64.82 -48.10
CA LEU F 180 12.88 -64.15 -46.85
C LEU F 180 13.29 -62.71 -47.10
N LEU F 181 14.02 -62.47 -48.20
CA LEU F 181 14.38 -61.12 -48.56
C LEU F 181 13.15 -60.25 -48.75
N ILE F 182 12.16 -60.78 -49.46
CA ILE F 182 10.92 -60.04 -49.66
C ILE F 182 10.25 -59.76 -48.33
N LEU F 183 10.20 -60.77 -47.47
CA LEU F 183 9.55 -60.60 -46.18
C LEU F 183 10.23 -59.53 -45.35
N ASN F 184 11.56 -59.49 -45.35
CA ASN F 184 12.27 -58.53 -44.53
C ASN F 184 12.21 -57.13 -45.12
N TYR F 185 12.30 -56.99 -46.44
CA TYR F 185 12.46 -55.68 -47.05
C TYR F 185 11.26 -55.29 -47.90
N GLY F 186 10.19 -56.06 -47.87
CA GLY F 186 9.02 -55.64 -48.61
C GLY F 186 9.23 -55.76 -50.10
N THR F 187 8.32 -55.11 -50.84
CA THR F 187 8.27 -55.19 -52.29
C THR F 187 8.94 -54.00 -52.97
N HIS F 188 8.60 -52.80 -52.57
CA HIS F 188 9.17 -51.60 -53.17
C HIS F 188 10.17 -50.95 -52.23
N VAL F 189 10.86 -49.94 -52.75
CA VAL F 189 11.76 -49.11 -51.98
C VAL F 189 11.27 -47.67 -52.10
N ILE F 190 11.15 -47.00 -50.97
CA ILE F 190 10.62 -45.64 -50.96
C ILE F 190 11.72 -44.67 -51.31
N THR F 191 11.52 -43.90 -52.37
CA THR F 191 12.49 -42.90 -52.78
C THR F 191 12.09 -41.49 -52.41
N SER F 192 10.86 -41.27 -51.95
CA SER F 192 10.45 -39.94 -51.54
C SER F 192 9.28 -40.04 -50.58
N VAL F 193 9.30 -39.21 -49.55
CA VAL F 193 8.22 -39.11 -48.58
C VAL F 193 7.94 -37.64 -48.36
N ASP F 194 6.75 -37.36 -47.84
CA ASP F 194 6.37 -36.00 -47.49
C ASP F 194 6.25 -35.93 -45.98
N ALA F 195 7.24 -35.35 -45.33
CA ALA F 195 7.13 -35.09 -43.90
C ALA F 195 5.98 -34.15 -43.66
N GLY F 196 5.15 -34.46 -42.66
CA GLY F 196 4.03 -33.60 -42.40
C GLY F 196 3.15 -34.07 -41.28
N ALA F 197 1.94 -33.57 -41.22
CA ALA F 197 1.02 -33.87 -40.14
C ALA F 197 -0.39 -33.63 -40.64
N ALA F 198 -1.36 -34.24 -39.97
CA ALA F 198 -2.74 -34.12 -40.38
C ALA F 198 -3.65 -34.31 -39.18
N LEU F 199 -4.86 -33.78 -39.30
CA LEU F 199 -5.80 -33.80 -38.18
C LEU F 199 -7.21 -33.70 -38.72
N VAL F 200 -8.10 -34.54 -38.22
CA VAL F 200 -9.50 -34.51 -38.61
C VAL F 200 -10.34 -34.54 -37.35
N GLN F 201 -11.28 -33.62 -37.22
CA GLN F 201 -12.24 -33.63 -36.13
C GLN F 201 -13.63 -33.60 -36.71
N GLU F 202 -14.53 -34.38 -36.15
CA GLU F 202 -15.94 -34.36 -36.55
C GLU F 202 -16.80 -34.39 -35.30
N ASP F 203 -17.70 -33.43 -35.17
CA ASP F 203 -18.70 -33.41 -34.11
C ASP F 203 -20.08 -33.50 -34.73
N HIS F 204 -20.94 -34.30 -34.11
CA HIS F 204 -22.36 -34.31 -34.42
C HIS F 204 -23.11 -34.17 -33.12
N VAL F 205 -24.13 -33.33 -33.09
CA VAL F 205 -25.01 -33.17 -31.95
C VAL F 205 -26.44 -33.22 -32.47
N ARG F 206 -27.28 -34.01 -31.82
CA ARG F 206 -28.68 -34.08 -32.16
C ARG F 206 -29.51 -34.01 -30.89
N SER F 207 -30.32 -32.97 -30.78
CA SER F 207 -31.25 -32.80 -29.67
C SER F 207 -32.65 -32.90 -30.24
N SER F 208 -33.51 -33.66 -29.56
CA SER F 208 -34.89 -33.80 -29.97
C SER F 208 -35.75 -33.74 -28.72
N PHE F 209 -36.61 -32.73 -28.65
CA PHE F 209 -37.42 -32.48 -27.46
C PHE F 209 -38.87 -32.31 -27.86
N LEU F 210 -39.73 -33.21 -27.45
CA LEU F 210 -41.14 -33.06 -27.75
C LEU F 210 -41.96 -33.21 -26.49
N LEU F 211 -42.91 -32.32 -26.30
CA LEU F 211 -43.84 -32.44 -25.19
C LEU F 211 -45.26 -32.30 -25.73
N ASP F 212 -46.19 -33.02 -25.12
CA ASP F 212 -47.59 -32.82 -25.42
C ASP F 212 -48.40 -32.79 -24.13
N ASN F 213 -49.26 -31.79 -24.03
CA ASN F 213 -50.05 -31.51 -22.84
C ASN F 213 -51.52 -31.54 -23.22
N GLN F 214 -52.35 -32.12 -22.37
CA GLN F 214 -53.78 -32.20 -22.60
C GLN F 214 -54.51 -31.86 -21.32
N ASN F 215 -55.45 -30.95 -21.40
CA ASN F 215 -56.33 -30.64 -20.29
C ASN F 215 -57.76 -30.88 -20.72
N SER F 216 -58.56 -31.48 -19.85
CA SER F 216 -59.96 -31.73 -20.14
C SER F 216 -60.77 -31.41 -18.91
N GLN F 217 -61.72 -30.49 -19.05
CA GLN F 217 -62.54 -30.03 -17.95
C GLN F 217 -64.01 -30.18 -18.32
N ASN F 218 -64.81 -30.69 -17.39
CA ASN F 218 -66.24 -30.84 -17.59
C ASN F 218 -66.94 -30.34 -16.35
N THR F 219 -68.03 -29.61 -16.54
CA THR F 219 -68.86 -29.12 -15.44
C THR F 219 -70.31 -29.43 -15.78
N VAL F 220 -71.04 -29.99 -14.82
CA VAL F 220 -72.47 -30.24 -14.99
C VAL F 220 -73.17 -29.76 -13.74
N THR F 221 -74.10 -28.82 -13.89
CA THR F 221 -74.87 -28.31 -12.77
C THR F 221 -76.35 -28.45 -13.12
N ALA F 222 -77.06 -29.25 -12.33
CA ALA F 222 -78.49 -29.44 -12.51
C ALA F 222 -79.22 -28.91 -11.29
N SER F 223 -80.44 -28.44 -11.50
CA SER F 223 -81.22 -27.86 -10.41
C SER F 223 -82.70 -28.06 -10.69
N ALA F 224 -83.46 -28.33 -9.65
CA ALA F 224 -84.91 -28.51 -9.77
C ALA F 224 -85.56 -27.96 -8.51
N GLY F 225 -86.47 -27.01 -8.68
CA GLY F 225 -87.15 -26.41 -7.55
C GLY F 225 -88.65 -26.39 -7.70
N ILE F 226 -89.35 -27.09 -6.81
CA ILE F 226 -90.80 -27.13 -6.79
C ILE F 226 -91.25 -26.33 -5.59
N ALA F 227 -91.91 -25.20 -5.83
CA ALA F 227 -92.30 -24.27 -4.78
C ALA F 227 -93.77 -23.93 -4.94
N PHE F 228 -94.61 -24.50 -4.08
CA PHE F 228 -96.03 -24.17 -4.07
C PHE F 228 -96.24 -22.84 -3.34
N LEU F 229 -97.49 -22.55 -2.99
CA LEU F 229 -97.84 -21.28 -2.36
C LEU F 229 -97.75 -21.41 -0.83
N ASN F 230 -96.52 -21.36 -0.34
CA ASN F 230 -96.23 -21.37 1.09
C ASN F 230 -96.81 -22.58 1.79
N ILE F 231 -96.76 -23.74 1.15
CA ILE F 231 -97.13 -25.01 1.75
C ILE F 231 -96.01 -26.04 1.64
N VAL F 232 -95.46 -26.23 0.45
CA VAL F 232 -94.37 -27.15 0.20
C VAL F 232 -93.31 -26.44 -0.61
N ASN F 233 -92.05 -26.58 -0.21
CA ASN F 233 -90.91 -26.07 -0.95
C ASN F 233 -89.87 -27.17 -1.03
N PHE F 234 -89.24 -27.34 -2.20
CA PHE F 234 -88.31 -28.44 -2.41
C PHE F 234 -87.31 -28.05 -3.47
N LYS F 235 -86.05 -27.84 -3.09
CA LYS F 235 -85.01 -27.45 -4.01
C LYS F 235 -83.88 -28.47 -3.98
N VAL F 236 -83.47 -28.94 -5.15
CA VAL F 236 -82.40 -29.92 -5.27
C VAL F 236 -81.43 -29.45 -6.34
N GLU F 237 -80.17 -29.26 -5.97
CA GLU F 237 -79.14 -28.91 -6.92
C GLU F 237 -77.98 -29.88 -6.83
N THR F 238 -77.56 -30.40 -7.97
CA THR F 238 -76.45 -31.34 -8.04
C THR F 238 -75.36 -30.74 -8.92
N ASP F 239 -74.15 -30.68 -8.38
CA ASP F 239 -73.02 -30.10 -9.08
C ASP F 239 -71.97 -31.17 -9.30
N TYR F 240 -71.23 -31.05 -10.40
CA TYR F 240 -70.22 -32.04 -10.74
C TYR F 240 -69.12 -31.36 -11.53
N ILE F 241 -67.88 -31.58 -11.13
CA ILE F 241 -66.71 -31.06 -11.84
C ILE F 241 -65.75 -32.23 -12.06
N SER F 242 -65.19 -32.31 -13.26
CA SER F 242 -64.20 -33.33 -13.58
C SER F 242 -63.09 -32.69 -14.39
N GLN F 243 -61.93 -32.55 -13.79
CA GLN F 243 -60.79 -31.87 -14.40
C GLN F 243 -59.61 -32.83 -14.45
N THR F 244 -59.00 -32.98 -15.62
CA THR F 244 -57.84 -33.85 -15.76
C THR F 244 -56.77 -33.15 -16.57
N SER F 245 -55.52 -33.40 -16.21
CA SER F 245 -54.37 -32.91 -16.97
C SER F 245 -53.44 -34.07 -17.27
N LEU F 246 -52.64 -33.92 -18.31
CA LEU F 246 -51.69 -34.96 -18.66
C LEU F 246 -50.64 -34.35 -19.56
N THR F 247 -49.43 -34.19 -19.04
CA THR F 247 -48.30 -33.68 -19.83
C THR F 247 -47.26 -34.77 -19.93
N LYS F 248 -46.75 -34.99 -21.14
CA LYS F 248 -45.74 -36.00 -21.37
C LYS F 248 -44.62 -35.36 -22.17
N ASP F 249 -43.41 -35.37 -21.61
CA ASP F 249 -42.24 -34.86 -22.30
C ASP F 249 -41.36 -36.00 -22.78
N TYR F 250 -40.39 -35.65 -23.62
CA TYR F 250 -39.38 -36.59 -24.03
C TYR F 250 -38.22 -35.81 -24.61
N LEU F 251 -37.05 -35.99 -24.04
CA LEU F 251 -35.85 -35.30 -24.45
C LEU F 251 -34.80 -36.31 -24.85
N SER F 252 -34.00 -35.98 -25.86
CA SER F 252 -32.98 -36.91 -26.32
C SER F 252 -31.80 -36.11 -26.86
N ASN F 253 -30.64 -36.28 -26.25
CA ASN F 253 -29.38 -35.74 -26.74
C ASN F 253 -28.53 -36.87 -27.27
N ARG F 254 -27.78 -36.62 -28.33
CA ARG F 254 -26.80 -37.59 -28.81
C ARG F 254 -25.66 -36.80 -29.44
N THR F 255 -24.47 -36.92 -28.86
CA THR F 255 -23.29 -36.25 -29.40
C THR F 255 -22.25 -37.30 -29.73
N ASN F 256 -21.63 -37.17 -30.89
CA ASN F 256 -20.51 -38.02 -31.28
C ASN F 256 -19.36 -37.13 -31.70
N SER F 257 -18.21 -37.31 -31.09
CA SER F 257 -16.99 -36.68 -31.54
C SER F 257 -16.05 -37.74 -32.04
N ARG F 258 -15.22 -37.38 -33.01
CA ARG F 258 -14.22 -38.31 -33.51
C ARG F 258 -13.04 -37.49 -33.99
N VAL F 259 -11.88 -37.73 -33.41
CA VAL F 259 -10.65 -37.05 -33.77
C VAL F 259 -9.67 -38.10 -34.26
N GLN F 260 -8.99 -37.78 -35.35
CA GLN F 260 -7.98 -38.67 -35.90
C GLN F 260 -6.77 -37.82 -36.26
N SER F 261 -5.65 -38.09 -35.62
CA SER F 261 -4.46 -37.26 -35.74
C SER F 261 -3.33 -38.11 -36.28
N PHE F 262 -2.60 -37.58 -37.26
CA PHE F 262 -1.39 -38.20 -37.75
C PHE F 262 -0.25 -37.24 -37.54
N GLY F 263 0.70 -37.60 -36.69
CA GLY F 263 1.79 -36.72 -36.42
C GLY F 263 1.40 -35.70 -35.37
N GLY F 264 2.36 -34.95 -34.89
CA GLY F 264 2.08 -33.92 -33.92
C GLY F 264 1.94 -34.48 -32.52
N VAL F 265 1.62 -33.59 -31.60
CA VAL F 265 1.45 -33.97 -30.20
C VAL F 265 0.26 -34.91 -30.08
N PRO F 266 0.27 -35.85 -29.13
CA PRO F 266 -0.95 -36.61 -28.87
C PRO F 266 -2.11 -35.68 -28.57
N PHE F 267 -3.25 -35.96 -29.18
CA PHE F 267 -4.37 -35.05 -29.14
C PHE F 267 -5.16 -35.22 -27.86
N TYR F 268 -5.62 -34.10 -27.29
CA TYR F 268 -6.57 -34.12 -26.19
C TYR F 268 -7.62 -33.07 -26.46
N PRO F 269 -8.85 -33.27 -25.99
CA PRO F 269 -9.98 -32.50 -26.51
C PRO F 269 -9.84 -31.00 -26.35
N GLY F 270 -9.24 -30.52 -25.28
CA GLY F 270 -9.23 -29.09 -25.06
C GLY F 270 -8.14 -28.37 -25.80
N ILE F 271 -7.39 -29.08 -26.64
CA ILE F 271 -6.25 -28.49 -27.31
C ILE F 271 -6.75 -27.55 -28.40
N THR F 272 -6.00 -26.47 -28.61
CA THR F 272 -6.31 -25.50 -29.63
C THR F 272 -5.47 -25.80 -30.87
N LEU F 273 -6.00 -25.42 -32.03
CA LEU F 273 -5.23 -25.63 -33.24
C LEU F 273 -3.92 -24.87 -33.20
N GLU F 274 -3.85 -23.78 -32.44
CA GLU F 274 -2.58 -23.09 -32.30
C GLU F 274 -1.56 -23.98 -31.60
N THR F 275 -1.94 -24.56 -30.47
CA THR F 275 -1.01 -25.41 -29.74
C THR F 275 -0.64 -26.64 -30.56
N TRP F 276 -1.60 -27.22 -31.27
CA TRP F 276 -1.29 -28.39 -32.08
C TRP F 276 -0.36 -28.03 -33.23
N GLN F 277 -0.62 -26.92 -33.91
CA GLN F 277 0.23 -26.54 -35.03
C GLN F 277 1.62 -26.18 -34.58
N LYS F 278 1.76 -25.52 -33.43
CA LYS F 278 3.08 -25.20 -32.93
C LYS F 278 3.82 -26.38 -32.36
N GLY F 279 3.16 -27.53 -32.23
CA GLY F 279 3.78 -28.68 -31.63
C GLY F 279 4.24 -29.76 -32.58
N ILE F 280 4.15 -29.50 -33.89
CA ILE F 280 4.56 -30.50 -34.86
C ILE F 280 6.03 -30.36 -35.16
N THR F 281 6.71 -29.50 -34.41
CA THR F 281 8.06 -29.12 -34.79
C THR F 281 9.04 -30.27 -34.71
N ASN F 282 8.66 -31.36 -34.04
CA ASN F 282 9.49 -32.54 -33.99
C ASN F 282 8.75 -33.84 -34.22
N HIS F 283 7.42 -33.80 -34.26
CA HIS F 283 6.62 -34.99 -34.43
C HIS F 283 6.04 -35.02 -35.83
N LEU F 284 6.87 -35.33 -36.80
CA LEU F 284 6.45 -35.30 -38.20
C LEU F 284 6.32 -36.72 -38.69
N VAL F 285 5.34 -36.96 -39.55
CA VAL F 285 5.01 -38.30 -40.01
C VAL F 285 4.95 -38.29 -41.52
N ALA F 286 5.40 -39.37 -42.14
CA ALA F 286 5.26 -39.50 -43.58
C ALA F 286 3.78 -39.54 -43.94
N ILE F 287 3.31 -38.47 -44.57
CA ILE F 287 1.91 -38.43 -44.96
C ILE F 287 1.69 -38.91 -46.39
N ASP F 288 2.75 -39.09 -47.16
CA ASP F 288 2.61 -39.57 -48.53
C ASP F 288 3.99 -40.03 -48.95
N ARG F 289 4.03 -41.06 -49.79
CA ARG F 289 5.30 -41.65 -50.17
C ARG F 289 5.22 -42.18 -51.60
N ALA F 290 6.37 -42.21 -52.24
CA ALA F 290 6.51 -42.75 -53.59
C ALA F 290 7.74 -43.62 -53.65
N GLY F 291 7.68 -44.67 -54.47
CA GLY F 291 8.74 -45.65 -54.49
C GLY F 291 8.88 -46.33 -55.83
N LEU F 292 9.76 -47.33 -55.85
CA LEU F 292 10.07 -48.09 -57.04
C LEU F 292 10.14 -49.57 -56.70
N PRO F 293 9.82 -50.45 -57.64
CA PRO F 293 9.97 -51.88 -57.39
C PRO F 293 11.41 -52.20 -57.04
N LEU F 294 11.60 -53.16 -56.14
CA LEU F 294 12.93 -53.34 -55.60
C LEU F 294 13.85 -54.06 -56.56
N HIS F 295 13.31 -54.78 -57.55
CA HIS F 295 14.18 -55.35 -58.58
C HIS F 295 14.86 -54.26 -59.38
N PHE F 296 14.30 -53.06 -59.37
CA PHE F 296 14.91 -51.92 -60.03
C PHE F 296 16.25 -51.56 -59.43
N PHE F 297 16.48 -51.91 -58.17
CA PHE F 297 17.75 -51.64 -57.51
C PHE F 297 18.76 -52.77 -57.65
N ILE F 298 18.37 -53.87 -58.28
CA ILE F 298 19.31 -54.97 -58.51
C ILE F 298 19.96 -54.76 -59.86
N LYS F 299 21.01 -53.95 -59.90
CA LYS F 299 21.66 -53.58 -61.14
C LYS F 299 23.17 -53.76 -60.96
N PRO F 300 23.89 -54.07 -62.04
CA PRO F 300 25.32 -54.37 -61.91
C PRO F 300 26.11 -53.23 -61.30
N ASP F 301 25.81 -52.00 -61.69
CA ASP F 301 26.50 -50.84 -61.14
C ASP F 301 26.21 -50.63 -59.67
N LYS F 302 25.12 -51.20 -59.16
CA LYS F 302 24.73 -51.03 -57.78
C LYS F 302 25.32 -52.07 -56.85
N LEU F 303 25.77 -53.20 -57.38
CA LEU F 303 26.39 -54.27 -56.61
C LEU F 303 27.80 -54.50 -57.13
N PRO F 304 28.81 -53.82 -56.56
CA PRO F 304 30.18 -54.03 -57.06
C PRO F 304 30.68 -55.45 -56.91
N GLY F 305 30.24 -56.16 -55.87
CA GLY F 305 30.83 -57.46 -55.58
C GLY F 305 30.45 -58.54 -56.55
N LEU F 306 29.46 -58.29 -57.42
CA LEU F 306 29.09 -59.44 -58.21
C LEU F 306 29.14 -59.12 -59.71
N PRO F 307 29.43 -60.12 -60.54
CA PRO F 307 29.45 -59.89 -61.98
C PRO F 307 28.08 -59.63 -62.55
N GLY F 308 28.06 -58.95 -63.68
CA GLY F 308 26.84 -58.56 -64.35
C GLY F 308 25.92 -59.69 -64.73
N PRO F 309 26.45 -60.73 -65.37
CA PRO F 309 25.61 -61.90 -65.67
C PRO F 309 25.00 -62.52 -64.44
N LEU F 310 25.72 -62.53 -63.32
CA LEU F 310 25.15 -63.04 -62.08
C LEU F 310 24.04 -62.15 -61.54
N VAL F 311 24.24 -60.83 -61.55
CA VAL F 311 23.23 -59.95 -60.98
C VAL F 311 21.99 -59.95 -61.85
N LYS F 312 22.13 -60.21 -63.16
CA LYS F 312 20.93 -60.33 -63.98
C LYS F 312 20.07 -61.49 -63.53
N LYS F 313 20.69 -62.65 -63.29
CA LYS F 313 19.95 -63.80 -62.79
C LYS F 313 19.38 -63.53 -61.41
N LEU F 314 20.15 -62.84 -60.57
CA LEU F 314 19.68 -62.50 -59.24
C LEU F 314 18.43 -61.63 -59.30
N SER F 315 18.44 -60.63 -60.18
CA SER F 315 17.26 -59.80 -60.37
C SER F 315 16.09 -60.64 -60.89
N LYS F 316 16.38 -61.56 -61.81
CA LYS F 316 15.32 -62.39 -62.36
C LYS F 316 14.64 -63.21 -61.26
N THR F 317 15.44 -63.84 -60.41
CA THR F 317 14.83 -64.66 -59.37
C THR F 317 14.14 -63.82 -58.31
N VAL F 318 14.68 -62.64 -58.00
CA VAL F 318 13.99 -61.78 -57.04
C VAL F 318 12.64 -61.34 -57.60
N GLU F 319 12.62 -60.95 -58.87
CA GLU F 319 11.37 -60.51 -59.47
C GLU F 319 10.35 -61.64 -59.56
N THR F 320 10.81 -62.86 -59.87
CA THR F 320 9.86 -63.96 -59.88
C THR F 320 9.37 -64.29 -58.48
N ALA F 321 10.21 -64.09 -57.46
CA ALA F 321 9.74 -64.24 -56.09
C ALA F 321 8.67 -63.21 -55.78
N VAL F 322 8.88 -61.97 -56.22
CA VAL F 322 7.87 -60.93 -56.01
C VAL F 322 6.57 -61.31 -56.68
N ARG F 323 6.66 -61.81 -57.92
CA ARG F 323 5.45 -62.20 -58.63
C ARG F 323 4.73 -63.33 -57.91
N HIS F 324 5.48 -64.31 -57.42
CA HIS F 324 4.87 -65.41 -56.69
C HIS F 324 4.18 -64.90 -55.42
N TYR F 325 4.85 -64.01 -54.70
CA TYR F 325 4.28 -63.42 -53.50
C TYR F 325 3.00 -62.66 -53.80
N TYR F 326 2.97 -61.90 -54.90
CA TYR F 326 1.76 -61.21 -55.29
C TYR F 326 0.65 -62.19 -55.65
N THR F 327 0.98 -63.23 -56.40
CA THR F 327 -0.03 -64.17 -56.86
C THR F 327 -0.67 -64.93 -55.69
N PHE F 328 0.12 -65.37 -54.72
CA PHE F 328 -0.47 -66.06 -53.58
C PHE F 328 -1.38 -65.14 -52.80
N ASN F 329 -1.00 -63.89 -52.63
CA ASN F 329 -1.81 -62.95 -51.86
C ASN F 329 -2.94 -62.39 -52.71
N PHE F 360 -16.59 -72.50 -52.24
CA PHE F 360 -17.97 -72.16 -52.54
C PHE F 360 -18.11 -70.70 -52.95
N THR F 361 -19.21 -70.37 -53.62
CA THR F 361 -19.44 -69.03 -54.15
C THR F 361 -20.61 -68.39 -53.41
N PHE F 362 -20.43 -67.12 -53.03
CA PHE F 362 -21.46 -66.31 -52.39
C PHE F 362 -21.98 -65.31 -53.42
N GLY F 363 -23.29 -65.29 -53.63
CA GLY F 363 -23.91 -64.39 -54.57
C GLY F 363 -24.48 -63.12 -54.00
N GLY F 364 -24.36 -62.93 -52.69
CA GLY F 364 -24.90 -61.76 -52.03
C GLY F 364 -26.05 -62.11 -51.10
N VAL F 365 -26.53 -61.08 -50.41
CA VAL F 365 -27.63 -61.20 -49.48
C VAL F 365 -28.62 -60.07 -49.72
N TYR F 366 -29.86 -60.30 -49.30
CA TYR F 366 -30.89 -59.28 -49.36
C TYR F 366 -31.85 -59.49 -48.19
N GLN F 367 -32.13 -58.41 -47.46
CA GLN F 367 -32.97 -58.47 -46.28
C GLN F 367 -34.30 -57.83 -46.60
N GLU F 368 -35.33 -58.66 -46.80
CA GLU F 368 -36.65 -58.15 -47.09
C GLU F 368 -37.30 -57.60 -45.82
N CYS F 369 -38.05 -56.51 -45.99
CA CYS F 369 -38.68 -55.81 -44.87
C CYS F 369 -40.17 -55.76 -45.12
N THR F 370 -40.96 -56.14 -44.11
CA THR F 370 -42.41 -56.17 -44.21
C THR F 370 -43.02 -55.27 -43.15
N GLU F 371 -43.83 -54.31 -43.60
CA GLU F 371 -44.51 -53.39 -42.68
C GLU F 371 -45.87 -53.96 -42.32
N LEU F 372 -46.06 -54.25 -41.03
CA LEU F 372 -47.37 -54.64 -40.52
C LEU F 372 -48.15 -53.45 -39.95
N SER F 373 -47.47 -52.35 -39.66
CA SER F 373 -48.13 -51.13 -39.17
C SER F 373 -47.21 -49.96 -39.41
N GLY F 374 -47.69 -48.97 -40.17
CA GLY F 374 -46.88 -47.81 -40.49
C GLY F 374 -45.91 -48.09 -41.63
N ASP F 375 -45.15 -47.06 -41.98
CA ASP F 375 -44.10 -47.17 -42.99
C ASP F 375 -42.85 -46.46 -42.50
N VAL F 376 -42.53 -46.62 -41.22
CA VAL F 376 -41.39 -45.95 -40.61
C VAL F 376 -40.25 -46.91 -40.33
N LEU F 377 -40.53 -48.19 -40.05
CA LEU F 377 -39.47 -49.13 -39.73
C LEU F 377 -38.69 -49.55 -40.98
N CYS F 378 -39.38 -49.77 -42.09
CA CYS F 378 -38.75 -50.31 -43.29
C CYS F 378 -38.03 -49.27 -44.13
N GLN F 379 -37.76 -48.08 -43.58
CA GLN F 379 -36.92 -47.13 -44.29
C GLN F 379 -35.45 -47.50 -44.23
N ASN F 380 -35.01 -48.20 -43.18
CA ASN F 380 -33.62 -48.55 -43.01
C ASN F 380 -33.36 -50.02 -42.76
N LEU F 381 -34.41 -50.82 -42.53
CA LEU F 381 -34.25 -52.25 -42.29
C LEU F 381 -34.25 -53.06 -43.58
N GLU F 382 -34.38 -52.41 -44.73
CA GLU F 382 -34.41 -53.10 -46.01
C GLU F 382 -33.05 -52.98 -46.70
N GLN F 383 -32.60 -54.09 -47.28
CA GLN F 383 -31.35 -54.10 -48.03
C GLN F 383 -31.53 -54.97 -49.26
N LYS F 384 -31.37 -54.36 -50.43
CA LYS F 384 -31.46 -55.07 -51.69
C LYS F 384 -30.12 -55.72 -52.03
N ASN F 385 -30.16 -56.60 -53.03
CA ASN F 385 -28.92 -57.15 -53.56
C ASN F 385 -28.12 -56.07 -54.29
N LEU F 386 -26.80 -56.09 -54.10
CA LEU F 386 -25.94 -55.15 -54.81
C LEU F 386 -25.83 -55.50 -56.28
N LEU F 387 -25.84 -56.79 -56.62
CA LEU F 387 -25.62 -57.23 -57.99
C LEU F 387 -26.85 -57.05 -58.88
N THR F 388 -28.04 -57.10 -58.30
CA THR F 388 -29.27 -56.94 -59.07
C THR F 388 -30.06 -55.69 -58.75
N GLY F 389 -29.78 -55.02 -57.64
CA GLY F 389 -30.55 -53.85 -57.26
C GLY F 389 -31.93 -54.15 -56.75
N ASP F 390 -32.18 -55.37 -56.30
CA ASP F 390 -33.50 -55.75 -55.81
C ASP F 390 -33.35 -56.93 -54.86
N PHE F 391 -34.41 -57.22 -54.11
CA PHE F 391 -34.40 -58.28 -53.11
C PHE F 391 -34.47 -59.64 -53.82
N SER F 392 -33.37 -60.00 -54.47
CA SER F 392 -33.32 -61.22 -55.25
C SER F 392 -31.87 -61.65 -55.39
N CYS F 393 -31.67 -62.91 -55.80
CA CYS F 393 -30.32 -63.40 -56.03
C CYS F 393 -29.95 -63.30 -57.50
N PRO F 394 -28.67 -63.08 -57.78
CA PRO F 394 -28.22 -62.97 -59.17
C PRO F 394 -28.38 -64.29 -59.90
N PRO F 395 -28.27 -64.29 -61.23
CA PRO F 395 -28.33 -65.56 -61.96
C PRO F 395 -27.27 -66.53 -61.47
N GLY F 396 -27.67 -67.80 -61.35
CA GLY F 396 -26.80 -68.84 -60.86
C GLY F 396 -26.82 -69.06 -59.37
N TYR F 397 -27.59 -68.27 -58.62
CA TYR F 397 -27.64 -68.40 -57.18
C TYR F 397 -29.05 -68.75 -56.72
N SER F 398 -29.13 -69.68 -55.77
CA SER F 398 -30.39 -70.13 -55.23
C SER F 398 -30.65 -69.43 -53.91
N PRO F 399 -31.65 -68.54 -53.83
CA PRO F 399 -31.96 -67.88 -52.55
C PRO F 399 -32.33 -68.92 -51.49
N VAL F 400 -31.73 -68.76 -50.31
CA VAL F 400 -32.01 -69.61 -49.17
C VAL F 400 -32.59 -68.75 -48.06
N HIS F 401 -33.66 -69.23 -47.44
CA HIS F 401 -34.25 -68.52 -46.31
C HIS F 401 -33.28 -68.53 -45.14
N LEU F 402 -32.67 -67.37 -44.88
CA LEU F 402 -31.73 -67.31 -43.77
C LEU F 402 -32.47 -67.16 -42.45
N LEU F 403 -33.21 -66.07 -42.27
CA LEU F 403 -33.92 -65.86 -41.02
C LEU F 403 -34.99 -64.81 -41.19
N SER F 404 -36.21 -65.12 -40.76
CA SER F 404 -37.32 -64.18 -40.75
C SER F 404 -37.72 -63.94 -39.31
N GLN F 405 -37.67 -62.68 -38.87
CA GLN F 405 -37.98 -62.33 -37.49
C GLN F 405 -38.67 -60.98 -37.44
N THR F 406 -39.46 -60.77 -36.39
CA THR F 406 -40.24 -59.56 -36.23
C THR F 406 -39.65 -58.66 -35.14
N HIS F 407 -39.84 -57.36 -35.30
CA HIS F 407 -39.38 -56.39 -34.33
C HIS F 407 -40.43 -55.31 -34.14
N GLU F 408 -40.65 -54.91 -32.89
CA GLU F 408 -41.65 -53.92 -32.53
C GLU F 408 -40.99 -52.70 -31.92
N GLU F 409 -41.36 -51.52 -32.42
CA GLU F 409 -40.79 -50.26 -31.96
C GLU F 409 -41.90 -49.22 -31.87
N GLY F 410 -41.94 -48.49 -30.76
CA GLY F 410 -42.93 -47.46 -30.55
C GLY F 410 -42.41 -46.10 -31.03
N TYR F 411 -43.15 -45.49 -31.94
CA TYR F 411 -42.79 -44.20 -32.49
C TYR F 411 -43.99 -43.26 -32.40
N SER F 412 -43.71 -41.99 -32.13
CA SER F 412 -44.74 -40.97 -32.04
C SER F 412 -44.67 -40.13 -33.31
N ARG F 413 -45.69 -40.26 -34.16
CA ARG F 413 -45.78 -39.52 -35.40
C ARG F 413 -46.69 -38.32 -35.21
N LEU F 414 -46.18 -37.14 -35.56
CA LEU F 414 -46.94 -35.89 -35.45
C LEU F 414 -47.46 -35.53 -36.83
N GLU F 415 -48.73 -35.19 -36.93
CA GLU F 415 -49.32 -34.78 -38.19
C GLU F 415 -50.39 -33.72 -37.94
N CYS F 416 -50.53 -32.81 -38.89
CA CYS F 416 -51.51 -31.74 -38.82
C CYS F 416 -52.51 -31.87 -39.97
N LYS F 417 -53.78 -31.65 -39.66
CA LYS F 417 -54.85 -31.77 -40.65
C LYS F 417 -55.74 -30.54 -40.58
N LYS F 418 -56.25 -30.14 -41.74
CA LYS F 418 -57.17 -28.99 -41.84
C LYS F 418 -58.58 -29.54 -41.87
N LYS F 419 -59.22 -29.57 -40.70
CA LYS F 419 -60.61 -30.00 -40.60
C LYS F 419 -61.52 -28.78 -40.78
N CYS F 420 -62.41 -28.85 -41.76
CA CYS F 420 -63.38 -27.80 -42.02
C CYS F 420 -64.77 -28.35 -41.79
N THR F 421 -65.40 -27.94 -40.69
CA THR F 421 -66.78 -28.29 -40.42
C THR F 421 -67.70 -27.24 -41.02
N LEU F 422 -68.75 -27.71 -41.71
CA LEU F 422 -69.75 -26.87 -42.34
C LEU F 422 -69.18 -25.97 -43.43
N LYS F 423 -68.03 -26.35 -43.98
CA LYS F 423 -67.33 -25.63 -45.05
C LYS F 423 -66.92 -24.21 -44.65
N ILE F 424 -67.22 -23.80 -43.44
CA ILE F 424 -66.88 -22.44 -42.99
C ILE F 424 -66.07 -22.42 -41.70
N PHE F 425 -66.15 -23.43 -40.85
CA PHE F 425 -65.36 -23.47 -39.62
C PHE F 425 -64.14 -24.34 -39.91
N CYS F 426 -63.10 -23.70 -40.42
CA CYS F 426 -61.86 -24.37 -40.77
C CYS F 426 -60.83 -24.18 -39.68
N LYS F 427 -60.20 -25.27 -39.27
CA LYS F 427 -59.17 -25.23 -38.25
C LYS F 427 -58.11 -26.26 -38.58
N THR F 428 -56.86 -25.89 -38.34
CA THR F 428 -55.75 -26.85 -38.42
C THR F 428 -55.55 -27.43 -37.03
N VAL F 429 -55.65 -28.75 -36.93
CA VAL F 429 -55.43 -29.47 -35.68
C VAL F 429 -54.23 -30.37 -35.86
N CYS F 430 -53.28 -30.28 -34.94
CA CYS F 430 -52.07 -31.10 -34.97
C CYS F 430 -52.16 -32.13 -33.86
N GLU F 431 -52.02 -33.40 -34.23
CA GLU F 431 -52.13 -34.49 -33.27
C GLU F 431 -50.96 -35.45 -33.47
N ASP F 432 -50.56 -36.08 -32.37
CA ASP F 432 -49.50 -37.07 -32.38
C ASP F 432 -50.09 -38.43 -32.06
N VAL F 433 -49.62 -39.45 -32.76
CA VAL F 433 -50.07 -40.82 -32.55
C VAL F 433 -48.87 -41.68 -32.17
N PHE F 434 -48.99 -42.38 -31.04
CA PHE F 434 -47.95 -43.30 -30.60
C PHE F 434 -48.30 -44.68 -31.14
N ARG F 435 -47.64 -45.07 -32.22
CA ARG F 435 -47.89 -46.35 -32.87
C ARG F 435 -46.74 -47.31 -32.59
N VAL F 436 -47.07 -48.53 -32.21
CA VAL F 436 -46.08 -49.58 -32.00
C VAL F 436 -45.96 -50.31 -33.34
N ALA F 437 -45.09 -49.79 -34.19
CA ALA F 437 -44.88 -50.37 -35.51
C ALA F 437 -44.16 -51.71 -35.38
N LYS F 438 -44.68 -52.72 -36.07
CA LYS F 438 -44.10 -54.06 -36.06
C LYS F 438 -43.70 -54.41 -37.48
N ALA F 439 -42.42 -54.70 -37.68
CA ALA F 439 -41.89 -55.04 -38.99
C ALA F 439 -41.26 -56.41 -38.94
N GLU F 440 -41.62 -57.26 -39.90
CA GLU F 440 -41.04 -58.59 -40.02
C GLU F 440 -39.98 -58.54 -41.12
N PHE F 441 -38.72 -58.58 -40.70
CA PHE F 441 -37.60 -58.56 -41.63
C PHE F 441 -37.19 -60.00 -41.95
N ARG F 442 -37.00 -60.26 -43.24
CA ARG F 442 -36.55 -61.57 -43.71
C ARG F 442 -35.22 -61.38 -44.44
N ALA F 443 -34.15 -61.86 -43.82
CA ALA F 443 -32.84 -61.85 -44.43
C ALA F 443 -32.57 -63.20 -45.08
N TYR F 444 -31.90 -63.17 -46.23
CA TYR F 444 -31.58 -64.36 -47.01
C TYR F 444 -30.11 -64.33 -47.39
N TRP F 445 -29.69 -65.34 -48.13
CA TRP F 445 -28.33 -65.41 -48.64
C TRP F 445 -28.33 -66.25 -49.90
N CYS F 446 -27.44 -65.93 -50.83
CA CYS F 446 -27.38 -66.58 -52.13
C CYS F 446 -26.23 -67.56 -52.14
N VAL F 447 -26.53 -68.84 -51.99
CA VAL F 447 -25.54 -69.90 -52.08
C VAL F 447 -25.39 -70.28 -53.55
N ALA F 448 -24.23 -70.84 -53.88
CA ALA F 448 -23.97 -71.25 -55.25
C ALA F 448 -24.87 -72.42 -55.63
N ALA F 449 -25.67 -72.23 -56.68
CA ALA F 449 -26.56 -73.31 -57.12
C ALA F 449 -25.75 -74.50 -57.64
N GLY F 450 -24.71 -74.23 -58.42
CA GLY F 450 -23.89 -75.30 -58.97
C GLY F 450 -22.53 -74.81 -59.41
N GLN F 451 -22.05 -75.31 -60.55
CA GLN F 451 -20.76 -74.90 -61.10
C GLN F 451 -20.94 -73.52 -61.75
N VAL F 452 -21.06 -72.51 -60.89
CA VAL F 452 -21.20 -71.13 -61.33
C VAL F 452 -19.86 -70.69 -61.90
N PRO F 453 -19.83 -69.74 -62.85
CA PRO F 453 -18.56 -69.27 -63.38
C PRO F 453 -17.69 -68.66 -62.31
N ASP F 454 -16.38 -68.93 -62.39
CA ASP F 454 -15.40 -68.46 -61.44
C ASP F 454 -14.43 -67.50 -62.11
N ASN F 455 -14.04 -66.45 -61.39
CA ASN F 455 -14.46 -66.19 -60.02
C ASN F 455 -15.50 -65.08 -59.95
N SER F 456 -16.38 -65.04 -60.94
CA SER F 456 -17.47 -64.07 -60.94
C SER F 456 -18.41 -64.36 -59.79
N GLY F 457 -18.52 -63.43 -58.85
CA GLY F 457 -19.33 -63.62 -57.67
C GLY F 457 -18.92 -62.62 -56.60
N LEU F 458 -19.19 -62.99 -55.35
CA LEU F 458 -18.86 -62.17 -54.20
C LEU F 458 -18.18 -63.02 -53.14
N LEU F 459 -17.32 -62.38 -52.34
CA LEU F 459 -16.55 -63.05 -51.31
C LEU F 459 -16.95 -62.53 -49.93
N PHE F 460 -16.70 -63.36 -48.93
CA PHE F 460 -17.09 -63.09 -47.55
C PHE F 460 -16.07 -62.14 -46.94
N GLY F 461 -16.43 -60.87 -46.84
CA GLY F 461 -15.56 -59.87 -46.27
C GLY F 461 -15.67 -59.69 -44.78
N GLY F 462 -16.30 -60.63 -44.09
CA GLY F 462 -16.42 -60.56 -42.65
C GLY F 462 -17.69 -59.85 -42.21
N VAL F 463 -18.12 -60.17 -41.00
CA VAL F 463 -19.31 -59.57 -40.40
C VAL F 463 -18.94 -59.06 -39.02
N PHE F 464 -19.66 -58.02 -38.59
CA PHE F 464 -19.39 -57.43 -37.29
C PHE F 464 -20.61 -56.63 -36.84
N THR F 465 -20.76 -56.52 -35.52
CA THR F 465 -21.85 -55.80 -34.89
C THR F 465 -21.31 -54.56 -34.19
N ASP F 466 -22.20 -53.86 -33.47
CA ASP F 466 -21.83 -52.69 -32.71
C ASP F 466 -21.21 -53.04 -31.35
N LYS F 467 -21.35 -54.27 -30.89
CA LYS F 467 -20.81 -54.68 -29.60
C LYS F 467 -19.80 -55.81 -29.70
N THR F 468 -19.49 -56.29 -30.90
CA THR F 468 -18.50 -57.35 -31.10
C THR F 468 -17.32 -56.81 -31.89
N ILE F 469 -16.32 -57.67 -32.10
CA ILE F 469 -15.13 -57.34 -32.85
C ILE F 469 -15.01 -58.33 -33.99
N ASN F 470 -14.38 -57.89 -35.09
CA ASN F 470 -14.28 -58.71 -36.28
C ASN F 470 -12.87 -59.28 -36.40
N PRO F 471 -12.65 -60.56 -36.11
CA PRO F 471 -11.28 -61.10 -36.13
C PRO F 471 -10.60 -61.04 -37.48
N MET F 472 -11.35 -60.96 -38.59
CA MET F 472 -10.72 -60.91 -39.90
C MET F 472 -10.00 -59.58 -40.10
N THR F 473 -10.53 -58.50 -39.52
CA THR F 473 -9.87 -57.20 -39.57
C THR F 473 -9.48 -56.68 -38.20
N ASN F 474 -9.88 -57.34 -37.11
CA ASN F 474 -9.64 -56.88 -35.75
C ASN F 474 -10.12 -55.44 -35.56
N ALA F 475 -11.22 -55.09 -36.23
CA ALA F 475 -11.75 -53.73 -36.18
C ALA F 475 -13.25 -53.78 -36.41
N GLN F 476 -13.92 -52.72 -35.97
CA GLN F 476 -15.36 -52.59 -36.15
C GLN F 476 -15.68 -51.83 -37.44
N SER F 477 -15.11 -52.29 -38.55
CA SER F 477 -15.27 -51.63 -39.83
C SER F 477 -15.00 -52.64 -40.93
N CYS F 478 -15.02 -52.16 -42.18
CA CYS F 478 -14.78 -52.99 -43.35
C CYS F 478 -13.46 -52.63 -44.01
N PRO F 479 -12.80 -53.58 -44.67
CA PRO F 479 -11.52 -53.29 -45.29
C PRO F 479 -11.67 -52.32 -46.46
N ALA F 480 -10.52 -51.92 -47.00
CA ALA F 480 -10.50 -51.02 -48.14
C ALA F 480 -11.12 -51.69 -49.36
N GLY F 481 -11.87 -50.92 -50.14
CA GLY F 481 -12.57 -51.45 -51.28
C GLY F 481 -13.82 -52.24 -50.94
N TYR F 482 -14.20 -52.28 -49.67
CA TYR F 482 -15.36 -53.03 -49.21
C TYR F 482 -16.50 -52.09 -48.92
N ILE F 483 -17.71 -52.65 -48.89
CA ILE F 483 -18.95 -51.90 -48.66
C ILE F 483 -19.72 -52.63 -47.58
N PRO F 484 -20.23 -51.93 -46.55
CA PRO F 484 -21.06 -52.60 -45.54
C PRO F 484 -22.51 -52.68 -46.00
N LEU F 485 -23.04 -53.89 -46.04
CA LEU F 485 -24.42 -54.15 -46.41
C LEU F 485 -25.15 -54.71 -45.19
N ASN F 486 -26.43 -54.37 -45.07
CA ASN F 486 -27.20 -54.69 -43.89
C ASN F 486 -27.79 -56.09 -44.01
N LEU F 487 -27.50 -56.94 -43.03
CA LEU F 487 -28.09 -58.26 -42.91
C LEU F 487 -29.04 -58.38 -41.73
N PHE F 488 -28.68 -57.78 -40.59
CA PHE F 488 -29.52 -57.76 -39.41
C PHE F 488 -29.74 -56.33 -38.96
N GLU F 489 -30.29 -56.16 -37.75
CA GLU F 489 -30.46 -54.82 -37.20
C GLU F 489 -29.12 -54.18 -36.85
N SER F 490 -28.10 -54.99 -36.57
CA SER F 490 -26.78 -54.46 -36.23
C SER F 490 -25.63 -55.18 -36.94
N LEU F 491 -25.90 -56.26 -37.68
CA LEU F 491 -24.84 -57.06 -38.29
C LEU F 491 -24.58 -56.60 -39.72
N LYS F 492 -23.38 -56.06 -39.94
CA LYS F 492 -22.99 -55.52 -41.24
C LYS F 492 -22.04 -56.49 -41.92
N VAL F 493 -22.17 -56.60 -43.24
CA VAL F 493 -21.37 -57.52 -44.05
C VAL F 493 -20.50 -56.71 -45.00
N CYS F 494 -19.20 -56.97 -44.98
CA CYS F 494 -18.27 -56.30 -45.89
C CYS F 494 -18.24 -57.04 -47.21
N VAL F 495 -18.55 -56.34 -48.29
CA VAL F 495 -18.58 -56.92 -49.63
C VAL F 495 -17.80 -56.01 -50.57
N SER F 496 -16.79 -56.57 -51.22
CA SER F 496 -15.93 -55.82 -52.14
C SER F 496 -16.20 -56.21 -53.57
N LEU F 497 -16.22 -55.23 -54.46
CA LEU F 497 -16.44 -55.48 -55.88
C LEU F 497 -15.17 -55.91 -56.62
N ASP F 498 -14.02 -55.33 -56.27
CA ASP F 498 -12.78 -55.68 -56.94
C ASP F 498 -12.37 -57.11 -56.60
N TYR F 499 -11.92 -57.83 -57.62
CA TYR F 499 -11.58 -59.24 -57.45
C TYR F 499 -10.26 -59.41 -56.71
N GLU F 500 -9.25 -58.60 -57.05
CA GLU F 500 -7.97 -58.69 -56.36
C GLU F 500 -8.08 -58.29 -54.90
N LEU F 501 -8.83 -57.23 -54.61
CA LEU F 501 -9.03 -56.82 -53.22
C LEU F 501 -9.74 -57.90 -52.43
N GLY F 502 -10.73 -58.55 -53.03
CA GLY F 502 -11.40 -59.65 -52.36
C GLY F 502 -10.47 -60.82 -52.12
N PHE F 503 -9.67 -61.18 -53.13
CA PHE F 503 -8.74 -62.30 -52.98
C PHE F 503 -7.69 -62.02 -51.92
N LYS F 504 -7.29 -60.76 -51.77
CA LYS F 504 -6.25 -60.40 -50.81
C LYS F 504 -6.78 -60.14 -49.40
N PHE F 505 -8.03 -59.72 -49.24
CA PHE F 505 -8.53 -59.26 -47.96
C PHE F 505 -9.86 -59.94 -47.63
N SER F 506 -9.91 -61.25 -47.78
CA SER F 506 -11.10 -62.01 -47.41
C SER F 506 -10.67 -63.42 -47.00
N VAL F 507 -11.66 -64.25 -46.70
CA VAL F 507 -11.43 -65.64 -46.33
C VAL F 507 -12.44 -66.47 -47.12
N PRO F 508 -12.09 -67.67 -47.58
CA PRO F 508 -13.07 -68.51 -48.27
C PRO F 508 -14.27 -68.79 -47.38
N PHE F 509 -15.44 -68.86 -48.01
CA PHE F 509 -16.70 -68.98 -47.30
C PHE F 509 -17.32 -70.35 -47.53
N GLY F 510 -18.09 -70.80 -46.54
CA GLY F 510 -18.73 -72.10 -46.65
C GLY F 510 -20.24 -72.05 -46.69
N GLY F 511 -20.84 -71.11 -46.00
CA GLY F 511 -22.29 -70.98 -45.97
C GLY F 511 -22.80 -70.56 -44.60
N PHE F 512 -24.09 -70.21 -44.56
CA PHE F 512 -24.74 -69.75 -43.35
C PHE F 512 -25.76 -70.77 -42.85
N PHE F 513 -26.13 -70.61 -41.58
CA PHE F 513 -27.21 -71.39 -40.97
C PHE F 513 -27.68 -70.66 -39.72
N SER F 514 -28.87 -71.04 -39.24
CA SER F 514 -29.44 -70.41 -38.06
C SER F 514 -29.91 -71.45 -37.05
N CYS F 515 -30.56 -71.01 -35.97
CA CYS F 515 -31.11 -71.96 -35.02
C CYS F 515 -32.23 -72.77 -35.64
N ILE F 516 -32.92 -72.20 -36.63
CA ILE F 516 -33.98 -72.88 -37.36
C ILE F 516 -33.50 -73.43 -38.69
N MET F 517 -32.20 -73.59 -38.87
CA MET F 517 -31.65 -74.10 -40.12
C MET F 517 -30.52 -75.09 -39.83
N GLY F 518 -30.34 -76.03 -40.74
CA GLY F 518 -29.05 -76.62 -40.97
C GLY F 518 -28.42 -76.11 -42.26
N ASN F 519 -27.11 -76.29 -42.36
CA ASN F 519 -26.42 -75.93 -43.58
C ASN F 519 -26.69 -76.97 -44.65
N PRO F 520 -27.25 -76.60 -45.81
CA PRO F 520 -27.51 -77.59 -46.86
C PRO F 520 -26.26 -78.21 -47.44
N LEU F 521 -25.09 -77.59 -47.24
CA LEU F 521 -23.85 -78.07 -47.82
C LEU F 521 -23.11 -79.06 -46.91
N VAL F 522 -23.79 -79.58 -45.88
CA VAL F 522 -23.18 -80.58 -45.02
C VAL F 522 -22.96 -81.88 -45.79
N ASN F 523 -22.12 -82.74 -45.24
CA ASN F 523 -21.82 -84.01 -45.87
C ASN F 523 -21.90 -85.18 -44.88
N ALA F 532 -32.20 -82.28 -49.75
CA ALA F 532 -30.93 -82.52 -49.07
C ALA F 532 -31.03 -82.20 -47.58
N PRO F 533 -30.43 -83.04 -46.75
CA PRO F 533 -30.44 -82.78 -45.30
C PRO F 533 -29.74 -81.49 -44.95
N SER F 534 -30.22 -80.82 -43.91
CA SER F 534 -29.67 -79.56 -43.43
C SER F 534 -29.28 -79.75 -41.96
N LEU F 535 -27.98 -79.89 -41.71
CA LEU F 535 -27.47 -80.00 -40.36
C LEU F 535 -26.64 -78.76 -40.00
N LYS F 536 -26.56 -78.51 -38.69
CA LYS F 536 -25.84 -77.35 -38.16
C LYS F 536 -24.38 -77.74 -37.97
N LYS F 537 -23.66 -77.76 -39.09
CA LYS F 537 -22.24 -78.10 -39.07
C LYS F 537 -21.57 -77.50 -40.30
N CYS F 538 -20.38 -76.96 -40.10
CA CYS F 538 -19.59 -76.47 -41.23
C CYS F 538 -18.94 -77.64 -41.95
N PRO F 539 -19.17 -77.81 -43.25
CA PRO F 539 -18.59 -78.93 -43.97
C PRO F 539 -17.07 -78.78 -44.11
N GLY F 540 -16.41 -79.93 -44.20
CA GLY F 540 -14.97 -79.93 -44.41
C GLY F 540 -14.22 -79.36 -43.23
N GLY F 541 -13.17 -78.59 -43.53
CA GLY F 541 -12.33 -78.02 -42.50
C GLY F 541 -12.77 -76.63 -42.08
N PHE F 542 -13.93 -76.19 -42.55
CA PHE F 542 -14.45 -74.89 -42.16
C PHE F 542 -14.75 -74.87 -40.66
N SER F 543 -14.33 -73.81 -39.99
CA SER F 543 -14.58 -73.65 -38.58
C SER F 543 -15.91 -72.92 -38.34
N GLN F 544 -16.52 -73.20 -37.20
CA GLN F 544 -17.77 -72.56 -36.80
C GLN F 544 -17.46 -71.44 -35.82
N HIS F 545 -17.81 -70.22 -36.19
CA HIS F 545 -17.59 -69.05 -35.35
C HIS F 545 -18.91 -68.31 -35.18
N LEU F 546 -19.23 -67.98 -33.94
CA LEU F 546 -20.49 -67.29 -33.64
C LEU F 546 -20.52 -65.92 -34.30
N ALA F 547 -21.63 -65.62 -34.97
CA ALA F 547 -21.80 -64.36 -35.70
C ALA F 547 -22.79 -63.42 -35.03
N VAL F 548 -23.97 -63.92 -34.67
CA VAL F 548 -24.99 -63.09 -34.01
C VAL F 548 -25.94 -63.99 -33.25
N ILE F 549 -26.59 -63.42 -32.24
CA ILE F 549 -27.64 -64.10 -31.47
C ILE F 549 -28.87 -63.21 -31.55
N SER F 550 -29.82 -63.58 -32.41
CA SER F 550 -31.04 -62.81 -32.62
C SER F 550 -32.18 -63.50 -31.86
N ASP F 551 -32.55 -62.92 -30.72
CA ASP F 551 -33.62 -63.44 -29.87
C ASP F 551 -33.35 -64.88 -29.47
N GLY F 552 -32.10 -65.17 -29.11
CA GLY F 552 -31.69 -66.50 -28.75
C GLY F 552 -31.42 -67.41 -29.93
N CYS F 553 -31.64 -66.95 -31.15
CA CYS F 553 -31.37 -67.74 -32.34
C CYS F 553 -29.92 -67.51 -32.76
N GLN F 554 -29.14 -68.58 -32.77
CA GLN F 554 -27.71 -68.49 -33.04
C GLN F 554 -27.48 -68.56 -34.55
N VAL F 555 -26.91 -67.49 -35.11
CA VAL F 555 -26.56 -67.44 -36.52
C VAL F 555 -25.04 -67.34 -36.61
N SER F 556 -24.43 -68.22 -37.42
CA SER F 556 -22.98 -68.29 -37.53
C SER F 556 -22.60 -68.45 -39.00
N TYR F 557 -21.30 -68.38 -39.27
CA TYR F 557 -20.74 -68.54 -40.60
C TYR F 557 -19.70 -69.66 -40.57
N CYS F 558 -19.22 -70.04 -41.75
CA CYS F 558 -18.22 -71.10 -41.89
C CYS F 558 -17.05 -70.55 -42.69
N VAL F 559 -15.89 -70.50 -42.06
CA VAL F 559 -14.66 -70.03 -42.70
C VAL F 559 -13.55 -71.03 -42.43
N LYS F 560 -12.54 -71.01 -43.31
CA LYS F 560 -11.42 -71.93 -43.18
C LYS F 560 -10.65 -71.66 -41.90
N ALA F 561 -10.40 -72.72 -41.13
CA ALA F 561 -9.72 -72.60 -39.85
C ALA F 561 -8.22 -72.30 -39.99
N GLY F 562 -7.66 -72.47 -41.19
CA GLY F 562 -6.24 -72.25 -41.38
C GLY F 562 -5.82 -70.79 -41.30
N ILE F 563 -6.74 -69.87 -41.54
CA ILE F 563 -6.46 -68.45 -41.42
C ILE F 563 -6.75 -67.93 -40.02
N PHE F 564 -7.81 -68.45 -39.38
CA PHE F 564 -8.14 -68.05 -38.03
C PHE F 564 -7.13 -68.58 -37.04
N THR F 565 -6.88 -67.80 -35.99
CA THR F 565 -5.91 -68.16 -34.95
C THR F 565 -6.38 -67.53 -33.65
N GLY F 566 -5.45 -67.42 -32.68
CA GLY F 566 -5.78 -66.80 -31.41
C GLY F 566 -6.20 -65.35 -31.52
N GLY F 567 -5.53 -64.58 -32.38
CA GLY F 567 -5.88 -63.21 -32.64
C GLY F 567 -5.16 -62.19 -31.78
N SER F 568 -4.59 -62.61 -30.65
CA SER F 568 -3.77 -61.70 -29.87
C SER F 568 -2.51 -61.30 -30.63
N LEU F 569 -1.91 -62.26 -31.32
CA LEU F 569 -0.78 -62.02 -32.21
C LEU F 569 -1.26 -62.24 -33.64
N LEU F 570 -1.00 -61.25 -34.49
CA LEU F 570 -1.27 -61.40 -35.92
C LEU F 570 -0.04 -62.00 -36.59
N PRO F 571 -0.03 -63.29 -36.88
CA PRO F 571 1.16 -63.88 -37.50
C PRO F 571 1.39 -63.32 -38.89
N VAL F 572 2.65 -63.23 -39.28
CA VAL F 572 2.98 -62.74 -40.60
C VAL F 572 2.99 -63.91 -41.57
N ARG F 573 1.80 -64.30 -42.04
CA ARG F 573 1.67 -65.38 -42.99
C ARG F 573 1.75 -64.84 -44.41
N LEU F 574 2.97 -64.58 -44.86
CA LEU F 574 3.21 -64.02 -46.19
C LEU F 574 4.14 -65.00 -46.91
N PRO F 575 5.47 -64.84 -46.99
CA PRO F 575 6.30 -66.00 -47.28
C PRO F 575 6.90 -66.56 -46.00
N PRO F 576 7.52 -67.74 -46.04
CA PRO F 576 7.73 -68.63 -47.19
C PRO F 576 6.50 -69.47 -47.48
N TYR F 577 6.25 -69.77 -48.76
CA TYR F 577 5.20 -70.69 -49.15
C TYR F 577 5.65 -72.13 -49.02
N THR F 578 6.87 -72.36 -48.51
CA THR F 578 7.45 -73.68 -48.52
C THR F 578 8.51 -73.74 -47.43
N LYS F 579 8.53 -74.86 -46.71
CA LYS F 579 9.53 -75.09 -45.69
C LYS F 579 10.91 -75.18 -46.34
N PRO F 580 11.96 -74.79 -45.62
CA PRO F 580 13.30 -74.72 -46.22
C PRO F 580 13.68 -76.03 -46.89
N PRO F 581 13.79 -76.02 -48.23
CA PRO F 581 14.09 -77.26 -48.95
C PRO F 581 15.51 -77.75 -48.64
N LEU F 582 15.67 -79.06 -48.69
CA LEU F 582 16.94 -79.68 -48.35
C LEU F 582 17.95 -79.51 -49.48
N MET F 583 19.23 -79.65 -49.14
CA MET F 583 20.30 -79.61 -50.12
C MET F 583 20.12 -80.74 -51.12
N THR G 13 25.01 -56.32 -22.30
CA THR G 13 23.69 -55.98 -22.80
C THR G 13 23.01 -54.97 -21.90
N GLY G 14 23.80 -54.03 -21.38
CA GLY G 14 23.26 -53.04 -20.48
C GLY G 14 23.17 -51.66 -21.10
N PHE G 15 22.03 -51.00 -20.90
CA PHE G 15 21.81 -49.67 -21.45
C PHE G 15 22.21 -48.57 -20.49
N GLN G 16 22.78 -48.92 -19.34
CA GLN G 16 23.12 -47.89 -18.37
C GLN G 16 24.22 -46.97 -18.88
N ILE G 17 25.14 -47.51 -19.69
CA ILE G 17 26.18 -46.67 -20.26
C ILE G 17 25.58 -45.58 -21.12
N CYS G 18 24.62 -45.95 -21.97
CA CYS G 18 23.94 -44.96 -22.80
C CYS G 18 23.13 -43.99 -21.96
N LYS G 19 22.45 -44.49 -20.94
CA LYS G 19 21.65 -43.61 -20.10
C LYS G 19 22.51 -42.57 -19.39
N ASN G 20 23.73 -42.95 -19.00
CA ASN G 20 24.60 -41.99 -18.34
C ASN G 20 24.95 -40.84 -19.27
N ALA G 21 25.13 -41.13 -20.55
CA ALA G 21 25.51 -40.10 -21.50
C ALA G 21 24.31 -39.34 -22.05
N LEU G 22 23.34 -40.06 -22.60
CA LEU G 22 22.21 -39.41 -23.24
C LEU G 22 21.20 -38.86 -22.25
N LYS G 23 21.08 -39.49 -21.08
CA LYS G 23 20.08 -39.10 -20.08
C LYS G 23 18.67 -39.18 -20.65
N LEU G 24 18.35 -40.30 -21.27
CA LEU G 24 17.05 -40.52 -21.87
C LEU G 24 16.48 -41.84 -21.39
N PRO G 25 15.16 -41.97 -21.35
CA PRO G 25 14.56 -43.26 -21.04
C PRO G 25 14.76 -44.23 -22.19
N VAL G 26 14.64 -45.48 -21.88
CA VAL G 26 14.72 -46.54 -22.87
C VAL G 26 13.31 -46.93 -23.27
N LEU G 27 13.10 -47.13 -24.56
CA LEU G 27 11.80 -47.59 -25.02
C LEU G 27 11.49 -48.94 -24.40
N GLU G 28 10.45 -48.97 -23.56
CA GLU G 28 10.21 -50.15 -22.75
C GLU G 28 9.49 -51.26 -23.49
N VAL G 29 8.91 -50.98 -24.63
CA VAL G 29 8.24 -52.00 -25.43
C VAL G 29 9.18 -52.35 -26.57
N LEU G 30 9.64 -53.60 -26.60
CA LEU G 30 10.65 -54.01 -27.55
C LEU G 30 10.28 -55.34 -28.16
N PRO G 31 10.63 -55.57 -29.40
CA PRO G 31 10.35 -56.86 -30.02
C PRO G 31 11.43 -57.88 -29.72
N GLY G 32 11.35 -59.04 -30.33
CA GLY G 32 12.34 -60.07 -30.13
C GLY G 32 12.06 -61.00 -28.97
N GLY G 33 11.07 -60.72 -28.17
CA GLY G 33 10.73 -61.61 -27.08
C GLY G 33 9.94 -62.80 -27.56
N GLY G 34 10.00 -63.88 -26.78
CA GLY G 34 9.17 -65.03 -27.07
C GLY G 34 7.72 -64.75 -26.70
N TRP G 35 6.82 -65.47 -27.35
CA TRP G 35 5.40 -65.24 -27.14
C TRP G 35 4.66 -66.56 -27.09
N ASP G 36 3.84 -66.74 -26.07
CA ASP G 36 3.04 -67.95 -25.90
C ASP G 36 1.69 -67.70 -26.55
N ASN G 37 1.49 -68.25 -27.73
CA ASN G 37 0.27 -67.99 -28.48
C ASN G 37 -0.97 -68.55 -27.79
N LEU G 38 -0.81 -69.52 -26.90
CA LEU G 38 -1.95 -70.09 -26.21
C LEU G 38 -2.42 -69.17 -25.09
N ARG G 39 -1.53 -68.81 -24.18
CA ARG G 39 -1.89 -68.00 -23.05
C ARG G 39 -1.76 -66.50 -23.31
N ASN G 40 -1.24 -66.10 -24.47
CA ASN G 40 -1.13 -64.70 -24.86
C ASN G 40 -0.32 -63.91 -23.82
N VAL G 41 0.94 -64.30 -23.66
CA VAL G 41 1.80 -63.64 -22.68
C VAL G 41 3.23 -63.68 -23.19
N ASP G 42 3.96 -62.60 -22.96
CA ASP G 42 5.36 -62.55 -23.32
C ASP G 42 6.14 -63.57 -22.51
N MET G 43 7.06 -64.26 -23.16
CA MET G 43 7.71 -65.37 -22.49
C MET G 43 9.18 -65.13 -22.20
N GLY G 44 10.00 -64.84 -23.19
CA GLY G 44 11.41 -64.72 -22.90
C GLY G 44 12.14 -64.12 -24.08
N ARG G 45 13.37 -63.73 -23.84
CA ARG G 45 14.17 -62.99 -24.81
C ARG G 45 14.79 -63.97 -25.80
N VAL G 46 14.37 -63.89 -27.06
CA VAL G 46 14.89 -64.76 -28.09
C VAL G 46 15.99 -64.09 -28.89
N MET G 47 15.71 -62.91 -29.43
CA MET G 47 16.75 -62.15 -30.11
C MET G 47 17.70 -61.51 -29.10
N ASP G 48 18.83 -61.06 -29.59
CA ASP G 48 19.84 -60.44 -28.75
C ASP G 48 19.64 -58.94 -28.73
N LEU G 49 19.52 -58.37 -27.55
CA LEU G 49 19.34 -56.93 -27.39
C LEU G 49 20.60 -56.35 -26.78
N THR G 50 21.31 -55.55 -27.55
CA THR G 50 22.54 -54.92 -27.10
C THR G 50 22.44 -53.42 -27.32
N TYR G 51 23.07 -52.68 -26.43
CA TYR G 51 23.11 -51.23 -26.51
C TYR G 51 24.53 -50.75 -26.75
N THR G 52 25.25 -51.46 -27.61
CA THR G 52 26.63 -51.12 -27.88
C THR G 52 26.75 -49.76 -28.53
N ASN G 53 25.86 -49.45 -29.45
CA ASN G 53 25.97 -48.24 -30.24
C ASN G 53 25.24 -47.05 -29.63
N CYS G 54 24.51 -47.25 -28.54
CA CYS G 54 23.69 -46.21 -27.94
C CYS G 54 22.75 -45.59 -28.98
N LYS G 55 22.09 -46.48 -29.71
CA LYS G 55 21.17 -46.05 -30.75
C LYS G 55 19.98 -45.33 -30.13
N THR G 56 19.41 -44.41 -30.88
CA THR G 56 18.33 -43.56 -30.40
C THR G 56 17.25 -43.45 -31.45
N THR G 57 16.03 -43.19 -31.02
CA THR G 57 14.99 -42.81 -31.97
C THR G 57 15.31 -41.44 -32.54
N GLU G 58 14.92 -41.24 -33.79
CA GLU G 58 15.33 -40.02 -34.49
C GLU G 58 14.88 -38.77 -33.77
N ASP G 59 13.69 -38.80 -33.19
CA ASP G 59 13.21 -37.63 -32.48
C ASP G 59 13.94 -37.40 -31.17
N GLY G 60 14.89 -38.26 -30.80
CA GLY G 60 15.64 -38.05 -29.60
C GLY G 60 14.86 -38.27 -28.34
N GLN G 61 13.85 -39.12 -28.38
CA GLN G 61 12.99 -39.38 -27.23
C GLN G 61 13.42 -40.62 -26.44
N TYR G 62 13.82 -41.68 -27.12
CA TYR G 62 14.07 -42.95 -26.48
C TYR G 62 15.37 -43.56 -26.96
N ILE G 63 15.98 -44.36 -26.10
CA ILE G 63 17.13 -45.17 -26.42
C ILE G 63 16.63 -46.55 -26.83
N ILE G 64 17.13 -47.07 -27.94
CA ILE G 64 16.67 -48.37 -28.42
C ILE G 64 17.87 -49.29 -28.64
N PRO G 65 17.69 -50.59 -28.57
CA PRO G 65 18.80 -51.51 -28.82
C PRO G 65 19.25 -51.41 -30.27
N ASP G 66 20.47 -51.88 -30.51
CA ASP G 66 21.05 -51.80 -31.84
C ASP G 66 20.32 -52.68 -32.85
N GLU G 67 19.47 -53.60 -32.41
CA GLU G 67 18.88 -54.57 -33.30
C GLU G 67 17.45 -54.22 -33.71
N VAL G 68 16.95 -53.03 -33.32
CA VAL G 68 15.60 -52.65 -33.65
C VAL G 68 15.61 -51.30 -34.36
N TYR G 69 14.54 -51.06 -35.11
CA TYR G 69 14.33 -49.76 -35.71
C TYR G 69 12.88 -49.38 -35.54
N THR G 70 12.62 -48.09 -35.36
CA THR G 70 11.30 -47.57 -35.07
C THR G 70 10.80 -46.76 -36.25
N ILE G 71 9.58 -47.04 -36.67
CA ILE G 71 8.85 -46.20 -37.61
C ILE G 71 7.98 -45.24 -36.82
N PRO G 72 8.14 -43.94 -36.98
CA PRO G 72 7.27 -43.00 -36.26
C PRO G 72 5.89 -42.97 -36.87
N GLN G 73 4.87 -43.24 -36.07
CA GLN G 73 3.50 -43.27 -36.53
C GLN G 73 2.60 -42.54 -35.57
N LYS G 74 2.98 -41.34 -35.18
CA LYS G 74 2.38 -40.76 -33.99
C LYS G 74 0.92 -40.42 -34.21
N GLU G 75 0.07 -41.44 -34.14
CA GLU G 75 -1.35 -41.32 -34.41
C GLU G 75 -2.13 -41.30 -33.10
N SER G 76 -3.25 -40.59 -33.09
CA SER G 76 -4.16 -40.56 -31.97
C SER G 76 -5.57 -40.70 -32.51
N ASN G 77 -6.37 -41.55 -31.89
CA ASN G 77 -7.79 -41.66 -32.22
C ASN G 77 -8.59 -41.36 -30.98
N LEU G 78 -9.53 -40.44 -31.10
CA LEU G 78 -10.44 -40.08 -30.02
C LEU G 78 -11.85 -40.42 -30.46
N GLU G 79 -12.66 -40.91 -29.54
CA GLU G 79 -14.08 -41.09 -29.80
C GLU G 79 -14.84 -40.76 -28.53
N MET G 80 -15.79 -39.85 -28.61
CA MET G 80 -16.66 -39.52 -27.49
C MET G 80 -18.10 -39.74 -27.94
N ASN G 81 -18.86 -40.49 -27.16
CA ASN G 81 -20.27 -40.70 -27.44
C ASN G 81 -21.05 -40.42 -26.19
N SER G 82 -21.90 -39.41 -26.22
CA SER G 82 -22.78 -39.08 -25.12
C SER G 82 -24.21 -39.33 -25.58
N GLU G 83 -25.08 -39.69 -24.64
CA GLU G 83 -26.48 -39.94 -24.95
C GLU G 83 -27.30 -39.70 -23.71
N VAL G 84 -28.21 -38.75 -23.78
CA VAL G 84 -29.08 -38.38 -22.67
C VAL G 84 -30.51 -38.66 -23.07
N LEU G 85 -31.26 -39.36 -22.23
CA LEU G 85 -32.65 -39.64 -22.49
C LEU G 85 -33.45 -39.31 -21.24
N GLU G 86 -34.32 -38.32 -21.34
CA GLU G 86 -35.22 -37.98 -20.25
C GLU G 86 -36.64 -38.26 -20.68
N SER G 87 -37.46 -38.71 -19.74
CA SER G 87 -38.87 -38.96 -19.99
C SER G 87 -39.65 -38.46 -18.79
N TRP G 88 -40.60 -37.58 -19.04
CA TRP G 88 -41.39 -36.99 -17.98
C TRP G 88 -42.85 -37.23 -18.26
N MET G 89 -43.56 -37.78 -17.28
CA MET G 89 -45.00 -37.94 -17.37
C MET G 89 -45.61 -37.31 -16.14
N ASN G 90 -46.60 -36.44 -16.34
CA ASN G 90 -47.27 -35.77 -15.24
C ASN G 90 -48.76 -35.88 -15.48
N TYR G 91 -49.50 -36.31 -14.45
CA TYR G 91 -50.93 -36.55 -14.58
C TYR G 91 -51.64 -36.02 -13.35
N GLN G 92 -52.82 -35.45 -13.53
CA GLN G 92 -53.65 -35.02 -12.43
C GLN G 92 -55.09 -35.42 -12.69
N SER G 93 -55.92 -35.33 -11.66
CA SER G 93 -57.33 -35.65 -11.77
C SER G 93 -58.07 -35.05 -10.58
N THR G 94 -58.88 -34.05 -10.82
CA THR G 94 -59.69 -33.44 -9.77
C THR G 94 -61.15 -33.66 -10.11
N THR G 95 -61.87 -34.37 -9.25
CA THR G 95 -63.30 -34.55 -9.43
C THR G 95 -64.02 -34.05 -8.19
N SER G 96 -65.16 -33.42 -8.40
CA SER G 96 -65.96 -32.90 -7.31
C SER G 96 -67.41 -33.27 -7.55
N LEU G 97 -68.20 -33.24 -6.48
CA LEU G 97 -69.62 -33.54 -6.59
C LEU G 97 -70.32 -32.97 -5.37
N SER G 98 -71.18 -31.98 -5.57
CA SER G 98 -71.94 -31.36 -4.50
C SER G 98 -73.41 -31.65 -4.74
N ILE G 99 -74.11 -32.08 -3.70
CA ILE G 99 -75.54 -32.34 -3.78
C ILE G 99 -76.20 -31.66 -2.61
N ASN G 100 -77.14 -30.76 -2.89
CA ASN G 100 -77.86 -30.04 -1.86
C ASN G 100 -79.34 -30.38 -1.95
N THR G 101 -80.02 -30.33 -0.81
CA THR G 101 -81.45 -30.58 -0.77
C THR G 101 -82.05 -29.70 0.33
N GLU G 102 -83.13 -29.02 0.01
CA GLU G 102 -83.89 -28.24 1.00
C GLU G 102 -85.35 -28.62 0.88
N LEU G 103 -86.03 -28.72 2.01
CA LEU G 103 -87.44 -29.07 2.04
C LEU G 103 -88.13 -28.25 3.11
N ALA G 104 -89.10 -27.44 2.71
CA ALA G 104 -89.89 -26.64 3.64
C ALA G 104 -91.34 -27.07 3.53
N LEU G 105 -91.94 -27.42 4.66
CA LEU G 105 -93.32 -27.88 4.72
C LEU G 105 -94.11 -26.96 5.63
N PHE G 106 -95.27 -26.50 5.14
CA PHE G 106 -96.23 -25.73 5.90
C PHE G 106 -95.63 -24.45 6.47
N SER G 107 -94.50 -24.02 5.90
CA SER G 107 -93.75 -22.86 6.37
C SER G 107 -93.29 -23.02 7.81
N ARG G 108 -93.23 -24.25 8.32
CA ARG G 108 -92.75 -24.48 9.67
C ARG G 108 -91.63 -25.51 9.74
N VAL G 109 -91.70 -26.57 8.95
CA VAL G 109 -90.76 -27.68 9.07
C VAL G 109 -89.71 -27.52 7.97
N ASN G 110 -88.46 -27.32 8.37
CA ASN G 110 -87.36 -27.17 7.44
C ASN G 110 -86.44 -28.38 7.55
N GLY G 111 -85.89 -28.81 6.41
CA GLY G 111 -84.87 -29.83 6.41
C GLY G 111 -83.86 -29.63 5.29
N LYS G 112 -82.59 -29.48 5.65
CA LYS G 112 -81.52 -29.27 4.68
C LYS G 112 -80.53 -30.41 4.76
N PHE G 113 -79.92 -30.72 3.62
CA PHE G 113 -79.01 -31.86 3.52
C PHE G 113 -78.01 -31.57 2.40
N SER G 114 -76.76 -31.34 2.76
CA SER G 114 -75.71 -31.01 1.80
C SER G 114 -74.59 -32.02 1.91
N THR G 115 -74.17 -32.56 0.78
CA THR G 115 -73.02 -33.45 0.73
C THR G 115 -72.05 -32.94 -0.32
N GLU G 116 -70.78 -33.22 -0.13
CA GLU G 116 -69.74 -32.77 -1.05
C GLU G 116 -68.60 -33.77 -1.01
N PHE G 117 -68.28 -34.34 -2.15
CA PHE G 117 -67.15 -35.23 -2.31
C PHE G 117 -66.14 -34.58 -3.23
N GLN G 118 -64.87 -34.71 -2.88
CA GLN G 118 -63.80 -34.09 -3.66
C GLN G 118 -62.61 -35.03 -3.67
N ARG G 119 -62.23 -35.52 -4.85
CA ARG G 119 -61.13 -36.47 -4.97
C ARG G 119 -60.09 -35.91 -5.91
N MET G 120 -58.88 -35.72 -5.41
CA MET G 120 -57.76 -35.24 -6.20
C MET G 120 -56.73 -36.35 -6.28
N LYS G 121 -56.11 -36.48 -7.43
CA LYS G 121 -55.10 -37.50 -7.67
C LYS G 121 -53.99 -36.89 -8.49
N THR G 122 -52.74 -37.26 -8.18
CA THR G 122 -51.58 -36.74 -8.91
C THR G 122 -50.57 -37.84 -9.06
N LEU G 123 -49.96 -37.93 -10.24
CA LEU G 123 -48.89 -38.87 -10.49
C LEU G 123 -47.79 -38.15 -11.26
N GLN G 124 -46.55 -38.43 -10.90
CA GLN G 124 -45.42 -37.92 -11.66
C GLN G 124 -44.41 -39.04 -11.82
N VAL G 125 -43.84 -39.14 -13.01
CA VAL G 125 -42.76 -40.08 -13.28
C VAL G 125 -41.69 -39.32 -14.03
N LYS G 126 -40.45 -39.47 -13.58
CA LYS G 126 -39.33 -38.77 -14.19
C LYS G 126 -38.18 -39.75 -14.33
N ASP G 127 -37.77 -40.03 -15.56
CA ASP G 127 -36.68 -40.98 -15.78
C ASP G 127 -35.58 -40.30 -16.56
N GLN G 128 -34.36 -40.41 -16.06
CA GLN G 128 -33.18 -39.95 -16.78
C GLN G 128 -32.24 -41.11 -17.01
N ALA G 129 -31.60 -41.11 -18.17
CA ALA G 129 -30.60 -42.12 -18.49
C ALA G 129 -29.49 -41.44 -19.26
N VAL G 130 -28.33 -41.31 -18.64
CA VAL G 130 -27.16 -40.70 -19.25
C VAL G 130 -26.17 -41.81 -19.53
N THR G 131 -25.54 -41.77 -20.70
CA THR G 131 -24.55 -42.77 -21.06
C THR G 131 -23.43 -42.09 -21.82
N THR G 132 -22.21 -42.25 -21.32
CA THR G 132 -21.03 -41.61 -21.88
C THR G 132 -20.00 -42.68 -22.17
N ARG G 133 -19.26 -42.52 -23.25
CA ARG G 133 -18.19 -43.45 -23.59
C ARG G 133 -17.08 -42.69 -24.28
N VAL G 134 -15.91 -42.67 -23.67
CA VAL G 134 -14.72 -42.03 -24.21
C VAL G 134 -13.74 -43.12 -24.55
N GLN G 135 -13.06 -42.98 -25.67
CA GLN G 135 -12.11 -43.99 -26.11
C GLN G 135 -10.94 -43.31 -26.79
N VAL G 136 -9.78 -43.35 -26.15
CA VAL G 136 -8.55 -42.77 -26.67
C VAL G 136 -7.63 -43.91 -27.04
N ARG G 137 -6.91 -43.75 -28.13
CA ARG G 137 -5.92 -44.75 -28.53
C ARG G 137 -4.78 -44.05 -29.24
N ASN G 138 -3.63 -43.99 -28.59
CA ASN G 138 -2.43 -43.46 -29.19
C ASN G 138 -1.57 -44.60 -29.67
N ARG G 139 -1.07 -44.49 -30.90
CA ARG G 139 -0.07 -45.40 -31.41
C ARG G 139 1.12 -44.55 -31.81
N ILE G 140 2.20 -44.62 -31.04
CA ILE G 140 3.29 -43.68 -31.27
C ILE G 140 4.31 -44.26 -32.23
N TYR G 141 4.94 -45.36 -31.85
CA TYR G 141 6.00 -45.96 -32.64
C TYR G 141 5.58 -47.34 -33.14
N THR G 142 6.30 -47.82 -34.14
CA THR G 142 6.24 -49.22 -34.54
C THR G 142 7.66 -49.74 -34.50
N VAL G 143 7.94 -50.65 -33.57
CA VAL G 143 9.30 -51.14 -33.36
C VAL G 143 9.42 -52.49 -34.01
N LYS G 144 10.43 -52.65 -34.86
CA LYS G 144 10.66 -53.91 -35.54
C LYS G 144 12.09 -54.36 -35.32
N THR G 145 12.31 -55.67 -35.38
CA THR G 145 13.66 -56.20 -35.31
C THR G 145 14.38 -56.03 -36.63
N THR G 146 15.64 -55.68 -36.57
CA THR G 146 16.46 -55.65 -37.76
C THR G 146 16.54 -57.05 -38.35
N PRO G 147 16.41 -57.21 -39.66
CA PRO G 147 16.46 -58.57 -40.23
C PRO G 147 17.77 -59.29 -40.00
N THR G 148 18.83 -58.57 -39.66
CA THR G 148 20.13 -59.17 -39.43
C THR G 148 20.37 -59.56 -37.98
N SER G 149 19.36 -59.42 -37.12
CA SER G 149 19.58 -59.62 -35.70
C SER G 149 19.87 -61.09 -35.39
N GLU G 150 20.61 -61.30 -34.30
CA GLU G 150 21.05 -62.62 -33.88
C GLU G 150 20.24 -63.09 -32.69
N LEU G 151 20.32 -64.38 -32.41
CA LEU G 151 19.62 -64.97 -31.28
C LEU G 151 20.32 -64.60 -29.99
N SER G 152 19.55 -64.56 -28.92
CA SER G 152 20.12 -64.27 -27.61
C SER G 152 21.00 -65.42 -27.16
N LEU G 153 21.83 -65.12 -26.16
CA LEU G 153 22.75 -66.14 -25.66
C LEU G 153 22.00 -67.32 -25.08
N GLY G 154 20.99 -67.08 -24.25
CA GLY G 154 20.30 -68.16 -23.58
C GLY G 154 19.54 -69.06 -24.55
N PHE G 155 18.87 -68.47 -25.53
CA PHE G 155 18.16 -69.27 -26.51
C PHE G 155 19.12 -70.15 -27.29
N THR G 156 20.27 -69.58 -27.68
CA THR G 156 21.28 -70.38 -28.36
C THR G 156 21.75 -71.51 -27.47
N LYS G 157 21.95 -71.24 -26.19
CA LYS G 157 22.42 -72.28 -25.28
C LYS G 157 21.41 -73.42 -25.17
N ALA G 158 20.13 -73.08 -25.05
CA ALA G 158 19.12 -74.13 -24.98
C ALA G 158 19.08 -74.94 -26.26
N LEU G 159 19.14 -74.27 -27.41
CA LEU G 159 19.14 -75.00 -28.67
C LEU G 159 20.35 -75.90 -28.80
N MET G 160 21.52 -75.41 -28.39
CA MET G 160 22.74 -76.21 -28.45
C MET G 160 22.62 -77.42 -27.56
N ASP G 161 22.05 -77.25 -26.36
CA ASP G 161 21.87 -78.39 -25.48
C ASP G 161 20.96 -79.43 -26.12
N ILE G 162 19.87 -79.00 -26.74
CA ILE G 162 18.97 -79.97 -27.37
C ILE G 162 19.68 -80.69 -28.50
N CYS G 163 20.44 -79.95 -29.32
CA CYS G 163 21.11 -80.59 -30.44
C CYS G 163 22.15 -81.60 -29.98
N ASP G 164 22.95 -81.23 -28.97
CA ASP G 164 23.95 -82.16 -28.47
C ASP G 164 23.30 -83.38 -27.84
N GLN G 165 22.20 -83.19 -27.12
CA GLN G 165 21.52 -84.32 -26.52
C GLN G 165 20.94 -85.24 -27.58
N LEU G 166 20.41 -84.69 -28.66
CA LEU G 166 20.00 -85.53 -29.78
C LEU G 166 21.19 -86.27 -30.37
N GLU G 167 22.33 -85.58 -30.47
CA GLU G 167 23.56 -86.23 -30.90
C GLU G 167 23.89 -87.43 -30.01
N LYS G 168 23.54 -87.36 -28.73
CA LYS G 168 23.69 -88.52 -27.86
C LYS G 168 22.61 -89.57 -28.09
N ASN G 169 21.72 -89.37 -29.07
CA ASN G 169 20.68 -90.34 -29.42
C ASN G 169 19.81 -90.70 -28.20
N GLN G 170 19.39 -89.66 -27.49
CA GLN G 170 18.54 -89.83 -26.31
C GLN G 170 17.24 -89.07 -26.57
N THR G 171 16.30 -89.73 -27.23
CA THR G 171 15.06 -89.09 -27.65
C THR G 171 14.10 -88.84 -26.51
N LYS G 172 14.29 -89.46 -25.35
CA LYS G 172 13.36 -89.25 -24.26
C LYS G 172 13.53 -87.86 -23.64
N MET G 173 14.69 -87.59 -23.07
CA MET G 173 14.89 -86.28 -22.45
C MET G 173 15.12 -85.19 -23.47
N ALA G 174 15.37 -85.53 -24.73
CA ALA G 174 15.44 -84.50 -25.76
C ALA G 174 14.09 -83.81 -25.94
N THR G 175 13.02 -84.59 -26.01
CA THR G 175 11.70 -83.99 -26.11
C THR G 175 11.34 -83.23 -24.84
N TYR G 176 11.77 -83.74 -23.68
CA TYR G 176 11.63 -82.99 -22.44
C TYR G 176 12.29 -81.62 -22.54
N LEU G 177 13.53 -81.59 -23.01
CA LEU G 177 14.25 -80.34 -23.11
C LEU G 177 13.59 -79.40 -24.10
N ALA G 178 13.07 -79.94 -25.20
CA ALA G 178 12.34 -79.12 -26.16
C ALA G 178 11.09 -78.52 -25.53
N GLU G 179 10.36 -79.30 -24.74
CA GLU G 179 9.18 -78.78 -24.10
C GLU G 179 9.54 -77.70 -23.09
N LEU G 180 10.68 -77.86 -22.41
CA LEU G 180 11.15 -76.79 -21.54
C LEU G 180 11.45 -75.53 -22.33
N LEU G 181 12.06 -75.70 -23.50
CA LEU G 181 12.32 -74.56 -24.36
C LEU G 181 11.02 -73.85 -24.72
N ILE G 182 10.00 -74.63 -25.08
CA ILE G 182 8.71 -74.04 -25.41
C ILE G 182 8.15 -73.28 -24.23
N LEU G 183 8.23 -73.88 -23.05
CA LEU G 183 7.69 -73.24 -21.86
C LEU G 183 8.40 -71.94 -21.55
N ASN G 184 9.72 -71.91 -21.70
CA ASN G 184 10.46 -70.70 -21.35
C ASN G 184 10.34 -69.61 -22.39
N TYR G 185 10.30 -69.98 -23.68
CA TYR G 185 10.37 -68.99 -24.75
C TYR G 185 9.11 -68.92 -25.57
N GLY G 186 8.07 -69.65 -25.20
CA GLY G 186 6.83 -69.53 -25.92
C GLY G 186 6.88 -70.17 -27.29
N THR G 187 5.80 -69.94 -28.04
CA THR G 187 5.60 -70.57 -29.34
C THR G 187 6.07 -69.69 -30.49
N HIS G 188 5.75 -68.41 -30.45
CA HIS G 188 6.13 -67.49 -31.51
C HIS G 188 7.15 -66.49 -30.98
N VAL G 189 7.75 -65.76 -31.91
CA VAL G 189 8.66 -64.67 -31.60
C VAL G 189 8.08 -63.40 -32.15
N ILE G 190 8.00 -62.38 -31.30
CA ILE G 190 7.53 -61.07 -31.72
C ILE G 190 8.60 -60.41 -32.58
N THR G 191 8.21 -59.98 -33.77
CA THR G 191 9.11 -59.24 -34.63
C THR G 191 8.73 -57.78 -34.77
N SER G 192 7.50 -57.41 -34.42
CA SER G 192 7.09 -56.03 -34.49
C SER G 192 6.01 -55.77 -33.47
N VAL G 193 6.11 -54.63 -32.79
CA VAL G 193 5.13 -54.21 -31.81
C VAL G 193 4.78 -52.76 -32.09
N ASP G 194 3.75 -52.27 -31.43
CA ASP G 194 3.32 -50.89 -31.55
C ASP G 194 3.32 -50.27 -30.17
N ALA G 195 4.31 -49.41 -29.90
CA ALA G 195 4.29 -48.65 -28.68
C ALA G 195 3.08 -47.73 -28.69
N GLY G 196 2.42 -47.60 -27.56
CA GLY G 196 1.26 -46.73 -27.53
C GLY G 196 0.57 -46.75 -26.21
N ALA G 197 -0.67 -46.29 -26.21
CA ALA G 197 -1.47 -46.23 -25.00
C ALA G 197 -2.93 -46.29 -25.41
N ALA G 198 -3.78 -46.65 -24.45
CA ALA G 198 -5.19 -46.76 -24.73
C ALA G 198 -5.97 -46.44 -23.46
N LEU G 199 -7.19 -45.96 -23.64
CA LEU G 199 -8.01 -45.57 -22.51
C LEU G 199 -9.46 -45.72 -22.90
N VAL G 200 -10.27 -46.31 -22.04
CA VAL G 200 -11.68 -46.49 -22.28
C VAL G 200 -12.43 -46.09 -21.02
N GLN G 201 -13.32 -45.12 -21.12
CA GLN G 201 -14.21 -44.80 -20.02
C GLN G 201 -15.62 -45.06 -20.47
N GLU G 202 -16.39 -45.75 -19.64
CA GLU G 202 -17.81 -45.90 -19.83
C GLU G 202 -18.48 -45.35 -18.59
N ASP G 203 -19.64 -44.75 -18.76
CA ASP G 203 -20.35 -44.13 -17.66
C ASP G 203 -21.85 -44.26 -17.91
N HIS G 204 -22.58 -44.70 -16.89
CA HIS G 204 -24.04 -44.80 -16.98
C HIS G 204 -24.63 -44.15 -15.75
N VAL G 205 -25.72 -43.43 -15.94
CA VAL G 205 -26.52 -42.89 -14.85
C VAL G 205 -27.97 -43.19 -15.16
N ARG G 206 -28.70 -43.70 -14.18
CA ARG G 206 -30.12 -43.94 -14.34
C ARG G 206 -30.84 -43.41 -13.10
N SER G 207 -31.69 -42.42 -13.30
CA SER G 207 -32.51 -41.87 -12.24
C SER G 207 -33.97 -42.20 -12.54
N SER G 208 -34.68 -42.68 -11.52
CA SER G 208 -36.10 -42.93 -11.63
C SER G 208 -36.77 -42.25 -10.45
N PHE G 209 -37.76 -41.42 -10.74
CA PHE G 209 -38.49 -40.68 -9.72
C PHE G 209 -39.96 -40.97 -9.92
N LEU G 210 -40.63 -41.39 -8.86
CA LEU G 210 -42.06 -41.64 -8.89
C LEU G 210 -42.72 -40.88 -7.77
N LEU G 211 -43.82 -40.22 -8.08
CA LEU G 211 -44.59 -39.49 -7.08
C LEU G 211 -46.04 -39.88 -7.27
N ASP G 212 -46.69 -40.24 -6.18
CA ASP G 212 -48.11 -40.52 -6.17
C ASP G 212 -48.74 -39.67 -5.08
N ASN G 213 -49.97 -39.23 -5.31
CA ASN G 213 -50.60 -38.35 -4.34
C ASN G 213 -52.10 -38.44 -4.48
N GLN G 214 -52.80 -38.49 -3.34
CA GLN G 214 -54.25 -38.56 -3.33
C GLN G 214 -54.78 -37.69 -2.20
N ASN G 215 -55.78 -36.88 -2.49
CA ASN G 215 -56.52 -36.14 -1.48
C ASN G 215 -57.98 -36.52 -1.58
N SER G 216 -58.64 -36.69 -0.44
CA SER G 216 -60.04 -37.05 -0.42
C SER G 216 -60.73 -36.24 0.65
N GLN G 217 -61.76 -35.49 0.27
CA GLN G 217 -62.47 -34.63 1.20
C GLN G 217 -63.96 -34.92 1.09
N ASN G 218 -64.62 -35.05 2.23
CA ASN G 218 -66.07 -35.25 2.26
C ASN G 218 -66.67 -34.33 3.29
N THR G 219 -67.72 -33.62 2.92
CA THR G 219 -68.42 -32.72 3.83
C THR G 219 -69.89 -33.07 3.81
N VAL G 220 -70.51 -33.16 4.98
CA VAL G 220 -71.93 -33.42 5.12
C VAL G 220 -72.50 -32.46 6.15
N THR G 221 -73.60 -31.80 5.81
CA THR G 221 -74.29 -30.90 6.73
C THR G 221 -75.78 -31.19 6.66
N ALA G 222 -76.37 -31.60 7.78
CA ALA G 222 -77.78 -31.95 7.82
C ALA G 222 -78.47 -31.14 8.90
N SER G 223 -79.48 -30.37 8.52
CA SER G 223 -80.21 -29.52 9.45
C SER G 223 -81.69 -29.85 9.40
N ALA G 224 -82.37 -29.64 10.52
CA ALA G 224 -83.80 -29.91 10.62
C ALA G 224 -84.39 -29.00 11.68
N GLY G 225 -85.40 -28.23 11.31
CA GLY G 225 -86.00 -27.28 12.25
C GLY G 225 -87.52 -27.28 12.25
N ILE G 226 -88.10 -27.51 13.42
CA ILE G 226 -89.55 -27.48 13.61
C ILE G 226 -89.86 -26.22 14.41
N ALA G 227 -90.57 -25.28 13.80
CA ALA G 227 -90.85 -24.00 14.42
C ALA G 227 -92.35 -23.71 14.33
N PHE G 228 -93.05 -23.90 15.45
CA PHE G 228 -94.47 -23.58 15.53
C PHE G 228 -94.64 -22.08 15.67
N LEU G 229 -95.85 -21.64 15.99
CA LEU G 229 -96.14 -20.21 16.16
C LEU G 229 -95.85 -19.81 17.61
N ASN G 230 -94.56 -19.69 17.91
CA ASN G 230 -94.07 -19.18 19.19
C ASN G 230 -94.50 -20.06 20.36
N ILE G 231 -94.65 -21.35 20.12
CA ILE G 231 -94.92 -22.32 21.18
C ILE G 231 -93.76 -23.30 21.33
N VAL G 232 -93.32 -23.90 20.24
CA VAL G 232 -92.18 -24.83 20.25
C VAL G 232 -91.26 -24.47 19.09
N ASN G 233 -89.98 -24.31 19.39
CA ASN G 233 -88.95 -24.12 18.37
C ASN G 233 -87.83 -25.11 18.65
N PHE G 234 -87.41 -25.85 17.63
CA PHE G 234 -86.47 -26.95 17.81
C PHE G 234 -85.65 -27.10 16.55
N LYS G 235 -84.37 -26.77 16.60
CA LYS G 235 -83.50 -26.87 15.44
C LYS G 235 -82.27 -27.70 15.76
N VAL G 236 -81.90 -28.57 14.83
CA VAL G 236 -80.77 -29.48 15.00
C VAL G 236 -79.95 -29.41 13.72
N GLU G 237 -78.68 -29.03 13.85
CA GLU G 237 -77.77 -29.06 12.72
C GLU G 237 -76.53 -29.88 13.07
N THR G 238 -76.23 -30.85 12.22
CA THR G 238 -75.06 -31.70 12.39
C THR G 238 -74.13 -31.46 11.23
N ASP G 239 -72.84 -31.40 11.51
CA ASP G 239 -71.81 -31.17 10.52
C ASP G 239 -70.80 -32.30 10.56
N TYR G 240 -70.10 -32.51 9.44
CA TYR G 240 -69.12 -33.57 9.37
C TYR G 240 -68.14 -33.24 8.27
N ILE G 241 -66.85 -33.29 8.57
CA ILE G 241 -65.80 -33.12 7.59
C ILE G 241 -64.84 -34.29 7.72
N SER G 242 -64.36 -34.79 6.59
CA SER G 242 -63.39 -35.88 6.57
C SER G 242 -62.38 -35.57 5.46
N GLN G 243 -61.17 -35.18 5.86
CA GLN G 243 -60.14 -34.78 4.92
C GLN G 243 -58.94 -35.69 5.10
N THR G 244 -58.46 -36.28 4.01
CA THR G 244 -57.31 -37.17 4.07
C THR G 244 -56.35 -36.87 2.92
N SER G 245 -55.06 -36.94 3.22
CA SER G 245 -54.02 -36.78 2.22
C SER G 245 -53.10 -37.98 2.28
N LEU G 246 -52.45 -38.27 1.16
CA LEU G 246 -51.51 -39.38 1.13
C LEU G 246 -50.59 -39.21 -0.06
N THR G 247 -49.32 -38.94 0.20
CA THR G 247 -48.33 -38.84 -0.87
C THR G 247 -47.29 -39.93 -0.65
N LYS G 248 -46.82 -40.51 -1.75
CA LYS G 248 -45.81 -41.56 -1.70
C LYS G 248 -44.79 -41.26 -2.77
N ASP G 249 -43.55 -41.02 -2.36
CA ASP G 249 -42.47 -40.78 -3.30
C ASP G 249 -41.64 -42.04 -3.45
N TYR G 250 -40.74 -41.99 -4.42
CA TYR G 250 -39.75 -43.05 -4.58
C TYR G 250 -38.68 -42.51 -5.50
N LEU G 251 -37.43 -42.66 -5.11
CA LEU G 251 -36.30 -42.17 -5.89
C LEU G 251 -35.31 -43.29 -6.05
N SER G 252 -34.61 -43.32 -7.17
CA SER G 252 -33.66 -44.39 -7.43
C SER G 252 -32.58 -43.88 -8.37
N ASN G 253 -31.39 -43.64 -7.83
CA ASN G 253 -30.21 -43.32 -8.62
C ASN G 253 -29.35 -44.56 -8.76
N ARG G 254 -28.74 -44.73 -9.91
CA ARG G 254 -27.77 -45.81 -10.12
C ARG G 254 -26.74 -45.32 -11.10
N THR G 255 -25.50 -45.11 -10.64
CA THR G 255 -24.42 -44.68 -11.51
C THR G 255 -23.36 -45.75 -11.53
N ASN G 256 -22.87 -46.10 -12.72
CA ASN G 256 -21.78 -47.04 -12.88
C ASN G 256 -20.74 -46.40 -13.79
N SER G 257 -19.55 -46.19 -13.27
CA SER G 257 -18.42 -45.79 -14.08
C SER G 257 -17.53 -46.99 -14.27
N ARG G 258 -16.72 -46.97 -15.30
CA ARG G 258 -15.74 -48.03 -15.50
C ARG G 258 -14.66 -47.54 -16.42
N VAL G 259 -13.42 -47.52 -15.94
CA VAL G 259 -12.28 -47.03 -16.70
C VAL G 259 -11.31 -48.16 -16.87
N GLN G 260 -10.75 -48.29 -18.06
CA GLN G 260 -9.75 -49.30 -18.35
C GLN G 260 -8.64 -48.63 -19.12
N SER G 261 -7.41 -48.73 -18.62
CA SER G 261 -6.29 -48.01 -19.18
C SER G 261 -5.20 -49.00 -19.53
N PHE G 262 -4.45 -48.70 -20.59
CA PHE G 262 -3.27 -49.47 -20.97
C PHE G 262 -2.17 -48.49 -21.27
N GLY G 263 -1.17 -48.43 -20.41
CA GLY G 263 -0.11 -47.49 -20.62
C GLY G 263 -0.47 -46.14 -20.07
N GLY G 264 0.51 -45.28 -19.92
CA GLY G 264 0.26 -43.96 -19.39
C GLY G 264 0.26 -43.97 -17.87
N VAL G 265 0.00 -42.80 -17.32
CA VAL G 265 -0.03 -42.61 -15.87
C VAL G 265 -1.14 -43.48 -15.29
N PRO G 266 -1.01 -43.98 -14.07
CA PRO G 266 -2.16 -44.62 -13.43
C PRO G 266 -3.35 -43.67 -13.39
N PHE G 267 -4.52 -44.19 -13.74
CA PHE G 267 -5.68 -43.33 -13.90
C PHE G 267 -6.32 -43.04 -12.56
N TYR G 268 -6.79 -41.82 -12.39
CA TYR G 268 -7.64 -41.45 -11.27
C TYR G 268 -8.76 -40.58 -11.79
N PRO G 269 -9.94 -40.62 -11.17
CA PRO G 269 -11.14 -40.06 -11.80
C PRO G 269 -11.04 -38.60 -12.14
N GLY G 270 -10.37 -37.79 -11.34
CA GLY G 270 -10.37 -36.37 -11.61
C GLY G 270 -9.37 -35.93 -12.65
N ILE G 271 -8.77 -36.90 -13.35
CA ILE G 271 -7.73 -36.60 -14.32
C ILE G 271 -8.38 -36.15 -15.61
N THR G 272 -7.73 -35.22 -16.28
CA THR G 272 -8.20 -34.71 -17.55
C THR G 272 -7.46 -35.42 -18.67
N LEU G 273 -8.11 -35.54 -19.82
CA LEU G 273 -7.43 -36.17 -20.93
C LEU G 273 -6.17 -35.41 -21.33
N GLU G 274 -6.08 -34.12 -21.03
CA GLU G 274 -4.84 -33.42 -21.30
C GLU G 274 -3.71 -33.98 -20.46
N THR G 275 -3.92 -34.07 -19.15
CA THR G 275 -2.87 -34.58 -18.27
C THR G 275 -2.53 -36.02 -18.61
N TRP G 276 -3.53 -36.83 -18.95
CA TRP G 276 -3.25 -38.20 -19.30
C TRP G 276 -2.48 -38.30 -20.60
N GLN G 277 -2.85 -37.50 -21.60
CA GLN G 277 -2.15 -37.56 -22.88
C GLN G 277 -0.73 -37.06 -22.76
N LYS G 278 -0.49 -36.05 -21.93
CA LYS G 278 0.86 -35.56 -21.72
C LYS G 278 1.69 -36.46 -20.83
N GLY G 279 1.10 -37.51 -20.27
CA GLY G 279 1.81 -38.35 -19.34
C GLY G 279 2.24 -39.69 -19.89
N ILE G 280 2.02 -39.92 -21.18
CA ILE G 280 2.38 -41.21 -21.76
C ILE G 280 3.82 -41.15 -22.27
N THR G 281 4.51 -40.06 -21.94
CA THR G 281 5.82 -39.82 -22.54
C THR G 281 6.81 -40.92 -22.21
N ASN G 282 6.67 -41.57 -21.07
CA ASN G 282 7.55 -42.64 -20.69
C ASN G 282 6.85 -43.95 -20.41
N HIS G 283 5.52 -43.96 -20.33
CA HIS G 283 4.74 -45.15 -20.03
C HIS G 283 4.06 -45.61 -21.29
N LEU G 284 4.77 -46.38 -22.11
CA LEU G 284 4.22 -46.87 -23.36
C LEU G 284 4.13 -48.38 -23.28
N VAL G 285 3.07 -48.93 -23.85
CA VAL G 285 2.76 -50.35 -23.72
C VAL G 285 2.49 -50.93 -25.08
N ALA G 286 2.91 -52.17 -25.30
CA ALA G 286 2.68 -52.81 -26.58
C ALA G 286 1.19 -53.00 -26.80
N ILE G 287 0.60 -52.17 -27.67
CA ILE G 287 -0.83 -52.28 -27.93
C ILE G 287 -1.14 -53.21 -29.07
N ASP G 288 -0.13 -53.68 -29.81
CA ASP G 288 -0.36 -54.59 -30.91
C ASP G 288 0.98 -55.23 -31.23
N ARG G 289 0.95 -56.48 -31.69
CA ARG G 289 2.20 -57.18 -31.93
C ARG G 289 2.00 -58.22 -33.01
N ALA G 290 3.05 -58.46 -33.78
CA ALA G 290 3.06 -59.48 -34.81
C ALA G 290 4.34 -60.29 -34.70
N GLY G 291 4.27 -61.57 -35.03
CA GLY G 291 5.41 -62.43 -34.85
C GLY G 291 5.42 -63.56 -35.86
N LEU G 292 6.39 -64.45 -35.68
CA LEU G 292 6.61 -65.59 -36.53
C LEU G 292 6.74 -66.84 -35.68
N PRO G 293 6.33 -68.00 -36.20
CA PRO G 293 6.54 -69.24 -35.45
C PRO G 293 8.01 -69.44 -35.16
N LEU G 294 8.31 -69.96 -33.98
CA LEU G 294 9.70 -69.95 -33.56
C LEU G 294 10.54 -71.01 -34.28
N HIS G 295 9.91 -72.04 -34.84
CA HIS G 295 10.69 -72.98 -35.65
C HIS G 295 11.24 -72.30 -36.90
N PHE G 296 10.66 -71.17 -37.28
CA PHE G 296 11.15 -70.42 -38.42
C PHE G 296 12.52 -69.81 -38.15
N PHE G 297 12.89 -69.62 -36.89
CA PHE G 297 14.18 -69.03 -36.57
C PHE G 297 15.27 -70.07 -36.41
N ILE G 298 14.94 -71.35 -36.48
CA ILE G 298 15.95 -72.40 -36.36
C ILE G 298 16.47 -72.71 -37.75
N LYS G 299 17.46 -71.96 -38.19
CA LYS G 299 17.99 -72.06 -39.54
C LYS G 299 19.50 -72.14 -39.48
N PRO G 300 20.12 -72.82 -40.46
CA PRO G 300 21.58 -73.00 -40.41
C PRO G 300 22.34 -71.69 -40.34
N ASP G 301 21.90 -70.68 -41.08
CA ASP G 301 22.57 -69.39 -41.08
C ASP G 301 22.39 -68.64 -39.78
N LYS G 302 21.45 -69.06 -38.93
CA LYS G 302 21.19 -68.41 -37.66
C LYS G 302 21.95 -69.03 -36.51
N LEU G 303 22.41 -70.27 -36.67
CA LEU G 303 23.16 -71.00 -35.65
C LEU G 303 24.50 -71.40 -36.24
N PRO G 304 25.52 -70.54 -36.15
CA PRO G 304 26.83 -70.91 -36.70
C PRO G 304 27.45 -72.12 -36.04
N GLY G 305 27.11 -72.40 -34.78
CA GLY G 305 27.80 -73.44 -34.05
C GLY G 305 27.44 -74.85 -34.48
N LEU G 306 26.42 -75.00 -35.32
CA LEU G 306 26.02 -76.34 -35.67
C LEU G 306 25.89 -76.52 -37.19
N PRO G 307 26.14 -77.73 -37.69
CA PRO G 307 25.99 -77.98 -39.13
C PRO G 307 24.53 -78.04 -39.57
N GLY G 308 24.32 -77.93 -40.88
CA GLY G 308 22.98 -77.92 -41.45
C GLY G 308 22.14 -79.16 -41.18
N PRO G 309 22.70 -80.35 -41.38
CA PRO G 309 21.94 -81.56 -41.08
C PRO G 309 21.50 -81.64 -39.63
N LEU G 310 22.31 -81.14 -38.69
CA LEU G 310 21.89 -81.10 -37.30
C LEU G 310 20.76 -80.10 -37.06
N VAL G 311 20.89 -78.90 -37.62
CA VAL G 311 19.89 -77.88 -37.34
C VAL G 311 18.56 -78.23 -37.97
N LYS G 312 18.57 -78.94 -39.10
CA LYS G 312 17.30 -79.38 -39.67
C LYS G 312 16.58 -80.34 -38.75
N LYS G 313 17.30 -81.30 -38.17
CA LYS G 313 16.69 -82.20 -37.20
C LYS G 313 16.22 -81.45 -35.96
N LEU G 314 17.02 -80.47 -35.52
CA LEU G 314 16.64 -79.67 -34.36
C LEU G 314 15.34 -78.92 -34.62
N SER G 315 15.22 -78.32 -35.80
CA SER G 315 13.99 -77.63 -36.15
C SER G 315 12.82 -78.62 -36.21
N LYS G 316 13.06 -79.81 -36.76
CA LYS G 316 11.99 -80.80 -36.84
C LYS G 316 11.48 -81.17 -35.45
N THR G 317 12.39 -81.42 -34.52
CA THR G 317 11.95 -81.83 -33.20
C THR G 317 11.30 -80.68 -32.45
N VAL G 318 11.80 -79.45 -32.63
CA VAL G 318 11.15 -78.31 -31.99
C VAL G 318 9.73 -78.14 -32.54
N GLU G 319 9.58 -78.28 -33.85
CA GLU G 319 8.25 -78.14 -34.44
C GLU G 319 7.31 -79.22 -33.97
N THR G 320 7.79 -80.46 -33.85
CA THR G 320 6.91 -81.51 -33.37
C THR G 320 6.57 -81.31 -31.90
N ALA G 321 7.49 -80.75 -31.12
CA ALA G 321 7.17 -80.40 -29.74
C ALA G 321 6.07 -79.34 -29.70
N VAL G 322 6.18 -78.34 -30.58
CA VAL G 322 5.16 -77.30 -30.63
C VAL G 322 3.81 -77.90 -31.01
N ARG G 323 3.82 -78.80 -31.99
CA ARG G 323 2.58 -79.45 -32.41
C ARG G 323 1.95 -80.22 -31.27
N HIS G 324 2.77 -80.96 -30.52
CA HIS G 324 2.24 -81.71 -29.39
C HIS G 324 1.69 -80.77 -28.32
N TYR G 325 2.40 -79.68 -28.07
CA TYR G 325 1.94 -78.69 -27.11
C TYR G 325 0.60 -78.10 -27.51
N TYR G 326 0.42 -77.80 -28.79
CA TYR G 326 -0.87 -77.30 -29.25
C TYR G 326 -1.95 -78.35 -29.10
N THR G 327 -1.67 -79.59 -29.51
CA THR G 327 -2.69 -80.63 -29.47
C THR G 327 -3.13 -80.93 -28.05
N PHE G 328 -2.20 -80.87 -27.10
CA PHE G 328 -2.56 -81.14 -25.70
C PHE G 328 -3.65 -80.20 -25.22
N ASN G 329 -3.70 -78.99 -25.75
CA ASN G 329 -4.68 -78.01 -25.28
C ASN G 329 -5.70 -77.70 -26.36
N PHE G 360 -17.89 -87.61 -18.52
CA PHE G 360 -19.28 -87.24 -18.72
C PHE G 360 -19.43 -86.09 -19.71
N THR G 361 -20.62 -85.93 -20.25
CA THR G 361 -20.94 -84.83 -21.16
C THR G 361 -22.00 -83.94 -20.53
N PHE G 362 -21.75 -82.64 -20.51
CA PHE G 362 -22.68 -81.66 -19.97
C PHE G 362 -23.35 -80.96 -21.16
N GLY G 363 -24.60 -81.31 -21.43
CA GLY G 363 -25.31 -80.84 -22.60
C GLY G 363 -26.06 -79.54 -22.46
N GLY G 364 -25.97 -78.87 -21.32
CA GLY G 364 -26.56 -77.56 -21.15
C GLY G 364 -27.53 -77.51 -19.99
N VAL G 365 -28.01 -76.29 -19.73
CA VAL G 365 -28.98 -76.02 -18.69
C VAL G 365 -30.04 -75.06 -19.23
N TYR G 366 -31.20 -75.08 -18.59
CA TYR G 366 -32.26 -74.14 -18.93
C TYR G 366 -33.14 -73.91 -17.71
N GLN G 367 -33.47 -72.65 -17.46
CA GLN G 367 -34.26 -72.23 -16.31
C GLN G 367 -35.65 -71.84 -16.79
N GLU G 368 -36.62 -72.71 -16.55
CA GLU G 368 -38.00 -72.41 -16.89
C GLU G 368 -38.59 -71.42 -15.91
N CYS G 369 -39.37 -70.47 -16.43
CA CYS G 369 -39.98 -69.43 -15.62
C CYS G 369 -41.48 -69.48 -15.81
N THR G 370 -42.23 -69.39 -14.71
CA THR G 370 -43.68 -69.40 -14.73
C THR G 370 -44.20 -68.15 -14.04
N GLU G 371 -45.08 -67.42 -14.71
CA GLU G 371 -45.68 -66.21 -14.15
C GLU G 371 -46.96 -66.58 -13.42
N LEU G 372 -46.98 -66.35 -12.11
CA LEU G 372 -48.15 -66.60 -11.30
C LEU G 372 -49.02 -65.37 -11.11
N SER G 373 -48.45 -64.18 -11.31
CA SER G 373 -49.22 -62.93 -11.24
C SER G 373 -48.45 -61.88 -12.02
N GLY G 374 -49.06 -61.33 -13.06
CA GLY G 374 -48.38 -60.40 -13.93
C GLY G 374 -47.45 -61.12 -14.89
N ASP G 375 -46.72 -60.31 -15.66
CA ASP G 375 -45.77 -60.84 -16.64
C ASP G 375 -44.49 -60.02 -16.61
N VAL G 376 -44.02 -59.68 -15.42
CA VAL G 376 -42.86 -58.82 -15.27
C VAL G 376 -41.64 -59.56 -14.73
N LEU G 377 -41.81 -60.61 -13.93
CA LEU G 377 -40.66 -61.31 -13.39
C LEU G 377 -40.00 -62.20 -14.44
N CYS G 378 -40.79 -62.90 -15.25
CA CYS G 378 -40.25 -63.87 -16.18
C CYS G 378 -39.67 -63.24 -17.44
N GLN G 379 -39.74 -61.91 -17.58
CA GLN G 379 -39.06 -61.25 -18.69
C GLN G 379 -37.54 -61.43 -18.62
N ASN G 380 -37.02 -61.79 -17.45
CA ASN G 380 -35.58 -61.95 -17.27
C ASN G 380 -35.17 -63.23 -16.56
N LEU G 381 -36.07 -63.89 -15.85
CA LEU G 381 -35.73 -65.08 -15.08
C LEU G 381 -35.72 -66.35 -15.92
N GLU G 382 -36.08 -66.26 -17.20
CA GLU G 382 -36.13 -67.40 -18.10
C GLU G 382 -34.82 -67.47 -18.89
N GLN G 383 -34.45 -68.67 -19.28
CA GLN G 383 -33.24 -68.88 -20.07
C GLN G 383 -33.37 -70.17 -20.87
N LYS G 384 -33.34 -70.06 -22.19
CA LYS G 384 -33.44 -71.22 -23.05
C LYS G 384 -32.09 -71.92 -23.18
N ASN G 385 -32.13 -73.16 -23.66
CA ASN G 385 -30.91 -73.88 -23.94
C ASN G 385 -30.25 -73.33 -25.19
N LEU G 386 -28.92 -73.16 -25.11
CA LEU G 386 -28.17 -72.61 -26.24
C LEU G 386 -28.19 -73.53 -27.45
N LEU G 387 -28.10 -74.84 -27.23
CA LEU G 387 -28.00 -75.79 -28.34
C LEU G 387 -29.32 -75.98 -29.08
N THR G 388 -30.45 -75.83 -28.40
CA THR G 388 -31.76 -76.02 -29.02
C THR G 388 -32.54 -74.74 -29.21
N GLY G 389 -32.18 -73.67 -28.52
CA GLY G 389 -33.00 -72.46 -28.58
C GLY G 389 -34.33 -72.58 -27.88
N ASP G 390 -34.43 -73.47 -26.89
CA ASP G 390 -35.68 -73.70 -26.19
C ASP G 390 -35.38 -74.24 -24.80
N PHE G 391 -36.40 -74.21 -23.94
CA PHE G 391 -36.29 -74.72 -22.57
C PHE G 391 -36.33 -76.25 -22.59
N SER G 392 -35.25 -76.83 -23.08
CA SER G 392 -35.19 -78.28 -23.25
C SER G 392 -33.73 -78.70 -23.30
N CYS G 393 -33.51 -79.99 -23.53
CA CYS G 393 -32.17 -80.53 -23.67
C CYS G 393 -31.94 -81.08 -25.08
N PRO G 394 -30.71 -81.06 -25.55
CA PRO G 394 -30.42 -81.51 -26.91
C PRO G 394 -30.61 -83.01 -27.04
N PRO G 395 -30.70 -83.53 -28.27
CA PRO G 395 -30.85 -84.98 -28.44
C PRO G 395 -29.69 -85.74 -27.82
N GLY G 396 -30.00 -86.88 -27.22
CA GLY G 396 -29.03 -87.68 -26.52
C GLY G 396 -28.83 -87.31 -25.07
N TYR G 397 -29.52 -86.28 -24.58
CA TYR G 397 -29.39 -85.84 -23.20
C TYR G 397 -30.72 -86.01 -22.47
N SER G 398 -30.62 -86.35 -21.18
CA SER G 398 -31.79 -86.49 -20.33
C SER G 398 -31.89 -85.27 -19.44
N PRO G 399 -32.93 -84.44 -19.60
CA PRO G 399 -33.09 -83.29 -18.71
C PRO G 399 -33.26 -83.74 -17.27
N VAL G 400 -32.53 -83.09 -16.37
CA VAL G 400 -32.53 -83.43 -14.96
C VAL G 400 -33.00 -82.21 -14.18
N HIS G 401 -33.98 -82.42 -13.29
CA HIS G 401 -34.46 -81.33 -12.45
C HIS G 401 -33.36 -80.90 -11.50
N LEU G 402 -32.84 -79.69 -11.72
CA LEU G 402 -31.84 -79.14 -10.80
C LEU G 402 -32.52 -78.56 -9.56
N LEU G 403 -33.36 -77.53 -9.75
CA LEU G 403 -34.02 -76.91 -8.60
C LEU G 403 -35.15 -76.00 -9.06
N SER G 404 -36.28 -76.05 -8.36
CA SER G 404 -37.42 -75.18 -8.63
C SER G 404 -37.74 -74.39 -7.37
N GLN G 405 -37.85 -73.06 -7.51
CA GLN G 405 -38.11 -72.19 -6.37
C GLN G 405 -38.96 -71.00 -6.81
N THR G 406 -39.65 -70.40 -5.86
CA THR G 406 -40.48 -69.23 -6.11
C THR G 406 -39.75 -67.96 -5.68
N HIS G 407 -40.20 -66.84 -6.24
CA HIS G 407 -39.64 -65.54 -5.90
C HIS G 407 -40.71 -64.48 -6.05
N GLU G 408 -40.80 -63.57 -5.09
CA GLU G 408 -41.79 -62.51 -5.09
C GLU G 408 -41.10 -61.15 -5.16
N GLU G 409 -41.64 -60.25 -5.99
CA GLU G 409 -41.09 -58.92 -6.15
C GLU G 409 -42.21 -57.92 -6.34
N GLY G 410 -42.13 -56.79 -5.66
CA GLY G 410 -43.14 -55.75 -5.77
C GLY G 410 -42.77 -54.71 -6.82
N TYR G 411 -43.73 -54.41 -7.69
CA TYR G 411 -43.54 -53.45 -8.76
C TYR G 411 -44.79 -52.58 -8.89
N SER G 412 -44.58 -51.33 -9.26
CA SER G 412 -45.68 -50.40 -9.49
C SER G 412 -45.83 -50.18 -11.00
N ARG G 413 -46.94 -50.67 -11.55
CA ARG G 413 -47.22 -50.53 -12.96
C ARG G 413 -48.14 -49.35 -13.18
N LEU G 414 -47.74 -48.44 -14.06
CA LEU G 414 -48.52 -47.25 -14.38
C LEU G 414 -49.19 -47.47 -15.72
N GLU G 415 -50.50 -47.25 -15.77
CA GLU G 415 -51.24 -47.38 -17.02
C GLU G 415 -52.30 -46.30 -17.10
N CYS G 416 -52.59 -45.85 -18.32
CA CYS G 416 -53.60 -44.83 -18.56
C CYS G 416 -54.69 -45.41 -19.45
N LYS G 417 -55.95 -45.14 -19.08
CA LYS G 417 -57.10 -45.67 -19.81
C LYS G 417 -58.07 -44.54 -20.10
N LYS G 418 -58.78 -44.65 -21.23
CA LYS G 418 -59.76 -43.67 -21.64
C LYS G 418 -61.14 -44.19 -21.25
N LYS G 419 -61.70 -43.68 -20.16
CA LYS G 419 -63.03 -44.05 -19.73
C LYS G 419 -64.02 -43.00 -20.24
N CYS G 420 -65.07 -43.48 -20.91
CA CYS G 420 -66.13 -42.61 -21.42
C CYS G 420 -67.43 -43.02 -20.76
N THR G 421 -67.85 -42.25 -19.76
CA THR G 421 -69.13 -42.48 -19.09
C THR G 421 -70.25 -41.85 -19.90
N LEU G 422 -71.31 -42.62 -20.11
CA LEU G 422 -72.49 -42.21 -20.87
C LEU G 422 -72.15 -41.88 -22.33
N LYS G 423 -70.99 -42.34 -22.80
CA LYS G 423 -70.50 -42.09 -24.15
C LYS G 423 -70.34 -40.61 -24.46
N ILE G 424 -70.49 -39.74 -23.45
CA ILE G 424 -70.35 -38.31 -23.64
C ILE G 424 -69.32 -37.68 -22.71
N PHE G 425 -69.04 -38.25 -21.55
CA PHE G 425 -68.02 -37.75 -20.65
C PHE G 425 -66.79 -38.63 -20.81
N CYS G 426 -65.92 -38.24 -21.73
CA CYS G 426 -64.68 -38.99 -21.98
C CYS G 426 -63.54 -38.33 -21.24
N LYS G 427 -62.77 -39.15 -20.51
CA LYS G 427 -61.64 -38.67 -19.75
C LYS G 427 -60.59 -39.77 -19.70
N THR G 428 -59.33 -39.38 -19.75
CA THR G 428 -58.23 -40.32 -19.57
C THR G 428 -57.80 -40.27 -18.11
N VAL G 429 -57.74 -41.44 -17.47
CA VAL G 429 -57.30 -41.58 -16.09
C VAL G 429 -56.04 -42.43 -16.08
N CYS G 430 -55.00 -41.93 -15.45
CA CYS G 430 -53.75 -42.65 -15.28
C CYS G 430 -53.67 -43.14 -13.83
N GLU G 431 -53.43 -44.43 -13.66
CA GLU G 431 -53.40 -45.04 -12.35
C GLU G 431 -52.21 -45.98 -12.24
N ASP G 432 -51.62 -46.03 -11.06
CA ASP G 432 -50.50 -46.92 -10.76
C ASP G 432 -50.96 -47.98 -9.78
N VAL G 433 -50.57 -49.22 -10.04
CA VAL G 433 -50.96 -50.36 -9.22
C VAL G 433 -49.70 -51.01 -8.68
N PHE G 434 -49.64 -51.17 -7.36
CA PHE G 434 -48.50 -51.80 -6.70
C PHE G 434 -48.82 -53.28 -6.51
N ARG G 435 -48.25 -54.12 -7.36
CA ARG G 435 -48.53 -55.54 -7.34
C ARG G 435 -47.27 -56.31 -6.96
N VAL G 436 -47.44 -57.34 -6.15
CA VAL G 436 -46.35 -58.22 -5.77
C VAL G 436 -46.43 -59.43 -6.70
N ALA G 437 -45.65 -59.40 -7.77
CA ALA G 437 -45.61 -60.50 -8.72
C ALA G 437 -44.83 -61.67 -8.14
N LYS G 438 -45.35 -62.88 -8.33
CA LYS G 438 -44.72 -64.10 -7.86
C LYS G 438 -44.44 -64.99 -9.05
N ALA G 439 -43.21 -65.50 -9.13
CA ALA G 439 -42.79 -66.33 -10.25
C ALA G 439 -42.12 -67.59 -9.74
N GLU G 440 -42.45 -68.72 -10.36
CA GLU G 440 -41.86 -70.01 -10.03
C GLU G 440 -40.84 -70.34 -11.12
N PHE G 441 -39.55 -70.27 -10.78
CA PHE G 441 -38.50 -70.56 -11.73
C PHE G 441 -37.94 -71.96 -11.47
N ARG G 442 -37.83 -72.75 -12.53
CA ARG G 442 -37.37 -74.13 -12.46
C ARG G 442 -36.17 -74.28 -13.38
N ALA G 443 -35.01 -74.53 -12.79
CA ALA G 443 -33.77 -74.74 -13.54
C ALA G 443 -33.46 -76.23 -13.62
N TYR G 444 -33.01 -76.65 -14.80
CA TYR G 444 -32.65 -78.03 -15.09
C TYR G 444 -31.21 -78.08 -15.60
N TRP G 445 -30.69 -79.28 -15.77
CA TRP G 445 -29.36 -79.45 -16.33
C TRP G 445 -29.32 -80.72 -17.16
N CYS G 446 -28.68 -80.65 -18.32
CA CYS G 446 -28.67 -81.73 -19.29
C CYS G 446 -27.42 -82.56 -19.05
N VAL G 447 -27.61 -83.82 -18.68
CA VAL G 447 -26.50 -84.77 -18.58
C VAL G 447 -26.63 -85.75 -19.74
N ALA G 448 -25.49 -86.33 -20.12
CA ALA G 448 -25.48 -87.30 -21.21
C ALA G 448 -26.24 -88.54 -20.79
N ALA G 449 -27.29 -88.87 -21.56
CA ALA G 449 -28.11 -90.04 -21.24
C ALA G 449 -27.31 -91.33 -21.32
N GLY G 450 -26.47 -91.47 -22.34
CA GLY G 450 -25.68 -92.67 -22.52
C GLY G 450 -24.37 -92.36 -23.22
N GLN G 451 -23.98 -93.23 -24.16
CA GLN G 451 -22.76 -93.01 -24.93
C GLN G 451 -23.07 -92.02 -26.05
N VAL G 452 -23.09 -90.74 -25.67
CA VAL G 452 -23.30 -89.65 -26.63
C VAL G 452 -22.06 -89.54 -27.49
N PRO G 453 -22.18 -89.07 -28.74
CA PRO G 453 -20.98 -88.88 -29.57
C PRO G 453 -20.04 -87.85 -28.95
N ASP G 454 -18.75 -88.10 -29.09
CA ASP G 454 -17.72 -87.22 -28.56
C ASP G 454 -17.02 -86.48 -29.69
N ASN G 455 -16.83 -85.18 -29.51
CA ASN G 455 -17.16 -84.44 -28.31
C ASN G 455 -18.30 -83.45 -28.52
N SER G 456 -19.30 -83.84 -29.31
CA SER G 456 -20.44 -82.97 -29.57
C SER G 456 -21.21 -82.71 -28.29
N GLY G 457 -21.23 -81.47 -27.84
CA GLY G 457 -21.84 -81.10 -26.58
C GLY G 457 -21.37 -79.72 -26.14
N LEU G 458 -21.25 -79.56 -24.82
CA LEU G 458 -20.81 -78.30 -24.22
C LEU G 458 -19.84 -78.58 -23.09
N LEU G 459 -19.08 -77.57 -22.70
CA LEU G 459 -18.10 -77.67 -21.64
C LEU G 459 -18.40 -76.69 -20.52
N PHE G 460 -17.99 -77.07 -19.32
CA PHE G 460 -18.27 -76.33 -18.09
C PHE G 460 -17.15 -75.33 -17.86
N GLY G 461 -17.46 -74.04 -18.04
CA GLY G 461 -16.51 -72.97 -17.87
C GLY G 461 -16.47 -72.32 -16.51
N GLY G 462 -17.11 -72.91 -15.51
CA GLY G 462 -17.10 -72.36 -14.18
C GLY G 462 -18.37 -71.59 -13.88
N VAL G 463 -18.66 -71.44 -12.58
CA VAL G 463 -19.85 -70.76 -12.11
C VAL G 463 -19.46 -69.70 -11.09
N PHE G 464 -20.21 -68.61 -11.09
CA PHE G 464 -19.92 -67.47 -10.24
C PHE G 464 -21.21 -66.68 -10.04
N THR G 465 -21.33 -66.06 -8.87
CA THR G 465 -22.39 -65.10 -8.61
C THR G 465 -21.76 -63.73 -8.36
N ASP G 466 -22.62 -62.77 -8.01
CA ASP G 466 -22.17 -61.41 -7.74
C ASP G 466 -21.38 -61.30 -6.45
N LYS G 467 -21.36 -62.35 -5.63
CA LYS G 467 -20.73 -62.27 -4.32
C LYS G 467 -19.63 -63.30 -4.10
N THR G 468 -19.37 -64.19 -5.04
CA THR G 468 -18.28 -65.15 -4.92
C THR G 468 -17.26 -64.93 -6.03
N ILE G 469 -16.22 -65.77 -6.02
CA ILE G 469 -15.16 -65.71 -7.01
C ILE G 469 -15.11 -67.05 -7.73
N ASN G 470 -14.93 -66.98 -9.06
CA ASN G 470 -14.84 -68.20 -9.85
C ASN G 470 -13.42 -68.72 -9.80
N PRO G 471 -13.16 -69.87 -9.18
CA PRO G 471 -11.77 -70.32 -9.02
C PRO G 471 -11.05 -70.60 -10.33
N MET G 472 -11.77 -70.93 -11.40
CA MET G 472 -11.09 -71.27 -12.64
C MET G 472 -10.52 -70.04 -13.31
N THR G 473 -11.23 -68.92 -13.26
CA THR G 473 -10.76 -67.68 -13.88
C THR G 473 -10.37 -66.62 -12.86
N ASN G 474 -10.58 -66.88 -11.57
CA ASN G 474 -10.26 -65.91 -10.50
C ASN G 474 -10.93 -64.57 -10.75
N ALA G 475 -12.11 -64.59 -11.37
CA ALA G 475 -12.80 -63.36 -11.73
C ALA G 475 -14.30 -63.63 -11.71
N GLN G 476 -15.06 -62.56 -11.60
CA GLN G 476 -16.53 -62.64 -11.66
C GLN G 476 -17.03 -62.42 -13.07
N SER G 477 -16.47 -63.16 -14.02
CA SER G 477 -16.88 -63.08 -15.42
C SER G 477 -16.43 -64.36 -16.11
N CYS G 478 -16.83 -64.50 -17.37
CA CYS G 478 -16.48 -65.69 -18.14
C CYS G 478 -15.30 -65.40 -19.05
N PRO G 479 -14.45 -66.39 -19.29
CA PRO G 479 -13.29 -66.17 -20.16
C PRO G 479 -13.70 -65.91 -21.59
N ALA G 480 -12.70 -65.55 -22.40
CA ALA G 480 -12.95 -65.22 -23.79
C ALA G 480 -13.45 -66.45 -24.55
N GLY G 481 -14.38 -66.23 -25.46
CA GLY G 481 -15.01 -67.32 -26.17
C GLY G 481 -16.10 -68.03 -25.40
N TYR G 482 -16.39 -67.57 -24.19
CA TYR G 482 -17.43 -68.16 -23.35
C TYR G 482 -18.63 -67.22 -23.29
N ILE G 483 -19.77 -67.78 -22.90
CA ILE G 483 -21.03 -67.06 -22.82
C ILE G 483 -21.61 -67.31 -21.44
N PRO G 484 -22.08 -66.28 -20.74
CA PRO G 484 -22.74 -66.49 -19.44
C PRO G 484 -24.21 -66.87 -19.65
N LEU G 485 -24.64 -67.93 -18.98
CA LEU G 485 -26.00 -68.41 -19.04
C LEU G 485 -26.62 -68.31 -17.65
N ASN G 486 -27.81 -67.74 -17.57
CA ASN G 486 -28.48 -67.52 -16.30
C ASN G 486 -29.11 -68.82 -15.81
N LEU G 487 -28.74 -69.24 -14.61
CA LEU G 487 -29.28 -70.44 -14.00
C LEU G 487 -30.15 -70.15 -12.79
N PHE G 488 -29.78 -69.17 -11.98
CA PHE G 488 -30.55 -68.76 -10.82
C PHE G 488 -30.84 -67.27 -10.87
N GLU G 489 -31.28 -66.70 -9.75
CA GLU G 489 -31.44 -65.26 -9.69
C GLU G 489 -30.12 -64.53 -9.88
N SER G 490 -29.01 -65.14 -9.46
CA SER G 490 -27.71 -64.47 -9.53
C SER G 490 -26.58 -65.37 -10.02
N LEU G 491 -26.83 -66.64 -10.31
CA LEU G 491 -25.77 -67.56 -10.71
C LEU G 491 -25.70 -67.66 -12.23
N LYS G 492 -24.51 -67.51 -12.77
CA LYS G 492 -24.26 -67.61 -14.20
C LYS G 492 -23.22 -68.69 -14.46
N VAL G 493 -23.39 -69.38 -15.59
CA VAL G 493 -22.52 -70.49 -15.96
C VAL G 493 -21.85 -70.16 -17.28
N CYS G 494 -20.55 -70.38 -17.36
CA CYS G 494 -19.77 -70.06 -18.56
C CYS G 494 -19.80 -71.26 -19.51
N VAL G 495 -20.33 -71.04 -20.71
CA VAL G 495 -20.48 -72.11 -21.71
C VAL G 495 -19.89 -71.62 -23.03
N SER G 496 -19.00 -72.42 -23.60
CA SER G 496 -18.29 -72.06 -24.83
C SER G 496 -18.67 -73.01 -25.97
N LEU G 497 -18.98 -72.43 -27.13
CA LEU G 497 -19.26 -73.21 -28.33
C LEU G 497 -18.01 -73.90 -28.88
N ASP G 498 -16.90 -73.18 -28.96
CA ASP G 498 -15.71 -73.72 -29.61
C ASP G 498 -15.12 -74.86 -28.78
N TYR G 499 -14.72 -75.92 -29.47
CA TYR G 499 -14.19 -77.10 -28.80
C TYR G 499 -12.80 -76.84 -28.23
N GLU G 500 -11.93 -76.22 -29.02
CA GLU G 500 -10.55 -76.00 -28.59
C GLU G 500 -10.48 -74.99 -27.47
N LEU G 501 -11.17 -73.85 -27.62
CA LEU G 501 -11.14 -72.83 -26.58
C LEU G 501 -11.73 -73.37 -25.28
N GLY G 502 -12.84 -74.10 -25.37
CA GLY G 502 -13.39 -74.72 -24.18
C GLY G 502 -12.44 -75.71 -23.55
N PHE G 503 -11.80 -76.53 -24.37
CA PHE G 503 -10.88 -77.54 -23.85
C PHE G 503 -9.71 -76.90 -23.12
N LYS G 504 -9.22 -75.77 -23.62
CA LYS G 504 -8.15 -75.07 -22.91
C LYS G 504 -8.67 -74.15 -21.80
N PHE G 505 -9.99 -73.97 -21.69
CA PHE G 505 -10.57 -73.10 -20.67
C PHE G 505 -11.75 -73.77 -19.98
N SER G 506 -11.59 -75.02 -19.58
CA SER G 506 -12.63 -75.71 -18.83
C SER G 506 -11.99 -76.76 -17.92
N VAL G 507 -12.84 -77.45 -17.17
CA VAL G 507 -12.42 -78.44 -16.19
C VAL G 507 -13.34 -79.65 -16.36
N PRO G 508 -12.86 -80.88 -16.15
CA PRO G 508 -13.76 -82.03 -16.17
C PRO G 508 -14.92 -81.84 -15.20
N PHE G 509 -16.12 -82.12 -15.69
CA PHE G 509 -17.35 -81.84 -14.97
C PHE G 509 -18.10 -83.14 -14.71
N GLY G 510 -18.59 -83.30 -13.49
CA GLY G 510 -19.27 -84.53 -13.12
C GLY G 510 -20.78 -84.38 -13.14
N GLY G 511 -21.28 -83.24 -12.69
CA GLY G 511 -22.70 -82.99 -12.68
C GLY G 511 -23.11 -82.16 -11.49
N PHE G 512 -24.36 -81.73 -11.50
CA PHE G 512 -24.93 -80.90 -10.45
C PHE G 512 -25.78 -81.73 -9.51
N PHE G 513 -26.11 -81.15 -8.36
CA PHE G 513 -27.08 -81.72 -7.45
C PHE G 513 -27.55 -80.62 -6.49
N SER G 514 -28.75 -80.80 -5.97
CA SER G 514 -29.35 -79.81 -5.07
C SER G 514 -29.58 -80.40 -3.69
N CYS G 515 -30.17 -79.62 -2.78
CA CYS G 515 -30.41 -80.11 -1.44
C CYS G 515 -31.56 -81.10 -1.42
N ILE G 516 -32.43 -81.06 -2.44
CA ILE G 516 -33.63 -81.86 -2.49
C ILE G 516 -33.41 -83.14 -3.28
N MET G 517 -32.47 -83.15 -4.22
CA MET G 517 -32.19 -84.32 -5.02
C MET G 517 -30.70 -84.35 -5.34
N GLY G 518 -30.04 -85.46 -5.00
CA GLY G 518 -28.61 -85.59 -5.19
C GLY G 518 -28.22 -85.98 -6.60
N ASN G 519 -26.93 -86.26 -6.76
CA ASN G 519 -26.37 -86.57 -8.07
C ASN G 519 -26.76 -87.99 -8.47
N PRO G 520 -27.36 -88.18 -9.65
CA PRO G 520 -27.71 -89.55 -10.08
C PRO G 520 -26.52 -90.37 -10.54
N LEU G 521 -25.35 -89.75 -10.71
CA LEU G 521 -24.17 -90.44 -11.23
C LEU G 521 -23.33 -91.06 -10.12
N VAL G 522 -23.87 -91.17 -8.91
CA VAL G 522 -23.13 -91.80 -7.82
C VAL G 522 -22.97 -93.28 -8.08
N ASN G 523 -22.04 -93.90 -7.36
CA ASN G 523 -21.76 -95.31 -7.53
C ASN G 523 -21.49 -95.98 -6.18
N ALA G 532 -32.23 -96.12 -10.28
CA ALA G 532 -30.87 -95.74 -9.91
C ALA G 532 -30.87 -94.73 -8.78
N PRO G 533 -30.18 -95.05 -7.68
CA PRO G 533 -30.10 -94.10 -6.56
C PRO G 533 -29.38 -92.82 -6.96
N SER G 534 -29.81 -91.71 -6.38
CA SER G 534 -29.20 -90.41 -6.61
C SER G 534 -28.75 -89.88 -5.25
N LEU G 535 -27.45 -89.91 -4.99
CA LEU G 535 -26.90 -89.49 -3.72
C LEU G 535 -26.16 -88.16 -3.88
N LYS G 536 -25.90 -87.52 -2.75
CA LYS G 536 -25.15 -86.27 -2.70
C LYS G 536 -23.68 -86.63 -2.50
N LYS G 537 -23.05 -87.09 -3.58
CA LYS G 537 -21.64 -87.46 -3.54
C LYS G 537 -21.07 -87.37 -4.94
N CYS G 538 -19.90 -86.76 -5.06
CA CYS G 538 -19.26 -86.65 -6.37
C CYS G 538 -18.65 -87.99 -6.76
N PRO G 539 -19.00 -88.53 -7.93
CA PRO G 539 -18.47 -89.84 -8.34
C PRO G 539 -16.98 -89.77 -8.64
N GLY G 540 -16.31 -90.90 -8.41
CA GLY G 540 -14.89 -90.99 -8.70
C GLY G 540 -14.08 -90.07 -7.82
N GLY G 541 -13.04 -89.48 -8.40
CA GLY G 541 -12.18 -88.55 -7.70
C GLY G 541 -12.59 -87.11 -7.85
N PHE G 542 -13.78 -86.88 -8.39
CA PHE G 542 -14.32 -85.53 -8.51
C PHE G 542 -14.50 -84.92 -7.13
N SER G 543 -14.05 -83.69 -6.96
CA SER G 543 -14.18 -82.98 -5.70
C SER G 543 -15.50 -82.23 -5.63
N GLN G 544 -15.90 -81.87 -4.42
CA GLN G 544 -17.17 -81.23 -4.17
C GLN G 544 -16.95 -79.80 -3.66
N HIS G 545 -17.42 -78.82 -4.42
CA HIS G 545 -17.35 -77.42 -4.03
C HIS G 545 -18.75 -76.82 -4.06
N LEU G 546 -19.05 -75.98 -3.07
CA LEU G 546 -20.31 -75.28 -3.05
C LEU G 546 -20.42 -74.33 -4.24
N ALA G 547 -21.59 -74.31 -4.87
CA ALA G 547 -21.86 -73.45 -6.01
C ALA G 547 -22.80 -72.30 -5.67
N VAL G 548 -23.89 -72.58 -4.96
CA VAL G 548 -24.84 -71.53 -4.59
C VAL G 548 -25.70 -72.04 -3.44
N ILE G 549 -26.29 -71.09 -2.72
CA ILE G 549 -27.23 -71.39 -1.65
C ILE G 549 -28.49 -70.58 -1.95
N SER G 550 -29.50 -71.25 -2.50
CA SER G 550 -30.75 -70.62 -2.89
C SER G 550 -31.80 -70.90 -1.81
N ASP G 551 -32.11 -69.89 -1.01
CA ASP G 551 -33.14 -69.97 0.02
C ASP G 551 -32.85 -71.12 0.99
N GLY G 552 -31.58 -71.23 1.39
CA GLY G 552 -31.15 -72.29 2.28
C GLY G 552 -30.93 -73.63 1.63
N CYS G 553 -31.16 -73.73 0.32
CA CYS G 553 -30.95 -74.98 -0.41
C CYS G 553 -29.56 -74.96 -1.03
N GLN G 554 -28.79 -76.01 -0.80
CA GLN G 554 -27.40 -76.07 -1.26
C GLN G 554 -27.36 -76.69 -2.66
N VAL G 555 -26.70 -76.00 -3.59
CA VAL G 555 -26.43 -76.54 -4.92
C VAL G 555 -24.93 -76.51 -5.12
N SER G 556 -24.36 -77.64 -5.56
CA SER G 556 -22.92 -77.79 -5.70
C SER G 556 -22.61 -78.44 -7.04
N TYR G 557 -21.33 -78.48 -7.39
CA TYR G 557 -20.86 -79.13 -8.60
C TYR G 557 -19.73 -80.09 -8.25
N CYS G 558 -19.31 -80.87 -9.24
CA CYS G 558 -18.26 -81.87 -9.05
C CYS G 558 -17.20 -81.67 -10.12
N VAL G 559 -15.97 -81.42 -9.70
CA VAL G 559 -14.83 -81.30 -10.61
C VAL G 559 -13.66 -82.09 -10.02
N LYS G 560 -12.73 -82.45 -10.89
CA LYS G 560 -11.59 -83.25 -10.48
C LYS G 560 -10.74 -82.51 -9.46
N ALA G 561 -10.22 -83.25 -8.49
CA ALA G 561 -9.36 -82.67 -7.46
C ALA G 561 -7.99 -82.28 -7.98
N GLY G 562 -7.58 -82.80 -9.14
CA GLY G 562 -6.26 -82.52 -9.66
C GLY G 562 -6.07 -81.09 -10.14
N ILE G 563 -7.14 -80.45 -10.60
CA ILE G 563 -7.06 -79.07 -11.08
C ILE G 563 -7.27 -78.06 -9.97
N PHE G 564 -8.24 -78.33 -9.09
CA PHE G 564 -8.50 -77.42 -7.98
C PHE G 564 -7.32 -77.45 -7.01
N THR G 565 -6.95 -76.27 -6.52
CA THR G 565 -5.77 -76.10 -5.69
C THR G 565 -6.03 -74.97 -4.70
N GLY G 566 -4.95 -74.43 -4.12
CA GLY G 566 -5.09 -73.27 -3.26
C GLY G 566 -5.68 -72.08 -3.97
N GLY G 567 -5.33 -71.89 -5.25
CA GLY G 567 -5.90 -70.86 -6.07
C GLY G 567 -5.15 -69.54 -6.07
N SER G 568 -4.48 -69.20 -4.97
CA SER G 568 -3.70 -67.97 -4.93
C SER G 568 -2.55 -68.04 -5.93
N LEU G 569 -1.87 -69.17 -6.01
CA LEU G 569 -0.88 -69.43 -7.04
C LEU G 569 -1.54 -70.23 -8.15
N LEU G 570 -1.67 -69.61 -9.32
CA LEU G 570 -2.20 -70.31 -10.47
C LEU G 570 -1.05 -71.08 -11.10
N PRO G 571 -1.06 -72.40 -11.09
CA PRO G 571 0.06 -73.16 -11.67
C PRO G 571 0.27 -72.84 -13.13
N VAL G 572 1.52 -72.67 -13.55
CA VAL G 572 1.84 -72.44 -14.94
C VAL G 572 2.02 -73.80 -15.62
N ARG G 573 1.65 -74.85 -14.90
CA ARG G 573 1.70 -76.23 -15.40
C ARG G 573 1.09 -76.34 -16.79
N LEU G 574 1.95 -76.61 -17.77
CA LEU G 574 1.61 -76.65 -19.19
C LEU G 574 2.42 -77.83 -19.76
N PRO G 575 3.65 -77.69 -20.27
CA PRO G 575 4.54 -78.86 -20.30
C PRO G 575 5.40 -78.89 -19.05
N PRO G 576 6.12 -79.98 -18.78
CA PRO G 576 6.28 -81.22 -19.53
C PRO G 576 5.17 -82.22 -19.26
N TYR G 577 4.84 -83.03 -20.26
CA TYR G 577 3.77 -84.00 -20.13
C TYR G 577 4.28 -85.34 -19.63
N THR G 578 5.49 -85.35 -19.06
CA THR G 578 6.06 -86.52 -18.44
C THR G 578 7.15 -86.04 -17.49
N LYS G 579 7.42 -86.86 -16.48
CA LYS G 579 8.54 -86.59 -15.58
C LYS G 579 9.84 -86.72 -16.37
N PRO G 580 10.90 -86.04 -15.93
CA PRO G 580 12.19 -86.12 -16.63
C PRO G 580 12.62 -87.56 -16.79
N PRO G 581 12.63 -88.07 -18.01
CA PRO G 581 12.93 -89.50 -18.22
C PRO G 581 14.38 -89.81 -17.89
N LEU G 582 14.59 -90.87 -17.14
CA LEU G 582 15.93 -91.22 -16.68
C LEU G 582 16.80 -91.60 -17.88
N MET G 583 18.11 -91.39 -17.72
CA MET G 583 19.06 -91.63 -18.79
C MET G 583 19.05 -93.09 -19.21
N THR H 13 25.46 -60.36 -2.18
CA THR H 13 24.52 -60.08 -3.26
C THR H 13 23.69 -58.86 -2.96
N GLY H 14 24.32 -57.86 -2.35
CA GLY H 14 23.62 -56.63 -2.04
C GLY H 14 23.36 -55.80 -3.28
N PHE H 15 22.33 -54.96 -3.18
CA PHE H 15 22.02 -54.01 -4.23
C PHE H 15 22.41 -52.58 -3.84
N GLN H 16 23.10 -52.42 -2.72
CA GLN H 16 23.42 -51.08 -2.25
C GLN H 16 24.38 -50.38 -3.19
N ILE H 17 25.22 -51.14 -3.89
CA ILE H 17 26.13 -50.53 -4.85
C ILE H 17 25.35 -49.83 -5.94
N CYS H 18 24.35 -50.51 -6.52
CA CYS H 18 23.55 -49.90 -7.56
C CYS H 18 22.77 -48.71 -7.03
N LYS H 19 22.21 -48.83 -5.83
CA LYS H 19 21.47 -47.71 -5.26
C LYS H 19 22.38 -46.50 -5.10
N ASN H 20 23.61 -46.71 -4.65
CA ASN H 20 24.56 -45.61 -4.57
C ASN H 20 24.82 -45.03 -5.95
N ALA H 21 24.94 -45.89 -6.96
CA ALA H 21 25.25 -45.41 -8.29
C ALA H 21 24.05 -44.74 -8.94
N LEU H 22 22.87 -45.35 -8.84
CA LEU H 22 21.72 -44.92 -9.62
C LEU H 22 20.74 -44.06 -8.83
N LYS H 23 20.71 -44.18 -7.50
CA LYS H 23 19.77 -43.45 -6.67
C LYS H 23 18.33 -43.79 -7.01
N LEU H 24 18.04 -45.08 -7.09
CA LEU H 24 16.71 -45.55 -7.44
C LEU H 24 16.25 -46.62 -6.46
N PRO H 25 14.94 -46.74 -6.28
CA PRO H 25 14.42 -47.85 -5.46
C PRO H 25 14.56 -49.16 -6.20
N VAL H 26 14.48 -50.23 -5.44
CA VAL H 26 14.50 -51.57 -6.00
C VAL H 26 13.07 -52.08 -6.05
N LEU H 27 12.71 -52.71 -7.16
CA LEU H 27 11.39 -53.30 -7.26
C LEU H 27 11.22 -54.36 -6.18
N GLU H 28 10.30 -54.12 -5.26
CA GLU H 28 10.21 -54.92 -4.05
C GLU H 28 9.45 -56.22 -4.24
N VAL H 29 8.79 -56.42 -5.37
CA VAL H 29 8.08 -57.66 -5.65
C VAL H 29 8.88 -58.42 -6.68
N LEU H 30 9.36 -59.59 -6.30
CA LEU H 30 10.28 -60.33 -7.14
C LEU H 30 9.92 -61.81 -7.16
N PRO H 31 10.12 -62.48 -8.27
CA PRO H 31 9.88 -63.92 -8.33
C PRO H 31 11.05 -64.70 -7.80
N GLY H 32 11.05 -66.01 -8.00
CA GLY H 32 12.16 -66.82 -7.59
C GLY H 32 12.16 -67.21 -6.14
N GLY H 33 11.11 -66.89 -5.41
CA GLY H 33 10.98 -67.29 -4.03
C GLY H 33 10.08 -68.50 -3.89
N GLY H 34 10.25 -69.19 -2.78
CA GLY H 34 9.38 -70.30 -2.48
C GLY H 34 7.97 -69.84 -2.20
N TRP H 35 7.05 -70.79 -2.22
CA TRP H 35 5.65 -70.46 -2.02
C TRP H 35 4.94 -71.66 -1.45
N ASP H 36 4.32 -71.47 -0.29
CA ASP H 36 3.62 -72.55 0.41
C ASP H 36 2.19 -72.59 -0.12
N ASN H 37 1.94 -73.48 -1.07
CA ASN H 37 0.64 -73.51 -1.72
C ASN H 37 -0.49 -73.85 -0.77
N LEU H 38 -0.20 -74.60 0.30
CA LEU H 38 -1.25 -74.96 1.24
C LEU H 38 -1.68 -73.76 2.07
N ARG H 39 -0.72 -72.97 2.53
CA ARG H 39 -1.01 -71.85 3.41
C ARG H 39 -0.99 -70.50 2.70
N ASN H 40 -0.60 -70.47 1.43
CA ASN H 40 -0.61 -69.25 0.63
C ASN H 40 0.22 -68.15 1.26
N VAL H 41 1.53 -68.41 1.37
CA VAL H 41 2.44 -67.45 1.98
C VAL H 41 3.81 -67.66 1.36
N ASP H 42 4.49 -66.55 1.09
CA ASP H 42 5.84 -66.63 0.55
C ASP H 42 6.75 -67.32 1.56
N MET H 43 7.66 -68.12 1.08
CA MET H 43 8.43 -68.95 2.00
C MET H 43 9.90 -68.64 2.03
N GLY H 44 10.60 -68.71 0.91
CA GLY H 44 12.03 -68.48 0.98
C GLY H 44 12.63 -68.42 -0.40
N ARG H 45 13.87 -67.99 -0.45
CA ARG H 45 14.55 -67.66 -1.70
C ARG H 45 15.08 -68.94 -2.34
N VAL H 46 14.54 -69.30 -3.49
CA VAL H 46 15.00 -70.47 -4.23
C VAL H 46 15.98 -70.07 -5.33
N MET H 47 15.58 -69.18 -6.22
CA MET H 47 16.48 -68.66 -7.22
C MET H 47 17.50 -67.72 -6.59
N ASP H 48 18.63 -67.57 -7.26
CA ASP H 48 19.68 -66.68 -6.81
C ASP H 48 19.41 -65.29 -7.37
N LEU H 49 19.33 -64.30 -6.49
CA LEU H 49 19.12 -62.92 -6.91
C LEU H 49 20.44 -62.18 -6.75
N THR H 50 20.95 -61.67 -7.85
CA THR H 50 22.20 -60.93 -7.85
C THR H 50 22.00 -59.58 -8.49
N TYR H 51 22.76 -58.60 -8.03
CA TYR H 51 22.70 -57.25 -8.57
C TYR H 51 24.05 -56.83 -9.11
N THR H 52 24.74 -57.76 -9.77
CA THR H 52 26.06 -57.47 -10.30
C THR H 52 25.99 -56.43 -11.41
N ASN H 53 25.04 -56.58 -12.32
CA ASN H 53 24.98 -55.74 -13.49
C ASN H 53 24.30 -54.41 -13.25
N CYS H 54 23.72 -54.20 -12.08
CA CYS H 54 22.92 -53.01 -11.79
C CYS H 54 21.84 -52.83 -12.86
N LYS H 55 21.13 -53.91 -13.10
CA LYS H 55 20.07 -53.91 -14.11
C LYS H 55 18.92 -53.01 -13.67
N THR H 56 18.22 -52.45 -14.65
CA THR H 56 17.16 -51.50 -14.41
C THR H 56 15.97 -51.82 -15.29
N THR H 57 14.78 -51.44 -14.86
CA THR H 57 13.65 -51.45 -15.76
C THR H 57 13.85 -50.39 -16.83
N GLU H 58 13.34 -50.66 -18.02
CA GLU H 58 13.63 -49.79 -19.16
C GLU H 58 13.18 -48.36 -18.90
N ASP H 59 12.08 -48.19 -18.19
CA ASP H 59 11.62 -46.83 -17.92
C ASP H 59 12.50 -46.13 -16.91
N GLY H 60 13.43 -46.84 -16.29
CA GLY H 60 14.32 -46.20 -15.33
C GLY H 60 13.69 -45.95 -14.00
N GLN H 61 12.68 -46.73 -13.63
CA GLN H 61 11.99 -46.55 -12.36
C GLN H 61 12.58 -47.41 -11.26
N TYR H 62 12.87 -48.67 -11.55
CA TYR H 62 13.28 -49.62 -10.54
C TYR H 62 14.55 -50.35 -10.94
N ILE H 63 15.33 -50.69 -9.94
CA ILE H 63 16.49 -51.58 -10.07
C ILE H 63 16.00 -53.00 -9.87
N ILE H 64 16.39 -53.89 -10.76
CA ILE H 64 15.93 -55.28 -10.66
C ILE H 64 17.12 -56.21 -10.67
N PRO H 65 17.01 -57.39 -10.08
CA PRO H 65 18.12 -58.34 -10.11
C PRO H 65 18.37 -58.83 -11.53
N ASP H 66 19.58 -59.31 -11.74
CA ASP H 66 19.97 -59.74 -13.08
C ASP H 66 19.20 -60.94 -13.57
N GLU H 67 18.54 -61.69 -12.70
CA GLU H 67 17.89 -62.92 -13.09
C GLU H 67 16.42 -62.74 -13.43
N VAL H 68 15.94 -61.50 -13.47
CA VAL H 68 14.54 -61.24 -13.77
C VAL H 68 14.45 -60.26 -14.92
N TYR H 69 13.31 -60.30 -15.60
CA TYR H 69 12.99 -59.29 -16.60
C TYR H 69 11.55 -58.89 -16.43
N THR H 70 11.26 -57.63 -16.74
CA THR H 70 9.94 -57.05 -16.49
C THR H 70 9.28 -56.73 -17.81
N ILE H 71 8.04 -57.16 -17.96
CA ILE H 71 7.17 -56.75 -19.07
C ILE H 71 6.33 -55.58 -18.60
N PRO H 72 6.40 -54.43 -19.24
CA PRO H 72 5.57 -53.29 -18.83
C PRO H 72 4.14 -53.47 -19.25
N GLN H 73 3.22 -53.46 -18.30
CA GLN H 73 1.80 -53.66 -18.56
C GLN H 73 0.99 -52.63 -17.83
N LYS H 74 1.35 -51.36 -17.95
CA LYS H 74 0.87 -50.36 -17.01
C LYS H 74 -0.63 -50.14 -17.22
N GLU H 75 -1.40 -51.07 -16.67
CA GLU H 75 -2.85 -51.09 -16.79
C GLU H 75 -3.49 -50.59 -15.53
N SER H 76 -4.68 -50.01 -15.65
CA SER H 76 -5.48 -49.58 -14.52
C SER H 76 -6.93 -49.94 -14.79
N ASN H 77 -7.63 -50.41 -13.76
CA ASN H 77 -9.06 -50.61 -13.84
C ASN H 77 -9.72 -49.82 -12.72
N LEU H 78 -10.76 -49.08 -13.06
CA LEU H 78 -11.58 -48.36 -12.10
C LEU H 78 -13.01 -48.83 -12.25
N GLU H 79 -13.66 -49.11 -11.14
CA GLU H 79 -15.09 -49.35 -11.14
C GLU H 79 -15.72 -48.55 -10.01
N MET H 80 -16.77 -47.80 -10.32
CA MET H 80 -17.54 -47.11 -9.30
C MET H 80 -19.00 -47.48 -9.48
N ASN H 81 -19.67 -47.74 -8.37
CA ASN H 81 -21.09 -48.03 -8.37
C ASN H 81 -21.74 -47.28 -7.22
N SER H 82 -22.60 -46.33 -7.55
CA SER H 82 -23.39 -45.61 -6.57
C SER H 82 -24.83 -46.04 -6.76
N GLU H 83 -25.58 -46.08 -5.68
CA GLU H 83 -26.99 -46.45 -5.73
C GLU H 83 -27.71 -45.79 -4.58
N VAL H 84 -28.64 -44.89 -4.90
CA VAL H 84 -29.39 -44.15 -3.90
C VAL H 84 -30.85 -44.57 -4.02
N LEU H 85 -31.45 -44.94 -2.90
CA LEU H 85 -32.86 -45.28 -2.87
C LEU H 85 -33.52 -44.49 -1.76
N GLU H 86 -34.45 -43.62 -2.10
CA GLU H 86 -35.22 -42.91 -1.11
C GLU H 86 -36.69 -43.31 -1.22
N SER H 87 -37.36 -43.30 -0.09
CA SER H 87 -38.79 -43.51 -0.04
C SER H 87 -39.37 -42.48 0.90
N TRP H 88 -40.52 -41.95 0.57
CA TRP H 88 -41.18 -40.98 1.42
C TRP H 88 -42.67 -41.32 1.39
N MET H 89 -43.28 -41.42 2.56
CA MET H 89 -44.72 -41.59 2.64
C MET H 89 -45.25 -40.61 3.65
N ASN H 90 -46.13 -39.73 3.20
CA ASN H 90 -46.77 -38.73 4.04
C ASN H 90 -48.26 -39.01 4.05
N TYR H 91 -48.89 -38.87 5.21
CA TYR H 91 -50.30 -39.14 5.36
C TYR H 91 -50.88 -38.17 6.36
N GLN H 92 -52.05 -37.62 6.06
CA GLN H 92 -52.76 -36.77 7.00
C GLN H 92 -54.22 -37.19 7.01
N SER H 93 -54.92 -36.83 8.08
CA SER H 93 -56.32 -37.19 8.22
C SER H 93 -56.97 -36.24 9.21
N THR H 94 -57.84 -35.37 8.74
CA THR H 94 -58.59 -34.46 9.60
C THR H 94 -60.06 -34.82 9.51
N THR H 95 -60.66 -35.14 10.64
CA THR H 95 -62.10 -35.42 10.69
C THR H 95 -62.72 -34.54 11.76
N SER H 96 -63.75 -33.80 11.38
CA SER H 96 -64.46 -32.92 12.30
C SER H 96 -65.92 -33.33 12.36
N LEU H 97 -66.60 -32.92 13.43
CA LEU H 97 -68.01 -33.21 13.61
C LEU H 97 -68.60 -32.18 14.56
N SER H 98 -69.60 -31.45 14.11
CA SER H 98 -70.23 -30.42 14.93
C SER H 98 -71.73 -30.67 15.01
N ILE H 99 -72.28 -30.53 16.20
CA ILE H 99 -73.71 -30.73 16.43
C ILE H 99 -74.22 -29.55 17.23
N ASN H 100 -75.30 -28.93 16.77
CA ASN H 100 -75.93 -27.83 17.49
C ASN H 100 -77.42 -28.13 17.64
N THR H 101 -77.92 -27.95 18.87
CA THR H 101 -79.32 -28.13 19.17
C THR H 101 -79.81 -26.87 19.87
N GLU H 102 -80.95 -26.35 19.44
CA GLU H 102 -81.59 -25.23 20.10
C GLU H 102 -83.07 -25.54 20.26
N LEU H 103 -83.58 -25.41 21.48
CA LEU H 103 -84.96 -25.73 21.79
C LEU H 103 -85.57 -24.55 22.53
N ALA H 104 -86.63 -23.99 21.98
CA ALA H 104 -87.34 -22.87 22.59
C ALA H 104 -88.79 -23.28 22.81
N LEU H 105 -89.21 -23.31 24.06
CA LEU H 105 -90.57 -23.69 24.43
C LEU H 105 -91.27 -22.48 25.02
N PHE H 106 -92.48 -22.21 24.52
CA PHE H 106 -93.38 -21.20 25.04
C PHE H 106 -92.76 -19.81 25.01
N SER H 107 -91.73 -19.63 24.18
CA SER H 107 -90.98 -18.38 24.08
C SER H 107 -90.38 -17.96 25.42
N ARG H 108 -90.21 -18.90 26.33
CA ARG H 108 -89.62 -18.59 27.62
C ARG H 108 -88.48 -19.52 28.01
N VAL H 109 -88.59 -20.81 27.68
CA VAL H 109 -87.60 -21.80 28.08
C VAL H 109 -86.69 -22.04 26.88
N ASN H 110 -85.42 -21.66 27.00
CA ASN H 110 -84.44 -21.85 25.94
C ASN H 110 -83.40 -22.86 26.40
N GLY H 111 -82.93 -23.67 25.45
CA GLY H 111 -81.87 -24.62 25.73
C GLY H 111 -80.99 -24.87 24.52
N LYS H 112 -79.69 -24.70 24.68
CA LYS H 112 -78.74 -24.88 23.58
C LYS H 112 -77.74 -25.95 23.97
N PHE H 113 -77.28 -26.69 22.97
CA PHE H 113 -76.34 -27.80 23.17
C PHE H 113 -75.47 -27.88 21.94
N SER H 114 -74.22 -27.43 22.04
CA SER H 114 -73.33 -27.38 20.90
C SER H 114 -72.06 -28.15 21.21
N THR H 115 -71.85 -29.26 20.53
CA THR H 115 -70.67 -30.07 20.70
C THR H 115 -69.87 -30.11 19.41
N GLU H 116 -68.59 -30.40 19.53
CA GLU H 116 -67.68 -30.42 18.40
C GLU H 116 -66.51 -31.33 18.70
N PHE H 117 -66.08 -32.09 17.70
CA PHE H 117 -64.94 -32.98 17.81
C PHE H 117 -64.05 -32.79 16.59
N GLN H 118 -62.74 -32.74 16.81
CA GLN H 118 -61.78 -32.71 15.72
C GLN H 118 -60.69 -33.71 16.02
N ARG H 119 -60.37 -34.56 15.07
CA ARG H 119 -59.27 -35.50 15.19
C ARG H 119 -58.36 -35.33 13.99
N MET H 120 -57.13 -34.91 14.25
CA MET H 120 -56.12 -34.75 13.23
C MET H 120 -55.03 -35.78 13.44
N LYS H 121 -54.58 -36.40 12.36
CA LYS H 121 -53.54 -37.42 12.45
C LYS H 121 -52.55 -37.17 11.33
N THR H 122 -51.28 -37.40 11.61
CA THR H 122 -50.22 -37.19 10.64
C THR H 122 -49.18 -38.30 10.80
N LEU H 123 -48.73 -38.84 9.67
CA LEU H 123 -47.66 -39.82 9.67
C LEU H 123 -46.67 -39.48 8.58
N GLN H 124 -45.39 -39.50 8.92
CA GLN H 124 -44.35 -39.28 7.93
C GLN H 124 -43.34 -40.40 8.09
N VAL H 125 -42.96 -41.02 6.98
CA VAL H 125 -41.90 -42.02 6.97
C VAL H 125 -40.95 -41.64 5.85
N LYS H 126 -39.66 -41.62 6.17
CA LYS H 126 -38.65 -41.20 5.20
C LYS H 126 -37.47 -42.14 5.30
N ASP H 127 -37.19 -42.88 4.24
CA ASP H 127 -36.10 -43.84 4.22
C ASP H 127 -35.08 -43.45 3.17
N GLN H 128 -33.80 -43.60 3.50
CA GLN H 128 -32.74 -43.43 2.53
C GLN H 128 -31.79 -44.60 2.66
N ALA H 129 -31.27 -45.05 1.53
CA ALA H 129 -30.26 -46.09 1.49
C ALA H 129 -29.29 -45.73 0.39
N VAL H 130 -28.08 -45.34 0.77
CA VAL H 130 -27.02 -44.99 -0.15
C VAL H 130 -25.99 -46.09 -0.09
N THR H 131 -25.56 -46.56 -1.25
CA THR H 131 -24.54 -47.60 -1.32
C THR H 131 -23.51 -47.17 -2.35
N THR H 132 -22.25 -47.16 -1.95
CA THR H 132 -21.16 -46.75 -2.82
C THR H 132 -20.09 -47.83 -2.80
N ARG H 133 -19.53 -48.13 -3.96
CA ARG H 133 -18.43 -49.08 -4.05
C ARG H 133 -17.44 -48.59 -5.08
N VAL H 134 -16.19 -48.47 -4.67
CA VAL H 134 -15.10 -48.05 -5.55
C VAL H 134 -14.08 -49.16 -5.57
N GLN H 135 -13.54 -49.46 -6.75
CA GLN H 135 -12.61 -50.57 -6.88
C GLN H 135 -11.54 -50.20 -7.89
N VAL H 136 -10.33 -49.98 -7.40
CA VAL H 136 -9.18 -49.61 -8.23
C VAL H 136 -8.23 -50.78 -8.27
N ARG H 137 -7.63 -51.02 -9.43
CA ARG H 137 -6.67 -52.10 -9.55
C ARG H 137 -5.64 -51.72 -10.59
N ASN H 138 -4.43 -51.39 -10.15
CA ASN H 138 -3.33 -51.10 -11.04
C ASN H 138 -2.43 -52.31 -11.16
N ARG H 139 -2.02 -52.62 -12.37
CA ARG H 139 -1.04 -53.65 -12.63
C ARG H 139 0.07 -53.01 -13.43
N ILE H 140 1.23 -52.83 -12.83
CA ILE H 140 2.28 -52.05 -13.49
C ILE H 140 3.17 -52.94 -14.32
N TYR H 141 3.84 -53.88 -13.68
CA TYR H 141 4.81 -54.74 -14.33
C TYR H 141 4.40 -56.19 -14.21
N THR H 142 5.03 -57.03 -15.02
CA THR H 142 5.05 -58.46 -14.81
C THR H 142 6.50 -58.88 -14.72
N VAL H 143 6.91 -59.39 -13.57
CA VAL H 143 8.29 -59.75 -13.35
C VAL H 143 8.42 -61.26 -13.51
N LYS H 144 9.34 -61.71 -14.35
CA LYS H 144 9.54 -63.12 -14.59
C LYS H 144 11.00 -63.47 -14.39
N THR H 145 11.26 -64.70 -13.98
CA THR H 145 12.63 -65.16 -13.84
C THR H 145 13.22 -65.51 -15.19
N THR H 146 14.45 -65.11 -15.41
CA THR H 146 15.15 -65.50 -16.62
C THR H 146 15.28 -67.01 -16.66
N PRO H 147 15.04 -67.66 -17.81
CA PRO H 147 15.13 -69.12 -17.86
C PRO H 147 16.49 -69.66 -17.50
N THR H 148 17.53 -68.83 -17.52
CA THR H 148 18.88 -69.25 -17.19
C THR H 148 19.25 -68.93 -15.75
N SER H 149 18.28 -68.90 -14.85
CA SER H 149 18.58 -68.56 -13.48
C SER H 149 19.13 -69.76 -12.72
N GLU H 150 19.85 -69.47 -11.64
CA GLU H 150 20.49 -70.48 -10.82
C GLU H 150 19.85 -70.53 -9.44
N LEU H 151 19.94 -71.70 -8.81
CA LEU H 151 19.40 -71.85 -7.47
C LEU H 151 20.21 -71.03 -6.48
N SER H 152 19.55 -70.59 -5.42
CA SER H 152 20.23 -69.82 -4.40
C SER H 152 21.20 -70.71 -3.64
N LEU H 153 22.09 -70.06 -2.89
CA LEU H 153 23.09 -70.80 -2.13
C LEU H 153 22.44 -71.71 -1.10
N GLY H 154 21.49 -71.17 -0.32
CA GLY H 154 20.89 -71.96 0.74
C GLY H 154 20.10 -73.15 0.23
N PHE H 155 19.35 -72.96 -0.85
CA PHE H 155 18.59 -74.07 -1.41
C PHE H 155 19.52 -75.17 -1.89
N THR H 156 20.61 -74.78 -2.56
CA THR H 156 21.59 -75.75 -2.98
C THR H 156 22.18 -76.49 -1.79
N LYS H 157 22.47 -75.75 -0.72
CA LYS H 157 23.07 -76.39 0.45
C LYS H 157 22.12 -77.41 1.07
N ALA H 158 20.86 -77.06 1.22
CA ALA H 158 19.90 -78.01 1.77
C ALA H 158 19.75 -79.22 0.88
N LEU H 159 19.69 -79.01 -0.44
CA LEU H 159 19.59 -80.15 -1.35
C LEU H 159 20.81 -81.05 -1.25
N MET H 160 22.01 -80.46 -1.17
CA MET H 160 23.21 -81.25 -1.04
C MET H 160 23.21 -82.05 0.25
N ASP H 161 22.72 -81.45 1.33
CA ASP H 161 22.64 -82.18 2.59
C ASP H 161 21.72 -83.37 2.48
N ILE H 162 20.57 -83.19 1.81
CA ILE H 162 19.66 -84.32 1.63
C ILE H 162 20.33 -85.40 0.79
N CYS H 163 21.04 -84.99 -0.26
CA CYS H 163 21.71 -85.97 -1.11
C CYS H 163 22.75 -86.76 -0.33
N ASP H 164 23.53 -86.06 0.51
CA ASP H 164 24.54 -86.76 1.31
C ASP H 164 23.89 -87.71 2.31
N GLN H 165 22.80 -87.29 2.94
CA GLN H 165 22.14 -88.18 3.89
C GLN H 165 21.58 -89.40 3.19
N LEU H 166 21.06 -89.24 1.96
CA LEU H 166 20.65 -90.41 1.18
C LEU H 166 21.85 -91.29 0.84
N GLU H 167 22.98 -90.65 0.53
CA GLU H 167 24.19 -91.40 0.22
C GLU H 167 24.64 -92.25 1.41
N LYS H 168 24.49 -91.74 2.63
CA LYS H 168 24.81 -92.53 3.80
C LYS H 168 23.77 -93.60 4.10
N ASN H 169 22.84 -93.86 3.18
CA ASN H 169 21.84 -94.91 3.34
C ASN H 169 21.08 -94.75 4.65
N GLN H 170 20.74 -93.50 4.97
CA GLN H 170 20.03 -93.19 6.20
C GLN H 170 18.74 -92.47 5.80
N THR H 171 17.72 -93.24 5.45
CA THR H 171 16.45 -92.67 5.01
C THR H 171 15.69 -92.01 6.13
N LYS H 172 16.10 -92.20 7.37
CA LYS H 172 15.39 -91.59 8.49
C LYS H 172 15.53 -90.08 8.47
N MET H 173 16.77 -89.58 8.61
CA MET H 173 16.97 -88.15 8.57
C MET H 173 16.95 -87.59 7.16
N ALA H 174 16.98 -88.44 6.14
CA ALA H 174 16.76 -87.94 4.79
C ALA H 174 15.35 -87.39 4.63
N THR H 175 14.34 -88.16 5.06
CA THR H 175 12.97 -87.68 4.99
C THR H 175 12.76 -86.49 5.90
N TYR H 176 13.36 -86.50 7.09
CA TYR H 176 13.27 -85.35 7.97
C TYR H 176 13.85 -84.10 7.33
N LEU H 177 15.01 -84.23 6.71
CA LEU H 177 15.64 -83.08 6.07
C LEU H 177 14.81 -82.60 4.89
N ALA H 178 14.19 -83.52 4.16
CA ALA H 178 13.30 -83.12 3.07
C ALA H 178 12.10 -82.35 3.60
N GLU H 179 11.54 -82.80 4.72
CA GLU H 179 10.42 -82.07 5.30
C GLU H 179 10.84 -80.69 5.79
N LEU H 180 12.06 -80.58 6.32
CA LEU H 180 12.58 -79.26 6.66
C LEU H 180 12.71 -78.39 5.43
N LEU H 181 13.16 -78.97 4.33
CA LEU H 181 13.25 -78.22 3.07
C LEU H 181 11.88 -77.72 2.66
N ILE H 182 10.86 -78.56 2.76
CA ILE H 182 9.52 -78.16 2.42
C ILE H 182 9.08 -77.01 3.31
N LEU H 183 9.34 -77.12 4.61
CA LEU H 183 8.94 -76.07 5.53
C LEU H 183 9.61 -74.74 5.22
N ASN H 184 10.90 -74.77 4.91
CA ASN H 184 11.61 -73.52 4.70
C ASN H 184 11.30 -72.90 3.35
N TYR H 185 11.11 -73.71 2.31
CA TYR H 185 10.98 -73.18 0.96
C TYR H 185 9.60 -73.43 0.35
N GLY H 186 8.67 -73.94 1.13
CA GLY H 186 7.34 -74.09 0.58
C GLY H 186 7.27 -75.20 -0.45
N THR H 187 6.17 -75.21 -1.19
CA THR H 187 5.88 -76.25 -2.16
C THR H 187 6.26 -75.86 -3.58
N HIS H 188 5.85 -74.69 -4.03
CA HIS H 188 6.14 -74.24 -5.38
C HIS H 188 7.21 -73.16 -5.35
N VAL H 189 7.65 -72.77 -6.55
CA VAL H 189 8.55 -71.66 -6.73
C VAL H 189 7.88 -70.67 -7.68
N ILE H 190 7.89 -69.40 -7.30
CA ILE H 190 7.21 -68.39 -8.10
C ILE H 190 8.10 -67.98 -9.24
N THR H 191 7.60 -68.13 -10.47
CA THR H 191 8.34 -67.73 -11.65
C THR H 191 7.85 -66.43 -12.26
N SER H 192 6.66 -65.97 -11.90
CA SER H 192 6.17 -64.72 -12.44
C SER H 192 5.19 -64.10 -11.45
N VAL H 193 5.30 -62.80 -11.25
CA VAL H 193 4.41 -62.04 -10.39
C VAL H 193 3.92 -60.84 -11.16
N ASP H 194 3.01 -60.09 -10.54
CA ASP H 194 2.51 -58.84 -11.12
C ASP H 194 2.64 -57.76 -10.06
N ALA H 195 3.60 -56.87 -10.23
CA ALA H 195 3.66 -55.70 -9.38
C ALA H 195 2.43 -54.86 -9.60
N GLY H 196 1.86 -54.31 -8.54
CA GLY H 196 0.67 -53.51 -8.72
C GLY H 196 0.13 -52.99 -7.42
N ALA H 197 -1.15 -52.62 -7.45
CA ALA H 197 -1.83 -52.13 -6.27
C ALA H 197 -3.32 -52.35 -6.46
N ALA H 198 -4.05 -52.32 -5.36
CA ALA H 198 -5.48 -52.53 -5.40
C ALA H 198 -6.12 -51.77 -4.25
N LEU H 199 -7.40 -51.44 -4.43
CA LEU H 199 -8.12 -50.64 -3.45
C LEU H 199 -9.59 -50.93 -3.60
N VAL H 200 -10.29 -51.09 -2.48
CA VAL H 200 -11.73 -51.31 -2.48
C VAL H 200 -12.32 -50.45 -1.37
N GLN H 201 -13.36 -49.69 -1.69
CA GLN H 201 -14.10 -48.94 -0.69
C GLN H 201 -15.56 -49.31 -0.81
N GLU H 202 -16.24 -49.42 0.33
CA GLU H 202 -17.68 -49.63 0.36
C GLU H 202 -18.26 -48.71 1.42
N ASP H 203 -19.34 -48.03 1.08
CA ASP H 203 -20.11 -47.25 2.04
C ASP H 203 -21.56 -47.68 1.98
N HIS H 204 -22.19 -47.82 3.14
CA HIS H 204 -23.62 -48.02 3.25
C HIS H 204 -24.15 -47.01 4.24
N VAL H 205 -25.10 -46.20 3.81
CA VAL H 205 -25.79 -45.26 4.68
C VAL H 205 -27.27 -45.63 4.67
N ARG H 206 -27.86 -45.77 5.85
CA ARG H 206 -29.29 -46.04 5.96
C ARG H 206 -29.88 -45.06 6.96
N SER H 207 -30.85 -44.29 6.50
CA SER H 207 -31.56 -43.35 7.36
C SER H 207 -33.03 -43.73 7.39
N SER H 208 -33.61 -43.72 8.57
CA SER H 208 -35.02 -43.97 8.74
C SER H 208 -35.58 -42.90 9.64
N PHE H 209 -36.61 -42.21 9.18
CA PHE H 209 -37.23 -41.15 9.93
C PHE H 209 -38.71 -41.44 10.03
N LEU H 210 -39.27 -41.31 11.22
CA LEU H 210 -40.68 -41.55 11.43
C LEU H 210 -41.24 -40.47 12.33
N LEU H 211 -42.37 -39.91 11.92
CA LEU H 211 -43.05 -38.88 12.70
C LEU H 211 -44.50 -39.27 12.79
N ASP H 212 -45.08 -39.11 13.97
CA ASP H 212 -46.44 -39.54 14.24
C ASP H 212 -47.11 -38.50 15.12
N ASN H 213 -48.03 -37.74 14.55
CA ASN H 213 -48.66 -36.62 15.21
C ASN H 213 -50.14 -36.90 15.37
N GLN H 214 -50.70 -36.52 16.52
CA GLN H 214 -52.13 -36.66 16.76
C GLN H 214 -52.62 -35.44 17.50
N ASN H 215 -53.73 -34.86 17.05
CA ASN H 215 -54.40 -33.79 17.75
C ASN H 215 -55.84 -34.20 17.96
N SER H 216 -56.37 -33.89 19.14
CA SER H 216 -57.74 -34.24 19.47
C SER H 216 -58.35 -33.08 20.23
N GLN H 217 -59.45 -32.54 19.72
CA GLN H 217 -60.09 -31.39 20.33
C GLN H 217 -61.57 -31.67 20.49
N ASN H 218 -62.09 -31.41 21.69
CA ASN H 218 -63.51 -31.57 21.97
C ASN H 218 -64.03 -30.29 22.60
N THR H 219 -65.25 -29.90 22.23
CA THR H 219 -65.88 -28.70 22.75
C THR H 219 -67.34 -29.01 23.05
N VAL H 220 -67.81 -28.59 24.21
CA VAL H 220 -69.21 -28.77 24.60
C VAL H 220 -69.67 -27.48 25.24
N THR H 221 -70.80 -26.94 24.78
CA THR H 221 -71.40 -25.76 25.36
C THR H 221 -72.88 -26.01 25.56
N ALA H 222 -73.34 -25.95 26.79
CA ALA H 222 -74.73 -26.25 27.12
C ALA H 222 -75.33 -25.05 27.85
N SER H 223 -76.34 -24.43 27.25
CA SER H 223 -77.01 -23.28 27.83
C SER H 223 -78.46 -23.63 28.11
N ALA H 224 -79.03 -22.97 29.11
CA ALA H 224 -80.42 -23.17 29.49
C ALA H 224 -80.91 -21.91 30.19
N GLY H 225 -81.83 -21.20 29.56
CA GLY H 225 -82.36 -19.99 30.15
C GLY H 225 -83.87 -19.96 30.19
N ILE H 226 -84.44 -19.93 31.38
CA ILE H 226 -85.88 -19.85 31.56
C ILE H 226 -86.19 -18.43 32.01
N ALA H 227 -87.22 -17.84 31.43
CA ALA H 227 -87.56 -16.44 31.67
C ALA H 227 -89.07 -16.32 31.72
N PHE H 228 -89.62 -16.27 32.92
CA PHE H 228 -91.05 -16.00 33.09
C PHE H 228 -91.33 -14.54 32.76
N LEU H 229 -92.53 -14.08 33.09
CA LEU H 229 -92.94 -12.70 32.80
C LEU H 229 -92.52 -11.79 33.95
N ASN H 230 -91.24 -11.42 33.94
CA ASN H 230 -90.68 -10.43 34.87
C ASN H 230 -90.89 -10.83 36.32
N ILE H 231 -90.78 -12.12 36.62
CA ILE H 231 -90.86 -12.63 37.98
C ILE H 231 -89.65 -13.47 38.33
N VAL H 232 -89.31 -14.44 37.49
CA VAL H 232 -88.13 -15.29 37.70
C VAL H 232 -87.35 -15.34 36.40
N ASN H 233 -86.04 -15.19 36.49
CA ASN H 233 -85.13 -15.33 35.36
C ASN H 233 -83.95 -16.19 35.80
N PHE H 234 -83.63 -17.23 35.04
CA PHE H 234 -82.65 -18.22 35.45
C PHE H 234 -81.86 -18.66 34.22
N LYS H 235 -80.58 -18.34 34.17
CA LYS H 235 -79.77 -18.66 33.01
C LYS H 235 -78.51 -19.39 33.44
N VAL H 236 -78.25 -20.54 32.83
CA VAL H 236 -77.12 -21.38 33.17
C VAL H 236 -76.41 -21.77 31.88
N GLU H 237 -75.15 -21.41 31.74
CA GLU H 237 -74.37 -21.79 30.57
C GLU H 237 -73.04 -22.40 31.00
N THR H 238 -72.80 -23.63 30.59
CA THR H 238 -71.58 -24.35 30.91
C THR H 238 -70.78 -24.54 29.64
N ASP H 239 -69.46 -24.47 29.77
CA ASP H 239 -68.55 -24.68 28.65
C ASP H 239 -67.52 -25.72 29.03
N TYR H 240 -66.93 -26.35 28.01
CA TYR H 240 -65.93 -27.37 28.24
C TYR H 240 -65.09 -27.48 26.97
N ILE H 241 -63.79 -27.32 27.11
CA ILE H 241 -62.86 -27.48 25.99
C ILE H 241 -61.81 -28.48 26.41
N SER H 242 -61.30 -29.24 25.44
CA SER H 242 -60.25 -30.21 25.70
C SER H 242 -59.39 -30.35 24.45
N GLN H 243 -58.15 -29.90 24.51
CA GLN H 243 -57.21 -30.04 23.41
C GLN H 243 -56.05 -30.90 23.86
N THR H 244 -55.71 -31.90 23.06
CA THR H 244 -54.56 -32.74 23.33
C THR H 244 -53.73 -32.85 22.06
N SER H 245 -52.41 -32.84 22.23
CA SER H 245 -51.49 -33.06 21.13
C SER H 245 -50.50 -34.14 21.54
N LEU H 246 -49.99 -34.86 20.57
CA LEU H 246 -49.03 -35.92 20.87
C LEU H 246 -48.23 -36.19 19.61
N THR H 247 -46.97 -35.78 19.61
CA THR H 247 -46.08 -36.00 18.49
C THR H 247 -44.94 -36.88 18.92
N LYS H 248 -44.65 -37.91 18.13
CA LYS H 248 -43.60 -38.85 18.42
C LYS H 248 -42.69 -38.94 17.22
N ASP H 249 -41.41 -38.67 17.41
CA ASP H 249 -40.44 -38.79 16.34
C ASP H 249 -39.56 -40.00 16.59
N TYR H 250 -38.81 -40.36 15.56
CA TYR H 250 -37.85 -41.45 15.68
C TYR H 250 -36.89 -41.34 14.51
N LEU H 251 -35.61 -41.21 14.79
CA LEU H 251 -34.62 -41.04 13.75
C LEU H 251 -33.54 -42.10 13.91
N SER H 252 -33.04 -42.60 12.79
CA SER H 252 -32.03 -43.66 12.83
C SER H 252 -31.07 -43.46 11.67
N ASN H 253 -29.78 -43.48 11.98
CA ASN H 253 -28.72 -43.42 10.99
C ASN H 253 -27.80 -44.61 11.17
N ARG H 254 -27.31 -45.16 10.06
CA ARG H 254 -26.31 -46.21 10.13
C ARG H 254 -25.38 -46.06 8.94
N THR H 255 -24.12 -45.73 9.20
CA THR H 255 -23.12 -45.64 8.14
C THR H 255 -22.06 -46.68 8.42
N ASN H 256 -21.76 -47.52 7.43
CA ASN H 256 -20.66 -48.46 7.49
C ASN H 256 -19.74 -48.19 6.31
N SER H 257 -18.50 -47.84 6.59
CA SER H 257 -17.48 -47.68 5.57
C SER H 257 -16.43 -48.75 5.80
N ARG H 258 -16.03 -49.42 4.74
CA ARG H 258 -14.97 -50.42 4.81
C ARG H 258 -14.03 -50.21 3.65
N VAL H 259 -12.75 -50.06 3.95
CA VAL H 259 -11.72 -49.83 2.95
C VAL H 259 -10.68 -50.93 3.08
N GLN H 260 -10.24 -51.45 1.96
CA GLN H 260 -9.24 -52.50 1.95
C GLN H 260 -8.26 -52.20 0.83
N SER H 261 -6.99 -52.06 1.17
CA SER H 261 -5.97 -51.60 0.25
C SER H 261 -4.82 -52.60 0.22
N PHE H 262 -4.27 -52.85 -0.96
CA PHE H 262 -3.08 -53.65 -1.12
C PHE H 262 -2.07 -52.82 -1.89
N GLY H 263 -0.94 -52.54 -1.28
CA GLY H 263 0.03 -51.70 -1.95
C GLY H 263 -0.32 -50.24 -1.78
N GLY H 264 0.62 -49.37 -2.03
CA GLY H 264 0.36 -47.96 -2.00
C GLY H 264 0.52 -47.39 -0.60
N VAL H 265 0.31 -46.09 -0.51
CA VAL H 265 0.44 -45.39 0.77
C VAL H 265 -0.59 -45.93 1.75
N PRO H 266 -0.31 -45.98 3.05
CA PRO H 266 -1.35 -46.33 4.01
C PRO H 266 -2.57 -45.44 3.85
N PHE H 267 -3.74 -46.06 3.70
CA PHE H 267 -4.94 -45.33 3.39
C PHE H 267 -5.46 -44.57 4.59
N TYR H 268 -5.96 -43.36 4.36
CA TYR H 268 -6.70 -42.62 5.37
C TYR H 268 -7.94 -42.04 4.70
N PRO H 269 -9.01 -41.84 5.46
CA PRO H 269 -10.32 -41.55 4.83
C PRO H 269 -10.34 -40.33 3.94
N GLY H 270 -9.59 -39.29 4.25
CA GLY H 270 -9.72 -38.07 3.49
C GLY H 270 -8.91 -38.06 2.22
N ILE H 271 -8.26 -39.17 1.90
CA ILE H 271 -7.37 -39.23 0.74
C ILE H 271 -8.21 -39.25 -0.52
N THR H 272 -7.66 -38.65 -1.56
CA THR H 272 -8.26 -38.68 -2.87
C THR H 272 -7.62 -39.77 -3.69
N LEU H 273 -8.39 -40.34 -4.62
CA LEU H 273 -7.81 -41.34 -5.50
C LEU H 273 -6.62 -40.80 -6.28
N GLU H 274 -6.58 -39.50 -6.54
CA GLU H 274 -5.40 -38.94 -7.19
C GLU H 274 -4.17 -39.12 -6.33
N THR H 275 -4.25 -38.71 -5.07
CA THR H 275 -3.10 -38.83 -4.19
C THR H 275 -2.69 -40.28 -4.01
N TRP H 276 -3.66 -41.18 -3.88
CA TRP H 276 -3.34 -42.58 -3.72
C TRP H 276 -2.68 -43.14 -4.97
N GLN H 277 -3.19 -42.78 -6.15
CA GLN H 277 -2.63 -43.30 -7.39
C GLN H 277 -1.24 -42.78 -7.63
N LYS H 278 -0.96 -41.54 -7.25
CA LYS H 278 0.38 -41.01 -7.40
C LYS H 278 1.32 -41.50 -6.31
N GLY H 279 0.83 -42.28 -5.36
CA GLY H 279 1.65 -42.72 -4.26
C GLY H 279 2.13 -44.16 -4.34
N ILE H 280 1.73 -44.88 -5.38
CA ILE H 280 2.15 -46.26 -5.53
C ILE H 280 3.54 -46.35 -6.15
N THR H 281 4.23 -45.22 -6.29
CA THR H 281 5.44 -45.19 -7.10
C THR H 281 6.55 -46.05 -6.50
N ASN H 282 6.46 -46.39 -5.22
CA ASN H 282 7.45 -47.24 -4.59
C ASN H 282 6.84 -48.36 -3.80
N HIS H 283 5.55 -48.32 -3.52
CA HIS H 283 4.87 -49.32 -2.71
C HIS H 283 4.06 -50.22 -3.63
N LEU H 284 4.72 -51.16 -4.28
CA LEU H 284 4.06 -52.07 -5.21
C LEU H 284 4.06 -53.45 -4.60
N VAL H 285 2.99 -54.20 -4.81
CA VAL H 285 2.75 -55.45 -4.13
C VAL H 285 2.34 -56.50 -5.14
N ALA H 286 2.80 -57.73 -4.93
CA ALA H 286 2.40 -58.82 -5.81
C ALA H 286 0.90 -59.01 -5.77
N ILE H 287 0.23 -58.70 -6.87
CA ILE H 287 -1.21 -58.89 -6.94
C ILE H 287 -1.58 -60.18 -7.63
N ASP H 288 -0.64 -60.85 -8.28
CA ASP H 288 -0.90 -62.12 -8.92
C ASP H 288 0.42 -62.83 -9.14
N ARG H 289 0.43 -64.15 -8.97
CA ARG H 289 1.66 -64.89 -9.05
C ARG H 289 1.39 -66.27 -9.64
N ALA H 290 2.38 -66.77 -10.38
CA ALA H 290 2.33 -68.10 -10.96
C ALA H 290 3.67 -68.76 -10.75
N GLY H 291 3.66 -70.09 -10.59
CA GLY H 291 4.87 -70.81 -10.27
C GLY H 291 4.84 -72.23 -10.74
N LEU H 292 5.86 -72.98 -10.33
CA LEU H 292 6.06 -74.35 -10.73
C LEU H 292 6.32 -75.21 -9.51
N PRO H 293 5.92 -76.48 -9.54
CA PRO H 293 6.25 -77.37 -8.43
C PRO H 293 7.75 -77.46 -8.27
N LEU H 294 8.21 -77.53 -7.02
CA LEU H 294 9.64 -77.37 -6.82
C LEU H 294 10.42 -78.63 -7.18
N HIS H 295 9.75 -79.78 -7.29
CA HIS H 295 10.46 -80.95 -7.80
C HIS H 295 10.88 -80.74 -9.25
N PHE H 296 10.22 -79.82 -9.93
CA PHE H 296 10.56 -79.51 -11.31
C PHE H 296 11.93 -78.84 -11.42
N PHE H 297 12.40 -78.21 -10.35
CA PHE H 297 13.68 -77.53 -10.37
C PHE H 297 14.83 -78.43 -9.94
N ILE H 298 14.55 -79.64 -9.48
CA ILE H 298 15.59 -80.56 -9.05
C ILE H 298 15.96 -81.40 -10.27
N LYS H 299 16.86 -80.88 -11.07
CA LYS H 299 17.23 -81.48 -12.35
C LYS H 299 18.74 -81.52 -12.46
N PRO H 300 19.28 -82.51 -13.19
CA PRO H 300 20.74 -82.65 -13.26
C PRO H 300 21.43 -81.41 -13.78
N ASP H 301 20.85 -80.75 -14.77
CA ASP H 301 21.42 -79.57 -15.37
C ASP H 301 21.41 -78.38 -14.42
N LYS H 302 20.66 -78.46 -13.32
CA LYS H 302 20.52 -77.37 -12.38
C LYS H 302 21.46 -77.50 -11.19
N LEU H 303 21.94 -78.71 -10.90
CA LEU H 303 22.82 -78.99 -9.78
C LEU H 303 24.13 -79.55 -10.31
N PRO H 304 25.12 -78.70 -10.60
CA PRO H 304 26.38 -79.21 -11.15
C PRO H 304 27.12 -80.16 -10.22
N GLY H 305 27.02 -79.96 -8.91
CA GLY H 305 27.83 -80.73 -7.99
C GLY H 305 27.48 -82.21 -7.96
N LEU H 306 26.21 -82.52 -8.08
CA LEU H 306 25.81 -83.90 -7.86
C LEU H 306 25.65 -84.64 -9.19
N PRO H 307 25.87 -85.96 -9.22
CA PRO H 307 25.65 -86.73 -10.45
C PRO H 307 24.18 -86.90 -10.79
N GLY H 308 23.89 -87.21 -12.05
CA GLY H 308 22.53 -87.34 -12.53
C GLY H 308 21.70 -88.40 -11.85
N PRO H 309 22.21 -89.63 -11.73
CA PRO H 309 21.46 -90.66 -11.01
C PRO H 309 21.15 -90.28 -9.58
N LEU H 310 22.03 -89.52 -8.91
CA LEU H 310 21.73 -89.06 -7.57
C LEU H 310 20.64 -88.01 -7.55
N VAL H 311 20.67 -87.04 -8.48
CA VAL H 311 19.66 -86.00 -8.44
C VAL H 311 18.30 -86.58 -8.83
N LYS H 312 18.27 -87.66 -9.61
CA LYS H 312 17.00 -88.30 -9.89
C LYS H 312 16.36 -88.83 -8.61
N LYS H 313 17.14 -89.52 -7.79
CA LYS H 313 16.64 -90.01 -6.52
C LYS H 313 16.29 -88.87 -5.59
N LEU H 314 17.08 -87.80 -5.61
CA LEU H 314 16.80 -86.64 -4.77
C LEU H 314 15.47 -86.01 -5.15
N SER H 315 15.21 -85.88 -6.45
CA SER H 315 13.92 -85.36 -6.88
C SER H 315 12.80 -86.28 -6.47
N LYS H 316 13.01 -87.59 -6.56
CA LYS H 316 11.96 -88.52 -6.16
C LYS H 316 11.63 -88.38 -4.68
N THR H 317 12.66 -88.28 -3.84
CA THR H 317 12.38 -88.17 -2.41
C THR H 317 11.75 -86.82 -2.07
N VAL H 318 12.18 -85.75 -2.73
CA VAL H 318 11.55 -84.46 -2.46
C VAL H 318 10.09 -84.49 -2.88
N GLU H 319 9.79 -85.07 -4.03
CA GLU H 319 8.41 -85.10 -4.49
C GLU H 319 7.55 -85.99 -3.59
N THR H 320 8.10 -87.10 -3.11
CA THR H 320 7.32 -87.92 -2.20
C THR H 320 7.12 -87.23 -0.86
N ALA H 321 8.09 -86.43 -0.42
CA ALA H 321 7.89 -85.62 0.77
C ALA H 321 6.77 -84.62 0.56
N VAL H 322 6.74 -83.98 -0.61
CA VAL H 322 5.67 -83.03 -0.92
C VAL H 322 4.33 -83.72 -0.92
N ARG H 323 4.26 -84.92 -1.51
CA ARG H 323 3.01 -85.65 -1.52
C ARG H 323 2.56 -86.00 -0.12
N HIS H 324 3.50 -86.41 0.73
CA HIS H 324 3.15 -86.71 2.12
C HIS H 324 2.64 -85.46 2.83
N TYR H 325 3.31 -84.33 2.60
CA TYR H 325 2.88 -83.06 3.18
C TYR H 325 1.47 -82.69 2.73
N TYR H 326 1.17 -82.88 1.46
CA TYR H 326 -0.19 -82.61 0.97
C TYR H 326 -1.20 -83.55 1.62
N THR H 327 -0.89 -84.84 1.68
CA THR H 327 -1.84 -85.81 2.19
C THR H 327 -2.15 -85.58 3.66
N PHE H 328 -1.14 -85.24 4.45
CA PHE H 328 -1.37 -84.98 5.86
C PHE H 328 -2.36 -83.84 6.06
N ASN H 329 -2.44 -82.93 5.11
CA ASN H 329 -3.28 -81.76 5.25
C ASN H 329 -4.46 -81.81 4.30
N PHE H 360 -15.68 -88.00 15.82
CA PHE H 360 -17.12 -88.02 15.64
C PHE H 360 -17.52 -87.21 14.43
N THR H 361 -18.76 -87.41 13.96
CA THR H 361 -19.26 -86.74 12.77
C THR H 361 -20.30 -85.70 13.17
N PHE H 362 -20.15 -84.49 12.65
CA PHE H 362 -21.04 -83.38 12.93
C PHE H 362 -21.82 -83.06 11.66
N GLY H 363 -23.10 -83.43 11.63
CA GLY H 363 -23.91 -83.31 10.45
C GLY H 363 -24.59 -81.98 10.23
N GLY H 364 -24.37 -81.00 11.09
CA GLY H 364 -24.93 -79.68 10.91
C GLY H 364 -25.85 -79.29 12.05
N VAL H 365 -26.38 -78.07 11.94
CA VAL H 365 -27.26 -77.49 12.93
C VAL H 365 -28.45 -76.85 12.23
N TYR H 366 -29.49 -76.59 13.01
CA TYR H 366 -30.65 -75.85 12.51
C TYR H 366 -31.36 -75.21 13.69
N GLN H 367 -31.83 -73.99 13.50
CA GLN H 367 -32.49 -73.22 14.55
C GLN H 367 -33.94 -73.02 14.16
N GLU H 368 -34.84 -73.77 14.80
CA GLU H 368 -36.27 -73.63 14.56
C GLU H 368 -36.80 -72.37 15.23
N CYS H 369 -37.65 -71.64 14.51
CA CYS H 369 -38.22 -70.40 15.01
C CYS H 369 -39.73 -70.53 14.99
N THR H 370 -40.36 -70.32 16.15
CA THR H 370 -41.81 -70.36 16.27
C THR H 370 -42.29 -68.95 16.60
N GLU H 371 -43.23 -68.45 15.79
CA GLU H 371 -43.81 -67.13 16.02
C GLU H 371 -44.91 -67.23 17.05
N LEU H 372 -44.78 -66.47 18.13
CA LEU H 372 -45.82 -66.41 19.15
C LEU H 372 -46.70 -65.20 19.02
N SER H 373 -46.25 -64.16 18.33
CA SER H 373 -47.04 -62.95 18.12
C SER H 373 -46.47 -62.21 16.92
N GLY H 374 -47.27 -62.07 15.87
CA GLY H 374 -46.80 -61.44 14.66
C GLY H 374 -45.96 -62.38 13.82
N ASP H 375 -45.46 -61.84 12.72
CA ASP H 375 -44.61 -62.58 11.79
C ASP H 375 -43.41 -61.75 11.38
N VAL H 376 -42.73 -61.15 12.37
CA VAL H 376 -41.58 -60.31 12.09
C VAL H 376 -40.27 -60.93 12.59
N LEU H 377 -40.27 -61.60 13.73
CA LEU H 377 -39.03 -62.07 14.32
C LEU H 377 -38.45 -63.27 13.56
N CYS H 378 -39.29 -64.21 13.16
CA CYS H 378 -38.81 -65.45 12.57
C CYS H 378 -38.39 -65.30 11.11
N GLN H 379 -38.22 -64.07 10.62
CA GLN H 379 -37.74 -63.88 9.26
C GLN H 379 -36.23 -63.87 9.17
N ASN H 380 -35.54 -63.82 10.31
CA ASN H 380 -34.09 -63.91 10.35
C ASN H 380 -33.56 -64.80 11.46
N LEU H 381 -34.41 -65.23 12.40
CA LEU H 381 -33.97 -66.09 13.49
C LEU H 381 -34.05 -67.57 13.14
N GLU H 382 -34.58 -67.91 11.98
CA GLU H 382 -34.71 -69.30 11.56
C GLU H 382 -33.52 -69.69 10.69
N GLN H 383 -33.06 -70.93 10.87
CA GLN H 383 -31.90 -71.42 10.13
C GLN H 383 -32.16 -72.84 9.69
N LYS H 384 -32.27 -73.05 8.39
CA LYS H 384 -32.40 -74.40 7.86
C LYS H 384 -31.08 -75.15 7.99
N ASN H 385 -31.17 -76.47 8.01
CA ASN H 385 -29.94 -77.26 7.95
C ASN H 385 -29.38 -77.23 6.54
N LEU H 386 -28.06 -77.09 6.45
CA LEU H 386 -27.41 -76.95 5.16
C LEU H 386 -27.59 -78.19 4.29
N LEU H 387 -27.43 -79.37 4.87
CA LEU H 387 -27.46 -80.61 4.09
C LEU H 387 -28.86 -81.01 3.67
N THR H 388 -29.88 -80.65 4.45
CA THR H 388 -31.25 -81.08 4.16
C THR H 388 -32.11 -79.97 3.58
N GLY H 389 -31.71 -78.72 3.69
CA GLY H 389 -32.55 -77.63 3.25
C GLY H 389 -33.79 -77.45 4.10
N ASP H 390 -33.81 -78.01 5.30
CA ASP H 390 -34.98 -77.94 6.17
C ASP H 390 -34.52 -78.10 7.61
N PHE H 391 -35.40 -77.71 8.53
CA PHE H 391 -35.10 -77.73 9.96
C PHE H 391 -35.08 -79.17 10.45
N SER H 392 -34.01 -79.87 10.09
CA SER H 392 -33.92 -81.31 10.34
C SER H 392 -32.45 -81.70 10.31
N CYS H 393 -32.20 -83.01 10.34
CA CYS H 393 -30.87 -83.55 10.25
C CYS H 393 -30.76 -84.55 9.11
N PRO H 394 -29.56 -84.74 8.56
CA PRO H 394 -29.38 -85.66 7.43
C PRO H 394 -29.57 -87.09 7.87
N PRO H 395 -29.82 -88.01 6.93
CA PRO H 395 -30.00 -89.42 7.30
C PRO H 395 -28.78 -89.96 8.03
N GLY H 396 -29.03 -90.80 9.03
CA GLY H 396 -27.98 -91.30 9.88
C GLY H 396 -27.60 -90.39 11.03
N TYR H 397 -28.22 -89.22 11.13
CA TYR H 397 -27.93 -88.28 12.19
C TYR H 397 -29.15 -88.09 13.08
N SER H 398 -28.90 -87.97 14.37
CA SER H 398 -29.95 -87.79 15.36
C SER H 398 -29.94 -86.34 15.82
N PRO H 399 -31.00 -85.57 15.58
CA PRO H 399 -31.04 -84.19 16.07
C PRO H 399 -30.90 -84.17 17.59
N VAL H 400 -30.08 -83.26 18.09
CA VAL H 400 -29.84 -83.10 19.51
C VAL H 400 -30.35 -81.73 19.93
N HIS H 401 -31.27 -81.71 20.88
CA HIS H 401 -31.80 -80.44 21.35
C HIS H 401 -30.69 -79.66 22.04
N LEU H 402 -30.26 -78.55 21.42
CA LEU H 402 -29.22 -77.74 22.03
C LEU H 402 -29.83 -76.78 23.06
N LEU H 403 -30.70 -75.88 22.61
CA LEU H 403 -31.27 -74.91 23.53
C LEU H 403 -32.48 -74.23 22.88
N SER H 404 -33.52 -74.00 23.68
CA SER H 404 -34.71 -73.30 23.24
C SER H 404 -34.93 -72.09 24.14
N GLN H 405 -35.07 -70.92 23.54
CA GLN H 405 -35.25 -69.68 24.29
C GLN H 405 -36.18 -68.74 23.54
N THR H 406 -36.80 -67.83 24.29
CA THR H 406 -37.73 -66.86 23.74
C THR H 406 -37.09 -65.49 23.63
N HIS H 407 -37.56 -64.72 22.65
CA HIS H 407 -37.02 -63.40 22.36
C HIS H 407 -38.15 -62.47 21.99
N GLU H 408 -38.12 -61.25 22.51
CA GLU H 408 -39.17 -60.26 22.29
C GLU H 408 -38.56 -58.99 21.71
N GLU H 409 -39.31 -58.33 20.83
CA GLU H 409 -38.84 -57.11 20.20
C GLU H 409 -40.03 -56.25 19.78
N GLY H 410 -39.92 -54.95 20.02
CA GLY H 410 -40.98 -54.02 19.63
C GLY H 410 -40.72 -53.45 18.26
N TYR H 411 -41.81 -53.26 17.50
CA TYR H 411 -41.72 -52.72 16.15
C TYR H 411 -42.98 -51.94 15.83
N SER H 412 -42.81 -50.85 15.09
CA SER H 412 -43.91 -50.01 14.66
C SER H 412 -44.23 -50.35 13.20
N ARG H 413 -45.27 -51.15 13.00
CA ARG H 413 -45.70 -51.55 11.68
C ARG H 413 -46.73 -50.55 11.16
N LEU H 414 -46.49 -50.04 9.95
CA LEU H 414 -47.39 -49.10 9.31
C LEU H 414 -48.27 -49.87 8.33
N GLU H 415 -49.57 -49.61 8.35
CA GLU H 415 -50.48 -50.23 7.39
C GLU H 415 -51.54 -49.24 6.96
N CYS H 416 -51.92 -49.31 5.69
CA CYS H 416 -52.96 -48.48 5.12
C CYS H 416 -54.13 -49.35 4.67
N LYS H 417 -55.34 -48.94 5.04
CA LYS H 417 -56.55 -49.71 4.76
C LYS H 417 -57.59 -48.78 4.15
N LYS H 418 -58.40 -49.30 3.25
CA LYS H 418 -59.48 -48.53 2.63
C LYS H 418 -60.79 -48.88 3.33
N LYS H 419 -61.22 -48.01 4.24
CA LYS H 419 -62.48 -48.19 4.94
C LYS H 419 -63.59 -47.49 4.17
N CYS H 420 -64.68 -48.22 3.94
CA CYS H 420 -65.86 -47.66 3.27
C CYS H 420 -67.06 -47.81 4.19
N THR H 421 -67.56 -46.67 4.68
CA THR H 421 -68.78 -46.64 5.47
C THR H 421 -69.96 -46.29 4.58
N LEU H 422 -71.05 -47.02 4.76
CA LEU H 422 -72.29 -46.82 4.02
C LEU H 422 -72.11 -47.02 2.52
N LYS H 423 -71.04 -47.71 2.12
CA LYS H 423 -70.70 -48.00 0.73
C LYS H 423 -70.53 -46.75 -0.10
N ILE H 424 -70.54 -45.57 0.52
CA ILE H 424 -70.34 -44.32 -0.20
C ILE H 424 -69.20 -43.49 0.37
N PHE H 425 -68.90 -43.57 1.65
CA PHE H 425 -67.81 -42.82 2.26
C PHE H 425 -66.59 -43.74 2.31
N CYS H 426 -65.81 -43.71 1.24
CA CYS H 426 -64.59 -44.51 1.16
C CYS H 426 -63.39 -43.62 1.38
N LYS H 427 -62.52 -44.04 2.29
CA LYS H 427 -61.32 -43.28 2.62
C LYS H 427 -60.21 -44.25 2.96
N THR H 428 -58.99 -43.89 2.58
CA THR H 428 -57.81 -44.67 2.94
C THR H 428 -57.25 -44.07 4.23
N VAL H 429 -57.14 -44.90 5.26
CA VAL H 429 -56.60 -44.50 6.54
C VAL H 429 -55.32 -45.30 6.78
N CYS H 430 -54.24 -44.60 7.09
CA CYS H 430 -52.96 -45.21 7.39
C CYS H 430 -52.70 -45.06 8.88
N GLU H 431 -52.37 -46.17 9.54
CA GLU H 431 -52.09 -46.14 10.96
C GLU H 431 -50.89 -47.04 11.26
N ASP H 432 -50.15 -46.66 12.29
CA ASP H 432 -48.98 -47.41 12.73
C ASP H 432 -49.25 -48.00 14.10
N VAL H 433 -48.86 -49.26 14.27
CA VAL H 433 -49.10 -50.00 15.51
C VAL H 433 -47.77 -50.45 16.06
N PHE H 434 -47.54 -50.15 17.34
CA PHE H 434 -46.33 -50.59 18.04
C PHE H 434 -46.64 -51.92 18.72
N ARG H 435 -46.16 -53.02 18.16
CA ARG H 435 -46.41 -54.35 18.68
C ARG H 435 -45.11 -54.95 19.19
N VAL H 436 -45.21 -55.70 20.29
CA VAL H 436 -44.09 -56.43 20.85
C VAL H 436 -44.21 -57.87 20.35
N ALA H 437 -43.52 -58.18 19.26
CA ALA H 437 -43.50 -59.53 18.74
C ALA H 437 -42.61 -60.41 19.61
N LYS H 438 -43.11 -61.61 19.89
CA LYS H 438 -42.39 -62.59 20.70
C LYS H 438 -42.28 -63.87 19.91
N ALA H 439 -41.08 -64.46 19.89
CA ALA H 439 -40.84 -65.69 19.16
C ALA H 439 -39.90 -66.58 19.95
N GLU H 440 -40.19 -67.87 19.96
CA GLU H 440 -39.33 -68.87 20.61
C GLU H 440 -38.50 -69.55 19.54
N PHE H 441 -37.19 -69.46 19.67
CA PHE H 441 -36.29 -70.17 18.79
C PHE H 441 -35.71 -71.39 19.50
N ARG H 442 -35.73 -72.53 18.80
CA ARG H 442 -35.17 -73.78 19.30
C ARG H 442 -34.03 -74.19 18.37
N ALA H 443 -32.81 -74.14 18.87
CA ALA H 443 -31.64 -74.53 18.10
C ALA H 443 -31.21 -75.93 18.51
N TYR H 444 -30.88 -76.75 17.50
CA TYR H 444 -30.46 -78.13 17.66
C TYR H 444 -29.11 -78.32 16.98
N TRP H 445 -28.59 -79.54 17.03
CA TRP H 445 -27.40 -79.88 16.27
C TRP H 445 -27.43 -81.37 15.96
N CYS H 446 -26.84 -81.73 14.83
CA CYS H 446 -26.92 -83.09 14.30
C CYS H 446 -25.63 -83.82 14.66
N VAL H 447 -25.74 -84.82 15.53
CA VAL H 447 -24.61 -85.67 15.87
C VAL H 447 -24.78 -87.00 15.15
N ALA H 448 -23.67 -87.70 14.98
CA ALA H 448 -23.71 -89.01 14.33
C ALA H 448 -24.44 -90.00 15.21
N ALA H 449 -25.43 -90.69 14.64
CA ALA H 449 -26.18 -91.67 15.41
C ALA H 449 -25.36 -92.93 15.67
N GLY H 450 -24.62 -93.40 14.67
CA GLY H 450 -23.80 -94.59 14.83
C GLY H 450 -22.58 -94.55 13.95
N GLN H 451 -22.25 -95.68 13.32
CA GLN H 451 -21.11 -95.75 12.42
C GLN H 451 -21.51 -95.17 11.08
N VAL H 452 -21.68 -93.85 11.07
CA VAL H 452 -22.09 -93.11 9.87
C VAL H 452 -20.99 -93.21 8.83
N PRO H 453 -21.31 -93.14 7.54
CA PRO H 453 -20.25 -93.21 6.52
C PRO H 453 -19.27 -92.06 6.66
N ASP H 454 -18.00 -92.36 6.46
CA ASP H 454 -16.94 -91.37 6.54
C ASP H 454 -16.38 -91.12 5.14
N ASN H 455 -16.09 -89.86 4.85
CA ASN H 455 -16.22 -88.74 5.76
C ASN H 455 -17.42 -87.86 5.41
N SER H 456 -18.50 -88.49 4.94
CA SER H 456 -19.69 -87.75 4.54
C SER H 456 -20.29 -87.01 5.72
N GLY H 457 -20.42 -85.69 5.59
CA GLY H 457 -20.89 -84.86 6.69
C GLY H 457 -20.42 -83.43 6.49
N LEU H 458 -20.18 -82.75 7.61
CA LEU H 458 -19.68 -81.39 7.61
C LEU H 458 -18.56 -81.25 8.63
N LEU H 459 -17.74 -80.22 8.45
CA LEU H 459 -16.61 -79.97 9.34
C LEU H 459 -16.81 -78.66 10.10
N PHE H 460 -16.26 -78.65 11.30
CA PHE H 460 -16.45 -77.56 12.27
C PHE H 460 -15.25 -76.64 12.21
N GLY H 461 -15.47 -75.41 11.77
CA GLY H 461 -14.44 -74.41 11.68
C GLY H 461 -14.41 -73.39 12.80
N GLY H 462 -15.04 -73.68 13.92
CA GLY H 462 -15.09 -72.73 15.01
C GLY H 462 -16.30 -71.82 14.90
N VAL H 463 -16.64 -71.19 16.02
CA VAL H 463 -17.78 -70.29 16.09
C VAL H 463 -17.32 -68.97 16.69
N PHE H 464 -18.11 -67.93 16.44
CA PHE H 464 -17.77 -66.60 16.89
C PHE H 464 -19.06 -65.81 17.06
N THR H 465 -19.01 -64.79 17.90
CA THR H 465 -20.09 -63.84 18.05
C THR H 465 -19.59 -62.43 17.74
N ASP H 466 -20.53 -61.49 17.67
CA ASP H 466 -20.19 -60.10 17.39
C ASP H 466 -19.36 -59.48 18.51
N LYS H 467 -19.30 -60.11 19.67
CA LYS H 467 -18.49 -59.61 20.78
C LYS H 467 -17.29 -60.48 21.08
N THR H 468 -17.19 -61.67 20.50
CA THR H 468 -16.10 -62.58 20.75
C THR H 468 -15.29 -62.79 19.49
N ILE H 469 -14.29 -63.67 19.59
CA ILE H 469 -13.37 -63.94 18.49
C ILE H 469 -13.43 -65.44 18.19
N ASN H 470 -13.04 -65.80 16.97
CA ASN H 470 -12.91 -67.21 16.63
C ASN H 470 -11.44 -67.60 16.75
N PRO H 471 -11.03 -68.25 17.84
CA PRO H 471 -9.60 -68.47 18.08
C PRO H 471 -8.93 -69.32 17.01
N MET H 472 -9.67 -70.13 16.26
CA MET H 472 -9.03 -70.91 15.22
C MET H 472 -8.54 -70.02 14.09
N THR H 473 -9.30 -68.97 13.77
CA THR H 473 -8.89 -68.00 12.77
C THR H 473 -8.54 -66.64 13.36
N ASN H 474 -8.72 -66.46 14.68
CA ASN H 474 -8.41 -65.19 15.36
C ASN H 474 -9.13 -64.01 14.71
N ALA H 475 -10.32 -64.26 14.18
CA ALA H 475 -11.09 -63.22 13.50
C ALA H 475 -12.57 -63.50 13.71
N GLN H 476 -13.37 -62.45 13.61
CA GLN H 476 -14.81 -62.58 13.70
C GLN H 476 -15.42 -62.90 12.34
N SER H 477 -14.92 -63.97 11.72
CA SER H 477 -15.38 -64.38 10.40
C SER H 477 -15.05 -65.87 10.24
N CYS H 478 -15.52 -66.44 9.13
CA CYS H 478 -15.26 -67.83 8.84
C CYS H 478 -14.16 -67.96 7.80
N PRO H 479 -13.36 -69.03 7.85
CA PRO H 479 -12.25 -69.18 6.90
C PRO H 479 -12.74 -69.33 5.47
N ALA H 480 -11.80 -69.37 4.52
CA ALA H 480 -12.17 -69.53 3.12
C ALA H 480 -12.83 -70.88 2.90
N GLY H 481 -13.83 -70.91 2.03
CA GLY H 481 -14.58 -72.13 1.80
C GLY H 481 -15.52 -72.51 2.92
N TYR H 482 -15.76 -71.60 3.87
CA TYR H 482 -16.64 -71.85 4.99
C TYR H 482 -17.86 -70.97 4.88
N ILE H 483 -18.97 -71.47 5.42
CA ILE H 483 -20.25 -70.78 5.40
C ILE H 483 -20.66 -70.53 6.84
N PRO H 484 -21.09 -69.33 7.20
CA PRO H 484 -21.63 -69.10 8.53
C PRO H 484 -23.12 -69.39 8.59
N LEU H 485 -23.52 -70.20 9.56
CA LEU H 485 -24.92 -70.48 9.82
C LEU H 485 -25.32 -69.83 11.14
N ASN H 486 -26.48 -69.19 11.14
CA ASN H 486 -26.98 -68.54 12.35
C ASN H 486 -27.45 -69.63 13.31
N LEU H 487 -27.00 -69.55 14.56
CA LEU H 487 -27.38 -70.55 15.54
C LEU H 487 -28.08 -69.96 16.75
N PHE H 488 -27.67 -68.76 17.18
CA PHE H 488 -28.40 -68.02 18.20
C PHE H 488 -28.72 -66.63 17.67
N GLU H 489 -29.13 -65.74 18.58
CA GLU H 489 -29.32 -64.35 18.17
C GLU H 489 -28.01 -63.72 17.71
N SER H 490 -26.88 -64.15 18.28
CA SER H 490 -25.59 -63.56 17.95
C SER H 490 -24.49 -64.57 17.68
N LEU H 491 -24.80 -65.85 17.53
CA LEU H 491 -23.79 -66.88 17.32
C LEU H 491 -23.83 -67.40 15.89
N LYS H 492 -22.68 -67.43 15.25
CA LYS H 492 -22.52 -67.95 13.90
C LYS H 492 -21.54 -69.12 13.92
N VAL H 493 -21.86 -70.17 13.17
CA VAL H 493 -21.03 -71.36 13.09
C VAL H 493 -20.41 -71.43 11.71
N CYS H 494 -19.12 -71.76 11.66
CA CYS H 494 -18.39 -71.87 10.40
C CYS H 494 -18.35 -73.32 9.97
N VAL H 495 -19.07 -73.65 8.90
CA VAL H 495 -19.22 -75.02 8.44
C VAL H 495 -18.54 -75.15 7.08
N SER H 496 -17.86 -76.27 6.87
CA SER H 496 -17.11 -76.51 5.65
C SER H 496 -17.80 -77.55 4.80
N LEU H 497 -18.01 -77.24 3.52
CA LEU H 497 -18.54 -78.21 2.58
C LEU H 497 -17.44 -79.04 1.95
N ASP H 498 -16.39 -78.41 1.45
CA ASP H 498 -15.28 -79.15 0.86
C ASP H 498 -14.53 -79.93 1.91
N TYR H 499 -14.19 -81.17 1.59
CA TYR H 499 -13.55 -82.05 2.55
C TYR H 499 -12.08 -81.70 2.76
N GLU H 500 -11.36 -81.40 1.67
CA GLU H 500 -9.95 -81.04 1.79
C GLU H 500 -9.78 -79.68 2.44
N LEU H 501 -10.56 -78.69 2.01
CA LEU H 501 -10.45 -77.35 2.59
C LEU H 501 -10.81 -77.38 4.07
N GLY H 502 -11.85 -78.14 4.43
CA GLY H 502 -12.14 -78.31 5.84
C GLY H 502 -11.01 -78.99 6.58
N PHE H 503 -10.50 -80.09 6.02
CA PHE H 503 -9.48 -80.86 6.71
C PHE H 503 -8.22 -80.04 6.95
N LYS H 504 -7.97 -79.08 6.06
CA LYS H 504 -6.88 -78.14 6.28
C LYS H 504 -7.29 -76.92 7.10
N PHE H 505 -8.60 -76.73 7.34
CA PHE H 505 -9.09 -75.58 8.08
C PHE H 505 -10.13 -75.98 9.12
N SER H 506 -9.92 -77.09 9.83
CA SER H 506 -10.88 -77.51 10.85
C SER H 506 -10.13 -78.08 12.04
N VAL H 507 -10.91 -78.38 13.08
CA VAL H 507 -10.42 -78.98 14.31
C VAL H 507 -11.37 -80.12 14.64
N PRO H 508 -10.89 -81.24 15.18
CA PRO H 508 -11.81 -82.31 15.57
C PRO H 508 -12.84 -81.82 16.57
N PHE H 509 -14.07 -82.27 16.39
CA PHE H 509 -15.21 -81.81 17.15
C PHE H 509 -15.75 -82.93 18.03
N GLY H 510 -16.24 -82.57 19.21
CA GLY H 510 -16.70 -83.55 20.17
C GLY H 510 -18.18 -83.49 20.44
N GLY H 511 -18.76 -82.31 20.38
CA GLY H 511 -20.19 -82.15 20.59
C GLY H 511 -20.51 -80.85 21.29
N PHE H 512 -21.80 -80.53 21.31
CA PHE H 512 -22.32 -79.35 21.97
C PHE H 512 -23.08 -79.73 23.23
N PHE H 513 -23.23 -78.76 24.12
CA PHE H 513 -24.07 -78.92 25.30
C PHE H 513 -24.43 -77.55 25.84
N SER H 514 -25.49 -77.51 26.64
CA SER H 514 -26.01 -76.26 27.17
C SER H 514 -25.95 -76.24 28.69
N CYS H 515 -26.48 -75.19 29.31
CA CYS H 515 -26.53 -75.13 30.76
C CYS H 515 -27.62 -76.02 31.32
N ILE H 516 -28.55 -76.46 30.47
CA ILE H 516 -29.67 -77.30 30.90
C ILE H 516 -29.56 -78.71 30.34
N MET H 517 -28.98 -78.89 29.17
CA MET H 517 -28.80 -80.23 28.61
C MET H 517 -27.33 -80.45 28.33
N GLY H 518 -26.78 -81.52 28.92
CA GLY H 518 -25.37 -81.82 28.78
C GLY H 518 -25.07 -82.60 27.51
N ASN H 519 -23.79 -82.95 27.37
CA ASN H 519 -23.31 -83.66 26.19
C ASN H 519 -23.67 -85.13 26.29
N PRO H 520 -24.37 -85.71 25.32
CA PRO H 520 -24.72 -87.13 25.39
C PRO H 520 -23.54 -88.06 25.19
N LEU H 521 -22.40 -87.58 24.69
CA LEU H 521 -21.26 -88.42 24.40
C LEU H 521 -20.32 -88.58 25.58
N VAL H 522 -20.77 -88.22 26.78
CA VAL H 522 -19.95 -88.43 27.97
C VAL H 522 -19.82 -89.92 28.25
N ASN H 523 -18.81 -90.29 29.01
CA ASN H 523 -18.55 -91.69 29.33
C ASN H 523 -18.36 -91.88 30.84
N ALA H 532 -28.86 -93.41 28.33
CA ALA H 532 -27.49 -92.89 28.28
C ALA H 532 -27.40 -91.54 28.97
N PRO H 533 -26.55 -91.45 30.00
CA PRO H 533 -26.39 -90.17 30.70
C PRO H 533 -25.82 -89.09 29.79
N SER H 534 -26.27 -87.86 30.01
CA SER H 534 -25.80 -86.69 29.27
C SER H 534 -25.24 -85.70 30.27
N LEU H 535 -23.94 -85.73 30.47
CA LEU H 535 -23.26 -84.82 31.39
C LEU H 535 -22.66 -83.65 30.63
N LYS H 536 -22.36 -82.60 31.38
CA LYS H 536 -21.75 -81.39 30.83
C LYS H 536 -20.24 -81.55 30.92
N LYS H 537 -19.69 -82.36 30.02
CA LYS H 537 -18.28 -82.66 30.02
C LYS H 537 -17.86 -83.08 28.62
N CYS H 538 -16.69 -82.64 28.19
CA CYS H 538 -16.18 -83.02 26.88
C CYS H 538 -15.58 -84.43 26.94
N PRO H 539 -16.00 -85.34 26.08
CA PRO H 539 -15.47 -86.71 26.12
C PRO H 539 -14.03 -86.77 25.67
N GLY H 540 -13.31 -87.76 26.21
CA GLY H 540 -11.94 -87.97 25.80
C GLY H 540 -11.06 -86.79 26.14
N GLY H 541 -10.09 -86.52 25.27
CA GLY H 541 -9.16 -85.44 25.49
C GLY H 541 -9.65 -84.12 24.92
N PHE H 542 -10.90 -84.10 24.47
CA PHE H 542 -11.49 -82.87 23.96
C PHE H 542 -11.55 -81.84 25.08
N SER H 543 -11.14 -80.61 24.76
CA SER H 543 -11.16 -79.53 25.72
C SER H 543 -12.52 -78.82 25.69
N GLN H 544 -12.82 -78.10 26.76
CA GLN H 544 -14.08 -77.39 26.91
C GLN H 544 -13.82 -75.89 26.90
N HIS H 545 -14.38 -75.20 25.92
CA HIS H 545 -14.31 -73.75 25.83
C HIS H 545 -15.72 -73.20 25.66
N LEU H 546 -15.94 -72.02 26.24
CA LEU H 546 -17.23 -71.35 26.10
C LEU H 546 -17.49 -70.99 24.65
N ALA H 547 -18.74 -71.17 24.22
CA ALA H 547 -19.18 -70.72 22.92
C ALA H 547 -20.02 -69.45 22.97
N VAL H 548 -21.00 -69.39 23.87
CA VAL H 548 -21.87 -68.23 23.95
C VAL H 548 -22.60 -68.26 25.29
N ILE H 549 -23.14 -67.11 25.69
CA ILE H 549 -23.99 -66.98 26.86
C ILE H 549 -25.32 -66.39 26.39
N SER H 550 -26.38 -67.18 26.49
CA SER H 550 -27.72 -66.75 26.07
C SER H 550 -28.60 -66.67 27.30
N ASP H 551 -28.88 -65.44 27.74
CA ASP H 551 -29.76 -65.17 28.88
C ASP H 551 -29.28 -65.91 30.13
N GLY H 552 -27.97 -65.89 30.34
CA GLY H 552 -27.37 -66.54 31.47
C GLY H 552 -27.15 -68.02 31.31
N CYS H 553 -27.55 -68.61 30.19
CA CYS H 553 -27.31 -70.02 29.92
C CYS H 553 -26.02 -70.16 29.13
N GLN H 554 -25.12 -71.02 29.60
CA GLN H 554 -23.84 -71.22 28.93
C GLN H 554 -24.02 -72.26 27.84
N VAL H 555 -23.46 -71.99 26.67
CA VAL H 555 -23.35 -72.95 25.59
C VAL H 555 -21.88 -73.08 25.24
N SER H 556 -21.39 -74.31 25.18
CA SER H 556 -19.98 -74.57 24.95
C SER H 556 -19.83 -75.63 23.86
N TYR H 557 -18.58 -75.83 23.43
CA TYR H 557 -18.24 -76.84 22.45
C TYR H 557 -17.03 -77.62 22.94
N CYS H 558 -16.71 -78.68 22.23
CA CYS H 558 -15.62 -79.58 22.60
C CYS H 558 -14.68 -79.76 21.42
N VAL H 559 -13.40 -79.42 21.61
CA VAL H 559 -12.38 -79.65 20.62
C VAL H 559 -11.16 -80.23 21.31
N LYS H 560 -10.33 -80.92 20.53
CA LYS H 560 -9.14 -81.56 21.09
C LYS H 560 -8.21 -80.54 21.71
N ALA H 561 -7.72 -80.84 22.91
CA ALA H 561 -6.92 -79.90 23.67
C ALA H 561 -5.55 -79.63 23.06
N GLY H 562 -5.06 -80.52 22.20
CA GLY H 562 -3.73 -80.34 21.65
C GLY H 562 -3.62 -79.24 20.62
N ILE H 563 -4.73 -78.91 19.95
CA ILE H 563 -4.72 -77.89 18.91
C ILE H 563 -4.84 -76.49 19.49
N PHE H 564 -5.54 -76.35 20.61
CA PHE H 564 -5.63 -75.05 21.25
C PHE H 564 -4.42 -74.80 22.13
N THR H 565 -4.04 -73.53 22.24
CA THR H 565 -2.85 -73.11 22.97
C THR H 565 -3.10 -71.71 23.52
N GLY H 566 -2.01 -71.01 23.86
CA GLY H 566 -2.15 -69.63 24.28
C GLY H 566 -2.81 -68.75 23.24
N GLY H 567 -2.48 -68.96 21.96
CA GLY H 567 -3.16 -68.31 20.86
C GLY H 567 -2.52 -67.03 20.37
N SER H 568 -1.66 -66.40 21.19
CA SER H 568 -0.98 -65.19 20.74
C SER H 568 0.02 -65.50 19.64
N LEU H 569 0.66 -66.67 19.71
CA LEU H 569 1.60 -67.12 18.69
C LEU H 569 0.99 -68.29 17.95
N LEU H 570 0.71 -68.10 16.68
CA LEU H 570 0.18 -69.24 15.93
C LEU H 570 1.33 -70.15 15.54
N PRO H 571 1.41 -71.36 16.10
CA PRO H 571 2.54 -72.24 15.77
C PRO H 571 2.49 -72.65 14.31
N VAL H 572 3.66 -72.82 13.71
CA VAL H 572 3.73 -73.34 12.36
C VAL H 572 3.80 -74.85 12.47
N ARG H 573 2.64 -75.48 12.68
CA ARG H 573 2.57 -76.93 12.85
C ARG H 573 2.16 -77.54 11.52
N LEU H 574 3.17 -77.77 10.69
CA LEU H 574 2.98 -78.43 9.41
C LEU H 574 4.02 -79.55 9.36
N PRO H 575 5.23 -79.42 8.78
CA PRO H 575 6.22 -80.47 9.02
C PRO H 575 7.09 -80.13 10.22
N PRO H 576 7.78 -81.11 10.80
CA PRO H 576 7.84 -82.54 10.49
C PRO H 576 6.71 -83.34 11.10
N TYR H 577 6.52 -84.56 10.60
CA TYR H 577 5.54 -85.46 11.16
C TYR H 577 6.18 -86.55 12.00
N THR H 578 7.45 -86.35 12.35
CA THR H 578 8.18 -87.24 13.23
C THR H 578 9.29 -86.45 13.89
N LYS H 579 9.60 -86.82 15.13
CA LYS H 579 10.72 -86.22 15.82
C LYS H 579 12.01 -86.66 15.14
N PRO H 580 13.11 -85.90 15.34
CA PRO H 580 14.36 -86.22 14.65
C PRO H 580 14.75 -87.67 14.84
N PRO H 581 14.76 -88.44 13.76
CA PRO H 581 15.07 -89.87 13.88
C PRO H 581 16.53 -90.10 14.20
N LEU H 582 16.78 -90.89 15.24
CA LEU H 582 18.13 -91.11 15.71
C LEU H 582 18.91 -91.96 14.71
N MET H 583 20.21 -91.72 14.64
CA MET H 583 21.10 -92.55 13.83
C MET H 583 21.13 -93.99 14.38
N THR I 13 28.06 -56.88 16.64
CA THR I 13 26.86 -57.09 15.86
C THR I 13 25.93 -55.91 15.98
N GLY I 14 26.48 -54.71 15.79
CA GLY I 14 25.70 -53.49 15.90
C GLY I 14 25.39 -52.93 14.52
N PHE I 15 24.32 -52.17 14.45
CA PHE I 15 23.87 -51.59 13.20
C PHE I 15 24.31 -50.16 13.03
N GLN I 16 25.16 -49.65 13.91
CA GLN I 16 25.50 -48.23 13.84
C GLN I 16 26.34 -47.92 12.61
N ILE I 17 27.16 -48.87 12.16
CA ILE I 17 27.94 -48.65 10.95
C ILE I 17 27.02 -48.44 9.76
N CYS I 18 26.03 -49.31 9.61
CA CYS I 18 25.09 -49.15 8.50
C CYS I 18 24.30 -47.86 8.64
N LYS I 19 23.87 -47.52 9.85
CA LYS I 19 23.12 -46.28 10.02
C LYS I 19 23.96 -45.08 9.63
N ASN I 20 25.23 -45.08 9.99
CA ASN I 20 26.11 -44.00 9.56
C ASN I 20 26.23 -43.98 8.04
N ALA I 21 26.32 -45.15 7.41
CA ALA I 21 26.46 -45.19 5.97
C ALA I 21 25.17 -44.77 5.28
N LEU I 22 24.04 -45.32 5.69
CA LEU I 22 22.80 -45.18 4.93
C LEU I 22 21.86 -44.12 5.47
N LYS I 23 21.94 -43.79 6.76
CA LYS I 23 21.05 -42.81 7.38
C LYS I 23 19.59 -43.24 7.29
N LEU I 24 19.33 -44.49 7.70
CA LEU I 24 17.99 -45.03 7.71
C LEU I 24 17.70 -45.63 9.07
N PRO I 25 16.44 -45.66 9.49
CA PRO I 25 16.09 -46.39 10.71
C PRO I 25 16.18 -47.88 10.49
N VAL I 26 16.31 -48.60 11.57
CA VAL I 26 16.30 -50.07 11.50
C VAL I 26 14.90 -50.55 11.81
N LEU I 27 14.43 -51.53 11.05
CA LEU I 27 13.12 -52.11 11.30
C LEU I 27 13.09 -52.69 12.71
N GLU I 28 12.27 -52.10 13.57
CA GLU I 28 12.34 -52.41 14.99
C GLU I 28 11.66 -53.70 15.37
N VAL I 29 10.86 -54.29 14.49
CA VAL I 29 10.18 -55.55 14.78
C VAL I 29 10.87 -56.64 14.00
N LEU I 30 11.47 -57.59 14.72
CA LEU I 30 12.31 -58.59 14.09
C LEU I 30 12.02 -59.97 14.66
N PRO I 31 12.11 -60.99 13.85
CA PRO I 31 11.93 -62.35 14.36
C PRO I 31 13.20 -62.87 14.97
N GLY I 32 13.24 -64.17 15.28
CA GLY I 32 14.42 -64.75 15.84
C GLY I 32 14.57 -64.55 17.33
N GLY I 33 13.54 -64.02 18.00
CA GLY I 33 13.56 -63.85 19.43
C GLY I 33 12.80 -64.96 20.12
N GLY I 34 13.09 -65.10 21.40
CA GLY I 34 12.34 -66.02 22.23
C GLY I 34 10.93 -65.53 22.47
N TRP I 35 10.06 -66.44 22.86
CA TRP I 35 8.68 -66.09 23.09
C TRP I 35 8.09 -67.01 24.15
N ASP I 36 7.57 -66.40 25.21
CA ASP I 36 6.95 -67.15 26.29
C ASP I 36 5.50 -67.41 25.92
N ASN I 37 5.22 -68.60 25.42
CA ASN I 37 3.88 -68.91 24.95
C ASN I 37 2.85 -68.86 26.06
N LEU I 38 3.28 -68.89 27.32
CA LEU I 38 2.33 -68.82 28.42
C LEU I 38 1.95 -67.38 28.71
N ARG I 39 2.92 -66.55 29.07
CA ARG I 39 2.65 -65.16 29.40
C ARG I 39 2.54 -64.26 28.18
N ASN I 40 2.82 -64.77 26.98
CA ASN I 40 2.68 -64.01 25.74
C ASN I 40 3.54 -62.76 25.76
N VAL I 41 4.85 -62.95 25.90
CA VAL I 41 5.78 -61.85 26.01
C VAL I 41 7.10 -62.28 25.39
N ASP I 42 7.77 -61.33 24.76
CA ASP I 42 9.08 -61.61 24.16
C ASP I 42 10.10 -61.87 25.25
N MET I 43 10.99 -62.81 25.00
CA MET I 43 11.92 -63.26 26.03
C MET I 43 13.38 -62.98 25.75
N GLY I 44 13.92 -63.42 24.62
CA GLY I 44 15.34 -63.24 24.43
C GLY I 44 15.75 -63.64 23.04
N ARG I 45 16.97 -63.28 22.69
CA ARG I 45 17.47 -63.39 21.33
C ARG I 45 18.01 -64.80 21.14
N VAL I 46 17.32 -65.60 20.33
CA VAL I 46 17.77 -66.95 20.03
C VAL I 46 18.58 -67.01 18.76
N MET I 47 18.03 -66.54 17.65
CA MET I 47 18.82 -66.43 16.44
C MET I 47 19.81 -65.30 16.56
N ASP I 48 20.79 -65.31 15.65
CA ASP I 48 21.85 -64.31 15.67
C ASP I 48 21.52 -63.22 14.65
N LEU I 49 21.52 -61.97 15.10
CA LEU I 49 21.26 -60.84 14.24
C LEU I 49 22.56 -60.09 14.02
N THR I 50 22.99 -60.02 12.77
CA THR I 50 24.20 -59.29 12.41
C THR I 50 23.87 -58.33 11.28
N TYR I 51 24.61 -57.24 11.22
CA TYR I 51 24.39 -56.22 10.20
C TYR I 51 25.67 -56.04 9.39
N THR I 52 26.33 -57.14 9.08
CA THR I 52 27.58 -57.06 8.33
C THR I 52 27.35 -56.53 6.93
N ASN I 53 26.29 -57.00 6.28
CA ASN I 53 26.07 -56.66 4.88
C ASN I 53 25.35 -55.35 4.69
N CYS I 54 24.89 -54.71 5.76
CA CYS I 54 24.08 -53.49 5.68
C CYS I 54 22.88 -53.72 4.77
N LYS I 55 22.21 -54.84 5.00
CA LYS I 55 21.06 -55.20 4.18
C LYS I 55 19.92 -54.22 4.41
N THR I 56 19.12 -54.01 3.38
CA THR I 56 18.05 -53.03 3.40
C THR I 56 16.81 -53.63 2.76
N THR I 57 15.63 -53.19 3.20
CA THR I 57 14.41 -53.54 2.49
C THR I 57 14.44 -52.89 1.11
N GLU I 58 13.83 -53.58 0.14
CA GLU I 58 13.95 -53.15 -1.25
C GLU I 58 13.48 -51.73 -1.44
N ASP I 59 12.47 -51.30 -0.70
CA ASP I 59 11.98 -49.95 -0.87
C ASP I 59 12.93 -48.91 -0.31
N GLY I 60 14.00 -49.34 0.36
CA GLY I 60 14.92 -48.39 0.93
C GLY I 60 14.37 -47.66 2.12
N GLN I 61 13.52 -48.30 2.90
CA GLN I 61 12.90 -47.69 4.07
C GLN I 61 13.57 -48.10 5.38
N TYR I 62 14.02 -49.35 5.49
CA TYR I 62 14.53 -49.87 6.74
C TYR I 62 15.80 -50.68 6.51
N ILE I 63 16.67 -50.66 7.51
CA ILE I 63 17.84 -51.52 7.57
C ILE I 63 17.44 -52.79 8.30
N ILE I 64 17.80 -53.94 7.75
CA ILE I 64 17.42 -55.18 8.39
C ILE I 64 18.65 -56.07 8.58
N PRO I 65 18.64 -56.98 9.55
CA PRO I 65 19.78 -57.88 9.72
C PRO I 65 19.88 -58.85 8.56
N ASP I 66 21.07 -59.42 8.40
CA ASP I 66 21.34 -60.31 7.28
C ASP I 66 20.55 -61.61 7.35
N GLU I 67 19.96 -61.93 8.49
CA GLU I 67 19.33 -63.22 8.68
C GLU I 67 17.83 -63.19 8.47
N VAL I 68 17.29 -62.06 8.03
CA VAL I 68 15.85 -61.93 7.83
C VAL I 68 15.60 -61.40 6.43
N TYR I 69 14.42 -61.69 5.92
CA TYR I 69 13.96 -61.12 4.67
C TYR I 69 12.51 -60.71 4.81
N THR I 70 12.11 -59.69 4.06
CA THR I 70 10.81 -59.07 4.20
C THR I 70 9.99 -59.26 2.95
N ILE I 71 8.74 -59.66 3.12
CA ILE I 71 7.76 -59.67 2.04
C ILE I 71 6.92 -58.40 2.17
N PRO I 72 6.86 -57.56 1.16
CA PRO I 72 6.14 -56.27 1.24
C PRO I 72 4.64 -56.43 1.03
N GLN I 73 3.92 -56.65 2.11
CA GLN I 73 2.48 -56.84 2.04
C GLN I 73 1.75 -55.58 2.48
N LYS I 74 2.02 -54.47 1.82
CA LYS I 74 1.57 -53.19 2.32
C LYS I 74 0.05 -53.10 2.21
N GLU I 75 -0.64 -53.39 3.31
CA GLU I 75 -2.10 -53.48 3.33
C GLU I 75 -2.66 -52.55 4.39
N SER I 76 -3.86 -52.06 4.15
CA SER I 76 -4.57 -51.24 5.13
C SER I 76 -6.03 -51.70 5.14
N ASN I 77 -6.60 -51.82 6.34
CA ASN I 77 -8.02 -52.04 6.48
C ASN I 77 -8.60 -50.91 7.31
N LEU I 78 -9.71 -50.35 6.87
CA LEU I 78 -10.47 -49.35 7.58
C LEU I 78 -11.89 -49.85 7.75
N GLU I 79 -12.42 -49.76 8.96
CA GLU I 79 -13.84 -49.92 9.20
C GLU I 79 -14.32 -48.71 9.98
N MET I 80 -15.36 -48.06 9.49
CA MET I 80 -16.04 -47.01 10.24
C MET I 80 -17.50 -47.39 10.37
N ASN I 81 -18.01 -47.42 11.59
CA ASN I 81 -19.42 -47.64 11.82
C ASN I 81 -19.93 -46.48 12.64
N SER I 82 -20.95 -45.79 12.15
CA SER I 82 -21.60 -44.73 12.91
C SER I 82 -23.07 -45.10 13.02
N GLU I 83 -23.66 -44.79 14.16
CA GLU I 83 -25.06 -45.08 14.41
C GLU I 83 -25.66 -43.98 15.25
N VAL I 84 -26.69 -43.33 14.76
CA VAL I 84 -27.37 -42.26 15.48
C VAL I 84 -28.81 -42.69 15.68
N LEU I 85 -29.28 -42.61 16.92
CA LEU I 85 -30.68 -42.85 17.23
C LEU I 85 -31.21 -41.64 17.96
N GLU I 86 -32.35 -41.14 17.54
CA GLU I 86 -33.01 -40.06 18.25
C GLU I 86 -34.47 -40.40 18.45
N SER I 87 -34.99 -40.04 19.61
CA SER I 87 -36.40 -40.15 19.91
C SER I 87 -36.88 -38.82 20.40
N TRP I 88 -38.06 -38.41 19.96
CA TRP I 88 -38.66 -37.18 20.43
C TRP I 88 -40.13 -37.46 20.65
N MET I 89 -40.59 -37.24 21.87
CA MET I 89 -42.01 -37.36 22.18
C MET I 89 -42.46 -36.08 22.82
N ASN I 90 -43.44 -35.42 22.21
CA ASN I 90 -43.99 -34.19 22.73
C ASN I 90 -45.48 -34.36 22.94
N TYR I 91 -45.99 -33.83 24.04
CA TYR I 91 -47.38 -34.02 24.41
C TYR I 91 -47.90 -32.75 25.06
N GLN I 92 -49.12 -32.37 24.72
CA GLN I 92 -49.75 -31.20 25.33
C GLN I 92 -51.19 -31.54 25.65
N SER I 93 -51.76 -30.84 26.62
CA SER I 93 -53.14 -31.09 27.01
C SER I 93 -53.70 -29.81 27.62
N THR I 94 -54.73 -29.25 27.00
CA THR I 94 -55.37 -28.05 27.51
C THR I 94 -56.85 -28.33 27.69
N THR I 95 -57.33 -28.25 28.92
CA THR I 95 -58.74 -28.40 29.22
C THR I 95 -59.25 -27.11 29.84
N SER I 96 -60.50 -26.78 29.57
CA SER I 96 -61.12 -25.60 30.13
C SER I 96 -62.53 -25.94 30.56
N LEU I 97 -63.11 -25.09 31.40
CA LEU I 97 -64.47 -25.31 31.85
C LEU I 97 -65.00 -23.99 32.39
N SER I 98 -66.01 -23.43 31.74
CA SER I 98 -66.61 -22.18 32.17
C SER I 98 -68.08 -22.41 32.50
N ILE I 99 -68.49 -21.96 33.69
CA ILE I 99 -69.86 -22.09 34.14
C ILE I 99 -70.37 -20.71 34.52
N ASN I 100 -71.43 -20.26 33.87
CA ASN I 100 -72.05 -18.99 34.22
C ASN I 100 -73.50 -19.21 34.63
N THR I 101 -73.85 -18.74 35.82
CA THR I 101 -75.19 -18.85 36.36
C THR I 101 -75.72 -17.46 36.64
N GLU I 102 -76.96 -17.21 36.25
CA GLU I 102 -77.63 -15.95 36.53
C GLU I 102 -79.03 -16.23 37.06
N LEU I 103 -79.46 -15.45 38.03
CA LEU I 103 -80.77 -15.65 38.66
C LEU I 103 -81.33 -14.29 39.05
N ALA I 104 -82.44 -13.91 38.46
CA ALA I 104 -83.13 -12.67 38.81
C ALA I 104 -84.53 -13.02 39.31
N LEU I 105 -84.76 -12.82 40.59
CA LEU I 105 -86.06 -13.07 41.22
C LEU I 105 -86.78 -11.75 41.39
N PHE I 106 -88.07 -11.73 41.03
CA PHE I 106 -88.96 -10.60 41.24
C PHE I 106 -88.48 -9.34 40.56
N SER I 107 -87.59 -9.47 39.58
CA SER I 107 -87.00 -8.35 38.85
C SER I 107 -86.28 -7.37 39.78
N ARG I 108 -85.96 -7.79 40.99
CA ARG I 108 -85.18 -6.97 41.90
C ARG I 108 -83.94 -7.67 42.43
N VAL I 109 -84.05 -8.94 42.80
CA VAL I 109 -82.95 -9.67 43.42
C VAL I 109 -82.15 -10.33 42.31
N ASN I 110 -80.95 -9.82 42.05
CA ASN I 110 -80.08 -10.34 41.00
C ASN I 110 -78.94 -11.15 41.61
N GLY I 111 -78.49 -12.15 40.89
CA GLY I 111 -77.36 -12.95 41.31
C GLY I 111 -76.61 -13.54 40.13
N LYS I 112 -75.29 -13.48 40.16
CA LYS I 112 -74.44 -14.03 39.12
C LYS I 112 -73.35 -14.87 39.76
N PHE I 113 -72.92 -15.91 39.06
CA PHE I 113 -71.94 -16.87 39.59
C PHE I 113 -71.19 -17.44 38.39
N SER I 114 -70.01 -16.90 38.11
CA SER I 114 -69.27 -17.29 36.93
C SER I 114 -67.90 -17.82 37.33
N THR I 115 -67.67 -19.10 37.06
CA THR I 115 -66.41 -19.74 37.38
C THR I 115 -65.77 -20.24 36.10
N GLU I 116 -64.46 -20.43 36.15
CA GLU I 116 -63.70 -20.86 34.99
C GLU I 116 -62.43 -21.56 35.45
N PHE I 117 -62.34 -22.86 35.19
CA PHE I 117 -61.13 -23.62 35.45
C PHE I 117 -60.40 -23.85 34.13
N GLN I 118 -59.08 -23.94 34.20
CA GLN I 118 -58.27 -24.12 33.01
C GLN I 118 -56.98 -24.82 33.40
N ARG I 119 -56.69 -25.93 32.74
CA ARG I 119 -55.49 -26.72 33.02
C ARG I 119 -54.72 -26.90 31.71
N MET I 120 -53.43 -26.60 31.75
CA MET I 120 -52.55 -26.84 30.63
C MET I 120 -51.40 -27.72 31.12
N LYS I 121 -50.98 -28.65 30.27
CA LYS I 121 -49.94 -29.60 30.63
C LYS I 121 -49.07 -29.82 29.41
N THR I 122 -47.77 -29.95 29.61
CA THR I 122 -46.82 -30.13 28.53
C THR I 122 -45.75 -31.11 28.98
N LEU I 123 -45.41 -32.06 28.11
CA LEU I 123 -44.34 -32.99 28.35
C LEU I 123 -43.48 -33.09 27.11
N GLN I 124 -42.16 -33.13 27.30
CA GLN I 124 -41.25 -33.32 26.20
C GLN I 124 -40.17 -34.28 26.64
N VAL I 125 -39.87 -35.26 25.81
CA VAL I 125 -38.80 -36.20 26.05
C VAL I 125 -37.96 -36.27 24.79
N LYS I 126 -36.65 -36.16 24.95
CA LYS I 126 -35.75 -36.17 23.80
C LYS I 126 -34.54 -37.02 24.13
N ASP I 127 -34.29 -38.05 23.35
CA ASP I 127 -33.16 -38.94 23.55
C ASP I 127 -32.28 -38.95 22.32
N GLN I 128 -30.98 -38.91 22.54
CA GLN I 128 -30.02 -39.10 21.46
C GLN I 128 -29.01 -40.13 21.91
N ALA I 129 -28.63 -41.02 21.00
CA ALA I 129 -27.58 -41.99 21.25
C ALA I 129 -26.74 -42.07 20.00
N VAL I 130 -25.52 -41.55 20.07
CA VAL I 130 -24.57 -41.59 18.97
C VAL I 130 -23.51 -42.62 19.34
N THR I 131 -23.15 -43.45 18.38
CA THR I 131 -22.15 -44.48 18.61
C THR I 131 -21.25 -44.58 17.38
N THR I 132 -19.98 -44.30 17.58
CA THR I 132 -18.99 -44.27 16.51
C THR I 132 -17.91 -45.29 16.82
N ARG I 133 -17.42 -45.95 15.78
CA ARG I 133 -16.33 -46.90 15.93
C ARG I 133 -15.45 -46.84 14.70
N VAL I 134 -14.17 -46.60 14.90
CA VAL I 134 -13.19 -46.52 13.83
C VAL I 134 -12.14 -47.58 14.09
N GLN I 135 -11.73 -48.29 13.06
CA GLN I 135 -10.78 -49.37 13.24
C GLN I 135 -9.83 -49.39 12.07
N VAL I 136 -8.56 -49.11 12.33
CA VAL I 136 -7.51 -49.07 11.31
C VAL I 136 -6.53 -50.19 11.57
N ARG I 137 -6.10 -50.86 10.52
CA ARG I 137 -5.12 -51.93 10.68
C ARG I 137 -4.21 -51.92 9.48
N ASN I 138 -2.98 -51.43 9.66
CA ASN I 138 -1.95 -51.46 8.63
C ASN I 138 -1.05 -52.65 8.89
N ARG I 139 -0.78 -53.42 7.85
CA ARG I 139 0.23 -54.47 7.90
C ARG I 139 1.20 -54.18 6.77
N ILE I 140 2.41 -53.75 7.11
CA ILE I 140 3.32 -53.28 6.08
C ILE I 140 4.17 -54.42 5.56
N TYR I 141 4.99 -55.00 6.41
CA TYR I 141 5.94 -56.03 6.01
C TYR I 141 5.60 -57.33 6.69
N THR I 142 6.18 -58.40 6.18
CA THR I 142 6.25 -59.68 6.89
C THR I 142 7.70 -60.07 6.93
N VAL I 143 8.28 -60.10 8.13
CA VAL I 143 9.69 -60.36 8.32
C VAL I 143 9.86 -61.81 8.74
N LYS I 144 10.70 -62.54 8.04
CA LYS I 144 10.94 -63.95 8.34
C LYS I 144 12.42 -64.20 8.50
N THR I 145 12.78 -65.17 9.33
CA THR I 145 14.17 -65.56 9.48
C THR I 145 14.61 -66.38 8.28
N THR I 146 15.81 -66.12 7.82
CA THR I 146 16.40 -66.92 6.76
C THR I 146 16.56 -68.35 7.23
N PRO I 147 16.28 -69.34 6.39
CA PRO I 147 16.44 -70.73 6.84
C PRO I 147 17.85 -71.10 7.22
N THR I 148 18.85 -70.35 6.78
CA THR I 148 20.25 -70.63 7.10
C THR I 148 20.72 -69.87 8.33
N SER I 149 19.80 -69.46 9.20
CA SER I 149 20.17 -68.65 10.34
C SER I 149 20.91 -69.48 11.38
N GLU I 150 21.67 -68.79 12.21
CA GLU I 150 22.48 -69.41 13.26
C GLU I 150 22.02 -68.94 14.63
N LEU I 151 22.24 -69.80 15.62
CA LEU I 151 21.86 -69.48 16.99
C LEU I 151 22.76 -68.37 17.52
N SER I 152 22.21 -67.60 18.44
CA SER I 152 22.94 -66.49 19.01
C SER I 152 24.06 -67.01 19.90
N LEU I 153 24.96 -66.11 20.26
CA LEU I 153 26.08 -66.50 21.12
C LEU I 153 25.58 -66.95 22.49
N GLY I 154 24.72 -66.17 23.12
CA GLY I 154 24.27 -66.50 24.45
C GLY I 154 23.46 -67.79 24.51
N PHE I 155 22.59 -67.98 23.53
CA PHE I 155 21.80 -69.21 23.51
C PHE I 155 22.69 -70.42 23.36
N THR I 156 23.69 -70.34 22.48
CA THR I 156 24.65 -71.42 22.34
C THR I 156 25.39 -71.66 23.65
N LYS I 157 25.79 -70.58 24.32
CA LYS I 157 26.53 -70.73 25.57
C LYS I 157 25.70 -71.45 26.63
N ALA I 158 24.43 -71.07 26.76
CA ALA I 158 23.57 -71.75 27.72
C ALA I 158 23.40 -73.22 27.37
N LEU I 159 23.23 -73.51 26.07
CA LEU I 159 23.11 -74.90 25.67
C LEU I 159 24.37 -75.68 25.98
N MET I 160 25.54 -75.08 25.74
CA MET I 160 26.80 -75.74 26.06
C MET I 160 26.90 -76.00 27.56
N ASP I 161 26.45 -75.06 28.38
CA ASP I 161 26.48 -75.28 29.82
C ASP I 161 25.61 -76.45 30.22
N ILE I 162 24.42 -76.55 29.64
CA ILE I 162 23.56 -77.69 29.94
C ILE I 162 24.22 -78.99 29.49
N CYS I 163 24.84 -78.97 28.31
CA CYS I 163 25.51 -80.17 27.82
C CYS I 163 26.62 -80.60 28.75
N ASP I 164 27.42 -79.64 29.23
CA ASP I 164 28.51 -79.97 30.14
C ASP I 164 27.97 -80.51 31.46
N GLN I 165 26.92 -79.91 31.99
CA GLN I 165 26.34 -80.41 33.23
C GLN I 165 25.82 -81.83 33.05
N LEU I 166 25.20 -82.13 31.91
CA LEU I 166 24.78 -83.50 31.64
C LEU I 166 25.99 -84.42 31.53
N GLU I 167 27.04 -83.96 30.88
CA GLU I 167 28.26 -84.75 30.74
C GLU I 167 28.87 -85.08 32.09
N LYS I 168 28.77 -84.17 33.05
CA LYS I 168 29.22 -84.44 34.41
C LYS I 168 28.31 -85.39 35.16
N ASN I 169 27.35 -86.03 34.48
CA ASN I 169 26.47 -87.02 35.08
C ASN I 169 25.74 -86.44 36.30
N GLN I 170 25.40 -85.16 36.19
CA GLN I 170 24.73 -84.45 37.28
C GLN I 170 23.41 -83.91 36.72
N THR I 171 22.35 -84.70 36.86
CA THR I 171 21.06 -84.34 36.31
C THR I 171 20.30 -83.39 37.21
N LYS I 172 20.86 -83.00 38.34
CA LYS I 172 20.15 -82.10 39.22
C LYS I 172 20.22 -80.65 38.75
N MET I 173 21.44 -80.10 38.68
CA MET I 173 21.56 -78.75 38.15
C MET I 173 21.41 -78.70 36.64
N ALA I 174 21.42 -79.85 35.97
CA ALA I 174 21.08 -79.86 34.55
C ALA I 174 19.65 -79.40 34.33
N THR I 175 18.71 -79.96 35.09
CA THR I 175 17.33 -79.55 34.94
C THR I 175 17.11 -78.12 35.42
N TYR I 176 17.81 -77.72 36.48
CA TYR I 176 17.72 -76.33 36.92
C TYR I 176 18.22 -75.39 35.85
N LEU I 177 19.34 -75.73 35.22
CA LEU I 177 19.88 -74.90 34.15
C LEU I 177 18.93 -74.85 32.96
N ALA I 178 18.29 -75.98 32.66
CA ALA I 178 17.31 -76.00 31.58
C ALA I 178 16.12 -75.10 31.90
N GLU I 179 15.65 -75.14 33.14
CA GLU I 179 14.54 -74.26 33.50
C GLU I 179 14.96 -72.80 33.44
N LEU I 180 16.21 -72.51 33.79
CA LEU I 180 16.73 -71.15 33.60
C LEU I 180 16.72 -70.77 32.13
N LEU I 181 17.09 -71.70 31.26
CA LEU I 181 17.01 -71.45 29.83
C LEU I 181 15.60 -71.11 29.42
N ILE I 182 14.63 -71.86 29.93
CA ILE I 182 13.23 -71.59 29.62
C ILE I 182 12.84 -70.21 30.09
N LEU I 183 13.25 -69.85 31.30
CA LEU I 183 12.92 -68.53 31.83
C LEU I 183 13.52 -67.41 30.97
N ASN I 184 14.76 -67.57 30.53
CA ASN I 184 15.40 -66.49 29.79
C ASN I 184 14.92 -66.40 28.36
N TYR I 185 14.69 -67.53 27.69
CA TYR I 185 14.40 -67.52 26.27
C TYR I 185 13.00 -67.99 25.94
N GLY I 186 12.17 -68.23 26.94
CA GLY I 186 10.80 -68.58 26.63
C GLY I 186 10.67 -69.97 26.05
N THR I 187 9.50 -70.23 25.48
CA THR I 187 9.13 -71.55 25.01
C THR I 187 9.33 -71.72 23.51
N HIS I 188 8.90 -70.75 22.72
CA HIS I 188 9.03 -70.83 21.28
C HIS I 188 10.04 -69.82 20.79
N VAL I 189 10.37 -69.93 19.51
CA VAL I 189 11.19 -68.94 18.81
C VAL I 189 10.38 -68.40 17.67
N ILE I 190 10.33 -67.08 17.55
CA ILE I 190 9.53 -66.44 16.54
C ILE I 190 10.26 -66.48 15.21
N THR I 191 9.65 -67.13 14.21
CA THR I 191 10.24 -67.19 12.90
C THR I 191 9.65 -66.19 11.93
N SER I 192 8.49 -65.62 12.23
CA SER I 192 7.89 -64.64 11.33
C SER I 192 7.00 -63.70 12.13
N VAL I 193 7.09 -62.42 11.81
CA VAL I 193 6.27 -61.40 12.42
C VAL I 193 5.62 -60.59 11.31
N ASP I 194 4.73 -59.69 11.68
CA ASP I 194 4.09 -58.78 10.75
C ASP I 194 4.27 -57.38 11.27
N ALA I 195 5.20 -56.63 10.68
CA ALA I 195 5.35 -55.24 11.06
C ALA I 195 4.08 -54.49 10.70
N GLY I 196 3.60 -53.65 11.58
CA GLY I 196 2.40 -52.92 11.27
C GLY I 196 1.92 -52.04 12.40
N ALA I 197 0.69 -51.56 12.28
CA ALA I 197 0.12 -50.68 13.29
C ALA I 197 -1.39 -50.90 13.30
N ALA I 198 -2.01 -50.52 14.39
CA ALA I 198 -3.44 -50.71 14.53
C ALA I 198 -4.01 -49.62 15.41
N LEU I 199 -5.30 -49.36 15.26
CA LEU I 199 -5.94 -48.27 15.98
C LEU I 199 -7.42 -48.57 16.12
N VAL I 200 -7.97 -48.32 17.29
CA VAL I 200 -9.40 -48.49 17.52
C VAL I 200 -9.89 -47.28 18.27
N GLN I 201 -10.95 -46.66 17.77
CA GLN I 201 -11.64 -45.61 18.51
C GLN I 201 -13.08 -46.03 18.69
N GLU I 202 -13.60 -45.85 19.90
CA GLU I 202 -15.01 -46.02 20.16
C GLU I 202 -15.51 -44.75 20.81
N ASP I 203 -16.73 -44.36 20.51
CA ASP I 203 -17.31 -43.12 20.99
C ASP I 203 -18.79 -43.33 21.24
N HIS I 204 -19.25 -42.97 22.42
CA HIS I 204 -20.67 -43.05 22.77
C HIS I 204 -21.09 -41.70 23.30
N VAL I 205 -22.26 -41.25 22.88
CA VAL I 205 -22.89 -40.05 23.42
C VAL I 205 -24.33 -40.39 23.70
N ARG I 206 -24.80 -40.08 24.90
CA ARG I 206 -26.19 -40.26 25.26
C ARG I 206 -26.70 -38.97 25.87
N SER I 207 -27.76 -38.42 25.30
CA SER I 207 -28.39 -37.23 25.82
C SER I 207 -29.85 -37.54 26.11
N SER I 208 -30.31 -37.15 27.28
CA SER I 208 -31.71 -37.27 27.65
C SER I 208 -32.18 -35.92 28.15
N PHE I 209 -33.31 -35.47 27.63
CA PHE I 209 -33.89 -34.20 28.04
C PHE I 209 -35.35 -34.42 28.33
N LEU I 210 -35.79 -33.99 29.50
CA LEU I 210 -37.16 -34.14 29.93
C LEU I 210 -37.68 -32.81 30.42
N LEU I 211 -38.85 -32.43 29.93
CA LEU I 211 -39.47 -31.17 30.32
C LEU I 211 -40.90 -31.44 30.68
N ASP I 212 -41.36 -30.84 31.78
CA ASP I 212 -42.69 -31.11 32.32
C ASP I 212 -43.25 -29.81 32.84
N ASN I 213 -44.25 -29.27 32.17
CA ASN I 213 -44.80 -27.97 32.49
C ASN I 213 -46.28 -28.10 32.79
N GLN I 214 -46.75 -27.33 33.76
CA GLN I 214 -48.17 -27.32 34.12
C GLN I 214 -48.60 -25.90 34.40
N ASN I 215 -49.78 -25.54 33.92
CA ASN I 215 -50.41 -24.28 34.25
C ASN I 215 -51.82 -24.57 34.76
N SER I 216 -52.23 -23.87 35.79
CA SER I 216 -53.56 -24.08 36.36
C SER I 216 -54.14 -22.73 36.72
N GLN I 217 -55.32 -22.42 36.21
CA GLN I 217 -55.94 -21.12 36.42
C GLN I 217 -57.40 -21.29 36.80
N ASN I 218 -57.78 -20.71 37.93
CA ASN I 218 -59.17 -20.69 38.37
C ASN I 218 -59.62 -19.25 38.47
N THR I 219 -60.86 -18.99 38.07
CA THR I 219 -61.48 -17.69 38.19
C THR I 219 -62.89 -17.87 38.74
N VAL I 220 -63.26 -17.05 39.72
CA VAL I 220 -64.59 -17.06 40.30
C VAL I 220 -65.05 -15.62 40.41
N THR I 221 -66.30 -15.36 40.03
CA THR I 221 -66.90 -14.03 40.16
C THR I 221 -68.34 -14.22 40.60
N ALA I 222 -68.66 -13.78 41.82
CA ALA I 222 -69.98 -13.97 42.39
C ALA I 222 -70.57 -12.60 42.71
N SER I 223 -71.66 -12.25 42.05
CA SER I 223 -72.33 -10.97 42.25
C SER I 223 -73.73 -11.20 42.79
N ALA I 224 -74.25 -10.22 43.51
CA ALA I 224 -75.59 -10.31 44.10
C ALA I 224 -76.07 -8.91 44.41
N GLY I 225 -77.18 -8.51 43.80
CA GLY I 225 -77.71 -7.18 44.02
C GLY I 225 -79.17 -7.15 44.37
N ILE I 226 -79.50 -6.68 45.58
CA ILE I 226 -80.88 -6.49 46.01
C ILE I 226 -81.20 -5.01 45.79
N ALA I 227 -82.12 -4.73 44.87
CA ALA I 227 -82.49 -3.37 44.52
C ALA I 227 -83.98 -3.20 44.67
N PHE I 228 -84.40 -2.58 45.78
CA PHE I 228 -85.80 -2.23 46.00
C PHE I 228 -86.17 -1.03 45.12
N LEU I 229 -87.34 -0.45 45.39
CA LEU I 229 -87.81 0.72 44.65
C LEU I 229 -87.30 1.99 45.31
N ASN I 230 -86.00 2.23 45.11
CA ASN I 230 -85.36 3.48 45.52
C ASN I 230 -85.47 3.73 47.02
N ILE I 231 -85.51 2.65 47.81
CA ILE I 231 -85.42 2.73 49.26
C ILE I 231 -84.17 2.04 49.78
N VAL I 232 -83.86 0.85 49.25
CA VAL I 232 -82.69 0.10 49.67
C VAL I 232 -81.99 -0.42 48.42
N ASN I 233 -80.67 -0.26 48.38
CA ASN I 233 -79.84 -0.85 47.33
C ASN I 233 -78.65 -1.50 48.00
N PHE I 234 -78.36 -2.75 47.65
CA PHE I 234 -77.31 -3.53 48.30
C PHE I 234 -76.67 -4.41 47.25
N LYS I 235 -75.49 -4.01 46.77
CA LYS I 235 -74.83 -4.71 45.68
C LYS I 235 -73.48 -5.22 46.15
N VAL I 236 -73.25 -6.53 46.00
CA VAL I 236 -72.06 -7.19 46.52
C VAL I 236 -71.46 -8.04 45.40
N GLU I 237 -70.21 -7.79 45.04
CA GLU I 237 -69.51 -8.64 44.07
C GLU I 237 -68.14 -9.02 44.60
N THR I 238 -67.81 -10.30 44.48
CA THR I 238 -66.51 -10.82 44.87
C THR I 238 -65.84 -11.43 43.64
N ASP I 239 -64.53 -11.25 43.55
CA ASP I 239 -63.72 -11.82 42.49
C ASP I 239 -62.61 -12.67 43.10
N TYR I 240 -62.10 -13.62 42.33
CA TYR I 240 -61.08 -14.52 42.84
C TYR I 240 -60.34 -15.13 41.65
N ILE I 241 -59.06 -14.84 41.54
CA ILE I 241 -58.23 -15.40 40.48
C ILE I 241 -57.11 -16.20 41.13
N SER I 242 -56.68 -17.28 40.47
CA SER I 242 -55.61 -18.13 41.00
C SER I 242 -54.87 -18.74 39.82
N GLN I 243 -53.66 -18.29 39.56
CA GLN I 243 -52.83 -18.85 38.50
C GLN I 243 -51.59 -19.47 39.10
N THR I 244 -51.28 -20.69 38.68
CA THR I 244 -50.07 -21.36 39.10
C THR I 244 -49.38 -21.91 37.87
N SER I 245 -48.05 -21.91 37.89
CA SER I 245 -47.25 -22.55 36.85
C SER I 245 -46.17 -23.36 37.52
N LEU I 246 -45.72 -24.41 36.84
CA LEU I 246 -44.70 -25.28 37.39
C LEU I 246 -44.01 -25.98 36.25
N THR I 247 -42.76 -25.60 35.96
CA THR I 247 -41.99 -26.22 34.90
C THR I 247 -40.77 -26.88 35.49
N LYS I 248 -40.52 -28.12 35.09
CA LYS I 248 -39.38 -28.89 35.56
C LYS I 248 -38.60 -29.36 34.34
N ASP I 249 -37.30 -29.09 34.34
CA ASP I 249 -36.43 -29.60 33.29
C ASP I 249 -35.49 -30.63 33.88
N TYR I 250 -34.88 -31.41 33.00
CA TYR I 250 -33.89 -32.38 33.41
C TYR I 250 -33.05 -32.73 32.20
N LEU I 251 -31.75 -32.54 32.29
CA LEU I 251 -30.85 -32.78 31.18
C LEU I 251 -29.77 -33.74 31.62
N SER I 252 -29.32 -34.59 30.71
CA SER I 252 -28.34 -35.60 31.07
C SER I 252 -27.48 -35.89 29.84
N ASN I 253 -26.20 -35.59 29.91
CA ASN I 253 -25.24 -35.93 28.87
C ASN I 253 -24.26 -36.95 29.40
N ARG I 254 -23.86 -37.90 28.57
CA ARG I 254 -22.87 -38.90 28.95
C ARG I 254 -22.08 -39.27 27.71
N THR I 255 -20.81 -38.92 27.68
CA THR I 255 -19.95 -39.20 26.53
C THR I 255 -18.78 -40.04 27.00
N ASN I 256 -18.52 -41.13 26.29
CA ASN I 256 -17.37 -41.98 26.56
C ASN I 256 -16.56 -42.12 25.29
N SER I 257 -15.28 -41.81 25.35
CA SER I 257 -14.37 -42.05 24.25
C SER I 257 -13.32 -43.03 24.72
N ARG I 258 -12.93 -43.96 23.86
CA ARG I 258 -11.90 -44.91 24.20
C ARG I 258 -11.05 -45.16 22.96
N VAL I 259 -9.76 -44.87 23.06
CA VAL I 259 -8.84 -45.03 21.95
C VAL I 259 -7.77 -46.00 22.37
N GLN I 260 -7.49 -46.98 21.52
CA GLN I 260 -6.49 -47.98 21.79
C GLN I 260 -5.61 -48.11 20.57
N SER I 261 -4.32 -47.84 20.72
CA SER I 261 -3.40 -47.75 19.61
C SER I 261 -2.28 -48.76 19.78
N PHE I 262 -1.80 -49.30 18.68
CA PHE I 262 -0.63 -50.17 18.67
C PHE I 262 0.29 -49.69 17.56
N GLY I 263 1.41 -49.10 17.93
CA GLY I 263 2.31 -48.60 16.92
C GLY I 263 1.89 -47.24 16.46
N GLY I 264 2.78 -46.52 15.81
CA GLY I 264 2.48 -45.18 15.36
C GLY I 264 2.76 -44.17 16.46
N VAL I 265 2.47 -42.92 16.13
CA VAL I 265 2.68 -41.81 17.06
C VAL I 265 1.77 -42.01 18.27
N PRO I 266 2.15 -41.57 19.47
CA PRO I 266 1.19 -41.53 20.57
C PRO I 266 -0.05 -40.76 20.18
N PHE I 267 -1.22 -41.33 20.47
CA PHE I 267 -2.47 -40.75 20.03
C PHE I 267 -2.86 -39.58 20.91
N TYR I 268 -3.42 -38.56 20.30
CA TYR I 268 -4.04 -37.47 21.03
C TYR I 268 -5.35 -37.12 20.35
N PRO I 269 -6.32 -36.59 21.08
CA PRO I 269 -7.68 -36.48 20.54
C PRO I 269 -7.80 -35.70 19.25
N GLY I 270 -7.05 -34.62 19.10
CA GLY I 270 -7.24 -33.77 17.95
C GLY I 270 -6.56 -34.25 16.69
N ILE I 271 -6.02 -35.46 16.74
CA ILE I 271 -5.24 -36.00 15.64
C ILE I 271 -6.21 -36.50 14.58
N THR I 272 -5.76 -36.45 13.34
CA THR I 272 -6.53 -36.94 12.21
C THR I 272 -5.91 -38.21 11.68
N LEU I 273 -6.76 -39.09 11.15
CA LEU I 273 -6.24 -40.35 10.64
C LEU I 273 -5.20 -40.14 9.56
N GLU I 274 -5.24 -39.02 8.84
CA GLU I 274 -4.15 -38.72 7.92
C GLU I 274 -2.83 -38.57 8.65
N THR I 275 -2.84 -37.77 9.72
CA THR I 275 -1.61 -37.57 10.49
C THR I 275 -1.14 -38.85 11.13
N TRP I 276 -2.06 -39.66 11.63
CA TRP I 276 -1.66 -40.92 12.25
C TRP I 276 -1.12 -41.90 11.23
N GLN I 277 -1.76 -41.99 10.07
CA GLN I 277 -1.31 -42.93 9.05
C GLN I 277 0.02 -42.50 8.46
N LYS I 278 0.28 -41.21 8.37
CA LYS I 278 1.57 -40.75 7.88
C LYS I 278 2.67 -40.82 8.93
N GLY I 279 2.34 -41.18 10.16
CA GLY I 279 3.31 -41.16 11.23
C GLY I 279 3.83 -42.51 11.65
N ILE I 280 3.41 -43.57 10.97
CA ILE I 280 3.85 -44.90 11.32
C ILE I 280 5.15 -45.27 10.62
N THR I 281 5.78 -44.30 9.96
CA THR I 281 6.90 -44.62 9.10
C THR I 281 8.08 -45.18 9.87
N ASN I 282 8.14 -44.95 11.17
CA ASN I 282 9.21 -45.51 11.99
C ASN I 282 8.71 -46.25 13.20
N HIS I 283 7.47 -46.04 13.61
CA HIS I 283 6.91 -46.67 14.80
C HIS I 283 6.05 -47.85 14.36
N LEU I 284 6.69 -48.95 13.99
CA LEU I 284 5.96 -50.15 13.57
C LEU I 284 6.08 -51.18 14.67
N VAL I 285 5.03 -51.96 14.85
CA VAL I 285 4.93 -52.89 15.96
C VAL I 285 4.54 -54.25 15.42
N ALA I 286 5.07 -55.31 16.02
CA ALA I 286 4.64 -56.66 15.68
C ALA I 286 3.17 -56.82 15.98
N ILE I 287 2.36 -56.95 14.93
CA ILE I 287 0.93 -57.15 15.12
C ILE I 287 0.53 -58.61 15.01
N ASP I 288 1.42 -59.48 14.56
CA ASP I 288 1.12 -60.89 14.43
C ASP I 288 2.43 -61.64 14.32
N ARG I 289 2.47 -62.84 14.86
CA ARG I 289 3.72 -63.59 14.91
C ARG I 289 3.45 -65.07 14.85
N ALA I 290 4.41 -65.81 14.30
CA ALA I 290 4.37 -67.26 14.24
C ALA I 290 5.75 -67.80 14.56
N GLY I 291 5.81 -68.98 15.17
CA GLY I 291 7.08 -69.50 15.64
C GLY I 291 7.08 -71.01 15.70
N LEU I 292 8.17 -71.52 16.26
CA LEU I 292 8.39 -72.95 16.38
C LEU I 292 8.86 -73.30 17.78
N PRO I 293 8.57 -74.50 18.25
CA PRO I 293 8.99 -74.88 19.60
C PRO I 293 10.50 -74.86 19.75
N LEU I 294 10.94 -74.72 20.99
CA LEU I 294 12.37 -74.61 21.24
C LEU I 294 13.13 -75.86 20.82
N HIS I 295 12.61 -77.03 21.16
CA HIS I 295 13.35 -78.26 20.86
C HIS I 295 13.54 -78.46 19.37
N PHE I 296 12.79 -77.73 18.55
CA PHE I 296 12.94 -77.85 17.12
C PHE I 296 14.28 -77.29 16.64
N PHE I 297 14.87 -76.37 17.40
CA PHE I 297 16.14 -75.77 17.00
C PHE I 297 17.35 -76.43 17.63
N ILE I 298 17.15 -77.43 18.49
CA ILE I 298 18.27 -78.12 19.10
C ILE I 298 18.59 -79.33 18.23
N LYS I 299 19.42 -79.13 17.22
CA LYS I 299 19.69 -80.11 16.20
C LYS I 299 21.20 -80.25 16.01
N PRO I 300 21.66 -81.44 15.64
CA PRO I 300 23.12 -81.63 15.52
C PRO I 300 23.77 -80.68 14.54
N ASP I 301 23.11 -80.40 13.43
CA ASP I 301 23.66 -79.50 12.42
C ASP I 301 23.65 -78.05 12.86
N LYS I 302 22.81 -77.71 13.84
CA LYS I 302 22.70 -76.34 14.31
C LYS I 302 23.70 -76.01 15.40
N LEU I 303 24.28 -77.03 16.03
CA LEU I 303 25.28 -76.88 17.09
C LEU I 303 26.54 -77.61 16.69
N PRO I 304 27.49 -76.95 16.02
CA PRO I 304 28.73 -77.64 15.62
C PRO I 304 29.54 -78.16 16.79
N GLY I 305 29.55 -77.45 17.93
CA GLY I 305 30.45 -77.81 19.01
C GLY I 305 30.11 -79.15 19.65
N LEU I 306 28.86 -79.57 19.54
CA LEU I 306 28.60 -80.79 20.30
C LEU I 306 28.30 -81.96 19.37
N PRO I 307 28.60 -83.19 19.80
CA PRO I 307 28.30 -84.36 18.98
C PRO I 307 26.81 -84.67 18.97
N GLY I 308 26.42 -85.45 17.96
CA GLY I 308 25.03 -85.76 17.71
C GLY I 308 24.30 -86.46 18.84
N PRO I 309 24.86 -87.57 19.34
CA PRO I 309 24.22 -88.23 20.49
C PRO I 309 24.06 -87.34 21.69
N LEU I 310 24.99 -86.43 21.93
CA LEU I 310 24.85 -85.49 23.03
C LEU I 310 23.73 -84.49 22.79
N VAL I 311 23.64 -83.94 21.58
CA VAL I 311 22.59 -82.95 21.34
C VAL I 311 21.23 -83.61 21.35
N LYS I 312 21.15 -84.90 21.02
CA LYS I 312 19.88 -85.59 21.13
C LYS I 312 19.38 -85.61 22.57
N LYS I 313 20.27 -85.97 23.50
CA LYS I 313 19.90 -85.96 24.91
C LYS I 313 19.63 -84.55 25.40
N LEU I 314 20.39 -83.57 24.90
CA LEU I 314 20.16 -82.18 25.26
C LEU I 314 18.78 -81.73 24.85
N SER I 315 18.37 -82.08 23.63
CA SER I 315 17.04 -81.73 23.17
C SER I 315 15.99 -82.42 24.01
N LYS I 316 16.23 -83.68 24.37
CA LYS I 316 15.26 -84.40 25.20
C LYS I 316 15.07 -83.70 26.54
N THR I 317 16.17 -83.33 27.19
CA THR I 317 16.03 -82.71 28.49
C THR I 317 15.43 -81.32 28.40
N VAL I 318 15.75 -80.57 27.34
CA VAL I 318 15.12 -79.26 27.17
C VAL I 318 13.62 -79.43 26.97
N GLU I 319 13.22 -80.39 26.15
CA GLU I 319 11.80 -80.58 25.89
C GLU I 319 11.07 -81.03 27.15
N THR I 320 11.69 -81.89 27.96
CA THR I 320 11.03 -82.28 29.20
C THR I 320 10.99 -81.12 30.18
N ALA I 321 11.98 -80.23 30.15
CA ALA I 321 11.90 -79.02 30.96
C ALA I 321 10.72 -78.17 30.52
N VAL I 322 10.52 -78.04 29.21
CA VAL I 322 9.37 -77.29 28.70
C VAL I 322 8.08 -77.95 29.17
N ARG I 323 8.01 -79.28 29.10
CA ARG I 323 6.81 -79.97 29.49
C ARG I 323 6.50 -79.76 30.96
N HIS I 324 7.54 -79.82 31.82
CA HIS I 324 7.34 -79.53 33.23
C HIS I 324 6.87 -78.10 33.44
N TYR I 325 7.48 -77.15 32.73
CA TYR I 325 7.09 -75.76 32.82
C TYR I 325 5.63 -75.56 32.43
N TYR I 326 5.18 -76.27 31.41
CA TYR I 326 3.77 -76.21 31.03
C TYR I 326 2.88 -76.83 32.09
N THR I 327 3.23 -78.04 32.56
CA THR I 327 2.36 -78.76 33.47
C THR I 327 2.19 -78.04 34.79
N PHE I 328 3.25 -77.41 35.30
CA PHE I 328 3.13 -76.71 36.57
C PHE I 328 2.11 -75.59 36.48
N ASN I 329 2.07 -74.90 35.34
CA ASN I 329 1.21 -73.73 35.21
C ASN I 329 -0.05 -74.03 34.42
N PHE I 360 -10.44 -76.54 47.65
CA PHE I 360 -11.90 -76.55 47.60
C PHE I 360 -12.37 -76.23 46.18
N THR I 361 -13.65 -76.47 45.92
CA THR I 361 -14.21 -76.20 44.60
C THR I 361 -15.33 -75.17 44.71
N PHE I 362 -15.29 -74.17 43.83
CA PHE I 362 -16.23 -73.06 43.82
C PHE I 362 -17.18 -73.24 42.64
N GLY I 363 -18.43 -73.60 42.92
CA GLY I 363 -19.38 -73.95 41.89
C GLY I 363 -20.14 -72.81 41.27
N GLY I 364 -19.87 -71.57 41.65
CA GLY I 364 -20.49 -70.43 41.03
C GLY I 364 -21.35 -69.64 42.01
N VAL I 365 -21.92 -68.56 41.48
CA VAL I 365 -22.73 -67.63 42.28
C VAL I 365 -24.01 -67.33 41.51
N TYR I 366 -24.99 -66.82 42.25
CA TYR I 366 -26.23 -66.34 41.66
C TYR I 366 -26.84 -65.34 42.62
N GLN I 367 -27.37 -64.25 42.08
CA GLN I 367 -27.93 -63.15 42.88
C GLN I 367 -29.42 -63.06 42.60
N GLU I 368 -30.22 -63.47 43.58
CA GLU I 368 -31.67 -63.37 43.44
C GLU I 368 -32.13 -61.95 43.74
N CYS I 369 -32.99 -61.44 42.86
CA CYS I 369 -33.54 -60.10 43.01
C CYS I 369 -35.05 -60.19 43.09
N THR I 370 -35.64 -59.59 44.12
CA THR I 370 -37.07 -59.57 44.31
C THR I 370 -37.55 -58.12 44.25
N GLU I 371 -38.49 -57.85 43.35
CA GLU I 371 -39.03 -56.50 43.19
C GLU I 371 -40.06 -56.26 44.27
N LEU I 372 -39.83 -55.23 45.10
CA LEU I 372 -40.79 -54.84 46.11
C LEU I 372 -41.70 -53.70 45.65
N SER I 373 -41.26 -52.92 44.67
CA SER I 373 -42.07 -51.81 44.15
C SER I 373 -41.64 -51.56 42.72
N GLY I 374 -42.56 -51.76 41.79
CA GLY I 374 -42.22 -51.66 40.38
C GLY I 374 -41.47 -52.89 39.91
N ASP I 375 -41.01 -52.82 38.66
CA ASP I 375 -40.23 -53.89 38.06
C ASP I 375 -39.04 -53.32 37.31
N VAL I 376 -38.39 -52.32 37.89
CA VAL I 376 -37.32 -51.62 37.21
C VAL I 376 -35.94 -52.01 37.74
N LEU I 377 -35.80 -52.27 39.03
CA LEU I 377 -34.47 -52.53 39.59
C LEU I 377 -33.96 -53.92 39.19
N CYS I 378 -34.81 -54.93 39.29
CA CYS I 378 -34.35 -56.31 39.13
C CYS I 378 -34.02 -56.67 37.69
N GLN I 379 -34.28 -55.79 36.73
CA GLN I 379 -33.88 -56.04 35.36
C GLN I 379 -32.38 -56.09 35.20
N ASN I 380 -31.63 -55.56 36.17
CA ASN I 380 -30.18 -55.56 36.12
C ASN I 380 -29.51 -56.06 37.39
N LEU I 381 -30.25 -56.22 38.48
CA LEU I 381 -29.67 -56.66 39.74
C LEU I 381 -29.74 -58.17 39.92
N GLU I 382 -30.27 -58.89 38.95
CA GLU I 382 -30.37 -60.34 39.03
C GLU I 382 -29.22 -60.98 38.25
N GLN I 383 -28.78 -62.13 38.74
CA GLN I 383 -27.70 -62.86 38.07
C GLN I 383 -27.94 -64.35 38.28
N LYS I 384 -28.24 -65.05 37.19
CA LYS I 384 -28.40 -66.50 37.28
C LYS I 384 -27.04 -67.17 37.43
N ASN I 385 -27.07 -68.43 37.84
CA ASN I 385 -25.85 -69.21 37.87
C ASN I 385 -25.36 -69.49 36.46
N LEU I 386 -24.05 -69.39 36.27
CA LEU I 386 -23.47 -69.63 34.96
C LEU I 386 -23.66 -71.07 34.50
N LEU I 387 -23.46 -72.04 35.39
CA LEU I 387 -23.50 -73.44 35.01
C LEU I 387 -24.91 -73.96 34.79
N THR I 388 -25.90 -73.43 35.51
CA THR I 388 -27.27 -73.92 35.43
C THR I 388 -28.23 -72.97 34.73
N GLY I 389 -27.81 -71.73 34.48
CA GLY I 389 -28.72 -70.76 33.89
C GLY I 389 -29.92 -70.46 34.76
N ASP I 390 -29.74 -70.45 36.08
CA ASP I 390 -30.85 -70.28 37.00
C ASP I 390 -30.31 -69.81 38.34
N PHE I 391 -31.24 -69.43 39.23
CA PHE I 391 -30.87 -68.97 40.57
C PHE I 391 -30.75 -70.18 41.49
N SER I 392 -29.75 -71.01 41.19
CA SER I 392 -29.56 -72.26 41.91
C SER I 392 -28.10 -72.66 41.77
N CYS I 393 -27.74 -73.75 42.44
CA CYS I 393 -26.40 -74.28 42.32
C CYS I 393 -26.39 -75.59 41.56
N PRO I 394 -25.30 -75.91 40.87
CA PRO I 394 -25.22 -77.17 40.14
C PRO I 394 -25.19 -78.34 41.10
N PRO I 395 -25.54 -79.54 40.62
CA PRO I 395 -25.52 -80.70 41.50
C PRO I 395 -24.13 -80.92 42.10
N GLY I 396 -24.11 -81.32 43.37
CA GLY I 396 -22.88 -81.45 44.12
C GLY I 396 -22.48 -80.21 44.88
N TYR I 397 -23.20 -79.11 44.72
CA TYR I 397 -22.87 -77.87 45.42
C TYR I 397 -24.03 -77.43 46.29
N SER I 398 -23.69 -76.87 47.45
CA SER I 398 -24.68 -76.38 48.40
C SER I 398 -24.69 -74.86 48.36
N PRO I 399 -25.82 -74.24 48.00
CA PRO I 399 -25.88 -72.78 48.01
C PRO I 399 -25.59 -72.23 49.40
N VAL I 400 -24.80 -71.15 49.45
CA VAL I 400 -24.43 -70.50 50.69
C VAL I 400 -24.89 -69.05 50.60
N HIS I 401 -25.69 -68.62 51.58
CA HIS I 401 -26.16 -67.24 51.59
C HIS I 401 -24.98 -66.31 51.82
N LEU I 402 -24.67 -65.48 50.84
CA LEU I 402 -23.58 -64.53 51.00
C LEU I 402 -24.06 -63.24 51.64
N LEU I 403 -25.07 -62.61 51.03
CA LEU I 403 -25.62 -61.38 51.60
C LEU I 403 -26.94 -60.96 50.95
N SER I 404 -27.87 -60.46 51.74
CA SER I 404 -29.13 -59.92 51.24
C SER I 404 -29.23 -58.47 51.66
N GLN I 405 -29.50 -57.58 50.71
CA GLN I 405 -29.63 -56.16 50.99
C GLN I 405 -30.67 -55.54 50.08
N THR I 406 -31.24 -54.43 50.55
CA THR I 406 -32.30 -53.72 49.83
C THR I 406 -31.77 -52.44 49.22
N HIS I 407 -32.17 -52.18 47.99
CA HIS I 407 -31.70 -51.03 47.24
C HIS I 407 -32.89 -50.23 46.75
N GLU I 408 -32.80 -48.91 46.86
CA GLU I 408 -33.86 -47.99 46.48
C GLU I 408 -33.36 -47.03 45.41
N GLU I 409 -34.25 -46.64 44.51
CA GLU I 409 -33.88 -45.73 43.43
C GLU I 409 -35.12 -45.01 42.92
N GLY I 410 -35.00 -43.70 42.73
CA GLY I 410 -36.09 -42.91 42.18
C GLY I 410 -36.01 -42.85 40.67
N TYR I 411 -37.16 -43.03 40.03
CA TYR I 411 -37.24 -43.01 38.58
C TYR I 411 -38.57 -42.43 38.15
N SER I 412 -38.57 -41.68 37.06
CA SER I 412 -39.79 -41.13 36.49
C SER I 412 -40.18 -41.97 35.29
N ARG I 413 -41.32 -42.66 35.40
CA ARG I 413 -41.85 -43.46 34.31
C ARG I 413 -42.92 -42.68 33.58
N LEU I 414 -42.80 -42.60 32.27
CA LEU I 414 -43.76 -41.87 31.45
C LEU I 414 -44.67 -42.88 30.76
N GLU I 415 -45.98 -42.71 30.91
CA GLU I 415 -46.93 -43.62 30.27
C GLU I 415 -48.10 -42.84 29.70
N CYS I 416 -48.62 -43.33 28.58
CA CYS I 416 -49.75 -42.70 27.90
C CYS I 416 -50.92 -43.66 27.88
N LYS I 417 -52.09 -43.16 28.25
CA LYS I 417 -53.31 -43.96 28.33
C LYS I 417 -54.44 -43.26 27.59
N LYS I 418 -55.32 -44.05 26.97
CA LYS I 418 -56.45 -43.52 26.22
C LYS I 418 -57.68 -43.58 27.11
N LYS I 419 -58.04 -42.44 27.69
CA LYS I 419 -59.23 -42.36 28.53
C LYS I 419 -60.42 -41.96 27.67
N CYS I 420 -61.49 -42.76 27.78
CA CYS I 420 -62.74 -42.48 27.07
C CYS I 420 -63.84 -42.31 28.11
N THR I 421 -64.29 -41.07 28.29
CA THR I 421 -65.42 -40.78 29.15
C THR I 421 -66.69 -40.76 28.32
N LEU I 422 -67.73 -41.43 28.82
CA LEU I 422 -69.02 -41.57 28.14
C LEU I 422 -68.90 -42.26 26.79
N LYS I 423 -67.80 -43.00 26.59
CA LYS I 423 -67.51 -43.75 25.37
C LYS I 423 -67.46 -42.87 24.13
N ILE I 424 -67.53 -41.55 24.29
CA ILE I 424 -67.43 -40.64 23.17
C ILE I 424 -66.34 -39.60 23.34
N PHE I 425 -65.99 -39.21 24.56
CA PHE I 425 -64.90 -38.25 24.78
C PHE I 425 -63.65 -39.07 25.00
N CYS I 426 -62.96 -39.38 23.92
CA CYS I 426 -61.74 -40.19 23.96
C CYS I 426 -60.53 -39.31 23.72
N LYS I 427 -59.59 -39.33 24.67
CA LYS I 427 -58.37 -38.56 24.54
C LYS I 427 -57.23 -39.38 25.12
N THR I 428 -56.05 -39.25 24.53
CA THR I 428 -54.84 -39.87 25.05
C THR I 428 -54.17 -38.86 25.96
N VAL I 429 -53.96 -39.24 27.21
CA VAL I 429 -53.25 -38.43 28.19
C VAL I 429 -51.95 -39.12 28.55
N CYS I 430 -50.86 -38.38 28.48
CA CYS I 430 -49.55 -38.89 28.86
C CYS I 430 -49.17 -38.25 30.19
N GLU I 431 -48.80 -39.09 31.16
CA GLU I 431 -48.43 -38.62 32.48
C GLU I 431 -47.17 -39.34 32.93
N ASP I 432 -46.34 -38.63 33.69
CA ASP I 432 -45.12 -39.18 34.24
C ASP I 432 -45.27 -39.30 35.75
N VAL I 433 -44.89 -40.45 36.28
CA VAL I 433 -44.98 -40.75 37.70
C VAL I 433 -43.58 -40.97 38.23
N PHE I 434 -43.22 -40.22 39.26
CA PHE I 434 -41.93 -40.40 39.94
C PHE I 434 -42.13 -41.41 41.07
N ARG I 435 -41.56 -42.59 40.91
CA ARG I 435 -41.70 -43.66 41.89
C ARG I 435 -40.34 -44.02 42.44
N VAL I 436 -40.29 -44.35 43.72
CA VAL I 436 -39.08 -44.81 44.38
C VAL I 436 -39.16 -46.34 44.40
N ALA I 437 -38.58 -46.98 43.39
CA ALA I 437 -38.58 -48.42 43.30
C ALA I 437 -37.57 -49.01 44.28
N LYS I 438 -38.01 -50.00 45.03
CA LYS I 438 -37.18 -50.67 46.03
C LYS I 438 -37.16 -52.15 45.74
N ALA I 439 -35.98 -52.75 45.71
CA ALA I 439 -35.83 -54.17 45.44
C ALA I 439 -34.76 -54.77 46.36
N GLU I 440 -35.03 -55.98 46.86
CA GLU I 440 -34.09 -56.69 47.71
C GLU I 440 -33.36 -57.71 46.87
N PHE I 441 -32.04 -57.64 46.87
CA PHE I 441 -31.20 -58.62 46.19
C PHE I 441 -30.55 -59.54 47.22
N ARG I 442 -30.61 -60.84 46.95
CA ARG I 442 -29.99 -61.86 47.80
C ARG I 442 -28.96 -62.61 46.96
N ALA I 443 -27.69 -62.36 47.25
CA ALA I 443 -26.59 -63.01 46.56
C ALA I 443 -26.08 -64.18 47.37
N TYR I 444 -25.88 -65.30 46.70
CA TYR I 444 -25.39 -66.54 47.28
C TYR I 444 -24.10 -66.94 46.57
N TRP I 445 -23.53 -68.06 46.99
CA TRP I 445 -22.39 -68.64 46.29
C TRP I 445 -22.37 -70.14 46.53
N CYS I 446 -21.98 -70.89 45.51
CA CYS I 446 -22.02 -72.35 45.54
C CYS I 446 -20.68 -72.86 46.03
N VAL I 447 -20.68 -73.55 47.15
CA VAL I 447 -19.50 -74.22 47.66
C VAL I 447 -19.68 -75.72 47.44
N ALA I 448 -18.55 -76.43 47.39
CA ALA I 448 -18.59 -77.87 47.22
C ALA I 448 -19.17 -78.52 48.46
N ALA I 449 -20.25 -79.29 48.27
CA ALA I 449 -20.88 -79.98 49.40
C ALA I 449 -19.94 -81.01 50.01
N GLY I 450 -19.24 -81.78 49.18
CA GLY I 450 -18.31 -82.78 49.65
C GLY I 450 -17.20 -83.05 48.66
N GLN I 451 -16.90 -84.32 48.43
CA GLN I 451 -15.89 -84.70 47.43
C GLN I 451 -16.52 -84.65 46.05
N VAL I 452 -16.60 -83.45 45.50
CA VAL I 452 -17.15 -83.21 44.17
C VAL I 452 -16.20 -83.78 43.13
N PRO I 453 -16.68 -84.18 41.95
CA PRO I 453 -15.76 -84.67 40.93
C PRO I 453 -14.84 -83.56 40.44
N ASP I 454 -13.54 -83.84 40.45
CA ASP I 454 -12.54 -82.87 40.03
C ASP I 454 -12.13 -83.16 38.59
N ASN I 455 -11.93 -82.10 37.81
CA ASN I 455 -11.99 -80.70 38.26
C ASN I 455 -13.23 -80.00 37.75
N SER I 456 -14.35 -80.71 37.67
CA SER I 456 -15.60 -80.11 37.21
C SER I 456 -16.04 -79.04 38.20
N GLY I 457 -16.15 -77.81 37.74
CA GLY I 457 -16.46 -76.68 38.59
C GLY I 457 -16.13 -75.38 37.88
N LEU I 458 -15.80 -74.38 38.68
CA LEU I 458 -15.45 -73.05 38.16
C LEU I 458 -14.21 -72.55 38.87
N LEU I 459 -13.51 -71.62 38.21
CA LEU I 459 -12.27 -71.07 38.72
C LEU I 459 -12.44 -69.59 39.05
N PHE I 460 -11.84 -69.18 40.15
CA PHE I 460 -12.00 -67.84 40.71
C PHE I 460 -10.91 -66.95 40.11
N GLY I 461 -11.32 -66.02 39.26
CA GLY I 461 -10.42 -65.11 38.60
C GLY I 461 -10.31 -63.73 39.21
N GLY I 462 -10.68 -63.58 40.47
CA GLY I 462 -10.55 -62.31 41.14
C GLY I 462 -11.79 -61.45 40.98
N VAL I 463 -11.93 -60.49 41.88
CA VAL I 463 -13.07 -59.59 41.88
C VAL I 463 -12.57 -58.16 41.87
N PHE I 464 -13.41 -57.29 41.31
CA PHE I 464 -13.06 -55.88 41.20
C PHE I 464 -14.34 -55.08 41.09
N THR I 465 -14.31 -53.87 41.63
CA THR I 465 -15.44 -52.95 41.56
C THR I 465 -15.08 -51.76 40.70
N ASP I 466 -16.05 -50.88 40.52
CA ASP I 466 -15.83 -49.65 39.77
C ASP I 466 -14.85 -48.71 40.45
N LYS I 467 -14.65 -48.84 41.76
CA LYS I 467 -13.75 -47.98 42.49
C LYS I 467 -12.52 -48.71 43.03
N THR I 468 -12.50 -50.02 42.97
CA THR I 468 -11.35 -50.81 43.41
C THR I 468 -10.62 -51.37 42.20
N ILE I 469 -9.63 -52.20 42.46
CA ILE I 469 -8.80 -52.81 41.42
C ILE I 469 -8.80 -54.31 41.65
N ASN I 470 -8.47 -55.06 40.61
CA ASN I 470 -8.31 -56.50 40.76
C ASN I 470 -6.83 -56.81 40.92
N PRO I 471 -6.38 -57.18 42.12
CA PRO I 471 -4.94 -57.38 42.34
C PRO I 471 -4.32 -58.45 41.46
N MET I 472 -5.09 -59.47 41.08
CA MET I 472 -4.50 -60.56 40.30
C MET I 472 -4.14 -60.07 38.90
N THR I 473 -4.87 -59.08 38.38
CA THR I 473 -4.55 -58.49 37.09
C THR I 473 -4.13 -57.03 37.18
N ASN I 474 -4.26 -56.40 38.35
CA ASN I 474 -3.94 -54.97 38.51
C ASN I 474 -4.73 -54.12 37.52
N ALA I 475 -5.97 -54.53 37.23
CA ALA I 475 -6.81 -53.83 36.28
C ALA I 475 -8.26 -54.08 36.66
N GLN I 476 -9.13 -53.17 36.23
CA GLN I 476 -10.57 -53.33 36.43
C GLN I 476 -11.19 -54.07 35.24
N SER I 477 -10.75 -55.31 35.07
CA SER I 477 -11.28 -56.20 34.05
C SER I 477 -10.96 -57.63 34.44
N CYS I 478 -11.48 -58.57 33.68
CA CYS I 478 -11.21 -59.98 33.89
C CYS I 478 -10.17 -60.47 32.88
N PRO I 479 -9.41 -61.50 33.22
CA PRO I 479 -8.41 -62.01 32.27
C PRO I 479 -9.08 -62.57 31.02
N ALA I 480 -8.24 -62.87 30.03
CA ALA I 480 -8.73 -63.49 28.82
C ALA I 480 -9.32 -64.85 29.15
N GLY I 481 -10.43 -65.18 28.50
CA GLY I 481 -11.12 -66.42 28.78
C GLY I 481 -11.94 -66.41 30.04
N TYR I 482 -12.16 -65.23 30.63
CA TYR I 482 -12.95 -65.10 31.85
C TYR I 482 -14.22 -64.31 31.54
N ILE I 483 -15.24 -64.54 32.35
CA ILE I 483 -16.52 -63.86 32.23
C ILE I 483 -16.76 -63.10 33.53
N PRO I 484 -17.19 -61.87 33.49
CA PRO I 484 -17.58 -61.19 34.72
C PRO I 484 -19.05 -61.46 35.06
N LEU I 485 -19.30 -61.82 36.31
CA LEU I 485 -20.64 -61.99 36.82
C LEU I 485 -20.94 -60.91 37.83
N ASN I 486 -22.13 -60.35 37.76
CA ASN I 486 -22.54 -59.29 38.68
C ASN I 486 -22.98 -59.92 39.98
N LEU I 487 -22.33 -59.55 41.08
CA LEU I 487 -22.64 -60.11 42.38
C LEU I 487 -23.30 -59.08 43.30
N PHE I 488 -22.86 -57.82 43.25
CA PHE I 488 -23.50 -56.76 43.99
C PHE I 488 -23.92 -55.66 43.02
N GLU I 489 -24.23 -54.48 43.55
CA GLU I 489 -24.52 -53.35 42.69
C GLU I 489 -23.31 -52.98 41.84
N SER I 490 -22.10 -53.21 42.36
CA SER I 490 -20.89 -52.80 41.66
C SER I 490 -19.77 -53.83 41.70
N LEU I 491 -20.01 -55.02 42.23
CA LEU I 491 -18.97 -56.04 42.33
C LEU I 491 -19.06 -57.01 41.16
N LYS I 492 -17.92 -57.25 40.53
CA LYS I 492 -17.82 -58.18 39.42
C LYS I 492 -16.89 -59.32 39.81
N VAL I 493 -17.26 -60.54 39.45
CA VAL I 493 -16.47 -61.73 39.77
C VAL I 493 -16.07 -62.40 38.46
N CYS I 494 -14.78 -62.66 38.30
CA CYS I 494 -14.26 -63.25 37.09
C CYS I 494 -14.27 -64.77 37.20
N VAL I 495 -14.99 -65.42 36.30
CA VAL I 495 -15.18 -66.87 36.33
C VAL I 495 -14.82 -67.43 34.97
N SER I 496 -13.97 -68.45 34.94
CA SER I 496 -13.53 -69.06 33.70
C SER I 496 -14.01 -70.50 33.60
N LEU I 497 -14.36 -70.92 32.38
CA LEU I 497 -14.74 -72.29 32.11
C LEU I 497 -13.56 -73.17 31.70
N ASP I 498 -12.71 -72.68 30.80
CA ASP I 498 -11.57 -73.49 30.36
C ASP I 498 -10.64 -73.74 31.53
N TYR I 499 -10.26 -75.00 31.70
CA TYR I 499 -9.50 -75.40 32.89
C TYR I 499 -8.04 -74.99 32.76
N GLU I 500 -7.46 -75.10 31.56
CA GLU I 500 -6.07 -74.69 31.36
C GLU I 500 -5.92 -73.19 31.50
N LEU I 501 -6.79 -72.43 30.83
CA LEU I 501 -6.68 -70.97 30.85
C LEU I 501 -6.83 -70.45 32.27
N GLY I 502 -7.80 -70.97 33.00
CA GLY I 502 -7.94 -70.57 34.40
C GLY I 502 -6.74 -71.01 35.23
N PHE I 503 -6.33 -72.27 35.09
CA PHE I 503 -5.26 -72.79 35.94
C PHE I 503 -3.98 -71.99 35.74
N LYS I 504 -3.81 -71.41 34.56
CA LYS I 504 -2.71 -70.46 34.36
C LYS I 504 -3.11 -69.02 34.65
N PHE I 505 -4.38 -68.74 34.92
CA PHE I 505 -4.83 -67.39 35.23
C PHE I 505 -5.82 -67.39 36.38
N SER I 506 -5.53 -68.16 37.44
CA SER I 506 -6.41 -68.20 38.60
C SER I 506 -5.57 -68.29 39.86
N VAL I 507 -6.26 -68.25 40.99
CA VAL I 507 -5.66 -68.40 42.31
C VAL I 507 -6.57 -69.33 43.09
N PRO I 508 -6.03 -70.22 43.94
CA PRO I 508 -6.91 -71.10 44.72
C PRO I 508 -7.89 -70.31 45.57
N PHE I 509 -9.11 -70.81 45.64
CA PHE I 509 -10.22 -70.12 46.30
C PHE I 509 -10.61 -70.86 47.56
N GLY I 510 -10.99 -70.10 48.58
CA GLY I 510 -11.32 -70.68 49.86
C GLY I 510 -12.78 -70.50 50.25
N GLY I 511 -13.37 -69.39 49.86
CA GLY I 511 -14.77 -69.15 50.16
C GLY I 511 -15.03 -67.67 50.43
N PHE I 512 -16.32 -67.33 50.46
CA PHE I 512 -16.76 -65.98 50.76
C PHE I 512 -17.37 -65.92 52.15
N PHE I 513 -17.37 -64.70 52.70
CA PHE I 513 -18.03 -64.48 53.98
C PHE I 513 -18.31 -62.99 54.12
N SER I 514 -19.38 -62.66 54.85
CA SER I 514 -19.82 -61.28 54.99
C SER I 514 -19.80 -60.87 56.45
N CYS I 515 -20.28 -59.66 56.75
CA CYS I 515 -20.28 -59.19 58.12
C CYS I 515 -21.35 -59.88 58.95
N ILE I 516 -22.30 -60.55 58.31
CA ILE I 516 -23.39 -61.20 59.02
C ILE I 516 -23.23 -62.71 59.04
N MET I 517 -22.74 -63.30 57.94
CA MET I 517 -22.57 -64.75 57.91
C MET I 517 -21.13 -65.04 57.52
N GLY I 518 -20.45 -65.86 58.32
CA GLY I 518 -19.05 -66.14 58.13
C GLY I 518 -18.78 -67.27 57.16
N ASN I 519 -17.52 -67.65 57.11
CA ASN I 519 -17.07 -68.70 56.20
C ASN I 519 -17.42 -70.07 56.80
N PRO I 520 -18.17 -70.91 56.08
CA PRO I 520 -18.52 -72.22 56.63
C PRO I 520 -17.36 -73.20 56.68
N LEU I 521 -16.24 -72.91 56.02
CA LEU I 521 -15.15 -73.87 55.90
C LEU I 521 -14.07 -73.66 56.95
N VAL I 522 -14.37 -72.97 58.05
CA VAL I 522 -13.39 -72.82 59.12
C VAL I 522 -13.24 -74.13 59.88
N ASN I 523 -12.18 -74.21 60.67
CA ASN I 523 -11.91 -75.39 61.48
C ASN I 523 -11.68 -75.02 62.94
N ALA I 532 -22.29 -77.01 62.10
CA ALA I 532 -20.91 -76.61 61.91
C ALA I 532 -20.74 -75.11 62.13
N PRO I 533 -19.82 -74.73 63.02
CA PRO I 533 -19.59 -73.31 63.28
C PRO I 533 -19.13 -72.57 62.04
N SER I 534 -19.66 -71.37 61.85
CA SER I 534 -19.37 -70.54 60.68
C SER I 534 -18.66 -69.29 61.16
N LEU I 535 -17.33 -69.27 61.03
CA LEU I 535 -16.52 -68.16 61.47
C LEU I 535 -16.06 -67.34 60.27
N LYS I 536 -15.81 -66.05 60.52
CA LYS I 536 -15.37 -65.14 59.49
C LYS I 536 -13.84 -65.17 59.43
N LYS I 537 -13.33 -66.28 58.91
CA LYS I 537 -11.89 -66.49 58.85
C LYS I 537 -11.57 -67.41 57.69
N CYS I 538 -10.50 -67.12 56.99
CA CYS I 538 -10.07 -67.95 55.86
C CYS I 538 -9.39 -69.21 56.37
N PRO I 539 -9.81 -70.39 55.93
CA PRO I 539 -9.22 -71.63 56.44
C PRO I 539 -7.78 -71.81 55.97
N GLY I 540 -7.00 -72.48 56.82
CA GLY I 540 -5.64 -72.81 56.44
C GLY I 540 -4.80 -71.57 56.18
N GLY I 541 -3.97 -71.66 55.15
CA GLY I 541 -3.07 -70.57 54.80
C GLY I 541 -3.68 -69.62 53.80
N PHE I 542 -4.97 -69.74 53.56
CA PHE I 542 -5.67 -68.81 52.68
C PHE I 542 -5.68 -67.42 53.29
N SER I 543 -5.37 -66.42 52.50
CA SER I 543 -5.36 -65.04 52.96
C SER I 543 -6.74 -64.41 52.82
N GLN I 544 -7.02 -63.48 53.71
CA GLN I 544 -8.31 -62.78 53.75
C GLN I 544 -8.16 -61.42 53.12
N HIS I 545 -8.88 -61.18 52.04
CA HIS I 545 -8.80 -59.92 51.31
C HIS I 545 -10.18 -59.33 51.12
N LEU I 546 -10.31 -58.04 51.42
CA LEU I 546 -11.58 -57.34 51.26
C LEU I 546 -12.01 -57.30 49.80
N ALA I 547 -13.29 -57.55 49.56
CA ALA I 547 -13.84 -57.53 48.21
C ALA I 547 -14.74 -56.33 47.97
N VAL I 548 -15.60 -55.98 48.93
CA VAL I 548 -16.52 -54.87 48.74
C VAL I 548 -17.03 -54.40 50.09
N ILE I 549 -17.57 -53.18 50.12
CA ILE I 549 -18.23 -52.63 51.29
C ILE I 549 -19.63 -52.23 50.86
N SER I 550 -20.61 -53.07 51.15
CA SER I 550 -22.00 -52.84 50.74
C SER I 550 -22.78 -52.40 51.97
N ASP I 551 -23.17 -51.13 52.00
CA ASP I 551 -23.98 -50.56 53.07
C ASP I 551 -23.32 -50.76 54.43
N GLY I 552 -22.00 -50.57 54.46
CA GLY I 552 -21.23 -50.74 55.68
C GLY I 552 -20.92 -52.16 56.03
N CYS I 553 -21.41 -53.13 55.28
CA CYS I 553 -21.11 -54.54 55.51
C CYS I 553 -19.95 -54.95 54.62
N GLN I 554 -18.90 -55.51 55.22
CA GLN I 554 -17.74 -55.93 54.46
C GLN I 554 -18.02 -57.29 53.84
N VAL I 555 -17.53 -57.50 52.63
CA VAL I 555 -17.52 -58.79 51.97
C VAL I 555 -16.11 -59.06 51.51
N SER I 556 -15.59 -60.24 51.87
CA SER I 556 -14.21 -60.61 51.59
C SER I 556 -14.18 -62.00 50.96
N TYR I 557 -12.99 -62.40 50.53
CA TYR I 557 -12.75 -63.69 49.91
C TYR I 557 -11.46 -64.28 50.47
N CYS I 558 -11.20 -65.54 50.11
CA CYS I 558 -10.06 -66.26 50.64
C CYS I 558 -9.21 -66.79 49.50
N VAL I 559 -7.94 -66.39 49.48
CA VAL I 559 -6.98 -66.86 48.49
C VAL I 559 -5.69 -67.24 49.20
N LYS I 560 -4.92 -68.13 48.58
CA LYS I 560 -3.67 -68.56 49.16
C LYS I 560 -2.69 -67.40 49.25
N ALA I 561 -2.09 -67.21 50.43
CA ALA I 561 -1.18 -66.10 50.64
C ALA I 561 0.11 -66.22 49.85
N GLY I 562 0.43 -67.41 49.36
CA GLY I 562 1.67 -67.61 48.63
C GLY I 562 1.71 -66.92 47.28
N ILE I 563 0.55 -66.66 46.68
CA ILE I 563 0.48 -65.97 45.40
C ILE I 563 0.40 -64.47 45.58
N PHE I 564 -0.31 -64.01 46.59
CA PHE I 564 -0.37 -62.57 46.86
C PHE I 564 0.99 -62.06 47.31
N THR I 565 1.28 -60.82 46.96
CA THR I 565 2.56 -60.19 47.26
C THR I 565 2.32 -58.69 47.44
N GLY I 566 3.40 -57.90 47.40
CA GLY I 566 3.26 -56.46 47.50
C GLY I 566 2.46 -55.85 46.37
N GLY I 567 2.70 -56.32 45.14
CA GLY I 567 1.89 -55.96 44.00
C GLY I 567 2.42 -54.82 43.16
N SER I 568 3.29 -53.97 43.70
CA SER I 568 3.86 -52.90 42.90
C SER I 568 4.92 -53.42 41.94
N LEU I 569 5.60 -54.50 42.32
CA LEU I 569 6.46 -55.26 41.43
C LEU I 569 5.80 -56.60 41.23
N LEU I 570 5.50 -56.94 39.98
CA LEU I 570 4.96 -58.25 39.68
C LEU I 570 6.10 -59.24 39.51
N PRO I 571 6.35 -60.11 40.50
CA PRO I 571 7.48 -61.04 40.37
C PRO I 571 7.24 -62.03 39.26
N VAL I 572 8.34 -62.45 38.62
CA VAL I 572 8.26 -63.45 37.58
C VAL I 572 8.38 -64.83 38.23
N ARG I 573 7.27 -65.35 38.73
CA ARG I 573 7.27 -66.63 39.45
C ARG I 573 6.80 -67.71 38.48
N LEU I 574 7.73 -68.16 37.66
CA LEU I 574 7.51 -69.25 36.71
C LEU I 574 8.57 -70.32 37.03
N PRO I 575 9.72 -70.46 36.35
CA PRO I 575 10.75 -71.32 36.93
C PRO I 575 11.68 -70.51 37.82
N PRO I 576 12.49 -71.17 38.65
CA PRO I 576 12.60 -72.61 38.86
C PRO I 576 11.52 -73.14 39.77
N TYR I 577 11.15 -74.40 39.60
CA TYR I 577 10.22 -75.07 40.48
C TYR I 577 10.93 -75.83 41.59
N THR I 578 12.23 -75.57 41.74
CA THR I 578 13.03 -76.11 42.82
C THR I 578 14.24 -75.21 43.01
N LYS I 579 14.72 -75.13 44.25
CA LYS I 579 15.91 -74.37 44.54
C LYS I 579 17.11 -75.06 43.87
N PRO I 580 18.18 -74.31 43.58
CA PRO I 580 19.36 -74.90 42.95
C PRO I 580 19.84 -76.11 43.71
N PRO I 581 19.73 -77.30 43.13
CA PRO I 581 20.10 -78.52 43.86
C PRO I 581 21.60 -78.58 44.11
N LEU I 582 21.96 -79.11 45.27
CA LEU I 582 23.37 -79.23 45.62
C LEU I 582 24.01 -80.34 44.80
N MET I 583 25.33 -80.24 44.63
CA MET I 583 26.06 -81.25 43.87
C MET I 583 26.18 -82.55 44.66
N THR J 13 32.19 -46.97 32.04
CA THR J 13 30.75 -47.19 32.10
C THR J 13 29.99 -45.89 31.96
N GLY J 14 30.56 -44.95 31.22
CA GLY J 14 29.92 -43.68 31.00
C GLY J 14 29.41 -43.55 29.58
N PHE J 15 28.13 -43.18 29.44
CA PHE J 15 27.52 -43.06 28.12
C PHE J 15 27.89 -41.76 27.44
N GLN J 16 28.77 -40.96 28.02
CA GLN J 16 29.06 -39.66 27.43
C GLN J 16 29.75 -39.79 26.08
N ILE J 17 30.53 -40.85 25.88
CA ILE J 17 31.17 -41.05 24.59
C ILE J 17 30.12 -41.26 23.50
N CYS J 18 29.15 -42.13 23.77
CA CYS J 18 28.10 -42.37 22.79
C CYS J 18 27.28 -41.11 22.54
N LYS J 19 26.98 -40.35 23.60
CA LYS J 19 26.25 -39.11 23.40
C LYS J 19 27.04 -38.15 22.52
N ASN J 20 28.35 -38.07 22.72
CA ASN J 20 29.17 -37.25 21.84
C ASN J 20 29.09 -37.75 20.41
N ALA J 21 29.05 -39.06 20.22
CA ALA J 21 28.99 -39.60 18.88
C ALA J 21 27.61 -39.45 18.27
N LEU J 22 26.60 -40.03 18.90
CA LEU J 22 25.28 -40.14 18.31
C LEU J 22 24.39 -38.93 18.54
N LYS J 23 24.64 -38.15 19.59
CA LYS J 23 23.81 -36.99 19.92
C LYS J 23 22.37 -37.41 20.19
N LEU J 24 22.19 -38.36 21.09
CA LEU J 24 20.88 -38.86 21.46
C LEU J 24 20.75 -38.87 22.97
N PRO J 25 19.52 -38.81 23.48
CA PRO J 25 19.32 -39.03 24.91
C PRO J 25 19.51 -40.49 25.24
N VAL J 26 19.78 -40.78 26.49
CA VAL J 26 19.82 -42.15 26.96
C VAL J 26 18.46 -42.51 27.56
N LEU J 27 17.97 -43.70 27.24
CA LEU J 27 16.74 -44.15 27.83
C LEU J 27 16.87 -44.17 29.34
N GLU J 28 16.13 -43.30 30.02
CA GLU J 28 16.36 -43.08 31.43
C GLU J 28 15.77 -44.15 32.32
N VAL J 29 14.93 -45.02 31.78
CA VAL J 29 14.30 -46.07 32.56
C VAL J 29 14.97 -47.39 32.19
N LEU J 30 15.61 -48.02 33.16
CA LEU J 30 16.44 -49.18 32.90
C LEU J 30 16.25 -50.26 33.95
N PRO J 31 16.28 -51.50 33.55
CA PRO J 31 16.19 -52.59 34.52
C PRO J 31 17.54 -52.87 35.14
N GLY J 32 17.64 -53.95 35.90
CA GLY J 32 18.90 -54.31 36.50
C GLY J 32 19.21 -53.61 37.80
N GLY J 33 18.27 -52.82 38.32
CA GLY J 33 18.47 -52.14 39.57
C GLY J 33 17.82 -52.90 40.72
N GLY J 34 18.26 -52.55 41.92
CA GLY J 34 17.64 -53.10 43.11
C GLY J 34 16.26 -52.51 43.32
N TRP J 35 15.45 -53.23 44.10
CA TRP J 35 14.08 -52.81 44.33
C TRP J 35 13.65 -53.29 45.70
N ASP J 36 13.22 -52.36 46.54
CA ASP J 36 12.76 -52.68 47.88
C ASP J 36 11.28 -53.04 47.80
N ASN J 37 10.98 -54.32 47.88
CA ASN J 37 9.61 -54.77 47.71
C ASN J 37 8.71 -54.30 48.84
N LEU J 38 9.28 -53.81 49.93
CA LEU J 38 8.46 -53.31 51.02
C LEU J 38 8.01 -51.89 50.75
N ARG J 39 8.93 -50.95 50.63
CA ARG J 39 8.56 -49.55 50.40
C ARG J 39 8.33 -49.23 48.93
N ASN J 40 8.59 -50.16 48.02
CA ASN J 40 8.40 -49.95 46.60
C ASN J 40 9.18 -48.74 46.11
N VAL J 41 10.51 -48.83 46.24
CA VAL J 41 11.39 -47.76 45.81
C VAL J 41 12.66 -48.39 45.29
N ASP J 42 13.20 -47.82 44.22
CA ASP J 42 14.43 -48.32 43.63
C ASP J 42 15.58 -48.18 44.62
N MET J 43 16.51 -49.12 44.60
CA MET J 43 17.55 -49.10 45.62
C MET J 43 18.96 -48.95 45.07
N GLY J 44 19.40 -49.82 44.18
CA GLY J 44 20.79 -49.72 43.77
C GLY J 44 21.04 -50.57 42.55
N ARG J 45 22.21 -50.38 41.97
CA ARG J 45 22.57 -51.01 40.71
C ARG J 45 23.13 -52.40 40.98
N VAL J 46 22.38 -53.42 40.61
CA VAL J 46 22.82 -54.79 40.81
C VAL J 46 23.53 -55.33 39.57
N MET J 47 22.85 -55.39 38.44
CA MET J 47 23.48 -55.86 37.23
C MET J 47 24.28 -54.72 36.60
N ASP J 48 25.38 -55.08 35.95
CA ASP J 48 26.33 -54.10 35.45
C ASP J 48 25.79 -53.43 34.21
N LEU J 49 25.90 -52.11 34.13
CA LEU J 49 25.51 -51.35 32.95
C LEU J 49 26.74 -50.75 32.31
N THR J 50 26.97 -51.06 31.05
CA THR J 50 28.08 -50.55 30.29
C THR J 50 27.59 -50.01 28.97
N TYR J 51 28.32 -49.05 28.42
CA TYR J 51 27.97 -48.47 27.14
C TYR J 51 29.12 -48.59 26.18
N THR J 52 29.80 -49.74 26.20
CA THR J 52 30.96 -49.92 25.34
C THR J 52 30.56 -49.93 23.87
N ASN J 53 29.47 -50.60 23.54
CA ASN J 53 29.09 -50.78 22.14
C ASN J 53 28.30 -49.62 21.57
N CYS J 54 27.93 -48.63 22.39
CA CYS J 54 27.06 -47.54 21.97
C CYS J 54 25.79 -48.09 21.32
N LYS J 55 25.20 -49.06 21.99
CA LYS J 55 24.00 -49.71 21.51
C LYS J 55 22.85 -48.72 21.48
N THR J 56 21.94 -48.91 20.54
CA THR J 56 20.84 -48.00 20.32
C THR J 56 19.56 -48.80 20.09
N THR J 57 18.42 -48.22 20.46
CA THR J 57 17.16 -48.81 20.06
C THR J 57 17.00 -48.70 18.56
N GLU J 58 16.34 -49.70 17.97
CA GLU J 58 16.30 -49.80 16.52
C GLU J 58 15.77 -48.54 15.88
N ASP J 59 14.73 -47.95 16.46
CA ASP J 59 14.17 -46.73 15.89
C ASP J 59 15.13 -45.56 15.98
N GLY J 60 16.21 -45.69 16.74
CA GLY J 60 17.19 -44.64 16.81
C GLY J 60 16.77 -43.46 17.65
N GLN J 61 15.97 -43.68 18.69
CA GLN J 61 15.58 -42.62 19.59
C GLN J 61 16.44 -42.54 20.83
N TYR J 62 16.90 -43.67 21.33
CA TYR J 62 17.59 -43.71 22.62
C TYR J 62 18.84 -44.56 22.53
N ILE J 63 19.79 -44.22 23.40
CA ILE J 63 20.98 -45.01 23.63
C ILE J 63 20.69 -45.93 24.80
N ILE J 64 21.04 -47.20 24.67
CA ILE J 64 20.78 -48.13 25.76
C ILE J 64 22.06 -48.85 26.14
N PRO J 65 22.20 -49.30 27.38
CA PRO J 65 23.38 -50.07 27.77
C PRO J 65 23.43 -51.40 27.05
N ASP J 66 24.64 -51.93 26.94
CA ASP J 66 24.86 -53.15 26.19
C ASP J 66 24.18 -54.36 26.79
N GLU J 67 23.72 -54.27 28.04
CA GLU J 67 23.20 -55.43 28.74
C GLU J 67 21.69 -55.50 28.71
N VAL J 68 21.01 -54.63 27.97
CA VAL J 68 19.57 -54.63 27.89
C VAL J 68 19.15 -54.65 26.43
N TYR J 69 17.93 -55.09 26.21
CA TYR J 69 17.32 -55.02 24.89
C TYR J 69 15.88 -54.54 25.03
N THR J 70 15.39 -53.86 24.01
CA THR J 70 14.09 -53.23 24.06
C THR J 70 13.15 -53.88 23.08
N ILE J 71 11.93 -54.14 23.52
CA ILE J 71 10.83 -54.54 22.64
C ILE J 71 9.97 -53.32 22.39
N PRO J 72 9.81 -52.89 21.16
CA PRO J 72 8.95 -51.73 20.87
C PRO J 72 7.48 -52.10 20.92
N GLN J 73 6.79 -51.53 21.89
CA GLN J 73 5.39 -51.84 22.13
C GLN J 73 4.57 -50.55 22.17
N LYS J 74 4.74 -49.74 21.14
CA LYS J 74 4.29 -48.36 21.23
C LYS J 74 2.77 -48.34 21.22
N GLU J 75 2.19 -48.35 22.42
CA GLU J 75 0.75 -48.42 22.62
C GLU J 75 0.28 -47.18 23.33
N SER J 76 -0.93 -46.75 23.03
CA SER J 76 -1.57 -45.64 23.72
C SER J 76 -2.99 -46.05 24.05
N ASN J 77 -3.44 -45.71 25.25
CA ASN J 77 -4.83 -45.90 25.64
C ASN J 77 -5.39 -44.58 26.12
N LEU J 78 -6.53 -44.19 25.58
CA LEU J 78 -7.20 -42.96 25.95
C LEU J 78 -8.58 -43.32 26.46
N GLU J 79 -8.97 -42.74 27.59
CA GLU J 79 -10.36 -42.80 28.04
C GLU J 79 -10.80 -41.37 28.33
N MET J 80 -11.97 -41.02 27.83
CA MET J 80 -12.56 -39.72 28.15
C MET J 80 -14.01 -39.98 28.54
N ASN J 81 -14.35 -39.61 29.77
CA ASN J 81 -15.73 -39.67 30.23
C ASN J 81 -16.17 -38.26 30.56
N SER J 82 -17.37 -37.91 30.16
CA SER J 82 -17.97 -36.64 30.53
C SER J 82 -19.39 -36.93 30.97
N GLU J 83 -19.93 -36.07 31.83
CA GLU J 83 -21.29 -36.26 32.31
C GLU J 83 -21.83 -34.93 32.78
N VAL J 84 -22.88 -34.45 32.13
CA VAL J 84 -23.51 -33.19 32.47
C VAL J 84 -24.92 -33.47 32.92
N LEU J 85 -25.28 -33.00 34.11
CA LEU J 85 -26.65 -33.10 34.60
C LEU J 85 -27.14 -31.70 34.89
N GLU J 86 -28.33 -31.37 34.42
CA GLU J 86 -28.93 -30.09 34.74
C GLU J 86 -30.37 -30.29 35.16
N SER J 87 -30.77 -29.56 36.19
CA SER J 87 -32.15 -29.55 36.65
C SER J 87 -32.61 -28.11 36.73
N TRP J 88 -33.79 -27.84 36.19
CA TRP J 88 -34.33 -26.49 36.23
C TRP J 88 -35.79 -26.58 36.62
N MET J 89 -36.10 -26.18 37.84
CA MET J 89 -37.46 -26.23 38.39
C MET J 89 -37.94 -24.81 38.59
N ASN J 90 -38.94 -24.40 37.83
CA ASN J 90 -39.50 -23.07 37.94
C ASN J 90 -40.93 -23.17 38.41
N TYR J 91 -41.37 -22.18 39.19
CA TYR J 91 -42.68 -22.21 39.81
C TYR J 91 -43.19 -20.79 39.92
N GLN J 92 -44.45 -20.57 39.57
CA GLN J 92 -45.07 -19.26 39.72
C GLN J 92 -46.48 -19.44 40.26
N SER J 93 -46.89 -18.55 41.13
CA SER J 93 -48.23 -18.55 41.68
C SER J 93 -48.74 -17.12 41.68
N THR J 94 -50.05 -16.96 41.52
CA THR J 94 -50.65 -15.62 41.49
C THR J 94 -52.11 -15.74 41.87
N THR J 95 -52.45 -15.28 43.06
CA THR J 95 -53.84 -15.25 43.52
C THR J 95 -54.29 -13.82 43.65
N SER J 96 -55.55 -13.58 43.36
CA SER J 96 -56.17 -12.27 43.56
C SER J 96 -57.52 -12.49 44.22
N LEU J 97 -58.02 -11.44 44.88
CA LEU J 97 -59.31 -11.52 45.54
C LEU J 97 -59.86 -10.11 45.65
N SER J 98 -60.90 -9.82 44.88
CA SER J 98 -61.48 -8.48 44.83
C SER J 98 -62.91 -8.53 45.31
N ILE J 99 -63.24 -7.66 46.27
CA ILE J 99 -64.57 -7.61 46.88
C ILE J 99 -65.09 -6.18 46.72
N ASN J 100 -66.32 -6.04 46.29
CA ASN J 100 -66.97 -4.73 46.25
C ASN J 100 -68.33 -4.82 46.89
N THR J 101 -68.66 -3.80 47.68
CA THR J 101 -69.94 -3.73 48.36
C THR J 101 -70.47 -2.31 48.21
N GLU J 102 -71.73 -2.18 47.82
CA GLU J 102 -72.37 -0.89 47.68
C GLU J 102 -73.74 -0.95 48.33
N LEU J 103 -73.95 -0.14 49.36
CA LEU J 103 -75.18 -0.14 50.13
C LEU J 103 -75.76 1.26 50.13
N ALA J 104 -76.97 1.41 49.57
CA ALA J 104 -77.67 2.68 49.55
C ALA J 104 -78.98 2.52 50.31
N LEU J 105 -79.15 3.31 51.37
CA LEU J 105 -80.36 3.30 52.19
C LEU J 105 -81.11 4.60 51.95
N PHE J 106 -82.41 4.47 51.68
CA PHE J 106 -83.33 5.59 51.57
C PHE J 106 -82.94 6.58 50.49
N SER J 107 -82.13 6.13 49.53
CA SER J 107 -81.60 6.98 48.45
C SER J 107 -80.83 8.19 49.00
N ARG J 108 -80.35 8.10 50.23
CA ARG J 108 -79.56 9.17 50.82
C ARG J 108 -78.25 8.70 51.42
N VAL J 109 -78.23 7.55 52.09
CA VAL J 109 -77.05 7.08 52.80
C VAL J 109 -76.34 6.09 51.88
N ASN J 110 -75.16 6.44 51.42
CA ASN J 110 -74.38 5.61 50.50
C ASN J 110 -73.18 5.02 51.22
N GLY J 111 -72.78 3.83 50.80
CA GLY J 111 -71.58 3.20 51.32
C GLY J 111 -70.93 2.31 50.28
N LYS J 112 -69.62 2.43 50.11
CA LYS J 112 -68.87 1.63 49.14
C LYS J 112 -67.63 1.07 49.83
N PHE J 113 -67.60 -0.23 50.01
CA PHE J 113 -66.50 -0.93 50.67
C PHE J 113 -65.82 -1.81 49.64
N SER J 114 -64.61 -1.47 49.24
CA SER J 114 -63.89 -2.22 48.22
C SER J 114 -62.58 -2.74 48.82
N THR J 115 -62.29 -4.00 48.55
CA THR J 115 -61.11 -4.67 49.06
C THR J 115 -60.45 -5.44 47.93
N GLU J 116 -59.13 -5.59 48.02
CA GLU J 116 -58.41 -6.35 47.01
C GLU J 116 -57.11 -6.86 47.60
N PHE J 117 -57.00 -8.17 47.73
CA PHE J 117 -55.73 -8.82 48.06
C PHE J 117 -55.13 -9.41 46.80
N GLN J 118 -53.81 -9.48 46.76
CA GLN J 118 -53.12 -10.01 45.59
C GLN J 118 -51.76 -10.52 46.00
N ARG J 119 -51.52 -11.81 45.80
CA ARG J 119 -50.26 -12.45 46.17
C ARG J 119 -49.64 -13.07 44.93
N MET J 120 -48.41 -12.69 44.62
CA MET J 120 -47.63 -13.32 43.57
C MET J 120 -46.42 -13.98 44.21
N LYS J 121 -46.05 -15.14 43.71
CA LYS J 121 -44.94 -15.90 44.26
C LYS J 121 -44.16 -16.51 43.11
N THR J 122 -42.86 -16.62 43.26
CA THR J 122 -41.99 -17.15 42.23
C THR J 122 -40.85 -17.91 42.88
N LEU J 123 -40.52 -19.08 42.33
CA LEU J 123 -39.38 -19.86 42.77
C LEU J 123 -38.65 -20.38 41.56
N GLN J 124 -37.33 -20.42 41.65
CA GLN J 124 -36.52 -20.98 40.58
C GLN J 124 -35.37 -21.73 41.21
N VAL J 125 -35.11 -22.93 40.73
CA VAL J 125 -33.99 -23.74 41.19
C VAL J 125 -33.27 -24.24 39.95
N LYS J 126 -31.94 -24.13 39.96
CA LYS J 126 -31.15 -24.52 38.80
C LYS J 126 -29.88 -25.20 39.29
N ASP J 127 -29.71 -26.46 38.91
CA ASP J 127 -28.55 -27.24 39.30
C ASP J 127 -27.80 -27.70 38.08
N GLN J 128 -26.48 -27.58 38.12
CA GLN J 128 -25.62 -28.13 37.09
C GLN J 128 -24.53 -28.93 37.76
N ALA J 129 -24.27 -30.12 37.25
CA ALA J 129 -23.19 -30.96 37.73
C ALA J 129 -22.45 -31.48 36.52
N VAL J 130 -21.22 -31.04 36.35
CA VAL J 130 -20.37 -31.46 35.24
C VAL J 130 -19.22 -32.26 35.80
N THR J 131 -19.02 -33.45 35.26
CA THR J 131 -17.92 -34.30 35.65
C THR J 131 -17.14 -34.68 34.40
N THR J 132 -15.83 -34.62 34.48
CA THR J 132 -14.97 -34.91 33.35
C THR J 132 -13.78 -35.72 33.83
N ARG J 133 -13.41 -36.74 33.09
CA ARG J 133 -12.27 -37.57 33.44
C ARG J 133 -11.53 -37.95 32.18
N VAL J 134 -10.25 -37.59 32.11
CA VAL J 134 -9.40 -37.93 30.98
C VAL J 134 -8.29 -38.81 31.52
N GLN J 135 -7.96 -39.85 30.77
CA GLN J 135 -6.96 -40.81 31.24
C GLN J 135 -6.16 -41.30 30.06
N VAL J 136 -4.90 -40.90 30.00
CA VAL J 136 -3.98 -41.28 28.93
C VAL J 136 -2.93 -42.21 29.52
N ARG J 137 -2.57 -43.23 28.76
CA ARG J 137 -1.53 -44.14 29.20
C ARG J 137 -0.74 -44.61 27.99
N ASN J 138 0.51 -44.19 27.88
CA ASN J 138 1.38 -44.61 26.79
C ASN J 138 2.36 -45.61 27.34
N ARG J 139 2.51 -46.73 26.67
CA ARG J 139 3.62 -47.64 26.93
C ARG J 139 4.47 -47.74 25.68
N ILE J 140 5.70 -47.27 25.75
CA ILE J 140 6.50 -47.15 24.54
C ILE J 140 7.36 -48.38 24.34
N TYR J 141 8.31 -48.59 25.24
CA TYR J 141 9.26 -49.69 25.12
C TYR J 141 9.06 -50.66 26.27
N THR J 142 9.62 -51.85 26.11
CA THR J 142 9.78 -52.79 27.21
C THR J 142 11.25 -53.15 27.27
N VAL J 143 11.94 -52.71 28.30
CA VAL J 143 13.38 -52.90 28.42
C VAL J 143 13.63 -54.10 29.32
N LYS J 144 14.49 -55.01 28.88
CA LYS J 144 14.78 -56.20 29.64
C LYS J 144 16.27 -56.42 29.72
N THR J 145 16.71 -57.08 30.79
CA THR J 145 18.13 -57.40 30.93
C THR J 145 18.48 -58.61 30.09
N THR J 146 19.60 -58.53 29.41
CA THR J 146 20.10 -59.66 28.65
C THR J 146 20.38 -60.81 29.61
N PRO J 147 20.04 -62.05 29.25
CA PRO J 147 20.30 -63.16 30.17
C PRO J 147 21.77 -63.37 30.46
N THR J 148 22.67 -62.85 29.61
CA THR J 148 24.10 -63.00 29.81
C THR J 148 24.72 -61.85 30.58
N SER J 149 23.94 -61.17 31.41
CA SER J 149 24.46 -59.99 32.07
C SER J 149 25.21 -60.38 33.34
N GLU J 150 25.99 -59.43 33.86
CA GLU J 150 26.86 -59.65 35.00
C GLU J 150 26.49 -58.71 36.13
N LEU J 151 26.82 -59.12 37.36
CA LEU J 151 26.59 -58.28 38.51
C LEU J 151 27.53 -57.08 38.49
N SER J 152 27.06 -55.99 39.08
CA SER J 152 27.85 -54.77 39.06
C SER J 152 29.05 -54.90 39.98
N LEU J 153 29.96 -53.94 39.86
CA LEU J 153 31.16 -53.95 40.69
C LEU J 153 30.82 -53.86 42.16
N GLY J 154 29.96 -52.91 42.54
CA GLY J 154 29.67 -52.71 43.94
C GLY J 154 28.97 -53.90 44.56
N PHE J 155 28.00 -54.48 43.85
CA PHE J 155 27.30 -55.64 44.36
C PHE J 155 28.24 -56.82 44.54
N THR J 156 29.13 -57.04 43.57
CA THR J 156 30.12 -58.10 43.72
C THR J 156 31.01 -57.84 44.92
N LYS J 157 31.45 -56.61 45.09
CA LYS J 157 32.34 -56.32 46.21
C LYS J 157 31.66 -56.56 47.55
N ALA J 158 30.40 -56.16 47.66
CA ALA J 158 29.67 -56.41 48.90
C ALA J 158 29.53 -57.90 49.15
N LEU J 159 29.23 -58.67 48.10
CA LEU J 159 29.09 -60.11 48.28
C LEU J 159 30.41 -60.73 48.69
N MET J 160 31.51 -60.30 48.09
CA MET J 160 32.81 -60.83 48.50
C MET J 160 33.12 -60.47 49.95
N ASP J 161 32.72 -59.28 50.39
CA ASP J 161 32.91 -58.93 51.78
C ASP J 161 32.14 -59.87 52.69
N ILE J 162 30.89 -60.17 52.34
CA ILE J 162 30.12 -61.09 53.19
C ILE J 162 30.73 -62.47 53.19
N CYS J 163 31.20 -62.93 52.02
CA CYS J 163 31.82 -64.25 51.95
C CYS J 163 33.08 -64.31 52.78
N ASP J 164 33.89 -63.26 52.74
CA ASP J 164 35.09 -63.23 53.56
C ASP J 164 34.76 -63.23 55.04
N GLN J 165 33.75 -62.45 55.43
CA GLN J 165 33.38 -62.41 56.84
C GLN J 165 32.85 -63.76 57.32
N LEU J 166 32.16 -64.49 56.44
CA LEU J 166 31.80 -65.86 56.80
C LEU J 166 33.02 -66.75 56.89
N GLU J 167 33.97 -66.56 55.98
CA GLU J 167 35.20 -67.35 56.01
C GLU J 167 35.95 -67.16 57.32
N LYS J 168 35.91 -65.96 57.88
CA LYS J 168 36.49 -65.74 59.19
C LYS J 168 35.64 -66.35 60.30
N ASN J 169 34.60 -67.11 59.97
CA ASN J 169 33.76 -67.78 60.95
C ASN J 169 33.20 -66.79 61.98
N GLN J 170 32.85 -65.61 61.48
CA GLN J 170 32.23 -64.58 62.31
C GLN J 170 30.80 -64.39 61.82
N THR J 171 29.90 -65.23 62.31
CA THR J 171 28.50 -65.18 61.91
C THR J 171 27.80 -63.94 62.43
N LYS J 172 28.43 -63.18 63.31
CA LYS J 172 27.79 -62.00 63.87
C LYS J 172 27.83 -60.83 62.91
N MET J 173 29.03 -60.34 62.59
CA MET J 173 29.15 -59.20 61.69
C MET J 173 28.74 -59.55 60.27
N ALA J 174 28.75 -60.84 59.92
CA ALA J 174 28.29 -61.24 58.60
C ALA J 174 26.81 -60.94 58.42
N THR J 175 26.00 -61.21 59.45
CA THR J 175 24.57 -60.91 59.35
C THR J 175 24.34 -59.41 59.25
N TYR J 176 25.11 -58.62 60.00
CA TYR J 176 25.02 -57.17 59.86
C TYR J 176 25.37 -56.74 58.45
N LEU J 177 26.42 -57.30 57.88
CA LEU J 177 26.83 -56.93 56.53
C LEU J 177 25.75 -57.32 55.51
N ALA J 178 25.12 -58.47 55.70
CA ALA J 178 24.04 -58.88 54.81
C ALA J 178 22.85 -57.95 54.92
N GLU J 179 22.50 -57.54 56.15
CA GLU J 179 21.41 -56.60 56.30
C GLU J 179 21.75 -55.25 55.67
N LEU J 180 23.01 -54.86 55.73
CA LEU J 180 23.45 -53.67 55.01
C LEU J 180 23.25 -53.85 53.51
N LEU J 181 23.55 -55.05 53.00
CA LEU J 181 23.33 -55.32 51.59
C LEU J 181 21.86 -55.17 51.24
N ILE J 182 20.98 -55.70 52.09
CA ILE J 182 19.55 -55.57 51.83
C ILE J 182 19.14 -54.11 51.85
N LEU J 183 19.64 -53.35 52.81
CA LEU J 183 19.28 -51.94 52.90
C LEU J 183 19.74 -51.17 51.68
N ASN J 184 20.93 -51.44 51.18
CA ASN J 184 21.45 -50.70 50.03
C ASN J 184 20.83 -51.14 48.72
N TYR J 185 20.55 -52.43 48.55
CA TYR J 185 20.15 -52.95 47.25
C TYR J 185 18.73 -53.52 47.25
N GLY J 186 18.01 -53.37 48.34
CA GLY J 186 16.64 -53.83 48.30
C GLY J 186 16.52 -55.34 48.29
N THR J 187 15.32 -55.81 47.98
CA THR J 187 14.97 -57.22 48.04
C THR J 187 15.03 -57.90 46.69
N HIS J 188 14.44 -57.30 45.66
CA HIS J 188 14.41 -57.89 44.35
C HIS J 188 15.32 -57.12 43.40
N VAL J 189 15.53 -57.71 42.23
CA VAL J 189 16.24 -57.06 41.14
C VAL J 189 15.30 -56.98 39.96
N ILE J 190 15.19 -55.80 39.37
CA ILE J 190 14.24 -55.58 38.29
C ILE J 190 14.82 -56.10 36.99
N THR J 191 14.14 -57.05 36.38
CA THR J 191 14.58 -57.63 35.12
C THR J 191 13.86 -57.05 33.92
N SER J 192 12.77 -56.32 34.12
CA SER J 192 12.05 -55.76 32.98
C SER J 192 11.21 -54.59 33.46
N VAL J 193 11.20 -53.53 32.66
CA VAL J 193 10.38 -52.35 32.93
C VAL J 193 9.66 -51.99 31.64
N ASP J 194 8.61 -51.20 31.79
CA ASP J 194 7.89 -50.67 30.64
C ASP J 194 8.06 -49.17 30.65
N ALA J 195 8.93 -48.65 29.80
CA ALA J 195 9.02 -47.22 29.64
C ALA J 195 7.70 -46.69 29.14
N GLY J 196 7.29 -45.54 29.65
CA GLY J 196 6.02 -44.98 29.24
C GLY J 196 5.66 -43.76 30.05
N ALA J 197 4.40 -43.39 29.97
CA ALA J 197 3.91 -42.20 30.63
C ALA J 197 2.43 -42.37 30.90
N ALA J 198 1.90 -41.56 31.81
CA ALA J 198 0.49 -41.65 32.12
C ALA J 198 0.00 -40.28 32.57
N LEU J 199 -1.30 -40.09 32.47
CA LEU J 199 -1.89 -38.82 32.82
C LEU J 199 -3.33 -39.04 33.21
N VAL J 200 -3.78 -38.41 34.29
CA VAL J 200 -5.16 -38.49 34.72
C VAL J 200 -5.63 -37.07 35.05
N GLN J 201 -6.75 -36.67 34.50
CA GLN J 201 -7.38 -35.42 34.89
C GLN J 201 -8.80 -35.71 35.34
N GLU J 202 -9.19 -35.09 36.44
CA GLU J 202 -10.57 -35.15 36.92
C GLU J 202 -11.04 -33.72 37.09
N ASP J 203 -12.30 -33.46 36.77
CA ASP J 203 -12.87 -32.14 36.84
C ASP J 203 -14.31 -32.25 37.31
N HIS J 204 -14.68 -31.42 38.28
CA HIS J 204 -16.05 -31.37 38.79
C HIS J 204 -16.48 -29.92 38.83
N VAL J 205 -17.71 -29.65 38.41
CA VAL J 205 -18.32 -28.34 38.56
C VAL J 205 -19.72 -28.53 39.11
N ARG J 206 -20.02 -27.86 40.21
CA ARG J 206 -21.35 -27.87 40.79
C ARG J 206 -21.84 -26.43 40.83
N SER J 207 -23.02 -26.19 40.27
CA SER J 207 -23.60 -24.86 40.32
C SER J 207 -25.04 -24.98 40.80
N SER J 208 -25.36 -24.24 41.84
CA SER J 208 -26.71 -24.20 42.38
C SER J 208 -27.18 -22.76 42.37
N PHE J 209 -28.37 -22.54 41.86
CA PHE J 209 -28.96 -21.21 41.86
C PHE J 209 -30.38 -21.32 42.38
N LEU J 210 -30.70 -20.52 43.38
CA LEU J 210 -32.02 -20.49 43.97
C LEU J 210 -32.52 -19.06 43.94
N LEU J 211 -33.75 -18.88 43.47
CA LEU J 211 -34.34 -17.56 43.44
C LEU J 211 -35.72 -17.65 44.03
N ASP J 212 -36.05 -16.71 44.89
CA ASP J 212 -37.32 -16.67 45.57
C ASP J 212 -37.88 -15.26 45.44
N ASN J 213 -39.18 -15.14 45.29
CA ASN J 213 -39.79 -13.84 45.07
C ASN J 213 -41.21 -13.85 45.58
N GLN J 214 -41.59 -12.81 46.30
CA GLN J 214 -42.95 -12.65 46.80
C GLN J 214 -43.38 -11.22 46.60
N ASN J 215 -44.57 -11.02 46.05
CA ASN J 215 -45.18 -9.71 45.96
C ASN J 215 -46.55 -9.78 46.60
N SER J 216 -46.81 -8.85 47.51
CA SER J 216 -48.10 -8.78 48.19
C SER J 216 -48.68 -7.41 47.93
N GLN J 217 -49.98 -7.33 47.79
CA GLN J 217 -50.64 -6.06 47.53
C GLN J 217 -52.04 -6.09 48.14
N ASN J 218 -52.35 -5.10 48.97
CA ASN J 218 -53.67 -4.94 49.56
C ASN J 218 -54.17 -3.55 49.22
N THR J 219 -55.45 -3.45 48.91
CA THR J 219 -56.11 -2.18 48.64
C THR J 219 -57.47 -2.16 49.31
N VAL J 220 -57.73 -1.12 50.09
CA VAL J 220 -59.01 -0.93 50.77
C VAL J 220 -59.50 0.46 50.45
N THR J 221 -60.76 0.59 50.08
CA THR J 221 -61.37 1.90 49.86
C THR J 221 -62.77 1.88 50.44
N ALA J 222 -62.98 2.65 51.51
CA ALA J 222 -64.25 2.67 52.22
C ALA J 222 -64.81 4.08 52.17
N SER J 223 -65.94 4.25 51.49
CA SER J 223 -66.61 5.54 51.36
C SER J 223 -67.99 5.45 52.00
N ALA J 224 -68.40 6.54 52.65
CA ALA J 224 -69.70 6.63 53.28
C ALA J 224 -70.21 8.06 53.13
N GLY J 225 -71.40 8.21 52.55
CA GLY J 225 -71.93 9.53 52.29
C GLY J 225 -73.38 9.71 52.69
N ILE J 226 -73.63 10.61 53.63
CA ILE J 226 -74.98 10.92 54.10
C ILE J 226 -75.39 12.22 53.43
N ALA J 227 -76.39 12.14 52.56
CA ALA J 227 -76.83 13.30 51.78
C ALA J 227 -78.31 13.55 52.06
N PHE J 228 -78.59 14.50 52.95
CA PHE J 228 -79.96 14.93 53.21
C PHE J 228 -80.46 15.77 52.04
N LEU J 229 -81.64 16.36 52.20
CA LEU J 229 -82.29 17.14 51.15
C LEU J 229 -81.81 18.59 51.24
N ASN J 230 -80.58 18.81 50.80
CA ASN J 230 -79.97 20.14 50.73
C ASN J 230 -79.91 20.82 52.09
N ILE J 231 -79.72 20.04 53.15
CA ILE J 231 -79.57 20.57 54.50
C ILE J 231 -78.23 20.15 55.10
N VAL J 232 -78.01 18.85 55.25
CA VAL J 232 -76.76 18.32 55.78
C VAL J 232 -76.18 17.37 54.75
N ASN J 233 -74.94 17.62 54.35
CA ASN J 233 -74.19 16.72 53.50
C ASN J 233 -72.91 16.31 54.22
N PHE J 234 -72.56 15.05 54.14
CA PHE J 234 -71.44 14.48 54.86
C PHE J 234 -70.85 13.38 54.00
N LYS J 235 -69.53 13.29 53.96
CA LYS J 235 -68.90 12.29 53.10
C LYS J 235 -67.51 11.98 53.63
N VAL J 236 -67.20 10.69 53.76
CA VAL J 236 -65.94 10.24 54.34
C VAL J 236 -65.45 9.08 53.50
N GLU J 237 -64.31 9.24 52.83
CA GLU J 237 -63.70 8.12 52.14
C GLU J 237 -62.27 7.93 52.62
N THR J 238 -61.94 6.71 53.00
CA THR J 238 -60.60 6.35 53.42
C THR J 238 -60.03 5.36 52.42
N ASP J 239 -58.74 5.47 52.17
CA ASP J 239 -58.02 4.59 51.26
C ASP J 239 -56.86 3.95 52.01
N TYR J 240 -56.38 2.83 51.49
CA TYR J 240 -55.28 2.12 52.13
C TYR J 240 -54.65 1.22 51.08
N ILE J 241 -53.39 1.47 50.73
CA ILE J 241 -52.65 0.62 49.80
C ILE J 241 -51.42 0.10 50.53
N SER J 242 -51.14 -1.18 50.37
CA SER J 242 -49.96 -1.79 50.99
C SER J 242 -49.33 -2.74 49.99
N GLN J 243 -48.19 -2.36 49.44
CA GLN J 243 -47.51 -3.18 48.44
C GLN J 243 -46.15 -3.54 48.98
N THR J 244 -45.83 -4.83 48.97
CA THR J 244 -44.52 -5.30 49.41
C THR J 244 -43.93 -6.22 48.35
N SER J 245 -42.61 -6.23 48.26
CA SER J 245 -41.88 -7.17 47.43
C SER J 245 -40.71 -7.70 48.23
N LEU J 246 -40.30 -8.93 47.93
CA LEU J 246 -39.18 -9.55 48.63
C LEU J 246 -38.59 -10.60 47.72
N THR J 247 -37.38 -10.35 47.21
CA THR J 247 -36.68 -11.30 46.37
C THR J 247 -35.39 -11.70 47.04
N LYS J 248 -35.12 -13.01 47.04
CA LYS J 248 -33.93 -13.56 47.66
C LYS J 248 -33.25 -14.49 46.67
N ASP J 249 -32.01 -14.18 46.32
CA ASP J 249 -31.25 -15.04 45.42
C ASP J 249 -30.21 -15.80 46.22
N TYR J 250 -29.60 -16.78 45.56
CA TYR J 250 -28.54 -17.57 46.17
C TYR J 250 -27.82 -18.28 45.05
N LEU J 251 -26.51 -18.16 45.02
CA LEU J 251 -25.70 -18.79 43.98
C LEU J 251 -24.57 -19.54 44.64
N SER J 252 -24.14 -20.62 44.01
CA SER J 252 -23.08 -21.43 44.60
C SER J 252 -22.36 -22.17 43.49
N ASN J 253 -21.10 -21.81 43.25
CA ASN J 253 -20.24 -22.51 42.32
C ASN J 253 -19.17 -23.25 43.11
N ARG J 254 -18.83 -24.44 42.64
CA ARG J 254 -17.75 -25.21 43.24
C ARG J 254 -17.07 -25.99 42.14
N THR J 255 -15.83 -25.66 41.84
CA THR J 255 -15.08 -26.36 40.79
C THR J 255 -13.87 -27.01 41.43
N ASN J 256 -13.64 -28.27 41.10
CA ASN J 256 -12.44 -28.99 41.51
C ASN J 256 -11.75 -29.52 40.27
N SER J 257 -10.45 -29.40 40.22
CA SER J 257 -9.66 -30.03 39.18
C SER J 257 -8.52 -30.78 39.86
N ARG J 258 -8.22 -31.97 39.38
CA ARG J 258 -7.12 -32.74 39.93
C ARG J 258 -6.39 -33.40 38.78
N VAL J 259 -5.12 -33.06 38.60
CA VAL J 259 -4.31 -33.60 37.53
C VAL J 259 -3.17 -34.37 38.15
N GLN J 260 -2.91 -35.57 37.65
CA GLN J 260 -1.83 -36.40 38.13
C GLN J 260 -1.09 -36.97 36.94
N SER J 261 0.20 -36.68 36.83
CA SER J 261 0.98 -37.01 35.66
C SER J 261 2.16 -37.87 36.07
N PHE J 262 2.55 -38.80 35.20
CA PHE J 262 3.74 -39.61 35.41
C PHE J 262 4.53 -39.58 34.10
N GLY J 263 5.68 -38.94 34.12
CA GLY J 263 6.41 -38.79 32.88
C GLY J 263 5.88 -37.63 32.08
N GLY J 264 6.64 -37.25 31.07
CA GLY J 264 6.25 -36.16 30.21
C GLY J 264 6.62 -34.83 30.80
N VAL J 265 6.22 -33.78 30.10
CA VAL J 265 6.47 -32.40 30.53
C VAL J 265 5.74 -32.14 31.85
N PRO J 266 6.27 -31.30 32.74
CA PRO J 266 5.46 -30.89 33.88
C PRO J 266 4.15 -30.29 33.44
N PHE J 267 3.05 -30.79 33.99
CA PHE J 267 1.73 -30.41 33.52
C PHE J 267 1.39 -28.99 33.96
N TYR J 268 0.71 -28.25 33.09
CA TYR J 268 0.10 -26.99 33.46
C TYR J 268 -1.28 -26.92 32.83
N PRO J 269 -2.20 -26.18 33.44
CA PRO J 269 -3.62 -26.33 33.07
C PRO J 269 -3.94 -26.04 31.62
N GLY J 270 -3.26 -25.10 30.98
CA GLY J 270 -3.64 -24.74 29.64
C GLY J 270 -3.11 -25.68 28.58
N ILE J 271 -2.41 -26.72 29.00
CA ILE J 271 -1.73 -27.61 28.08
C ILE J 271 -2.77 -28.48 27.38
N THR J 272 -2.44 -28.92 26.18
CA THR J 272 -3.30 -29.76 25.40
C THR J 272 -2.71 -31.16 25.29
N LEU J 273 -3.58 -32.15 25.21
CA LEU J 273 -3.10 -33.52 25.13
C LEU J 273 -2.18 -33.72 23.93
N GLU J 274 -2.34 -32.92 22.88
CA GLU J 274 -1.39 -32.98 21.78
C GLU J 274 -0.01 -32.58 22.24
N THR J 275 0.10 -31.44 22.91
CA THR J 275 1.39 -30.97 23.38
C THR J 275 1.98 -31.90 24.42
N TRP J 276 1.14 -32.43 25.31
CA TRP J 276 1.67 -33.36 26.30
C TRP J 276 2.14 -34.65 25.67
N GLN J 277 1.39 -35.17 24.68
CA GLN J 277 1.78 -36.41 24.05
C GLN J 277 3.03 -36.24 23.22
N LYS J 278 3.22 -35.10 22.59
CA LYS J 278 4.43 -34.86 21.83
C LYS J 278 5.62 -34.54 22.72
N GLY J 279 5.42 -34.41 24.02
CA GLY J 279 6.48 -33.99 24.89
C GLY J 279 7.14 -35.11 25.68
N ILE J 280 6.64 -36.34 25.53
CA ILE J 280 7.17 -37.45 26.28
C ILE J 280 8.40 -38.05 25.60
N THR J 281 8.91 -37.40 24.56
CA THR J 281 9.94 -38.02 23.75
C THR J 281 11.21 -38.26 24.55
N ASN J 282 11.39 -37.54 25.66
CA ASN J 282 12.56 -37.74 26.49
C ASN J 282 12.22 -37.96 27.95
N HIS J 283 10.99 -37.72 28.36
CA HIS J 283 10.59 -37.82 29.74
C HIS J 283 9.74 -39.08 29.92
N LEU J 284 10.40 -40.23 30.00
CA LEU J 284 9.70 -41.50 30.14
C LEU J 284 10.04 -42.08 31.49
N VAL J 285 9.07 -42.67 32.16
CA VAL J 285 9.26 -43.21 33.50
C VAL J 285 8.77 -44.65 33.50
N ALA J 286 9.24 -45.42 34.48
CA ALA J 286 8.85 -46.81 34.56
C ALA J 286 7.41 -46.93 35.02
N ILE J 287 6.51 -47.34 34.14
CA ILE J 287 5.12 -47.49 34.52
C ILE J 287 4.80 -48.90 34.99
N ASP J 288 5.69 -49.86 34.77
CA ASP J 288 5.48 -51.22 35.22
C ASP J 288 6.84 -51.88 35.34
N ARG J 289 6.93 -52.89 36.20
CA ARG J 289 8.20 -53.55 36.41
C ARG J 289 7.98 -54.96 36.93
N ALA J 290 8.89 -55.85 36.54
CA ALA J 290 8.91 -57.22 37.00
C ALA J 290 10.34 -57.57 37.41
N GLY J 291 10.49 -58.41 38.41
CA GLY J 291 11.80 -58.69 38.94
C GLY J 291 11.89 -60.09 39.51
N LEU J 292 13.06 -60.37 40.08
CA LEU J 292 13.33 -61.65 40.70
C LEU J 292 13.94 -61.44 42.08
N PRO J 293 13.69 -62.35 43.02
CA PRO J 293 14.33 -62.24 44.33
C PRO J 293 15.84 -62.24 44.18
N LEU J 294 16.51 -61.46 45.02
CA LEU J 294 17.93 -61.25 44.77
C LEU J 294 18.76 -62.46 45.14
N HIS J 295 18.22 -63.38 45.95
CA HIS J 295 18.95 -64.61 46.19
C HIS J 295 19.02 -65.47 44.94
N PHE J 296 18.23 -65.14 43.92
CA PHE J 296 18.27 -65.86 42.67
C PHE J 296 19.52 -65.54 41.87
N PHE J 297 20.12 -64.37 42.08
CA PHE J 297 21.33 -63.98 41.39
C PHE J 297 22.60 -64.40 42.09
N ILE J 298 22.51 -64.94 43.29
CA ILE J 298 23.70 -65.43 43.98
C ILE J 298 23.88 -66.89 43.60
N LYS J 299 24.56 -67.13 42.50
CA LYS J 299 24.74 -68.46 41.94
C LYS J 299 26.21 -68.65 41.60
N PRO J 300 26.70 -69.88 41.64
CA PRO J 300 28.14 -70.10 41.38
C PRO J 300 28.59 -69.58 40.04
N ASP J 301 27.78 -69.76 39.00
CA ASP J 301 28.13 -69.30 37.67
C ASP J 301 28.13 -67.78 37.55
N LYS J 302 27.56 -67.10 38.54
CA LYS J 302 27.45 -65.65 38.50
C LYS J 302 28.57 -64.94 39.24
N LEU J 303 29.23 -65.62 40.17
CA LEU J 303 30.35 -65.07 40.93
C LEU J 303 31.60 -65.90 40.66
N PRO J 304 32.45 -65.48 39.72
CA PRO J 304 33.69 -66.24 39.47
C PRO J 304 34.61 -66.29 40.67
N GLY J 305 34.66 -65.24 41.48
CA GLY J 305 35.66 -65.16 42.52
C GLY J 305 35.47 -66.19 43.62
N LEU J 306 34.27 -66.74 43.74
CA LEU J 306 34.15 -67.60 44.91
C LEU J 306 33.82 -69.03 44.51
N PRO J 307 34.16 -70.01 45.35
CA PRO J 307 33.80 -71.40 45.06
C PRO J 307 32.31 -71.64 45.31
N GLY J 308 31.82 -72.74 44.74
CA GLY J 308 30.43 -73.10 44.82
C GLY J 308 29.89 -73.32 46.22
N PRO J 309 30.57 -74.14 47.03
CA PRO J 309 30.11 -74.37 48.40
C PRO J 309 30.01 -73.10 49.21
N LEU J 310 30.91 -72.14 48.97
CA LEU J 310 30.82 -70.86 49.66
C LEU J 310 29.61 -70.05 49.21
N VAL J 311 29.37 -69.97 47.90
CA VAL J 311 28.26 -69.16 47.44
C VAL J 311 26.93 -69.79 47.84
N LYS J 312 26.90 -71.09 48.07
CA LYS J 312 25.69 -71.70 48.61
C LYS J 312 25.35 -71.13 49.97
N LYS J 313 26.35 -71.07 50.86
CA LYS J 313 26.13 -70.47 52.18
C LYS J 313 25.84 -68.99 52.05
N LEU J 314 26.48 -68.32 51.10
CA LEU J 314 26.19 -66.92 50.84
C LEU J 314 24.72 -66.70 50.52
N SER J 315 24.19 -67.51 49.60
CA SER J 315 22.79 -67.40 49.25
C SER J 315 21.91 -67.71 50.43
N LYS J 316 22.28 -68.72 51.22
CA LYS J 316 21.48 -69.08 52.39
C LYS J 316 21.38 -67.91 53.36
N THR J 317 22.52 -67.28 53.66
CA THR J 317 22.51 -66.21 54.64
C THR J 317 21.84 -64.95 54.10
N VAL J 318 22.01 -64.66 52.81
CA VAL J 318 21.31 -63.52 52.24
C VAL J 318 19.81 -63.75 52.27
N GLU J 319 19.38 -64.97 51.95
CA GLU J 319 17.96 -65.28 51.98
C GLU J 319 17.40 -65.18 53.38
N THR J 320 18.15 -65.65 54.38
CA THR J 320 17.64 -65.52 55.74
C THR J 320 17.63 -64.08 56.19
N ALA J 321 18.57 -63.27 55.71
CA ALA J 321 18.51 -61.83 56.00
C ALA J 321 17.25 -61.22 55.40
N VAL J 322 16.91 -61.61 54.17
CA VAL J 322 15.69 -61.12 53.54
C VAL J 322 14.48 -61.56 54.34
N ARG J 323 14.47 -62.81 54.79
CA ARG J 323 13.34 -63.31 55.56
C ARG J 323 13.17 -62.52 56.84
N HIS J 324 14.28 -62.24 57.54
CA HIS J 324 14.20 -61.43 58.74
C HIS J 324 13.69 -60.03 58.42
N TYR J 325 14.19 -59.44 57.34
CA TYR J 325 13.75 -58.11 56.94
C TYR J 325 12.25 -58.07 56.70
N TYR J 326 11.72 -59.09 56.03
CA TYR J 326 10.28 -59.17 55.83
C TYR J 326 9.55 -59.33 57.15
N THR J 327 9.98 -60.29 57.98
CA THR J 327 9.23 -60.63 59.18
C THR J 327 9.16 -59.47 60.15
N PHE J 328 10.26 -58.72 60.32
CA PHE J 328 10.21 -57.61 61.25
C PHE J 328 9.21 -56.56 60.79
N ASN J 329 9.14 -56.32 59.49
CA ASN J 329 8.31 -55.25 58.96
C ASN J 329 6.99 -55.80 58.42
N PHE J 360 -2.51 -54.51 72.68
CA PHE J 360 -3.97 -54.40 72.68
C PHE J 360 -4.52 -54.66 71.28
N THR J 361 -5.81 -54.97 71.20
CA THR J 361 -6.48 -55.18 69.93
C THR J 361 -7.62 -54.19 69.77
N PHE J 362 -7.69 -53.55 68.62
CA PHE J 362 -8.71 -52.55 68.32
C PHE J 362 -9.70 -53.18 67.33
N GLY J 363 -10.95 -53.32 67.75
CA GLY J 363 -11.94 -54.06 67.00
C GLY J 363 -12.84 -53.26 66.09
N GLY J 364 -12.52 -52.00 65.84
CA GLY J 364 -13.31 -51.18 64.94
C GLY J 364 -14.00 -50.04 65.67
N VAL J 365 -14.68 -49.22 64.86
CA VAL J 365 -15.38 -48.04 65.36
C VAL J 365 -16.76 -47.99 64.71
N TYR J 366 -17.63 -47.20 65.33
CA TYR J 366 -18.94 -46.92 64.76
C TYR J 366 -19.47 -45.64 65.40
N GLN J 367 -20.12 -44.80 64.60
CA GLN J 367 -20.64 -43.52 65.07
C GLN J 367 -22.15 -43.53 64.94
N GLU J 368 -22.84 -43.56 66.07
CA GLU J 368 -24.29 -43.47 66.08
C GLU J 368 -24.72 -42.02 65.86
N CYS J 369 -25.79 -41.86 65.09
CA CYS J 369 -26.33 -40.54 64.79
C CYS J 369 -27.82 -40.54 65.12
N THR J 370 -28.25 -39.55 65.89
CA THR J 370 -29.64 -39.40 66.28
C THR J 370 -30.18 -38.09 65.69
N GLU J 371 -31.26 -38.19 64.92
CA GLU J 371 -31.90 -37.03 64.34
C GLU J 371 -32.83 -36.41 65.36
N LEU J 372 -32.60 -35.14 65.70
CA LEU J 372 -33.46 -34.42 66.61
C LEU J 372 -34.38 -33.44 65.90
N SER J 373 -34.04 -33.06 64.67
CA SER J 373 -34.87 -32.14 63.90
C SER J 373 -34.59 -32.39 62.43
N GLY J 374 -35.58 -32.91 61.72
CA GLY J 374 -35.38 -33.29 60.33
C GLY J 374 -34.65 -34.60 60.21
N ASP J 375 -34.29 -34.94 58.97
CA ASP J 375 -33.54 -36.14 58.66
C ASP J 375 -32.47 -35.85 57.63
N VAL J 376 -31.77 -34.73 57.80
CA VAL J 376 -30.83 -34.26 56.81
C VAL J 376 -29.38 -34.47 57.23
N LEU J 377 -29.09 -34.54 58.53
CA LEU J 377 -27.71 -34.63 58.97
C LEU J 377 -27.23 -36.08 59.07
N CYS J 378 -28.04 -36.95 59.67
CA CYS J 378 -27.61 -38.31 59.97
C CYS J 378 -27.44 -39.16 58.71
N GLN J 379 -27.86 -38.66 57.56
CA GLN J 379 -27.61 -39.35 56.31
C GLN J 379 -26.13 -39.43 55.99
N ASN J 380 -25.30 -38.60 56.61
CA ASN J 380 -23.87 -38.57 56.33
C ASN J 380 -22.98 -38.67 57.55
N LEU J 381 -23.53 -38.51 58.76
CA LEU J 381 -22.72 -38.53 59.97
C LEU J 381 -22.70 -39.90 60.64
N GLU J 382 -23.36 -40.88 60.07
CA GLU J 382 -23.42 -42.21 60.65
C GLU J 382 -22.37 -43.12 60.03
N GLN J 383 -21.85 -44.03 60.84
CA GLN J 383 -20.83 -44.97 60.39
C GLN J 383 -21.03 -46.28 61.12
N LYS J 384 -21.45 -47.31 60.40
CA LYS J 384 -21.62 -48.61 61.01
C LYS J 384 -20.26 -49.24 61.29
N ASN J 385 -20.25 -50.24 62.18
CA ASN J 385 -19.03 -50.99 62.41
C ASN J 385 -18.67 -51.80 61.17
N LEU J 386 -17.39 -51.76 60.81
CA LEU J 386 -16.93 -52.44 59.61
C LEU J 386 -17.15 -53.94 59.70
N LEU J 387 -16.80 -54.54 60.83
CA LEU J 387 -16.84 -55.99 60.96
C LEU J 387 -18.24 -56.55 61.13
N THR J 388 -19.13 -55.82 61.81
CA THR J 388 -20.48 -56.29 62.06
C THR J 388 -21.52 -55.66 61.16
N GLY J 389 -21.17 -54.63 60.40
CA GLY J 389 -22.15 -53.95 59.58
C GLY J 389 -23.25 -53.30 60.37
N ASP J 390 -22.95 -52.78 61.55
CA ASP J 390 -23.97 -52.26 62.46
C ASP J 390 -23.34 -51.25 63.39
N PHE J 391 -24.17 -50.60 64.20
CA PHE J 391 -23.70 -49.70 65.25
C PHE J 391 -23.43 -50.48 66.52
N SER J 392 -22.40 -51.34 66.43
CA SER J 392 -22.09 -52.25 67.52
C SER J 392 -20.61 -52.58 67.46
N CYS J 393 -20.20 -53.56 68.25
CA CYS J 393 -18.83 -54.02 68.26
C CYS J 393 -18.76 -55.52 68.03
N PRO J 394 -17.67 -56.02 67.48
CA PRO J 394 -17.53 -57.44 67.24
C PRO J 394 -17.46 -58.21 68.54
N PRO J 395 -17.74 -59.51 68.52
CA PRO J 395 -17.64 -60.30 69.75
C PRO J 395 -16.22 -60.22 70.32
N GLY J 396 -16.13 -60.16 71.64
CA GLY J 396 -14.87 -60.00 72.31
C GLY J 396 -14.39 -58.57 72.43
N TYR J 397 -15.16 -57.61 71.92
CA TYR J 397 -14.78 -56.20 72.02
C TYR J 397 -15.86 -55.43 72.76
N SER J 398 -15.41 -54.57 73.66
CA SER J 398 -16.30 -53.77 74.48
C SER J 398 -16.45 -52.39 73.85
N PRO J 399 -17.67 -51.97 73.51
CA PRO J 399 -17.86 -50.60 73.01
C PRO J 399 -17.45 -49.60 74.08
N VAL J 400 -16.67 -48.60 73.67
CA VAL J 400 -16.24 -47.52 74.54
C VAL J 400 -16.81 -46.23 73.97
N HIS J 401 -17.53 -45.47 74.79
CA HIS J 401 -18.09 -44.21 74.33
C HIS J 401 -16.98 -43.22 74.12
N LEU J 402 -16.64 -42.96 72.86
CA LEU J 402 -15.59 -42.00 72.56
C LEU J 402 -16.09 -40.58 72.81
N LEU J 403 -17.13 -40.15 72.10
CA LEU J 403 -17.64 -38.80 72.26
C LEU J 403 -19.01 -38.58 71.64
N SER J 404 -19.88 -37.83 72.30
CA SER J 404 -21.20 -37.49 71.78
C SER J 404 -21.32 -35.98 71.73
N GLN J 405 -21.75 -35.45 70.59
CA GLN J 405 -21.95 -34.02 70.43
C GLN J 405 -23.11 -33.75 69.48
N THR J 406 -23.69 -32.57 69.62
CA THR J 406 -24.79 -32.14 68.75
C THR J 406 -24.27 -31.19 67.69
N HIS J 407 -24.86 -31.28 66.51
CA HIS J 407 -24.46 -30.47 65.36
C HIS J 407 -25.69 -29.87 64.73
N GLU J 408 -25.59 -28.61 64.34
CA GLU J 408 -26.70 -27.85 63.77
C GLU J 408 -26.33 -27.36 62.38
N GLU J 409 -27.32 -27.28 61.49
CA GLU J 409 -27.09 -26.75 60.16
C GLU J 409 -28.40 -26.26 59.57
N GLY J 410 -28.37 -25.07 58.95
CA GLY J 410 -29.55 -24.51 58.33
C GLY J 410 -29.66 -24.95 56.89
N TYR J 411 -30.79 -25.55 56.54
CA TYR J 411 -31.03 -26.04 55.19
C TYR J 411 -32.40 -25.57 54.73
N SER J 412 -32.51 -25.33 53.43
CA SER J 412 -33.76 -24.93 52.80
C SER J 412 -34.30 -26.13 52.03
N ARG J 413 -35.41 -26.67 52.50
CA ARG J 413 -36.07 -27.80 51.85
C ARG J 413 -37.25 -27.29 51.04
N LEU J 414 -37.27 -27.64 49.76
CA LEU J 414 -38.34 -27.25 48.86
C LEU J 414 -39.28 -28.44 48.69
N GLU J 415 -40.57 -28.23 48.93
CA GLU J 415 -41.54 -29.29 48.76
C GLU J 415 -42.78 -28.74 48.08
N CYS J 416 -43.43 -29.58 47.28
CA CYS J 416 -44.62 -29.23 46.54
C CYS J 416 -45.77 -30.12 46.97
N LYS J 417 -46.95 -29.52 47.12
CA LYS J 417 -48.15 -30.22 47.59
C LYS J 417 -49.32 -29.86 46.70
N LYS J 418 -50.22 -30.81 46.47
CA LYS J 418 -51.45 -30.56 45.73
C LYS J 418 -52.56 -30.28 46.72
N LYS J 419 -52.86 -29.01 46.93
CA LYS J 419 -53.95 -28.60 47.82
C LYS J 419 -55.24 -28.54 47.02
N CYS J 420 -56.26 -29.24 47.48
CA CYS J 420 -57.59 -29.22 46.88
C CYS J 420 -58.58 -28.71 47.91
N THR J 421 -59.03 -27.48 47.74
CA THR J 421 -60.06 -26.90 48.58
C THR J 421 -61.43 -27.16 47.96
N LEU J 422 -62.36 -27.61 48.80
CA LEU J 422 -63.71 -27.98 48.39
C LEU J 422 -63.73 -29.11 47.37
N LYS J 423 -62.63 -29.86 47.28
CA LYS J 423 -62.46 -30.99 46.36
C LYS J 423 -62.57 -30.58 44.90
N ILE J 424 -62.70 -29.28 44.62
CA ILE J 424 -62.81 -28.80 43.25
C ILE J 424 -61.74 -27.80 42.89
N PHE J 425 -61.22 -27.03 43.84
CA PHE J 425 -60.16 -26.06 43.57
C PHE J 425 -58.84 -26.74 43.92
N CYS J 426 -58.25 -27.41 42.94
CA CYS J 426 -57.00 -28.13 43.11
C CYS J 426 -55.87 -27.34 42.47
N LYS J 427 -54.82 -27.09 43.24
CA LYS J 427 -53.65 -26.39 42.73
C LYS J 427 -52.42 -26.98 43.41
N THR J 428 -51.31 -27.00 42.68
CA THR J 428 -50.03 -27.43 43.22
C THR J 428 -49.29 -26.20 43.72
N VAL J 429 -48.91 -26.20 44.99
CA VAL J 429 -48.19 -25.11 45.62
C VAL J 429 -46.84 -25.63 46.09
N CYS J 430 -45.77 -24.95 45.69
CA CYS J 430 -44.42 -25.29 46.10
C CYS J 430 -43.94 -24.24 47.07
N GLU J 431 -43.38 -24.68 48.19
CA GLU J 431 -42.85 -23.79 49.21
C GLU J 431 -41.52 -24.31 49.71
N ASP J 432 -40.65 -23.39 50.09
CA ASP J 432 -39.35 -23.72 50.66
C ASP J 432 -39.29 -23.29 52.11
N VAL J 433 -38.81 -24.18 52.96
CA VAL J 433 -38.75 -23.96 54.40
C VAL J 433 -37.31 -23.99 54.83
N PHE J 434 -36.88 -22.97 55.57
CA PHE J 434 -35.54 -22.91 56.13
C PHE J 434 -35.59 -23.46 57.55
N ARG J 435 -35.01 -24.64 57.74
CA ARG J 435 -35.01 -25.30 59.03
C ARG J 435 -33.58 -25.52 59.50
N VAL J 436 -33.37 -25.36 60.80
CA VAL J 436 -32.08 -25.63 61.42
C VAL J 436 -32.14 -27.06 61.93
N ALA J 437 -31.66 -28.00 61.10
CA ALA J 437 -31.62 -29.39 61.49
C ALA J 437 -30.53 -29.59 62.53
N LYS J 438 -30.90 -30.22 63.65
CA LYS J 438 -29.97 -30.53 64.73
C LYS J 438 -29.96 -32.04 64.94
N ALA J 439 -28.76 -32.62 64.94
CA ALA J 439 -28.58 -34.05 65.13
C ALA J 439 -27.47 -34.30 66.12
N GLU J 440 -27.67 -35.26 67.01
CA GLU J 440 -26.67 -35.63 68.01
C GLU J 440 -25.96 -36.89 67.54
N PHE J 441 -24.68 -36.78 67.25
CA PHE J 441 -23.86 -37.92 66.85
C PHE J 441 -23.10 -38.45 68.06
N ARG J 442 -23.08 -39.77 68.21
CA ARG J 442 -22.36 -40.43 69.28
C ARG J 442 -21.38 -41.42 68.64
N ALA J 443 -20.10 -41.15 68.78
CA ALA J 443 -19.06 -42.01 68.24
C ALA J 443 -18.46 -42.87 69.34
N TYR J 444 -18.31 -44.16 69.03
CA TYR J 444 -17.78 -45.17 69.94
C TYR J 444 -16.64 -45.89 69.24
N TRP J 445 -15.74 -46.47 70.03
CA TRP J 445 -14.67 -47.27 69.48
C TRP J 445 -14.57 -48.58 70.27
N CYS J 446 -14.34 -49.67 69.55
CA CYS J 446 -14.37 -51.00 70.12
C CYS J 446 -12.98 -51.39 70.56
N VAL J 447 -12.80 -51.59 71.87
CA VAL J 447 -11.55 -52.08 72.42
C VAL J 447 -11.76 -53.54 72.83
N ALA J 448 -10.67 -54.30 72.80
CA ALA J 448 -10.74 -55.71 73.11
C ALA J 448 -11.11 -55.92 74.58
N ALA J 449 -12.07 -56.80 74.83
CA ALA J 449 -12.50 -57.06 76.20
C ALA J 449 -11.45 -57.84 76.99
N GLY J 450 -10.83 -58.84 76.38
CA GLY J 450 -9.82 -59.63 77.07
C GLY J 450 -8.81 -60.21 76.12
N GLN J 451 -8.43 -61.47 76.34
CA GLN J 451 -7.48 -62.15 75.45
C GLN J 451 -8.26 -62.62 74.21
N VAL J 452 -8.46 -61.68 73.30
CA VAL J 452 -9.17 -61.95 72.05
C VAL J 452 -8.32 -62.85 71.17
N PRO J 453 -8.91 -63.64 70.28
CA PRO J 453 -8.10 -64.41 69.33
C PRO J 453 -7.27 -63.49 68.45
N ASP J 454 -6.05 -63.92 68.18
CA ASP J 454 -5.09 -63.15 67.43
C ASP J 454 -4.78 -63.85 66.11
N ASN J 455 -4.61 -63.07 65.04
CA ASN J 455 -4.66 -61.62 65.08
C ASN J 455 -5.97 -61.07 64.53
N SER J 456 -7.06 -61.78 64.80
CA SER J 456 -8.37 -61.37 64.31
C SER J 456 -8.77 -60.01 64.87
N GLY J 457 -8.90 -59.02 64.00
CA GLY J 457 -9.21 -57.66 64.41
C GLY J 457 -8.95 -56.71 63.25
N LEU J 458 -8.70 -55.45 63.61
CA LEU J 458 -8.43 -54.41 62.63
C LEU J 458 -7.16 -53.66 63.02
N LEU J 459 -6.48 -53.12 62.01
CA LEU J 459 -5.22 -52.44 62.20
C LEU J 459 -5.38 -50.94 62.00
N PHE J 460 -4.69 -50.18 62.84
CA PHE J 460 -4.82 -48.73 62.90
C PHE J 460 -3.81 -48.12 61.94
N GLY J 461 -4.31 -47.48 60.88
CA GLY J 461 -3.48 -46.87 59.87
C GLY J 461 -3.32 -45.37 59.97
N GLY J 462 -3.60 -44.78 61.12
CA GLY J 462 -3.46 -43.34 61.27
C GLY J 462 -4.73 -42.61 60.86
N VAL J 463 -4.84 -41.38 61.36
CA VAL J 463 -6.03 -40.57 61.14
C VAL J 463 -5.60 -39.22 60.58
N PHE J 464 -6.53 -38.58 59.89
CA PHE J 464 -6.29 -37.27 59.30
C PHE J 464 -7.60 -36.56 59.09
N THR J 465 -7.56 -35.24 59.09
CA THR J 465 -8.71 -34.40 58.81
C THR J 465 -8.44 -33.56 57.58
N ASP J 466 -9.45 -32.79 57.18
CA ASP J 466 -9.33 -31.90 56.05
C ASP J 466 -8.36 -30.74 56.30
N LYS J 467 -8.11 -30.40 57.55
CA LYS J 467 -7.18 -29.33 57.87
C LYS J 467 -5.86 -29.82 58.44
N THR J 468 -5.74 -31.11 58.73
CA THR J 468 -4.51 -31.69 59.27
C THR J 468 -3.90 -32.63 58.24
N ILE J 469 -2.83 -33.30 58.65
CA ILE J 469 -2.10 -34.23 57.81
C ILE J 469 -1.97 -35.54 58.57
N ASN J 470 -1.84 -36.64 57.83
CA ASN J 470 -1.61 -37.93 58.45
C ASN J 470 -0.12 -38.20 58.50
N PRO J 471 0.52 -38.11 59.67
CA PRO J 471 1.99 -38.23 59.72
C PRO J 471 2.51 -39.57 59.27
N MET J 472 1.75 -40.66 59.47
CA MET J 472 2.26 -41.98 59.14
C MET J 472 2.47 -42.13 57.64
N THR J 473 1.66 -41.46 56.84
CA THR J 473 1.87 -41.43 55.40
C THR J 473 2.23 -40.05 54.86
N ASN J 474 2.31 -39.04 55.73
CA ASN J 474 2.61 -37.66 55.32
C ASN J 474 1.64 -37.18 54.24
N ALA J 475 0.42 -37.71 54.24
CA ALA J 475 -0.56 -37.35 53.23
C ALA J 475 -1.95 -37.47 53.85
N GLN J 476 -2.87 -36.65 53.36
CA GLN J 476 -4.25 -36.73 53.81
C GLN J 476 -4.98 -37.88 53.11
N SER J 477 -4.49 -39.09 53.31
CA SER J 477 -5.04 -40.27 52.66
C SER J 477 -4.65 -41.50 53.46
N CYS J 478 -5.13 -42.65 53.04
CA CYS J 478 -4.86 -43.92 53.68
C CYS J 478 -3.91 -44.75 52.83
N PRO J 479 -3.16 -45.66 53.44
CA PRO J 479 -2.24 -46.50 52.66
C PRO J 479 -2.97 -47.48 51.77
N ALA J 480 -2.21 -48.30 51.04
CA ALA J 480 -2.81 -49.33 50.20
C ALA J 480 -3.52 -50.36 51.06
N GLY J 481 -4.68 -50.81 50.60
CA GLY J 481 -5.46 -51.78 51.34
C GLY J 481 -6.14 -51.23 52.56
N TYR J 482 -6.24 -49.91 52.68
CA TYR J 482 -6.83 -49.28 53.84
C TYR J 482 -8.14 -48.60 53.47
N ILE J 483 -9.09 -48.64 54.41
CA ILE J 483 -10.42 -48.09 54.22
C ILE J 483 -10.57 -46.89 55.13
N PRO J 484 -11.02 -45.75 54.62
CA PRO J 484 -11.28 -44.59 55.51
C PRO J 484 -12.67 -44.68 56.08
N LEU J 485 -12.77 -44.58 57.40
CA LEU J 485 -14.03 -44.58 58.12
C LEU J 485 -14.25 -43.22 58.76
N ASN J 486 -15.42 -42.64 58.51
CA ASN J 486 -15.72 -41.32 59.06
C ASN J 486 -16.14 -41.47 60.51
N LEU J 487 -15.49 -40.72 61.39
CA LEU J 487 -15.73 -40.82 62.82
C LEU J 487 -16.20 -39.50 63.42
N PHE J 488 -15.78 -38.38 62.86
CA PHE J 488 -16.33 -37.08 63.22
C PHE J 488 -16.87 -36.39 61.98
N GLU J 489 -17.19 -35.10 62.10
CA GLU J 489 -17.60 -34.35 60.92
C GLU J 489 -16.49 -34.30 59.88
N SER J 490 -15.24 -34.13 60.31
CA SER J 490 -14.11 -34.02 59.40
C SER J 490 -13.00 -35.03 59.68
N LEU J 491 -13.17 -35.90 60.67
CA LEU J 491 -12.14 -36.87 61.02
C LEU J 491 -12.38 -38.19 60.30
N LYS J 492 -11.30 -38.75 59.76
CA LYS J 492 -11.34 -40.05 59.09
C LYS J 492 -10.25 -40.92 59.67
N VAL J 493 -10.54 -42.22 59.76
CA VAL J 493 -9.63 -43.19 60.34
C VAL J 493 -9.29 -44.24 59.28
N CYS J 494 -8.01 -44.51 59.08
CA CYS J 494 -7.57 -45.51 58.13
C CYS J 494 -7.53 -46.86 58.82
N VAL J 495 -8.37 -47.79 58.38
CA VAL J 495 -8.47 -49.13 58.94
C VAL J 495 -8.37 -50.13 57.82
N SER J 496 -7.39 -51.03 57.90
CA SER J 496 -7.19 -52.04 56.90
C SER J 496 -7.72 -53.38 57.37
N LEU J 497 -8.12 -54.21 56.41
CA LEU J 497 -8.63 -55.55 56.69
C LEU J 497 -7.57 -56.62 56.51
N ASP J 498 -6.79 -56.56 55.43
CA ASP J 498 -5.75 -57.55 55.21
C ASP J 498 -4.63 -57.37 56.22
N TYR J 499 -4.23 -58.47 56.86
CA TYR J 499 -3.34 -58.39 58.01
C TYR J 499 -1.91 -58.11 57.60
N GLU J 500 -1.45 -58.73 56.50
CA GLU J 500 -0.09 -58.52 56.04
C GLU J 500 0.16 -57.07 55.64
N LEU J 501 -0.70 -56.54 54.76
CA LEU J 501 -0.53 -55.18 54.28
C LEU J 501 -0.66 -54.18 55.42
N GLY J 502 -1.59 -54.42 56.33
CA GLY J 502 -1.68 -53.57 57.50
C GLY J 502 -0.42 -53.60 58.34
N PHE J 503 0.02 -54.80 58.72
CA PHE J 503 1.19 -54.91 59.58
C PHE J 503 2.42 -54.29 58.92
N LYS J 504 2.45 -54.25 57.59
CA LYS J 504 3.51 -53.52 56.93
C LYS J 504 3.18 -52.04 56.74
N PHE J 505 1.97 -51.61 57.06
CA PHE J 505 1.61 -50.20 56.95
C PHE J 505 0.81 -49.74 58.16
N SER J 506 1.17 -50.21 59.35
CA SER J 506 0.42 -49.85 60.56
C SER J 506 1.39 -49.53 61.68
N VAL J 507 0.82 -49.11 62.80
CA VAL J 507 1.54 -48.83 64.03
C VAL J 507 0.72 -49.44 65.16
N PRO J 508 1.34 -50.00 66.20
CA PRO J 508 0.54 -50.52 67.32
C PRO J 508 -0.35 -49.44 67.92
N PHE J 509 -1.57 -49.83 68.25
CA PHE J 509 -2.58 -48.92 68.76
C PHE J 509 -2.88 -49.25 70.22
N GLY J 510 -3.04 -48.20 71.02
CA GLY J 510 -3.25 -48.37 72.44
C GLY J 510 -4.62 -47.95 72.92
N GLY J 511 -5.23 -46.97 72.26
CA GLY J 511 -6.56 -46.56 72.61
C GLY J 511 -6.78 -45.08 72.36
N PHE J 512 -8.06 -44.71 72.28
CA PHE J 512 -8.48 -43.33 72.12
C PHE J 512 -8.85 -42.75 73.48
N PHE J 513 -8.96 -41.42 73.52
CA PHE J 513 -9.54 -40.77 74.68
C PHE J 513 -9.99 -39.37 74.30
N SER J 514 -10.98 -38.87 75.04
CA SER J 514 -11.58 -37.58 74.74
C SER J 514 -11.26 -36.57 75.82
N CYS J 515 -11.78 -35.35 75.67
CA CYS J 515 -11.55 -34.33 76.69
C CYS J 515 -12.39 -34.58 77.93
N ILE J 516 -13.43 -35.39 77.82
CA ILE J 516 -14.36 -35.63 78.91
C ILE J 516 -14.03 -36.92 79.67
N MET J 517 -13.64 -37.97 78.96
CA MET J 517 -13.27 -39.22 79.61
C MET J 517 -12.11 -39.83 78.86
N GLY J 518 -11.15 -40.36 79.61
CA GLY J 518 -9.90 -40.84 79.05
C GLY J 518 -9.93 -42.30 78.64
N ASN J 519 -8.74 -42.80 78.34
CA ASN J 519 -8.57 -44.19 77.95
C ASN J 519 -8.69 -45.09 79.16
N PRO J 520 -9.60 -46.07 79.17
CA PRO J 520 -9.70 -46.97 80.33
C PRO J 520 -8.58 -47.99 80.42
N LEU J 521 -7.60 -47.96 79.53
CA LEU J 521 -6.49 -48.88 79.57
C LEU J 521 -5.31 -48.34 80.36
N VAL J 522 -5.52 -47.28 81.14
CA VAL J 522 -4.45 -46.75 81.98
C VAL J 522 -4.16 -47.72 83.12
N ASN J 523 -3.07 -47.44 83.84
CA ASN J 523 -2.65 -48.28 84.96
C ASN J 523 -2.07 -47.43 86.08
N ALA J 532 -12.87 -49.50 87.49
CA ALA J 532 -11.52 -49.24 87.03
C ALA J 532 -11.34 -47.77 86.66
N PRO J 533 -10.28 -47.14 87.19
CA PRO J 533 -10.01 -45.74 86.85
C PRO J 533 -9.76 -45.56 85.36
N SER J 534 -10.25 -44.45 84.83
CA SER J 534 -10.08 -44.09 83.42
C SER J 534 -9.37 -42.75 83.38
N LEU J 535 -8.07 -42.77 83.07
CA LEU J 535 -7.27 -41.56 82.99
C LEU J 535 -7.00 -41.23 81.53
N LYS J 536 -6.69 -39.95 81.30
CA LYS J 536 -6.40 -39.45 79.96
C LYS J 536 -4.89 -39.55 79.74
N LYS J 537 -4.42 -40.77 79.54
CA LYS J 537 -3.00 -41.03 79.44
C LYS J 537 -2.80 -42.28 78.59
N CYS J 538 -1.80 -42.25 77.72
CA CYS J 538 -1.48 -43.42 76.91
C CYS J 538 -0.74 -44.44 77.77
N PRO J 539 -1.25 -45.66 77.90
CA PRO J 539 -0.58 -46.67 78.72
C PRO J 539 0.72 -47.13 78.09
N GLY J 540 1.61 -47.62 78.94
CA GLY J 540 2.89 -48.12 78.46
C GLY J 540 3.72 -47.01 77.85
N GLY J 541 4.50 -47.37 76.84
CA GLY J 541 5.35 -46.40 76.17
C GLY J 541 4.66 -45.76 74.99
N PHE J 542 3.35 -45.91 74.91
CA PHE J 542 2.58 -45.36 73.81
C PHE J 542 2.63 -43.84 73.85
N SER J 543 2.80 -43.23 72.68
CA SER J 543 2.85 -41.78 72.56
C SER J 543 1.44 -41.22 72.45
N GLN J 544 1.27 -40.01 72.99
CA GLN J 544 -0.01 -39.33 72.98
C GLN J 544 -0.02 -38.30 71.87
N HIS J 545 -0.87 -38.51 70.86
CA HIS J 545 -0.91 -37.65 69.69
C HIS J 545 -2.35 -37.22 69.41
N LEU J 546 -2.52 -35.93 69.16
CA LEU J 546 -3.83 -35.37 68.91
C LEU J 546 -4.44 -35.94 67.64
N ALA J 547 -5.75 -36.19 67.68
CA ALA J 547 -6.49 -36.66 66.52
C ALA J 547 -7.42 -35.60 65.94
N VAL J 548 -8.18 -34.91 66.78
CA VAL J 548 -9.14 -33.92 66.29
C VAL J 548 -9.54 -33.00 67.43
N ILE J 549 -10.09 -31.85 67.09
CA ILE J 549 -10.63 -30.88 68.04
C ILE J 549 -12.07 -30.62 67.64
N SER J 550 -13.01 -31.18 68.40
CA SER J 550 -14.43 -31.06 68.12
C SER J 550 -15.05 -30.13 69.15
N ASP J 551 -15.31 -28.89 68.73
CA ASP J 551 -15.96 -27.89 69.57
C ASP J 551 -15.20 -27.69 70.89
N GLY J 552 -13.88 -27.60 70.78
CA GLY J 552 -13.03 -27.43 71.93
C GLY J 552 -12.71 -28.70 72.69
N CYS J 553 -13.30 -29.83 72.31
CA CYS J 553 -13.00 -31.10 72.95
C CYS J 553 -11.86 -31.79 72.19
N GLN J 554 -10.82 -32.17 72.91
CA GLN J 554 -9.65 -32.79 72.32
C GLN J 554 -9.84 -34.30 72.26
N VAL J 555 -9.67 -34.88 71.08
CA VAL J 555 -9.68 -36.32 70.89
C VAL J 555 -8.32 -36.72 70.38
N SER J 556 -7.71 -37.72 71.01
CA SER J 556 -6.36 -38.17 70.69
C SER J 556 -6.33 -39.69 70.62
N TYR J 557 -5.18 -40.22 70.23
CA TYR J 557 -4.95 -41.65 70.13
C TYR J 557 -3.57 -41.98 70.68
N CYS J 558 -3.31 -43.27 70.82
CA CYS J 558 -2.08 -43.75 71.46
C CYS J 558 -1.35 -44.69 70.51
N VAL J 559 -0.11 -44.35 70.18
CA VAL J 559 0.75 -45.19 69.36
C VAL J 559 2.13 -45.24 69.99
N LYS J 560 2.90 -46.26 69.62
CA LYS J 560 4.25 -46.38 70.12
C LYS J 560 5.11 -45.21 69.65
N ALA J 561 5.87 -44.64 70.58
CA ALA J 561 6.70 -43.47 70.28
C ALA J 561 7.92 -43.82 69.44
N GLY J 562 8.28 -45.10 69.33
CA GLY J 562 9.47 -45.48 68.61
C GLY J 562 9.37 -45.27 67.11
N ILE J 563 8.16 -45.16 66.59
CA ILE J 563 7.96 -44.97 65.15
C ILE J 563 7.86 -43.51 64.78
N PHE J 564 7.20 -42.70 65.61
CA PHE J 564 7.10 -41.28 65.33
C PHE J 564 8.44 -40.59 65.57
N THR J 565 8.73 -39.59 64.76
CA THR J 565 10.02 -38.90 64.78
C THR J 565 9.81 -37.44 64.41
N GLY J 566 10.89 -36.78 64.02
CA GLY J 566 10.80 -35.36 63.67
C GLY J 566 9.84 -35.11 62.53
N GLY J 567 9.86 -35.96 61.51
CA GLY J 567 8.91 -35.91 60.42
C GLY J 567 9.41 -35.16 59.20
N SER J 568 10.30 -34.19 59.38
CA SER J 568 10.86 -33.50 58.22
C SER J 568 11.88 -34.38 57.51
N LEU J 569 12.60 -35.20 58.25
CA LEU J 569 13.47 -36.23 57.69
C LEU J 569 12.94 -37.58 58.13
N LEU J 570 12.62 -38.43 57.16
CA LEU J 570 12.12 -39.76 57.47
C LEU J 570 13.30 -40.73 57.50
N PRO J 571 13.74 -41.17 58.68
CA PRO J 571 14.86 -42.11 58.74
C PRO J 571 14.47 -43.45 58.12
N VAL J 572 15.45 -44.17 57.59
CA VAL J 572 15.22 -45.47 57.00
C VAL J 572 15.32 -46.53 58.08
N ARG J 573 14.24 -46.71 58.85
CA ARG J 573 14.22 -47.63 59.99
C ARG J 573 13.86 -49.02 59.48
N LEU J 574 14.84 -49.64 58.83
CA LEU J 574 14.67 -50.95 58.21
C LEU J 574 15.71 -51.88 58.84
N PRO J 575 16.77 -52.38 58.17
CA PRO J 575 17.89 -52.91 58.95
C PRO J 575 18.93 -51.83 59.17
N PRO J 576 19.87 -52.03 60.11
CA PRO J 576 20.03 -53.21 60.98
C PRO J 576 19.01 -53.23 62.10
N TYR J 577 18.48 -54.41 62.42
CA TYR J 577 17.61 -54.58 63.56
C TYR J 577 18.41 -54.79 64.83
N THR J 578 19.72 -54.88 64.70
CA THR J 578 20.64 -55.00 65.83
C THR J 578 21.81 -54.06 65.57
N LYS J 579 22.43 -53.60 66.65
CA LYS J 579 23.67 -52.86 66.51
C LYS J 579 24.76 -53.80 66.00
N PRO J 580 25.78 -53.27 65.32
CA PRO J 580 26.85 -54.13 64.79
C PRO J 580 27.44 -55.00 65.88
N PRO J 581 27.26 -56.31 65.79
CA PRO J 581 27.79 -57.19 66.82
C PRO J 581 29.30 -57.21 66.80
N LEU J 582 29.90 -57.20 67.99
CA LEU J 582 31.35 -57.14 68.10
C LEU J 582 31.98 -58.44 67.66
N MET J 583 33.27 -58.38 67.34
CA MET J 583 34.02 -59.54 66.91
C MET J 583 34.13 -60.57 68.02
N THR K 13 37.84 -31.24 43.44
CA THR K 13 36.50 -31.81 43.47
C THR K 13 35.48 -30.82 42.94
N GLY K 14 35.86 -30.07 41.92
CA GLY K 14 34.99 -29.07 41.33
C GLY K 14 34.39 -29.60 40.03
N PHE K 15 33.20 -29.12 39.73
CA PHE K 15 32.47 -29.55 38.54
C PHE K 15 32.71 -28.64 37.36
N GLN K 16 33.58 -27.64 37.50
CA GLN K 16 33.71 -26.66 36.44
C GLN K 16 34.24 -27.28 35.16
N ILE K 17 35.05 -28.34 35.27
CA ILE K 17 35.54 -29.00 34.08
C ILE K 17 34.38 -29.59 33.29
N CYS K 18 33.49 -30.30 33.96
CA CYS K 18 32.35 -30.90 33.28
C CYS K 18 31.43 -29.83 32.69
N LYS K 19 31.22 -28.75 33.42
CA LYS K 19 30.43 -27.66 32.86
C LYS K 19 31.08 -27.11 31.59
N ASN K 20 32.40 -26.96 31.59
CA ASN K 20 33.08 -26.52 30.39
C ASN K 20 32.88 -27.50 29.26
N ALA K 21 32.89 -28.80 29.55
CA ALA K 21 32.76 -29.78 28.49
C ALA K 21 31.31 -29.93 28.03
N LEU K 22 30.38 -30.07 28.97
CA LEU K 22 29.01 -30.43 28.64
C LEU K 22 28.07 -29.23 28.52
N LYS K 23 28.39 -28.10 29.13
CA LYS K 23 27.52 -26.93 29.11
C LYS K 23 26.15 -27.24 29.69
N LEU K 24 26.15 -27.86 30.86
CA LEU K 24 24.91 -28.22 31.54
C LEU K 24 24.95 -27.70 32.97
N PRO K 25 23.80 -27.37 33.55
CA PRO K 25 23.77 -27.01 34.96
C PRO K 25 23.97 -28.24 35.83
N VAL K 26 24.44 -28.02 37.03
CA VAL K 26 24.58 -29.10 37.98
C VAL K 26 23.29 -29.25 38.76
N LEU K 27 22.87 -30.48 39.01
CA LEU K 27 21.72 -30.70 39.85
C LEU K 27 22.01 -30.17 41.24
N GLU K 28 21.29 -29.12 41.63
CA GLU K 28 21.65 -28.39 42.83
C GLU K 28 21.19 -29.06 44.11
N VAL K 29 20.29 -30.02 44.04
CA VAL K 29 19.80 -30.71 45.22
C VAL K 29 20.52 -32.05 45.29
N LEU K 30 21.32 -32.25 46.33
CA LEU K 30 22.19 -33.40 46.40
C LEU K 30 22.16 -34.01 47.79
N PRO K 31 22.23 -35.31 47.89
CA PRO K 31 22.28 -35.97 49.19
C PRO K 31 23.69 -35.98 49.73
N GLY K 32 23.91 -36.74 50.80
CA GLY K 32 25.23 -36.85 51.37
C GLY K 32 25.60 -35.77 52.34
N GLY K 33 24.73 -34.79 52.54
CA GLY K 33 24.99 -33.72 53.48
C GLY K 33 24.44 -34.04 54.85
N GLY K 34 25.00 -33.36 55.84
CA GLY K 34 24.48 -33.48 57.18
C GLY K 34 23.13 -32.83 57.31
N TRP K 35 22.39 -33.26 58.32
CA TRP K 35 21.04 -32.77 58.53
C TRP K 35 20.78 -32.70 60.01
N ASP K 36 20.45 -31.50 60.50
CA ASP K 36 20.17 -31.29 61.91
C ASP K 36 18.72 -31.66 62.16
N ASN K 37 18.49 -32.84 62.70
CA ASN K 37 17.13 -33.31 62.92
C ASN K 37 16.38 -32.45 63.93
N LEU K 38 17.10 -31.68 64.74
CA LEU K 38 16.43 -30.78 65.67
C LEU K 38 15.90 -29.55 64.95
N ARG K 39 16.80 -28.75 64.39
CA ARG K 39 16.42 -27.50 63.78
C ARG K 39 15.95 -27.64 62.34
N ASN K 40 16.01 -28.85 61.77
CA ASN K 40 15.55 -29.12 60.41
C ASN K 40 16.24 -28.20 59.40
N VAL K 41 17.56 -28.36 59.31
CA VAL K 41 18.35 -27.54 58.41
C VAL K 41 19.57 -28.34 57.99
N ASP K 42 19.96 -28.19 56.72
CA ASP K 42 21.16 -28.84 56.23
C ASP K 42 22.37 -28.30 56.96
N MET K 43 23.36 -29.16 57.19
CA MET K 43 24.47 -28.76 58.04
C MET K 43 25.82 -28.79 57.33
N GLY K 44 26.21 -29.91 56.75
CA GLY K 44 27.54 -29.96 56.18
C GLY K 44 27.71 -31.20 55.33
N ARG K 45 28.78 -31.21 54.57
CA ARG K 45 29.00 -32.24 53.56
C ARG K 45 29.69 -33.43 54.23
N VAL K 46 28.99 -34.55 54.28
CA VAL K 46 29.51 -35.75 54.94
C VAL K 46 30.11 -36.72 53.93
N MET K 47 29.31 -37.20 52.98
CA MET K 47 29.85 -38.06 51.95
C MET K 47 30.63 -37.22 50.95
N ASP K 48 31.58 -37.85 50.29
CA ASP K 48 32.46 -37.15 49.36
C ASP K 48 31.77 -37.02 48.01
N LEU K 49 31.78 -35.82 47.44
CA LEU K 49 31.22 -35.56 46.14
C LEU K 49 32.33 -35.16 45.18
N THR K 50 32.55 -35.97 44.16
CA THR K 50 33.57 -35.72 43.15
C THR K 50 32.95 -35.80 41.77
N TYR K 51 33.36 -34.90 40.90
CA TYR K 51 32.86 -34.85 39.54
C TYR K 51 33.93 -35.33 38.56
N THR K 52 34.65 -36.37 38.95
CA THR K 52 35.75 -36.86 38.13
C THR K 52 35.25 -37.40 36.80
N ASN K 53 34.16 -38.13 36.81
CA ASN K 53 33.69 -38.81 35.61
C ASN K 53 32.76 -37.96 34.77
N CYS K 54 32.41 -36.76 35.20
CA CYS K 54 31.46 -35.91 34.50
C CYS K 54 30.16 -36.67 34.23
N LYS K 55 29.70 -37.35 35.26
CA LYS K 55 28.49 -38.15 35.17
C LYS K 55 27.28 -37.27 34.94
N THR K 56 26.31 -37.77 34.19
CA THR K 56 25.14 -37.00 33.80
C THR K 56 23.89 -37.84 34.02
N THR K 57 22.79 -37.17 34.34
CA THR K 57 21.51 -37.86 34.35
C THR K 57 21.17 -38.33 32.95
N GLU K 58 20.48 -39.47 32.86
CA GLU K 58 20.29 -40.10 31.55
C GLU K 58 19.58 -39.18 30.58
N ASP K 59 18.60 -38.40 31.05
CA ASP K 59 17.93 -37.48 30.17
C ASP K 59 18.85 -36.39 29.68
N GLY K 60 20.03 -36.25 30.27
CA GLY K 60 21.01 -35.31 29.80
C GLY K 60 20.68 -33.86 30.08
N GLN K 61 20.16 -33.60 31.28
CA GLN K 61 19.83 -32.24 31.67
C GLN K 61 20.63 -31.73 32.85
N TYR K 62 21.15 -32.61 33.69
CA TYR K 62 21.93 -32.16 34.83
C TYR K 62 23.20 -32.98 34.96
N ILE K 63 24.23 -32.32 35.46
CA ILE K 63 25.49 -32.96 35.82
C ILE K 63 25.36 -33.41 37.26
N ILE K 64 25.75 -34.65 37.53
CA ILE K 64 25.64 -35.16 38.90
C ILE K 64 26.99 -35.65 39.36
N PRO K 65 27.27 -35.62 40.66
CA PRO K 65 28.53 -36.17 41.17
C PRO K 65 28.59 -37.67 40.95
N ASP K 66 29.81 -38.18 40.93
CA ASP K 66 30.03 -39.58 40.63
C ASP K 66 29.49 -40.51 41.71
N GLU K 67 29.12 -40.00 42.86
CA GLU K 67 28.72 -40.83 43.98
C GLU K 67 27.22 -40.92 44.15
N VAL K 68 26.43 -40.36 43.23
CA VAL K 68 24.99 -40.38 43.34
C VAL K 68 24.39 -40.91 42.06
N TYR K 69 23.18 -41.44 42.16
CA TYR K 69 22.43 -41.85 40.99
C TYR K 69 20.99 -41.36 41.14
N THR K 70 20.35 -41.09 40.02
CA THR K 70 19.03 -40.48 40.00
C THR K 70 18.03 -41.48 39.44
N ILE K 71 16.83 -41.46 40.00
CA ILE K 71 15.70 -42.18 39.45
C ILE K 71 14.72 -41.16 38.88
N PRO K 72 14.38 -41.23 37.61
CA PRO K 72 13.50 -40.26 36.95
C PRO K 72 12.04 -40.53 37.29
N GLN K 73 11.54 -39.87 38.32
CA GLN K 73 10.16 -40.02 38.73
C GLN K 73 9.34 -38.78 38.36
N LYS K 74 9.36 -38.43 37.09
CA LYS K 74 8.86 -37.12 36.67
C LYS K 74 7.35 -37.10 36.81
N GLU K 75 6.86 -36.59 37.94
CA GLU K 75 5.45 -36.53 38.23
C GLU K 75 5.03 -35.11 38.54
N SER K 76 3.80 -34.77 38.21
CA SER K 76 3.22 -33.48 38.55
C SER K 76 1.85 -33.73 39.14
N ASN K 77 1.51 -33.03 40.21
CA ASN K 77 0.18 -33.04 40.76
C ASN K 77 -0.38 -31.63 40.76
N LEU K 78 -1.59 -31.48 40.26
CA LEU K 78 -2.28 -30.20 40.25
C LEU K 78 -3.56 -30.35 41.05
N GLU K 79 -3.92 -29.31 41.78
CA GLU K 79 -5.21 -29.23 42.45
C GLU K 79 -5.72 -27.81 42.28
N MET K 80 -6.96 -27.66 41.88
CA MET K 80 -7.59 -26.36 41.81
C MET K 80 -8.97 -26.48 42.44
N ASN K 81 -9.25 -25.61 43.40
CA ASN K 81 -10.56 -25.55 44.03
C ASN K 81 -11.05 -24.13 43.96
N SER K 82 -12.13 -23.91 43.23
CA SER K 82 -12.74 -22.59 43.17
C SER K 82 -14.16 -22.70 43.72
N GLU K 83 -14.54 -21.75 44.56
CA GLU K 83 -15.86 -21.74 45.17
C GLU K 83 -16.38 -20.33 45.15
N VAL K 84 -17.62 -20.15 44.70
CA VAL K 84 -18.25 -18.85 44.64
C VAL K 84 -19.60 -18.93 45.34
N LEU K 85 -19.85 -18.00 46.25
CA LEU K 85 -21.15 -17.91 46.92
C LEU K 85 -21.66 -16.49 46.74
N GLU K 86 -22.86 -16.36 46.23
CA GLU K 86 -23.48 -15.04 46.11
C GLU K 86 -24.88 -15.07 46.67
N SER K 87 -25.21 -14.08 47.48
CA SER K 87 -26.54 -13.94 48.06
C SER K 87 -27.06 -12.56 47.70
N TRP K 88 -28.27 -12.50 47.18
CA TRP K 88 -28.91 -11.24 46.88
C TRP K 88 -30.29 -11.25 47.50
N MET K 89 -30.54 -10.31 48.40
CA MET K 89 -31.85 -10.19 49.04
C MET K 89 -32.34 -8.77 48.85
N ASN K 90 -33.46 -8.61 48.15
CA ASN K 90 -34.02 -7.31 47.85
C ASN K 90 -35.44 -7.21 48.38
N TYR K 91 -35.74 -6.11 49.05
CA TYR K 91 -37.02 -5.92 49.71
C TYR K 91 -37.54 -4.53 49.39
N GLN K 92 -38.83 -4.43 49.12
CA GLN K 92 -39.46 -3.14 48.87
C GLN K 92 -40.83 -3.12 49.52
N SER K 93 -41.18 -1.98 50.10
CA SER K 93 -42.47 -1.79 50.75
C SER K 93 -43.02 -0.46 50.29
N THR K 94 -44.34 -0.35 50.23
CA THR K 94 -44.99 0.89 49.82
C THR K 94 -46.40 0.88 50.39
N THR K 95 -46.63 1.69 51.41
CA THR K 95 -47.96 1.86 51.98
C THR K 95 -48.45 3.26 51.66
N SER K 96 -49.76 3.39 51.47
CA SER K 96 -50.39 4.67 51.24
C SER K 96 -51.68 4.73 52.04
N LEU K 97 -52.18 5.94 52.26
CA LEU K 97 -53.41 6.12 53.02
C LEU K 97 -53.99 7.48 52.66
N SER K 98 -55.20 7.51 52.13
CA SER K 98 -55.84 8.76 51.72
C SER K 98 -57.23 8.85 52.33
N ILE K 99 -57.44 9.88 53.14
CA ILE K 99 -58.71 10.15 53.79
C ILE K 99 -59.27 11.43 53.21
N ASN K 100 -60.54 11.42 52.82
CA ASN K 100 -61.19 12.63 52.35
C ASN K 100 -62.50 12.82 53.09
N THR K 101 -62.76 14.05 53.52
CA THR K 101 -63.96 14.39 54.27
C THR K 101 -64.57 15.63 53.67
N GLU K 102 -65.88 15.61 53.47
CA GLU K 102 -66.64 16.76 53.01
C GLU K 102 -67.89 16.88 53.85
N LEU K 103 -68.24 18.11 54.22
CA LEU K 103 -69.37 18.38 55.10
C LEU K 103 -70.01 19.69 54.72
N ALA K 104 -71.26 19.65 54.25
CA ALA K 104 -71.98 20.84 53.85
C ALA K 104 -73.25 20.98 54.68
N LEU K 105 -73.21 21.89 55.66
CA LEU K 105 -74.33 22.14 56.55
C LEU K 105 -75.13 23.32 56.02
N PHE K 106 -76.45 23.15 55.98
CA PHE K 106 -77.39 24.21 55.62
C PHE K 106 -77.12 24.76 54.23
N SER K 107 -76.44 23.98 53.39
CA SER K 107 -76.06 24.38 52.03
C SER K 107 -75.25 25.67 52.01
N ARG K 108 -74.67 26.05 53.13
CA ARG K 108 -73.86 27.26 53.21
C ARG K 108 -72.49 27.01 53.84
N VAL K 109 -72.41 26.18 54.87
CA VAL K 109 -71.17 25.95 55.61
C VAL K 109 -70.52 24.72 54.99
N ASN K 110 -69.48 24.92 54.19
CA ASN K 110 -68.76 23.83 53.54
C ASN K 110 -67.47 23.56 54.29
N GLY K 111 -67.06 22.29 54.28
CA GLY K 111 -65.80 21.90 54.88
C GLY K 111 -65.19 20.71 54.18
N LYS K 112 -63.90 20.76 53.92
CA LYS K 112 -63.17 19.66 53.29
C LYS K 112 -61.90 19.38 54.08
N PHE K 113 -61.46 18.13 54.02
CA PHE K 113 -60.31 17.69 54.80
C PHE K 113 -59.73 16.45 54.12
N SER K 114 -58.59 16.60 53.46
CA SER K 114 -57.97 15.49 52.74
C SER K 114 -56.57 15.26 53.28
N THR K 115 -56.33 14.07 53.79
CA THR K 115 -55.07 13.67 54.37
C THR K 115 -54.52 12.53 53.55
N GLU K 116 -53.19 12.45 53.44
CA GLU K 116 -52.57 11.37 52.68
C GLU K 116 -51.18 11.10 53.23
N PHE K 117 -50.99 9.93 53.81
CA PHE K 117 -49.69 9.44 54.18
C PHE K 117 -49.19 8.50 53.09
N GLN K 118 -47.87 8.44 52.92
CA GLN K 118 -47.27 7.54 51.97
C GLN K 118 -45.87 7.19 52.42
N ARG K 119 -45.60 5.91 52.64
CA ARG K 119 -44.29 5.43 53.04
C ARG K 119 -43.78 4.47 51.99
N MET K 120 -42.52 4.59 51.62
CA MET K 120 -41.83 3.64 50.76
C MET K 120 -40.54 3.23 51.44
N LYS K 121 -40.17 1.97 51.30
CA LYS K 121 -38.98 1.46 51.95
C LYS K 121 -38.30 0.51 50.99
N THR K 122 -36.98 0.45 51.06
CA THR K 122 -36.19 -0.40 50.17
C THR K 122 -34.96 -0.87 50.90
N LEU K 123 -34.66 -2.15 50.78
CA LEU K 123 -33.44 -2.72 51.32
C LEU K 123 -32.82 -3.64 50.29
N GLN K 124 -31.50 -3.66 50.23
CA GLN K 124 -30.81 -4.55 49.33
C GLN K 124 -29.55 -5.03 50.01
N VAL K 125 -29.33 -6.34 49.99
CA VAL K 125 -28.12 -6.93 50.53
C VAL K 125 -27.52 -7.81 49.43
N LYS K 126 -26.23 -7.64 49.17
CA LYS K 126 -25.55 -8.39 48.13
C LYS K 126 -24.21 -8.86 48.68
N ASP K 127 -24.05 -10.17 48.84
CA ASP K 127 -22.83 -10.74 49.36
C ASP K 127 -22.18 -11.62 48.32
N GLN K 128 -20.86 -11.56 48.23
CA GLN K 128 -20.10 -12.46 47.39
C GLN K 128 -18.90 -12.95 48.16
N ALA K 129 -18.61 -14.23 48.05
CA ALA K 129 -17.43 -14.83 48.65
C ALA K 129 -16.81 -15.74 47.61
N VAL K 130 -15.61 -15.40 47.16
CA VAL K 130 -14.91 -16.16 46.15
C VAL K 130 -13.63 -16.69 46.78
N THR K 131 -13.43 -17.99 46.71
CA THR K 131 -12.26 -18.63 47.28
C THR K 131 -11.61 -19.50 46.22
N THR K 132 -10.34 -19.26 45.96
CA THR K 132 -9.60 -20.01 44.96
C THR K 132 -8.33 -20.55 45.59
N ARG K 133 -8.07 -21.84 45.39
CA ARG K 133 -6.85 -22.45 45.88
C ARG K 133 -6.24 -23.26 44.75
N VAL K 134 -4.96 -23.02 44.47
CA VAL K 134 -4.22 -23.74 43.45
C VAL K 134 -3.00 -24.36 44.12
N GLN K 135 -2.73 -25.61 43.80
CA GLN K 135 -1.64 -26.33 44.45
C GLN K 135 -0.93 -27.19 43.42
N VAL K 136 0.32 -26.87 43.12
CA VAL K 136 1.12 -27.58 42.16
C VAL K 136 2.27 -28.24 42.90
N ARG K 137 2.58 -29.47 42.55
CA ARG K 137 3.71 -30.16 43.17
C ARG K 137 4.37 -31.05 42.13
N ASN K 138 5.57 -30.68 41.70
CA ASN K 138 6.35 -31.47 40.77
C ASN K 138 7.43 -32.20 41.53
N ARG K 139 7.61 -33.48 41.21
CA ARG K 139 8.71 -34.28 41.73
C ARG K 139 9.44 -34.84 40.53
N ILE K 140 10.66 -34.40 40.30
CA ILE K 140 11.35 -34.75 39.06
C ILE K 140 12.24 -35.96 39.26
N TYR K 141 13.24 -35.82 40.12
CA TYR K 141 14.22 -36.88 40.34
C TYR K 141 14.20 -37.33 41.78
N THR K 142 14.59 -38.57 42.00
CA THR K 142 14.93 -39.05 43.33
C THR K 142 16.41 -39.35 43.31
N VAL K 143 17.19 -38.58 44.05
CA VAL K 143 18.63 -38.65 43.99
C VAL K 143 19.13 -39.38 45.21
N LYS K 144 19.91 -40.43 45.03
CA LYS K 144 20.39 -41.25 46.13
C LYS K 144 21.91 -41.35 46.08
N THR K 145 22.51 -41.57 47.24
CA THR K 145 23.93 -41.82 47.30
C THR K 145 24.24 -43.25 46.89
N THR K 146 25.28 -43.42 46.10
CA THR K 146 25.74 -44.74 45.76
C THR K 146 26.20 -45.45 47.03
N PRO K 147 25.85 -46.72 47.23
CA PRO K 147 26.27 -47.39 48.47
C PRO K 147 27.77 -47.49 48.63
N THR K 148 28.55 -47.39 47.56
CA THR K 148 29.99 -47.47 47.63
C THR K 148 30.64 -46.12 47.91
N SER K 149 29.90 -45.18 48.49
CA SER K 149 30.42 -43.84 48.67
C SER K 149 31.38 -43.79 49.86
N GLU K 150 32.25 -42.79 49.82
CA GLU K 150 33.26 -42.58 50.85
C GLU K 150 33.05 -41.22 51.52
N LEU K 151 33.46 -41.13 52.78
CA LEU K 151 33.26 -39.92 53.54
C LEU K 151 34.11 -38.78 52.99
N SER K 152 33.66 -37.57 53.24
CA SER K 152 34.38 -36.41 52.74
C SER K 152 35.68 -36.23 53.51
N LEU K 153 36.56 -35.40 52.95
CA LEU K 153 37.84 -35.14 53.58
C LEU K 153 37.66 -34.50 54.95
N GLY K 154 36.84 -33.46 55.03
CA GLY K 154 36.71 -32.73 56.28
C GLY K 154 36.08 -33.56 57.38
N PHE K 155 35.05 -34.33 57.05
CA PHE K 155 34.42 -35.18 58.05
C PHE K 155 35.40 -36.21 58.58
N THR K 156 36.17 -36.82 57.69
CA THR K 156 37.18 -37.77 58.12
C THR K 156 38.20 -37.10 59.02
N LYS K 157 38.62 -35.88 58.66
CA LYS K 157 39.62 -35.20 59.47
C LYS K 157 39.09 -34.92 60.86
N ALA K 158 37.84 -34.48 60.97
CA ALA K 158 37.27 -34.24 62.29
C ALA K 158 37.20 -35.54 63.09
N LEU K 159 36.81 -36.63 62.42
CA LEU K 159 36.74 -37.91 63.13
C LEU K 159 38.10 -38.35 63.62
N MET K 160 39.13 -38.19 62.79
CA MET K 160 40.48 -38.56 63.21
C MET K 160 40.95 -37.70 64.37
N ASP K 161 40.56 -36.42 64.37
CA ASP K 161 40.92 -35.56 65.49
C ASP K 161 40.29 -36.06 66.78
N ILE K 162 39.02 -36.44 66.73
CA ILE K 162 38.38 -36.98 67.93
C ILE K 162 39.06 -38.28 68.36
N CYS K 163 39.41 -39.13 67.38
CA CYS K 163 40.07 -40.38 67.71
C CYS K 163 41.41 -40.14 68.38
N ASP K 164 42.17 -39.17 67.89
CA ASP K 164 43.46 -38.87 68.49
C ASP K 164 43.31 -38.33 69.90
N GLN K 165 42.35 -37.44 70.11
CA GLN K 165 42.19 -36.93 71.47
C GLN K 165 41.71 -38.01 72.43
N LEU K 166 40.91 -38.96 71.96
CA LEU K 166 40.54 -40.07 72.84
C LEU K 166 41.71 -41.02 73.05
N GLU K 167 42.58 -41.15 72.04
CA GLU K 167 43.77 -41.96 72.17
C GLU K 167 44.75 -41.35 73.18
N LYS K 168 44.72 -40.04 73.33
CA LYS K 168 45.52 -39.38 74.35
C LYS K 168 44.96 -39.54 75.74
N ASN K 169 43.99 -40.45 75.95
CA ASN K 169 43.40 -40.71 77.25
C ASN K 169 42.82 -39.43 77.85
N GLN K 170 42.34 -38.56 76.96
CA GLN K 170 41.79 -37.27 77.36
C GLN K 170 40.33 -37.23 76.92
N THR K 171 39.45 -37.72 77.77
CA THR K 171 38.03 -37.78 77.45
C THR K 171 37.35 -36.44 77.63
N LYS K 172 38.07 -35.40 78.01
CA LYS K 172 37.44 -34.12 78.27
C LYS K 172 37.30 -33.30 77.00
N MET K 173 38.42 -32.95 76.37
CA MET K 173 38.35 -32.20 75.11
C MET K 173 37.73 -33.02 74.00
N ALA K 174 37.74 -34.35 74.11
CA ALA K 174 37.14 -35.18 73.07
C ALA K 174 35.64 -34.98 73.00
N THR K 175 34.97 -34.89 74.14
CA THR K 175 33.53 -34.68 74.12
C THR K 175 33.19 -33.32 73.54
N TYR K 176 33.98 -32.30 73.88
CA TYR K 176 33.78 -30.99 73.26
C TYR K 176 33.98 -31.06 71.76
N LEU K 177 35.01 -31.77 71.31
CA LEU K 177 35.24 -31.88 69.88
C LEU K 177 34.09 -32.61 69.19
N ALA K 178 33.55 -33.63 69.83
CA ALA K 178 32.41 -34.34 69.24
C ALA K 178 31.17 -33.45 69.18
N GLU K 179 30.95 -32.64 70.22
CA GLU K 179 29.83 -31.71 70.16
C GLU K 179 30.03 -30.70 69.04
N LEU K 180 31.27 -30.29 68.81
CA LEU K 180 31.56 -29.45 67.66
C LEU K 180 31.23 -30.18 66.36
N LEU K 181 31.53 -31.47 66.31
CA LEU K 181 31.20 -32.26 65.13
C LEU K 181 29.70 -32.26 64.89
N ILE K 182 28.92 -32.45 65.95
CA ILE K 182 27.47 -32.46 65.81
C ILE K 182 26.98 -31.09 65.38
N LEU K 183 27.59 -30.03 65.89
CA LEU K 183 27.21 -28.69 65.47
C LEU K 183 27.48 -28.46 64.00
N ASN K 184 28.63 -28.89 63.51
CA ASN K 184 28.98 -28.62 62.12
C ASN K 184 28.27 -29.54 61.13
N TYR K 185 27.99 -30.78 61.51
CA TYR K 185 27.47 -31.75 60.55
C TYR K 185 26.10 -32.29 60.92
N GLY K 186 25.47 -31.75 61.94
CA GLY K 186 24.12 -32.18 62.24
C GLY K 186 24.08 -33.59 62.81
N THR K 187 22.86 -34.11 62.91
CA THR K 187 22.60 -35.39 63.53
C THR K 187 22.54 -36.53 62.52
N HIS K 188 21.77 -36.38 61.46
CA HIS K 188 21.65 -37.41 60.45
C HIS K 188 22.45 -37.05 59.21
N VAL K 189 22.54 -38.01 58.30
CA VAL K 189 23.13 -37.81 56.98
C VAL K 189 22.08 -38.18 55.94
N ILE K 190 21.86 -37.28 55.00
CA ILE K 190 20.81 -37.47 54.01
C ILE K 190 21.32 -38.41 52.92
N THR K 191 20.59 -39.50 52.70
CA THR K 191 20.95 -40.45 51.67
C THR K 191 20.11 -40.33 50.41
N SER K 192 18.88 -39.84 50.51
CA SER K 192 18.04 -39.70 49.33
C SER K 192 17.21 -38.44 49.46
N VAL K 193 17.07 -37.72 48.35
CA VAL K 193 16.24 -36.53 48.28
C VAL K 193 15.33 -36.67 47.07
N ASP K 194 14.37 -35.76 46.97
CA ASP K 194 13.50 -35.68 45.81
C ASP K 194 13.60 -34.27 45.26
N ALA K 195 14.33 -34.11 44.15
CA ALA K 195 14.33 -32.84 43.46
C ALA K 195 12.92 -32.53 43.00
N GLY K 196 12.50 -31.28 43.13
CA GLY K 196 11.15 -30.94 42.76
C GLY K 196 10.86 -29.49 43.02
N ALA K 197 9.58 -29.16 42.98
CA ALA K 197 9.13 -27.80 43.18
C ALA K 197 7.68 -27.84 43.61
N ALA K 198 7.23 -26.76 44.21
CA ALA K 198 5.85 -26.71 44.68
C ALA K 198 5.37 -25.28 44.67
N LEU K 199 4.06 -25.12 44.64
CA LEU K 199 3.45 -23.80 44.56
C LEU K 199 2.07 -23.86 45.17
N VAL K 200 1.73 -22.89 46.00
CA VAL K 200 0.43 -22.83 46.64
C VAL K 200 -0.09 -21.41 46.55
N GLN K 201 -1.27 -21.23 45.97
CA GLN K 201 -1.92 -19.93 45.94
C GLN K 201 -3.28 -20.04 46.58
N GLU K 202 -3.60 -19.06 47.42
CA GLU K 202 -4.94 -18.92 47.98
C GLU K 202 -5.42 -17.51 47.69
N ASP K 203 -6.71 -17.36 47.47
CA ASP K 203 -7.30 -16.08 47.12
C ASP K 203 -8.71 -16.01 47.66
N HIS K 204 -8.96 -15.04 48.54
CA HIS K 204 -10.28 -14.81 49.11
C HIS K 204 -10.74 -13.43 48.70
N VAL K 205 -11.99 -13.32 48.26
CA VAL K 205 -12.62 -12.05 47.95
C VAL K 205 -13.98 -12.03 48.60
N ARG K 206 -14.22 -11.07 49.47
CA ARG K 206 -15.51 -10.91 50.13
C ARG K 206 -16.03 -9.53 49.83
N SER K 207 -17.24 -9.46 49.27
CA SER K 207 -17.85 -8.20 48.91
C SER K 207 -19.24 -8.13 49.52
N SER K 208 -19.46 -7.14 50.37
CA SER K 208 -20.75 -6.96 51.02
C SER K 208 -21.29 -5.61 50.62
N PHE K 209 -22.54 -5.57 50.19
CA PHE K 209 -23.17 -4.32 49.81
C PHE K 209 -24.53 -4.22 50.46
N LEU K 210 -24.74 -3.14 51.20
CA LEU K 210 -26.00 -2.89 51.88
C LEU K 210 -26.55 -1.58 51.37
N LEU K 211 -27.83 -1.57 51.03
CA LEU K 211 -28.50 -0.37 50.57
C LEU K 211 -29.81 -0.23 51.32
N ASP K 212 -30.08 0.96 51.81
CA ASP K 212 -31.29 1.25 52.57
C ASP K 212 -31.89 2.51 52.00
N ASN K 213 -33.22 2.58 52.00
CA ASN K 213 -33.89 3.72 51.39
C ASN K 213 -35.26 3.88 52.02
N GLN K 214 -35.59 5.10 52.42
CA GLN K 214 -36.89 5.40 52.99
C GLN K 214 -37.42 6.67 52.34
N ASN K 215 -38.68 6.65 51.93
CA ASN K 215 -39.36 7.84 51.46
C ASN K 215 -40.63 8.01 52.26
N SER K 216 -40.87 9.22 52.73
CA SER K 216 -42.09 9.52 53.46
C SER K 216 -42.73 10.72 52.81
N GLN K 217 -44.06 10.80 52.86
CA GLN K 217 -44.75 11.90 52.22
C GLN K 217 -46.11 12.07 52.85
N ASN K 218 -46.33 13.20 53.51
CA ASN K 218 -47.61 13.53 54.11
C ASN K 218 -48.19 14.72 53.37
N THR K 219 -49.50 14.73 53.20
CA THR K 219 -50.20 15.83 52.55
C THR K 219 -51.50 16.07 53.30
N VAL K 220 -51.71 17.29 53.76
CA VAL K 220 -52.92 17.66 54.50
C VAL K 220 -53.50 18.90 53.85
N THR K 221 -54.77 18.84 53.46
CA THR K 221 -55.46 19.99 52.92
C THR K 221 -56.77 20.18 53.68
N ALA K 222 -56.98 21.37 54.23
CA ALA K 222 -58.21 21.67 54.94
C ALA K 222 -58.87 22.86 54.29
N SER K 223 -60.20 22.92 54.41
CA SER K 223 -60.95 24.01 53.80
C SER K 223 -62.25 24.20 54.57
N ALA K 224 -62.66 25.45 54.72
CA ALA K 224 -63.89 25.81 55.43
C ALA K 224 -64.46 27.08 54.82
N GLY K 225 -65.70 27.02 54.34
CA GLY K 225 -66.31 28.18 53.74
C GLY K 225 -67.71 28.47 54.24
N ILE K 226 -67.90 29.63 54.86
CA ILE K 226 -69.20 30.10 55.31
C ILE K 226 -69.72 31.03 54.24
N ALA K 227 -70.86 30.69 53.64
CA ALA K 227 -71.43 31.46 52.54
C ALA K 227 -72.87 31.81 52.87
N PHE K 228 -73.10 32.99 53.43
CA PHE K 228 -74.44 33.47 53.71
C PHE K 228 -75.12 33.91 52.41
N LEU K 229 -76.27 34.58 52.56
CA LEU K 229 -77.07 35.02 51.42
C LEU K 229 -76.58 36.39 50.95
N ASN K 230 -75.39 36.38 50.36
CA ASN K 230 -74.79 37.57 49.76
C ASN K 230 -74.64 38.70 50.78
N ILE K 231 -74.27 38.34 52.00
CA ILE K 231 -73.88 39.31 53.03
C ILE K 231 -72.48 39.02 53.56
N VAL K 232 -72.20 37.78 53.94
CA VAL K 232 -70.91 37.40 54.46
C VAL K 232 -70.43 36.17 53.69
N ASN K 233 -69.16 36.20 53.27
CA ASN K 233 -68.53 35.07 52.58
C ASN K 233 -67.11 34.95 53.09
N PHE K 234 -66.84 33.88 53.84
CA PHE K 234 -65.56 33.69 54.52
C PHE K 234 -65.03 32.32 54.15
N LYS K 235 -63.96 32.28 53.38
CA LYS K 235 -63.44 31.02 52.86
C LYS K 235 -61.97 30.88 53.22
N VAL K 236 -61.61 29.72 53.77
CA VAL K 236 -60.26 29.43 54.23
C VAL K 236 -59.85 28.11 53.63
N GLU K 237 -58.65 28.04 53.06
CA GLU K 237 -58.06 26.77 52.67
C GLU K 237 -56.59 26.75 53.05
N THR K 238 -56.19 25.74 53.81
CA THR K 238 -54.80 25.55 54.19
C THR K 238 -54.29 24.27 53.56
N ASP K 239 -52.99 24.25 53.28
CA ASP K 239 -52.36 23.08 52.68
C ASP K 239 -51.01 22.85 53.33
N TYR K 240 -50.56 21.61 53.30
CA TYR K 240 -49.34 21.21 53.98
C TYR K 240 -48.79 19.98 53.27
N ILE K 241 -47.50 19.99 52.97
CA ILE K 241 -46.84 18.86 52.34
C ILE K 241 -45.51 18.65 53.03
N SER K 242 -45.19 17.38 53.31
CA SER K 242 -43.93 17.03 53.97
C SER K 242 -43.38 15.80 53.27
N GLN K 243 -42.36 15.99 52.44
CA GLN K 243 -41.78 14.90 51.66
C GLN K 243 -40.33 14.74 52.07
N THR K 244 -39.95 13.55 52.52
CA THR K 244 -38.58 13.27 52.92
C THR K 244 -38.09 12.00 52.24
N SER K 245 -36.77 11.91 52.08
CA SER K 245 -36.14 10.70 51.59
C SER K 245 -34.78 10.54 52.27
N LEU K 246 -34.37 9.30 52.45
CA LEU K 246 -33.14 9.01 53.17
C LEU K 246 -32.59 7.69 52.66
N THR K 247 -31.48 7.74 51.94
CA THR K 247 -30.84 6.53 51.42
C THR K 247 -29.46 6.39 52.02
N LYS K 248 -29.15 5.20 52.50
CA LYS K 248 -27.86 4.91 53.13
C LYS K 248 -27.26 3.70 52.46
N ASP K 249 -26.07 3.86 51.89
CA ASP K 249 -25.37 2.74 51.30
C ASP K 249 -24.20 2.33 52.19
N TYR K 250 -23.64 1.17 51.88
CA TYR K 250 -22.49 0.68 52.60
C TYR K 250 -21.85 -0.38 51.71
N LEU K 251 -20.56 -0.25 51.44
CA LEU K 251 -19.87 -1.19 50.58
C LEU K 251 -18.62 -1.66 51.28
N SER K 252 -18.26 -2.92 51.07
CA SER K 252 -17.07 -3.47 51.70
C SER K 252 -16.46 -4.50 50.76
N ASN K 253 -15.16 -4.41 50.55
CA ASN K 253 -14.41 -5.39 49.78
C ASN K 253 -13.23 -5.84 50.62
N ARG K 254 -12.87 -7.12 50.49
CA ARG K 254 -11.70 -7.64 51.17
C ARG K 254 -11.10 -8.71 50.27
N THR K 255 -9.89 -8.49 49.77
CA THR K 255 -9.22 -9.47 48.95
C THR K 255 -7.89 -9.82 49.61
N ASN K 256 -7.70 -11.10 49.92
CA ASN K 256 -6.45 -11.59 50.46
C ASN K 256 -5.89 -12.62 49.49
N SER K 257 -4.67 -12.42 49.04
CA SER K 257 -3.99 -13.38 48.20
C SER K 257 -2.72 -13.79 48.90
N ARG K 258 -2.47 -15.09 48.97
CA ARG K 258 -1.26 -15.59 49.61
C ARG K 258 -0.65 -16.64 48.70
N VAL K 259 0.58 -16.39 48.27
CA VAL K 259 1.30 -17.29 47.39
C VAL K 259 2.55 -17.75 48.10
N GLN K 260 2.85 -19.03 48.01
CA GLN K 260 4.03 -19.60 48.64
C GLN K 260 4.65 -20.58 47.66
N SER K 261 5.91 -20.36 47.31
CA SER K 261 6.58 -21.12 46.26
C SER K 261 7.81 -21.79 46.85
N PHE K 262 8.11 -22.99 46.38
CA PHE K 262 9.34 -23.68 46.74
C PHE K 262 9.99 -24.13 45.45
N GLY K 263 11.13 -23.56 45.12
CA GLY K 263 11.77 -23.90 43.87
C GLY K 263 11.12 -23.15 42.75
N GLY K 264 11.76 -23.09 41.60
CA GLY K 264 11.19 -22.40 40.47
C GLY K 264 11.59 -20.94 40.44
N VAL K 265 11.05 -20.25 39.46
CA VAL K 265 11.29 -18.81 39.31
C VAL K 265 10.68 -18.08 40.50
N PRO K 266 11.23 -16.97 40.96
CA PRO K 266 10.52 -16.15 41.94
C PRO K 266 9.14 -15.78 41.44
N PHE K 267 8.13 -15.98 42.26
CA PHE K 267 6.76 -15.79 41.84
C PHE K 267 6.41 -14.31 41.78
N TYR K 268 5.61 -13.94 40.78
CA TYR K 268 5.00 -12.63 40.71
C TYR K 268 3.56 -12.81 40.28
N PRO K 269 2.66 -11.90 40.69
CA PRO K 269 1.22 -12.19 40.59
C PRO K 269 0.73 -12.49 39.19
N GLY K 270 1.23 -11.82 38.18
CA GLY K 270 0.65 -11.98 36.86
C GLY K 270 1.17 -13.17 36.10
N ILE K 271 1.88 -14.06 36.79
CA ILE K 271 2.53 -15.18 36.15
C ILE K 271 1.49 -16.25 35.88
N THR K 272 1.74 -17.03 34.83
CA THR K 272 0.89 -18.15 34.48
C THR K 272 1.52 -19.44 34.97
N LEU K 273 0.67 -20.42 35.25
CA LEU K 273 1.22 -21.71 35.64
C LEU K 273 2.06 -22.32 34.54
N GLU K 274 1.79 -21.98 33.28
CA GLU K 274 2.65 -22.46 32.21
C GLU K 274 4.06 -21.89 32.35
N THR K 275 4.15 -20.58 32.55
CA THR K 275 5.46 -19.95 32.68
C THR K 275 6.19 -20.46 33.90
N TRP K 276 5.47 -20.68 35.00
CA TRP K 276 6.12 -21.18 36.20
C TRP K 276 6.56 -22.62 36.02
N GLN K 277 5.73 -23.45 35.41
CA GLN K 277 6.07 -24.86 35.23
C GLN K 277 7.22 -25.02 34.25
N LYS K 278 7.33 -24.15 33.26
CA LYS K 278 8.42 -24.23 32.31
C LYS K 278 9.70 -23.61 32.84
N GLY K 279 9.68 -23.09 34.06
CA GLY K 279 10.83 -22.38 34.57
C GLY K 279 11.57 -23.10 35.67
N ILE K 280 11.15 -24.32 36.00
CA ILE K 280 11.78 -25.06 37.08
C ILE K 280 12.94 -25.87 36.53
N THR K 281 13.26 -25.67 35.25
CA THR K 281 14.24 -26.53 34.60
C THR K 281 15.60 -26.46 35.26
N ASN K 282 15.87 -25.39 36.01
CA ASN K 282 17.11 -25.27 36.73
C ASN K 282 16.92 -24.93 38.19
N HIS K 283 15.74 -24.49 38.59
CA HIS K 283 15.50 -24.09 39.97
C HIS K 283 14.73 -25.21 40.67
N LEU K 284 15.44 -26.25 41.07
CA LEU K 284 14.83 -27.38 41.77
C LEU K 284 15.30 -27.35 43.20
N VAL K 285 14.44 -27.73 44.13
CA VAL K 285 14.77 -27.73 45.54
C VAL K 285 14.44 -29.08 46.12
N ALA K 286 15.06 -29.41 47.25
CA ALA K 286 14.78 -30.67 47.90
C ALA K 286 13.41 -30.63 48.56
N ILE K 287 12.41 -31.24 47.94
CA ILE K 287 11.08 -31.24 48.53
C ILE K 287 10.89 -32.37 49.52
N ASP K 288 11.77 -33.36 49.52
CA ASP K 288 11.63 -34.50 50.41
C ASP K 288 13.00 -35.11 50.62
N ARG K 289 13.23 -35.66 51.81
CA ARG K 289 14.54 -36.19 52.13
C ARG K 289 14.42 -37.31 53.15
N ALA K 290 15.37 -38.23 53.08
CA ALA K 290 15.49 -39.34 54.01
C ALA K 290 16.96 -39.55 54.32
N GLY K 291 17.26 -39.98 55.55
CA GLY K 291 18.62 -40.11 55.98
C GLY K 291 18.79 -41.19 57.02
N LEU K 292 20.01 -41.27 57.54
CA LEU K 292 20.39 -42.23 58.55
C LEU K 292 21.11 -41.53 59.70
N PRO K 293 20.99 -42.03 60.92
CA PRO K 293 21.75 -41.44 62.02
C PRO K 293 23.23 -41.53 61.72
N LEU K 294 23.96 -40.49 62.09
CA LEU K 294 25.31 -40.36 61.57
C LEU K 294 26.27 -41.34 62.22
N HIS K 295 25.92 -41.91 63.37
CA HIS K 295 26.77 -42.94 63.94
C HIS K 295 26.80 -44.17 63.06
N PHE K 296 25.79 -44.33 62.21
CA PHE K 296 25.73 -45.46 61.30
C PHE K 296 26.87 -45.44 60.30
N PHE K 297 27.41 -44.26 60.01
CA PHE K 297 28.54 -44.13 59.11
C PHE K 297 29.89 -44.28 59.78
N ILE K 298 29.92 -44.36 61.11
CA ILE K 298 31.17 -44.59 61.81
C ILE K 298 31.38 -46.09 61.92
N LYS K 299 31.94 -46.69 60.88
CA LYS K 299 32.15 -48.13 60.82
C LYS K 299 33.58 -48.38 60.37
N PRO K 300 34.20 -49.47 60.83
CA PRO K 300 35.62 -49.68 60.53
C PRO K 300 35.91 -49.72 59.04
N ASP K 301 35.06 -50.36 58.26
CA ASP K 301 35.22 -50.41 56.82
C ASP K 301 35.05 -49.05 56.17
N LYS K 302 34.46 -48.10 56.88
CA LYS K 302 34.26 -46.76 56.37
C LYS K 302 35.43 -45.83 56.67
N LEU K 303 36.25 -46.19 57.66
CA LEU K 303 37.43 -45.41 58.04
C LEU K 303 38.65 -46.32 58.00
N PRO K 304 39.34 -46.42 56.87
CA PRO K 304 40.52 -47.28 56.81
C PRO K 304 41.64 -46.84 57.74
N GLY K 305 41.72 -45.55 58.05
CA GLY K 305 42.87 -45.05 58.77
C GLY K 305 42.88 -45.36 60.25
N LEU K 306 41.80 -45.96 60.76
CA LEU K 306 41.81 -46.14 62.20
C LEU K 306 41.50 -47.59 62.57
N PRO K 307 41.96 -48.04 63.74
CA PRO K 307 41.67 -49.41 64.18
C PRO K 307 40.21 -49.59 64.54
N GLY K 308 39.75 -50.84 64.40
CA GLY K 308 38.38 -51.20 64.69
C GLY K 308 37.94 -50.94 66.12
N PRO K 309 38.71 -51.39 67.10
CA PRO K 309 38.36 -51.08 68.49
C PRO K 309 38.29 -49.60 68.76
N LEU K 310 39.15 -48.79 68.14
CA LEU K 310 39.07 -47.35 68.31
C LEU K 310 37.82 -46.76 67.67
N VAL K 311 37.45 -47.23 66.48
CA VAL K 311 36.29 -46.65 65.83
C VAL K 311 35.01 -47.06 66.56
N LYS K 312 35.02 -48.21 67.24
CA LYS K 312 33.86 -48.54 68.06
C LYS K 312 33.68 -47.54 69.19
N LYS K 313 34.77 -47.18 69.85
CA LYS K 313 34.70 -46.16 70.89
C LYS K 313 34.32 -44.81 70.31
N LEU K 314 34.81 -44.50 69.10
CA LEU K 314 34.42 -43.26 68.43
C LEU K 314 32.93 -43.22 68.19
N SER K 315 32.36 -44.33 67.72
CA SER K 315 30.91 -44.39 67.53
C SER K 315 30.19 -44.21 68.85
N LYS K 316 30.70 -44.84 69.91
CA LYS K 316 30.05 -44.71 71.21
C LYS K 316 30.02 -43.26 71.67
N THR K 317 31.15 -42.57 71.57
CA THR K 317 31.20 -41.20 72.06
C THR K 317 30.42 -40.26 71.16
N VAL K 318 30.42 -40.49 69.86
CA VAL K 318 29.60 -39.66 68.98
C VAL K 318 28.13 -39.85 69.29
N GLU K 319 27.71 -41.09 69.50
CA GLU K 319 26.31 -41.35 69.82
C GLU K 319 25.92 -40.74 71.15
N THR K 320 26.80 -40.80 72.14
CA THR K 320 26.45 -40.18 73.42
C THR K 320 26.43 -38.66 73.29
N ALA K 321 27.30 -38.08 72.44
CA ALA K 321 27.22 -36.65 72.20
C ALA K 321 25.89 -36.28 71.56
N VAL K 322 25.44 -37.09 70.60
CA VAL K 322 24.15 -36.85 69.96
C VAL K 322 23.04 -36.93 70.99
N ARG K 323 23.10 -37.94 71.87
CA ARG K 323 22.06 -38.11 72.88
C ARG K 323 22.03 -36.90 73.80
N HIS K 324 23.19 -36.43 74.23
CA HIS K 324 23.23 -35.23 75.07
C HIS K 324 22.66 -34.03 74.34
N TYR K 325 23.03 -33.85 73.07
CA TYR K 325 22.54 -32.74 72.28
C TYR K 325 21.02 -32.77 72.16
N TYR K 326 20.45 -33.96 71.96
CA TYR K 326 19.01 -34.10 71.95
C TYR K 326 18.41 -33.74 73.31
N THR K 327 18.95 -34.34 74.38
CA THR K 327 18.31 -34.21 75.68
C THR K 327 18.29 -32.77 76.16
N PHE K 328 19.40 -32.05 75.98
CA PHE K 328 19.41 -30.66 76.41
C PHE K 328 18.41 -29.84 75.61
N ASN K 329 18.28 -30.14 74.32
CA ASN K 329 17.38 -29.41 73.46
C ASN K 329 16.20 -30.29 73.05
N PHE K 360 7.01 -25.09 86.79
CA PHE K 360 5.59 -24.78 86.85
C PHE K 360 4.84 -25.42 85.69
N THR K 361 3.73 -26.10 85.99
CA THR K 361 2.92 -26.75 84.97
C THR K 361 1.75 -25.84 84.60
N PHE K 362 1.63 -25.55 83.32
CA PHE K 362 0.60 -24.65 82.79
C PHE K 362 -0.46 -25.53 82.13
N GLY K 363 -1.61 -25.65 82.78
CA GLY K 363 -2.63 -26.60 82.39
C GLY K 363 -3.62 -26.13 81.35
N GLY K 364 -3.44 -24.94 80.79
CA GLY K 364 -4.31 -24.44 79.75
C GLY K 364 -4.94 -23.12 80.11
N VAL K 365 -5.70 -22.60 79.14
CA VAL K 365 -6.38 -21.31 79.29
C VAL K 365 -7.82 -21.47 78.79
N TYR K 366 -8.64 -20.50 79.17
CA TYR K 366 -10.00 -20.42 78.68
C TYR K 366 -10.50 -18.99 78.87
N GLN K 367 -11.26 -18.49 77.91
CA GLN K 367 -11.78 -17.13 77.94
C GLN K 367 -13.30 -17.17 77.98
N GLU K 368 -13.87 -16.78 79.11
CA GLU K 368 -15.32 -16.72 79.26
C GLU K 368 -15.88 -15.45 78.64
N CYS K 369 -17.02 -15.61 77.97
CA CYS K 369 -17.69 -14.48 77.31
C CYS K 369 -19.12 -14.41 77.81
N THR K 370 -19.56 -13.19 78.14
CA THR K 370 -20.92 -12.94 78.58
C THR K 370 -21.52 -11.86 77.69
N GLU K 371 -22.68 -12.14 77.12
CA GLU K 371 -23.37 -11.20 76.23
C GLU K 371 -24.17 -10.21 77.07
N LEU K 372 -23.88 -8.93 76.91
CA LEU K 372 -24.67 -7.89 77.57
C LEU K 372 -25.77 -7.32 76.68
N SER K 373 -25.62 -7.43 75.36
CA SER K 373 -26.63 -6.93 74.43
C SER K 373 -26.47 -7.68 73.12
N GLY K 374 -27.46 -8.48 72.77
CA GLY K 374 -27.37 -9.31 71.58
C GLY K 374 -26.62 -10.60 71.85
N ASP K 375 -26.36 -11.32 70.77
CA ASP K 375 -25.64 -12.59 70.84
C ASP K 375 -24.63 -12.70 69.71
N VAL K 376 -23.90 -11.60 69.46
CA VAL K 376 -23.01 -11.54 68.32
C VAL K 376 -21.54 -11.58 68.72
N LEU K 377 -21.15 -10.93 69.82
CA LEU K 377 -19.74 -10.84 70.17
C LEU K 377 -19.22 -12.14 70.76
N CYS K 378 -20.04 -12.87 71.49
CA CYS K 378 -19.58 -14.07 72.18
C CYS K 378 -19.53 -15.30 71.29
N GLN K 379 -19.86 -15.17 70.01
CA GLN K 379 -19.72 -16.29 69.09
C GLN K 379 -18.26 -16.62 68.82
N ASN K 380 -17.35 -15.68 69.04
CA ASN K 380 -15.94 -15.88 68.73
C ASN K 380 -14.99 -15.45 69.84
N LEU K 381 -15.46 -14.75 70.86
CA LEU K 381 -14.60 -14.36 71.98
C LEU K 381 -14.53 -15.42 73.06
N GLU K 382 -15.23 -16.53 72.89
CA GLU K 382 -15.22 -17.63 73.84
C GLU K 382 -14.17 -18.66 73.42
N GLN K 383 -13.54 -19.26 74.42
CA GLN K 383 -12.50 -20.26 74.18
C GLN K 383 -12.54 -21.26 75.32
N LYS K 384 -13.01 -22.47 75.03
CA LYS K 384 -13.03 -23.52 76.05
C LYS K 384 -11.62 -24.05 76.28
N ASN K 385 -11.41 -24.63 77.46
CA ASN K 385 -10.14 -25.26 77.77
C ASN K 385 -9.91 -26.47 76.88
N LEU K 386 -8.68 -26.61 76.40
CA LEU K 386 -8.36 -27.70 75.50
C LEU K 386 -8.50 -29.06 76.16
N LEU K 387 -8.05 -29.20 77.40
CA LEU K 387 -8.04 -30.50 78.05
C LEU K 387 -9.43 -30.93 78.52
N THR K 388 -10.29 -29.97 78.86
CA THR K 388 -11.62 -30.29 79.38
C THR K 388 -12.73 -29.99 78.40
N GLY K 389 -12.48 -29.20 77.36
CA GLY K 389 -13.55 -28.81 76.47
C GLY K 389 -14.55 -27.88 77.11
N ASP K 390 -14.12 -27.13 78.13
CA ASP K 390 -15.04 -26.29 78.89
C ASP K 390 -14.32 -25.03 79.32
N PHE K 391 -15.04 -24.15 79.99
CA PHE K 391 -14.46 -22.93 80.56
C PHE K 391 -14.03 -23.20 82.00
N SER K 392 -13.16 -24.18 82.16
CA SER K 392 -12.72 -24.61 83.47
C SER K 392 -11.30 -25.16 83.34
N CYS K 393 -10.75 -25.61 84.47
CA CYS K 393 -9.42 -26.15 84.50
C CYS K 393 -9.45 -27.65 84.76
N PRO K 394 -8.45 -28.38 84.27
CA PRO K 394 -8.38 -29.82 84.53
C PRO K 394 -8.12 -30.07 86.01
N PRO K 395 -8.34 -31.29 86.48
CA PRO K 395 -8.05 -31.60 87.89
C PRO K 395 -6.60 -31.32 88.23
N GLY K 396 -6.37 -30.77 89.41
CA GLY K 396 -5.04 -30.38 89.83
C GLY K 396 -4.63 -28.99 89.43
N TYR K 397 -5.45 -28.28 88.66
CA TYR K 397 -5.13 -26.94 88.21
C TYR K 397 -6.16 -25.95 88.72
N SER K 398 -5.66 -24.81 89.19
CA SER K 398 -6.50 -23.79 89.80
C SER K 398 -6.68 -22.65 88.84
N PRO K 399 -7.92 -22.29 88.48
CA PRO K 399 -8.13 -21.14 87.59
C PRO K 399 -7.60 -19.87 88.23
N VAL K 400 -6.93 -19.06 87.42
CA VAL K 400 -6.44 -17.75 87.85
C VAL K 400 -6.98 -16.72 86.89
N HIS K 401 -7.65 -15.70 87.43
CA HIS K 401 -8.20 -14.65 86.59
C HIS K 401 -7.08 -13.86 85.96
N LEU K 402 -6.95 -13.94 84.63
CA LEU K 402 -5.95 -13.16 83.93
C LEU K 402 -6.46 -11.75 83.67
N LEU K 403 -7.57 -11.63 82.95
CA LEU K 403 -8.11 -10.30 82.66
C LEU K 403 -9.56 -10.33 82.17
N SER K 404 -10.40 -9.44 82.69
CA SER K 404 -11.77 -9.30 82.23
C SER K 404 -11.95 -7.90 81.69
N GLN K 405 -12.44 -7.79 80.47
CA GLN K 405 -12.69 -6.49 79.86
C GLN K 405 -13.91 -6.59 78.96
N THR K 406 -14.52 -5.43 78.69
CA THR K 406 -15.72 -5.35 77.88
C THR K 406 -15.40 -4.77 76.51
N HIS K 407 -16.10 -5.27 75.50
CA HIS K 407 -15.90 -4.86 74.12
C HIS K 407 -17.25 -4.48 73.53
N GLU K 408 -17.26 -3.40 72.75
CA GLU K 408 -18.47 -2.88 72.11
C GLU K 408 -18.26 -2.79 70.61
N GLU K 409 -19.29 -3.15 69.85
CA GLU K 409 -19.23 -3.12 68.40
C GLU K 409 -20.62 -2.90 67.83
N GLY K 410 -20.73 -2.00 66.86
CA GLY K 410 -22.00 -1.70 66.24
C GLY K 410 -22.21 -2.54 64.99
N TYR K 411 -23.35 -3.22 64.94
CA TYR K 411 -23.69 -4.09 63.84
C TYR K 411 -25.12 -3.84 63.41
N SER K 412 -25.36 -3.98 62.11
CA SER K 412 -26.69 -3.83 61.54
C SER K 412 -27.24 -5.22 61.26
N ARG K 413 -28.31 -5.58 61.96
CA ARG K 413 -28.96 -6.87 61.82
C ARG K 413 -30.24 -6.70 61.04
N LEU K 414 -30.40 -7.47 59.97
CA LEU K 414 -31.60 -7.44 59.15
C LEU K 414 -32.49 -8.60 59.53
N GLU K 415 -33.75 -8.32 59.87
CA GLU K 415 -34.69 -9.38 60.19
C GLU K 415 -36.02 -9.11 59.48
N CYS K 416 -36.68 -10.19 59.09
CA CYS K 416 -37.96 -10.12 58.41
C CYS K 416 -39.04 -10.80 59.26
N LYS K 417 -40.19 -10.14 59.38
CA LYS K 417 -41.30 -10.65 60.17
C LYS K 417 -42.57 -10.60 59.35
N LYS K 418 -43.45 -11.57 59.57
CA LYS K 418 -44.78 -11.60 58.94
C LYS K 418 -45.76 -10.97 59.92
N LYS K 419 -46.11 -9.72 59.68
CA LYS K 419 -47.06 -9.02 60.54
C LYS K 419 -48.45 -9.11 59.93
N CYS K 420 -49.42 -9.51 60.75
CA CYS K 420 -50.81 -9.68 60.32
C CYS K 420 -51.69 -8.81 61.20
N THR K 421 -52.28 -7.77 60.60
CA THR K 421 -53.27 -6.94 61.26
C THR K 421 -54.65 -7.48 60.96
N LEU K 422 -55.48 -7.60 62.00
CA LEU K 422 -56.86 -8.07 61.90
C LEU K 422 -56.95 -9.50 61.38
N LYS K 423 -55.86 -10.26 61.51
CA LYS K 423 -55.76 -11.66 61.06
C LYS K 423 -56.02 -11.84 59.58
N ILE K 424 -56.19 -10.74 58.84
CA ILE K 424 -56.46 -10.83 57.40
C ILE K 424 -55.50 -9.99 56.57
N PHE K 425 -54.88 -8.95 57.12
CA PHE K 425 -53.91 -8.14 56.37
C PHE K 425 -52.52 -8.61 56.81
N CYS K 426 -52.01 -9.59 56.10
CA CYS K 426 -50.71 -10.18 56.39
C CYS K 426 -49.69 -9.68 55.36
N LYS K 427 -48.56 -9.21 55.85
CA LYS K 427 -47.48 -8.75 54.98
C LYS K 427 -46.16 -9.03 55.66
N THR K 428 -45.14 -9.34 54.87
CA THR K 428 -43.79 -9.53 55.38
C THR K 428 -43.06 -8.20 55.33
N VAL K 429 -42.60 -7.74 56.47
CA VAL K 429 -41.81 -6.51 56.58
C VAL K 429 -40.41 -6.88 57.02
N CYS K 430 -39.42 -6.41 56.27
CA CYS K 430 -38.02 -6.60 56.62
C CYS K 430 -37.48 -5.27 57.10
N GLU K 431 -36.86 -5.27 58.28
CA GLU K 431 -36.23 -4.08 58.81
C GLU K 431 -34.84 -4.40 59.34
N ASP K 432 -33.96 -3.42 59.23
CA ASP K 432 -32.60 -3.54 59.72
C ASP K 432 -32.42 -2.62 60.93
N VAL K 433 -31.79 -3.15 61.97
CA VAL K 433 -31.60 -2.43 63.21
C VAL K 433 -30.11 -2.32 63.47
N PHE K 434 -29.64 -1.11 63.74
CA PHE K 434 -28.24 -0.88 64.09
C PHE K 434 -28.11 -0.92 65.60
N ARG K 435 -27.54 -1.99 66.12
CA ARG K 435 -27.40 -2.19 67.55
C ARG K 435 -25.93 -2.26 67.91
N VAL K 436 -25.58 -1.64 69.04
CA VAL K 436 -24.23 -1.69 69.57
C VAL K 436 -24.20 -2.83 70.58
N ALA K 437 -23.70 -3.98 70.13
CA ALA K 437 -23.55 -5.12 71.02
C ALA K 437 -22.35 -4.93 71.92
N LYS K 438 -22.54 -5.18 73.21
CA LYS K 438 -21.49 -5.11 74.20
C LYS K 438 -21.39 -6.46 74.89
N ALA K 439 -20.16 -6.96 75.05
CA ALA K 439 -19.93 -8.24 75.70
C ALA K 439 -18.69 -8.15 76.57
N GLU K 440 -18.75 -8.78 77.74
CA GLU K 440 -17.62 -8.79 78.67
C GLU K 440 -16.92 -10.14 78.57
N PHE K 441 -15.70 -10.12 78.02
CA PHE K 441 -14.88 -11.32 77.94
C PHE K 441 -13.98 -11.41 79.16
N ARG K 442 -13.88 -12.61 79.73
CA ARG K 442 -13.05 -12.85 80.91
C ARG K 442 -12.11 -14.01 80.60
N ALA K 443 -10.83 -13.71 80.45
CA ALA K 443 -9.82 -14.72 80.16
C ALA K 443 -9.09 -15.13 81.43
N TYR K 444 -8.94 -16.44 81.60
CA TYR K 444 -8.31 -17.05 82.76
C TYR K 444 -7.17 -17.95 82.30
N TRP K 445 -6.36 -18.41 83.23
CA TRP K 445 -5.31 -19.36 82.91
C TRP K 445 -5.12 -20.32 84.07
N CYS K 446 -4.90 -21.59 83.73
CA CYS K 446 -4.82 -22.66 84.70
C CYS K 446 -3.35 -22.91 85.07
N VAL K 447 -3.02 -22.70 86.33
CA VAL K 447 -1.70 -23.04 86.85
C VAL K 447 -1.83 -24.30 87.68
N ALA K 448 -0.71 -25.01 87.82
CA ALA K 448 -0.68 -26.21 88.64
C ALA K 448 -0.89 -25.84 90.11
N ALA K 449 -1.90 -26.45 90.73
CA ALA K 449 -2.18 -26.15 92.13
C ALA K 449 -1.04 -26.61 93.04
N GLY K 450 -0.49 -27.79 92.78
CA GLY K 450 0.60 -28.32 93.58
C GLY K 450 1.48 -29.25 92.79
N GLN K 451 1.80 -30.40 93.37
CA GLN K 451 2.63 -31.41 92.70
C GLN K 451 1.72 -32.23 91.78
N VAL K 452 1.42 -31.64 90.61
CA VAL K 452 0.60 -32.31 89.60
C VAL K 452 1.41 -33.47 89.02
N PRO K 453 0.76 -34.52 88.52
CA PRO K 453 1.52 -35.60 87.88
C PRO K 453 2.26 -35.09 86.66
N ASP K 454 3.48 -35.58 86.47
CA ASP K 454 4.33 -35.20 85.36
C ASP K 454 4.49 -36.37 84.40
N ASN K 455 4.47 -36.09 83.10
CA ASN K 455 4.40 -34.75 82.54
C ASN K 455 3.04 -34.46 81.90
N SER K 456 1.97 -34.91 82.55
CA SER K 456 0.62 -34.62 82.08
C SER K 456 0.34 -33.13 82.21
N GLY K 457 -0.01 -32.48 81.11
CA GLY K 457 -0.26 -31.05 81.12
C GLY K 457 -0.11 -30.49 79.72
N LEU K 458 0.14 -29.17 79.67
CA LEU K 458 0.30 -28.47 78.41
C LEU K 458 1.59 -27.66 78.43
N LEU K 459 2.13 -27.42 77.24
CA LEU K 459 3.39 -26.71 77.05
C LEU K 459 3.12 -25.35 76.42
N PHE K 460 4.09 -24.45 76.57
CA PHE K 460 3.96 -23.07 76.12
C PHE K 460 4.87 -22.86 74.92
N GLY K 461 4.26 -22.71 73.74
CA GLY K 461 4.99 -22.49 72.51
C GLY K 461 5.09 -21.05 72.06
N GLY K 462 4.86 -20.09 72.94
CA GLY K 462 4.95 -18.69 72.57
C GLY K 462 3.62 -18.15 72.08
N VAL K 463 3.51 -16.83 72.10
CA VAL K 463 2.28 -16.14 71.71
C VAL K 463 2.62 -15.10 70.65
N PHE K 464 1.58 -14.63 69.98
CA PHE K 464 1.72 -13.59 68.97
C PHE K 464 0.35 -12.98 68.73
N THR K 465 0.35 -11.73 68.29
CA THR K 465 -0.86 -11.02 67.94
C THR K 465 -0.86 -10.71 66.44
N ASP K 466 -1.87 -9.96 66.02
CA ASP K 466 -1.98 -9.53 64.63
C ASP K 466 -0.92 -8.51 64.25
N LYS K 467 -0.45 -7.70 65.20
CA LYS K 467 0.53 -6.68 64.92
C LYS K 467 1.90 -6.94 65.54
N THR K 468 2.05 -8.03 66.29
CA THR K 468 3.33 -8.41 66.85
C THR K 468 3.82 -9.69 66.18
N ILE K 469 4.94 -10.20 66.68
CA ILE K 469 5.57 -11.39 66.14
C ILE K 469 5.83 -12.35 67.29
N ASN K 470 5.95 -13.64 66.97
CA ASN K 470 6.27 -14.63 67.99
C ASN K 470 7.76 -14.89 67.97
N PRO K 471 8.53 -14.34 68.92
CA PRO K 471 9.99 -14.44 68.85
C PRO K 471 10.51 -15.88 68.86
N MET K 472 9.82 -16.80 69.54
CA MET K 472 10.32 -18.16 69.60
C MET K 472 10.31 -18.81 68.22
N THR K 473 9.40 -18.37 67.34
CA THR K 473 9.42 -18.79 65.95
C THR K 473 9.67 -17.66 64.97
N ASN K 474 9.73 -16.41 65.43
CA ASN K 474 9.94 -15.24 64.58
C ASN K 474 8.87 -15.15 63.49
N ALA K 475 7.68 -15.68 63.75
CA ALA K 475 6.60 -15.66 62.79
C ALA K 475 5.28 -15.60 63.55
N GLN K 476 4.26 -15.06 62.90
CA GLN K 476 2.93 -15.01 63.50
C GLN K 476 2.19 -16.33 63.32
N SER K 477 2.79 -17.40 63.81
CA SER K 477 2.20 -18.73 63.70
C SER K 477 2.76 -19.59 64.83
N CYS K 478 2.29 -20.82 64.91
CA CYS K 478 2.71 -21.76 65.92
C CYS K 478 3.52 -22.88 65.29
N PRO K 479 4.43 -23.49 66.04
CA PRO K 479 5.24 -24.57 65.47
C PRO K 479 4.39 -25.80 65.13
N ALA K 480 5.04 -26.77 64.52
CA ALA K 480 4.38 -28.02 64.18
C ALA K 480 3.94 -28.73 65.46
N GLY K 481 2.80 -29.40 65.39
CA GLY K 481 2.25 -30.07 66.55
C GLY K 481 1.69 -29.14 67.60
N TYR K 482 1.32 -27.92 67.23
CA TYR K 482 0.82 -26.94 68.16
C TYR K 482 -0.57 -26.47 67.76
N ILE K 483 -1.26 -25.88 68.73
CA ILE K 483 -2.60 -25.37 68.56
C ILE K 483 -2.61 -23.91 68.97
N PRO K 484 -3.08 -22.99 68.14
CA PRO K 484 -3.27 -21.62 68.60
C PRO K 484 -4.62 -21.44 69.29
N LEU K 485 -4.59 -21.02 70.55
CA LEU K 485 -5.79 -20.78 71.34
C LEU K 485 -6.02 -19.29 71.47
N ASN K 486 -7.23 -18.86 71.15
CA ASN K 486 -7.56 -17.45 71.23
C ASN K 486 -7.77 -17.06 72.69
N LEU K 487 -7.01 -16.07 73.15
CA LEU K 487 -7.07 -15.64 74.55
C LEU K 487 -7.55 -14.20 74.69
N PHE K 488 -7.23 -13.35 73.72
CA PHE K 488 -7.78 -12.00 73.68
C PHE K 488 -8.48 -11.78 72.35
N GLU K 489 -8.84 -10.52 72.07
CA GLU K 489 -9.41 -10.21 70.77
C GLU K 489 -8.44 -10.53 69.64
N SER K 490 -7.14 -10.43 69.90
CA SER K 490 -6.14 -10.67 68.87
C SER K 490 -4.97 -11.53 69.32
N LEU K 491 -4.98 -12.03 70.55
CA LEU K 491 -3.87 -12.80 71.07
C LEU K 491 -4.12 -14.29 70.92
N LYS K 492 -3.12 -14.99 70.39
CA LYS K 492 -3.16 -16.43 70.22
C LYS K 492 -1.99 -17.04 70.96
N VAL K 493 -2.25 -18.14 71.67
CA VAL K 493 -1.25 -18.83 72.47
C VAL K 493 -0.98 -20.18 71.82
N CYS K 494 0.29 -20.47 71.54
CA CYS K 494 0.67 -21.74 70.95
C CYS K 494 0.84 -22.77 72.06
N VAL K 495 -0.01 -23.79 72.06
CA VAL K 495 0.03 -24.84 73.06
C VAL K 495 0.05 -26.17 72.34
N SER K 496 1.03 -27.00 72.64
CA SER K 496 1.15 -28.31 72.03
C SER K 496 0.63 -29.38 72.96
N LEU K 497 0.12 -30.46 72.37
CA LEU K 497 -0.35 -31.60 73.12
C LEU K 497 0.65 -32.74 73.17
N ASP K 498 1.38 -32.97 72.09
CA ASP K 498 2.43 -33.99 72.11
C ASP K 498 3.58 -33.55 72.99
N TYR K 499 4.02 -34.46 73.86
CA TYR K 499 5.08 -34.14 74.82
C TYR K 499 6.40 -33.90 74.12
N GLU K 500 6.78 -34.77 73.18
CA GLU K 500 8.10 -34.69 72.56
C GLU K 500 8.24 -33.45 71.69
N LEU K 501 7.26 -33.22 70.81
CA LEU K 501 7.35 -32.07 69.90
C LEU K 501 7.32 -30.77 70.67
N GLY K 502 6.48 -30.69 71.70
CA GLY K 502 6.50 -29.50 72.55
C GLY K 502 7.84 -29.32 73.23
N PHE K 503 8.35 -30.38 73.87
CA PHE K 503 9.61 -30.26 74.59
C PHE K 503 10.73 -29.81 73.68
N LYS K 504 10.72 -30.28 72.43
CA LYS K 504 11.72 -29.82 71.47
C LYS K 504 11.37 -28.48 70.85
N PHE K 505 10.16 -27.96 71.08
CA PHE K 505 9.76 -26.68 70.51
C PHE K 505 9.00 -25.84 71.53
N SER K 506 9.48 -25.76 72.76
CA SER K 506 8.83 -24.94 73.77
C SER K 506 9.88 -24.42 74.74
N VAL K 507 9.44 -23.57 75.66
CA VAL K 507 10.26 -23.01 76.73
C VAL K 507 9.51 -23.23 78.04
N PRO K 508 10.19 -23.55 79.12
CA PRO K 508 9.50 -23.68 80.41
C PRO K 508 8.78 -22.39 80.78
N PHE K 509 7.61 -22.54 81.36
CA PHE K 509 6.69 -21.43 81.61
C PHE K 509 6.65 -21.11 83.10
N GLY K 510 6.44 -19.83 83.41
CA GLY K 510 6.41 -19.41 84.79
C GLY K 510 5.07 -18.85 85.22
N GLY K 511 4.35 -18.22 84.30
CA GLY K 511 3.03 -17.69 84.59
C GLY K 511 2.74 -16.41 83.83
N PHE K 512 1.46 -16.05 83.82
CA PHE K 512 1.00 -14.80 83.21
C PHE K 512 0.73 -13.78 84.30
N PHE K 513 0.66 -12.52 83.88
CA PHE K 513 0.22 -11.46 84.80
C PHE K 513 -0.26 -10.27 84.00
N SER K 514 -1.18 -9.52 84.60
CA SER K 514 -1.81 -8.39 83.93
C SER K 514 -1.47 -7.09 84.64
N CYS K 515 -2.06 -5.98 84.20
CA CYS K 515 -1.83 -4.71 84.87
C CYS K 515 -2.63 -4.63 86.17
N ILE K 516 -3.58 -5.53 86.38
CA ILE K 516 -4.42 -5.51 87.57
C ILE K 516 -4.31 -6.79 88.37
N MET K 517 -3.89 -7.89 87.75
CA MET K 517 -3.66 -9.12 88.49
C MET K 517 -2.28 -9.64 88.13
N GLY K 518 -1.36 -9.60 89.11
CA GLY K 518 -0.01 -10.08 88.90
C GLY K 518 0.08 -11.59 89.03
N ASN K 519 1.29 -12.09 88.80
CA ASN K 519 1.53 -13.52 88.91
C ASN K 519 1.63 -13.89 90.39
N PRO K 520 0.76 -14.77 90.90
CA PRO K 520 0.81 -15.13 92.31
C PRO K 520 2.04 -15.93 92.69
N LEU K 521 2.79 -16.44 91.71
CA LEU K 521 3.91 -17.32 91.96
C LEU K 521 5.17 -16.58 92.33
N VAL K 522 5.07 -15.27 92.62
CA VAL K 522 6.23 -14.52 93.08
C VAL K 522 6.66 -15.03 94.45
N ASN K 523 7.93 -14.79 94.77
CA ASN K 523 8.48 -15.20 96.05
C ASN K 523 9.44 -14.13 96.58
N ALA K 532 -1.49 -15.06 100.26
CA ALA K 532 -0.36 -15.12 99.34
C ALA K 532 -0.24 -13.85 98.52
N PRO K 533 0.87 -13.13 98.68
CA PRO K 533 1.09 -11.93 97.87
C PRO K 533 1.19 -12.29 96.38
N SER K 534 0.66 -11.42 95.55
CA SER K 534 0.66 -11.60 94.09
C SER K 534 1.25 -10.35 93.47
N LEU K 535 2.51 -10.42 93.06
CA LEU K 535 3.20 -9.28 92.47
C LEU K 535 3.37 -9.50 90.97
N LYS K 536 3.57 -8.38 90.27
CA LYS K 536 3.73 -8.39 88.82
C LYS K 536 5.21 -8.58 88.51
N LYS K 537 5.68 -9.81 88.73
CA LYS K 537 7.08 -10.13 88.54
C LYS K 537 7.19 -11.61 88.20
N CYS K 538 8.13 -11.94 87.32
CA CYS K 538 8.35 -13.33 86.97
C CYS K 538 9.14 -14.03 88.07
N PRO K 539 8.67 -15.15 88.58
CA PRO K 539 9.42 -15.86 89.62
C PRO K 539 10.70 -16.47 89.09
N GLY K 540 11.64 -16.67 90.00
CA GLY K 540 12.90 -17.30 89.63
C GLY K 540 13.66 -16.46 88.63
N GLY K 541 14.34 -17.15 87.71
CA GLY K 541 15.09 -16.47 86.66
C GLY K 541 14.30 -16.31 85.39
N PHE K 542 12.98 -16.48 85.50
CA PHE K 542 12.10 -16.36 84.34
C PHE K 542 12.10 -14.91 83.85
N SER K 543 12.09 -14.75 82.54
CA SER K 543 12.12 -13.43 81.93
C SER K 543 10.71 -12.92 81.64
N GLN K 544 10.57 -11.60 81.65
CA GLN K 544 9.28 -10.94 81.44
C GLN K 544 9.29 -10.26 80.08
N HIS K 545 8.37 -10.67 79.21
CA HIS K 545 8.22 -10.07 77.89
C HIS K 545 6.76 -9.78 77.63
N LEU K 546 6.50 -8.62 77.04
CA LEU K 546 5.14 -8.20 76.76
C LEU K 546 4.46 -9.17 75.82
N ALA K 547 3.21 -9.50 76.12
CA ALA K 547 2.40 -10.36 75.27
C ALA K 547 1.33 -9.59 74.51
N VAL K 548 0.63 -8.67 75.17
CA VAL K 548 -0.44 -7.90 74.51
C VAL K 548 -0.75 -6.67 75.34
N ILE K 549 -1.39 -5.70 74.70
CA ILE K 549 -1.89 -4.49 75.36
C ILE K 549 -3.38 -4.41 75.09
N SER K 550 -4.18 -4.70 76.10
CA SER K 550 -5.64 -4.70 76.00
C SER K 550 -6.16 -3.44 76.71
N ASP K 551 -6.55 -2.45 75.91
CA ASP K 551 -7.10 -1.20 76.43
C ASP K 551 -6.16 -0.54 77.42
N GLY K 552 -4.88 -0.51 77.07
CA GLY K 552 -3.87 0.07 77.93
C GLY K 552 -3.39 -0.83 79.04
N CYS K 553 -4.03 -1.98 79.25
CA CYS K 553 -3.61 -2.93 80.26
C CYS K 553 -2.58 -3.89 79.65
N GLN K 554 -1.40 -3.94 80.26
CA GLN K 554 -0.33 -4.79 79.76
C GLN K 554 -0.52 -6.21 80.27
N VAL K 555 -0.41 -7.18 79.37
CA VAL K 555 -0.40 -8.59 79.73
C VAL K 555 0.88 -9.20 79.18
N SER K 556 1.60 -9.93 80.04
CA SER K 556 2.88 -10.51 79.69
C SER K 556 2.93 -11.95 80.18
N TYR K 557 4.01 -12.64 79.82
CA TYR K 557 4.25 -14.01 80.22
C TYR K 557 5.67 -14.14 80.75
N CYS K 558 5.95 -15.27 81.38
CA CYS K 558 7.23 -15.50 82.04
C CYS K 558 7.87 -16.75 81.46
N VAL K 559 9.05 -16.58 80.87
CA VAL K 559 9.81 -17.68 80.30
C VAL K 559 11.26 -17.56 80.74
N LYS K 560 11.97 -18.67 80.68
CA LYS K 560 13.37 -18.68 81.09
C LYS K 560 14.20 -17.80 80.14
N ALA K 561 15.01 -16.91 80.72
CA ALA K 561 15.82 -16.02 79.92
C ALA K 561 16.98 -16.73 79.23
N GLY K 562 17.28 -17.97 79.62
CA GLY K 562 18.37 -18.70 79.01
C GLY K 562 18.14 -19.06 77.56
N ILE K 563 16.91 -18.99 77.09
CA ILE K 563 16.57 -19.30 75.71
C ILE K 563 16.39 -18.03 74.88
N PHE K 564 15.78 -17.00 75.47
CA PHE K 564 15.56 -15.76 74.73
C PHE K 564 16.88 -15.03 74.53
N THR K 565 16.98 -14.31 73.41
CA THR K 565 18.22 -13.64 73.04
C THR K 565 17.85 -12.34 72.30
N GLY K 566 18.86 -11.73 71.66
CA GLY K 566 18.65 -10.45 71.00
C GLY K 566 17.69 -10.52 69.83
N GLY K 567 17.85 -11.50 68.95
CA GLY K 567 16.92 -11.72 67.87
C GLY K 567 17.33 -11.14 66.53
N SER K 568 18.10 -10.06 66.51
CA SER K 568 18.60 -9.55 65.24
C SER K 568 19.58 -10.54 64.62
N LEU K 569 20.45 -11.10 65.44
CA LEU K 569 21.29 -12.23 65.09
C LEU K 569 20.79 -13.43 65.87
N LEU K 570 20.45 -14.49 65.19
CA LEU K 570 20.05 -15.70 65.89
C LEU K 570 21.28 -16.52 66.21
N PRO K 571 21.69 -16.64 67.45
CA PRO K 571 22.86 -17.46 67.76
C PRO K 571 22.47 -18.92 67.87
N VAL K 572 23.28 -19.81 67.30
CA VAL K 572 22.97 -21.23 67.38
C VAL K 572 23.35 -21.76 68.77
N ARG K 573 22.37 -21.80 69.67
CA ARG K 573 22.59 -22.20 71.05
C ARG K 573 22.24 -23.67 71.21
N LEU K 574 23.15 -24.52 70.75
CA LEU K 574 22.96 -25.96 70.90
C LEU K 574 24.32 -26.47 71.44
N PRO K 575 25.22 -27.13 70.71
CA PRO K 575 26.51 -27.43 71.33
C PRO K 575 27.45 -26.24 71.19
N PRO K 576 28.44 -26.11 72.07
CA PRO K 576 28.74 -26.97 73.22
C PRO K 576 27.82 -26.70 74.38
N TYR K 577 27.51 -27.73 75.16
CA TYR K 577 26.75 -27.58 76.39
C TYR K 577 27.67 -27.45 77.59
N THR K 578 28.96 -27.30 77.35
CA THR K 578 29.94 -27.01 78.38
C THR K 578 31.12 -26.31 77.72
N LYS K 579 31.82 -25.50 78.50
CA LYS K 579 33.05 -24.90 78.03
C LYS K 579 34.11 -26.00 77.88
N PRO K 580 34.99 -25.89 76.90
CA PRO K 580 35.96 -26.97 76.61
C PRO K 580 36.74 -27.35 77.86
N PRO K 581 36.53 -28.55 78.38
CA PRO K 581 37.23 -28.94 79.61
C PRO K 581 38.72 -29.09 79.36
N LEU K 582 39.51 -28.66 80.33
CA LEU K 582 40.95 -28.56 80.17
C LEU K 582 41.60 -29.95 80.14
N MET K 583 42.85 -29.98 79.73
CA MET K 583 43.62 -31.22 79.66
C MET K 583 43.86 -31.81 81.05
N THR L 13 43.51 -12.73 47.32
CA THR L 13 42.14 -13.14 47.63
C THR L 13 41.16 -12.41 46.73
N GLY L 14 41.52 -12.28 45.45
CA GLY L 14 40.70 -11.59 44.48
C GLY L 14 39.93 -12.59 43.63
N PHE L 15 38.67 -12.28 43.38
CA PHE L 15 37.81 -13.11 42.57
C PHE L 15 37.84 -12.71 41.10
N GLN L 16 38.67 -11.74 40.75
CA GLN L 16 38.65 -11.23 39.38
C GLN L 16 39.09 -12.28 38.38
N ILE L 17 39.94 -13.21 38.79
CA ILE L 17 40.36 -14.28 37.89
C ILE L 17 39.17 -15.12 37.49
N CYS L 18 38.37 -15.52 38.48
CA CYS L 18 37.19 -16.33 38.18
C CYS L 18 36.19 -15.56 37.34
N LYS L 19 36.00 -14.27 37.63
CA LYS L 19 35.10 -13.47 36.82
C LYS L 19 35.58 -13.40 35.38
N ASN L 20 36.88 -13.24 35.17
CA ASN L 20 37.40 -13.27 33.81
C ASN L 20 37.14 -14.62 33.16
N ALA L 21 37.22 -15.69 33.93
CA ALA L 21 37.00 -17.02 33.36
C ALA L 21 35.52 -17.29 33.15
N LEU L 22 34.72 -17.18 34.22
CA LEU L 22 33.34 -17.64 34.18
C LEU L 22 32.36 -16.58 33.72
N LYS L 23 32.70 -15.31 33.87
CA LYS L 23 31.80 -14.20 33.50
C LYS L 23 30.50 -14.28 34.28
N LEU L 24 30.62 -14.39 35.59
CA LEU L 24 29.48 -14.47 36.49
C LEU L 24 29.61 -13.46 37.61
N PRO L 25 28.51 -13.02 38.19
CA PRO L 25 28.59 -12.17 39.38
C PRO L 25 29.04 -12.98 40.57
N VAL L 26 29.52 -12.29 41.58
CA VAL L 26 29.87 -12.94 42.83
C VAL L 26 28.72 -12.76 43.81
N LEU L 27 28.38 -13.83 44.52
CA LEU L 27 27.32 -13.73 45.51
C LEU L 27 27.73 -12.74 46.59
N GLU L 28 27.00 -11.63 46.65
CA GLU L 28 27.45 -10.51 47.48
C GLU L 28 27.16 -10.70 48.95
N VAL L 29 26.30 -11.63 49.34
CA VAL L 29 26.07 -11.90 50.75
C VAL L 29 26.94 -13.09 51.11
N LEU L 30 27.78 -12.91 52.13
CA LEU L 30 28.72 -13.96 52.48
C LEU L 30 28.87 -14.00 53.98
N PRO L 31 28.91 -15.19 54.55
CA PRO L 31 29.11 -15.30 56.00
C PRO L 31 30.57 -15.16 56.33
N GLY L 32 30.94 -15.45 57.57
CA GLY L 32 32.32 -15.36 57.96
C GLY L 32 32.77 -13.97 58.31
N GLY L 33 31.86 -13.00 58.37
CA GLY L 33 32.21 -11.67 58.77
C GLY L 33 31.82 -11.41 60.22
N GLY L 34 32.45 -10.41 60.79
CA GLY L 34 32.11 -10.01 62.14
C GLY L 34 30.75 -9.37 62.19
N TRP L 35 30.19 -9.34 63.40
CA TRP L 35 28.86 -8.79 63.60
C TRP L 35 28.79 -8.16 64.97
N ASP L 36 28.39 -6.89 65.01
CA ASP L 36 28.26 -6.16 66.26
C ASP L 36 26.85 -6.39 66.79
N ASN L 37 26.72 -7.23 67.80
CA ASN L 37 25.40 -7.58 68.31
C ASN L 37 24.72 -6.41 68.99
N LEU L 38 25.46 -5.37 69.37
CA LEU L 38 24.85 -4.22 70.01
C LEU L 38 24.23 -3.29 68.97
N ARG L 39 25.00 -2.92 67.95
CA ARG L 39 24.55 -2.00 66.94
C ARG L 39 23.95 -2.67 65.73
N ASN L 40 23.95 -4.00 65.67
CA ASN L 40 23.37 -4.76 64.57
C ASN L 40 23.93 -4.31 63.22
N VAL L 41 25.24 -4.48 63.07
CA VAL L 41 25.92 -4.05 61.87
C VAL L 41 27.10 -4.96 61.63
N ASP L 42 27.32 -5.31 60.36
CA ASP L 42 28.49 -6.10 59.99
C ASP L 42 29.75 -5.30 60.27
N MET L 43 30.79 -5.97 60.73
CA MET L 43 31.99 -5.25 61.12
C MET L 43 33.21 -5.59 60.29
N GLY L 44 33.66 -6.83 60.27
CA GLY L 44 34.90 -7.12 59.61
C GLY L 44 34.99 -8.57 59.21
N ARG L 45 36.04 -8.89 58.48
CA ARG L 45 36.20 -10.21 57.87
C ARG L 45 37.00 -11.09 58.81
N VAL L 46 36.35 -12.09 59.37
CA VAL L 46 36.99 -13.01 60.31
C VAL L 46 37.54 -14.23 59.59
N MET L 47 36.68 -14.96 58.89
CA MET L 47 37.16 -16.10 58.12
C MET L 47 37.85 -15.65 56.85
N ASP L 48 38.77 -16.47 56.39
CA ASP L 48 39.53 -16.17 55.18
C ASP L 48 38.69 -16.58 53.98
N LEU L 49 38.45 -15.63 53.08
CA LEU L 49 37.69 -15.90 51.87
C LEU L 49 38.65 -15.88 50.69
N THR L 50 38.82 -17.03 50.07
CA THR L 50 39.70 -17.19 48.92
C THR L 50 38.89 -17.69 47.74
N TYR L 51 39.31 -17.30 46.55
CA TYR L 51 38.66 -17.72 45.33
C TYR L 51 39.62 -18.51 44.46
N THR L 52 40.43 -19.34 45.10
CA THR L 52 41.40 -20.14 44.37
C THR L 52 40.73 -21.13 43.44
N ASN L 53 39.69 -21.80 43.92
CA ASN L 53 39.07 -22.87 43.15
C ASN L 53 38.01 -22.38 42.17
N CYS L 54 37.69 -21.09 42.18
CA CYS L 54 36.65 -20.53 41.33
C CYS L 54 35.36 -21.31 41.49
N LYS L 55 34.99 -21.53 42.75
CA LYS L 55 33.82 -22.30 43.06
C LYS L 55 32.55 -21.56 42.63
N THR L 56 31.53 -22.32 42.29
CA THR L 56 30.28 -21.78 41.78
C THR L 56 29.11 -22.50 42.42
N THR L 57 28.00 -21.80 42.58
CA THR L 57 26.78 -22.46 42.99
C THR L 57 26.34 -23.42 41.89
N GLU L 58 25.72 -24.52 42.31
CA GLU L 58 25.42 -25.61 41.38
C GLU L 58 24.56 -25.13 40.22
N ASP L 59 23.64 -24.21 40.48
CA ASP L 59 22.82 -23.70 39.39
C ASP L 59 23.62 -22.83 38.44
N GLY L 60 24.85 -22.51 38.78
CA GLY L 60 25.68 -21.73 37.87
C GLY L 60 25.31 -20.28 37.79
N GLN L 61 24.82 -19.71 38.89
CA GLN L 61 24.40 -18.32 38.91
C GLN L 61 25.41 -17.40 39.57
N TYR L 62 26.10 -17.86 40.60
CA TYR L 62 27.00 -17.01 41.37
C TYR L 62 28.32 -17.71 41.62
N ILE L 63 29.36 -16.91 41.75
CA ILE L 63 30.68 -17.36 42.16
C ILE L 63 30.76 -17.22 43.67
N ILE L 64 31.27 -18.24 44.34
CA ILE L 64 31.33 -18.21 45.79
C ILE L 64 32.74 -18.53 46.26
N PRO L 65 33.16 -18.03 47.41
CA PRO L 65 34.49 -18.39 47.92
C PRO L 65 34.56 -19.86 48.26
N ASP L 66 35.77 -20.38 48.27
CA ASP L 66 35.96 -21.81 48.50
C ASP L 66 35.52 -22.25 49.88
N GLU L 67 35.38 -21.32 50.83
CA GLU L 67 35.14 -21.66 52.21
C GLU L 67 33.67 -21.62 52.59
N VAL L 68 32.78 -21.43 51.62
CA VAL L 68 31.35 -21.39 51.88
C VAL L 68 30.67 -22.38 50.96
N TYR L 69 29.49 -22.82 51.38
CA TYR L 69 28.63 -23.65 50.54
C TYR L 69 27.21 -23.17 50.67
N THR L 70 26.44 -23.30 49.60
CA THR L 70 25.10 -22.75 49.52
C THR L 70 24.11 -23.88 49.38
N ILE L 71 23.07 -23.86 50.21
CA ILE L 71 21.94 -24.76 50.01
C ILE L 71 20.82 -23.96 49.36
N PRO L 72 20.33 -24.40 48.22
CA PRO L 72 19.37 -23.65 47.40
C PRO L 72 17.93 -23.81 47.84
N GLN L 73 17.50 -22.94 48.74
CA GLN L 73 16.11 -22.91 49.16
C GLN L 73 15.43 -21.75 48.44
N LYS L 74 14.95 -22.01 47.23
CA LYS L 74 14.40 -20.95 46.39
C LYS L 74 12.93 -20.80 46.70
N GLU L 75 12.61 -19.94 47.66
CA GLU L 75 11.26 -19.78 48.18
C GLU L 75 10.80 -18.34 47.97
N SER L 76 9.50 -18.18 47.74
CA SER L 76 8.88 -16.88 47.61
C SER L 76 7.61 -16.85 48.45
N ASN L 77 7.35 -15.73 49.10
CA ASN L 77 6.09 -15.53 49.79
C ASN L 77 5.47 -14.24 49.29
N LEU L 78 4.20 -14.29 48.93
CA LEU L 78 3.42 -13.14 48.51
C LEU L 78 2.20 -13.03 49.39
N GLU L 79 1.91 -11.83 49.87
CA GLU L 79 0.65 -11.55 50.55
C GLU L 79 0.12 -10.22 50.07
N MET L 80 -1.05 -10.20 49.45
CA MET L 80 -1.70 -8.96 49.07
C MET L 80 -3.04 -8.88 49.79
N ASN L 81 -3.26 -7.81 50.52
CA ASN L 81 -4.52 -7.57 51.21
C ASN L 81 -5.06 -6.24 50.73
N SER L 82 -6.25 -6.24 50.16
CA SER L 82 -6.92 -5.02 49.74
C SER L 82 -8.25 -4.93 50.44
N GLU L 83 -8.58 -3.73 50.92
CA GLU L 83 -9.82 -3.50 51.65
C GLU L 83 -10.43 -2.19 51.19
N VAL L 84 -11.68 -2.22 50.77
CA VAL L 84 -12.36 -1.02 50.31
C VAL L 84 -13.63 -0.86 51.13
N LEU L 85 -13.81 0.32 51.70
CA LEU L 85 -15.01 0.65 52.46
C LEU L 85 -15.63 1.89 51.86
N GLU L 86 -16.92 1.84 51.57
CA GLU L 86 -17.62 2.99 51.04
C GLU L 86 -18.94 3.17 51.77
N SER L 87 -19.18 4.40 52.21
CA SER L 87 -20.44 4.76 52.85
C SER L 87 -21.06 5.88 52.05
N TRP L 88 -22.36 5.81 51.83
CA TRP L 88 -23.10 6.85 51.14
C TRP L 88 -24.41 7.07 51.84
N MET L 89 -24.56 8.24 52.46
CA MET L 89 -25.83 8.61 53.08
C MET L 89 -26.36 9.82 52.34
N ASN L 90 -27.60 9.72 51.89
CA ASN L 90 -28.26 10.79 51.16
C ASN L 90 -29.61 11.09 51.77
N TYR L 91 -29.76 12.30 52.30
CA TYR L 91 -30.98 12.71 52.98
C TYR L 91 -31.59 13.84 52.18
N GLN L 92 -32.90 13.82 52.04
CA GLN L 92 -33.60 14.82 51.26
C GLN L 92 -34.94 15.09 51.93
N SER L 93 -35.23 16.37 52.17
CA SER L 93 -36.46 16.77 52.84
C SER L 93 -37.10 17.89 52.06
N THR L 94 -38.43 17.99 52.14
CA THR L 94 -39.17 19.05 51.44
C THR L 94 -40.49 19.26 52.15
N THR L 95 -40.62 20.38 52.85
CA THR L 95 -41.86 20.72 53.53
C THR L 95 -42.48 21.92 52.82
N SER L 96 -43.80 21.97 52.83
CA SER L 96 -44.55 23.06 52.23
C SER L 96 -45.65 23.49 53.18
N LEU L 97 -46.26 24.63 52.89
CA LEU L 97 -47.41 25.09 53.66
C LEU L 97 -48.09 26.19 52.87
N SER L 98 -49.37 26.01 52.55
CA SER L 98 -50.16 27.04 51.88
C SER L 98 -51.35 27.39 52.74
N ILE L 99 -51.62 28.70 52.86
CA ILE L 99 -52.77 29.19 53.60
C ILE L 99 -53.47 30.22 52.74
N ASN L 100 -54.75 30.03 52.47
CA ASN L 100 -55.54 31.01 51.74
C ASN L 100 -56.76 31.42 52.55
N THR L 101 -56.98 32.72 52.65
CA THR L 101 -58.10 33.24 53.41
C THR L 101 -58.82 34.28 52.57
N GLU L 102 -60.14 34.23 52.57
CA GLU L 102 -60.96 35.22 51.87
C GLU L 102 -62.07 35.67 52.80
N LEU L 103 -62.52 36.90 52.62
CA LEU L 103 -63.59 37.46 53.43
C LEU L 103 -64.37 38.46 52.60
N ALA L 104 -65.70 38.37 52.66
CA ALA L 104 -66.56 39.32 51.97
C ALA L 104 -67.66 39.77 52.93
N LEU L 105 -67.66 41.05 53.27
CA LEU L 105 -68.61 41.59 54.24
C LEU L 105 -69.55 42.54 53.54
N PHE L 106 -70.85 42.36 53.76
CA PHE L 106 -71.89 43.24 53.23
C PHE L 106 -71.88 43.30 51.72
N SER L 107 -71.23 42.33 51.08
CA SER L 107 -71.06 42.29 49.62
C SER L 107 -70.38 43.54 49.08
N ARG L 108 -69.56 44.20 49.88
CA ARG L 108 -68.81 45.38 49.45
C ARG L 108 -67.34 45.34 49.80
N VAL L 109 -66.94 44.60 50.82
CA VAL L 109 -65.56 44.56 51.30
C VAL L 109 -65.00 43.18 51.03
N ASN L 110 -63.82 43.13 50.41
CA ASN L 110 -63.20 41.87 50.03
C ASN L 110 -61.76 41.85 50.53
N GLY L 111 -61.47 40.92 51.43
CA GLY L 111 -60.12 40.78 51.93
C GLY L 111 -59.54 39.41 51.66
N LYS L 112 -58.43 39.35 50.95
CA LYS L 112 -57.75 38.10 50.65
C LYS L 112 -56.39 38.09 51.31
N PHE L 113 -55.90 36.90 51.62
CA PHE L 113 -54.64 36.75 52.35
C PHE L 113 -54.09 35.38 52.02
N SER L 114 -53.07 35.30 51.19
CA SER L 114 -52.47 34.03 50.81
C SER L 114 -51.00 34.01 51.23
N THR L 115 -50.61 32.93 51.86
CA THR L 115 -49.29 32.74 52.41
C THR L 115 -48.78 31.37 51.99
N GLU L 116 -47.48 31.23 51.83
CA GLU L 116 -46.90 29.94 51.46
C GLU L 116 -45.45 29.88 51.90
N PHE L 117 -45.13 28.91 52.74
CA PHE L 117 -43.77 28.61 53.12
C PHE L 117 -43.35 27.34 52.40
N GLN L 118 -42.04 27.24 52.13
CA GLN L 118 -41.50 26.05 51.50
C GLN L 118 -40.04 25.93 51.88
N ARG L 119 -39.62 24.73 52.24
CA ARG L 119 -38.26 24.47 52.68
C ARG L 119 -37.80 23.12 52.16
N MET L 120 -36.83 23.10 51.27
CA MET L 120 -36.24 21.84 50.83
C MET L 120 -34.80 21.77 51.25
N LYS L 121 -34.42 20.65 51.86
CA LYS L 121 -33.11 20.46 52.45
C LYS L 121 -32.50 19.22 51.85
N THR L 122 -31.17 19.20 51.73
CA THR L 122 -30.48 18.07 51.14
C THR L 122 -29.13 17.89 51.82
N LEU L 123 -28.79 16.67 52.13
CA LEU L 123 -27.50 16.32 52.69
C LEU L 123 -26.96 15.11 51.96
N GLN L 124 -25.65 15.08 51.76
CA GLN L 124 -25.00 13.92 51.16
C GLN L 124 -23.65 13.75 51.80
N VAL L 125 -23.39 12.56 52.31
CA VAL L 125 -22.11 12.21 52.89
C VAL L 125 -21.61 11.00 52.14
N LYS L 126 -20.36 11.04 51.68
CA LYS L 126 -19.77 9.94 50.94
C LYS L 126 -18.36 9.72 51.44
N ASP L 127 -18.09 8.54 51.97
CA ASP L 127 -16.77 8.19 52.49
C ASP L 127 -16.22 7.00 51.73
N GLN L 128 -14.93 7.05 51.44
CA GLN L 128 -14.24 5.92 50.86
C GLN L 128 -12.92 5.75 51.59
N ALA L 129 -12.57 4.51 51.87
CA ALA L 129 -11.29 4.19 52.48
C ALA L 129 -10.76 2.94 51.79
N VAL L 130 -9.64 3.09 51.09
CA VAL L 130 -9.02 1.98 50.38
C VAL L 130 -7.65 1.74 51.00
N THR L 131 -7.41 0.51 51.41
CA THR L 131 -6.15 0.13 52.05
C THR L 131 -5.59 -1.07 51.34
N THR L 132 -4.39 -0.94 50.80
CA THR L 132 -3.73 -2.00 50.06
C THR L 132 -2.38 -2.28 50.70
N ARG L 133 -2.07 -3.55 50.89
CA ARG L 133 -0.78 -3.95 51.44
C ARG L 133 -0.25 -5.10 50.62
N VAL L 134 0.99 -4.98 50.15
CA VAL L 134 1.64 -6.01 49.38
C VAL L 134 2.95 -6.35 50.07
N GLN L 135 3.20 -7.64 50.27
CA GLN L 135 4.41 -8.05 50.95
C GLN L 135 5.02 -9.21 50.19
N VAL L 136 6.22 -9.01 49.68
CA VAL L 136 6.96 -10.02 48.93
C VAL L 136 8.20 -10.36 49.71
N ARG L 137 8.55 -11.63 49.78
CA ARG L 137 9.79 -12.03 50.45
C ARG L 137 10.36 -13.23 49.71
N ASN L 138 11.46 -13.01 49.01
CA ASN L 138 12.19 -14.07 48.35
C ASN L 138 13.38 -14.46 49.20
N ARG L 139 13.56 -15.75 49.41
CA ARG L 139 14.77 -16.29 50.00
C ARG L 139 15.36 -17.25 48.99
N ILE L 140 16.57 -16.99 48.53
CA ILE L 140 17.09 -17.73 47.40
C ILE L 140 18.05 -18.80 47.87
N TYR L 141 19.15 -18.40 48.49
CA TYR L 141 20.16 -19.32 48.97
C TYR L 141 20.30 -19.22 50.46
N THR L 142 20.88 -20.25 51.06
CA THR L 142 21.40 -20.17 52.42
C THR L 142 22.89 -20.45 52.34
N VAL L 143 23.69 -19.46 52.65
CA VAL L 143 25.13 -19.53 52.52
C VAL L 143 25.74 -19.80 53.88
N LYS L 144 26.55 -20.84 53.99
CA LYS L 144 27.15 -21.22 55.26
C LYS L 144 28.66 -21.33 55.09
N THR L 145 29.37 -21.15 56.19
CA THR L 145 30.82 -21.36 56.17
C THR L 145 31.13 -22.83 56.27
N THR L 146 32.10 -23.26 55.50
CA THR L 146 32.60 -24.61 55.61
C THR L 146 33.19 -24.83 57.00
N PRO L 147 32.92 -25.95 57.66
CA PRO L 147 33.48 -26.15 59.00
C PRO L 147 34.99 -26.16 59.04
N THR L 148 35.65 -26.42 57.91
CA THR L 148 37.10 -26.46 57.84
C THR L 148 37.73 -25.11 57.56
N SER L 149 37.02 -24.03 57.85
CA SER L 149 37.52 -22.71 57.48
C SER L 149 38.45 -22.16 58.56
N GLU L 150 39.39 -21.33 58.12
CA GLU L 150 40.40 -20.74 58.98
C GLU L 150 40.22 -19.23 59.05
N LEU L 151 40.83 -18.63 60.05
CA LEU L 151 40.66 -17.21 60.25
C LEU L 151 41.39 -16.42 59.16
N SER L 152 40.92 -15.19 58.95
CA SER L 152 41.54 -14.33 57.97
C SER L 152 42.90 -13.87 58.47
N LEU L 153 43.69 -13.31 57.55
CA LEU L 153 45.03 -12.86 57.90
C LEU L 153 44.97 -11.76 58.94
N GLY L 154 44.14 -10.74 58.72
CA GLY L 154 44.11 -9.62 59.63
C GLY L 154 43.65 -10.00 61.02
N PHE L 155 42.62 -10.86 61.11
CA PHE L 155 42.15 -11.30 62.41
C PHE L 155 43.24 -12.07 63.16
N THR L 156 43.91 -12.97 62.47
CA THR L 156 45.01 -13.70 63.09
C THR L 156 46.08 -12.74 63.57
N LYS L 157 46.40 -11.73 62.76
CA LYS L 157 47.41 -10.76 63.17
C LYS L 157 46.99 -10.03 64.43
N ALA L 158 45.73 -9.63 64.52
CA ALA L 158 45.27 -8.94 65.71
C ALA L 158 45.38 -9.83 66.94
N LEU L 159 44.97 -11.09 66.82
CA LEU L 159 45.09 -11.99 67.96
C LEU L 159 46.54 -12.24 68.34
N MET L 160 47.43 -12.38 67.36
CA MET L 160 48.84 -12.55 67.69
C MET L 160 49.37 -11.33 68.41
N ASP L 161 48.96 -10.13 67.99
CA ASP L 161 49.42 -8.93 68.68
C ASP L 161 48.95 -8.91 70.12
N ILE L 162 47.68 -9.25 70.35
CA ILE L 162 47.19 -9.26 71.73
C ILE L 162 47.93 -10.31 72.55
N CYS L 163 48.18 -11.48 71.97
CA CYS L 163 48.88 -12.53 72.70
C CYS L 163 50.29 -12.11 73.06
N ASP L 164 50.99 -11.46 72.12
CA ASP L 164 52.33 -10.99 72.40
C ASP L 164 52.33 -9.91 73.47
N GLN L 165 51.35 -9.02 73.44
CA GLN L 165 51.27 -8.00 74.46
C GLN L 165 51.00 -8.61 75.83
N LEU L 166 50.17 -9.64 75.91
CA LEU L 166 49.99 -10.35 77.17
C LEU L 166 51.27 -11.04 77.60
N GLU L 167 51.97 -11.65 76.63
CA GLU L 167 53.22 -12.33 76.94
C GLU L 167 54.26 -11.37 77.49
N LYS L 168 54.18 -10.10 77.11
CA LYS L 168 55.07 -9.11 77.69
C LYS L 168 54.66 -8.69 79.10
N ASN L 169 53.80 -9.47 79.76
CA ASN L 169 53.41 -9.23 81.14
C ASN L 169 52.77 -7.86 81.30
N GLN L 170 52.15 -7.39 80.22
CA GLN L 170 51.53 -6.07 80.19
C GLN L 170 50.03 -6.26 79.97
N THR L 171 49.28 -6.29 81.07
CA THR L 171 47.83 -6.47 80.99
C THR L 171 47.10 -5.17 80.66
N LYS L 172 47.81 -4.05 80.57
CA LYS L 172 47.15 -2.78 80.36
C LYS L 172 46.87 -2.52 78.88
N MET L 173 47.91 -2.44 78.06
CA MET L 173 47.68 -2.24 76.64
C MET L 173 47.01 -3.44 75.99
N ALA L 174 47.08 -4.61 76.61
CA ALA L 174 46.38 -5.77 76.08
C ALA L 174 44.88 -5.54 76.08
N THR L 175 44.34 -4.97 77.16
CA THR L 175 42.91 -4.70 77.21
C THR L 175 42.51 -3.68 76.15
N TYR L 176 43.31 -2.64 75.97
CA TYR L 176 43.04 -1.67 74.92
C TYR L 176 43.05 -2.32 73.55
N LEU L 177 44.03 -3.17 73.29
CA LEU L 177 44.11 -3.83 71.99
C LEU L 177 42.93 -4.76 71.78
N ALA L 178 42.49 -5.46 72.83
CA ALA L 178 41.33 -6.32 72.71
C ALA L 178 40.07 -5.51 72.44
N GLU L 179 39.94 -4.35 73.08
CA GLU L 179 38.78 -3.51 72.81
C GLU L 179 38.80 -3.02 71.36
N LEU L 180 39.98 -2.72 70.84
CA LEU L 180 40.08 -2.39 69.42
C LEU L 180 39.67 -3.57 68.56
N LEU L 181 40.05 -4.78 68.96
CA LEU L 181 39.61 -5.95 68.22
C LEU L 181 38.09 -6.04 68.19
N ILE L 182 37.47 -5.82 69.33
CA ILE L 182 36.01 -5.85 69.40
C ILE L 182 35.42 -4.80 68.49
N LEU L 183 35.97 -3.60 68.52
CA LEU L 183 35.45 -2.52 67.70
C LEU L 183 35.56 -2.84 66.22
N ASN L 184 36.68 -3.43 65.80
CA ASN L 184 36.89 -3.70 64.39
C ASN L 184 36.11 -4.91 63.90
N TYR L 185 35.91 -5.93 64.75
CA TYR L 185 35.32 -7.18 64.28
C TYR L 185 34.01 -7.50 64.98
N GLY L 186 33.48 -6.60 65.78
CA GLY L 186 32.20 -6.88 66.38
C GLY L 186 32.30 -7.95 67.46
N THR L 187 31.14 -8.47 67.82
CA THR L 187 31.03 -9.43 68.91
C THR L 187 30.90 -10.86 68.43
N HIS L 188 30.02 -11.12 67.48
CA HIS L 188 29.82 -12.46 66.96
C HIS L 188 30.45 -12.59 65.59
N VAL L 189 30.48 -13.82 65.09
CA VAL L 189 30.91 -14.11 63.73
C VAL L 189 29.77 -14.81 63.03
N ILE L 190 29.42 -14.33 61.85
CA ILE L 190 28.28 -14.87 61.14
C ILE L 190 28.68 -16.14 60.41
N THR L 191 27.99 -17.25 60.72
CA THR L 191 28.25 -18.53 60.09
C THR L 191 27.30 -18.88 58.98
N SER L 192 26.12 -18.25 58.93
CA SER L 192 25.16 -18.55 57.88
C SER L 192 24.30 -17.33 57.63
N VAL L 193 23.97 -17.09 56.38
CA VAL L 193 23.07 -16.02 55.98
C VAL L 193 22.07 -16.58 54.99
N ASP L 194 21.04 -15.79 54.71
CA ASP L 194 20.04 -16.14 53.71
C ASP L 194 20.01 -15.03 52.68
N ALA L 195 20.58 -15.29 51.51
CA ALA L 195 20.48 -14.34 50.43
C ALA L 195 19.03 -14.20 50.03
N GLY L 196 18.61 -12.98 49.76
CA GLY L 196 17.23 -12.80 49.35
C GLY L 196 16.84 -11.37 49.14
N ALA L 197 15.54 -11.11 49.14
CA ALA L 197 15.03 -9.77 48.95
C ALA L 197 13.66 -9.70 49.58
N ALA L 198 13.22 -8.47 49.85
CA ALA L 198 11.93 -8.28 50.46
C ALA L 198 11.36 -6.95 49.99
N LEU L 199 10.05 -6.81 50.11
CA LEU L 199 9.37 -5.64 49.59
C LEU L 199 8.06 -5.47 50.33
N VAL L 200 7.79 -4.26 50.81
CA VAL L 200 6.56 -3.96 51.52
C VAL L 200 5.96 -2.70 50.93
N GLN L 201 4.72 -2.77 50.47
CA GLN L 201 3.98 -1.62 50.00
C GLN L 201 2.74 -1.46 50.83
N GLU L 202 2.48 -0.24 51.31
CA GLU L 202 1.25 0.08 51.99
C GLU L 202 0.66 1.29 51.32
N ASP L 203 -0.66 1.35 51.24
CA ASP L 203 -1.37 2.39 50.52
C ASP L 203 -2.72 2.65 51.16
N HIS L 204 -2.94 3.90 51.55
CA HIS L 204 -4.22 4.32 52.14
C HIS L 204 -4.77 5.45 51.31
N VAL L 205 -6.06 5.41 51.05
CA VAL L 205 -6.78 6.49 50.37
C VAL L 205 -8.05 6.75 51.15
N ARG L 206 -8.24 7.98 51.59
CA ARG L 206 -9.44 8.36 52.31
C ARG L 206 -10.08 9.55 51.62
N SER L 207 -11.33 9.38 51.21
CA SER L 207 -12.08 10.43 50.52
C SER L 207 -13.35 10.72 51.31
N SER L 208 -13.52 11.95 51.73
CA SER L 208 -14.70 12.37 52.47
C SER L 208 -15.36 13.49 51.70
N PHE L 209 -16.66 13.38 51.45
CA PHE L 209 -17.39 14.37 50.70
C PHE L 209 -18.68 14.70 51.42
N LEU L 210 -18.84 15.96 51.77
CA LEU L 210 -20.03 16.43 52.47
C LEU L 210 -20.69 17.49 51.61
N LEU L 211 -22.01 17.40 51.48
CA LEU L 211 -22.77 18.37 50.72
C LEU L 211 -24.01 18.73 51.50
N ASP L 212 -24.25 20.01 51.67
CA ASP L 212 -25.39 20.53 52.41
C ASP L 212 -26.11 21.53 51.52
N ASN L 213 -27.43 21.57 51.62
CA ASN L 213 -28.21 22.40 50.72
C ASN L 213 -29.50 22.79 51.39
N GLN L 214 -29.80 24.08 51.43
CA GLN L 214 -31.04 24.57 52.02
C GLN L 214 -31.67 25.57 51.07
N ASN L 215 -32.92 25.34 50.71
CA ASN L 215 -33.71 26.29 49.94
C ASN L 215 -34.94 26.65 50.76
N SER L 216 -35.12 27.94 50.98
CA SER L 216 -36.28 28.44 51.69
C SER L 216 -37.02 29.41 50.77
N GLN L 217 -38.34 29.49 50.93
CA GLN L 217 -39.14 30.30 50.04
C GLN L 217 -40.43 30.68 50.72
N ASN L 218 -40.65 31.98 50.89
CA ASN L 218 -41.86 32.51 51.51
C ASN L 218 -42.59 33.36 50.50
N THR L 219 -43.91 33.32 50.53
CA THR L 219 -44.76 34.10 49.64
C THR L 219 -45.94 34.63 50.44
N VAL L 220 -46.24 35.91 50.27
CA VAL L 220 -47.36 36.54 50.96
C VAL L 220 -48.07 37.44 49.97
N THR L 221 -49.34 37.15 49.69
CA THR L 221 -50.12 37.94 48.74
C THR L 221 -51.40 38.38 49.42
N ALA L 222 -51.45 39.63 49.85
CA ALA L 222 -52.61 40.18 50.53
C ALA L 222 -53.37 41.12 49.60
N SER L 223 -54.67 41.24 49.84
CA SER L 223 -55.52 42.06 49.00
C SER L 223 -56.69 42.59 49.83
N ALA L 224 -57.21 43.75 49.45
CA ALA L 224 -58.33 44.37 50.14
C ALA L 224 -59.01 45.36 49.21
N GLY L 225 -60.28 45.13 48.91
CA GLY L 225 -61.05 46.01 48.07
C GLY L 225 -62.34 46.46 48.70
N ILE L 226 -62.52 47.77 48.82
CA ILE L 226 -63.75 48.38 49.30
C ILE L 226 -64.47 48.95 48.08
N ALA L 227 -65.65 48.42 47.79
CA ALA L 227 -66.43 48.84 46.63
C ALA L 227 -67.82 49.27 47.09
N PHE L 228 -68.03 50.57 47.20
CA PHE L 228 -69.35 51.10 47.51
C PHE L 228 -70.21 51.08 46.25
N LEU L 229 -71.37 51.73 46.31
CA LEU L 229 -72.34 51.70 45.21
C LEU L 229 -72.01 52.82 44.22
N ASN L 230 -70.97 52.58 43.42
CA ASN L 230 -70.57 53.49 42.34
C ASN L 230 -70.33 54.90 42.86
N ILE L 231 -69.73 55.00 44.04
CA ILE L 231 -69.27 56.26 44.60
C ILE L 231 -67.79 56.22 44.94
N VAL L 232 -67.37 55.19 45.68
CA VAL L 232 -65.97 55.01 46.04
C VAL L 232 -65.55 53.59 45.69
N ASN L 233 -64.39 53.45 45.06
CA ASN L 233 -63.77 52.16 44.83
C ASN L 233 -62.30 52.28 45.23
N PHE L 234 -61.86 51.38 46.11
CA PHE L 234 -60.54 51.48 46.72
C PHE L 234 -59.95 50.09 46.82
N LYS L 235 -58.97 49.78 45.98
CA LYS L 235 -58.40 48.45 45.92
C LYS L 235 -56.92 48.52 46.23
N VAL L 236 -56.46 47.68 47.16
CA VAL L 236 -55.08 47.67 47.60
C VAL L 236 -54.59 46.22 47.55
N GLU L 237 -53.49 45.98 46.86
CA GLU L 237 -52.90 44.65 46.82
C GLU L 237 -51.42 44.76 47.15
N THR L 238 -50.93 43.84 47.98
CA THR L 238 -49.51 43.76 48.28
C THR L 238 -49.03 42.35 48.02
N ASP L 239 -47.80 42.22 47.55
CA ASP L 239 -47.19 40.94 47.28
C ASP L 239 -45.77 40.94 47.82
N TYR L 240 -45.28 39.78 48.22
CA TYR L 240 -43.96 39.67 48.83
C TYR L 240 -43.45 38.26 48.58
N ILE L 241 -42.23 38.14 48.07
CA ILE L 241 -41.61 36.85 47.82
C ILE L 241 -40.19 36.90 48.36
N SER L 242 -39.74 35.79 48.93
CA SER L 242 -38.40 35.68 49.47
C SER L 242 -37.88 34.28 49.21
N GLN L 243 -36.93 34.14 48.29
CA GLN L 243 -36.29 32.86 48.02
C GLN L 243 -34.83 32.95 48.45
N THR L 244 -34.37 31.97 49.20
CA THR L 244 -32.96 31.89 49.54
C THR L 244 -32.48 30.47 49.26
N SER L 245 -31.23 30.36 48.84
CA SER L 245 -30.58 29.08 48.68
C SER L 245 -29.20 29.16 49.32
N LEU L 246 -28.70 28.01 49.74
CA LEU L 246 -27.39 27.96 50.38
C LEU L 246 -26.88 26.53 50.28
N THR L 247 -25.85 26.32 49.46
CA THR L 247 -25.23 25.02 49.33
C THR L 247 -23.78 25.11 49.76
N LYS L 248 -23.36 24.18 50.59
CA LYS L 248 -22.00 24.13 51.11
C LYS L 248 -21.44 22.75 50.82
N ASP L 249 -20.29 22.71 50.15
CA ASP L 249 -19.63 21.45 49.88
C ASP L 249 -18.32 21.39 50.63
N TYR L 250 -17.80 20.18 50.76
CA TYR L 250 -16.53 19.95 51.41
C TYR L 250 -15.98 18.65 50.88
N LEU L 251 -14.72 18.66 50.45
CA LEU L 251 -14.10 17.48 49.89
C LEU L 251 -12.74 17.31 50.52
N SER L 252 -12.35 16.08 50.79
CA SER L 252 -11.08 15.82 51.46
C SER L 252 -10.52 14.49 50.96
N ASN L 253 -9.44 14.55 50.21
CA ASN L 253 -8.69 13.37 49.79
C ASN L 253 -7.41 13.31 50.60
N ARG L 254 -7.04 12.13 51.05
CA ARG L 254 -5.76 11.96 51.72
C ARG L 254 -5.21 10.60 51.30
N THR L 255 -4.09 10.59 50.59
CA THR L 255 -3.48 9.35 50.14
C THR L 255 -2.08 9.25 50.71
N ASN L 256 -1.76 8.10 51.30
CA ASN L 256 -0.42 7.84 51.80
C ASN L 256 0.08 6.55 51.18
N SER L 257 1.24 6.59 50.57
CA SER L 257 1.91 5.39 50.11
C SER L 257 3.21 5.26 50.88
N ARG L 258 3.62 4.03 51.13
CA ARG L 258 4.91 3.80 51.76
C ARG L 258 5.48 2.50 51.24
N VAL L 259 6.66 2.58 50.64
CA VAL L 259 7.32 1.42 50.05
C VAL L 259 8.66 1.26 50.71
N GLN L 260 8.96 0.04 51.14
CA GLN L 260 10.23 -0.26 51.78
C GLN L 260 10.77 -1.54 51.16
N SER L 261 11.94 -1.46 50.55
CA SER L 261 12.49 -2.55 49.78
C SER L 261 13.86 -2.91 50.34
N PHE L 262 14.14 -4.20 50.40
CA PHE L 262 15.46 -4.69 50.78
C PHE L 262 15.97 -5.55 49.64
N GLY L 263 17.05 -5.13 49.02
CA GLY L 263 17.57 -5.90 47.91
C GLY L 263 16.78 -5.64 46.66
N GLY L 264 17.25 -6.11 45.54
CA GLY L 264 16.56 -5.91 44.29
C GLY L 264 16.85 -4.53 43.72
N VAL L 265 16.19 -4.26 42.61
CA VAL L 265 16.34 -2.98 41.91
C VAL L 265 15.83 -1.86 42.82
N PRO L 266 16.39 -0.66 42.75
CA PRO L 266 15.76 0.47 43.45
C PRO L 266 14.32 0.63 42.99
N PHE L 267 13.44 0.89 43.94
CA PHE L 267 12.01 0.88 43.66
C PHE L 267 11.55 2.23 43.11
N TYR L 268 10.66 2.18 42.15
CA TYR L 268 9.96 3.36 41.67
C TYR L 268 8.48 3.02 41.54
N PRO L 269 7.60 4.00 41.67
CA PRO L 269 6.18 3.69 41.87
C PRO L 269 5.54 2.89 40.75
N GLY L 270 5.92 3.11 39.51
CA GLY L 270 5.22 2.46 38.43
C GLY L 270 5.67 1.03 38.18
N ILE L 271 6.61 0.55 38.97
CA ILE L 271 7.21 -0.75 38.73
C ILE L 271 6.19 -1.83 39.02
N THR L 272 6.27 -2.90 38.25
CA THR L 272 5.42 -4.06 38.44
C THR L 272 6.17 -5.10 39.26
N LEU L 273 5.43 -5.91 40.00
CA LEU L 273 6.08 -6.96 40.75
C LEU L 273 6.83 -7.92 39.86
N GLU L 274 6.41 -8.07 38.60
CA GLU L 274 7.17 -8.91 37.70
C GLU L 274 8.56 -8.32 37.45
N THR L 275 8.62 -7.03 37.15
CA THR L 275 9.90 -6.40 36.89
C THR L 275 10.78 -6.44 38.13
N TRP L 276 10.20 -6.22 39.30
CA TRP L 276 11.00 -6.27 40.51
C TRP L 276 11.49 -7.68 40.80
N GLN L 277 10.62 -8.68 40.67
CA GLN L 277 11.02 -10.05 40.95
C GLN L 277 12.08 -10.53 39.97
N LYS L 278 11.99 -10.13 38.71
CA LYS L 278 12.99 -10.52 37.74
C LYS L 278 14.26 -9.72 37.85
N GLY L 279 14.33 -8.76 38.76
CA GLY L 279 15.48 -7.90 38.86
C GLY L 279 16.35 -8.17 40.05
N ILE L 280 15.99 -9.14 40.88
CA ILE L 280 16.78 -9.46 42.05
C ILE L 280 17.94 -10.39 41.72
N THR L 281 18.14 -10.66 40.44
CA THR L 281 19.07 -11.73 40.06
C THR L 281 20.50 -11.41 40.42
N ASN L 282 20.81 -10.16 40.73
CA ASN L 282 22.13 -9.79 41.18
C ASN L 282 22.14 -8.91 42.41
N HIS L 283 20.98 -8.40 42.82
CA HIS L 283 20.88 -7.54 43.99
C HIS L 283 20.24 -8.32 45.12
N LEU L 284 21.03 -9.15 45.79
CA LEU L 284 20.56 -9.97 46.89
C LEU L 284 21.20 -9.48 48.17
N VAL L 285 20.42 -9.37 49.23
CA VAL L 285 20.93 -8.89 50.51
C VAL L 285 20.68 -9.96 51.55
N ALA L 286 21.42 -9.86 52.66
CA ALA L 286 21.25 -10.81 53.75
C ALA L 286 19.96 -10.51 54.49
N ILE L 287 18.93 -11.32 54.28
CA ILE L 287 17.68 -11.11 54.98
C ILE L 287 17.64 -11.80 56.33
N ASP L 288 18.56 -12.72 56.58
CA ASP L 288 18.57 -13.44 57.85
C ASP L 288 19.97 -13.96 58.08
N ARG L 289 20.39 -14.00 59.34
CA ARG L 289 21.76 -14.38 59.63
C ARG L 289 21.83 -15.04 60.99
N ALA L 290 22.79 -15.95 61.12
CA ALA L 290 23.05 -16.65 62.37
C ALA L 290 24.55 -16.65 62.60
N GLY L 291 24.95 -16.60 63.88
CA GLY L 291 26.36 -16.51 64.19
C GLY L 291 26.70 -17.14 65.53
N LEU L 292 27.96 -17.04 65.88
CA LEU L 292 28.52 -17.60 67.10
C LEU L 292 29.32 -16.55 67.83
N PRO L 293 29.41 -16.64 69.16
CA PRO L 293 30.28 -15.71 69.89
C PRO L 293 31.71 -15.87 69.42
N LEU L 294 32.44 -14.75 69.37
CA LEU L 294 33.73 -14.82 68.72
C LEU L 294 34.80 -15.46 69.60
N HIS L 295 34.58 -15.54 70.92
CA HIS L 295 35.50 -16.32 71.73
C HIS L 295 35.45 -17.79 71.36
N PHE L 296 34.36 -18.22 70.75
CA PHE L 296 34.21 -19.59 70.31
C PHE L 296 35.18 -19.92 69.18
N PHE L 297 35.73 -18.92 68.50
CA PHE L 297 36.67 -19.17 67.43
C PHE L 297 38.12 -19.04 67.85
N ILE L 298 38.37 -18.59 69.07
CA ILE L 298 39.73 -18.50 69.58
C ILE L 298 40.07 -19.82 70.25
N LYS L 299 40.52 -20.79 69.48
CA LYS L 299 40.79 -22.12 69.99
C LYS L 299 42.16 -22.57 69.47
N PRO L 300 42.84 -23.45 70.22
CA PRO L 300 44.20 -23.83 69.83
C PRO L 300 44.28 -24.42 68.43
N ASP L 301 43.31 -25.24 68.07
CA ASP L 301 43.28 -25.85 66.74
C ASP L 301 43.01 -24.83 65.64
N LYS L 302 42.56 -23.64 66.01
CA LYS L 302 42.29 -22.59 65.04
C LYS L 302 43.46 -21.65 64.85
N LEU L 303 44.39 -21.60 65.81
CA LEU L 303 45.57 -20.75 65.73
C LEU L 303 46.82 -21.61 65.81
N PRO L 304 47.36 -22.05 64.67
CA PRO L 304 48.60 -22.83 64.71
C PRO L 304 49.77 -22.07 65.31
N GLY L 305 49.83 -20.75 65.15
CA GLY L 305 50.99 -20.01 65.60
C GLY L 305 51.14 -19.98 67.11
N LEU L 306 50.07 -20.29 67.83
CA LEU L 306 50.30 -20.07 69.25
C LEU L 306 50.03 -21.33 70.06
N PRO L 307 50.67 -21.47 71.22
CA PRO L 307 50.43 -22.63 72.09
C PRO L 307 49.08 -22.58 72.79
N GLY L 308 48.61 -23.73 73.27
CA GLY L 308 47.33 -23.84 73.91
C GLY L 308 47.15 -23.02 75.18
N PRO L 309 48.10 -23.09 76.11
CA PRO L 309 47.99 -22.26 77.32
C PRO L 309 47.89 -20.79 77.02
N LEU L 310 48.60 -20.30 76.00
CA LEU L 310 48.49 -18.91 75.62
C LEU L 310 47.12 -18.57 75.06
N VAL L 311 46.60 -19.42 74.16
CA VAL L 311 45.34 -19.08 73.51
C VAL L 311 44.19 -19.19 74.50
N LYS L 312 44.31 -20.02 75.53
CA LYS L 312 43.27 -20.05 76.55
C LYS L 312 43.17 -18.70 77.25
N LYS L 313 44.31 -18.13 77.64
CA LYS L 313 44.31 -16.80 78.26
C LYS L 313 43.83 -15.74 77.28
N LEU L 314 44.22 -15.87 76.02
CA LEU L 314 43.78 -14.93 74.99
C LEU L 314 42.25 -14.95 74.86
N SER L 315 41.67 -16.14 74.81
CA SER L 315 40.22 -16.25 74.74
C SER L 315 39.58 -15.67 75.98
N LYS L 316 40.18 -15.91 77.15
CA LYS L 316 39.63 -15.38 78.39
C LYS L 316 39.59 -13.85 78.36
N THR L 317 40.68 -13.23 77.91
CA THR L 317 40.69 -11.77 77.92
C THR L 317 39.80 -11.19 76.84
N VAL L 318 39.70 -11.84 75.69
CA VAL L 318 38.77 -11.37 74.68
C VAL L 318 37.34 -11.44 75.21
N GLU L 319 37.00 -12.56 75.87
CA GLU L 319 35.65 -12.70 76.40
C GLU L 319 35.38 -11.68 77.49
N THR L 320 36.38 -11.38 78.33
CA THR L 320 36.12 -10.38 79.36
C THR L 320 35.98 -8.99 78.76
N ALA L 321 36.71 -8.69 77.69
CA ALA L 321 36.49 -7.42 77.00
C ALA L 321 35.09 -7.36 76.42
N VAL L 322 34.62 -8.47 75.84
CA VAL L 322 33.26 -8.51 75.30
C VAL L 322 32.26 -8.27 76.41
N ARG L 323 32.47 -8.91 77.56
CA ARG L 323 31.55 -8.75 78.68
C ARG L 323 31.52 -7.30 79.15
N HIS L 324 32.69 -6.67 79.26
CA HIS L 324 32.73 -5.28 79.68
C HIS L 324 31.99 -4.38 78.70
N TYR L 325 32.29 -4.55 77.42
CA TYR L 325 31.61 -3.81 76.35
C TYR L 325 30.10 -3.96 76.43
N TYR L 326 29.62 -5.18 76.68
CA TYR L 326 28.19 -5.36 76.86
C TYR L 326 27.70 -4.62 78.10
N THR L 327 28.38 -4.79 79.23
CA THR L 327 27.84 -4.34 80.51
C THR L 327 27.68 -2.83 80.56
N PHE L 328 28.68 -2.08 80.13
CA PHE L 328 28.54 -0.63 80.26
C PHE L 328 27.47 -0.11 79.31
N ASN L 329 27.38 -0.66 78.11
CA ASN L 329 26.31 -0.27 77.20
C ASN L 329 25.06 -1.07 77.48
N PHE L 360 17.69 8.03 88.52
CA PHE L 360 16.27 8.39 88.45
C PHE L 360 15.50 7.32 87.68
N THR L 361 14.42 6.82 88.27
CA THR L 361 13.59 5.80 87.65
C THR L 361 12.28 6.42 87.17
N PHE L 362 11.94 6.17 85.91
CA PHE L 362 10.76 6.75 85.27
C PHE L 362 9.66 5.68 85.25
N GLY L 363 8.62 5.88 86.03
CA GLY L 363 7.54 4.93 86.12
C GLY L 363 6.47 5.04 85.06
N GLY L 364 6.61 5.97 84.14
CA GLY L 364 5.69 6.09 83.02
C GLY L 364 4.99 7.44 83.01
N VAL L 365 4.06 7.57 82.05
CA VAL L 365 3.29 8.77 81.85
C VAL L 365 1.83 8.40 81.62
N TYR L 366 0.96 9.40 81.75
CA TYR L 366 -0.45 9.26 81.42
C TYR L 366 -1.01 10.66 81.20
N GLN L 367 -1.82 10.82 80.16
CA GLN L 367 -2.38 12.11 79.79
C GLN L 367 -3.89 12.06 79.98
N GLU L 368 -4.37 12.69 81.03
CA GLU L 368 -5.80 12.74 81.29
C GLU L 368 -6.47 13.78 80.39
N CYS L 369 -7.66 13.43 79.90
CA CYS L 369 -8.42 14.29 79.01
C CYS L 369 -9.78 14.57 79.64
N THR L 370 -10.16 15.83 79.67
CA THR L 370 -11.47 16.25 80.17
C THR L 370 -12.21 16.97 79.07
N GLU L 371 -13.44 16.53 78.80
CA GLU L 371 -14.26 17.12 77.75
C GLU L 371 -14.95 18.36 78.30
N LEU L 372 -14.85 19.47 77.56
CA LEU L 372 -15.60 20.67 77.92
C LEU L 372 -16.78 20.92 76.99
N SER L 373 -16.80 20.32 75.82
CA SER L 373 -17.93 20.46 74.89
C SER L 373 -17.90 19.28 73.94
N GLY L 374 -18.92 18.42 74.02
CA GLY L 374 -18.94 17.21 73.24
C GLY L 374 -18.05 16.14 73.84
N ASP L 375 -17.95 15.03 73.11
CA ASP L 375 -17.12 13.90 73.53
C ASP L 375 -16.31 13.38 72.35
N VAL L 376 -15.75 14.29 71.56
CA VAL L 376 -15.04 13.91 70.35
C VAL L 376 -13.53 14.02 70.51
N LEU L 377 -13.03 15.03 71.22
CA LEU L 377 -11.59 15.26 71.28
C LEU L 377 -10.88 14.23 72.16
N CYS L 378 -11.50 13.84 73.26
CA CYS L 378 -10.84 12.98 74.24
C CYS L 378 -10.74 11.53 73.79
N GLN L 379 -11.33 11.17 72.64
CA GLN L 379 -11.18 9.80 72.17
C GLN L 379 -9.74 9.46 71.83
N ASN L 380 -8.90 10.46 71.56
CA ASN L 380 -7.50 10.23 71.25
C ASN L 380 -6.53 11.05 72.08
N LEU L 381 -7.01 11.95 72.94
CA LEU L 381 -6.15 12.73 73.79
C LEU L 381 -5.94 12.09 75.17
N GLU L 382 -6.44 10.88 75.37
CA GLU L 382 -6.30 10.19 76.64
C GLU L 382 -5.31 9.04 76.50
N GLN L 383 -4.45 8.89 77.49
CA GLN L 383 -3.41 7.87 77.49
C GLN L 383 -3.31 7.28 78.88
N LYS L 384 -3.70 6.02 79.02
CA LYS L 384 -3.58 5.34 80.30
C LYS L 384 -2.12 4.98 80.57
N ASN L 385 -1.80 4.80 81.85
CA ASN L 385 -0.47 4.35 82.22
C ASN L 385 -0.25 2.93 81.73
N LEU L 386 0.96 2.67 81.22
CA LEU L 386 1.26 1.36 80.65
C LEU L 386 1.22 0.26 81.71
N LEU L 387 1.69 0.55 82.92
CA LEU L 387 1.82 -0.49 83.95
C LEU L 387 0.53 -0.72 84.72
N THR L 388 -0.24 0.35 85.00
CA THR L 388 -1.47 0.22 85.74
C THR L 388 -2.71 0.11 84.87
N GLY L 389 -2.61 0.45 83.60
CA GLY L 389 -3.77 0.46 82.74
C GLY L 389 -4.79 1.51 83.11
N ASP L 390 -4.34 2.62 83.69
CA ASP L 390 -5.23 3.67 84.15
C ASP L 390 -4.47 4.99 84.18
N PHE L 391 -5.20 6.07 84.42
CA PHE L 391 -4.60 7.40 84.49
C PHE L 391 -4.06 7.66 85.90
N SER L 392 -3.03 6.89 86.22
CA SER L 392 -2.40 6.97 87.54
C SER L 392 -0.96 6.50 87.41
N CYS L 393 -0.28 6.45 88.54
CA CYS L 393 1.09 5.96 88.58
C CYS L 393 1.17 4.65 89.36
N PRO L 394 2.14 3.81 89.07
CA PRO L 394 2.31 2.57 89.82
C PRO L 394 2.71 2.87 91.26
N PRO L 395 2.53 1.92 92.17
CA PRO L 395 2.97 2.14 93.55
C PRO L 395 4.45 2.46 93.61
N GLY L 396 4.82 3.38 94.50
CA GLY L 396 6.18 3.84 94.63
C GLY L 396 6.56 5.01 93.76
N TYR L 397 5.64 5.50 92.92
CA TYR L 397 5.93 6.60 92.02
C TYR L 397 5.00 7.78 92.33
N SER L 398 5.54 8.98 92.14
CA SER L 398 4.82 10.21 92.42
C SER L 398 4.27 10.79 91.14
N PRO L 399 2.95 10.90 90.99
CA PRO L 399 2.39 11.58 89.81
C PRO L 399 2.79 13.04 89.79
N VAL L 400 3.49 13.44 88.73
CA VAL L 400 3.94 14.81 88.56
C VAL L 400 3.23 15.39 87.34
N HIS L 401 2.51 16.48 87.56
CA HIS L 401 1.81 17.16 86.47
C HIS L 401 2.83 17.75 85.52
N LEU L 402 2.82 17.29 84.27
CA LEU L 402 3.73 17.87 83.29
C LEU L 402 3.13 19.13 82.67
N LEU L 403 1.94 19.00 82.07
CA LEU L 403 1.30 20.17 81.47
C LEU L 403 -0.18 19.96 81.17
N SER L 404 -1.01 20.95 81.51
CA SER L 404 -2.42 20.93 81.18
C SER L 404 -2.71 22.07 80.23
N GLN L 405 -3.36 21.76 79.10
CA GLN L 405 -3.71 22.78 78.12
C GLN L 405 -5.04 22.42 77.48
N THR L 406 -5.71 23.43 76.95
CA THR L 406 -7.02 23.27 76.33
C THR L 406 -6.92 23.43 74.82
N HIS L 407 -7.64 22.55 74.12
CA HIS L 407 -7.63 22.50 72.66
C HIS L 407 -9.04 22.59 72.14
N GLU L 408 -9.24 23.41 71.11
CA GLU L 408 -10.54 23.59 70.47
C GLU L 408 -10.47 23.20 69.01
N GLU L 409 -11.45 22.44 68.55
CA GLU L 409 -11.49 21.96 67.18
C GLU L 409 -12.93 22.02 66.67
N GLY L 410 -13.11 22.56 65.46
CA GLY L 410 -14.42 22.63 64.86
C GLY L 410 -14.72 21.41 64.03
N TYR L 411 -15.82 20.73 64.37
CA TYR L 411 -16.23 19.52 63.68
C TYR L 411 -17.72 19.58 63.39
N SER L 412 -18.13 18.99 62.29
CA SER L 412 -19.52 18.91 61.90
C SER L 412 -20.03 17.51 62.17
N ARG L 413 -20.98 17.39 63.09
CA ARG L 413 -21.57 16.11 63.46
C ARG L 413 -22.96 16.00 62.83
N LEU L 414 -23.19 14.91 62.12
CA LEU L 414 -24.47 14.67 61.46
C LEU L 414 -25.25 13.67 62.28
N GLU L 415 -26.52 13.98 62.55
CA GLU L 415 -27.39 13.06 63.28
C GLU L 415 -28.78 13.10 62.70
N CYS L 416 -29.45 11.95 62.73
CA CYS L 416 -30.81 11.81 62.24
C CYS L 416 -31.74 11.45 63.39
N LYS L 417 -32.94 12.01 63.38
CA LYS L 417 -33.90 11.81 64.45
C LYS L 417 -35.27 11.48 63.86
N LYS L 418 -36.10 10.81 64.66
CA LYS L 418 -37.44 10.42 64.25
C LYS L 418 -38.43 11.35 64.98
N LYS L 419 -38.81 12.44 64.33
CA LYS L 419 -39.72 13.39 64.93
C LYS L 419 -41.16 13.01 64.59
N CYS L 420 -41.97 12.80 65.62
CA CYS L 420 -43.37 12.43 65.46
C CYS L 420 -44.22 13.49 66.15
N THR L 421 -44.89 14.32 65.36
CA THR L 421 -45.88 15.26 65.87
C THR L 421 -47.26 14.63 65.78
N LEU L 422 -48.01 14.74 66.88
CA LEU L 422 -49.37 14.21 66.99
C LEU L 422 -49.41 12.69 66.90
N LYS L 423 -48.27 12.03 67.11
CA LYS L 423 -48.12 10.58 67.06
C LYS L 423 -48.53 9.98 65.72
N ILE L 424 -48.84 10.81 64.73
CA ILE L 424 -49.17 10.32 63.40
C ILE L 424 -48.36 10.99 62.30
N PHE L 425 -47.81 12.18 62.51
CA PHE L 425 -46.92 12.83 61.56
C PHE L 425 -45.49 12.49 61.97
N CYS L 426 -45.01 11.35 61.51
CA CYS L 426 -43.66 10.90 61.79
C CYS L 426 -42.78 11.10 60.57
N LYS L 427 -41.63 11.73 60.78
CA LYS L 427 -40.68 11.95 59.70
C LYS L 427 -39.27 11.88 60.27
N THR L 428 -38.33 11.41 59.45
CA THR L 428 -36.92 11.42 59.81
C THR L 428 -36.34 12.75 59.38
N VAL L 429 -35.63 13.41 60.29
CA VAL L 429 -34.94 14.66 60.00
C VAL L 429 -33.47 14.47 60.31
N CYS L 430 -32.63 14.69 59.31
CA CYS L 430 -31.18 14.60 59.48
C CYS L 430 -30.62 16.01 59.44
N GLU L 431 -29.85 16.36 60.47
CA GLU L 431 -29.23 17.68 60.54
C GLU L 431 -27.78 17.54 60.95
N ASP L 432 -26.96 18.45 60.46
CA ASP L 432 -25.55 18.52 60.81
C ASP L 432 -25.31 19.78 61.62
N VAL L 433 -24.53 19.65 62.68
CA VAL L 433 -24.23 20.77 63.57
C VAL L 433 -22.73 20.99 63.55
N PHE L 434 -22.32 22.23 63.32
CA PHE L 434 -20.91 22.61 63.34
C PHE L 434 -20.57 23.10 64.73
N ARG L 435 -19.99 22.21 65.54
CA ARG L 435 -19.68 22.50 66.94
C ARG L 435 -18.16 22.61 67.11
N VAL L 436 -17.74 23.55 67.93
CA VAL L 436 -16.34 23.69 68.30
C VAL L 436 -16.15 22.96 69.62
N ALA L 437 -15.69 21.72 69.55
CA ALA L 437 -15.42 20.94 70.74
C ALA L 437 -14.15 21.42 71.42
N LYS L 438 -14.21 21.58 72.74
CA LYS L 438 -13.08 22.02 73.54
C LYS L 438 -12.79 20.95 74.58
N ALA L 439 -11.52 20.58 74.70
CA ALA L 439 -11.09 19.57 75.66
C ALA L 439 -9.83 20.05 76.36
N GLU L 440 -9.79 19.87 77.68
CA GLU L 440 -8.60 20.18 78.47
C GLU L 440 -7.85 18.88 78.73
N PHE L 441 -6.69 18.74 78.09
CA PHE L 441 -5.85 17.57 78.30
C PHE L 441 -4.79 17.89 79.35
N ARG L 442 -4.61 16.97 80.29
CA ARG L 442 -3.63 17.11 81.36
C ARG L 442 -2.67 15.93 81.27
N ALA L 443 -1.42 16.22 80.95
CA ALA L 443 -0.38 15.21 80.85
C ALA L 443 0.49 15.22 82.10
N TYR L 444 0.72 14.03 82.65
CA TYR L 444 1.47 13.82 83.87
C TYR L 444 2.66 12.91 83.56
N TRP L 445 3.56 12.78 84.53
CA TRP L 445 4.67 11.84 84.42
C TRP L 445 5.02 11.31 85.79
N CYS L 446 5.29 10.01 85.87
CA CYS L 446 5.51 9.32 87.12
C CYS L 446 7.00 9.28 87.43
N VAL L 447 7.42 10.05 88.41
CA VAL L 447 8.79 10.03 88.88
C VAL L 447 8.85 9.13 90.11
N ALA L 448 10.03 8.55 90.33
CA ALA L 448 10.24 7.71 91.50
C ALA L 448 10.27 8.56 92.76
N ALA L 449 9.52 8.13 93.78
CA ALA L 449 9.49 8.86 95.04
C ALA L 449 10.76 8.68 95.85
N GLY L 450 11.27 7.45 95.92
CA GLY L 450 12.46 7.17 96.72
C GLY L 450 13.25 5.98 96.21
N GLN L 451 13.72 5.14 97.13
CA GLN L 451 14.50 3.96 96.77
C GLN L 451 13.55 2.89 96.24
N VAL L 452 13.14 3.07 94.99
CA VAL L 452 12.25 2.13 94.32
C VAL L 452 13.02 0.85 94.04
N PRO L 453 12.36 -0.31 93.97
CA PRO L 453 13.07 -1.52 93.56
C PRO L 453 13.61 -1.40 92.15
N ASP L 454 14.79 -1.96 91.93
CA ASP L 454 15.47 -1.92 90.64
C ASP L 454 15.62 -3.33 90.09
N ASN L 455 15.45 -3.47 88.78
CA ASN L 455 15.18 -2.38 87.84
C ASN L 455 13.74 -2.40 87.35
N SER L 456 12.81 -2.74 88.24
CA SER L 456 11.40 -2.78 87.90
C SER L 456 10.91 -1.36 87.59
N GLY L 457 10.58 -1.12 86.34
CA GLY L 457 10.16 0.22 85.92
C GLY L 457 10.14 0.33 84.41
N LEU L 458 10.27 1.57 83.93
CA LEU L 458 10.17 1.87 82.52
C LEU L 458 11.34 2.75 82.10
N LEU L 459 11.72 2.63 80.82
CA LEU L 459 12.91 3.28 80.30
C LEU L 459 12.53 4.30 79.23
N PHE L 460 13.41 5.28 79.06
CA PHE L 460 13.17 6.42 78.18
C PHE L 460 13.87 6.17 76.85
N GLY L 461 13.10 5.85 75.82
CA GLY L 461 13.63 5.58 74.50
C GLY L 461 13.60 6.75 73.54
N GLY L 462 13.47 7.97 74.02
CA GLY L 462 13.47 9.12 73.14
C GLY L 462 12.07 9.53 72.75
N VAL L 463 11.96 10.76 72.23
CA VAL L 463 10.69 11.34 71.83
C VAL L 463 10.84 11.91 70.42
N PHE L 464 9.71 12.08 69.76
CA PHE L 464 9.70 12.62 68.40
C PHE L 464 8.31 13.09 68.06
N THR L 465 8.24 14.12 67.23
CA THR L 465 6.99 14.67 66.73
C THR L 465 6.92 14.49 65.23
N ASP L 466 5.86 15.05 64.63
CA ASP L 466 5.69 15.01 63.19
C ASP L 466 6.60 15.99 62.45
N LYS L 467 7.12 17.01 63.13
CA LYS L 467 7.97 18.01 62.50
C LYS L 467 9.38 18.03 63.06
N THR L 468 9.66 17.31 64.13
CA THR L 468 11.00 17.22 64.70
C THR L 468 11.55 15.82 64.50
N ILE L 469 12.80 15.64 64.89
CA ILE L 469 13.53 14.39 64.69
C ILE L 469 13.96 13.86 66.04
N ASN L 470 14.06 12.54 66.15
CA ASN L 470 14.53 11.90 67.37
C ASN L 470 16.00 11.58 67.23
N PRO L 471 16.91 12.39 67.81
CA PRO L 471 18.35 12.17 67.60
C PRO L 471 18.85 10.84 68.11
N MET L 472 18.19 10.22 69.09
CA MET L 472 18.67 8.95 69.62
C MET L 472 18.55 7.86 68.55
N THR L 473 17.58 8.00 67.63
CA THR L 473 17.49 7.11 66.49
C THR L 473 17.67 7.82 65.16
N ASN L 474 17.75 9.15 65.15
CA ASN L 474 17.81 9.93 63.91
C ASN L 474 16.63 9.60 63.00
N ALA L 475 15.48 9.34 63.60
CA ALA L 475 14.28 8.95 62.87
C ALA L 475 13.06 9.38 63.65
N GLN L 476 11.93 9.49 62.96
CA GLN L 476 10.66 9.81 63.62
C GLN L 476 9.88 8.55 63.96
N SER L 477 10.49 7.68 64.77
CA SER L 477 9.87 6.43 65.15
C SER L 477 10.50 5.96 66.46
N CYS L 478 10.06 4.80 66.95
CA CYS L 478 10.58 4.22 68.18
C CYS L 478 11.48 3.03 67.87
N PRO L 479 12.45 2.75 68.72
CA PRO L 479 13.34 1.59 68.50
C PRO L 479 12.58 0.29 68.65
N ALA L 480 13.31 -0.79 68.39
CA ALA L 480 12.75 -2.13 68.52
C ALA L 480 12.40 -2.42 69.98
N GLY L 481 11.29 -3.11 70.18
CA GLY L 481 10.86 -3.45 71.53
C GLY L 481 10.23 -2.31 72.29
N TYR L 482 10.00 -1.17 71.64
CA TYR L 482 9.48 0.02 72.30
C TYR L 482 8.02 0.24 71.94
N ILE L 483 7.33 0.92 72.83
CA ILE L 483 5.92 1.27 72.67
C ILE L 483 5.84 2.78 72.65
N PRO L 484 5.42 3.40 71.55
CA PRO L 484 5.17 4.85 71.56
C PRO L 484 3.89 5.15 72.34
N LEU L 485 3.98 6.07 73.28
CA LEU L 485 2.83 6.54 74.05
C LEU L 485 2.60 8.01 73.73
N ASN L 486 1.37 8.33 73.36
CA ASN L 486 1.02 9.71 73.04
C ASN L 486 0.97 10.52 74.32
N LEU L 487 1.75 11.59 74.38
CA LEU L 487 1.81 12.41 75.58
C LEU L 487 1.42 13.85 75.31
N PHE L 488 1.66 14.35 74.09
CA PHE L 488 1.06 15.59 73.65
C PHE L 488 0.14 15.34 72.46
N GLU L 489 -0.34 16.41 71.85
CA GLU L 489 -1.17 16.27 70.65
C GLU L 489 -0.41 15.59 69.53
N SER L 490 0.91 15.83 69.44
CA SER L 490 1.72 15.25 68.38
C SER L 490 2.99 14.59 68.88
N LEU L 491 3.26 14.62 70.18
CA LEU L 491 4.49 14.09 70.73
C LEU L 491 4.26 12.68 71.29
N LYS L 492 5.21 11.79 71.02
CA LYS L 492 5.16 10.41 71.46
C LYS L 492 6.45 10.06 72.18
N VAL L 493 6.33 9.24 73.22
CA VAL L 493 7.45 8.82 74.04
C VAL L 493 7.63 7.32 73.88
N CYS L 494 8.83 6.89 73.54
CA CYS L 494 9.13 5.48 73.36
C CYS L 494 9.46 4.86 74.71
N VAL L 495 8.61 3.95 75.17
CA VAL L 495 8.81 3.28 76.45
C VAL L 495 8.77 1.78 76.21
N SER L 496 9.82 1.08 76.63
CA SER L 496 9.93 -0.36 76.45
C SER L 496 9.83 -1.05 77.80
N LEU L 497 9.22 -2.23 77.80
CA LEU L 497 9.07 -3.01 79.02
C LEU L 497 10.26 -3.93 79.27
N ASP L 498 10.81 -4.53 78.23
CA ASP L 498 11.92 -5.46 78.41
C ASP L 498 13.17 -4.71 78.83
N TYR L 499 13.82 -5.22 79.88
CA TYR L 499 14.97 -4.55 80.47
C TYR L 499 16.18 -4.53 79.53
N GLU L 500 16.46 -5.65 78.88
CA GLU L 500 17.64 -5.73 78.03
C GLU L 500 17.54 -4.76 76.85
N LEU L 501 16.41 -4.81 76.13
CA LEU L 501 16.25 -3.97 74.96
C LEU L 501 16.27 -2.50 75.32
N GLY L 502 15.57 -2.13 76.39
CA GLY L 502 15.60 -0.75 76.82
C GLY L 502 16.99 -0.30 77.21
N PHE L 503 17.68 -1.10 78.03
CA PHE L 503 19.02 -0.72 78.48
C PHE L 503 19.97 -0.57 77.31
N LYS L 504 19.82 -1.41 76.28
CA LYS L 504 20.67 -1.31 75.11
C LYS L 504 20.20 -0.25 74.12
N PHE L 505 19.01 0.31 74.31
CA PHE L 505 18.47 1.29 73.37
C PHE L 505 17.82 2.45 74.11
N SER L 506 18.47 2.95 75.16
CA SER L 506 17.95 4.09 75.90
C SER L 506 19.09 4.88 76.51
N VAL L 507 18.75 5.97 77.17
CA VAL L 507 19.69 6.85 77.86
C VAL L 507 19.07 7.16 79.22
N PRO L 508 19.86 7.25 80.28
CA PRO L 508 19.28 7.54 81.60
C PRO L 508 18.53 8.86 81.60
N PHE L 509 17.40 8.87 82.32
CA PHE L 509 16.49 10.00 82.37
C PHE L 509 16.51 10.62 83.75
N GLY L 510 16.26 11.93 83.80
CA GLY L 510 16.27 12.64 85.07
C GLY L 510 14.93 13.25 85.44
N GLY L 511 14.16 13.67 84.46
CA GLY L 511 12.86 14.27 84.73
C GLY L 511 12.50 15.28 83.67
N PHE L 512 11.20 15.56 83.58
CA PHE L 512 10.65 16.53 82.64
C PHE L 512 10.45 17.87 83.33
N PHE L 513 10.25 18.91 82.52
CA PHE L 513 9.91 20.21 83.05
C PHE L 513 9.20 21.03 81.98
N SER L 514 8.28 21.88 82.42
CA SER L 514 7.49 22.69 81.51
C SER L 514 7.85 24.16 81.66
N CYS L 515 7.19 25.03 80.91
CA CYS L 515 7.45 26.46 81.01
C CYS L 515 6.79 27.06 82.24
N ILE L 516 5.84 26.35 82.84
CA ILE L 516 5.09 26.86 83.98
C ILE L 516 5.56 26.27 85.29
N MET L 517 6.26 25.13 85.25
CA MET L 517 6.93 24.62 86.45
C MET L 517 8.04 23.69 86.00
N GLY L 518 9.19 23.78 86.66
CA GLY L 518 10.35 23.00 86.29
C GLY L 518 10.39 21.64 86.96
N ASN L 519 11.53 21.00 86.83
CA ASN L 519 11.76 19.72 87.48
C ASN L 519 12.00 19.95 88.97
N PRO L 520 11.23 19.30 89.86
CA PRO L 520 11.50 19.45 91.30
C PRO L 520 12.78 18.80 91.76
N LEU L 521 13.44 18.01 90.91
CA LEU L 521 14.62 17.27 91.31
C LEU L 521 15.90 18.10 91.22
N VAL L 522 15.77 19.43 91.15
CA VAL L 522 16.96 20.28 91.14
C VAL L 522 17.60 20.29 92.52
N ASN L 523 18.86 20.70 92.56
CA ASN L 523 19.63 20.70 93.79
C ASN L 523 20.49 21.95 93.92
N ALA L 532 10.34 21.09 98.30
CA ALA L 532 11.59 21.21 97.57
C ALA L 532 11.45 22.17 96.40
N PRO L 533 12.47 23.00 96.19
CA PRO L 533 12.45 23.92 95.04
C PRO L 533 12.36 23.16 93.72
N SER L 534 11.62 23.73 92.78
CA SER L 534 11.42 23.15 91.46
C SER L 534 11.91 24.16 90.43
N LEU L 535 13.13 23.95 89.94
CA LEU L 535 13.74 24.83 88.97
C LEU L 535 13.73 24.20 87.59
N LYS L 536 13.85 25.05 86.56
CA LYS L 536 13.87 24.62 85.17
C LYS L 536 15.33 24.36 84.79
N LYS L 537 15.87 23.29 85.36
CA LYS L 537 17.25 22.90 85.11
C LYS L 537 17.38 21.40 85.31
N CYS L 538 18.12 20.75 84.43
CA CYS L 538 18.32 19.32 84.55
C CYS L 538 19.28 19.03 85.71
N PRO L 539 18.89 18.19 86.65
CA PRO L 539 19.77 17.87 87.78
C PRO L 539 20.98 17.07 87.34
N GLY L 540 22.05 17.21 88.12
CA GLY L 540 23.27 16.48 87.82
C GLY L 540 23.88 16.94 86.51
N GLY L 541 24.54 16.00 85.83
CA GLY L 541 25.17 16.29 84.56
C GLY L 541 24.26 16.02 83.38
N PHE L 542 22.99 15.77 83.67
CA PHE L 542 22.02 15.52 82.61
C PHE L 542 21.86 16.77 81.74
N SER L 543 21.89 16.57 80.44
CA SER L 543 21.81 17.71 79.53
C SER L 543 20.37 18.00 79.14
N GLN L 544 20.13 19.24 78.74
CA GLN L 544 18.79 19.72 78.41
C GLN L 544 18.67 19.87 76.90
N HIS L 545 17.70 19.15 76.32
CA HIS L 545 17.39 19.25 74.90
C HIS L 545 15.89 19.41 74.73
N LEU L 546 15.52 20.32 73.82
CA LEU L 546 14.12 20.63 73.60
C LEU L 546 13.37 19.40 73.10
N ALA L 547 12.13 19.25 73.56
CA ALA L 547 11.26 18.17 73.15
C ALA L 547 10.09 18.65 72.30
N VAL L 548 9.42 19.72 72.70
CA VAL L 548 8.25 20.21 71.99
C VAL L 548 7.96 21.65 72.38
N ILE L 549 7.21 22.35 71.54
CA ILE L 549 6.73 23.70 71.82
C ILE L 549 5.21 23.65 71.74
N SER L 550 4.55 23.65 72.88
CA SER L 550 3.10 23.53 72.96
C SER L 550 2.51 24.89 73.32
N ASP L 551 1.98 25.59 72.33
CA ASP L 551 1.32 26.88 72.51
C ASP L 551 2.27 27.89 73.17
N GLY L 552 3.52 27.86 72.73
CA GLY L 552 4.54 28.71 73.30
C GLY L 552 5.19 28.19 74.56
N CYS L 553 4.73 27.05 75.07
CA CYS L 553 5.31 26.45 76.27
C CYS L 553 6.39 25.47 75.86
N GLN L 554 7.62 25.71 76.30
CA GLN L 554 8.76 24.88 75.93
C GLN L 554 8.83 23.68 76.87
N VAL L 555 8.73 22.48 76.31
CA VAL L 555 8.83 21.25 77.08
C VAL L 555 10.07 20.50 76.63
N SER L 556 10.88 20.05 77.59
CA SER L 556 12.14 19.40 77.29
C SER L 556 12.31 18.20 78.22
N TYR L 557 13.36 17.44 77.99
CA TYR L 557 13.70 16.26 78.76
C TYR L 557 15.14 16.38 79.25
N CYS L 558 15.50 15.54 80.22
CA CYS L 558 16.82 15.58 80.84
C CYS L 558 17.46 14.21 80.73
N VAL L 559 18.52 14.12 79.93
CA VAL L 559 19.31 12.89 79.81
C VAL L 559 20.78 13.27 79.85
N LYS L 560 21.62 12.26 80.10
CA LYS L 560 23.05 12.48 80.25
C LYS L 560 23.66 13.05 78.98
N ALA L 561 24.64 13.93 79.15
CA ALA L 561 25.33 14.54 78.02
C ALA L 561 26.40 13.64 77.42
N GLY L 562 26.74 12.53 78.08
CA GLY L 562 27.82 11.70 77.62
C GLY L 562 27.48 10.83 76.42
N ILE L 563 26.21 10.80 76.03
CA ILE L 563 25.77 9.96 74.92
C ILE L 563 25.46 10.78 73.68
N PHE L 564 24.79 11.93 73.84
CA PHE L 564 24.45 12.76 72.70
C PHE L 564 25.71 13.38 72.09
N THR L 565 25.62 13.71 70.80
CA THR L 565 26.75 14.24 70.05
C THR L 565 26.23 15.26 69.05
N GLY L 566 27.09 15.63 68.08
CA GLY L 566 26.69 16.61 67.08
C GLY L 566 25.57 16.13 66.19
N GLY L 567 25.64 14.87 65.73
CA GLY L 567 24.60 14.26 64.95
C GLY L 567 24.85 14.26 63.45
N SER L 568 25.67 15.17 62.94
CA SER L 568 26.02 15.13 61.52
C SER L 568 27.00 13.99 61.24
N LEU L 569 27.99 13.82 62.10
CA LEU L 569 28.83 12.64 62.13
C LEU L 569 28.49 11.84 63.38
N LEU L 570 28.14 10.59 63.20
CA LEU L 570 27.87 9.73 64.35
C LEU L 570 29.15 9.05 64.79
N PRO L 571 29.81 9.51 65.84
CA PRO L 571 31.05 8.86 66.25
C PRO L 571 30.76 7.53 66.92
N VAL L 572 31.54 6.50 66.59
CA VAL L 572 31.30 5.20 67.21
C VAL L 572 31.86 5.22 68.63
N ARG L 573 30.99 5.53 69.58
CA ARG L 573 31.35 5.67 70.99
C ARG L 573 31.08 4.34 71.68
N LEU L 574 31.94 3.37 71.38
CA LEU L 574 31.83 2.04 71.97
C LEU L 574 33.24 1.74 72.53
N PRO L 575 34.05 0.79 72.07
CA PRO L 575 35.43 0.76 72.60
C PRO L 575 36.33 1.70 71.81
N PRO L 576 37.45 2.15 72.40
CA PRO L 576 38.06 1.75 73.66
C PRO L 576 37.31 2.32 74.85
N TYR L 577 37.43 1.69 76.00
CA TYR L 577 36.69 2.12 77.18
C TYR L 577 37.59 2.83 78.18
N THR L 578 38.85 3.04 77.83
CA THR L 578 39.80 3.76 78.68
C THR L 578 40.97 4.14 77.82
N LYS L 579 41.48 5.36 78.03
CA LYS L 579 42.61 5.85 77.25
C LYS L 579 43.78 4.88 77.39
N PRO L 580 44.52 4.67 76.30
CA PRO L 580 45.49 3.56 76.26
C PRO L 580 46.44 3.60 77.43
N PRO L 581 46.33 2.64 78.34
CA PRO L 581 47.15 2.68 79.56
C PRO L 581 48.62 2.46 79.24
N LEU L 582 49.48 3.17 79.97
CA LEU L 582 50.90 3.13 79.71
C LEU L 582 51.50 1.80 80.17
N MET L 583 52.69 1.50 79.66
CA MET L 583 53.34 0.24 79.95
C MET L 583 53.82 0.19 81.40
N THR M 13 48.96 6.00 43.35
CA THR M 13 47.71 5.45 43.86
C THR M 13 46.57 5.80 42.93
N GLY M 14 46.68 5.41 41.69
CA GLY M 14 45.68 5.72 40.67
C GLY M 14 44.86 4.49 40.34
N PHE M 15 43.59 4.70 40.04
CA PHE M 15 42.69 3.62 39.68
C PHE M 15 42.54 3.48 38.18
N GLN M 16 43.33 4.20 37.39
CA GLN M 16 43.14 4.17 35.95
C GLN M 16 43.51 2.81 35.37
N ILE M 17 44.46 2.12 35.99
CA ILE M 17 44.83 0.79 35.49
C ILE M 17 43.65 -0.15 35.58
N CYS M 18 42.97 -0.17 36.72
CA CYS M 18 41.81 -1.04 36.88
C CYS M 18 40.69 -0.64 35.94
N LYS M 19 40.46 0.66 35.77
CA LYS M 19 39.42 1.10 34.85
C LYS M 19 39.72 0.64 33.44
N ASN M 20 40.97 0.73 33.02
CA ASN M 20 41.34 0.20 31.71
C ASN M 20 41.09 -1.29 31.64
N ALA M 21 41.40 -2.02 32.71
CA ALA M 21 41.19 -3.46 32.69
C ALA M 21 39.71 -3.82 32.78
N LEU M 22 38.96 -3.17 33.66
CA LEU M 22 37.62 -3.62 33.99
C LEU M 22 36.51 -2.80 33.33
N LYS M 23 36.78 -1.55 32.97
CA LYS M 23 35.78 -0.67 32.36
C LYS M 23 34.59 -0.47 33.30
N LEU M 24 34.89 -0.13 34.56
CA LEU M 24 33.88 0.12 35.56
C LEU M 24 34.15 1.45 36.23
N PRO M 25 33.11 2.13 36.72
CA PRO M 25 33.34 3.34 37.50
C PRO M 25 33.88 3.00 38.87
N VAL M 26 34.44 3.99 39.50
CA VAL M 26 34.92 3.84 40.87
C VAL M 26 33.85 4.35 41.81
N LEU M 27 33.62 3.62 42.89
CA LEU M 27 32.68 4.08 43.90
C LEU M 27 33.16 5.41 44.46
N GLU M 28 32.41 6.48 44.17
CA GLU M 28 32.90 7.82 44.45
C GLU M 28 32.85 8.19 45.91
N VAL M 29 32.05 7.50 46.72
CA VAL M 29 31.92 7.81 48.13
C VAL M 29 32.75 6.81 48.92
N LEU M 30 33.79 7.29 49.58
CA LEU M 30 34.75 6.42 50.21
C LEU M 30 35.08 6.91 51.62
N PRO M 31 35.34 6.00 52.53
CA PRO M 31 35.70 6.39 53.88
C PRO M 31 37.18 6.70 53.97
N GLY M 32 37.68 6.89 55.18
CA GLY M 32 39.09 7.14 55.36
C GLY M 32 39.51 8.57 55.15
N GLY M 33 38.57 9.48 54.94
CA GLY M 33 38.89 10.87 54.78
C GLY M 33 38.71 11.65 56.07
N GLY M 34 39.37 12.79 56.13
CA GLY M 34 39.20 13.67 57.26
C GLY M 34 37.83 14.31 57.26
N TRP M 35 37.43 14.77 58.44
CA TRP M 35 36.08 15.31 58.61
C TRP M 35 36.13 16.40 59.66
N ASP M 36 35.71 17.60 59.28
CA ASP M 36 35.67 18.74 60.20
C ASP M 36 34.34 18.73 60.91
N ASN M 37 34.34 18.30 62.17
CA ASN M 37 33.10 18.18 62.91
C ASN M 37 32.43 19.53 63.14
N LEU M 38 33.19 20.61 63.16
CA LEU M 38 32.59 21.93 63.38
C LEU M 38 31.83 22.40 62.16
N ARG M 39 32.41 22.24 60.97
CA ARG M 39 31.79 22.73 59.76
C ARG M 39 31.08 21.65 58.96
N ASN M 40 31.19 20.38 59.37
CA ASN M 40 30.52 19.26 58.73
C ASN M 40 30.90 19.15 57.26
N VAL M 41 32.20 19.25 56.98
CA VAL M 41 32.71 19.15 55.63
C VAL M 41 33.86 18.15 55.61
N ASP M 42 34.02 17.47 54.48
CA ASP M 42 35.16 16.58 54.31
C ASP M 42 36.44 17.38 54.14
N MET M 43 37.52 16.89 54.73
CA MET M 43 38.77 17.66 54.78
C MET M 43 39.92 17.05 53.99
N GLY M 44 40.33 15.83 54.29
CA GLY M 44 41.52 15.35 53.62
C GLY M 44 41.67 13.85 53.77
N ARG M 45 42.59 13.29 53.01
CA ARG M 45 42.78 11.85 52.95
C ARG M 45 43.71 11.44 54.08
N VAL M 46 43.18 10.76 55.09
CA VAL M 46 43.96 10.35 56.25
C VAL M 46 44.47 8.94 56.05
N MET M 47 43.56 8.00 55.78
CA MET M 47 43.96 6.64 55.56
C MET M 47 44.35 6.43 54.11
N ASP M 48 45.38 5.65 53.88
CA ASP M 48 45.85 5.41 52.52
C ASP M 48 44.80 4.69 51.70
N LEU M 49 44.73 5.02 50.41
CA LEU M 49 43.82 4.38 49.48
C LEU M 49 44.59 4.04 48.22
N THR M 50 44.76 2.75 47.95
CA THR M 50 45.46 2.27 46.79
C THR M 50 44.56 1.34 45.99
N TYR M 51 44.90 1.17 44.72
CA TYR M 51 44.15 0.30 43.85
C TYR M 51 45.06 -0.76 43.26
N THR M 52 45.95 -1.30 44.09
CA THR M 52 46.89 -2.30 43.61
C THR M 52 46.18 -3.57 43.15
N ASN M 53 45.18 -4.00 43.91
CA ASN M 53 44.55 -5.28 43.63
C ASN M 53 43.39 -5.19 42.66
N CYS M 54 43.00 -3.98 42.25
CA CYS M 54 41.84 -3.79 41.37
C CYS M 54 40.61 -4.45 41.98
N LYS M 55 40.41 -4.18 43.26
CA LYS M 55 39.31 -4.78 43.99
C LYS M 55 37.97 -4.25 43.48
N THR M 56 36.96 -5.11 43.50
CA THR M 56 35.64 -4.79 42.98
C THR M 56 34.58 -5.21 43.99
N THR M 57 33.48 -4.48 44.03
CA THR M 57 32.35 -4.94 44.81
C THR M 57 31.78 -6.21 44.17
N GLU M 58 31.26 -7.09 45.01
CA GLU M 58 30.92 -8.44 44.54
C GLU M 58 29.94 -8.40 43.38
N ASP M 59 29.01 -7.46 43.38
CA ASP M 59 28.07 -7.39 42.28
C ASP M 59 28.72 -6.91 40.99
N GLY M 60 29.98 -6.49 41.04
CA GLY M 60 30.65 -6.02 39.86
C GLY M 60 30.13 -4.72 39.32
N GLN M 61 29.78 -3.78 40.20
CA GLN M 61 29.31 -2.48 39.77
C GLN M 61 30.39 -1.40 39.91
N TYR M 62 31.18 -1.46 40.97
CA TYR M 62 32.15 -0.41 41.26
C TYR M 62 33.50 -1.00 41.58
N ILE M 63 34.52 -0.20 41.31
CA ILE M 63 35.90 -0.50 41.66
C ILE M 63 36.16 0.18 42.98
N ILE M 64 36.72 -0.54 43.95
CA ILE M 64 36.96 0.05 45.25
C ILE M 64 38.43 -0.08 45.63
N PRO M 65 38.95 0.79 46.48
CA PRO M 65 40.33 0.64 46.93
C PRO M 65 40.50 -0.64 47.74
N ASP M 66 41.75 -1.07 47.84
CA ASP M 66 42.06 -2.30 48.55
C ASP M 66 41.81 -2.21 50.06
N GLU M 67 41.58 -1.01 50.59
CA GLU M 67 41.49 -0.82 52.03
C GLU M 67 40.07 -0.70 52.52
N VAL M 68 39.07 -0.95 51.67
CA VAL M 68 37.68 -0.85 52.06
C VAL M 68 36.94 -2.10 51.66
N TYR M 69 35.83 -2.35 52.34
CA TYR M 69 34.92 -3.42 51.99
C TYR M 69 33.49 -2.88 52.07
N THR M 70 32.62 -3.42 51.25
CA THR M 70 31.26 -2.91 51.10
C THR M 70 30.28 -3.97 51.59
N ILE M 71 29.35 -3.56 52.44
CA ILE M 71 28.20 -4.39 52.78
C ILE M 71 27.06 -4.01 51.86
N PRO M 72 26.55 -4.93 51.07
CA PRO M 72 25.43 -4.61 50.19
C PRO M 72 24.15 -4.51 50.97
N GLN M 73 23.54 -3.33 50.97
CA GLN M 73 22.34 -3.06 51.75
C GLN M 73 21.31 -2.39 50.89
N LYS M 74 21.03 -2.95 49.73
CA LYS M 74 20.32 -2.21 48.69
C LYS M 74 18.88 -2.01 49.14
N GLU M 75 18.67 -0.92 49.88
CA GLU M 75 17.38 -0.56 50.46
C GLU M 75 16.83 0.67 49.77
N SER M 76 15.51 0.72 49.61
CA SER M 76 14.81 1.88 49.10
C SER M 76 13.65 2.18 50.04
N ASN M 77 13.44 3.45 50.35
CA ASN M 77 12.24 3.89 51.05
C ASN M 77 11.53 4.91 50.18
N LEU M 78 10.25 4.69 49.95
CA LEU M 78 9.39 5.63 49.24
C LEU M 78 8.31 6.08 50.19
N GLU M 79 7.99 7.37 50.18
CA GLU M 79 6.83 7.86 50.91
C GLU M 79 6.13 8.88 50.05
N MET M 80 4.81 8.79 49.95
CA MET M 80 4.04 9.73 49.14
C MET M 80 2.82 10.14 49.94
N ASN M 81 2.68 11.43 50.17
CA ASN M 81 1.48 11.96 50.81
C ASN M 81 0.81 12.91 49.86
N SER M 82 -0.51 12.89 49.82
CA SER M 82 -1.27 13.78 48.97
C SER M 82 -2.57 14.14 49.68
N GLU M 83 -2.79 15.42 49.90
CA GLU M 83 -3.95 15.90 50.63
C GLU M 83 -4.64 16.96 49.81
N VAL M 84 -5.92 16.74 49.50
CA VAL M 84 -6.70 17.68 48.71
C VAL M 84 -7.89 18.12 49.53
N LEU M 85 -8.06 19.42 49.70
CA LEU M 85 -9.21 19.99 50.39
C LEU M 85 -9.91 20.94 49.45
N GLU M 86 -11.22 20.78 49.32
CA GLU M 86 -12.02 21.64 48.48
C GLU M 86 -13.25 22.07 49.26
N SER M 87 -13.43 23.37 49.43
CA SER M 87 -14.58 23.92 50.13
C SER M 87 -15.33 24.83 49.19
N TRP M 88 -16.58 24.48 48.92
CA TRP M 88 -17.44 25.26 48.04
C TRP M 88 -18.63 25.74 48.83
N MET M 89 -18.80 27.06 48.89
CA MET M 89 -19.98 27.65 49.52
C MET M 89 -20.71 28.48 48.49
N ASN M 90 -22.00 28.26 48.35
CA ASN M 90 -22.80 28.98 47.37
C ASN M 90 -24.05 29.50 48.05
N TYR M 91 -24.40 30.75 47.77
CA TYR M 91 -25.52 31.37 48.43
C TYR M 91 -26.26 32.26 47.45
N GLN M 92 -27.58 32.24 47.52
CA GLN M 92 -28.41 33.14 46.74
C GLN M 92 -29.47 33.73 47.63
N SER M 93 -30.08 34.80 47.15
CA SER M 93 -31.20 35.43 47.84
C SER M 93 -31.98 36.23 46.84
N THR M 94 -33.31 36.14 46.91
CA THR M 94 -34.18 36.86 45.98
C THR M 94 -35.39 37.34 46.76
N THR M 95 -35.48 38.65 46.98
CA THR M 95 -36.63 39.22 47.65
C THR M 95 -37.37 40.12 46.68
N SER M 96 -38.68 40.09 46.73
CA SER M 96 -39.53 40.92 45.90
C SER M 96 -40.58 41.58 46.78
N LEU M 97 -41.16 42.66 46.30
CA LEU M 97 -42.23 43.32 47.03
C LEU M 97 -43.02 44.17 46.05
N SER M 98 -44.31 43.87 45.91
CA SER M 98 -45.19 44.61 45.01
C SER M 98 -46.31 45.23 45.82
N ILE M 99 -46.63 46.48 45.53
CA ILE M 99 -47.73 47.19 46.19
C ILE M 99 -48.56 47.86 45.10
N ASN M 100 -49.82 47.49 44.99
CA ASN M 100 -50.72 48.13 44.05
C ASN M 100 -51.86 48.79 44.81
N THR M 101 -52.04 50.09 44.58
CA THR M 101 -53.08 50.85 45.25
C THR M 101 -53.93 51.51 44.17
N GLU M 102 -55.25 51.39 44.29
CA GLU M 102 -56.17 52.04 43.38
C GLU M 102 -57.24 52.75 44.19
N LEU M 103 -57.72 53.87 43.67
CA LEU M 103 -58.74 54.65 44.34
C LEU M 103 -59.61 55.34 43.31
N ALA M 104 -60.93 55.14 43.39
CA ALA M 104 -61.87 55.82 42.53
C ALA M 104 -62.85 56.60 43.41
N LEU M 105 -62.96 57.90 43.16
CA LEU M 105 -63.87 58.77 43.89
C LEU M 105 -64.93 59.30 42.96
N PHE M 106 -66.19 59.16 43.37
CA PHE M 106 -67.35 59.70 42.68
C PHE M 106 -67.45 59.18 41.25
N SER M 107 -66.83 58.04 40.98
CA SER M 107 -66.79 57.43 39.66
C SER M 107 -66.15 58.36 38.62
N ARG M 108 -65.39 59.35 39.06
CA ARG M 108 -64.72 60.24 38.12
C ARG M 108 -63.23 60.39 38.38
N VAL M 109 -62.81 60.52 39.64
CA VAL M 109 -61.42 60.82 39.96
C VAL M 109 -60.72 59.50 40.27
N ASN M 110 -59.72 59.17 39.46
CA ASN M 110 -58.98 57.92 39.62
C ASN M 110 -57.56 58.21 40.07
N GLY M 111 -57.02 57.31 40.90
CA GLY M 111 -55.63 57.37 41.29
C GLY M 111 -55.04 55.99 41.48
N LYS M 112 -53.97 55.68 40.74
CA LYS M 112 -53.29 54.40 40.84
C LYS M 112 -51.86 54.62 41.28
N PHE M 113 -51.29 53.62 41.95
CA PHE M 113 -49.94 53.72 42.49
C PHE M 113 -49.38 52.31 42.63
N SER M 114 -48.49 51.93 41.72
CA SER M 114 -47.87 50.61 41.74
C SER M 114 -46.38 50.75 42.00
N THR M 115 -45.91 50.09 43.04
CA THR M 115 -44.51 50.10 43.41
C THR M 115 -44.00 48.68 43.46
N GLU M 116 -42.72 48.51 43.14
CA GLU M 116 -42.12 47.19 43.14
C GLU M 116 -40.65 47.30 43.44
N PHE M 117 -40.19 46.56 44.42
CA PHE M 117 -38.78 46.43 44.73
C PHE M 117 -38.35 45.00 44.53
N GLN M 118 -37.11 44.80 44.09
CA GLN M 118 -36.59 43.47 43.85
C GLN M 118 -35.10 43.48 44.11
N ARG M 119 -34.65 42.63 45.02
CA ARG M 119 -33.24 42.55 45.38
C ARG M 119 -32.78 41.13 45.23
N MET M 120 -31.78 40.91 44.39
CA MET M 120 -31.16 39.61 44.22
C MET M 120 -29.71 39.70 44.65
N LYS M 121 -29.25 38.68 45.35
CA LYS M 121 -27.88 38.65 45.84
C LYS M 121 -27.33 37.27 45.60
N THR M 122 -26.04 37.18 45.33
CA THR M 122 -25.39 35.91 45.07
C THR M 122 -23.97 35.96 45.59
N LEU M 123 -23.54 34.90 46.25
CA LEU M 123 -22.18 34.79 46.74
C LEU M 123 -21.66 33.40 46.44
N GLN M 124 -20.38 33.31 46.10
CA GLN M 124 -19.74 32.03 45.89
C GLN M 124 -18.34 32.10 46.44
N VAL M 125 -17.92 31.05 47.12
CA VAL M 125 -16.56 30.91 47.62
C VAL M 125 -16.11 29.52 47.25
N LYS M 126 -14.89 29.41 46.74
CA LYS M 126 -14.36 28.13 46.30
C LYS M 126 -12.89 28.08 46.67
N ASP M 127 -12.53 27.21 47.60
CA ASP M 127 -11.15 27.07 48.05
C ASP M 127 -10.64 25.69 47.69
N GLN M 128 -9.42 25.64 47.19
CA GLN M 128 -8.73 24.37 47.00
C GLN M 128 -7.36 24.46 47.61
N ALA M 129 -6.95 23.39 48.28
CA ALA M 129 -5.60 23.30 48.82
C ALA M 129 -5.11 21.90 48.51
N VAL M 130 -4.10 21.80 47.67
CA VAL M 130 -3.52 20.52 47.28
C VAL M 130 -2.09 20.50 47.77
N THR M 131 -1.77 19.52 48.62
CA THR M 131 -0.43 19.35 49.14
C THR M 131 0.07 18.00 48.69
N THR M 132 1.26 17.94 48.16
CA THR M 132 1.87 16.68 47.75
C THR M 132 3.30 16.64 48.27
N ARG M 133 3.69 15.51 48.83
CA ARG M 133 5.04 15.34 49.33
C ARG M 133 5.54 13.98 48.90
N VAL M 134 6.71 13.94 48.30
CA VAL M 134 7.34 12.69 47.87
C VAL M 134 8.72 12.63 48.50
N GLN M 135 9.07 11.48 49.04
CA GLN M 135 10.34 11.35 49.73
C GLN M 135 10.94 10.00 49.37
N VAL M 136 12.08 10.02 48.68
CA VAL M 136 12.76 8.80 48.26
C VAL M 136 14.11 8.76 48.94
N ARG M 137 14.51 7.59 49.41
CA ARG M 137 15.81 7.46 50.04
C ARG M 137 16.37 6.08 49.73
N ASN M 138 17.42 6.04 48.93
CA ASN M 138 18.09 4.81 48.58
C ASN M 138 19.40 4.71 49.34
N ARG M 139 19.64 3.58 49.98
CA ARG M 139 20.92 3.29 50.60
C ARG M 139 21.43 2.03 49.96
N ILE M 140 22.51 2.12 49.20
CA ILE M 140 22.90 0.96 48.40
C ILE M 140 23.98 0.17 49.11
N TYR M 141 25.12 0.80 49.37
CA TYR M 141 26.23 0.14 50.02
C TYR M 141 26.51 0.78 51.36
N THR M 142 27.24 0.06 52.19
CA THR M 142 27.89 0.64 53.36
C THR M 142 29.36 0.33 53.25
N VAL M 143 30.17 1.36 53.04
CA VAL M 143 31.58 1.19 52.76
C VAL M 143 32.36 1.45 54.04
N LYS M 144 33.20 0.51 54.43
CA LYS M 144 33.98 0.63 55.64
C LYS M 144 35.46 0.42 55.33
N THR M 145 36.32 1.04 56.13
CA THR M 145 37.75 0.82 55.97
C THR M 145 38.16 -0.50 56.57
N THR M 146 39.03 -1.20 55.89
CA THR M 146 39.61 -2.41 56.44
C THR M 146 40.36 -2.08 57.71
N PRO M 147 40.22 -2.87 58.77
CA PRO M 147 40.92 -2.54 60.03
C PRO M 147 42.42 -2.54 59.90
N THR M 148 42.97 -3.17 58.87
CA THR M 148 44.41 -3.25 58.66
C THR M 148 44.92 -2.18 57.71
N SER M 149 44.28 -1.02 57.69
CA SER M 149 44.66 0.01 56.73
C SER M 149 45.68 0.97 57.34
N GLU M 150 46.45 1.59 56.45
CA GLU M 150 47.56 2.45 56.82
C GLU M 150 47.20 3.91 56.61
N LEU M 151 47.93 4.79 57.27
CA LEU M 151 47.71 6.21 57.07
C LEU M 151 48.21 6.64 55.70
N SER M 152 47.66 7.73 55.21
CA SER M 152 48.10 8.25 53.93
C SER M 152 49.51 8.80 54.05
N LEU M 153 50.16 8.95 52.90
CA LEU M 153 51.52 9.46 52.88
C LEU M 153 51.58 10.87 53.44
N GLY M 154 50.68 11.75 53.01
CA GLY M 154 50.72 13.13 53.45
C GLY M 154 50.45 13.29 54.92
N PHE M 155 49.49 12.53 55.45
CA PHE M 155 49.20 12.62 56.88
C PHE M 155 50.40 12.16 57.69
N THR M 156 51.04 11.07 57.28
CA THR M 156 52.24 10.62 57.96
C THR M 156 53.32 11.68 57.90
N LYS M 157 53.49 12.31 56.74
CA LYS M 157 54.52 13.34 56.60
C LYS M 157 54.27 14.50 57.54
N ALA M 158 53.02 14.96 57.62
CA ALA M 158 52.70 16.06 58.53
C ALA M 158 52.96 15.67 59.97
N LEU M 159 52.58 14.45 60.35
CA LEU M 159 52.84 14.00 61.71
C LEU M 159 54.33 13.93 62.00
N MET M 160 55.11 13.43 61.04
CA MET M 160 56.55 13.38 61.23
C MET M 160 57.13 14.77 61.40
N ASP M 161 56.63 15.74 60.64
CA ASP M 161 57.11 17.10 60.79
C ASP M 161 56.81 17.64 62.18
N ILE M 162 55.61 17.40 62.68
CA ILE M 162 55.28 17.84 64.03
C ILE M 162 56.18 17.16 65.05
N CYS M 163 56.41 15.86 64.89
CA CYS M 163 57.25 15.14 65.83
C CYS M 163 58.67 15.67 65.82
N ASP M 164 59.21 15.96 64.64
CA ASP M 164 60.57 16.49 64.56
C ASP M 164 60.66 17.87 65.19
N GLN M 165 59.67 18.71 64.95
CA GLN M 165 59.69 20.02 65.59
C GLN M 165 59.61 19.90 67.11
N LEU M 166 58.82 18.94 67.61
CA LEU M 166 58.82 18.70 69.06
C LEU M 166 60.18 18.20 69.52
N GLU M 167 60.79 17.30 68.74
CA GLU M 167 62.12 16.79 69.07
C GLU M 167 63.12 17.93 69.19
N LYS M 168 62.97 18.97 68.37
CA LYS M 168 63.81 20.15 68.49
C LYS M 168 63.45 21.01 69.69
N ASN M 169 62.58 20.53 70.57
CA ASN M 169 62.19 21.23 71.80
C ASN M 169 61.65 22.62 71.50
N GLN M 170 60.88 22.70 70.42
CA GLN M 170 60.29 23.97 69.99
C GLN M 170 58.77 23.80 69.98
N THR M 171 58.17 24.04 71.13
CA THR M 171 56.73 23.96 71.29
C THR M 171 56.00 25.10 70.59
N LYS M 172 56.74 26.08 70.10
CA LYS M 172 56.10 27.26 69.52
C LYS M 172 55.49 26.92 68.17
N MET M 173 56.33 26.64 67.17
CA MET M 173 55.80 26.30 65.86
C MET M 173 55.21 24.89 65.83
N ALA M 174 55.45 24.09 66.87
CA ALA M 174 54.79 22.78 66.95
C ALA M 174 53.28 22.94 67.05
N THR M 175 52.82 23.84 67.92
CA THR M 175 51.38 24.06 68.04
C THR M 175 50.81 24.64 66.75
N TYR M 176 51.55 25.55 66.11
CA TYR M 176 51.10 26.07 64.83
C TYR M 176 50.97 24.98 63.80
N LEU M 177 51.95 24.09 63.71
CA LEU M 177 51.91 23.02 62.74
C LEU M 177 50.78 22.04 63.06
N ALA M 178 50.52 21.80 64.34
CA ALA M 178 49.39 20.96 64.71
C ALA M 178 48.06 21.59 64.31
N GLU M 179 47.92 22.91 64.51
CA GLU M 179 46.70 23.57 64.07
C GLU M 179 46.56 23.52 62.57
N LEU M 180 47.68 23.60 61.85
CA LEU M 180 47.65 23.39 60.41
C LEU M 180 47.14 22.00 60.07
N LEU M 181 47.61 21.00 60.81
CA LEU M 181 47.14 19.64 60.58
C LEU M 181 45.64 19.53 60.80
N ILE M 182 45.14 20.16 61.85
CA ILE M 182 43.70 20.14 62.12
C ILE M 182 42.96 20.80 60.98
N LEU M 183 43.45 21.95 60.52
CA LEU M 183 42.79 22.66 59.43
C LEU M 183 42.74 21.82 58.18
N ASN M 184 43.83 21.14 57.85
CA ASN M 184 43.86 20.39 56.60
C ASN M 184 43.08 19.10 56.68
N TYR M 185 43.08 18.43 57.83
CA TYR M 185 42.52 17.09 57.93
C TYR M 185 41.32 17.02 58.86
N GLY M 186 40.86 18.15 59.37
CA GLY M 186 39.66 18.10 60.18
C GLY M 186 39.91 17.48 61.54
N THR M 187 38.82 17.15 62.21
CA THR M 187 38.84 16.66 63.58
C THR M 187 38.71 15.15 63.66
N HIS M 188 37.84 14.56 62.85
CA HIS M 188 37.62 13.13 62.88
C HIS M 188 38.08 12.49 61.58
N VAL M 189 38.07 11.16 61.58
CA VAL M 189 38.33 10.37 60.40
C VAL M 189 37.12 9.50 60.15
N ILE M 190 36.63 9.50 58.92
CA ILE M 190 35.42 8.77 58.59
C ILE M 190 35.77 7.31 58.33
N THR M 191 35.26 6.41 59.16
CA THR M 191 35.52 5.00 59.02
C THR M 191 34.42 4.24 58.30
N SER M 192 33.25 4.86 58.10
CA SER M 192 32.19 4.20 57.36
C SER M 192 31.24 5.25 56.82
N VAL M 193 30.75 5.03 55.61
CA VAL M 193 29.77 5.89 54.97
C VAL M 193 28.67 5.01 54.41
N ASP M 194 27.64 5.65 53.89
CA ASP M 194 26.55 4.96 53.22
C ASP M 194 26.38 5.56 51.84
N ALA M 195 26.80 4.85 50.82
CA ALA M 195 26.51 5.27 49.46
C ALA M 195 25.01 5.26 49.25
N GLY M 196 24.49 6.29 48.61
CA GLY M 196 23.08 6.30 48.32
C GLY M 196 22.63 7.60 47.73
N ALA M 197 21.32 7.80 47.73
CA ALA M 197 20.71 8.96 47.10
C ALA M 197 19.45 9.30 47.87
N ALA M 198 18.98 10.52 47.70
CA ALA M 198 17.78 10.96 48.38
C ALA M 198 17.09 12.02 47.54
N LEU M 199 15.80 12.21 47.80
CA LEU M 199 15.00 13.12 47.00
C LEU M 199 13.78 13.54 47.79
N VAL M 200 13.47 14.82 47.78
CA VAL M 200 12.31 15.36 48.47
C VAL M 200 11.59 16.30 47.52
N GLN M 201 10.28 16.15 47.40
CA GLN M 201 9.47 17.08 46.64
C GLN M 201 8.30 17.53 47.48
N GLU M 202 7.99 18.82 47.42
CA GLU M 202 6.85 19.38 48.13
C GLU M 202 6.12 20.32 47.19
N ASP M 203 4.84 20.06 46.95
CA ASP M 203 3.99 20.95 46.17
C ASP M 203 2.86 21.46 47.04
N HIS M 204 2.61 22.76 47.00
CA HIS M 204 1.44 23.36 47.60
C HIS M 204 0.72 24.13 46.51
N VAL M 205 -0.59 23.95 46.41
CA VAL M 205 -1.42 24.72 45.50
C VAL M 205 -2.61 25.24 46.27
N ARG M 206 -2.80 26.55 46.27
CA ARG M 206 -3.94 27.15 46.93
C ARG M 206 -4.70 28.01 45.94
N SER M 207 -5.97 27.69 45.75
CA SER M 207 -6.85 28.47 44.89
C SER M 207 -7.96 29.04 45.74
N SER M 208 -8.27 30.31 45.55
CA SER M 208 -9.36 30.95 46.27
C SER M 208 -10.14 31.79 45.28
N PHE M 209 -11.39 31.43 45.08
CA PHE M 209 -12.25 32.14 44.14
C PHE M 209 -13.44 32.69 44.89
N LEU M 210 -13.65 34.00 44.79
CA LEU M 210 -14.76 34.66 45.45
C LEU M 210 -15.57 35.40 44.41
N LEU M 211 -16.88 35.22 44.45
CA LEU M 211 -17.77 35.88 43.51
C LEU M 211 -18.88 36.53 44.30
N ASP M 212 -19.20 37.76 43.95
CA ASP M 212 -20.27 38.51 44.58
C ASP M 212 -21.13 39.12 43.50
N ASN M 213 -22.43 39.19 43.75
CA ASN M 213 -23.37 39.63 42.74
C ASN M 213 -24.57 40.29 43.41
N GLN M 214 -24.96 41.47 42.94
CA GLN M 214 -26.10 42.18 43.48
C GLN M 214 -26.91 42.78 42.35
N ASN M 215 -28.21 42.52 42.34
CA ASN M 215 -29.13 43.19 41.44
C ASN M 215 -30.16 43.91 42.30
N SER M 216 -30.50 45.13 41.92
CA SER M 216 -31.50 45.92 42.64
C SER M 216 -32.36 46.63 41.63
N GLN M 217 -33.67 46.39 41.69
CA GLN M 217 -34.60 46.92 40.71
C GLN M 217 -35.77 47.59 41.44
N ASN M 218 -36.13 48.79 40.99
CA ASN M 218 -37.24 49.53 41.56
C ASN M 218 -38.12 50.02 40.42
N THR M 219 -39.42 49.82 40.56
CA THR M 219 -40.40 50.33 39.61
C THR M 219 -41.44 51.12 40.36
N VAL M 220 -41.75 52.32 39.88
CA VAL M 220 -42.71 53.20 40.53
C VAL M 220 -43.59 53.83 39.46
N THR M 221 -44.88 53.54 39.50
CA THR M 221 -45.84 54.09 38.53
C THR M 221 -46.94 54.79 39.30
N ALA M 222 -47.25 56.02 38.93
CA ALA M 222 -48.28 56.81 39.59
C ALA M 222 -49.17 57.44 38.54
N SER M 223 -50.46 57.16 38.62
CA SER M 223 -51.44 57.66 37.66
C SER M 223 -52.52 58.42 38.39
N ALA M 224 -53.03 59.48 37.75
CA ALA M 224 -54.11 60.29 38.30
C ALA M 224 -54.97 60.78 37.15
N GLY M 225 -56.25 60.43 37.17
CA GLY M 225 -57.14 60.84 36.10
C GLY M 225 -58.43 61.50 36.56
N ILE M 226 -58.59 62.77 36.23
CA ILE M 226 -59.74 63.57 36.65
C ILE M 226 -60.64 63.72 35.44
N ALA M 227 -61.83 63.12 35.50
CA ALA M 227 -62.77 63.16 34.39
C ALA M 227 -64.07 63.83 34.84
N PHE M 228 -64.72 64.51 33.90
CA PHE M 228 -65.99 65.18 34.17
C PHE M 228 -67.01 64.86 33.09
N LEU M 229 -68.09 65.64 33.06
CA LEU M 229 -69.16 65.45 32.08
C LEU M 229 -68.90 66.36 30.86
N ASN M 230 -67.94 65.94 30.04
CA ASN M 230 -67.62 66.60 28.78
C ASN M 230 -67.31 68.09 28.97
N ILE M 231 -66.57 68.42 30.02
CA ILE M 231 -66.10 69.77 30.26
C ILE M 231 -64.59 69.81 30.44
N VAL M 232 -64.05 68.97 31.32
CA VAL M 232 -62.62 68.88 31.57
C VAL M 232 -62.25 67.41 31.69
N ASN M 233 -61.13 67.02 31.09
CA ASN M 233 -60.60 65.67 31.21
C ASN M 233 -59.09 65.77 31.28
N PHE M 234 -58.51 65.29 32.37
CA PHE M 234 -57.08 65.42 32.64
C PHE M 234 -56.52 64.09 33.07
N LYS M 235 -55.32 63.77 32.62
CA LYS M 235 -54.66 62.52 32.99
C LYS M 235 -53.17 62.78 33.16
N VAL M 236 -52.57 62.18 34.18
CA VAL M 236 -51.15 62.30 34.41
C VAL M 236 -50.62 60.93 34.82
N GLU M 237 -49.70 60.38 34.04
CA GLU M 237 -49.05 59.12 34.36
C GLU M 237 -47.56 59.33 34.41
N THR M 238 -46.93 59.00 35.53
CA THR M 238 -45.49 59.09 35.68
C THR M 238 -44.96 57.69 35.95
N ASP M 239 -43.93 57.31 35.23
CA ASP M 239 -43.32 55.99 35.35
C ASP M 239 -41.85 56.15 35.68
N TYR M 240 -41.30 55.21 36.44
CA TYR M 240 -39.91 55.27 36.84
C TYR M 240 -39.39 53.86 37.00
N ILE M 241 -38.21 53.60 36.45
CA ILE M 241 -37.53 52.32 36.60
C ILE M 241 -36.08 52.61 36.96
N SER M 242 -35.51 51.78 37.84
CA SER M 242 -34.12 51.90 38.24
C SER M 242 -33.56 50.51 38.46
N GLN M 243 -32.62 50.10 37.60
CA GLN M 243 -31.93 48.83 37.75
C GLN M 243 -30.46 49.08 38.00
N THR M 244 -29.87 48.34 38.93
CA THR M 244 -28.44 48.35 39.12
C THR M 244 -27.95 46.91 39.28
N SER M 245 -26.85 46.60 38.63
CA SER M 245 -26.16 45.34 38.82
C SER M 245 -24.75 45.63 39.27
N LEU M 246 -24.17 44.71 40.02
CA LEU M 246 -22.81 44.88 40.47
C LEU M 246 -22.26 43.51 40.82
N THR M 247 -21.32 43.03 40.01
CA THR M 247 -20.67 41.76 40.25
C THR M 247 -19.20 42.00 40.47
N LYS M 248 -18.62 41.29 41.43
CA LYS M 248 -17.22 41.46 41.77
C LYS M 248 -16.61 40.08 41.96
N ASP M 249 -15.60 39.77 41.17
CA ASP M 249 -14.89 38.51 41.30
C ASP M 249 -13.53 38.75 41.91
N TYR M 250 -12.91 37.68 42.37
CA TYR M 250 -11.56 37.75 42.89
C TYR M 250 -11.00 36.34 42.88
N LEU M 251 -9.99 36.12 42.05
CA LEU M 251 -9.38 34.81 41.92
C LEU M 251 -7.94 34.88 42.37
N SER M 252 -7.49 33.87 43.09
CA SER M 252 -6.14 33.85 43.63
C SER M 252 -5.57 32.45 43.50
N ASN M 253 -4.40 32.34 42.90
CA ASN M 253 -3.67 31.09 42.81
C ASN M 253 -2.30 31.26 43.44
N ARG M 254 -1.83 30.24 44.11
CA ARG M 254 -0.48 30.26 44.67
C ARG M 254 0.05 28.85 44.65
N THR M 255 1.08 28.58 43.86
CA THR M 255 1.71 27.27 43.82
C THR M 255 3.16 27.40 44.22
N ASN M 256 3.62 26.53 45.12
CA ASN M 256 5.01 26.47 45.50
C ASN M 256 5.49 25.04 45.32
N SER M 257 6.54 24.85 44.56
CA SER M 257 7.17 23.54 44.44
C SER M 257 8.61 23.67 44.90
N ARG M 258 9.04 22.74 45.74
CA ARG M 258 10.41 22.73 46.22
C ARG M 258 10.94 21.31 46.11
N VAL M 259 12.06 21.14 45.43
CA VAL M 259 12.68 19.84 45.22
C VAL M 259 14.10 19.90 45.72
N GLN M 260 14.50 18.89 46.46
CA GLN M 260 15.84 18.81 47.00
C GLN M 260 16.37 17.41 46.78
N SER M 261 17.44 17.28 46.03
CA SER M 261 17.96 16.00 45.60
C SER M 261 19.40 15.87 46.06
N PHE M 262 19.75 14.72 46.60
CA PHE M 262 21.12 14.41 46.98
C PHE M 262 21.55 13.18 46.19
N GLY M 263 22.57 13.34 45.38
CA GLY M 263 22.99 12.23 44.55
C GLY M 263 22.05 12.09 43.39
N GLY M 264 22.37 11.22 42.46
CA GLY M 264 21.51 10.96 41.33
C GLY M 264 21.69 12.00 40.24
N VAL M 265 20.92 11.84 39.19
CA VAL M 265 20.95 12.77 38.06
C VAL M 265 20.46 14.14 38.54
N PRO M 266 20.99 15.24 38.01
CA PRO M 266 20.40 16.54 38.32
C PRO M 266 18.92 16.57 38.01
N PHE M 267 18.13 17.12 38.91
CA PHE M 267 16.68 17.01 38.83
C PHE M 267 16.10 18.06 37.91
N TYR M 268 15.10 17.66 37.13
CA TYR M 268 14.31 18.60 36.35
C TYR M 268 12.84 18.22 36.51
N PRO M 269 11.94 19.19 36.43
CA PRO M 269 10.55 18.96 36.88
C PRO M 269 9.84 17.81 36.19
N GLY M 270 10.06 17.60 34.91
CA GLY M 270 9.27 16.60 34.22
C GLY M 270 9.76 15.18 34.43
N ILE M 271 10.83 15.03 35.20
CA ILE M 271 11.46 13.74 35.38
C ILE M 271 10.54 12.84 36.19
N THR M 272 10.61 11.55 35.90
CA THR M 272 9.82 10.56 36.60
C THR M 272 10.71 9.84 37.60
N LEU M 273 10.08 9.36 38.68
CA LEU M 273 10.84 8.62 39.66
C LEU M 273 11.49 7.38 39.07
N GLU M 274 10.93 6.81 38.00
CA GLU M 274 11.60 5.70 37.35
C GLU M 274 12.94 6.14 36.78
N THR M 275 12.94 7.25 36.04
CA THR M 275 14.18 7.74 35.46
C THR M 275 15.17 8.13 36.53
N TRP M 276 14.71 8.79 37.58
CA TRP M 276 15.63 9.20 38.63
C TRP M 276 16.19 8.01 39.38
N GLN M 277 15.36 7.01 39.66
CA GLN M 277 15.85 5.83 40.36
C GLN M 277 16.83 5.05 39.50
N LYS M 278 16.58 4.94 38.21
CA LYS M 278 17.49 4.22 37.33
C LYS M 278 18.76 5.00 37.04
N GLY M 279 18.85 6.24 37.48
CA GLY M 279 19.97 7.07 37.13
C GLY M 279 20.98 7.27 38.24
N ILE M 280 20.84 6.53 39.33
CA ILE M 280 21.76 6.70 40.45
C ILE M 280 22.87 5.68 40.35
N THR M 281 22.97 5.01 39.20
CA THR M 281 23.92 3.91 39.07
C THR M 281 25.35 4.38 39.23
N ASN M 282 25.64 5.62 38.87
CA ASN M 282 26.97 6.16 39.03
C ASN M 282 27.04 7.39 39.91
N HIS M 283 25.91 7.99 40.23
CA HIS M 283 25.87 9.20 41.04
C HIS M 283 25.38 8.86 42.44
N LEU M 284 26.29 8.42 43.30
CA LEU M 284 25.94 8.09 44.66
C LEU M 284 26.70 9.02 45.58
N VAL M 285 26.06 9.50 46.62
CA VAL M 285 26.69 10.43 47.56
C VAL M 285 26.59 9.84 48.94
N ALA M 286 27.39 10.37 49.85
CA ALA M 286 27.43 9.88 51.23
C ALA M 286 26.20 10.38 51.95
N ILE M 287 25.22 9.50 52.16
CA ILE M 287 24.02 9.94 52.86
C ILE M 287 24.16 9.84 54.36
N ASP M 288 25.17 9.14 54.85
CA ASP M 288 25.38 9.03 56.29
C ASP M 288 26.80 8.55 56.51
N ARG M 289 27.39 8.97 57.62
CA ARG M 289 28.79 8.65 57.86
C ARG M 289 29.03 8.51 59.36
N ALA M 290 30.05 7.73 59.70
CA ALA M 290 30.46 7.53 61.07
C ALA M 290 31.99 7.56 61.12
N GLY M 291 32.54 8.10 62.20
CA GLY M 291 33.97 8.29 62.28
C GLY M 291 34.47 8.24 63.71
N LEU M 292 35.77 8.48 63.84
CA LEU M 292 36.47 8.43 65.10
C LEU M 292 37.30 9.68 65.29
N PRO M 293 37.53 10.10 66.53
CA PRO M 293 38.44 11.23 66.76
C PRO M 293 39.81 10.90 66.20
N LEU M 294 40.49 11.90 65.67
CA LEU M 294 41.70 11.60 64.92
C LEU M 294 42.88 11.30 65.84
N HIS M 295 42.81 11.73 67.11
CA HIS M 295 43.87 11.33 68.04
C HIS M 295 43.87 9.82 68.24
N PHE M 296 42.76 9.17 67.92
CA PHE M 296 42.67 7.72 67.94
C PHE M 296 43.68 7.08 66.99
N PHE M 297 43.91 7.69 65.83
CA PHE M 297 44.79 7.10 64.83
C PHE M 297 46.25 7.41 65.06
N ILE M 298 46.57 8.24 66.04
CA ILE M 298 47.97 8.50 66.37
C ILE M 298 48.40 7.49 67.43
N LYS M 299 48.81 6.32 67.00
CA LYS M 299 49.19 5.24 67.89
C LYS M 299 50.52 4.66 67.43
N PRO M 300 51.32 4.12 68.35
CA PRO M 300 52.64 3.62 67.97
C PRO M 300 52.60 2.54 66.90
N ASP M 301 51.61 1.65 66.96
CA ASP M 301 51.47 0.59 65.98
C ASP M 301 51.10 1.12 64.61
N LYS M 302 50.70 2.38 64.52
CA LYS M 302 50.28 2.99 63.28
C LYS M 302 51.38 3.80 62.61
N LEU M 303 52.36 4.26 63.37
CA LEU M 303 53.48 5.05 62.84
C LEU M 303 54.78 4.30 63.10
N PRO M 304 55.22 3.46 62.16
CA PRO M 304 56.46 2.71 62.39
C PRO M 304 57.68 3.58 62.55
N GLY M 305 57.74 4.73 61.87
CA GLY M 305 58.95 5.53 61.89
C GLY M 305 59.27 6.10 63.25
N LEU M 306 58.24 6.38 64.04
CA LEU M 306 58.62 7.09 65.26
C LEU M 306 58.53 6.18 66.48
N PRO M 307 59.35 6.44 67.50
CA PRO M 307 59.28 5.65 68.73
C PRO M 307 58.00 5.95 69.51
N GLY M 308 57.62 4.99 70.34
CA GLY M 308 56.39 5.06 71.11
C GLY M 308 56.27 6.25 72.04
N PRO M 309 57.30 6.51 72.86
CA PRO M 309 57.24 7.69 73.74
C PRO M 309 57.05 8.99 72.98
N LEU M 310 57.62 9.10 71.79
CA LEU M 310 57.40 10.29 70.97
C LEU M 310 55.96 10.39 70.48
N VAL M 311 55.40 9.29 69.97
CA VAL M 311 54.06 9.37 69.42
C VAL M 311 53.04 9.60 70.52
N LYS M 312 53.34 9.18 71.75
CA LYS M 312 52.43 9.49 72.85
C LYS M 312 52.32 10.99 73.05
N LYS M 313 53.47 11.68 73.12
CA LYS M 313 53.46 13.12 73.25
C LYS M 313 52.82 13.77 72.03
N LEU M 314 53.06 13.22 70.84
CA LEU M 314 52.47 13.76 69.63
C LEU M 314 50.95 13.69 69.67
N SER M 315 50.42 12.55 70.11
CA SER M 315 48.98 12.44 70.28
C SER M 315 48.47 13.42 71.32
N LYS M 316 49.24 13.62 72.39
CA LYS M 316 48.84 14.56 73.43
C LYS M 316 48.70 15.97 72.85
N THR M 317 49.69 16.41 72.09
CA THR M 317 49.63 17.77 71.56
C THR M 317 48.58 17.90 70.47
N VAL M 318 48.36 16.85 69.67
CA VAL M 318 47.30 16.91 68.68
C VAL M 318 45.94 17.03 69.37
N GLU M 319 45.72 16.24 70.42
CA GLU M 319 44.44 16.32 71.12
C GLU M 319 44.27 17.67 71.80
N THR M 320 45.35 18.23 72.36
CA THR M 320 45.19 19.55 72.97
C THR M 320 44.91 20.61 71.90
N ALA M 321 45.48 20.45 70.71
CA ALA M 321 45.14 21.35 69.62
C ALA M 321 43.68 21.23 69.23
N VAL M 322 43.17 19.99 69.20
CA VAL M 322 41.76 19.78 68.89
C VAL M 322 40.89 20.44 69.95
N ARG M 323 41.26 20.30 71.21
CA ARG M 323 40.48 20.93 72.27
C ARG M 323 40.50 22.43 72.15
N HIS M 324 41.67 23.01 71.86
CA HIS M 324 41.75 24.46 71.68
C HIS M 324 40.88 24.93 70.53
N TYR M 325 40.96 24.22 69.40
CA TYR M 325 40.15 24.52 68.23
C TYR M 325 38.66 24.45 68.53
N TYR M 326 38.23 23.43 69.27
CA TYR M 326 36.84 23.37 69.70
C TYR M 326 36.47 24.54 70.59
N THR M 327 37.34 24.88 71.54
CA THR M 327 37.00 25.89 72.53
C THR M 327 36.83 27.27 71.90
N PHE M 328 37.71 27.67 70.98
CA PHE M 328 37.59 29.03 70.46
C PHE M 328 36.32 29.22 69.66
N ASN M 329 35.96 28.24 68.82
CA ASN M 329 34.74 28.33 68.02
C ASN M 329 33.54 27.82 68.81
N PHE M 360 27.47 41.17 76.02
CA PHE M 360 26.06 41.36 76.35
C PHE M 360 25.29 40.06 76.19
N THR M 361 24.19 39.94 76.93
CA THR M 361 23.33 38.76 76.90
C THR M 361 21.92 39.17 76.49
N PHE M 362 21.32 38.38 75.59
CA PHE M 362 19.99 38.64 75.05
C PHE M 362 19.01 37.68 75.72
N GLY M 363 17.99 38.23 76.37
CA GLY M 363 17.01 37.41 77.04
C GLY M 363 15.82 36.99 76.21
N GLY M 364 15.72 37.45 74.96
CA GLY M 364 14.63 37.10 74.09
C GLY M 364 13.85 38.31 73.62
N VAL M 365 12.81 38.01 72.84
CA VAL M 365 11.94 39.02 72.26
C VAL M 365 10.49 38.56 72.35
N TYR M 366 9.58 39.52 72.17
CA TYR M 366 8.15 39.25 72.12
C TYR M 366 7.50 40.40 71.36
N GLN M 367 6.55 40.08 70.48
CA GLN M 367 5.92 41.09 69.63
C GLN M 367 4.44 41.19 70.00
N GLU M 368 4.10 42.19 70.80
CA GLU M 368 2.73 42.41 71.20
C GLU M 368 1.87 42.85 70.03
N CYS M 369 0.61 42.41 70.04
CA CYS M 369 -0.34 42.73 68.98
C CYS M 369 -1.57 43.35 69.60
N THR M 370 -2.03 44.46 69.01
CA THR M 370 -3.23 45.15 69.46
C THR M 370 -4.21 45.27 68.31
N GLU M 371 -5.44 44.82 68.54
CA GLU M 371 -6.48 44.89 67.52
C GLU M 371 -7.23 46.20 67.67
N LEU M 372 -7.17 47.04 66.64
CA LEU M 372 -7.95 48.26 66.60
C LEU M 372 -9.25 48.10 65.83
N SER M 373 -9.34 47.08 64.98
CA SER M 373 -10.55 46.80 64.21
C SER M 373 -10.51 45.36 63.76
N GLY M 374 -11.46 44.55 64.23
CA GLY M 374 -11.49 43.15 63.93
C GLY M 374 -10.55 42.35 64.82
N ASP M 375 -10.46 41.05 64.53
CA ASP M 375 -9.56 40.14 65.22
C ASP M 375 -8.87 39.23 64.24
N VAL M 376 -8.43 39.80 63.12
CA VAL M 376 -7.81 39.02 62.05
C VAL M 376 -6.31 39.24 61.96
N LEU M 377 -5.81 40.46 62.23
CA LEU M 377 -4.40 40.73 62.04
C LEU M 377 -3.54 40.12 63.14
N CYS M 378 -4.09 39.95 64.33
CA CYS M 378 -3.34 39.45 65.47
C CYS M 378 -3.27 37.93 65.54
N GLN M 379 -3.90 37.23 64.60
CA GLN M 379 -3.87 35.77 64.64
C GLN M 379 -2.48 35.20 64.36
N ASN M 380 -1.68 35.88 63.54
CA ASN M 380 -0.37 35.37 63.15
C ASN M 380 0.78 36.30 63.42
N LEU M 381 0.53 37.58 63.71
CA LEU M 381 1.60 38.53 63.97
C LEU M 381 2.16 38.40 65.38
N GLU M 382 1.38 37.87 66.32
CA GLU M 382 1.78 37.78 67.71
C GLU M 382 2.80 36.67 67.91
N GLN M 383 3.83 36.98 68.69
CA GLN M 383 4.87 36.01 69.01
C GLN M 383 5.21 36.14 70.49
N LYS M 384 5.02 35.05 71.22
CA LYS M 384 5.33 35.04 72.63
C LYS M 384 6.80 34.73 72.86
N ASN M 385 7.29 35.08 74.05
CA ASN M 385 8.65 34.75 74.44
C ASN M 385 8.81 33.23 74.56
N LEU M 386 9.93 32.73 74.06
CA LEU M 386 10.14 31.28 74.03
C LEU M 386 10.22 30.66 75.41
N LEU M 387 10.94 31.30 76.34
CA LEU M 387 11.19 30.73 77.66
C LEU M 387 9.97 30.79 78.56
N THR M 388 9.18 31.87 78.47
CA THR M 388 8.04 32.07 79.35
C THR M 388 6.70 31.80 78.70
N GLY M 389 6.64 31.78 77.37
CA GLY M 389 5.37 31.63 76.68
C GLY M 389 4.44 32.80 76.85
N ASP M 390 4.97 34.02 76.95
CA ASP M 390 4.15 35.20 77.18
C ASP M 390 4.87 36.42 76.65
N PHE M 391 4.10 37.50 76.46
CA PHE M 391 4.66 38.77 76.00
C PHE M 391 5.39 39.46 77.14
N SER M 392 6.49 38.84 77.55
CA SER M 392 7.28 39.33 78.67
C SER M 392 8.71 38.85 78.50
N CYS M 393 9.58 39.29 79.40
CA CYS M 393 10.97 38.89 79.39
C CYS M 393 11.26 37.95 80.56
N PRO M 394 12.24 37.08 80.42
CA PRO M 394 12.62 36.19 81.52
C PRO M 394 13.20 37.00 82.66
N PRO M 395 13.19 36.47 83.88
CA PRO M 395 13.75 37.21 85.02
C PRO M 395 15.21 37.59 84.76
N GLY M 396 15.57 38.81 85.17
CA GLY M 396 16.89 39.34 84.92
C GLY M 396 17.03 40.13 83.63
N TYR M 397 15.98 40.22 82.83
CA TYR M 397 16.03 40.95 81.57
C TYR M 397 14.94 42.00 81.52
N SER M 398 15.31 43.18 81.02
CA SER M 398 14.43 44.32 80.94
C SER M 398 13.86 44.42 79.54
N PRO M 399 12.54 44.43 79.38
CA PRO M 399 11.97 44.73 78.06
C PRO M 399 12.40 46.10 77.59
N VAL M 400 12.78 46.19 76.32
CA VAL M 400 13.13 47.46 75.68
C VAL M 400 12.21 47.65 74.49
N HIS M 401 11.60 48.82 74.39
CA HIS M 401 10.66 49.11 73.31
C HIS M 401 11.40 49.21 71.99
N LEU M 402 11.43 48.10 71.25
CA LEU M 402 12.14 48.09 69.97
C LEU M 402 11.44 48.97 68.95
N LEU M 403 10.20 48.63 68.60
CA LEU M 403 9.44 49.45 67.65
C LEU M 403 7.95 49.16 67.69
N SER M 404 7.13 50.22 67.72
CA SER M 404 5.69 50.09 67.65
C SER M 404 5.20 50.82 66.41
N GLN M 405 4.48 50.10 65.55
CA GLN M 405 3.98 50.68 64.31
C GLN M 405 2.61 50.11 63.99
N THR M 406 1.83 50.88 63.23
CA THR M 406 0.47 50.50 62.86
C THR M 406 0.42 50.12 61.39
N HIS M 407 -0.33 49.06 61.09
CA HIS M 407 -0.50 48.59 59.73
C HIS M 407 -1.96 48.28 59.46
N GLU M 408 -2.35 48.34 58.19
CA GLU M 408 -3.73 48.15 57.77
C GLU M 408 -3.81 47.15 56.62
N GLU M 409 -4.84 46.31 56.65
CA GLU M 409 -5.05 45.30 55.63
C GLU M 409 -6.54 45.19 55.33
N GLY M 410 -6.89 45.16 54.05
CA GLY M 410 -8.27 45.01 53.63
C GLY M 410 -8.61 43.55 53.41
N TYR M 411 -9.58 43.06 54.18
CA TYR M 411 -10.00 41.67 54.09
C TYR M 411 -11.51 41.61 54.01
N SER M 412 -12.02 40.63 53.26
CA SER M 412 -13.44 40.38 53.15
C SER M 412 -13.79 39.17 54.01
N ARG M 413 -14.71 39.36 54.93
CA ARG M 413 -15.18 38.29 55.80
C ARG M 413 -16.64 37.99 55.48
N LEU M 414 -16.94 36.72 55.22
CA LEU M 414 -18.29 36.29 54.90
C LEU M 414 -18.89 35.64 56.14
N GLU M 415 -20.10 36.07 56.50
CA GLU M 415 -20.79 35.49 57.64
C GLU M 415 -22.26 35.32 57.30
N CYS M 416 -22.87 34.28 57.86
CA CYS M 416 -24.27 33.98 57.62
C CYS M 416 -25.05 34.04 58.92
N LYS M 417 -26.21 34.70 58.88
CA LYS M 417 -27.06 34.83 60.05
C LYS M 417 -28.49 34.45 59.69
N LYS M 418 -29.20 33.83 60.63
CA LYS M 418 -30.60 33.47 60.43
C LYS M 418 -31.47 34.58 61.01
N LYS M 419 -31.98 35.44 60.16
CA LYS M 419 -32.88 36.51 60.59
C LYS M 419 -34.31 35.98 60.60
N CYS M 420 -35.00 36.15 61.72
CA CYS M 420 -36.38 35.74 61.88
C CYS M 420 -37.21 36.97 62.26
N THR M 421 -38.09 37.39 61.36
CA THR M 421 -39.04 38.46 61.64
C THR M 421 -40.40 37.85 61.97
N LEU M 422 -41.02 38.37 63.03
CA LEU M 422 -42.32 37.92 63.51
C LEU M 422 -42.29 36.46 63.94
N LYS M 423 -41.11 35.91 64.21
CA LYS M 423 -40.90 34.54 64.64
C LYS M 423 -41.44 33.52 63.64
N ILE M 424 -41.89 33.97 62.47
CA ILE M 424 -42.39 33.08 61.44
C ILE M 424 -41.68 33.25 60.10
N PHE M 425 -41.16 34.44 59.80
CA PHE M 425 -40.41 34.65 58.56
C PHE M 425 -38.93 34.50 58.89
N CYS M 426 -38.44 33.27 58.79
CA CYS M 426 -37.05 32.97 59.06
C CYS M 426 -36.31 32.71 57.75
N LYS M 427 -35.17 33.37 57.59
CA LYS M 427 -34.35 33.16 56.41
C LYS M 427 -32.89 33.34 56.80
N THR M 428 -32.03 32.53 56.20
CA THR M 428 -30.58 32.65 56.39
C THR M 428 -30.04 33.59 55.32
N VAL M 429 -29.41 34.67 55.75
CA VAL M 429 -28.80 35.64 54.85
C VAL M 429 -27.29 35.61 55.08
N CYS M 430 -26.53 35.44 54.01
CA CYS M 430 -25.07 35.47 54.06
C CYS M 430 -24.61 36.78 53.47
N GLU M 431 -23.80 37.51 54.22
CA GLU M 431 -23.28 38.79 53.78
C GLU M 431 -21.79 38.86 54.03
N ASP M 432 -21.09 39.58 53.15
CA ASP M 432 -19.65 39.77 53.25
C ASP M 432 -19.34 41.22 53.57
N VAL M 433 -18.33 41.43 54.40
CA VAL M 433 -17.93 42.75 54.84
C VAL M 433 -16.47 42.96 54.45
N PHE M 434 -16.20 44.07 53.77
CA PHE M 434 -14.85 44.45 53.38
C PHE M 434 -14.30 45.39 54.44
N ARG M 435 -13.58 44.82 55.40
CA ARG M 435 -13.07 45.58 56.53
C ARG M 435 -11.58 45.86 56.34
N VAL M 436 -11.19 47.12 56.57
CA VAL M 436 -9.80 47.52 56.58
C VAL M 436 -9.34 47.39 58.03
N ALA M 437 -8.91 46.20 58.41
CA ALA M 437 -8.45 45.96 59.77
C ALA M 437 -7.11 46.65 60.00
N LYS M 438 -7.01 47.37 61.12
CA LYS M 438 -5.81 48.10 61.47
C LYS M 438 -5.31 47.58 62.82
N ALA M 439 -4.02 47.25 62.89
CA ALA M 439 -3.43 46.73 64.11
C ALA M 439 -2.12 47.46 64.39
N GLU M 440 -1.87 47.75 65.67
CA GLU M 440 -0.62 48.35 66.10
C GLU M 440 0.21 47.26 66.75
N PHE M 441 1.30 46.88 66.09
CA PHE M 441 2.21 45.87 66.62
C PHE M 441 3.36 46.56 67.34
N ARG M 442 3.68 46.07 68.53
CA ARG M 442 4.76 46.60 69.34
C ARG M 442 5.74 45.47 69.61
N ALA M 443 6.90 45.53 68.96
CA ALA M 443 7.96 44.56 69.17
C ALA M 443 8.95 45.10 70.19
N TYR M 444 9.36 44.24 71.11
CA TYR M 444 10.29 44.58 72.19
C TYR M 444 11.45 43.59 72.17
N TRP M 445 12.51 43.94 72.90
CA TRP M 445 13.65 43.05 73.05
C TRP M 445 14.15 43.13 74.48
N CYS M 446 14.64 42.00 75.00
CA CYS M 446 15.02 41.87 76.39
C CYS M 446 16.54 42.00 76.51
N VAL M 447 17.01 43.14 76.98
CA VAL M 447 18.42 43.34 77.26
C VAL M 447 18.70 42.91 78.69
N ALA M 448 19.94 42.51 78.94
CA ALA M 448 20.34 42.13 80.29
C ALA M 448 20.41 43.36 81.18
N ALA M 449 19.62 43.37 82.26
CA ALA M 449 19.62 44.51 83.16
C ALA M 449 20.96 44.67 83.87
N GLY M 450 21.56 43.56 84.29
CA GLY M 450 22.83 43.60 84.98
C GLY M 450 23.67 42.36 84.77
N GLN M 451 24.33 41.89 85.83
CA GLN M 451 25.19 40.71 85.74
C GLN M 451 24.32 39.46 85.86
N VAL M 452 23.67 39.12 84.75
CA VAL M 452 22.83 37.92 84.67
C VAL M 452 23.74 36.70 84.71
N PRO M 453 23.27 35.55 85.24
CA PRO M 453 24.10 34.35 85.19
C PRO M 453 24.37 33.94 83.75
N ASP M 454 25.58 33.43 83.52
CA ASP M 454 26.03 32.99 82.20
C ASP M 454 26.15 31.47 82.19
N ASN M 455 25.72 30.86 81.09
CA ASN M 455 25.16 31.52 79.91
C ASN M 455 23.68 31.24 79.73
N SER M 456 22.93 31.20 80.85
CA SER M 456 21.52 30.89 80.81
C SER M 456 20.79 31.96 80.01
N GLY M 457 20.37 31.63 78.80
CA GLY M 457 19.75 32.58 77.89
C GLY M 457 19.78 32.07 76.46
N LEU M 458 19.87 33.01 75.53
CA LEU M 458 19.86 32.71 74.11
C LEU M 458 20.83 33.63 73.38
N LEU M 459 21.25 33.20 72.19
CA LEU M 459 22.20 33.96 71.39
C LEU M 459 21.54 34.44 70.11
N PHE M 460 22.21 35.40 69.46
CA PHE M 460 21.72 36.09 68.27
C PHE M 460 22.10 35.25 67.05
N GLY M 461 21.13 34.52 66.53
CA GLY M 461 21.37 33.63 65.40
C GLY M 461 21.16 34.25 64.04
N GLY M 462 21.11 35.58 63.96
CA GLY M 462 20.99 36.26 62.69
C GLY M 462 19.55 36.61 62.36
N VAL M 463 19.40 37.67 61.56
CA VAL M 463 18.10 38.17 61.13
C VAL M 463 18.07 38.13 59.61
N PHE M 464 16.88 37.94 59.06
CA PHE M 464 16.71 37.88 57.61
C PHE M 464 15.26 38.11 57.26
N THR M 465 15.03 38.74 56.11
CA THR M 465 13.71 39.00 55.58
C THR M 465 13.51 38.19 54.30
N ASP M 466 12.37 38.43 53.65
CA ASP M 466 12.03 37.75 52.42
C ASP M 466 12.77 38.31 51.20
N LYS M 467 13.31 39.52 51.30
CA LYS M 467 14.00 40.15 50.19
C LYS M 467 15.48 40.35 50.42
N THR M 468 15.97 40.17 51.64
CA THR M 468 17.38 40.35 51.97
C THR M 468 18.03 39.00 52.22
N ILE M 469 19.29 39.03 52.65
CA ILE M 469 20.07 37.83 52.89
C ILE M 469 20.55 37.86 54.34
N ASN M 470 20.80 36.67 54.89
CA ASN M 470 21.36 36.56 56.23
C ASN M 470 22.84 36.21 56.10
N PRO M 471 23.76 37.16 56.24
CA PRO M 471 25.18 36.85 56.02
C PRO M 471 25.77 35.86 57.00
N MET M 472 25.16 35.69 58.18
CA MET M 472 25.70 34.75 59.16
C MET M 472 25.61 33.32 58.65
N THR M 473 24.57 33.03 57.86
CA THR M 473 24.45 31.74 57.19
C THR M 473 24.47 31.84 55.67
N ASN M 474 24.55 33.05 55.10
CA ASN M 474 24.50 33.27 53.66
C ASN M 474 23.25 32.65 53.04
N ALA M 475 22.13 32.70 53.76
CA ALA M 475 20.88 32.13 53.28
C ALA M 475 19.72 32.78 54.02
N GLN M 476 18.54 32.66 53.43
CA GLN M 476 17.32 33.17 54.05
C GLN M 476 16.63 32.10 54.90
N SER M 477 17.35 31.56 55.87
CA SER M 477 16.82 30.50 56.73
C SER M 477 17.56 30.54 58.05
N CYS M 478 17.33 29.53 58.88
CA CYS M 478 17.98 29.40 60.18
C CYS M 478 18.83 28.14 60.23
N PRO M 479 19.95 28.17 60.96
CA PRO M 479 20.81 26.98 61.05
C PRO M 479 20.17 25.86 61.84
N ALA M 480 20.89 24.75 61.94
CA ALA M 480 20.36 23.59 62.65
C ALA M 480 20.23 23.90 64.14
N GLY M 481 19.20 23.33 64.75
CA GLY M 481 18.94 23.57 66.16
C GLY M 481 18.31 24.90 66.48
N TYR M 482 18.02 25.72 65.47
CA TYR M 482 17.51 27.07 65.66
C TYR M 482 15.99 27.10 65.50
N ILE M 483 15.39 28.11 66.12
CA ILE M 483 13.96 28.31 66.13
C ILE M 483 13.68 29.70 65.58
N PRO M 484 12.89 29.87 64.53
CA PRO M 484 12.62 31.20 64.00
C PRO M 484 11.44 31.92 64.65
N LEU M 485 11.76 33.00 65.34
CA LEU M 485 10.76 33.82 66.03
C LEU M 485 10.49 35.07 65.21
N ASN M 486 9.21 35.44 65.10
CA ASN M 486 8.80 36.56 64.28
C ASN M 486 8.94 37.86 65.09
N LEU M 487 9.61 38.84 64.49
CA LEU M 487 9.81 40.14 65.14
C LEU M 487 9.12 41.27 64.41
N PHE M 488 9.11 41.25 63.09
CA PHE M 488 8.35 42.18 62.28
C PHE M 488 7.31 41.40 61.48
N GLU M 489 6.66 42.09 60.54
CA GLU M 489 5.76 41.39 59.63
C GLU M 489 6.51 40.43 58.72
N SER M 490 7.81 40.64 58.52
CA SER M 490 8.60 39.79 57.64
C SER M 490 9.96 39.40 58.20
N LEU M 491 10.36 39.93 59.35
CA LEU M 491 11.69 39.69 59.90
C LEU M 491 11.65 38.55 60.90
N LYS M 492 12.54 37.58 60.69
CA LYS M 492 12.62 36.39 61.53
C LYS M 492 13.99 36.32 62.17
N VAL M 493 14.03 36.00 63.45
CA VAL M 493 15.26 35.88 64.22
C VAL M 493 15.44 34.43 64.62
N CYS M 494 16.63 33.89 64.35
CA CYS M 494 16.94 32.52 64.67
C CYS M 494 17.47 32.44 66.10
N VAL M 495 16.74 31.74 66.96
CA VAL M 495 17.09 31.59 68.37
C VAL M 495 17.12 30.11 68.70
N SER M 496 18.27 29.62 69.14
CA SER M 496 18.46 28.21 69.43
C SER M 496 18.61 27.99 70.92
N LEU M 497 17.99 26.92 71.43
CA LEU M 497 18.07 26.62 72.84
C LEU M 497 19.43 26.04 73.24
N ASP M 498 20.02 25.21 72.39
CA ASP M 498 21.27 24.57 72.73
C ASP M 498 22.40 25.59 72.80
N TYR M 499 23.19 25.53 73.87
CA TYR M 499 24.23 26.52 74.11
C TYR M 499 25.44 26.30 73.21
N GLU M 500 25.84 25.03 73.03
CA GLU M 500 26.96 24.74 72.13
C GLU M 500 26.64 25.14 70.70
N LEU M 501 25.43 24.83 70.24
CA LEU M 501 25.03 25.16 68.88
C LEU M 501 24.99 26.66 68.66
N GLY M 502 24.47 27.40 69.64
CA GLY M 502 24.48 28.86 69.53
C GLY M 502 25.89 29.41 69.52
N PHE M 503 26.75 28.91 70.42
CA PHE M 503 28.12 29.40 70.47
C PHE M 503 28.87 29.13 69.17
N LYS M 504 28.59 27.99 68.53
CA LYS M 504 29.25 27.63 67.29
C LYS M 504 28.56 28.20 66.05
N PHE M 505 27.37 28.78 66.19
CA PHE M 505 26.62 29.27 65.03
C PHE M 505 26.00 30.63 65.32
N SER M 506 26.76 31.54 65.92
CA SER M 506 26.24 32.89 66.18
C SER M 506 27.40 33.87 66.23
N VAL M 507 27.06 35.13 66.50
CA VAL M 507 28.02 36.23 66.59
C VAL M 507 27.67 37.01 67.85
N PRO M 508 28.65 37.57 68.57
CA PRO M 508 28.31 38.38 69.73
C PRO M 508 27.39 39.53 69.36
N PHE M 509 26.43 39.80 70.24
CA PHE M 509 25.41 40.82 70.01
C PHE M 509 25.50 41.90 71.08
N GLY M 510 25.24 43.13 70.67
CA GLY M 510 25.32 44.26 71.58
C GLY M 510 23.97 44.83 71.95
N GLY M 511 23.02 44.78 71.04
CA GLY M 511 21.69 45.30 71.30
C GLY M 511 21.10 45.93 70.04
N PHE M 512 19.77 46.04 70.04
CA PHE M 512 19.04 46.59 68.92
C PHE M 512 18.78 48.08 69.13
N PHE M 513 18.38 48.74 68.05
CA PHE M 513 18.01 50.14 68.11
C PHE M 513 17.13 50.48 66.91
N SER M 514 16.37 51.57 67.04
CA SER M 514 15.43 51.98 66.00
C SER M 514 15.64 53.42 65.61
N CYS M 515 14.83 53.93 64.67
CA CYS M 515 14.92 55.33 64.31
C CYS M 515 14.35 56.23 65.39
N ILE M 516 13.49 55.68 66.26
CA ILE M 516 12.86 56.45 67.32
C ILE M 516 13.48 56.19 68.67
N MET M 517 14.36 55.19 68.79
CA MET M 517 15.15 55.02 70.00
C MET M 517 16.43 54.28 69.62
N GLY M 518 17.57 54.81 70.09
CA GLY M 518 18.84 54.17 69.87
C GLY M 518 19.14 53.12 70.92
N ASN M 519 20.37 52.62 70.87
CA ASN M 519 20.81 51.65 71.85
C ASN M 519 21.18 52.37 73.14
N PRO M 520 20.55 52.05 74.28
CA PRO M 520 20.91 52.72 75.53
C PRO M 520 22.26 52.30 76.08
N LEU M 521 22.94 51.34 75.45
CA LEU M 521 24.21 50.81 75.92
C LEU M 521 25.41 51.57 75.36
N VAL M 522 25.19 52.75 74.78
CA VAL M 522 26.28 53.52 74.22
C VAL M 522 27.14 54.09 75.34
N ASN M 523 28.39 54.42 75.01
CA ASN M 523 29.31 55.02 75.96
C ASN M 523 29.72 56.42 75.51
N ALA M 532 20.36 57.21 81.59
CA ALA M 532 21.34 56.63 80.69
C ALA M 532 21.11 57.11 79.26
N PRO M 533 22.15 57.71 78.66
CA PRO M 533 22.02 58.15 77.27
C PRO M 533 21.75 56.99 76.33
N SER M 534 20.91 57.24 75.32
CA SER M 534 20.51 56.24 74.34
C SER M 534 20.77 56.82 72.96
N LEU M 535 21.93 56.53 72.40
CA LEU M 535 22.30 56.96 71.07
C LEU M 535 22.23 55.79 70.09
N LYS M 536 22.18 56.13 68.80
CA LYS M 536 22.10 55.14 67.73
C LYS M 536 23.52 54.81 67.27
N LYS M 537 24.22 54.06 68.11
CA LYS M 537 25.60 53.67 67.82
C LYS M 537 25.89 52.36 68.53
N CYS M 538 26.60 51.47 67.84
CA CYS M 538 26.92 50.19 68.45
C CYS M 538 28.08 50.34 69.44
N PRO M 539 27.91 49.89 70.68
CA PRO M 539 28.97 50.04 71.67
C PRO M 539 30.19 49.18 71.33
N GLY M 540 31.34 49.66 71.79
CA GLY M 540 32.58 48.93 71.54
C GLY M 540 32.93 48.91 70.07
N GLY M 541 33.51 47.79 69.64
CA GLY M 541 33.88 47.62 68.24
C GLY M 541 32.83 46.91 67.43
N PHE M 542 31.63 46.76 67.99
CA PHE M 542 30.53 46.14 67.27
C PHE M 542 30.16 46.97 66.05
N SER M 543 29.96 46.31 64.92
CA SER M 543 29.64 47.01 63.67
C SER M 543 28.13 47.12 63.50
N GLN M 544 27.72 48.14 62.76
CA GLN M 544 26.32 48.41 62.47
C GLN M 544 26.01 48.01 61.03
N HIS M 545 25.06 47.11 60.86
CA HIS M 545 24.61 46.68 59.55
C HIS M 545 23.09 46.70 59.50
N LEU M 546 22.55 47.16 58.37
CA LEU M 546 21.11 47.33 58.23
C LEU M 546 20.40 45.99 58.34
N ALA M 547 19.30 45.97 59.10
CA ALA M 547 18.51 44.76 59.30
C ALA M 547 17.16 44.81 58.57
N VAL M 548 16.42 45.91 58.71
CA VAL M 548 15.12 46.03 58.08
C VAL M 548 14.76 47.51 57.99
N ILE M 549 13.86 47.84 57.06
CA ILE M 549 13.33 49.18 56.88
C ILE M 549 11.81 49.07 56.99
N SER M 550 11.25 49.65 58.04
CA SER M 550 9.82 49.59 58.31
C SER M 550 9.26 51.01 58.25
N ASP M 551 8.59 51.33 57.14
CA ASP M 551 7.92 52.63 56.95
C ASP M 551 8.91 53.79 57.10
N GLY M 552 10.09 53.62 56.51
CA GLY M 552 11.12 54.62 56.61
C GLY M 552 11.88 54.61 57.92
N CYS M 553 11.57 53.69 58.83
CA CYS M 553 12.29 53.55 60.08
C CYS M 553 13.34 52.45 59.91
N GLN M 554 14.60 52.81 60.13
CA GLN M 554 15.72 51.89 59.92
C GLN M 554 16.01 51.14 61.22
N VAL M 555 15.84 49.82 61.20
CA VAL M 555 16.11 48.97 62.34
C VAL M 555 17.33 48.12 62.01
N SER M 556 18.29 48.08 62.94
CA SER M 556 19.57 47.43 62.69
C SER M 556 19.96 46.64 63.94
N TYR M 557 21.08 45.91 63.83
CA TYR M 557 21.61 45.09 64.90
C TYR M 557 23.09 45.44 65.09
N CYS M 558 23.61 45.12 66.27
CA CYS M 558 25.00 45.43 66.61
C CYS M 558 25.77 44.13 66.81
N VAL M 559 26.67 43.83 65.86
CA VAL M 559 27.49 42.63 65.91
C VAL M 559 28.94 43.03 65.71
N LYS M 560 29.85 42.19 66.18
CA LYS M 560 31.27 42.47 66.08
C LYS M 560 31.72 42.52 64.62
N ALA M 561 32.63 43.44 64.32
CA ALA M 561 33.18 43.57 62.98
C ALA M 561 34.26 42.55 62.67
N GLY M 562 34.76 41.84 63.69
CA GLY M 562 35.82 40.87 63.46
C GLY M 562 35.36 39.60 62.80
N ILE M 563 34.07 39.29 62.86
CA ILE M 563 33.52 38.09 62.26
C ILE M 563 32.93 38.36 60.88
N PHE M 564 32.29 39.52 60.71
CA PHE M 564 31.76 39.90 59.41
C PHE M 564 32.89 40.18 58.41
N THR M 565 32.65 39.82 57.15
CA THR M 565 33.63 40.01 56.09
C THR M 565 32.88 40.29 54.79
N GLY M 566 33.59 40.17 53.67
CA GLY M 566 32.98 40.45 52.38
C GLY M 566 31.84 39.52 52.05
N GLY M 567 32.03 38.22 52.24
CA GLY M 567 31.01 37.23 52.01
C GLY M 567 31.06 36.58 50.65
N SER M 568 31.73 37.19 49.66
CA SER M 568 31.89 36.54 48.38
C SER M 568 32.96 35.46 48.44
N LEU M 569 33.99 35.69 49.24
CA LEU M 569 34.97 34.68 49.60
C LEU M 569 34.81 34.40 51.09
N LEU M 570 34.35 33.21 51.42
CA LEU M 570 34.24 32.82 52.82
C LEU M 570 35.60 32.32 53.30
N PRO M 571 36.35 33.10 54.07
CA PRO M 571 37.65 32.60 54.54
C PRO M 571 37.46 31.54 55.59
N VAL M 572 38.37 30.58 55.70
CA VAL M 572 38.28 29.60 56.76
C VAL M 572 39.00 30.13 57.98
N ARG M 573 38.31 30.96 58.76
CA ARG M 573 38.87 31.56 59.97
C ARG M 573 38.65 30.61 61.14
N LEU M 574 39.44 29.55 61.14
CA LEU M 574 39.48 28.60 62.25
C LEU M 574 40.94 28.54 62.71
N PRO M 575 41.80 27.56 62.38
CA PRO M 575 43.22 27.76 62.69
C PRO M 575 43.94 28.37 61.50
N PRO M 576 45.08 29.04 61.72
CA PRO M 576 45.82 29.18 62.97
C PRO M 576 45.17 30.17 63.92
N TYR M 577 45.23 29.89 65.21
CA TYR M 577 44.69 30.76 66.24
C TYR M 577 45.71 31.78 66.71
N THR M 578 46.96 31.63 66.31
CA THR M 578 48.01 32.55 66.68
C THR M 578 49.02 32.58 65.55
N LYS M 579 49.52 33.78 65.24
CA LYS M 579 50.50 33.92 64.16
C LYS M 579 51.75 33.08 64.47
N PRO M 580 52.39 32.54 63.45
CA PRO M 580 53.46 31.55 63.66
C PRO M 580 54.53 32.07 64.60
N PRO M 581 54.63 31.53 65.81
CA PRO M 581 55.63 32.01 66.75
C PRO M 581 57.03 31.68 66.26
N LEU M 582 57.96 32.58 66.53
CA LEU M 582 59.32 32.43 66.04
C LEU M 582 60.06 31.36 66.83
N MET M 583 61.25 31.01 66.35
CA MET M 583 62.09 30.00 66.98
C MET M 583 62.37 30.33 68.43
N THR N 13 53.02 21.15 32.17
CA THR N 13 51.81 21.17 32.98
C THR N 13 50.57 21.18 32.10
N GLY N 14 50.62 20.43 31.00
CA GLY N 14 49.54 20.36 30.04
C GLY N 14 48.74 19.09 30.24
N PHE N 15 47.42 19.23 30.15
CA PHE N 15 46.52 18.11 30.30
C PHE N 15 46.19 17.44 28.98
N GLN N 16 46.81 17.88 27.89
CA GLN N 16 46.46 17.33 26.59
C GLN N 16 46.83 15.86 26.48
N ILE N 17 47.88 15.43 27.18
CA ILE N 17 48.25 14.02 27.16
C ILE N 17 47.14 13.18 27.74
N CYS N 18 46.62 13.59 28.90
CA CYS N 18 45.53 12.84 29.52
C CYS N 18 44.28 12.87 28.66
N LYS N 19 43.97 14.02 28.05
CA LYS N 19 42.82 14.06 27.15
C LYS N 19 42.99 13.09 26.00
N ASN N 20 44.19 13.02 25.44
CA ASN N 20 44.42 12.04 24.39
C ASN N 20 44.23 10.63 24.90
N ALA N 21 44.67 10.35 26.12
CA ALA N 21 44.54 9.01 26.66
C ALA N 21 43.09 8.69 27.02
N LEU N 22 42.40 9.61 27.69
CA LEU N 22 41.11 9.30 28.29
C LEU N 22 39.93 9.84 27.53
N LYS N 23 40.11 10.87 26.72
CA LYS N 23 39.01 11.48 25.96
C LYS N 23 37.91 11.99 26.89
N LEU N 24 38.33 12.79 27.86
CA LEU N 24 37.41 13.38 28.83
C LEU N 24 37.65 14.88 28.93
N PRO N 25 36.64 15.65 29.31
CA PRO N 25 36.87 17.06 29.59
C PRO N 25 37.60 17.23 30.90
N VAL N 26 38.24 18.38 31.06
CA VAL N 26 38.88 18.71 32.32
C VAL N 26 37.91 19.57 33.14
N LEU N 27 37.88 19.32 34.44
CA LEU N 27 37.03 20.13 35.31
C LEU N 27 37.51 21.57 35.25
N GLU N 28 36.67 22.45 34.71
CA GLU N 28 37.11 23.80 34.42
C GLU N 28 37.15 24.70 35.64
N VAL N 29 36.62 24.25 36.77
CA VAL N 29 36.59 25.05 37.98
C VAL N 29 37.57 24.41 38.95
N LEU N 30 38.64 25.14 39.28
CA LEU N 30 39.73 24.58 40.05
C LEU N 30 40.18 25.57 41.12
N PRO N 31 40.60 25.08 42.26
CA PRO N 31 41.08 25.94 43.33
C PRO N 31 42.54 26.28 43.09
N GLY N 32 43.15 26.90 44.09
CA GLY N 32 44.55 27.24 44.01
C GLY N 32 44.84 28.52 43.27
N GLY N 33 43.83 29.22 42.80
CA GLY N 33 44.03 30.48 42.13
C GLY N 33 44.03 31.64 43.11
N GLY N 34 44.62 32.73 42.66
CA GLY N 34 44.55 33.96 43.41
C GLY N 34 43.16 34.54 43.39
N TRP N 35 42.89 35.40 44.36
CA TRP N 35 41.55 35.97 44.49
C TRP N 35 41.70 37.37 45.07
N ASP N 36 41.17 38.35 44.37
CA ASP N 36 41.19 39.73 44.83
C ASP N 36 39.95 39.97 45.66
N ASN N 37 40.11 40.02 46.98
CA ASN N 37 38.97 40.18 47.86
C ASN N 37 38.26 41.51 47.67
N LEU N 38 38.98 42.55 47.27
CA LEU N 38 38.35 43.85 47.08
C LEU N 38 37.45 43.85 45.86
N ARG N 39 37.94 43.34 44.74
CA ARG N 39 37.19 43.39 43.49
C ARG N 39 36.46 42.09 43.17
N ASN N 40 36.65 41.05 43.99
CA ASN N 40 35.93 39.78 43.83
C ASN N 40 36.15 39.20 42.43
N VAL N 41 37.40 38.89 42.13
CA VAL N 41 37.75 38.35 40.82
C VAL N 41 38.96 37.46 40.96
N ASP N 42 38.94 36.34 40.26
CA ASP N 42 40.10 35.46 40.23
C ASP N 42 41.27 36.18 39.60
N MET N 43 42.47 35.92 40.10
CA MET N 43 43.62 36.72 39.67
C MET N 43 44.70 35.92 38.98
N GLY N 44 45.23 34.89 39.61
CA GLY N 44 46.34 34.18 38.99
C GLY N 44 46.61 32.87 39.69
N ARG N 45 47.35 32.02 39.01
CA ARG N 45 47.62 30.68 39.52
C ARG N 45 48.71 30.75 40.59
N VAL N 46 48.36 30.38 41.82
CA VAL N 46 49.30 30.39 42.93
C VAL N 46 49.86 29.00 43.18
N MET N 47 48.99 28.03 43.46
CA MET N 47 49.45 26.67 43.70
C MET N 47 49.68 25.97 42.36
N ASP N 48 50.71 25.15 42.32
CA ASP N 48 51.11 24.49 41.08
C ASP N 48 50.09 23.41 40.73
N LEU N 49 49.59 23.45 39.51
CA LEU N 49 48.67 22.42 39.01
C LEU N 49 49.35 21.65 37.89
N THR N 50 49.45 20.34 38.04
CA THR N 50 50.06 19.46 37.07
C THR N 50 49.13 18.31 36.77
N TYR N 51 49.31 17.71 35.60
CA TYR N 51 48.50 16.58 35.18
C TYR N 51 49.40 15.39 34.86
N THR N 52 50.41 15.18 35.69
CA THR N 52 51.34 14.09 35.44
C THR N 52 50.65 12.74 35.56
N ASN N 53 49.79 12.59 36.55
CA ASN N 53 49.21 11.29 36.87
C ASN N 53 47.92 11.01 36.13
N CYS N 54 47.40 11.96 35.36
CA CYS N 54 46.13 11.81 34.67
C CYS N 54 45.03 11.42 35.65
N LYS N 55 45.01 12.12 36.77
CA LYS N 55 44.04 11.85 37.81
C LYS N 55 42.64 12.18 37.31
N THR N 56 41.66 11.39 37.76
CA THR N 56 40.29 11.51 37.31
C THR N 56 39.37 11.52 38.52
N THR N 57 38.23 12.20 38.40
CA THR N 57 37.21 12.03 39.42
C THR N 57 36.67 10.61 39.36
N GLU N 58 36.27 10.09 40.52
CA GLU N 58 35.95 8.68 40.61
C GLU N 58 34.85 8.29 39.64
N ASP N 59 33.86 9.14 39.44
CA ASP N 59 32.81 8.82 38.49
C ASP N 59 33.30 8.84 37.06
N GLY N 60 34.56 9.19 36.82
CA GLY N 60 35.13 9.13 35.50
C GLY N 60 34.51 10.11 34.54
N GLN N 61 34.21 11.30 35.02
CA GLN N 61 33.62 12.34 34.19
C GLN N 61 34.54 13.51 33.92
N TYR N 62 35.59 13.70 34.71
CA TYR N 62 36.46 14.85 34.55
C TYR N 62 37.89 14.47 34.88
N ILE N 63 38.81 15.17 34.25
CA ILE N 63 40.23 15.07 34.53
C ILE N 63 40.59 16.19 35.48
N ILE N 64 41.29 15.88 36.56
CA ILE N 64 41.63 16.90 37.54
C ILE N 64 43.13 16.91 37.77
N PRO N 65 43.71 18.03 38.17
CA PRO N 65 45.14 18.06 38.47
C PRO N 65 45.47 17.19 39.67
N ASP N 66 46.73 16.82 39.75
CA ASP N 66 47.17 15.92 40.81
C ASP N 66 47.08 16.55 42.20
N GLU N 67 46.89 17.85 42.29
CA GLU N 67 46.94 18.55 43.57
C GLU N 67 45.57 18.80 44.16
N VAL N 68 44.50 18.26 43.56
CA VAL N 68 43.15 18.52 44.04
C VAL N 68 42.43 17.20 44.22
N TYR N 69 41.42 17.22 45.09
CA TYR N 69 40.53 16.10 45.25
C TYR N 69 39.10 16.61 45.30
N THR N 70 38.18 15.79 44.83
CA THR N 70 36.78 16.18 44.67
C THR N 70 35.93 15.40 45.64
N ILE N 71 35.08 16.10 46.39
CA ILE N 71 34.02 15.48 47.17
C ILE N 71 32.75 15.49 46.33
N PRO N 72 32.18 14.34 46.02
CA PRO N 72 30.98 14.30 45.18
C PRO N 72 29.75 14.65 46.01
N GLN N 73 29.14 15.79 45.71
CA GLN N 73 27.95 16.26 46.39
C GLN N 73 26.95 16.63 45.32
N LYS N 74 26.27 15.66 44.74
CA LYS N 74 25.49 15.92 43.54
C LYS N 74 24.09 16.34 43.96
N GLU N 75 24.00 17.57 44.45
CA GLU N 75 22.78 18.13 45.01
C GLU N 75 22.10 19.06 44.02
N SER N 76 20.78 19.08 44.05
CA SER N 76 19.98 20.00 43.24
C SER N 76 18.91 20.61 44.12
N ASN N 77 18.66 21.89 43.96
CA ASN N 77 17.55 22.56 44.63
C ASN N 77 16.70 23.26 43.60
N LEU N 78 15.40 23.04 43.67
CA LEU N 78 14.43 23.65 42.76
C LEU N 78 13.42 24.40 43.60
N GLU N 79 13.09 25.62 43.19
CA GLU N 79 11.98 26.36 43.79
C GLU N 79 11.17 27.01 42.70
N MET N 80 9.89 26.67 42.61
CA MET N 80 8.99 27.31 41.67
C MET N 80 7.87 27.96 42.47
N ASN N 81 7.67 29.25 42.25
CA ASN N 81 6.61 30.00 42.92
C ASN N 81 5.78 30.68 41.84
N SER N 82 4.52 30.33 41.76
CA SER N 82 3.59 30.98 40.85
C SER N 82 2.53 31.69 41.66
N GLU N 83 1.98 32.77 41.11
CA GLU N 83 0.94 33.51 41.80
C GLU N 83 0.09 34.24 40.78
N VAL N 84 -1.19 33.90 40.72
CA VAL N 84 -2.12 34.52 39.79
C VAL N 84 -3.16 35.27 40.60
N LEU N 85 -3.35 36.54 40.31
CA LEU N 85 -4.39 37.33 40.93
C LEU N 85 -5.27 37.90 39.84
N GLU N 86 -6.56 37.68 39.94
CA GLU N 86 -7.50 38.31 39.03
C GLU N 86 -8.56 39.04 39.82
N SER N 87 -8.96 40.20 39.32
CA SER N 87 -10.04 40.96 39.91
C SER N 87 -10.95 41.42 38.79
N TRP N 88 -12.24 41.22 38.99
CA TRP N 88 -13.24 41.62 38.01
C TRP N 88 -14.31 42.41 38.73
N MET N 89 -14.61 43.60 38.21
CA MET N 89 -15.66 44.44 38.78
C MET N 89 -16.55 44.89 37.64
N ASN N 90 -17.76 44.37 37.59
CA ASN N 90 -18.74 44.70 36.57
C ASN N 90 -19.87 45.46 37.23
N TYR N 91 -20.29 46.56 36.61
CA TYR N 91 -21.34 47.41 37.15
C TYR N 91 -22.22 47.92 36.03
N GLN N 92 -23.52 47.99 36.30
CA GLN N 92 -24.46 48.54 35.33
C GLN N 92 -25.46 49.42 36.06
N SER N 93 -26.21 50.20 35.29
CA SER N 93 -27.22 51.08 35.86
C SER N 93 -28.17 51.52 34.76
N THR N 94 -29.45 51.23 34.92
CA THR N 94 -30.47 51.67 33.99
C THR N 94 -31.52 52.46 34.77
N THR N 95 -31.77 53.69 34.34
CA THR N 95 -32.79 54.52 34.97
C THR N 95 -33.67 55.10 33.89
N SER N 96 -34.94 54.73 33.88
CA SER N 96 -35.92 55.22 32.91
C SER N 96 -37.00 55.99 33.64
N LEU N 97 -37.33 57.18 33.13
CA LEU N 97 -38.38 58.00 33.69
C LEU N 97 -39.32 58.40 32.56
N SER N 98 -40.61 58.14 32.74
CA SER N 98 -41.61 58.46 31.74
C SER N 98 -42.66 59.38 32.37
N ILE N 99 -43.09 60.38 31.62
CA ILE N 99 -44.14 61.29 32.06
C ILE N 99 -45.12 61.46 30.92
N ASN N 100 -46.39 61.22 31.18
CA ASN N 100 -47.44 61.50 30.22
C ASN N 100 -48.46 62.45 30.81
N THR N 101 -48.84 63.45 30.03
CA THR N 101 -49.86 64.39 30.45
C THR N 101 -50.86 64.51 29.31
N GLU N 102 -52.15 64.44 29.63
CA GLU N 102 -53.19 64.60 28.63
C GLU N 102 -54.26 65.51 29.21
N LEU N 103 -54.74 66.45 28.40
CA LEU N 103 -55.78 67.37 28.83
C LEU N 103 -56.81 67.51 27.73
N ALA N 104 -58.09 67.38 28.08
CA ALA N 104 -59.18 67.53 27.12
C ALA N 104 -60.19 68.51 27.69
N LEU N 105 -60.50 69.55 26.92
CA LEU N 105 -61.44 70.58 27.33
C LEU N 105 -62.60 70.61 26.35
N PHE N 106 -63.82 70.57 26.88
CA PHE N 106 -65.05 70.75 26.12
C PHE N 106 -65.21 69.70 25.02
N SER N 107 -64.47 68.59 25.11
CA SER N 107 -64.41 67.58 24.07
C SER N 107 -63.93 68.14 22.74
N ARG N 108 -63.27 69.29 22.76
CA ARG N 108 -62.72 69.91 21.56
C ARG N 108 -61.22 70.17 21.65
N VAL N 109 -60.76 70.85 22.68
CA VAL N 109 -59.35 71.24 22.79
C VAL N 109 -58.60 70.08 23.43
N ASN N 110 -57.56 69.59 22.77
CA ASN N 110 -56.75 68.51 23.29
C ASN N 110 -55.30 68.98 23.39
N GLY N 111 -54.65 68.64 24.49
CA GLY N 111 -53.22 68.85 24.63
C GLY N 111 -52.53 67.67 25.25
N LYS N 112 -51.63 67.04 24.52
CA LYS N 112 -50.85 65.91 25.01
C LYS N 112 -49.40 66.31 25.12
N PHE N 113 -48.70 65.71 26.09
CA PHE N 113 -47.31 66.04 26.35
C PHE N 113 -46.64 64.84 26.99
N SER N 114 -45.74 64.19 26.25
CA SER N 114 -45.03 63.03 26.75
C SER N 114 -43.55 63.33 26.77
N THR N 115 -42.89 62.94 27.85
CA THR N 115 -41.44 63.04 27.96
C THR N 115 -40.90 61.72 28.46
N GLU N 116 -39.68 61.42 28.07
CA GLU N 116 -39.08 60.13 28.40
C GLU N 116 -37.58 60.35 28.48
N PHE N 117 -36.99 59.96 29.61
CA PHE N 117 -35.57 60.17 29.85
C PHE N 117 -34.96 58.87 30.34
N GLN N 118 -34.09 58.29 29.53
CA GLN N 118 -33.49 57.00 29.82
C GLN N 118 -31.98 57.17 29.88
N ARG N 119 -31.37 56.71 30.96
CA ARG N 119 -29.93 56.79 31.12
C ARG N 119 -29.40 55.41 31.47
N MET N 120 -28.45 54.92 30.68
CA MET N 120 -27.78 53.67 30.93
C MET N 120 -26.31 53.94 31.14
N LYS N 121 -25.71 53.24 32.09
CA LYS N 121 -24.28 53.38 32.37
C LYS N 121 -23.73 51.99 32.63
N THR N 122 -22.49 51.76 32.21
CA THR N 122 -21.85 50.47 32.34
C THR N 122 -20.37 50.68 32.61
N LEU N 123 -19.82 49.91 33.52
CA LEU N 123 -18.40 49.94 33.81
C LEU N 123 -17.89 48.54 33.98
N GLN N 124 -16.69 48.28 33.48
CA GLN N 124 -16.03 47.02 33.71
C GLN N 124 -14.58 47.29 34.02
N VAL N 125 -14.04 46.62 35.02
CA VAL N 125 -12.62 46.69 35.33
C VAL N 125 -12.12 45.27 35.49
N LYS N 126 -11.01 44.96 34.85
CA LYS N 126 -10.43 43.63 34.90
C LYS N 126 -8.94 43.75 35.12
N ASP N 127 -8.44 43.14 36.17
CA ASP N 127 -7.01 43.17 36.47
C ASP N 127 -6.48 41.75 36.58
N GLN N 128 -5.32 41.51 35.98
CA GLN N 128 -4.62 40.26 36.15
C GLN N 128 -3.19 40.58 36.52
N ALA N 129 -2.64 39.80 37.43
CA ALA N 129 -1.25 39.90 37.82
C ALA N 129 -0.72 38.50 37.98
N VAL N 130 0.14 38.09 37.07
CA VAL N 130 0.77 36.78 37.10
C VAL N 130 2.23 36.98 37.47
N THR N 131 2.73 36.18 38.40
CA THR N 131 4.11 36.28 38.83
C THR N 131 4.68 34.89 38.95
N THR N 132 5.73 34.61 38.22
CA THR N 132 6.37 33.31 38.22
C THR N 132 7.83 33.49 38.58
N ARG N 133 8.37 32.59 39.40
CA ARG N 133 9.78 32.61 39.73
C ARG N 133 10.29 31.19 39.81
N VAL N 134 11.32 30.89 39.05
CA VAL N 134 11.95 29.58 39.04
C VAL N 134 13.39 29.76 39.49
N GLN N 135 13.85 28.89 40.36
CA GLN N 135 15.20 28.99 40.88
C GLN N 135 15.80 27.59 40.97
N VAL N 136 16.78 27.32 40.12
CA VAL N 136 17.47 26.05 40.09
C VAL N 136 18.88 26.28 40.59
N ARG N 137 19.39 25.37 41.40
CA ARG N 137 20.76 25.47 41.87
C ARG N 137 21.34 24.08 42.00
N ASN N 138 22.27 23.74 41.12
CA ASN N 138 22.98 22.48 41.18
C ASN N 138 24.36 22.72 41.78
N ARG N 139 24.70 21.92 42.77
CA ARG N 139 26.08 21.84 43.23
C ARG N 139 26.50 20.42 42.98
N ILE N 140 27.60 20.20 42.27
CA ILE N 140 27.98 18.85 41.87
C ILE N 140 29.19 18.36 42.62
N TYR N 141 30.32 19.04 42.48
CA TYR N 141 31.54 18.63 43.16
C TYR N 141 31.96 19.71 44.14
N THR N 142 32.83 19.33 45.05
CA THR N 142 33.57 20.29 45.86
C THR N 142 35.04 19.99 45.64
N VAL N 143 35.76 20.90 45.02
CA VAL N 143 37.15 20.68 44.67
C VAL N 143 38.03 21.37 45.69
N LYS N 144 38.97 20.63 46.27
CA LYS N 144 39.87 21.20 47.26
C LYS N 144 41.30 20.91 46.88
N THR N 145 42.21 21.79 47.31
CA THR N 145 43.63 21.57 47.08
C THR N 145 44.17 20.55 48.06
N THR N 146 45.00 19.65 47.56
CA THR N 146 45.68 18.70 48.42
C THR N 146 46.58 19.47 49.37
N PRO N 147 46.60 19.12 50.66
CA PRO N 147 47.42 19.89 51.60
C PRO N 147 48.90 19.87 51.29
N THR N 148 49.36 18.88 50.52
CA THR N 148 50.77 18.77 50.17
C THR N 148 51.10 19.49 48.87
N SER N 149 50.25 20.41 48.42
CA SER N 149 50.48 21.04 47.14
C SER N 149 51.58 22.09 47.24
N GLU N 150 52.16 22.41 46.09
CA GLU N 150 53.30 23.30 46.02
C GLU N 150 52.97 24.53 45.18
N LEU N 151 53.67 25.62 45.46
CA LEU N 151 53.43 26.87 44.76
C LEU N 151 53.83 26.75 43.30
N SER N 152 53.15 27.54 42.47
CA SER N 152 53.44 27.54 41.05
C SER N 152 54.81 28.15 40.79
N LEU N 153 55.30 27.94 39.58
CA LEU N 153 56.61 28.48 39.21
C LEU N 153 56.61 29.99 39.26
N GLY N 154 55.58 30.63 38.69
CA GLY N 154 55.58 32.07 38.61
C GLY N 154 55.47 32.75 39.96
N PHE N 155 54.60 32.23 40.83
CA PHE N 155 54.48 32.82 42.16
C PHE N 155 55.78 32.71 42.93
N THR N 156 56.43 31.54 42.85
CA THR N 156 57.71 31.38 43.48
C THR N 156 58.73 32.36 42.92
N LYS N 157 58.74 32.54 41.60
CA LYS N 157 59.72 33.45 41.00
C LYS N 157 59.51 34.87 41.49
N ALA N 158 58.26 35.32 41.57
CA ALA N 158 58.00 36.66 42.08
C ALA N 158 58.44 36.78 43.53
N LEU N 159 58.19 35.75 44.33
CA LEU N 159 58.62 35.79 45.73
C LEU N 159 60.13 35.86 45.85
N MET N 160 60.85 35.07 45.04
CA MET N 160 62.31 35.14 45.07
C MET N 160 62.81 36.50 44.64
N ASP N 161 62.16 37.13 43.66
CA ASP N 161 62.57 38.46 43.26
C ASP N 161 62.41 39.45 44.39
N ILE N 162 61.28 39.38 45.11
CA ILE N 162 61.10 40.27 46.25
C ILE N 162 62.15 40.01 47.32
N CYS N 163 62.43 38.74 47.59
CA CYS N 163 63.43 38.39 48.58
C CYS N 163 64.80 38.92 48.19
N ASP N 164 65.16 38.82 46.91
CA ASP N 164 66.46 39.30 46.47
C ASP N 164 66.56 40.81 46.58
N GLN N 165 65.52 41.54 46.20
CA GLN N 165 65.60 42.98 46.37
C GLN N 165 65.62 43.38 47.84
N LEU N 166 64.96 42.62 48.71
CA LEU N 166 65.13 42.89 50.14
C LEU N 166 66.56 42.62 50.58
N GLU N 167 67.16 41.55 50.06
CA GLU N 167 68.55 41.23 50.37
C GLU N 167 69.47 42.36 49.91
N LYS N 168 69.15 43.02 48.80
CA LYS N 168 69.90 44.17 48.36
C LYS N 168 69.65 45.41 49.20
N ASN N 169 68.93 45.28 50.32
CA ASN N 169 68.66 46.38 51.23
C ASN N 169 68.01 47.56 50.51
N GLN N 170 67.13 47.23 49.58
CA GLN N 170 66.45 48.23 48.76
C GLN N 170 64.94 48.08 49.01
N THR N 171 64.46 48.71 50.07
CA THR N 171 63.05 48.66 50.42
C THR N 171 62.19 49.46 49.46
N LYS N 172 62.80 50.22 48.56
CA LYS N 172 62.05 51.06 47.66
C LYS N 172 61.34 50.23 46.60
N MET N 173 62.11 49.52 45.76
CA MET N 173 61.48 48.65 44.78
C MET N 173 60.98 47.35 45.39
N ALA N 174 61.35 47.04 46.63
CA ALA N 174 60.76 45.87 47.27
C ALA N 174 59.26 46.05 47.46
N THR N 175 58.84 47.21 47.96
CA THR N 175 57.42 47.47 48.13
C THR N 175 56.71 47.51 46.79
N TYR N 176 57.35 48.11 45.78
CA TYR N 176 56.77 48.12 44.45
C TYR N 176 56.56 46.71 43.92
N LEU N 177 57.56 45.86 44.07
CA LEU N 177 57.44 44.50 43.58
C LEU N 177 56.37 43.73 44.35
N ALA N 178 56.26 43.99 45.65
CA ALA N 178 55.19 43.36 46.43
C ALA N 178 53.82 43.80 45.95
N GLU N 179 53.67 45.09 45.64
CA GLU N 179 52.38 45.56 45.16
C GLU N 179 52.05 44.96 43.81
N LEU N 180 53.05 44.78 42.95
CA LEU N 180 52.81 44.07 41.70
C LEU N 180 52.39 42.63 41.97
N LEU N 181 53.00 41.99 42.97
CA LEU N 181 52.59 40.65 43.33
C LEU N 181 51.13 40.62 43.73
N ILE N 182 50.71 41.57 44.54
CA ILE N 182 49.32 41.64 44.96
C ILE N 182 48.42 41.84 43.75
N LEU N 183 48.82 42.73 42.85
CA LEU N 183 48.02 42.98 41.66
C LEU N 183 47.87 41.74 40.81
N ASN N 184 48.93 40.97 40.65
CA ASN N 184 48.86 39.81 39.77
C ASN N 184 48.13 38.64 40.42
N TYR N 185 48.28 38.46 41.73
CA TYR N 185 47.77 37.27 42.38
C TYR N 185 46.70 37.58 43.41
N GLY N 186 46.23 38.81 43.48
CA GLY N 186 45.14 39.07 44.39
C GLY N 186 45.58 39.04 45.84
N THR N 187 44.59 38.94 46.72
CA THR N 187 44.81 38.99 48.16
C THR N 187 44.78 37.63 48.82
N HIS N 188 43.84 36.77 48.46
CA HIS N 188 43.73 35.45 49.04
C HIS N 188 44.05 34.39 47.99
N VAL N 189 44.11 33.16 48.46
CA VAL N 189 44.29 31.98 47.62
C VAL N 189 43.11 31.07 47.86
N ILE N 190 42.47 30.62 46.80
CA ILE N 190 41.28 29.79 46.93
C ILE N 190 41.69 28.36 47.15
N THR N 191 41.24 27.78 48.27
CA THR N 191 41.55 26.39 48.57
C THR N 191 40.37 25.46 48.32
N SER N 192 39.18 25.98 48.07
CA SER N 192 38.05 25.13 47.77
C SER N 192 37.02 25.91 46.98
N VAL N 193 36.42 25.25 45.99
CA VAL N 193 35.35 25.80 45.19
C VAL N 193 34.27 24.75 45.07
N ASP N 194 33.07 25.19 44.73
CA ASP N 194 31.95 24.30 44.49
C ASP N 194 31.59 24.38 43.02
N ALA N 195 31.96 23.36 42.26
CA ALA N 195 31.51 23.26 40.89
C ALA N 195 30.00 23.14 40.87
N GLY N 196 29.35 23.88 39.99
CA GLY N 196 27.92 23.80 39.91
C GLY N 196 27.35 24.75 38.90
N ALA N 197 26.06 24.99 39.01
CA ALA N 197 25.33 25.82 38.07
C ALA N 197 24.12 26.38 38.78
N ALA N 198 23.56 27.44 38.23
CA ALA N 198 22.42 28.09 38.84
C ALA N 198 21.61 28.80 37.78
N LEU N 199 20.35 29.05 38.09
CA LEU N 199 19.43 29.62 37.13
C LEU N 199 18.29 30.30 37.87
N VAL N 200 17.95 31.52 37.45
CA VAL N 200 16.85 32.25 38.04
C VAL N 200 16.00 32.81 36.91
N GLN N 201 14.69 32.58 36.97
CA GLN N 201 13.76 33.16 36.02
C GLN N 201 12.68 33.88 36.80
N GLU N 202 12.30 35.05 36.33
CA GLU N 202 11.18 35.80 36.92
C GLU N 202 10.33 36.37 35.81
N ASP N 203 9.05 36.05 35.83
CA ASP N 203 8.06 36.62 34.93
C ASP N 203 7.06 37.44 35.72
N HIS N 204 6.74 38.62 35.22
CA HIS N 204 5.63 39.41 35.74
C HIS N 204 4.74 39.78 34.57
N VAL N 205 3.44 39.65 34.75
CA VAL N 205 2.46 40.06 33.76
C VAL N 205 1.40 40.87 34.46
N ARG N 206 1.12 42.07 33.94
CA ARG N 206 0.09 42.93 34.46
C ARG N 206 -0.85 43.28 33.32
N SER N 207 -2.11 42.85 33.43
CA SER N 207 -3.13 43.24 32.47
C SER N 207 -4.16 44.09 33.18
N SER N 208 -4.53 45.20 32.57
CA SER N 208 -5.53 46.09 33.14
C SER N 208 -6.45 46.53 32.01
N PHE N 209 -7.73 46.19 32.15
CA PHE N 209 -8.73 46.49 31.14
C PHE N 209 -9.81 47.32 31.80
N LEU N 210 -10.18 48.42 31.17
CA LEU N 210 -11.22 49.29 31.67
C LEU N 210 -12.19 49.58 30.54
N LEU N 211 -13.47 49.40 30.79
CA LEU N 211 -14.49 49.71 29.82
C LEU N 211 -15.50 50.62 30.48
N ASP N 212 -15.89 51.68 29.76
CA ASP N 212 -16.88 52.61 30.24
C ASP N 212 -17.90 52.82 29.13
N ASN N 213 -19.16 52.98 29.51
CA ASN N 213 -20.21 53.09 28.51
C ASN N 213 -21.35 53.90 29.07
N GLN N 214 -21.88 54.82 28.26
CA GLN N 214 -22.98 55.67 28.66
C GLN N 214 -23.94 55.84 27.50
N ASN N 215 -25.21 55.55 27.72
CA ASN N 215 -26.25 55.85 26.76
C ASN N 215 -27.24 56.82 27.38
N SER N 216 -27.69 57.78 26.59
CA SER N 216 -28.67 58.76 27.06
C SER N 216 -29.69 58.97 25.96
N GLN N 217 -30.96 58.74 26.28
CA GLN N 217 -32.05 58.85 25.32
C GLN N 217 -33.11 59.78 25.88
N ASN N 218 -33.57 60.71 25.06
CA ASN N 218 -34.64 61.63 25.45
C ASN N 218 -35.68 61.66 24.35
N THR N 219 -36.94 61.64 24.74
CA THR N 219 -38.06 61.73 23.81
C THR N 219 -39.02 62.77 24.34
N VAL N 220 -39.49 63.65 23.46
CA VAL N 220 -40.45 64.69 23.83
C VAL N 220 -41.47 64.81 22.72
N THR N 221 -42.74 64.57 23.02
CA THR N 221 -43.82 64.73 22.07
C THR N 221 -44.82 65.72 22.64
N ALA N 222 -45.29 66.63 21.81
CA ALA N 222 -46.26 67.64 22.24
C ALA N 222 -47.30 67.81 21.15
N SER N 223 -48.55 67.51 21.48
CA SER N 223 -49.65 67.56 20.52
C SER N 223 -50.69 68.55 21.02
N ALA N 224 -51.32 69.27 20.09
CA ALA N 224 -52.37 70.22 20.42
C ALA N 224 -53.38 70.24 19.28
N GLY N 225 -54.64 69.94 19.60
CA GLY N 225 -55.68 69.91 18.60
C GLY N 225 -56.91 70.70 18.99
N ILE N 226 -57.26 71.71 18.19
CA ILE N 226 -58.43 72.55 18.43
C ILE N 226 -59.42 72.22 17.33
N ALA N 227 -60.54 71.61 17.71
CA ALA N 227 -61.53 71.13 16.74
C ALA N 227 -62.91 71.64 17.12
N PHE N 228 -63.40 72.63 16.38
CA PHE N 228 -64.75 73.15 16.56
C PHE N 228 -65.75 72.20 15.91
N LEU N 229 -66.99 72.66 15.75
CA LEU N 229 -68.06 71.84 15.19
C LEU N 229 -68.12 72.02 13.68
N ASN N 230 -67.21 71.35 12.99
CA ASN N 230 -67.17 71.30 11.52
C ASN N 230 -67.08 72.70 10.92
N ILE N 231 -66.30 73.58 11.53
CA ILE N 231 -65.99 74.89 10.97
C ILE N 231 -64.48 75.11 10.87
N VAL N 232 -63.76 74.87 11.97
CA VAL N 232 -62.31 74.99 12.00
C VAL N 232 -61.76 73.76 12.72
N ASN N 233 -60.76 73.13 12.14
CA ASN N 233 -60.04 72.03 12.78
C ASN N 233 -58.55 72.24 12.56
N PHE N 234 -57.78 72.14 13.63
CA PHE N 234 -56.36 72.51 13.60
C PHE N 234 -55.58 71.61 14.54
N LYS N 235 -54.71 70.77 13.98
CA LYS N 235 -53.94 69.81 14.77
C LYS N 235 -52.45 70.04 14.55
N VAL N 236 -51.69 70.00 15.63
CA VAL N 236 -50.24 70.15 15.59
C VAL N 236 -49.64 69.05 16.44
N GLU N 237 -48.51 68.51 16.00
CA GLU N 237 -47.76 67.57 16.83
C GLU N 237 -46.28 67.71 16.55
N THR N 238 -45.50 68.05 17.57
CA THR N 238 -44.07 68.20 17.45
C THR N 238 -43.40 67.06 18.20
N ASP N 239 -42.55 66.33 17.51
CA ASP N 239 -41.86 65.18 18.07
C ASP N 239 -40.37 65.45 18.09
N TYR N 240 -39.68 64.89 19.08
CA TYR N 240 -38.25 65.12 19.22
C TYR N 240 -37.62 63.91 19.87
N ILE N 241 -36.51 63.44 19.31
CA ILE N 241 -35.74 62.33 19.86
C ILE N 241 -34.28 62.76 19.90
N SER N 242 -33.57 62.35 20.95
CA SER N 242 -32.15 62.63 21.09
C SER N 242 -31.47 61.44 21.73
N GLN N 243 -30.64 60.75 20.96
CA GLN N 243 -29.97 59.53 21.40
C GLN N 243 -28.47 59.80 21.33
N THR N 244 -27.75 59.48 22.40
CA THR N 244 -26.29 59.65 22.43
C THR N 244 -25.66 58.47 23.14
N SER N 245 -24.75 57.78 22.46
CA SER N 245 -23.95 56.73 23.06
C SER N 245 -22.50 57.20 23.18
N LEU N 246 -21.77 56.60 24.10
CA LEU N 246 -20.36 56.92 24.27
C LEU N 246 -19.68 55.81 25.03
N THR N 247 -18.82 55.05 24.36
CA THR N 247 -18.06 54.00 24.99
C THR N 247 -16.58 54.35 24.91
N LYS N 248 -15.85 54.02 25.96
CA LYS N 248 -14.43 54.32 26.05
C LYS N 248 -13.72 53.13 26.67
N ASP N 249 -12.80 52.52 25.96
CA ASP N 249 -12.04 51.40 26.48
C ASP N 249 -10.62 51.84 26.79
N TYR N 250 -9.91 50.97 27.47
CA TYR N 250 -8.49 51.18 27.72
C TYR N 250 -7.90 49.85 28.13
N LEU N 251 -6.84 49.44 27.46
CA LEU N 251 -6.20 48.16 27.73
C LEU N 251 -4.73 48.40 27.98
N SER N 252 -4.13 47.62 28.86
CA SER N 252 -2.73 47.78 29.18
C SER N 252 -2.13 46.44 29.56
N ASN N 253 -1.15 45.98 28.80
CA ASN N 253 -0.37 44.80 29.10
C ASN N 253 1.04 45.23 29.46
N ARG N 254 1.65 44.55 30.42
CA ARG N 254 3.06 44.76 30.70
C ARG N 254 3.65 43.43 31.17
N THR N 255 4.57 42.87 30.39
CA THR N 255 5.26 41.64 30.77
C THR N 255 6.73 41.95 30.92
N ASN N 256 7.32 41.49 32.02
CA ASN N 256 8.76 41.58 32.22
C ASN N 256 9.28 40.19 32.53
N SER N 257 10.19 39.71 31.71
CA SER N 257 10.89 38.47 32.00
C SER N 257 12.33 38.84 32.33
N ARG N 258 12.95 38.06 33.20
CA ARG N 258 14.35 38.27 33.51
C ARG N 258 14.94 36.92 33.86
N VAL N 259 15.94 36.49 33.11
CA VAL N 259 16.62 35.22 33.32
C VAL N 259 18.07 35.53 33.62
N GLN N 260 18.62 34.84 34.61
CA GLN N 260 20.01 34.99 34.96
C GLN N 260 20.58 33.61 35.20
N SER N 261 21.56 33.23 34.40
CA SER N 261 22.10 31.88 34.40
C SER N 261 23.57 31.93 34.75
N PHE N 262 24.02 30.98 35.55
CA PHE N 262 25.43 30.81 35.85
C PHE N 262 25.81 29.38 35.53
N GLY N 263 26.68 29.20 34.55
CA GLY N 263 27.04 27.86 34.15
C GLY N 263 26.00 27.30 33.23
N GLY N 264 26.28 26.16 32.65
CA GLY N 264 25.33 25.51 31.77
C GLY N 264 25.34 26.13 30.39
N VAL N 265 24.46 25.61 29.56
CA VAL N 265 24.31 26.08 28.18
C VAL N 265 23.85 27.53 28.19
N PRO N 266 24.24 28.36 27.24
CA PRO N 266 23.63 29.68 27.11
C PRO N 266 22.13 29.56 27.02
N PHE N 267 21.44 30.40 27.79
CA PHE N 267 20.00 30.26 27.93
C PHE N 267 19.26 30.90 26.77
N TYR N 268 18.21 30.25 26.32
CA TYR N 268 17.29 30.85 25.36
C TYR N 268 15.88 30.54 25.82
N PRO N 269 14.92 31.42 25.52
CA PRO N 269 13.63 31.38 26.23
C PRO N 269 12.89 30.07 26.12
N GLY N 270 12.96 29.38 24.99
CA GLY N 270 12.15 28.20 24.83
C GLY N 270 12.73 26.95 25.46
N ILE N 271 13.86 27.08 26.14
CA ILE N 271 14.57 25.93 26.68
C ILE N 271 13.79 25.39 27.86
N THR N 272 13.83 24.07 28.00
CA THR N 272 13.19 23.39 29.10
C THR N 272 14.21 23.12 30.19
N LEU N 273 13.73 23.05 31.43
CA LEU N 273 14.66 22.74 32.51
C LEU N 273 15.30 21.39 32.33
N GLU N 274 14.65 20.48 31.62
CA GLU N 274 15.30 19.20 31.32
C GLU N 274 16.52 19.40 30.45
N THR N 275 16.37 20.14 29.36
CA THR N 275 17.50 20.38 28.48
C THR N 275 18.60 21.14 29.18
N TRP N 276 18.24 22.14 29.99
CA TRP N 276 19.26 22.90 30.69
C TRP N 276 19.98 22.04 31.72
N GLN N 277 19.24 21.22 32.46
CA GLN N 277 19.88 20.40 33.48
C GLN N 277 20.76 19.32 32.86
N LYS N 278 20.36 18.77 31.73
CA LYS N 278 21.19 17.79 31.05
C LYS N 278 22.36 18.42 30.33
N GLY N 279 22.43 19.74 30.27
CA GLY N 279 23.47 20.40 29.52
C GLY N 279 24.61 20.96 30.34
N ILE N 280 24.61 20.72 31.64
CA ILE N 280 25.65 21.23 32.51
C ILE N 280 26.83 20.26 32.58
N THR N 281 26.84 19.23 31.76
CA THR N 281 27.82 18.16 31.92
C THR N 281 29.24 18.67 31.74
N ASN N 282 29.43 19.70 30.94
CA ASN N 282 30.76 20.26 30.75
C ASN N 282 30.86 21.73 31.10
N HIS N 283 29.74 22.41 31.33
CA HIS N 283 29.74 23.84 31.58
C HIS N 283 29.46 24.08 33.06
N LEU N 284 30.48 23.94 33.90
CA LEU N 284 30.31 24.09 35.33
C LEU N 284 31.06 25.33 35.78
N VAL N 285 30.53 26.00 36.77
CA VAL N 285 31.05 27.28 37.22
C VAL N 285 31.20 27.25 38.73
N ALA N 286 32.26 27.86 39.22
CA ALA N 286 32.41 27.99 40.67
C ALA N 286 31.28 28.82 41.22
N ILE N 287 30.39 28.18 41.96
CA ILE N 287 29.27 28.89 42.58
C ILE N 287 29.58 29.34 43.99
N ASP N 288 30.67 28.88 44.59
CA ASP N 288 31.03 29.29 45.93
C ASP N 288 32.48 28.93 46.12
N ARG N 289 33.19 29.69 46.95
CA ARG N 289 34.61 29.47 47.10
C ARG N 289 35.05 29.89 48.50
N ALA N 290 36.10 29.24 48.98
CA ALA N 290 36.70 29.55 50.27
C ALA N 290 38.20 29.61 50.11
N GLY N 291 38.85 30.47 50.89
CA GLY N 291 40.26 30.73 50.69
C GLY N 291 40.96 31.13 51.97
N LEU N 292 42.23 31.46 51.81
CA LEU N 292 43.12 31.85 52.89
C LEU N 292 43.95 33.05 52.48
N PRO N 293 44.34 33.89 53.44
CA PRO N 293 45.17 35.05 53.11
C PRO N 293 46.50 34.64 52.50
N LEU N 294 47.10 35.57 51.78
CA LEU N 294 48.34 35.27 51.05
C LEU N 294 49.49 34.97 51.99
N HIS N 295 49.64 35.75 53.06
CA HIS N 295 50.77 35.53 53.96
C HIS N 295 50.76 34.16 54.58
N PHE N 296 49.61 33.48 54.54
CA PHE N 296 49.52 32.11 55.03
C PHE N 296 50.41 31.16 54.25
N PHE N 297 50.60 31.42 52.96
CA PHE N 297 51.40 30.54 52.11
C PHE N 297 52.87 30.93 52.06
N ILE N 298 53.26 32.02 52.72
CA ILE N 298 54.66 32.43 52.76
C ILE N 298 55.24 31.84 54.03
N LYS N 299 55.66 30.58 53.93
CA LYS N 299 56.17 29.83 55.07
C LYS N 299 57.47 29.15 54.68
N PRO N 300 58.38 28.97 55.64
CA PRO N 300 59.70 28.44 55.30
C PRO N 300 59.65 27.07 54.63
N ASP N 301 58.76 26.20 55.09
CA ASP N 301 58.62 24.88 54.50
C ASP N 301 58.06 24.91 53.10
N LYS N 302 57.44 26.03 52.71
CA LYS N 302 56.83 26.16 51.40
C LYS N 302 57.76 26.74 50.35
N LEU N 303 58.83 27.40 50.78
CA LEU N 303 59.83 27.98 49.88
C LEU N 303 61.19 27.38 50.19
N PRO N 304 61.57 26.28 49.53
CA PRO N 304 62.88 25.68 49.81
C PRO N 304 64.04 26.61 49.51
N GLY N 305 63.92 27.47 48.49
CA GLY N 305 65.06 28.26 48.06
C GLY N 305 65.48 29.32 49.06
N LEU N 306 64.63 29.62 50.02
CA LEU N 306 65.10 30.75 50.83
C LEU N 306 65.18 30.38 52.31
N PRO N 307 66.08 31.00 53.05
CA PRO N 307 66.20 30.72 54.48
C PRO N 307 65.00 31.26 55.26
N GLY N 308 64.78 30.63 56.41
CA GLY N 308 63.65 30.94 57.25
C GLY N 308 63.57 32.38 57.73
N PRO N 309 64.67 32.92 58.24
CA PRO N 309 64.67 34.34 58.62
C PRO N 309 64.34 35.26 57.46
N LEU N 310 64.77 34.92 56.25
CA LEU N 310 64.41 35.72 55.09
C LEU N 310 62.94 35.61 54.75
N VAL N 311 62.38 34.40 54.79
CA VAL N 311 60.98 34.26 54.41
C VAL N 311 60.08 34.90 55.45
N LYS N 312 60.52 34.98 56.70
CA LYS N 312 59.72 35.72 57.69
C LYS N 312 59.60 37.18 57.30
N LYS N 313 60.72 37.81 56.93
CA LYS N 313 60.67 39.20 56.50
C LYS N 313 59.86 39.34 55.22
N LEU N 314 59.98 38.37 54.31
CA LEU N 314 59.20 38.40 53.08
C LEU N 314 57.71 38.38 53.37
N SER N 315 57.29 37.51 54.28
CA SER N 315 55.90 37.47 54.67
C SER N 315 55.48 38.78 55.32
N LYS N 316 56.36 39.36 56.14
CA LYS N 316 56.03 40.62 56.80
C LYS N 316 55.76 41.72 55.78
N THR N 317 56.64 41.84 54.79
CA THR N 317 56.47 42.89 53.82
C THR N 317 55.28 42.63 52.90
N VAL N 318 55.02 41.36 52.56
CA VAL N 318 53.85 41.08 51.75
C VAL N 318 52.57 41.43 52.51
N GLU N 319 52.52 41.07 53.80
CA GLU N 319 51.34 41.37 54.59
C GLU N 319 51.16 42.87 54.76
N THR N 320 52.25 43.62 54.93
CA THR N 320 52.08 45.06 55.03
C THR N 320 51.65 45.66 53.70
N ALA N 321 52.08 45.08 52.58
CA ALA N 321 51.58 45.52 51.29
C ALA N 321 50.08 45.27 51.18
N VAL N 322 49.63 44.11 51.64
CA VAL N 322 48.20 43.81 51.64
C VAL N 322 47.45 44.82 52.49
N ARG N 323 48.00 45.14 53.66
CA ARG N 323 47.33 46.11 54.52
C ARG N 323 47.24 47.47 53.85
N HIS N 324 48.32 47.90 53.20
CA HIS N 324 48.30 49.19 52.52
C HIS N 324 47.27 49.19 51.41
N TYR N 325 47.22 48.10 50.64
CA TYR N 325 46.23 47.95 49.58
C TYR N 325 44.81 48.05 50.12
N TYR N 326 44.55 47.39 51.25
CA TYR N 326 43.23 47.48 51.86
C TYR N 326 42.93 48.88 52.33
N THR N 327 43.91 49.53 52.98
CA THR N 327 43.66 50.83 53.59
C THR N 327 43.36 51.90 52.56
N PHE N 328 44.12 51.95 51.47
CA PHE N 328 43.85 52.98 50.47
C PHE N 328 42.47 52.82 49.87
N ASN N 329 41.98 51.58 49.79
CA ASN N 329 40.70 51.32 49.17
C ASN N 329 39.62 51.12 50.23
N PHE N 360 34.20 67.56 50.34
CA PHE N 360 33.01 68.04 51.02
C PHE N 360 32.15 66.90 51.55
N THR N 361 31.17 67.25 52.38
CA THR N 361 30.24 66.29 52.95
C THR N 361 28.86 66.49 52.35
N PHE N 362 28.26 65.41 51.86
CA PHE N 362 26.94 65.43 51.25
C PHE N 362 26.03 64.55 52.09
N GLY N 363 25.15 65.17 52.87
CA GLY N 363 24.39 64.50 53.91
C GLY N 363 23.06 63.89 53.51
N GLY N 364 22.74 63.86 52.23
CA GLY N 364 21.53 63.22 51.77
C GLY N 364 20.57 64.20 51.11
N VAL N 365 19.48 63.63 50.60
CA VAL N 365 18.46 64.39 49.89
C VAL N 365 17.08 63.97 50.40
N TYR N 366 16.11 64.86 50.20
CA TYR N 366 14.71 64.55 50.46
C TYR N 366 13.86 65.27 49.44
N GLN N 367 12.92 64.55 48.84
CA GLN N 367 12.08 65.08 47.78
C GLN N 367 10.68 65.30 48.33
N GLU N 368 10.34 66.56 48.58
CA GLU N 368 9.00 66.91 49.05
C GLU N 368 8.01 66.86 47.90
N CYS N 369 6.81 66.36 48.21
CA CYS N 369 5.75 66.20 47.21
C CYS N 369 4.53 66.96 47.69
N THR N 370 3.98 67.81 46.82
CA THR N 370 2.81 68.63 47.14
C THR N 370 1.66 68.25 46.24
N GLU N 371 0.54 67.85 46.85
CA GLU N 371 -0.65 67.50 46.09
C GLU N 371 -1.52 68.73 45.89
N LEU N 372 -1.67 69.14 44.64
CA LEU N 372 -2.59 70.20 44.28
C LEU N 372 -3.97 69.67 43.89
N SER N 373 -4.07 68.38 43.57
CA SER N 373 -5.34 67.77 43.22
C SER N 373 -5.21 66.27 43.38
N GLY N 374 -6.07 65.68 44.21
CA GLY N 374 -6.02 64.27 44.46
C GLY N 374 -4.93 63.91 45.46
N ASP N 375 -4.83 62.60 45.73
CA ASP N 375 -3.79 62.06 46.59
C ASP N 375 -3.20 60.80 45.95
N VAL N 376 -3.01 60.84 44.63
CA VAL N 376 -2.53 59.68 43.90
C VAL N 376 -1.10 59.87 43.40
N LEU N 377 -0.68 61.11 43.12
CA LEU N 377 0.67 61.33 42.62
C LEU N 377 1.71 61.19 43.71
N CYS N 378 1.43 61.70 44.91
CA CYS N 378 2.43 61.75 45.97
C CYS N 378 2.51 60.46 46.77
N GLN N 379 1.99 59.35 46.26
CA GLN N 379 2.20 58.07 46.90
C GLN N 379 3.60 57.52 46.65
N ASN N 380 4.23 57.87 45.53
CA ASN N 380 5.54 57.35 45.17
C ASN N 380 6.54 58.43 44.80
N LEU N 381 6.13 59.69 44.68
CA LEU N 381 7.04 60.77 44.31
C LEU N 381 7.69 61.43 45.52
N GLU N 382 7.40 60.95 46.73
CA GLU N 382 7.97 61.51 47.95
C GLU N 382 9.08 60.62 48.48
N GLN N 383 10.16 61.25 48.93
CA GLN N 383 11.28 60.52 49.52
C GLN N 383 11.79 61.29 50.73
N LYS N 384 11.75 60.64 51.89
CA LYS N 384 12.24 61.24 53.12
C LYS N 384 13.75 61.07 53.21
N ASN N 385 14.36 61.83 54.12
CA ASN N 385 15.77 61.64 54.41
C ASN N 385 15.98 60.31 55.12
N LEU N 386 17.02 59.59 54.72
CA LEU N 386 17.32 58.31 55.35
C LEU N 386 17.85 58.48 56.76
N LEU N 387 18.61 59.55 57.02
CA LEU N 387 19.24 59.75 58.31
C LEU N 387 18.29 60.29 59.37
N THR N 388 17.20 60.96 58.97
CA THR N 388 16.25 61.49 59.92
C THR N 388 14.87 60.85 59.84
N GLY N 389 14.57 60.14 58.75
CA GLY N 389 13.24 59.58 58.58
C GLY N 389 12.17 60.59 58.25
N ASP N 390 12.55 61.77 57.74
CA ASP N 390 11.60 62.81 57.40
C ASP N 390 12.22 63.73 56.37
N PHE N 391 11.38 64.58 55.78
CA PHE N 391 11.82 65.49 54.71
C PHE N 391 12.62 66.66 55.32
N SER N 392 13.86 66.35 55.70
CA SER N 392 14.70 67.35 56.36
C SER N 392 16.16 66.92 56.18
N CYS N 393 17.07 67.82 56.61
CA CYS N 393 18.49 67.49 56.60
C CYS N 393 18.99 67.16 57.99
N PRO N 394 19.99 66.30 58.08
CA PRO N 394 20.52 65.89 59.39
C PRO N 394 21.22 67.05 60.08
N PRO N 395 21.52 66.91 61.37
CA PRO N 395 22.26 67.98 62.05
C PRO N 395 23.59 68.26 61.37
N GLY N 396 23.95 69.54 61.31
CA GLY N 396 25.16 69.96 60.65
C GLY N 396 25.02 70.21 59.16
N TYR N 397 23.85 69.98 58.58
CA TYR N 397 23.63 70.17 57.17
C TYR N 397 22.61 71.28 56.94
N SER N 398 22.87 72.09 55.91
CA SER N 398 21.98 73.18 55.54
C SER N 398 21.18 72.77 54.32
N PRO N 399 19.87 72.56 54.43
CA PRO N 399 19.05 72.21 53.27
C PRO N 399 19.11 73.31 52.22
N VAL N 400 19.45 72.93 51.00
CA VAL N 400 19.53 73.85 49.87
C VAL N 400 18.45 73.46 48.87
N HIS N 401 17.74 74.46 48.35
CA HIS N 401 16.70 74.20 47.35
C HIS N 401 17.35 73.71 46.08
N LEU N 402 17.19 72.41 45.80
CA LEU N 402 17.75 71.87 44.57
C LEU N 402 16.88 72.25 43.38
N LEU N 403 15.65 71.74 43.34
CA LEU N 403 14.77 71.99 42.20
C LEU N 403 13.33 71.70 42.59
N SER N 404 12.43 72.63 42.27
CA SER N 404 11.00 72.45 42.45
C SER N 404 10.32 72.52 41.09
N GLN N 405 9.56 71.49 40.75
CA GLN N 405 8.91 71.43 39.44
C GLN N 405 7.58 70.70 39.57
N THR N 406 6.67 70.99 38.64
CA THR N 406 5.33 70.44 38.67
C THR N 406 5.18 69.36 37.60
N HIS N 407 4.26 68.42 37.86
CA HIS N 407 3.96 67.35 36.92
C HIS N 407 2.47 67.06 36.94
N GLU N 408 1.90 66.88 35.75
CA GLU N 408 0.47 66.62 35.59
C GLU N 408 0.25 65.25 34.97
N GLU N 409 -0.66 64.48 35.57
CA GLU N 409 -0.95 63.13 35.11
C GLU N 409 -2.44 62.87 35.23
N GLY N 410 -3.03 62.28 34.20
CA GLY N 410 -4.44 61.96 34.20
C GLY N 410 -4.68 60.55 34.70
N TYR N 411 -5.52 60.43 35.71
CA TYR N 411 -5.86 59.13 36.29
C TYR N 411 -7.36 59.01 36.41
N SER N 412 -7.87 57.80 36.18
CA SER N 412 -9.29 57.51 36.31
C SER N 412 -9.51 56.76 37.62
N ARG N 413 -10.23 57.38 38.54
CA ARG N 413 -10.53 56.79 39.84
C ARG N 413 -11.96 56.30 39.82
N LEU N 414 -12.14 55.03 40.16
CA LEU N 414 -13.46 54.41 40.22
C LEU N 414 -13.90 54.33 41.66
N GLU N 415 -15.13 54.75 41.94
CA GLU N 415 -15.66 54.69 43.29
C GLU N 415 -17.16 54.40 43.24
N CYS N 416 -17.65 53.69 44.25
CA CYS N 416 -19.05 53.33 44.37
C CYS N 416 -19.64 53.95 45.62
N LYS N 417 -20.84 54.51 45.50
CA LYS N 417 -21.51 55.16 46.61
C LYS N 417 -22.93 54.65 46.74
N LYS N 418 -23.42 54.56 47.97
CA LYS N 418 -24.79 54.13 48.24
C LYS N 418 -25.64 55.38 48.44
N LYS N 419 -26.33 55.79 47.38
CA LYS N 419 -27.24 56.93 47.45
C LYS N 419 -28.63 56.43 47.81
N CYS N 420 -29.20 56.97 48.88
CA CYS N 420 -30.54 56.61 49.33
C CYS N 420 -31.40 57.86 49.24
N THR N 421 -32.28 57.91 48.24
CA THR N 421 -33.25 58.98 48.12
C THR N 421 -34.49 58.62 48.92
N LEU N 422 -34.99 59.60 49.68
CA LEU N 422 -36.20 59.46 50.49
C LEU N 422 -36.05 58.40 51.58
N LYS N 423 -34.81 58.06 51.93
CA LYS N 423 -34.48 57.06 52.96
C LYS N 423 -34.99 55.67 52.63
N ILE N 424 -35.64 55.50 51.47
CA ILE N 424 -36.21 54.21 51.10
C ILE N 424 -35.75 53.73 49.74
N PHE N 425 -35.36 54.61 48.82
CA PHE N 425 -34.87 54.19 47.51
C PHE N 425 -33.35 54.22 47.56
N CYS N 426 -32.78 53.10 47.97
CA CYS N 426 -31.34 52.96 48.11
C CYS N 426 -30.76 52.24 46.90
N LYS N 427 -29.69 52.81 46.35
CA LYS N 427 -29.04 52.22 45.20
C LYS N 427 -27.55 52.47 45.32
N THR N 428 -26.76 51.49 44.90
CA THR N 428 -25.31 51.65 44.79
C THR N 428 -25.01 52.08 43.35
N VAL N 429 -24.38 53.23 43.20
CA VAL N 429 -23.97 53.75 41.90
C VAL N 429 -22.46 53.82 41.87
N CYS N 430 -21.85 53.24 40.84
CA CYS N 430 -20.41 53.25 40.66
C CYS N 430 -20.07 54.20 39.52
N GLU N 431 -19.20 55.15 39.79
CA GLU N 431 -18.81 56.16 38.82
C GLU N 431 -17.30 56.31 38.81
N ASP N 432 -16.78 56.64 37.63
CA ASP N 432 -15.36 56.88 37.44
C ASP N 432 -15.13 58.34 37.11
N VAL N 433 -14.09 58.92 37.69
CA VAL N 433 -13.74 60.32 37.48
C VAL N 433 -12.33 60.37 36.90
N PHE N 434 -12.19 61.06 35.77
CA PHE N 434 -10.90 61.26 35.14
C PHE N 434 -10.34 62.59 35.63
N ARG N 435 -9.43 62.53 36.60
CA ARG N 435 -8.85 63.72 37.21
C ARG N 435 -7.41 63.88 36.74
N VAL N 436 -7.06 65.11 36.35
CA VAL N 436 -5.70 65.44 35.96
C VAL N 436 -5.01 65.95 37.22
N ALA N 437 -4.41 65.01 37.97
CA ALA N 437 -3.73 65.37 39.20
C ALA N 437 -2.41 66.08 38.88
N LYS N 438 -2.17 67.18 39.59
CA LYS N 438 -0.96 67.97 39.42
C LYS N 438 -0.22 68.01 40.75
N ALA N 439 1.04 67.59 40.75
CA ALA N 439 1.85 67.56 41.95
C ALA N 439 3.13 68.34 41.71
N GLU N 440 3.47 69.24 42.64
CA GLU N 440 4.70 70.02 42.57
C GLU N 440 5.70 69.40 43.52
N PHE N 441 6.66 68.67 42.95
CA PHE N 441 7.70 68.01 43.74
C PHE N 441 8.87 68.96 43.91
N ARG N 442 9.37 69.04 45.15
CA ARG N 442 10.53 69.87 45.48
C ARG N 442 11.60 68.94 46.05
N ALA N 443 12.66 68.74 45.26
CA ALA N 443 13.80 67.97 45.71
C ALA N 443 14.88 68.91 46.21
N TYR N 444 15.56 68.51 47.28
CA TYR N 444 16.61 69.28 47.92
C TYR N 444 17.85 68.42 48.07
N TRP N 445 18.87 68.99 48.71
CA TRP N 445 20.10 68.25 48.98
C TRP N 445 20.79 68.90 50.17
N CYS N 446 21.43 68.08 50.99
CA CYS N 446 22.06 68.55 52.23
C CYS N 446 23.55 68.73 51.97
N VAL N 447 23.98 69.97 51.88
CA VAL N 447 25.40 70.30 51.73
C VAL N 447 25.99 70.55 53.10
N ALA N 448 27.31 70.39 53.19
CA ALA N 448 27.99 70.59 54.47
C ALA N 448 27.91 72.04 54.89
N ALA N 449 27.38 72.28 56.09
CA ALA N 449 27.29 73.64 56.60
C ALA N 449 28.66 74.19 56.98
N GLY N 450 29.50 73.36 57.58
CA GLY N 450 30.83 73.77 57.97
C GLY N 450 31.74 72.60 58.26
N GLN N 451 32.55 72.71 59.32
CA GLN N 451 33.44 71.62 59.71
C GLN N 451 32.61 70.56 60.42
N VAL N 452 31.87 69.80 59.62
CA VAL N 452 31.04 68.71 60.12
C VAL N 452 31.94 67.57 60.56
N PRO N 453 31.52 66.76 61.54
CA PRO N 453 32.37 65.63 61.95
C PRO N 453 32.58 64.63 60.82
N ASP N 454 33.78 64.07 60.77
CA ASP N 454 34.19 63.13 59.74
C ASP N 454 34.52 61.77 60.37
N ASN N 455 34.15 60.71 59.68
CA ASN N 455 33.47 60.74 58.39
C ASN N 455 31.99 60.43 58.53
N SER N 456 31.39 60.89 59.62
CA SER N 456 29.96 60.71 59.83
C SER N 456 29.20 61.51 58.79
N GLY N 457 28.47 60.82 57.93
CA GLY N 457 27.75 61.45 56.84
C GLY N 457 27.39 60.42 55.78
N LEU N 458 27.24 60.90 54.54
CA LEU N 458 26.91 60.05 53.42
C LEU N 458 27.79 60.41 52.23
N LEU N 459 27.99 59.45 51.35
CA LEU N 459 28.84 59.62 50.17
C LEU N 459 27.99 59.50 48.90
N PHE N 460 28.55 60.02 47.81
CA PHE N 460 27.85 60.10 46.53
C PHE N 460 28.05 58.76 45.81
N GLY N 461 27.01 57.93 45.83
CA GLY N 461 27.08 56.63 45.21
C GLY N 461 26.66 56.61 43.76
N GLY N 462 26.60 57.76 43.11
CA GLY N 462 26.25 57.81 41.70
C GLY N 462 24.76 57.97 41.49
N VAL N 463 24.43 58.51 40.31
CA VAL N 463 23.05 58.73 39.92
C VAL N 463 22.85 58.12 38.53
N PHE N 464 21.65 57.61 38.30
CA PHE N 464 21.34 56.98 37.02
C PHE N 464 19.84 57.01 36.79
N THR N 465 19.45 57.03 35.52
CA THR N 465 18.06 57.07 35.10
C THR N 465 17.72 55.78 34.36
N ASP N 466 16.50 55.72 33.83
CA ASP N 466 16.04 54.58 33.08
C ASP N 466 16.55 54.56 31.64
N LYS N 467 17.08 55.68 31.14
CA LYS N 467 17.59 55.75 29.79
C LYS N 467 19.06 56.12 29.69
N THR N 468 19.72 56.37 30.82
CA THR N 468 21.14 56.70 30.84
C THR N 468 21.94 55.55 31.47
N ILE N 469 23.25 55.72 31.47
CA ILE N 469 24.17 54.74 32.05
C ILE N 469 24.99 55.45 33.12
N ASN N 470 25.39 54.70 34.14
CA ASN N 470 26.11 55.28 35.27
C ASN N 470 27.58 54.94 35.17
N PRO N 471 28.45 55.89 34.79
CA PRO N 471 29.87 55.57 34.60
C PRO N 471 30.59 55.10 35.86
N MET N 472 30.07 55.40 37.05
CA MET N 472 30.74 54.96 38.27
C MET N 472 30.60 53.45 38.45
N THR N 473 29.48 52.88 38.00
CA THR N 473 29.30 51.44 38.03
C THR N 473 29.12 50.82 36.65
N ASN N 474 29.01 51.62 35.59
CA ASN N 474 28.77 51.13 34.23
C ASN N 474 27.55 50.21 34.19
N ALA N 475 26.55 50.52 35.00
CA ALA N 475 25.36 49.69 35.08
C ALA N 475 24.19 50.57 35.52
N GLN N 476 22.98 50.09 35.22
CA GLN N 476 21.76 50.77 35.62
C GLN N 476 21.26 50.28 36.98
N SER N 477 22.14 50.30 37.96
CA SER N 477 21.83 49.80 39.30
C SER N 477 22.78 50.45 40.29
N CYS N 478 22.69 50.03 41.55
CA CYS N 478 23.52 50.53 42.63
C CYS N 478 24.50 49.47 43.10
N PRO N 479 25.66 49.88 43.61
CA PRO N 479 26.65 48.89 44.07
C PRO N 479 26.15 48.12 45.28
N ALA N 480 26.94 47.12 45.68
CA ALA N 480 26.60 46.31 46.84
C ALA N 480 26.64 47.16 48.10
N GLY N 481 25.67 46.93 48.98
CA GLY N 481 25.56 47.73 50.18
C GLY N 481 24.94 49.09 49.98
N TYR N 482 24.52 49.41 48.76
CA TYR N 482 23.93 50.70 48.43
C TYR N 482 22.42 50.56 48.33
N ILE N 483 21.74 51.69 48.48
CA ILE N 483 20.28 51.76 48.45
C ILE N 483 19.89 52.86 47.48
N PRO N 484 18.96 52.63 46.56
CA PRO N 484 18.51 53.71 45.67
C PRO N 484 17.42 54.54 46.33
N LEU N 485 17.66 55.85 46.41
CA LEU N 485 16.70 56.82 46.93
C LEU N 485 16.28 57.74 45.80
N ASN N 486 14.99 58.08 45.76
CA ASN N 486 14.44 58.82 44.64
C ASN N 486 14.74 60.31 44.80
N LEU N 487 15.28 60.91 43.74
CA LEU N 487 15.48 62.36 43.67
C LEU N 487 14.58 63.02 42.64
N PHE N 488 14.40 62.38 41.48
CA PHE N 488 13.51 62.90 40.44
C PHE N 488 12.47 61.85 40.08
N GLU N 489 11.75 62.09 38.98
CA GLU N 489 10.77 61.13 38.52
C GLU N 489 11.43 59.84 38.02
N SER N 490 12.67 59.94 37.53
CA SER N 490 13.39 58.79 37.00
C SER N 490 14.81 58.66 37.53
N LEU N 491 15.26 59.56 38.38
CA LEU N 491 16.65 59.56 38.85
C LEU N 491 16.74 58.97 40.24
N LYS N 492 17.66 58.02 40.42
CA LYS N 492 17.90 57.36 41.70
C LYS N 492 19.33 57.60 42.13
N VAL N 493 19.52 57.74 43.44
CA VAL N 493 20.82 57.99 44.05
C VAL N 493 21.19 56.79 44.90
N CYS N 494 22.38 56.25 44.68
CA CYS N 494 22.88 55.13 45.47
C CYS N 494 23.50 55.68 46.74
N VAL N 495 23.02 55.20 47.90
CA VAL N 495 23.51 55.66 49.19
C VAL N 495 23.86 54.45 50.04
N SER N 496 25.10 54.42 50.53
CA SER N 496 25.58 53.30 51.32
C SER N 496 25.77 53.72 52.77
N LEU N 497 25.23 52.92 53.69
CA LEU N 497 25.39 53.18 55.11
C LEU N 497 26.78 52.81 55.64
N ASP N 498 27.35 51.70 55.18
CA ASP N 498 28.65 51.28 55.66
C ASP N 498 29.74 52.23 55.17
N TYR N 499 30.67 52.56 56.06
CA TYR N 499 31.71 53.52 55.74
C TYR N 499 32.75 52.93 54.78
N GLU N 500 33.18 51.69 55.03
CA GLU N 500 34.18 51.08 54.16
C GLU N 500 33.63 50.86 52.76
N LEU N 501 32.37 50.40 52.65
CA LEU N 501 31.79 50.17 51.34
C LEU N 501 31.73 51.45 50.52
N GLY N 502 31.31 52.55 51.14
CA GLY N 502 31.31 53.82 50.45
C GLY N 502 32.71 54.28 50.11
N PHE N 503 33.66 54.07 51.02
CA PHE N 503 35.03 54.50 50.78
C PHE N 503 35.64 53.79 49.59
N LYS N 504 35.30 52.51 49.39
CA LYS N 504 35.87 51.77 48.26
C LYS N 504 35.01 51.84 47.00
N PHE N 505 33.73 52.17 47.11
CA PHE N 505 32.81 52.12 45.97
C PHE N 505 32.04 53.42 45.82
N SER N 506 32.74 54.55 45.90
CA SER N 506 32.13 55.85 45.64
C SER N 506 33.20 56.79 45.10
N VAL N 507 32.81 58.04 44.89
CA VAL N 507 33.71 59.08 44.40
C VAL N 507 33.50 60.30 45.29
N PRO N 508 34.54 61.06 45.61
CA PRO N 508 34.34 62.29 46.38
C PRO N 508 33.39 63.23 45.67
N PHE N 509 32.56 63.92 46.45
CA PHE N 509 31.47 64.74 45.93
C PHE N 509 31.77 66.22 46.15
N GLY N 510 31.23 67.05 45.25
CA GLY N 510 31.44 68.48 45.35
C GLY N 510 30.19 69.30 45.58
N GLY N 511 29.07 68.86 45.04
CA GLY N 511 27.79 69.55 45.23
C GLY N 511 26.91 69.47 44.01
N PHE N 512 25.67 69.93 44.18
CA PHE N 512 24.68 69.94 43.12
C PHE N 512 24.34 71.37 42.69
N PHE N 513 23.75 71.48 41.50
CA PHE N 513 23.21 72.73 41.00
C PHE N 513 22.23 72.42 39.88
N SER N 514 21.41 73.41 39.53
CA SER N 514 20.42 73.25 38.48
C SER N 514 20.52 74.37 37.46
N CYS N 515 19.58 74.43 36.52
CA CYS N 515 19.54 75.55 35.59
C CYS N 515 19.24 76.85 36.31
N ILE N 516 18.41 76.80 37.35
CA ILE N 516 18.06 77.96 38.16
C ILE N 516 18.94 78.11 39.38
N MET N 517 20.12 77.52 39.37
CA MET N 517 21.03 77.57 40.52
C MET N 517 22.46 77.68 40.06
N GLY N 518 23.26 78.38 40.85
CA GLY N 518 24.69 78.14 40.88
C GLY N 518 25.09 77.35 42.13
N ASN N 519 26.30 76.82 42.09
CA ASN N 519 26.83 76.12 43.25
C ASN N 519 27.38 77.11 44.26
N PRO N 520 26.87 77.15 45.49
CA PRO N 520 27.41 78.10 46.49
C PRO N 520 28.84 77.83 46.88
N LEU N 521 29.39 76.66 46.56
CA LEU N 521 30.74 76.31 46.93
C LEU N 521 31.77 76.73 45.88
N VAL N 522 31.38 77.59 44.93
CA VAL N 522 32.33 78.09 43.95
C VAL N 522 33.34 79.02 44.63
N ASN N 523 34.44 79.29 43.93
CA ASN N 523 35.49 80.14 44.46
C ASN N 523 35.97 81.14 43.42
N ALA N 532 26.76 84.87 49.47
CA ALA N 532 27.64 83.96 48.76
C ALA N 532 27.15 83.74 47.33
N PRO N 533 27.97 84.11 46.35
CA PRO N 533 27.57 83.92 44.94
C PRO N 533 27.38 82.44 44.62
N SER N 534 26.43 82.18 43.73
CA SER N 534 26.12 80.84 43.26
C SER N 534 26.34 80.81 41.75
N LEU N 535 27.47 80.28 41.31
CA LEU N 535 27.78 80.17 39.89
C LEU N 535 27.70 78.73 39.43
N LYS N 536 27.46 78.56 38.13
CA LYS N 536 27.31 77.24 37.52
C LYS N 536 28.68 76.73 37.12
N LYS N 537 29.42 76.26 38.12
CA LYS N 537 30.78 75.76 37.92
C LYS N 537 31.15 74.85 39.07
N CYS N 538 31.78 73.73 38.76
CA CYS N 538 32.34 72.87 39.80
C CYS N 538 33.62 73.49 40.34
N PRO N 539 33.70 73.74 41.64
CA PRO N 539 34.90 74.35 42.21
C PRO N 539 36.08 73.37 42.19
N GLY N 540 37.27 73.96 42.12
CA GLY N 540 38.48 73.16 42.19
C GLY N 540 38.64 72.24 40.98
N GLY N 541 39.11 71.03 41.24
CA GLY N 541 39.35 70.06 40.18
C GLY N 541 38.19 69.14 39.92
N PHE N 542 37.03 69.41 40.53
CA PHE N 542 35.84 68.61 40.29
C PHE N 542 35.38 68.78 38.85
N SER N 543 35.00 67.68 38.23
CA SER N 543 34.50 67.71 36.86
C SER N 543 32.99 67.90 36.84
N GLN N 544 32.51 68.49 35.74
CA GLN N 544 31.09 68.71 35.53
C GLN N 544 30.60 67.79 34.42
N HIS N 545 29.64 66.93 34.74
CA HIS N 545 29.06 66.02 33.78
C HIS N 545 27.55 66.02 33.93
N LEU N 546 26.84 65.97 32.80
CA LEU N 546 25.39 66.04 32.81
C LEU N 546 24.78 64.87 33.55
N ALA N 547 23.84 65.16 34.45
CA ALA N 547 23.16 64.14 35.24
C ALA N 547 21.72 63.91 34.84
N VAL N 548 20.95 64.99 34.65
CA VAL N 548 19.56 64.86 34.23
C VAL N 548 19.12 66.17 33.59
N ILE N 549 18.12 66.08 32.71
CA ILE N 549 17.50 67.23 32.09
C ILE N 549 16.00 67.14 32.40
N SER N 550 15.52 68.09 33.20
CA SER N 550 14.10 68.13 33.59
C SER N 550 13.48 69.37 32.98
N ASP N 551 12.69 69.17 31.93
CA ASP N 551 12.00 70.25 31.21
C ASP N 551 13.00 71.30 30.72
N GLY N 552 14.13 70.82 30.20
CA GLY N 552 15.18 71.69 29.74
C GLY N 552 16.07 72.25 30.83
N CYS N 553 15.79 71.92 32.09
CA CYS N 553 16.60 72.37 33.20
C CYS N 553 17.72 71.35 33.43
N GLN N 554 18.96 71.80 33.34
CA GLN N 554 20.11 70.92 33.44
C GLN N 554 20.55 70.78 34.89
N VAL N 555 20.48 69.57 35.44
CA VAL N 555 20.93 69.28 36.78
C VAL N 555 22.11 68.34 36.69
N SER N 556 23.20 68.67 37.38
CA SER N 556 24.44 67.92 37.29
C SER N 556 25.03 67.75 38.68
N TYR N 557 26.20 67.10 38.73
CA TYR N 557 26.96 66.89 39.95
C TYR N 557 28.42 67.24 39.69
N CYS N 558 29.21 67.26 40.77
CA CYS N 558 30.63 67.58 40.68
C CYS N 558 31.41 66.44 41.32
N VAL N 559 32.25 65.79 40.53
CA VAL N 559 33.09 64.70 41.01
C VAL N 559 34.52 64.94 40.54
N LYS N 560 35.47 64.35 41.26
CA LYS N 560 36.87 64.50 40.92
C LYS N 560 37.17 63.93 39.53
N ALA N 561 37.87 64.71 38.72
CA ALA N 561 38.15 64.31 37.35
C ALA N 561 39.17 63.19 37.25
N GLY N 562 39.96 62.95 38.30
CA GLY N 562 40.99 61.93 38.26
C GLY N 562 40.46 60.52 38.20
N ILE N 563 39.24 60.29 38.69
CA ILE N 563 38.61 58.99 38.63
C ILE N 563 37.88 58.78 37.31
N PHE N 564 37.25 59.83 36.78
CA PHE N 564 36.54 59.74 35.52
C PHE N 564 37.52 59.68 34.36
N THR N 565 37.16 58.89 33.35
CA THR N 565 38.02 58.67 32.19
C THR N 565 37.12 58.38 30.98
N GLY N 566 37.71 57.80 29.93
CA GLY N 566 36.93 57.46 28.75
C GLY N 566 35.82 56.47 29.05
N GLY N 567 36.10 55.46 29.87
CA GLY N 567 35.09 54.56 30.36
C GLY N 567 34.88 53.29 29.55
N SER N 568 35.34 53.25 28.30
CA SER N 568 35.23 52.02 27.53
C SER N 568 36.19 50.96 28.05
N LEU N 569 37.35 51.39 28.54
CA LEU N 569 38.27 50.53 29.25
C LEU N 569 38.20 50.90 30.72
N LEU N 570 37.92 49.92 31.56
CA LEU N 570 38.01 50.13 33.00
C LEU N 570 39.45 49.93 33.43
N PRO N 571 40.20 50.99 33.71
CA PRO N 571 41.60 50.81 34.09
C PRO N 571 41.71 50.06 35.41
N VAL N 572 42.74 49.23 35.51
CA VAL N 572 43.00 48.52 36.76
C VAL N 572 43.83 49.46 37.62
N ARG N 573 43.16 50.40 38.29
CA ARG N 573 43.83 51.37 39.14
C ARG N 573 43.71 50.90 40.59
N LEU N 574 44.62 50.01 40.94
CA LEU N 574 44.76 49.57 42.32
C LEU N 574 46.26 49.74 42.63
N PRO N 575 47.16 48.75 42.62
CA PRO N 575 48.58 49.10 42.72
C PRO N 575 49.18 49.32 41.35
N PRO N 576 50.35 49.97 41.25
CA PRO N 576 51.15 50.53 42.33
C PRO N 576 50.64 51.89 42.79
N TYR N 577 50.88 52.23 44.04
CA TYR N 577 50.44 53.49 44.61
C TYR N 577 51.52 54.55 44.51
N THR N 578 52.62 54.22 43.84
CA THR N 578 53.72 55.15 43.63
C THR N 578 54.51 54.67 42.42
N LYS N 579 55.11 55.61 41.70
CA LYS N 579 55.93 55.27 40.56
C LYS N 579 57.17 54.51 41.03
N PRO N 580 57.71 53.63 40.19
CA PRO N 580 58.85 52.79 40.61
C PRO N 580 59.99 53.63 41.14
N PRO N 581 60.29 53.52 42.43
CA PRO N 581 61.36 54.34 43.00
C PRO N 581 62.72 53.95 42.45
N LEU N 582 63.62 54.92 42.38
CA LEU N 582 64.91 54.72 41.76
C LEU N 582 65.85 53.94 42.67
N MET N 583 66.92 53.42 42.10
CA MET N 583 67.94 52.72 42.86
C MET N 583 68.57 53.63 43.90
N THR O 13 55.12 31.77 15.69
CA THR O 13 54.07 32.09 16.65
C THR O 13 52.70 31.85 16.04
N GLY O 14 52.56 30.71 15.37
CA GLY O 14 51.34 30.37 14.69
C GLY O 14 50.64 29.21 15.36
N PHE O 15 49.30 29.25 15.33
CA PHE O 15 48.49 28.23 15.97
C PHE O 15 48.09 27.12 15.02
N GLN O 16 48.57 27.14 13.79
CA GLN O 16 48.14 26.14 12.83
C GLN O 16 48.61 24.75 13.22
N ILE O 17 49.77 24.65 13.86
CA ILE O 17 50.24 23.35 14.30
C ILE O 17 49.27 22.74 15.30
N CYS O 18 48.80 23.54 16.26
CA CYS O 18 47.82 23.05 17.22
C CYS O 18 46.50 22.73 16.55
N LYS O 19 46.06 23.58 15.61
CA LYS O 19 44.80 23.31 14.93
C LYS O 19 44.84 22.01 14.17
N ASN O 20 46.00 21.67 13.59
CA ASN O 20 46.11 20.41 12.86
C ASN O 20 45.89 19.23 13.78
N ALA O 21 46.37 19.31 15.01
CA ALA O 21 46.25 18.20 15.94
C ALA O 21 44.93 18.22 16.69
N LEU O 22 44.62 19.34 17.35
CA LEU O 22 43.45 19.40 18.20
C LEU O 22 42.16 19.53 17.40
N LYS O 23 42.21 20.11 16.21
CA LYS O 23 41.02 20.30 15.38
C LYS O 23 39.99 21.18 16.09
N LEU O 24 40.46 22.28 16.66
CA LEU O 24 39.60 23.17 17.43
C LEU O 24 39.80 24.61 16.99
N PRO O 25 38.79 25.45 17.14
CA PRO O 25 38.97 26.87 16.86
C PRO O 25 39.82 27.53 17.92
N VAL O 26 40.33 28.68 17.59
CA VAL O 26 41.13 29.46 18.53
C VAL O 26 40.24 30.55 19.09
N LEU O 27 40.37 30.79 20.39
CA LEU O 27 39.63 31.88 21.02
C LEU O 27 40.03 33.20 20.38
N GLU O 28 39.09 33.85 19.70
CA GLU O 28 39.44 35.00 18.89
C GLU O 28 39.58 36.28 19.69
N VAL O 29 39.10 36.33 20.92
CA VAL O 29 39.22 37.51 21.75
C VAL O 29 40.36 37.25 22.73
N LEU O 30 41.42 38.03 22.63
CA LEU O 30 42.61 37.78 23.41
C LEU O 30 43.13 39.09 24.01
N PRO O 31 43.69 39.03 25.19
CA PRO O 31 44.26 40.22 25.82
C PRO O 31 45.67 40.46 25.29
N GLY O 32 46.36 41.40 25.92
CA GLY O 32 47.73 41.67 25.55
C GLY O 32 47.89 42.56 24.34
N GLY O 33 46.82 43.19 23.86
CA GLY O 33 46.89 44.09 22.75
C GLY O 33 46.91 45.54 23.22
N GLY O 34 47.46 46.39 22.37
CA GLY O 34 47.41 47.81 22.65
C GLY O 34 46.01 48.34 22.54
N TRP O 35 45.76 49.46 23.20
CA TRP O 35 44.41 50.02 23.25
C TRP O 35 44.52 51.52 23.29
N ASP O 36 43.92 52.18 22.31
CA ASP O 36 43.94 53.64 22.23
C ASP O 36 42.76 54.17 23.04
N ASN O 37 43.05 54.70 24.23
CA ASN O 37 41.99 55.10 25.14
C ASN O 37 41.19 56.28 24.61
N LEU O 38 41.70 57.01 23.65
CA LEU O 38 40.97 58.16 23.12
C LEU O 38 39.88 57.72 22.16
N ARG O 39 40.25 56.94 21.14
CA ARG O 39 39.28 56.47 20.16
C ARG O 39 38.64 55.14 20.53
N ASN O 40 39.09 54.50 21.60
CA ASN O 40 38.53 53.23 22.06
C ASN O 40 38.58 52.18 20.96
N VAL O 41 39.79 51.87 20.52
CA VAL O 41 40.00 50.89 19.46
C VAL O 41 41.26 50.10 19.75
N ASP O 42 41.22 48.80 19.46
CA ASP O 42 42.39 47.97 19.61
C ASP O 42 43.49 48.43 18.66
N MET O 43 44.71 48.45 19.14
CA MET O 43 45.76 49.03 18.32
C MET O 43 46.79 48.03 17.84
N GLY O 44 47.44 47.29 18.71
CA GLY O 44 48.49 46.42 18.25
C GLY O 44 48.93 45.48 19.34
N ARG O 45 49.72 44.50 18.95
CA ARG O 45 50.10 43.39 19.81
C ARG O 45 51.30 43.81 20.66
N VAL O 46 51.10 43.90 21.97
CA VAL O 46 52.17 44.29 22.88
C VAL O 46 52.81 43.08 23.53
N MET O 47 52.01 42.21 24.14
CA MET O 47 52.54 40.98 24.69
C MET O 47 52.81 39.96 23.59
N ASP O 48 53.57 38.94 23.93
CA ASP O 48 53.93 37.90 22.99
C ASP O 48 52.91 36.78 23.06
N LEU O 49 52.31 36.43 21.93
CA LEU O 49 51.36 35.34 21.86
C LEU O 49 51.98 34.18 21.11
N THR O 50 52.20 33.08 21.82
CA THR O 50 52.81 31.89 21.25
C THR O 50 51.93 30.69 21.54
N TYR O 51 51.90 29.77 20.59
CA TYR O 51 51.13 28.55 20.73
C TYR O 51 52.06 27.36 20.78
N THR O 52 53.17 27.51 21.51
CA THR O 52 54.16 26.45 21.60
C THR O 52 53.59 25.22 22.28
N ASN O 53 52.81 25.43 23.35
CA ASN O 53 52.35 24.32 24.15
C ASN O 53 51.00 23.77 23.71
N CYS O 54 50.36 24.39 22.72
CA CYS O 54 49.02 24.00 22.28
C CYS O 54 48.06 23.97 23.47
N LYS O 55 48.12 25.04 24.26
CA LYS O 55 47.27 25.16 25.44
C LYS O 55 45.81 25.26 25.02
N THR O 56 44.94 24.75 25.88
CA THR O 56 43.51 24.66 25.58
C THR O 56 42.73 25.14 26.79
N THR O 57 41.51 25.63 26.54
CA THR O 57 40.59 25.84 27.64
C THR O 57 40.18 24.50 28.22
N GLU O 58 39.91 24.49 29.53
CA GLU O 58 39.67 23.23 30.22
C GLU O 58 38.50 22.48 29.62
N ASP O 59 37.45 23.19 29.21
CA ASP O 59 36.30 22.52 28.62
C ASP O 59 36.59 21.97 27.24
N GLY O 60 37.80 22.17 26.72
CA GLY O 60 38.14 21.62 25.43
C GLY O 60 37.44 22.29 24.27
N GLN O 61 37.09 23.56 24.42
CA GLN O 61 36.38 24.29 23.39
C GLN O 61 37.30 25.12 22.50
N TYR O 62 38.32 25.76 23.07
CA TYR O 62 39.13 26.70 22.35
C TYR O 62 40.60 26.47 22.62
N ILE O 63 41.42 26.82 21.63
CA ILE O 63 42.87 26.85 21.77
C ILE O 63 43.27 28.25 22.18
N ILE O 64 44.13 28.36 23.18
CA ILE O 64 44.54 29.68 23.67
C ILE O 64 46.07 29.77 23.67
N PRO O 65 46.63 30.96 23.57
CA PRO O 65 48.09 31.08 23.62
C PRO O 65 48.61 30.69 24.99
N ASP O 66 49.91 30.39 25.03
CA ASP O 66 50.52 29.96 26.27
C ASP O 66 50.55 31.03 27.34
N GLU O 67 50.31 32.29 26.99
CA GLU O 67 50.48 33.39 27.92
C GLU O 67 49.17 33.86 28.54
N VAL O 68 48.06 33.17 28.28
CA VAL O 68 46.77 33.59 28.81
C VAL O 68 46.14 32.45 29.57
N TYR O 69 45.23 32.80 30.47
CA TYR O 69 44.42 31.81 31.15
C TYR O 69 42.98 32.31 31.19
N THR O 70 42.04 31.40 31.11
CA THR O 70 40.63 31.71 31.03
C THR O 70 39.93 31.28 32.30
N ILE O 71 39.20 32.19 32.92
CA ILE O 71 38.27 31.85 33.99
C ILE O 71 36.92 31.56 33.35
N PRO O 72 36.34 30.39 33.55
CA PRO O 72 35.03 30.08 32.99
C PRO O 72 33.94 30.79 33.77
N GLN O 73 33.25 31.72 33.12
CA GLN O 73 32.15 32.46 33.71
C GLN O 73 31.03 32.39 32.70
N LYS O 74 30.27 31.29 32.69
CA LYS O 74 29.32 31.08 31.61
C LYS O 74 27.96 31.61 32.04
N GLU O 75 27.87 32.94 32.08
CA GLU O 75 26.70 33.65 32.54
C GLU O 75 25.88 34.12 31.35
N SER O 76 24.56 34.12 31.52
CA SER O 76 23.66 34.67 30.53
C SER O 76 22.65 35.56 31.25
N ASN O 77 22.34 36.70 30.66
CA ASN O 77 21.29 37.57 31.19
C ASN O 77 20.30 37.84 30.08
N LEU O 78 19.04 37.54 30.34
CA LEU O 78 17.95 37.83 29.42
C LEU O 78 17.03 38.85 30.07
N GLU O 79 16.52 39.78 29.26
CA GLU O 79 15.48 40.68 29.73
C GLU O 79 14.50 40.89 28.59
N MET O 80 13.23 40.61 28.83
CA MET O 80 12.19 40.91 27.84
C MET O 80 11.20 41.84 28.49
N ASN O 81 10.84 42.91 27.78
CA ASN O 81 9.86 43.87 28.27
C ASN O 81 8.88 44.13 27.14
N SER O 82 7.64 43.71 27.32
CA SER O 82 6.58 43.98 26.37
C SER O 82 5.62 44.97 27.02
N GLU O 83 4.99 45.80 26.21
CA GLU O 83 4.03 46.77 26.72
C GLU O 83 3.03 47.09 25.61
N VAL O 84 1.77 46.80 25.85
CA VAL O 84 0.70 47.02 24.89
C VAL O 84 -0.26 48.03 25.50
N LEU O 85 -0.59 49.07 24.74
CA LEU O 85 -1.54 50.07 25.19
C LEU O 85 -2.55 50.30 24.08
N GLU O 86 -3.80 49.96 24.34
CA GLU O 86 -4.87 50.23 23.40
C GLU O 86 -5.82 51.24 24.01
N SER O 87 -6.45 52.03 23.15
CA SER O 87 -7.43 53.01 23.57
C SER O 87 -8.52 53.07 22.52
N TRP O 88 -9.76 52.90 22.94
CA TRP O 88 -10.88 52.88 22.05
C TRP O 88 -11.89 53.91 22.52
N MET O 89 -12.32 54.78 21.62
CA MET O 89 -13.38 55.72 21.92
C MET O 89 -14.42 55.60 20.82
N ASN O 90 -15.67 55.41 21.23
CA ASN O 90 -16.77 55.31 20.29
C ASN O 90 -17.84 56.31 20.71
N TYR O 91 -18.48 56.95 19.75
CA TYR O 91 -19.47 57.96 20.04
C TYR O 91 -20.52 57.99 18.94
N GLN O 92 -21.78 58.08 19.32
CA GLN O 92 -22.86 58.24 18.37
C GLN O 92 -23.78 59.35 18.84
N SER O 93 -24.57 59.89 17.92
CA SER O 93 -25.53 60.93 18.25
C SER O 93 -26.63 60.93 17.20
N THR O 94 -27.84 60.59 17.60
CA THR O 94 -28.99 60.60 16.72
C THR O 94 -30.00 61.61 17.26
N THR O 95 -30.34 62.60 16.47
CA THR O 95 -31.36 63.57 16.84
C THR O 95 -32.40 63.65 15.74
N SER O 96 -33.63 63.29 16.05
CA SER O 96 -34.73 63.33 15.10
C SER O 96 -35.75 64.34 15.59
N LEU O 97 -36.33 65.09 14.66
CA LEU O 97 -37.39 66.03 14.95
C LEU O 97 -38.46 65.90 13.89
N SER O 98 -39.72 66.00 14.29
CA SER O 98 -40.84 65.90 13.36
C SER O 98 -41.87 66.94 13.77
N ILE O 99 -42.41 67.67 12.80
CA ILE O 99 -43.44 68.67 13.04
C ILE O 99 -44.53 68.47 12.01
N ASN O 100 -45.74 68.21 12.47
CA ASN O 100 -46.89 68.06 11.58
C ASN O 100 -47.91 69.12 11.91
N THR O 101 -48.60 69.61 10.88
CA THR O 101 -49.63 70.62 11.05
C THR O 101 -50.76 70.32 10.08
N GLU O 102 -51.95 70.07 10.60
CA GLU O 102 -53.13 69.87 9.76
C GLU O 102 -54.15 70.93 10.08
N LEU O 103 -54.77 71.48 9.04
CA LEU O 103 -55.80 72.49 9.18
C LEU O 103 -56.97 72.12 8.28
N ALA O 104 -58.17 72.13 8.83
CA ALA O 104 -59.38 71.87 8.05
C ALA O 104 -60.37 72.99 8.33
N LEU O 105 -60.90 73.57 7.26
CA LEU O 105 -61.82 74.69 7.36
C LEU O 105 -63.10 74.37 6.61
N PHE O 106 -64.24 74.57 7.28
CA PHE O 106 -65.57 74.48 6.68
C PHE O 106 -65.82 73.12 6.04
N SER O 107 -65.04 72.11 6.42
CA SER O 107 -65.08 70.79 5.80
C SER O 107 -64.81 70.83 4.31
N ARG O 108 -64.18 71.90 3.82
CA ARG O 108 -63.81 72.02 2.42
C ARG O 108 -62.33 72.23 2.20
N VAL O 109 -61.69 73.10 2.98
CA VAL O 109 -60.30 73.45 2.77
C VAL O 109 -59.44 72.59 3.69
N ASN O 110 -58.39 71.99 3.14
CA ASN O 110 -57.43 71.21 3.91
C ASN O 110 -56.04 71.73 3.62
N GLY O 111 -55.24 71.94 4.66
CA GLY O 111 -53.84 72.22 4.50
C GLY O 111 -52.98 71.41 5.45
N LYS O 112 -52.15 70.53 4.93
CA LYS O 112 -51.27 69.70 5.76
C LYS O 112 -49.83 70.05 5.44
N PHE O 113 -48.98 69.99 6.46
CA PHE O 113 -47.58 70.40 6.36
C PHE O 113 -46.77 69.56 7.33
N SER O 114 -45.89 68.72 6.80
CA SER O 114 -45.07 67.83 7.60
C SER O 114 -43.60 68.07 7.29
N THR O 115 -42.81 68.21 8.35
CA THR O 115 -41.36 68.36 8.22
C THR O 115 -40.70 67.35 9.14
N GLU O 116 -39.53 66.88 8.73
CA GLU O 116 -38.78 65.91 9.51
C GLU O 116 -37.29 66.13 9.27
N PHE O 117 -36.52 66.17 10.35
CA PHE O 117 -35.09 66.42 10.29
C PHE O 117 -34.39 65.39 11.15
N GLN O 118 -33.57 64.54 10.53
CA GLN O 118 -32.89 63.47 11.23
C GLN O 118 -31.38 63.64 11.02
N ARG O 119 -30.63 63.74 12.11
CA ARG O 119 -29.20 63.95 12.03
C ARG O 119 -28.50 62.88 12.85
N MET O 120 -27.68 62.07 12.18
CA MET O 120 -26.90 61.03 12.83
C MET O 120 -25.42 61.39 12.70
N LYS O 121 -24.65 61.09 13.74
CA LYS O 121 -23.23 61.38 13.77
C LYS O 121 -22.54 60.23 14.48
N THR O 122 -21.38 59.82 13.96
CA THR O 122 -20.61 58.73 14.55
C THR O 122 -19.14 59.09 14.52
N LEU O 123 -18.45 58.81 15.61
CA LEU O 123 -17.01 58.99 15.68
C LEU O 123 -16.40 57.77 16.32
N GLN O 124 -15.31 57.28 15.73
CA GLN O 124 -14.56 56.19 16.32
C GLN O 124 -13.09 56.56 16.29
N VAL O 125 -12.40 56.32 17.39
CA VAL O 125 -10.97 56.52 17.47
C VAL O 125 -10.37 55.27 18.09
N LYS O 126 -9.35 54.74 17.45
CA LYS O 126 -8.69 53.54 17.95
C LYS O 126 -7.20 53.76 17.92
N ASP O 127 -6.52 53.52 19.04
CA ASP O 127 -5.08 53.69 19.10
C ASP O 127 -4.46 52.44 19.67
N GLN O 128 -3.40 51.96 19.05
CA GLN O 128 -2.61 50.87 19.60
C GLN O 128 -1.17 51.30 19.65
N ALA O 129 -0.47 50.90 20.70
CA ALA O 129 0.96 51.16 20.83
C ALA O 129 1.59 49.94 21.46
N VAL O 130 2.38 49.22 20.69
CA VAL O 130 3.09 48.03 21.14
C VAL O 130 4.55 48.40 21.24
N THR O 131 5.21 47.98 22.31
CA THR O 131 6.62 48.24 22.49
C THR O 131 7.28 47.03 23.10
N THR O 132 8.26 46.48 22.40
CA THR O 132 8.95 45.27 22.82
C THR O 132 10.43 45.57 22.91
N ARG O 133 11.10 45.01 23.91
CA ARG O 133 12.53 45.15 24.04
C ARG O 133 13.10 43.87 24.58
N VAL O 134 14.03 43.27 23.84
CA VAL O 134 14.72 42.05 24.24
C VAL O 134 16.18 42.39 24.38
N GLN O 135 16.81 41.88 25.42
CA GLN O 135 18.21 42.17 25.67
C GLN O 135 18.87 40.92 26.20
N VAL O 136 19.77 40.36 25.40
CA VAL O 136 20.51 39.14 25.74
C VAL O 136 21.96 39.53 25.92
N ARG O 137 22.60 38.97 26.93
CA ARG O 137 24.03 39.22 27.12
C ARG O 137 24.67 37.98 27.69
N ASN O 138 25.49 37.32 26.89
CA ASN O 138 26.27 36.18 27.34
C ASN O 138 27.68 36.63 27.65
N ARG O 139 28.17 36.24 28.82
CA ARG O 139 29.58 36.31 29.11
C ARG O 139 30.05 34.88 29.26
N ILE O 140 31.13 34.51 28.59
CA ILE O 140 31.53 33.11 28.61
C ILE O 140 32.84 32.93 29.35
N TYR O 141 33.87 33.62 28.91
CA TYR O 141 35.18 33.48 29.51
C TYR O 141 35.69 34.84 29.96
N THR O 142 36.59 34.82 30.92
CA THR O 142 37.40 35.99 31.25
C THR O 142 38.83 35.61 30.95
N VAL O 143 39.40 36.21 29.92
CA VAL O 143 40.74 35.86 29.46
C VAL O 143 41.71 36.88 30.02
N LYS O 144 42.73 36.43 30.74
CA LYS O 144 43.72 37.31 31.32
C LYS O 144 45.11 36.90 30.88
N THR O 145 46.02 37.85 30.84
CA THR O 145 47.41 37.55 30.55
C THR O 145 48.08 36.96 31.78
N THR O 146 48.93 35.97 31.55
CA THR O 146 49.74 35.44 32.62
C THR O 146 50.66 36.54 33.14
N PRO O 147 50.82 36.67 34.45
CA PRO O 147 51.69 37.74 34.97
C PRO O 147 53.12 37.62 34.52
N THR O 148 53.56 36.45 34.07
CA THR O 148 54.92 36.23 33.62
C THR O 148 55.04 36.31 32.09
N SER O 149 54.24 37.16 31.46
CA SER O 149 54.28 37.23 30.01
C SER O 149 55.33 38.23 29.54
N GLU O 150 55.81 38.02 28.32
CA GLU O 150 56.87 38.82 27.74
C GLU O 150 56.32 39.72 26.65
N LEU O 151 57.01 40.83 26.41
CA LEU O 151 56.61 41.74 25.36
C LEU O 151 56.80 41.10 23.99
N SER O 152 55.98 41.52 23.04
CA SER O 152 56.10 41.00 21.70
C SER O 152 57.39 41.50 21.06
N LEU O 153 57.77 40.85 19.97
CA LEU O 153 59.02 41.21 19.30
C LEU O 153 58.97 42.63 18.78
N GLY O 154 57.89 43.02 18.12
CA GLY O 154 57.82 44.34 17.51
C GLY O 154 57.83 45.45 18.53
N PHE O 155 57.10 45.28 19.62
CA PHE O 155 57.09 46.30 20.67
C PHE O 155 58.49 46.48 21.26
N THR O 156 59.18 45.37 21.49
CA THR O 156 60.54 45.44 21.98
C THR O 156 61.43 46.17 21.00
N LYS O 157 61.27 45.89 19.71
CA LYS O 157 62.10 46.53 18.71
C LYS O 157 61.87 48.03 18.68
N ALA O 158 60.61 48.46 18.76
CA ALA O 158 60.34 49.89 18.79
C ALA O 158 60.94 50.55 20.03
N LEU O 159 60.80 49.91 21.18
CA LEU O 159 61.39 50.47 22.40
C LEU O 159 62.90 50.55 22.29
N MET O 160 63.53 49.52 21.74
CA MET O 160 64.97 49.52 21.57
C MET O 160 65.41 50.65 20.65
N ASP O 161 64.65 50.88 19.57
CA ASP O 161 64.99 51.97 18.67
C ASP O 161 64.91 53.31 19.38
N ILE O 162 63.87 53.51 20.18
CA ILE O 162 63.75 54.77 20.92
C ILE O 162 64.92 54.94 21.87
N CYS O 163 65.29 53.86 22.58
CA CYS O 163 66.40 53.96 23.51
C CYS O 163 67.70 54.29 22.79
N ASP O 164 67.94 53.66 21.64
CA ASP O 164 69.15 53.95 20.89
C ASP O 164 69.18 55.39 20.41
N GLN O 165 68.05 55.89 19.92
CA GLN O 165 68.01 57.29 19.50
C GLN O 165 68.26 58.23 20.66
N LEU O 166 67.72 57.93 21.84
CA LEU O 166 68.02 58.74 23.01
C LEU O 166 69.50 58.66 23.34
N GLU O 167 70.10 57.48 23.21
CA GLU O 167 71.53 57.33 23.41
C GLU O 167 72.32 58.19 22.45
N LYS O 168 71.82 58.39 21.24
CA LYS O 168 72.45 59.34 20.32
C LYS O 168 72.17 60.79 20.69
N ASN O 169 71.50 61.05 21.81
CA ASN O 169 71.22 62.40 22.28
C ASN O 169 70.49 63.22 21.22
N GLN O 170 69.56 62.56 20.53
CA GLN O 170 68.76 63.20 19.49
C GLN O 170 67.32 63.26 20.00
N THR O 171 67.04 64.29 20.80
CA THR O 171 65.72 64.43 21.41
C THR O 171 64.64 64.79 20.40
N LYS O 172 64.99 65.22 19.20
CA LYS O 172 63.97 65.55 18.22
C LYS O 172 63.30 64.32 17.66
N MET O 173 64.06 63.45 16.98
CA MET O 173 63.47 62.26 16.43
C MET O 173 63.09 61.23 17.49
N ALA O 174 63.62 61.36 18.71
CA ALA O 174 63.22 60.45 19.77
C ALA O 174 61.75 60.64 20.12
N THR O 175 61.32 61.90 20.27
CA THR O 175 59.91 62.16 20.56
C THR O 175 59.04 61.75 19.39
N TYR O 176 59.50 61.99 18.16
CA TYR O 176 58.79 61.50 16.99
C TYR O 176 58.60 59.99 17.05
N LEU O 177 59.66 59.26 17.34
CA LEU O 177 59.56 57.81 17.38
C LEU O 177 58.64 57.35 18.50
N ALA O 178 58.67 58.04 19.63
CA ALA O 178 57.74 57.72 20.71
C ALA O 178 56.30 57.95 20.30
N GLU O 179 56.03 59.04 19.60
CA GLU O 179 54.68 59.29 19.13
C GLU O 179 54.24 58.23 18.14
N LEU O 180 55.16 57.77 17.30
CA LEU O 180 54.83 56.66 16.41
C LEU O 180 54.49 55.41 17.21
N LEU O 181 55.25 55.15 18.27
CA LEU O 181 54.95 54.01 19.12
C LEU O 181 53.56 54.13 19.70
N ILE O 182 53.19 55.32 20.17
CA ILE O 182 51.86 55.54 20.71
C ILE O 182 50.82 55.27 19.65
N LEU O 183 51.04 55.79 18.45
CA LEU O 183 50.07 55.61 17.38
C LEU O 183 49.89 54.14 17.02
N ASN O 184 50.98 53.38 16.98
CA ASN O 184 50.87 51.99 16.57
C ASN O 184 50.31 51.11 17.69
N TYR O 185 50.65 51.37 18.94
CA TYR O 185 50.32 50.47 20.03
C TYR O 185 49.36 51.07 21.04
N GLY O 186 48.85 52.26 20.78
CA GLY O 186 47.87 52.80 21.68
C GLY O 186 48.45 53.26 23.00
N THR O 187 47.55 53.61 23.92
CA THR O 187 47.91 54.21 25.19
C THR O 187 47.97 53.21 26.33
N HIS O 188 47.08 52.23 26.35
CA HIS O 188 47.05 51.22 27.38
C HIS O 188 47.29 49.85 26.78
N VAL O 189 47.36 48.85 27.65
CA VAL O 189 47.46 47.46 27.24
C VAL O 189 46.33 46.70 27.90
N ILE O 190 45.61 45.91 27.10
CA ILE O 190 44.56 45.06 27.64
C ILE O 190 45.20 43.90 28.39
N THR O 191 44.84 43.77 29.66
CA THR O 191 45.27 42.62 30.44
C THR O 191 44.17 41.61 30.68
N SER O 192 42.91 42.01 30.50
CA SER O 192 41.80 41.09 30.68
C SER O 192 40.64 41.52 29.81
N VAL O 193 39.98 40.54 29.20
CA VAL O 193 38.79 40.77 28.40
C VAL O 193 37.74 39.76 28.82
N ASP O 194 36.53 39.96 28.33
CA ASP O 194 35.43 39.05 28.57
C ASP O 194 34.90 38.59 27.22
N ALA O 195 35.20 37.37 26.84
CA ALA O 195 34.59 36.78 25.66
C ALA O 195 33.09 36.71 25.89
N GLY O 196 32.32 36.97 24.85
CA GLY O 196 30.88 36.90 25.03
C GLY O 196 30.13 37.37 23.82
N ALA O 197 28.87 37.71 24.02
CA ALA O 197 28.01 38.14 22.95
C ALA O 197 26.90 38.99 23.55
N ALA O 198 26.27 39.79 22.71
CA ALA O 198 25.19 40.64 23.17
C ALA O 198 24.21 40.85 22.05
N LEU O 199 22.97 41.14 22.40
CA LEU O 199 21.91 41.31 21.42
C LEU O 199 20.86 42.22 22.01
N VAL O 200 20.41 43.21 21.24
CA VAL O 200 19.39 44.13 21.69
C VAL O 200 18.39 44.27 20.56
N GLN O 201 17.13 43.95 20.82
CA GLN O 201 16.06 44.22 19.88
C GLN O 201 15.11 45.21 20.51
N GLU O 202 14.75 46.24 19.77
CA GLU O 202 13.69 47.15 20.16
C GLU O 202 12.67 47.11 19.05
N ASP O 203 11.40 47.24 19.41
CA ASP O 203 10.31 47.17 18.45
C ASP O 203 9.20 48.10 18.91
N HIS O 204 8.69 48.92 17.99
CA HIS O 204 7.58 49.81 18.27
C HIS O 204 6.56 49.65 17.17
N VAL O 205 5.29 49.63 17.54
CA VAL O 205 4.18 49.67 16.60
C VAL O 205 3.21 50.72 17.11
N ARG O 206 2.77 51.60 16.21
CA ARG O 206 1.75 52.57 16.56
C ARG O 206 0.69 52.59 15.48
N SER O 207 -0.54 52.26 15.85
CA SER O 207 -1.66 52.29 14.94
C SER O 207 -2.63 53.35 15.40
N SER O 208 -3.11 54.17 14.47
CA SER O 208 -4.14 55.13 14.75
C SER O 208 -5.23 54.96 13.72
N PHE O 209 -6.47 54.97 14.17
CA PHE O 209 -7.62 54.79 13.31
C PHE O 209 -8.65 55.83 13.70
N LEU O 210 -9.20 56.52 12.72
CA LEU O 210 -10.21 57.53 12.94
C LEU O 210 -11.32 57.36 11.93
N LEU O 211 -12.55 57.35 12.41
CA LEU O 211 -13.72 57.24 11.56
C LEU O 211 -14.68 58.34 11.94
N ASP O 212 -15.21 59.03 10.95
CA ASP O 212 -16.10 60.17 11.18
C ASP O 212 -17.22 60.09 10.17
N ASN O 213 -18.42 59.79 10.64
CA ASN O 213 -19.57 59.56 9.78
C ASN O 213 -20.70 60.51 10.15
N GLN O 214 -21.42 60.99 9.13
CA GLN O 214 -22.56 61.86 9.34
C GLN O 214 -23.64 61.53 8.33
N ASN O 215 -24.87 61.43 8.80
CA ASN O 215 -26.04 61.30 7.94
C ASN O 215 -27.00 62.42 8.25
N SER O 216 -27.60 62.99 7.21
CA SER O 216 -28.56 64.07 7.38
C SER O 216 -29.71 63.84 6.43
N GLN O 217 -30.91 63.74 6.97
CA GLN O 217 -32.10 63.48 6.19
C GLN O 217 -33.15 64.53 6.51
N ASN O 218 -33.80 65.06 5.47
CA ASN O 218 -34.87 66.02 5.64
C ASN O 218 -36.02 65.61 4.75
N THR O 219 -37.24 65.72 5.26
CA THR O 219 -38.44 65.41 4.51
C THR O 219 -39.46 66.52 4.71
N VAL O 220 -40.11 66.95 3.64
CA VAL O 220 -41.12 68.00 3.72
C VAL O 220 -42.27 67.63 2.79
N THR O 221 -43.45 67.43 3.35
CA THR O 221 -44.64 67.11 2.56
C THR O 221 -45.70 68.17 2.83
N ALA O 222 -46.11 68.90 1.80
CA ALA O 222 -47.08 69.98 1.96
C ALA O 222 -48.24 69.74 1.00
N SER O 223 -49.44 69.54 1.54
CA SER O 223 -50.63 69.29 0.75
C SER O 223 -51.64 70.40 1.03
N ALA O 224 -52.46 70.71 0.02
CA ALA O 224 -53.49 71.72 0.14
C ALA O 224 -54.62 71.39 -0.82
N GLY O 225 -55.81 71.17 -0.29
CA GLY O 225 -56.96 70.82 -1.11
C GLY O 225 -58.20 71.64 -0.86
N ILE O 226 -58.73 72.25 -1.91
CA ILE O 226 -59.96 73.02 -1.86
C ILE O 226 -61.03 72.21 -2.58
N ALA O 227 -62.06 71.80 -1.85
CA ALA O 227 -63.10 70.93 -2.41
C ALA O 227 -64.47 71.52 -2.08
N PHE O 228 -65.11 72.12 -3.09
CA PHE O 228 -66.47 72.63 -2.94
C PHE O 228 -67.45 71.46 -2.99
N LEU O 229 -68.74 71.79 -3.13
CA LEU O 229 -69.78 70.77 -3.20
C LEU O 229 -70.00 70.35 -4.66
N ASN O 230 -69.06 69.55 -5.15
CA ASN O 230 -69.14 68.94 -6.47
C ASN O 230 -69.16 69.96 -7.60
N ILE O 231 -68.52 71.11 -7.38
CA ILE O 231 -68.35 72.13 -8.42
C ILE O 231 -66.88 72.31 -8.77
N VAL O 232 -66.03 72.48 -7.77
CA VAL O 232 -64.58 72.62 -7.97
C VAL O 232 -63.88 71.75 -6.94
N ASN O 233 -62.91 70.96 -7.40
CA ASN O 233 -62.04 70.20 -6.53
C ASN O 233 -60.62 70.37 -7.03
N PHE O 234 -59.70 70.71 -6.12
CA PHE O 234 -58.35 71.11 -6.50
C PHE O 234 -57.39 70.79 -5.37
N LYS O 235 -56.50 69.82 -5.60
CA LYS O 235 -55.56 69.42 -4.57
C LYS O 235 -54.14 69.46 -5.11
N VAL O 236 -53.22 69.98 -4.30
CA VAL O 236 -51.82 70.12 -4.67
C VAL O 236 -50.99 69.54 -3.53
N GLU O 237 -50.19 68.52 -3.82
CA GLU O 237 -49.30 67.98 -2.82
C GLU O 237 -47.88 67.95 -3.36
N THR O 238 -46.96 68.54 -2.60
CA THR O 238 -45.55 68.54 -2.93
C THR O 238 -44.84 67.70 -1.90
N ASP O 239 -43.91 66.86 -2.36
CA ASP O 239 -43.12 66.01 -1.50
C ASP O 239 -41.65 66.25 -1.79
N TYR O 240 -40.84 66.39 -0.76
CA TYR O 240 -39.43 66.68 -0.90
C TYR O 240 -38.64 65.82 0.06
N ILE O 241 -37.54 65.25 -0.42
CA ILE O 241 -36.62 64.47 0.41
C ILE O 241 -35.21 64.93 0.11
N SER O 242 -34.35 64.89 1.11
CA SER O 242 -32.94 65.25 0.95
C SER O 242 -32.13 64.41 1.93
N GLN O 243 -31.36 63.46 1.40
CA GLN O 243 -30.61 62.51 2.22
C GLN O 243 -29.15 62.57 1.82
N THR O 244 -28.27 62.79 2.79
CA THR O 244 -26.85 62.91 2.53
C THR O 244 -26.05 62.12 3.54
N SER O 245 -25.13 61.28 3.06
CA SER O 245 -24.20 60.56 3.90
C SER O 245 -22.80 61.08 3.65
N LEU O 246 -21.92 60.90 4.63
CA LEU O 246 -20.54 61.31 4.47
C LEU O 246 -19.69 60.63 5.53
N THR O 247 -18.80 59.74 5.11
CA THR O 247 -17.88 59.07 6.03
C THR O 247 -16.45 59.42 5.65
N LYS O 248 -15.59 59.52 6.64
CA LYS O 248 -14.18 59.82 6.41
C LYS O 248 -13.36 58.94 7.34
N ASP O 249 -12.42 58.20 6.78
CA ASP O 249 -11.53 57.35 7.57
C ASP O 249 -10.10 57.83 7.45
N TYR O 250 -9.31 57.48 8.45
CA TYR O 250 -7.87 57.72 8.43
C TYR O 250 -7.22 56.59 9.19
N LEU O 251 -6.26 55.93 8.55
CA LEU O 251 -5.51 54.86 9.17
C LEU O 251 -4.05 55.23 9.13
N SER O 252 -3.31 54.83 10.15
CA SER O 252 -1.90 55.19 10.22
C SER O 252 -1.15 54.14 11.02
N ASN O 253 -0.36 53.33 10.33
CA ASN O 253 0.54 52.37 10.94
C ASN O 253 1.95 52.92 10.91
N ARG O 254 2.71 52.67 11.96
CA ARG O 254 4.12 53.02 11.98
C ARG O 254 4.84 52.00 12.83
N THR O 255 5.67 51.16 12.21
CA THR O 255 6.43 50.17 12.94
C THR O 255 7.91 50.46 12.75
N ASN O 256 8.66 50.43 13.85
CA ASN O 256 10.10 50.59 13.82
C ASN O 256 10.73 49.45 14.58
N SER O 257 11.52 48.63 13.92
CA SER O 257 12.33 47.62 14.57
C SER O 257 13.76 48.10 14.53
N ARG O 258 14.56 47.66 15.49
CA ARG O 258 15.97 47.98 15.50
C ARG O 258 16.71 46.92 16.28
N VAL O 259 17.63 46.22 15.62
CA VAL O 259 18.40 45.15 16.22
C VAL O 259 19.86 45.56 16.21
N GLN O 260 20.56 45.27 17.30
CA GLN O 260 21.98 45.54 17.39
C GLN O 260 22.63 44.35 18.05
N SER O 261 23.60 43.75 17.37
CA SER O 261 24.21 42.52 17.80
C SER O 261 25.70 42.73 17.96
N PHE O 262 26.30 42.02 18.90
CA PHE O 262 27.75 41.99 19.07
C PHE O 262 28.15 40.55 19.26
N GLY O 263 28.81 40.00 18.26
CA GLY O 263 29.20 38.60 18.36
C GLY O 263 28.08 37.71 17.94
N GLY O 264 28.38 36.46 17.68
CA GLY O 264 27.38 35.53 17.25
C GLY O 264 27.17 35.59 15.75
N VAL O 265 26.22 34.79 15.30
CA VAL O 265 25.88 34.71 13.87
C VAL O 265 25.38 36.07 13.42
N PRO O 266 25.60 36.47 12.16
CA PRO O 266 24.90 37.66 11.66
C PRO O 266 23.41 37.54 11.84
N PHE O 267 22.78 38.60 12.32
CA PHE O 267 21.38 38.53 12.68
C PHE O 267 20.50 38.70 11.46
N TYR O 268 19.41 37.95 11.41
CA TYR O 268 18.35 38.17 10.45
C TYR O 268 17.02 38.05 11.16
N PRO O 269 15.99 38.76 10.70
CA PRO O 269 14.78 38.93 11.52
C PRO O 269 14.10 37.65 11.92
N GLY O 270 14.11 36.62 11.08
CA GLY O 270 13.35 35.44 11.41
C GLY O 270 14.07 34.51 12.37
N ILE O 271 15.24 34.90 12.83
CA ILE O 271 16.06 34.05 13.67
C ILE O 271 15.43 34.00 15.06
N THR O 272 15.55 32.83 15.67
CA THR O 272 15.06 32.62 17.02
C THR O 272 16.21 32.73 18.00
N LEU O 273 15.91 33.16 19.22
CA LEU O 273 16.96 33.25 20.21
C LEU O 273 17.63 31.91 20.45
N GLU O 274 16.94 30.80 20.20
CA GLU O 274 17.61 29.51 20.32
C GLU O 274 18.73 29.38 19.31
N THR O 275 18.42 29.64 18.04
CA THR O 275 19.44 29.51 17.01
C THR O 275 20.56 30.50 17.22
N TRP O 276 20.23 31.72 17.67
CA TRP O 276 21.28 32.69 17.92
C TRP O 276 22.15 32.28 19.08
N GLN O 277 21.55 31.78 20.17
CA GLN O 277 22.34 31.39 21.32
C GLN O 277 23.20 30.18 21.02
N LYS O 278 22.73 29.26 20.21
CA LYS O 278 23.53 28.11 19.84
C LYS O 278 24.58 28.43 18.80
N GLY O 279 24.60 29.65 18.28
CA GLY O 279 25.51 30.00 17.23
C GLY O 279 26.69 30.85 17.65
N ILE O 280 26.82 31.11 18.93
CA ILE O 280 27.92 31.95 19.41
C ILE O 280 29.12 31.09 19.70
N THR O 281 29.05 29.81 19.34
CA THR O 281 30.07 28.86 19.76
C THR O 281 31.44 29.23 19.25
N ASN O 282 31.53 29.90 18.11
CA ASN O 282 32.81 30.31 17.56
C ASN O 282 32.91 31.81 17.34
N HIS O 283 31.81 32.54 17.44
CA HIS O 283 31.80 33.97 17.19
C HIS O 283 31.67 34.70 18.52
N LEU O 284 32.79 34.90 19.19
CA LEU O 284 32.80 35.56 20.49
C LEU O 284 33.55 36.87 20.36
N VAL O 285 33.06 37.89 21.03
CA VAL O 285 33.58 39.24 20.90
C VAL O 285 33.87 39.81 22.26
N ALA O 286 34.93 40.60 22.36
CA ALA O 286 35.27 41.21 23.63
C ALA O 286 34.20 42.19 24.07
N ILE O 287 33.38 41.79 25.04
CA ILE O 287 32.30 42.66 25.49
C ILE O 287 32.74 43.58 26.62
N ASP O 288 33.91 43.35 27.20
CA ASP O 288 34.40 44.19 28.27
C ASP O 288 35.90 43.96 28.36
N ARG O 289 36.63 44.99 28.76
CA ARG O 289 38.07 44.87 28.80
C ARG O 289 38.64 45.80 29.85
N ALA O 290 39.75 45.39 30.45
CA ALA O 290 40.48 46.17 31.42
C ALA O 290 41.95 46.14 31.09
N GLY O 291 42.65 47.23 31.38
CA GLY O 291 44.04 47.34 30.98
C GLY O 291 44.84 48.21 31.94
N LEU O 292 46.10 48.38 31.57
CA LEU O 292 47.07 49.15 32.34
C LEU O 292 47.76 50.16 31.44
N PRO O 293 48.19 51.29 31.99
CA PRO O 293 48.86 52.30 31.18
C PRO O 293 50.13 51.75 30.56
N LEU O 294 50.49 52.32 29.40
CA LEU O 294 51.63 51.81 28.65
C LEU O 294 52.93 51.96 29.43
N HIS O 295 53.14 53.09 30.09
CA HIS O 295 54.40 53.29 30.80
C HIS O 295 54.58 52.30 31.93
N PHE O 296 53.51 51.62 32.34
CA PHE O 296 53.62 50.63 33.39
C PHE O 296 54.42 49.41 32.95
N PHE O 297 54.43 49.10 31.65
CA PHE O 297 55.13 47.92 31.18
C PHE O 297 56.57 48.18 30.82
N ILE O 298 57.02 49.43 30.87
CA ILE O 298 58.40 49.74 30.58
C ILE O 298 59.20 49.69 31.86
N LYS O 299 59.65 48.50 32.23
CA LYS O 299 60.33 48.24 33.49
C LYS O 299 61.62 47.47 33.22
N PRO O 300 62.63 47.66 34.07
CA PRO O 300 63.92 46.99 33.82
C PRO O 300 63.81 45.49 33.72
N ASP O 301 62.98 44.87 34.54
CA ASP O 301 62.81 43.43 34.53
C ASP O 301 62.10 42.93 33.29
N LYS O 302 61.48 43.83 32.53
CA LYS O 302 60.73 43.46 31.35
C LYS O 302 61.54 43.58 30.07
N LEU O 303 62.60 44.37 30.07
CA LEU O 303 63.49 44.56 28.93
C LEU O 303 64.89 44.15 29.32
N PRO O 304 65.26 42.88 29.10
CA PRO O 304 66.62 42.45 29.46
C PRO O 304 67.72 43.18 28.71
N GLY O 305 67.46 43.59 27.47
CA GLY O 305 68.51 44.16 26.65
C GLY O 305 69.08 45.46 27.19
N LEU O 306 68.23 46.28 27.78
CA LEU O 306 68.70 47.60 28.18
C LEU O 306 68.91 47.67 29.69
N PRO O 307 69.89 48.45 30.16
CA PRO O 307 70.09 48.61 31.61
C PRO O 307 69.03 49.48 32.26
N GLY O 308 68.99 49.45 33.59
CA GLY O 308 68.00 50.16 34.35
C GLY O 308 67.96 51.66 34.15
N PRO O 309 69.11 52.34 34.22
CA PRO O 309 69.12 53.79 33.96
C PRO O 309 68.59 54.16 32.59
N LEU O 310 68.83 53.33 31.58
CA LEU O 310 68.25 53.59 30.26
C LEU O 310 66.75 53.40 30.25
N VAL O 311 66.26 52.31 30.84
CA VAL O 311 64.84 52.02 30.75
C VAL O 311 64.03 53.03 31.56
N LYS O 312 64.60 53.56 32.63
CA LYS O 312 63.89 54.61 33.37
C LYS O 312 63.69 55.85 32.50
N LYS O 313 64.74 56.27 31.80
CA LYS O 313 64.60 57.40 30.87
C LYS O 313 63.62 57.08 29.75
N LEU O 314 63.66 55.85 29.25
CA LEU O 314 62.75 55.45 28.19
C LEU O 314 61.30 55.54 28.66
N SER O 315 61.04 55.05 29.87
CA SER O 315 59.69 55.15 30.42
C SER O 315 59.29 56.60 30.61
N LYS O 316 60.22 57.43 31.06
CA LYS O 316 59.91 58.85 31.26
C LYS O 316 59.50 59.50 29.95
N THR O 317 60.26 59.25 28.89
CA THR O 317 59.94 59.89 27.62
C THR O 317 58.66 59.33 27.02
N VAL O 318 58.41 58.02 27.17
CA VAL O 318 57.15 57.47 26.68
C VAL O 318 55.99 58.09 27.43
N GLU O 319 56.11 58.23 28.74
CA GLU O 319 55.03 58.81 29.52
C GLU O 319 54.79 60.27 29.14
N THR O 320 55.86 61.03 28.91
CA THR O 320 55.65 62.42 28.50
C THR O 320 55.05 62.49 27.11
N ALA O 321 55.39 61.55 26.23
CA ALA O 321 54.74 61.50 24.92
C ALA O 321 53.25 61.23 25.08
N VAL O 322 52.90 60.30 25.97
CA VAL O 322 51.49 60.00 26.22
C VAL O 322 50.78 61.23 26.75
N ARG O 323 51.41 61.94 27.68
CA ARG O 323 50.81 63.14 28.24
C ARG O 323 50.57 64.18 27.17
N HIS O 324 51.56 64.38 26.28
CA HIS O 324 51.38 65.34 25.20
C HIS O 324 50.26 64.91 24.26
N TYR O 325 50.20 63.61 23.96
CA TYR O 325 49.14 63.08 23.12
C TYR O 325 47.77 63.33 23.73
N TYR O 326 47.63 63.12 25.03
CA TYR O 326 46.36 63.40 25.69
C TYR O 326 46.03 64.88 25.64
N THR O 327 47.01 65.74 25.94
CA THR O 327 46.75 67.18 25.98
C THR O 327 46.35 67.72 24.62
N PHE O 328 46.96 67.19 23.56
CA PHE O 328 46.64 67.66 22.21
C PHE O 328 45.16 67.51 21.90
N ASN O 329 44.52 66.50 22.47
CA ASN O 329 43.12 66.23 22.17
C ASN O 329 42.23 66.45 23.38
N PHE O 360 36.59 81.96 16.97
CA PHE O 360 35.30 82.45 17.43
C PHE O 360 34.70 81.52 18.48
N THR O 361 33.71 82.02 19.22
CA THR O 361 33.00 81.24 20.20
C THR O 361 31.53 81.12 19.79
N PHE O 362 31.03 79.89 19.76
CA PHE O 362 29.64 79.61 19.41
C PHE O 362 28.88 79.34 20.71
N GLY O 363 28.08 80.32 21.14
CA GLY O 363 27.40 80.28 22.42
C GLY O 363 26.05 79.61 22.44
N GLY O 364 25.60 79.05 21.34
CA GLY O 364 24.36 78.30 21.30
C GLY O 364 23.37 78.86 20.30
N VAL O 365 22.25 78.14 20.17
CA VAL O 365 21.16 78.52 19.29
C VAL O 365 19.84 78.29 20.02
N TYR O 366 18.81 78.99 19.56
CA TYR O 366 17.47 78.79 20.10
C TYR O 366 16.45 79.13 19.03
N GLN O 367 15.44 78.27 18.89
CA GLN O 367 14.40 78.42 17.87
C GLN O 367 13.12 78.84 18.55
N GLU O 368 12.78 80.12 18.44
CA GLU O 368 11.54 80.63 18.98
C GLU O 368 10.36 80.16 18.12
N CYS O 369 9.27 79.80 18.79
CA CYS O 369 8.08 79.31 18.11
C CYS O 369 6.89 80.16 18.53
N THR O 370 6.09 80.57 17.55
CA THR O 370 4.91 81.38 17.78
C THR O 370 3.69 80.66 17.22
N GLU O 371 2.66 80.51 18.04
CA GLU O 371 1.42 79.87 17.61
C GLU O 371 0.47 80.92 17.05
N LEU O 372 0.13 80.78 15.77
CA LEU O 372 -0.81 81.68 15.11
C LEU O 372 -2.23 81.14 15.11
N SER O 373 -2.40 79.83 15.27
CA SER O 373 -3.72 79.22 15.36
C SER O 373 -3.56 77.88 16.06
N GLY O 374 -4.23 77.72 17.20
CA GLY O 374 -4.06 76.52 18.00
C GLY O 374 -2.79 76.55 18.80
N ASP O 375 -2.54 75.44 19.50
CA ASP O 375 -1.34 75.29 20.32
C ASP O 375 -0.74 73.91 20.14
N VAL O 376 -0.68 73.44 18.89
CA VAL O 376 -0.22 72.09 18.61
C VAL O 376 1.12 72.06 17.89
N LEU O 377 1.44 73.08 17.08
CA LEU O 377 2.71 73.05 16.36
C LEU O 377 3.89 73.39 17.25
N CYS O 378 3.73 74.36 18.15
CA CYS O 378 4.84 74.85 18.95
C CYS O 378 5.15 73.97 20.15
N GLN O 379 4.37 72.90 20.37
CA GLN O 379 4.72 71.94 21.41
C GLN O 379 6.03 71.22 21.09
N ASN O 380 6.48 71.27 19.85
CA ASN O 380 7.69 70.58 19.43
C ASN O 380 8.65 71.44 18.62
N LEU O 381 8.19 72.53 18.01
CA LEU O 381 9.05 73.35 17.15
C LEU O 381 9.87 74.36 17.93
N GLU O 382 9.70 74.42 19.25
CA GLU O 382 10.44 75.35 20.09
C GLU O 382 11.65 74.64 20.69
N GLN O 383 12.69 75.42 20.98
CA GLN O 383 13.90 74.87 21.59
C GLN O 383 14.62 75.98 22.33
N LYS O 384 14.78 75.81 23.64
CA LYS O 384 15.47 76.80 24.45
C LYS O 384 16.98 76.63 24.35
N ASN O 385 17.70 77.67 24.77
CA ASN O 385 19.15 77.57 24.84
C ASN O 385 19.56 76.69 26.01
N LEU O 386 20.53 75.82 25.76
CA LEU O 386 21.01 74.90 26.79
C LEU O 386 21.67 75.64 27.96
N LEU O 387 22.45 76.67 27.67
CA LEU O 387 23.22 77.35 28.71
C LEU O 387 22.36 78.21 29.63
N THR O 388 21.25 78.75 29.11
CA THR O 388 20.39 79.62 29.91
C THR O 388 19.04 79.00 30.25
N GLY O 389 18.65 77.91 29.58
CA GLY O 389 17.33 77.37 29.82
C GLY O 389 16.21 78.23 29.30
N ASP O 390 16.47 79.07 28.30
CA ASP O 390 15.47 79.98 27.77
C ASP O 390 15.83 80.34 26.34
N PHE O 391 14.83 80.88 25.62
CA PHE O 391 15.03 81.32 24.23
C PHE O 391 15.83 82.61 24.21
N SER O 392 17.12 82.47 24.49
CA SER O 392 18.00 83.64 24.60
C SER O 392 19.43 83.18 24.41
N CYS O 393 20.36 84.12 24.54
CA CYS O 393 21.78 83.80 24.47
C CYS O 393 22.46 84.07 25.80
N PRO O 394 23.53 83.35 26.10
CA PRO O 394 24.21 83.50 27.39
C PRO O 394 24.90 84.85 27.48
N PRO O 395 25.29 85.27 28.69
CA PRO O 395 26.00 86.55 28.83
C PRO O 395 27.28 86.56 28.00
N GLY O 396 27.57 87.72 27.41
CA GLY O 396 28.70 87.86 26.53
C GLY O 396 28.45 87.51 25.08
N TYR O 397 27.25 87.05 24.75
CA TYR O 397 26.90 86.67 23.38
C TYR O 397 25.80 87.57 22.84
N SER O 398 25.90 87.89 21.56
CA SER O 398 24.91 88.69 20.87
C SER O 398 24.03 87.77 20.04
N PRO O 399 22.74 87.63 20.37
CA PRO O 399 21.86 86.79 19.54
C PRO O 399 21.78 87.33 18.13
N VAL O 400 21.88 86.43 17.16
CA VAL O 400 21.85 86.78 15.74
C VAL O 400 20.68 86.06 15.09
N HIS O 401 19.86 86.80 14.36
CA HIS O 401 18.72 86.22 13.67
C HIS O 401 19.20 85.33 12.54
N LEU O 402 19.05 84.02 12.73
CA LEU O 402 19.41 83.06 11.69
C LEU O 402 18.35 82.99 10.61
N LEU O 403 17.14 82.58 10.96
CA LEU O 403 16.07 82.45 9.96
C LEU O 403 14.72 82.31 10.63
N SER O 404 13.72 83.02 10.11
CA SER O 404 12.35 82.93 10.59
C SER O 404 11.47 82.50 9.42
N GLN O 405 10.66 81.46 9.64
CA GLN O 405 9.80 80.92 8.59
C GLN O 405 8.51 80.39 9.21
N THR O 406 7.46 80.33 8.39
CA THR O 406 6.17 79.81 8.80
C THR O 406 6.00 78.37 8.33
N HIS O 407 5.09 77.66 8.99
CA HIS O 407 4.78 76.28 8.64
C HIS O 407 3.33 76.00 8.98
N GLU O 408 2.62 75.33 8.08
CA GLU O 408 1.21 75.00 8.26
C GLU O 408 1.04 73.49 8.28
N GLU O 409 0.20 73.01 9.20
CA GLU O 409 -0.05 71.58 9.35
C GLU O 409 -1.50 71.37 9.77
N GLY O 410 -2.16 70.40 9.12
CA GLY O 410 -3.54 70.09 9.44
C GLY O 410 -3.64 68.99 10.48
N TYR O 411 -4.52 69.22 11.47
CA TYR O 411 -4.74 68.25 12.54
C TYR O 411 -6.22 68.22 12.88
N SER O 412 -6.69 67.04 13.28
CA SER O 412 -8.07 66.86 13.69
C SER O 412 -8.11 66.69 15.20
N ARG O 413 -8.67 67.68 15.89
CA ARG O 413 -8.78 67.67 17.34
C ARG O 413 -10.16 67.18 17.73
N LEU O 414 -10.21 66.17 18.58
CA LEU O 414 -11.46 65.59 19.06
C LEU O 414 -11.70 66.09 20.47
N GLU O 415 -12.89 66.62 20.72
CA GLU O 415 -13.24 67.10 22.05
C GLU O 415 -14.70 66.79 22.33
N CYS O 416 -15.01 66.53 23.59
CA CYS O 416 -16.37 66.24 24.02
C CYS O 416 -16.83 67.29 25.03
N LYS O 417 -18.04 67.78 24.86
CA LYS O 417 -18.60 68.83 25.70
C LYS O 417 -19.98 68.42 26.19
N LYS O 418 -20.33 68.86 27.39
CA LYS O 418 -21.62 68.58 27.99
C LYS O 418 -22.51 69.80 27.79
N LYS O 419 -23.42 69.73 26.81
CA LYS O 419 -24.37 70.79 26.56
C LYS O 419 -25.69 70.46 27.25
N CYS O 420 -26.21 71.41 28.02
CA CYS O 420 -27.49 71.27 28.71
C CYS O 420 -28.42 72.36 28.20
N THR O 421 -29.36 71.97 27.34
CA THR O 421 -30.37 72.90 26.86
C THR O 421 -31.52 72.97 27.86
N LEU O 422 -31.93 74.20 28.18
CA LEU O 422 -33.01 74.49 29.13
C LEU O 422 -32.69 73.96 30.53
N LYS O 423 -31.42 73.67 30.81
CA LYS O 423 -30.95 73.13 32.07
C LYS O 423 -31.60 71.79 32.42
N ILE O 424 -32.35 71.22 31.49
CA ILE O 424 -33.02 69.94 31.72
C ILE O 424 -32.65 68.88 30.70
N PHE O 425 -32.27 69.25 29.48
CA PHE O 425 -31.84 68.29 28.47
C PHE O 425 -30.32 68.34 28.41
N CYS O 426 -29.68 67.49 29.20
CA CYS O 426 -28.23 67.42 29.25
C CYS O 426 -27.74 66.26 28.39
N LYS O 427 -26.78 66.55 27.53
CA LYS O 427 -26.22 65.55 26.62
C LYS O 427 -24.76 65.89 26.39
N THR O 428 -23.93 64.86 26.25
CA THR O 428 -22.54 65.03 25.88
C THR O 428 -22.42 64.80 24.39
N VAL O 429 -21.80 65.76 23.70
CA VAL O 429 -21.56 65.68 22.26
C VAL O 429 -20.06 65.68 22.03
N CYS O 430 -19.57 64.71 21.27
CA CYS O 430 -18.17 64.63 20.90
C CYS O 430 -18.04 65.05 19.45
N GLU O 431 -17.15 65.98 19.17
CA GLU O 431 -16.97 66.52 17.83
C GLU O 431 -15.49 66.66 17.53
N ASP O 432 -15.14 66.44 16.26
CA ASP O 432 -13.78 66.59 15.79
C ASP O 432 -13.70 67.76 14.82
N VAL O 433 -12.67 68.58 14.98
CA VAL O 433 -12.47 69.77 14.17
C VAL O 433 -11.16 69.63 13.43
N PHE O 434 -11.19 69.78 12.11
CA PHE O 434 -10.01 69.72 11.27
C PHE O 434 -9.48 71.13 11.07
N ARG O 435 -8.43 71.48 11.80
CA ARG O 435 -7.87 72.82 11.77
C ARG O 435 -6.47 72.78 11.19
N VAL O 436 -6.14 73.78 10.39
CA VAL O 436 -4.82 73.94 9.82
C VAL O 436 -4.09 74.94 10.70
N ALA O 437 -3.28 74.44 11.62
CA ALA O 437 -2.49 75.29 12.50
C ALA O 437 -1.29 75.84 11.77
N LYS O 438 -1.02 77.13 11.98
CA LYS O 438 0.10 77.82 11.36
C LYS O 438 1.00 78.35 12.46
N ALA O 439 2.30 78.09 12.35
CA ALA O 439 3.26 78.49 13.35
C ALA O 439 4.45 79.20 12.70
N GLU O 440 4.90 80.27 13.33
CA GLU O 440 6.05 81.03 12.86
C GLU O 440 7.23 80.69 13.77
N PHE O 441 8.19 79.94 13.25
CA PHE O 441 9.37 79.56 14.02
C PHE O 441 10.56 80.42 13.61
N ARG O 442 11.24 80.96 14.60
CA ARG O 442 12.38 81.86 14.39
C ARG O 442 13.58 81.28 15.12
N ALA O 443 14.59 80.86 14.36
CA ALA O 443 15.82 80.32 14.91
C ALA O 443 16.93 81.37 14.87
N TYR O 444 17.70 81.43 15.96
CA TYR O 444 18.80 82.37 16.13
C TYR O 444 20.07 81.58 16.41
N TRP O 445 21.20 82.28 16.46
CA TRP O 445 22.46 81.66 16.81
C TRP O 445 23.31 82.66 17.59
N CYS O 446 23.93 82.18 18.66
CA CYS O 446 24.68 83.03 19.58
C CYS O 446 26.14 83.04 19.14
N VAL O 447 26.63 84.20 18.74
CA VAL O 447 28.04 84.39 18.45
C VAL O 447 28.65 85.22 19.57
N ALA O 448 29.95 85.05 19.78
CA ALA O 448 30.65 85.81 20.80
C ALA O 448 30.64 87.28 20.45
N ALA O 449 30.08 88.10 21.34
CA ALA O 449 30.01 89.53 21.09
C ALA O 449 31.39 90.17 20.99
N GLY O 450 32.30 89.79 21.87
CA GLY O 450 33.64 90.32 21.86
C GLY O 450 34.65 89.33 22.40
N GLN O 451 35.60 89.80 23.20
CA GLN O 451 36.59 88.93 23.81
C GLN O 451 35.94 88.23 25.01
N VAL O 452 35.17 87.20 24.68
CA VAL O 452 34.53 86.36 25.71
C VAL O 452 35.61 85.55 26.40
N PRO O 453 35.43 85.18 27.67
CA PRO O 453 36.42 84.33 28.33
C PRO O 453 36.53 82.98 27.64
N ASP O 454 37.75 82.45 27.59
CA ASP O 454 38.03 81.17 26.95
C ASP O 454 38.35 80.12 28.00
N ASN O 455 37.75 78.94 27.85
CA ASN O 455 36.89 78.57 26.74
C ASN O 455 35.43 78.38 27.17
N SER O 456 34.95 79.22 28.08
CA SER O 456 33.58 79.11 28.55
C SER O 456 32.61 79.38 27.40
N GLY O 457 31.87 78.35 27.00
CA GLY O 457 30.98 78.45 25.85
C GLY O 457 30.54 77.06 25.41
N LEU O 458 30.37 76.91 24.10
CA LEU O 458 29.97 75.64 23.50
C LEU O 458 30.75 75.40 22.22
N LEU O 459 30.72 74.15 21.76
CA LEU O 459 31.44 73.74 20.56
C LEU O 459 30.46 73.14 19.54
N PHE O 460 30.86 73.20 18.28
CA PHE O 460 30.03 72.80 17.15
C PHE O 460 30.34 71.35 16.80
N GLY O 461 29.38 70.47 17.04
CA GLY O 461 29.52 69.05 16.79
C GLY O 461 29.00 68.56 15.47
N GLY O 462 28.69 69.45 14.53
CA GLY O 462 28.21 69.03 13.23
C GLY O 462 26.71 69.15 13.10
N VAL O 463 26.25 69.18 11.85
CA VAL O 463 24.83 69.32 11.54
C VAL O 463 24.42 68.20 10.60
N PHE O 464 23.18 67.74 10.79
CA PHE O 464 22.65 66.64 10.00
C PHE O 464 21.13 66.71 10.03
N THR O 465 20.52 66.33 8.92
CA THR O 465 19.08 66.16 8.84
C THR O 465 18.77 64.68 8.59
N ASP O 466 17.47 64.40 8.43
CA ASP O 466 17.03 63.04 8.17
C ASP O 466 17.42 62.55 6.78
N LYS O 467 17.92 63.43 5.92
CA LYS O 467 18.21 63.06 4.54
C LYS O 467 19.65 63.26 4.12
N THR O 468 20.48 63.88 4.96
CA THR O 468 21.89 64.06 4.64
C THR O 468 22.76 63.28 5.61
N ILE O 469 24.07 63.42 5.43
CA ILE O 469 25.05 62.76 6.28
C ILE O 469 25.94 63.81 6.91
N ASN O 470 26.28 63.60 8.18
CA ASN O 470 27.15 64.54 8.88
C ASN O 470 28.59 64.16 8.60
N PRO O 471 29.35 64.99 7.88
CA PRO O 471 30.72 64.60 7.50
C PRO O 471 31.64 64.36 8.68
N MET O 472 31.41 65.02 9.82
CA MET O 472 32.34 64.88 10.93
C MET O 472 32.22 63.51 11.58
N THR O 473 31.00 62.98 11.68
CA THR O 473 30.78 61.67 12.28
C THR O 473 30.37 60.62 11.27
N ASN O 474 30.14 60.99 10.01
CA ASN O 474 29.72 60.06 8.96
C ASN O 474 28.46 59.31 9.35
N ALA O 475 27.60 59.95 10.14
CA ALA O 475 26.41 59.30 10.66
C ALA O 475 25.33 60.35 10.85
N GLN O 476 24.09 59.89 10.89
CA GLN O 476 22.95 60.76 11.14
C GLN O 476 22.59 60.80 12.63
N SER O 477 23.59 61.05 13.46
CA SER O 477 23.40 61.16 14.90
C SER O 477 24.58 61.95 15.47
N CYS O 478 24.50 62.26 16.75
CA CYS O 478 25.56 63.02 17.40
C CYS O 478 26.51 62.09 18.16
N PRO O 479 27.79 62.42 18.20
CA PRO O 479 28.75 61.56 18.90
C PRO O 479 28.50 61.49 20.40
N ALA O 480 29.23 60.59 21.08
CA ALA O 480 29.04 60.41 22.50
C ALA O 480 29.43 61.68 23.25
N GLY O 481 28.70 61.99 24.31
CA GLY O 481 28.90 63.22 25.05
C GLY O 481 28.29 64.44 24.40
N TYR O 482 27.60 64.27 23.29
CA TYR O 482 26.94 65.37 22.59
C TYR O 482 25.43 65.25 22.76
N ILE O 483 24.76 66.36 22.51
CA ILE O 483 23.31 66.47 22.66
C ILE O 483 22.76 67.05 21.35
N PRO O 484 21.69 66.48 20.79
CA PRO O 484 21.08 67.09 19.61
C PRO O 484 20.09 68.18 19.99
N LEU O 485 20.24 69.35 19.39
CA LEU O 485 19.36 70.47 19.61
C LEU O 485 18.63 70.79 18.32
N ASN O 486 17.33 71.06 18.43
CA ASN O 486 16.50 71.29 17.26
C ASN O 486 16.63 72.74 16.80
N LEU O 487 17.01 72.93 15.54
CA LEU O 487 17.17 74.24 14.95
C LEU O 487 16.12 74.55 13.89
N PHE O 488 15.76 73.55 13.08
CA PHE O 488 14.74 73.70 12.05
C PHE O 488 13.69 72.61 12.22
N GLU O 489 12.85 72.43 11.18
CA GLU O 489 11.91 71.32 11.21
C GLU O 489 12.62 69.97 11.24
N SER O 490 13.80 69.89 10.64
CA SER O 490 14.51 68.62 10.55
C SER O 490 15.99 68.70 10.83
N LEU O 491 16.54 69.89 11.09
CA LEU O 491 17.98 70.04 11.30
C LEU O 491 18.30 70.05 12.78
N LYS O 492 19.31 69.27 13.17
CA LYS O 492 19.75 69.17 14.55
C LYS O 492 21.23 69.49 14.64
N VAL O 493 21.62 70.07 15.77
CA VAL O 493 23.00 70.49 16.01
C VAL O 493 23.53 69.72 17.22
N CYS O 494 24.75 69.20 17.09
CA CYS O 494 25.39 68.44 18.16
C CYS O 494 26.17 69.39 19.05
N VAL O 495 25.78 69.46 20.31
CA VAL O 495 26.37 70.39 21.27
C VAL O 495 26.84 69.61 22.49
N SER O 496 28.10 69.78 22.87
CA SER O 496 28.70 69.05 23.98
C SER O 496 29.05 70.00 25.13
N LEU O 497 28.59 69.65 26.33
CA LEU O 497 28.95 70.41 27.54
C LEU O 497 30.42 70.27 27.88
N ASP O 498 30.96 69.06 27.83
CA ASP O 498 32.33 68.81 28.28
C ASP O 498 33.32 69.46 27.32
N TYR O 499 34.34 70.10 27.90
CA TYR O 499 35.33 70.80 27.09
C TYR O 499 36.24 69.83 26.36
N GLU O 500 36.73 68.80 27.06
CA GLU O 500 37.66 67.86 26.46
C GLU O 500 37.00 67.02 25.38
N LEU O 501 35.80 66.48 25.67
CA LEU O 501 35.11 65.65 24.69
C LEU O 501 34.76 66.46 23.45
N GLY O 502 34.29 67.68 23.64
CA GLY O 502 34.02 68.54 22.50
C GLY O 502 35.28 68.85 21.72
N PHE O 503 36.38 69.14 22.42
CA PHE O 503 37.62 69.49 21.73
C PHE O 503 38.12 68.32 20.89
N LYS O 504 37.93 67.10 21.36
CA LYS O 504 38.30 65.94 20.55
C LYS O 504 37.22 65.53 19.57
N PHE O 505 36.04 66.14 19.64
CA PHE O 505 34.93 65.79 18.75
C PHE O 505 34.25 67.03 18.20
N SER O 506 35.01 68.01 17.73
CA SER O 506 34.42 69.18 17.10
C SER O 506 35.40 69.73 16.06
N VAL O 507 34.98 70.81 15.41
CA VAL O 507 35.73 71.44 14.34
C VAL O 507 35.68 72.95 14.59
N PRO O 508 36.72 73.72 14.27
CA PRO O 508 36.61 75.17 14.37
C PRO O 508 35.42 75.70 13.58
N PHE O 509 34.66 76.58 14.22
CA PHE O 509 33.40 77.07 13.68
C PHE O 509 33.47 78.57 13.48
N GLY O 510 32.97 79.02 12.33
CA GLY O 510 33.03 80.43 12.01
C GLY O 510 31.71 81.14 12.25
N GLY O 511 30.62 80.47 11.94
CA GLY O 511 29.30 81.04 12.15
C GLY O 511 28.33 80.62 11.08
N PHE O 512 27.07 81.02 11.27
CA PHE O 512 26.00 80.68 10.35
C PHE O 512 25.63 81.88 9.50
N PHE O 513 24.92 81.60 8.40
CA PHE O 513 24.30 82.65 7.61
C PHE O 513 23.19 82.02 6.77
N SER O 514 22.20 82.84 6.43
CA SER O 514 21.05 82.36 5.67
C SER O 514 20.96 83.10 4.33
N CYS O 515 19.92 82.80 3.56
CA CYS O 515 19.79 83.43 2.25
C CYS O 515 19.39 84.90 2.38
N ILE O 516 18.79 85.27 3.51
CA ILE O 516 18.29 86.62 3.72
C ILE O 516 19.24 87.46 4.55
N MET O 517 20.15 86.83 5.29
CA MET O 517 21.10 87.57 6.11
C MET O 517 22.41 86.82 6.10
N GLY O 518 23.46 87.49 5.62
CA GLY O 518 24.76 86.88 5.53
C GLY O 518 25.52 86.90 6.84
N ASN O 519 26.76 86.44 6.77
CA ASN O 519 27.60 86.32 7.95
C ASN O 519 28.15 87.69 8.34
N PRO O 520 27.94 88.14 9.58
CA PRO O 520 28.49 89.43 10.00
C PRO O 520 29.99 89.41 10.25
N LEU O 521 30.64 88.25 10.24
CA LEU O 521 32.05 88.14 10.56
C LEU O 521 32.94 88.24 9.33
N VAL O 522 32.40 88.70 8.20
CA VAL O 522 33.19 88.87 7.00
C VAL O 522 34.19 90.00 7.19
N ASN O 523 35.20 90.04 6.32
CA ASN O 523 36.23 91.07 6.39
C ASN O 523 36.61 91.57 5.00
N ALA O 532 28.44 97.47 10.56
CA ALA O 532 29.28 96.41 10.05
C ALA O 532 28.56 95.60 8.97
N PRO O 533 29.15 95.54 7.77
CA PRO O 533 28.55 94.75 6.70
C PRO O 533 28.49 93.27 7.05
N SER O 534 27.45 92.61 6.57
CA SER O 534 27.27 91.16 6.75
C SER O 534 27.15 90.55 5.36
N LEU O 535 28.19 89.82 4.94
CA LEU O 535 28.22 89.21 3.62
C LEU O 535 28.10 87.70 3.74
N LYS O 536 27.79 87.07 2.60
CA LYS O 536 27.69 85.61 2.52
C LYS O 536 29.05 85.08 2.09
N LYS O 537 29.99 85.08 3.04
CA LYS O 537 31.33 84.59 2.78
C LYS O 537 31.95 84.14 4.09
N CYS O 538 32.61 82.99 4.06
CA CYS O 538 33.26 82.48 5.26
C CYS O 538 34.56 83.24 5.51
N PRO O 539 34.74 83.84 6.68
CA PRO O 539 35.96 84.59 6.96
C PRO O 539 37.18 83.68 7.05
N GLY O 540 38.32 84.25 6.70
CA GLY O 540 39.57 83.51 6.77
C GLY O 540 39.59 82.33 5.80
N GLY O 541 40.22 81.25 6.25
CA GLY O 541 40.30 80.04 5.44
C GLY O 541 39.17 79.07 5.72
N PHE O 542 38.16 79.51 6.46
CA PHE O 542 36.99 78.69 6.72
C PHE O 542 36.29 78.36 5.40
N SER O 543 35.91 77.11 5.24
CA SER O 543 35.24 76.65 4.03
C SER O 543 33.73 76.78 4.18
N GLN O 544 33.05 76.84 3.04
CA GLN O 544 31.60 77.03 2.99
C GLN O 544 30.94 75.74 2.53
N HIS O 545 30.12 75.15 3.41
CA HIS O 545 29.39 73.94 3.09
C HIS O 545 27.91 74.15 3.36
N LEU O 546 27.08 73.62 2.47
CA LEU O 546 25.63 73.72 2.65
C LEU O 546 25.19 72.95 3.89
N ALA O 547 24.30 73.55 4.67
CA ALA O 547 23.76 72.94 5.87
C ALA O 547 22.30 72.51 5.70
N VAL O 548 21.45 73.38 5.14
CA VAL O 548 20.05 73.05 4.96
C VAL O 548 19.46 73.99 3.91
N ILE O 549 18.34 73.57 3.32
CA ILE O 549 17.58 74.37 2.38
C ILE O 549 16.15 74.41 2.91
N SER O 550 15.79 75.50 3.58
CA SER O 550 14.47 75.66 4.18
C SER O 550 13.63 76.52 3.25
N ASP O 551 12.69 75.89 2.55
CA ASP O 551 11.75 76.57 1.67
C ASP O 551 12.49 77.39 0.61
N GLY O 552 13.53 76.79 0.03
CA GLY O 552 14.34 77.45 -0.97
C GLY O 552 15.36 78.41 -0.41
N CYS O 553 15.39 78.63 0.90
CA CYS O 553 16.37 79.50 1.53
C CYS O 553 17.57 78.67 1.95
N GLN O 554 18.76 79.10 1.54
CA GLN O 554 19.98 78.35 1.81
C GLN O 554 20.58 78.79 3.14
N VAL O 555 20.85 77.83 4.01
CA VAL O 555 21.55 78.07 5.27
C VAL O 555 22.81 77.21 5.25
N SER O 556 23.96 77.83 5.53
CA SER O 556 25.25 77.17 5.46
C SER O 556 26.03 77.47 6.73
N TYR O 557 27.17 76.79 6.88
CA TYR O 557 28.09 77.01 7.98
C TYR O 557 29.50 77.20 7.45
N CYS O 558 30.40 77.59 8.34
CA CYS O 558 31.79 77.84 7.98
C CYS O 558 32.69 77.03 8.90
N VAL O 559 33.51 76.16 8.32
CA VAL O 559 34.50 75.40 9.06
C VAL O 559 35.81 75.44 8.28
N LYS O 560 36.90 75.20 9.00
CA LYS O 560 38.23 75.26 8.40
C LYS O 560 38.37 74.21 7.31
N ALA O 561 39.06 74.60 6.23
CA ALA O 561 39.33 73.67 5.13
C ALA O 561 40.33 72.59 5.50
N GLY O 562 41.10 72.78 6.58
CA GLY O 562 42.11 71.81 6.94
C GLY O 562 41.56 70.49 7.43
N ILE O 563 40.40 70.49 8.07
CA ILE O 563 39.79 69.29 8.59
C ILE O 563 38.92 68.60 7.54
N PHE O 564 38.14 69.37 6.79
CA PHE O 564 37.31 68.79 5.75
C PHE O 564 38.17 68.22 4.63
N THR O 565 37.71 67.11 4.07
CA THR O 565 38.44 66.40 3.03
C THR O 565 37.42 65.70 2.14
N GLY O 566 37.88 64.73 1.35
CA GLY O 566 36.96 63.89 0.60
C GLY O 566 35.99 63.15 1.50
N GLY O 567 36.45 62.72 2.67
CA GLY O 567 35.59 62.18 3.70
C GLY O 567 35.44 60.68 3.68
N SER O 568 35.74 60.03 2.55
CA SER O 568 35.59 58.58 2.50
C SER O 568 36.67 57.89 3.30
N LEU O 569 37.85 58.49 3.39
CA LEU O 569 38.95 57.99 4.22
C LEU O 569 39.05 58.88 5.44
N LEU O 570 38.68 58.35 6.60
CA LEU O 570 38.87 59.06 7.84
C LEU O 570 40.35 59.09 8.15
N PRO O 571 40.94 60.26 8.33
CA PRO O 571 42.38 60.32 8.63
C PRO O 571 42.67 59.74 10.01
N VAL O 572 43.89 59.24 10.17
CA VAL O 572 44.37 58.76 11.46
C VAL O 572 45.26 59.89 11.95
N ARG O 573 44.98 61.10 11.46
CA ARG O 573 45.80 62.27 11.70
C ARG O 573 45.74 62.67 13.18
N LEU O 574 46.51 61.96 13.99
CA LEU O 574 46.63 62.22 15.42
C LEU O 574 48.12 62.54 15.67
N PRO O 575 49.01 61.65 16.12
CA PRO O 575 50.43 62.00 16.04
C PRO O 575 51.00 61.58 14.70
N PRO O 576 52.12 62.17 14.27
CA PRO O 576 52.98 63.14 14.93
C PRO O 576 52.46 64.56 14.81
N TYR O 577 52.89 65.43 15.70
CA TYR O 577 52.49 66.83 15.67
C TYR O 577 53.57 67.71 15.06
N THR O 578 54.58 67.10 14.45
CA THR O 578 55.61 67.81 13.71
C THR O 578 56.15 66.85 12.65
N LYS O 579 56.68 67.44 11.58
CA LYS O 579 57.31 66.64 10.55
C LYS O 579 58.55 65.97 11.11
N PRO O 580 58.96 64.84 10.53
CA PRO O 580 60.16 64.15 11.01
C PRO O 580 61.36 65.08 11.06
N PRO O 581 61.86 65.37 12.25
CA PRO O 581 62.96 66.35 12.36
C PRO O 581 64.23 65.79 11.75
N LEU O 582 64.90 66.63 10.95
CA LEU O 582 66.12 66.20 10.30
C LEU O 582 67.23 65.99 11.33
N MET O 583 68.17 65.11 11.00
CA MET O 583 69.29 64.82 11.89
C MET O 583 70.13 66.06 12.14
N THR P 13 54.69 35.87 -4.06
CA THR P 13 53.92 36.13 -2.84
C THR P 13 52.51 35.58 -2.96
N GLY P 14 52.38 34.43 -3.62
CA GLY P 14 51.08 33.82 -3.76
C GLY P 14 50.57 33.22 -2.48
N PHE P 15 49.26 33.11 -2.38
CA PHE P 15 48.62 32.44 -1.26
C PHE P 15 48.10 31.07 -1.64
N GLN P 16 48.41 30.60 -2.84
CA GLN P 16 47.87 29.34 -3.29
C GLN P 16 48.40 28.17 -2.48
N ILE P 17 49.61 28.30 -1.94
CA ILE P 17 50.16 27.25 -1.10
C ILE P 17 49.28 27.05 0.13
N CYS P 18 48.94 28.15 0.80
CA CYS P 18 48.09 28.05 1.98
C CYS P 18 46.71 27.51 1.62
N LYS P 19 46.14 27.97 0.50
CA LYS P 19 44.83 27.47 0.11
C LYS P 19 44.88 25.97 -0.14
N ASN P 20 45.94 25.49 -0.77
CA ASN P 20 46.08 24.05 -0.92
C ASN P 20 46.20 23.35 0.42
N ALA P 21 46.92 23.95 1.36
CA ALA P 21 47.10 23.33 2.66
C ALA P 21 45.83 23.40 3.50
N LEU P 22 45.17 24.56 3.52
CA LEU P 22 44.10 24.80 4.48
C LEU P 22 42.70 24.69 3.88
N LYS P 23 42.56 24.84 2.57
CA LYS P 23 41.25 24.79 1.92
C LYS P 23 40.32 25.88 2.46
N LEU P 24 40.82 27.11 2.52
CA LEU P 24 40.03 28.22 3.04
C LEU P 24 40.11 29.40 2.09
N PRO P 25 39.10 30.25 2.08
CA PRO P 25 39.17 31.48 1.30
C PRO P 25 40.11 32.47 1.94
N VAL P 26 40.51 33.43 1.17
CA VAL P 26 41.36 34.51 1.67
C VAL P 26 40.50 35.74 1.88
N LEU P 27 40.69 36.40 3.02
CA LEU P 27 39.96 37.63 3.27
C LEU P 27 40.26 38.64 2.18
N GLU P 28 39.23 38.99 1.41
CA GLU P 28 39.45 39.78 0.20
C GLU P 28 39.58 41.27 0.45
N VAL P 29 39.28 41.74 1.65
CA VAL P 29 39.42 43.15 1.97
C VAL P 29 40.65 43.29 2.83
N LEU P 30 41.65 44.02 2.34
CA LEU P 30 42.93 44.09 3.01
C LEU P 30 43.45 45.52 3.01
N PRO P 31 44.16 45.90 4.06
CA PRO P 31 44.76 47.23 4.08
C PRO P 31 46.08 47.25 3.36
N GLY P 32 46.83 48.33 3.51
CA GLY P 32 48.14 48.40 2.90
C GLY P 32 48.14 48.78 1.45
N GLY P 33 47.00 49.16 0.88
CA GLY P 33 46.91 49.62 -0.48
C GLY P 33 46.83 51.14 -0.54
N GLY P 34 47.20 51.66 -1.70
CA GLY P 34 47.07 53.08 -1.92
C GLY P 34 45.62 53.49 -1.98
N TRP P 35 45.40 54.79 -1.85
CA TRP P 35 44.04 55.30 -1.84
C TRP P 35 44.04 56.71 -2.37
N ASP P 36 43.25 56.95 -3.41
CA ASP P 36 43.17 58.25 -4.05
C ASP P 36 42.10 59.06 -3.34
N ASN P 37 42.53 59.89 -2.38
CA ASN P 37 41.58 60.61 -1.55
C ASN P 37 40.72 61.57 -2.36
N LEU P 38 41.21 62.06 -3.49
CA LEU P 38 40.42 62.98 -4.29
C LEU P 38 39.27 62.26 -4.98
N ARG P 39 39.54 61.10 -5.55
CA ARG P 39 38.54 60.36 -6.31
C ARG P 39 37.93 59.20 -5.54
N ASN P 40 38.40 58.92 -4.34
CA ASN P 40 37.85 57.87 -3.48
C ASN P 40 37.83 56.52 -4.20
N VAL P 41 39.03 56.03 -4.52
CA VAL P 41 39.16 54.76 -5.21
C VAL P 41 40.48 54.14 -4.80
N ASP P 42 40.47 52.83 -4.57
CA ASP P 42 41.70 52.11 -4.25
C ASP P 42 42.67 52.22 -5.40
N MET P 43 43.95 52.36 -5.08
CA MET P 43 44.89 52.67 -6.14
C MET P 43 45.94 51.59 -6.37
N GLY P 44 46.70 51.20 -5.35
CA GLY P 44 47.73 50.21 -5.62
C GLY P 44 48.41 49.78 -4.34
N ARG P 45 49.17 48.71 -4.45
CA ARG P 45 49.73 48.04 -3.28
C ARG P 45 50.97 48.78 -2.80
N VAL P 46 50.88 49.34 -1.60
CA VAL P 46 52.01 50.02 -0.99
C VAL P 46 52.75 49.10 -0.02
N MET P 47 52.04 48.55 0.95
CA MET P 47 52.62 47.56 1.84
C MET P 47 52.89 46.27 1.10
N ASP P 48 53.75 45.44 1.67
CA ASP P 48 54.07 44.15 1.10
C ASP P 48 53.18 43.11 1.74
N LEU P 49 52.43 42.38 0.91
CA LEU P 49 51.55 41.32 1.40
C LEU P 49 52.21 39.98 1.09
N THR P 50 52.51 39.22 2.13
CA THR P 50 53.14 37.92 1.98
C THR P 50 52.32 36.88 2.71
N TYR P 51 52.33 35.66 2.19
CA TYR P 51 51.60 34.56 2.78
C TYR P 51 52.56 33.45 3.15
N THR P 52 53.73 33.81 3.67
CA THR P 52 54.73 32.80 4.01
C THR P 52 54.25 31.94 5.18
N ASN P 53 53.68 32.55 6.20
CA ASN P 53 53.33 31.83 7.41
C ASN P 53 52.00 31.11 7.31
N CYS P 54 51.24 31.32 6.25
CA CYS P 54 49.89 30.79 6.14
C CYS P 54 49.05 31.18 7.34
N LYS P 55 49.10 32.47 7.65
CA LYS P 55 48.38 33.01 8.80
C LYS P 55 46.89 32.91 8.56
N THR P 56 46.13 32.79 9.65
CA THR P 56 44.69 32.60 9.60
C THR P 56 44.03 33.50 10.64
N THR P 57 42.78 33.86 10.39
CA THR P 57 41.98 34.46 11.44
C THR P 57 41.71 33.41 12.51
N GLU P 58 41.61 33.88 13.76
CA GLU P 58 41.51 32.95 14.88
C GLU P 58 40.31 32.03 14.74
N ASP P 59 39.20 32.54 14.21
CA ASP P 59 38.03 31.70 14.06
C ASP P 59 38.21 30.66 12.98
N GLY P 60 39.27 30.74 12.19
CA GLY P 60 39.51 29.77 11.16
C GLY P 60 38.69 29.95 9.91
N GLN P 61 38.21 31.15 9.64
CA GLN P 61 37.41 31.41 8.46
C GLN P 61 38.24 31.88 7.27
N TYR P 62 39.21 32.76 7.49
CA TYR P 62 39.94 33.37 6.40
C TYR P 62 41.44 33.27 6.59
N ILE P 63 42.13 33.17 5.47
CA ILE P 63 43.58 33.24 5.40
C ILE P 63 43.95 34.70 5.20
N ILE P 64 44.89 35.19 6.01
CA ILE P 64 45.25 36.59 5.90
C ILE P 64 46.76 36.71 5.70
N PRO P 65 47.24 37.78 5.08
CA PRO P 65 48.68 37.95 4.92
C PRO P 65 49.35 38.15 6.26
N ASP P 66 50.65 37.89 6.29
CA ASP P 66 51.39 37.96 7.54
C ASP P 66 51.48 39.37 8.09
N GLU P 67 51.23 40.39 7.29
CA GLU P 67 51.44 41.76 7.71
C GLU P 67 50.17 42.41 8.27
N VAL P 68 49.10 41.64 8.44
CA VAL P 68 47.85 42.18 8.94
C VAL P 68 47.39 41.37 10.13
N TYR P 69 46.59 42.01 10.97
CA TYR P 69 45.90 41.31 12.05
C TYR P 69 44.46 41.79 12.09
N THR P 70 43.57 40.90 12.50
CA THR P 70 42.14 41.14 12.46
C THR P 70 41.60 41.20 13.87
N ILE P 71 40.88 42.26 14.19
CA ILE P 71 40.11 42.35 15.41
C ILE P 71 38.70 41.88 15.12
N PRO P 72 38.20 40.86 15.79
CA PRO P 72 36.85 40.36 15.53
C PRO P 72 35.81 41.27 16.15
N GLN P 73 35.03 41.93 15.32
CA GLN P 73 33.92 42.77 15.76
C GLN P 73 32.72 42.30 14.95
N LYS P 74 32.04 41.26 15.41
CA LYS P 74 31.00 40.65 14.61
C LYS P 74 29.67 41.30 14.95
N GLU P 75 29.55 42.56 14.57
CA GLU P 75 28.39 43.38 14.87
C GLU P 75 27.41 43.34 13.71
N SER P 76 26.13 43.48 14.01
CA SER P 76 25.08 43.60 13.01
C SER P 76 24.12 44.67 13.46
N ASN P 77 23.68 45.51 12.53
CA ASN P 77 22.62 46.48 12.81
C ASN P 77 21.50 46.25 11.82
N LEU P 78 20.28 46.17 12.32
CA LEU P 78 19.09 46.07 11.50
C LEU P 78 18.21 47.26 11.81
N GLU P 79 17.63 47.85 10.78
CA GLU P 79 16.57 48.83 10.97
C GLU P 79 15.45 48.53 10.02
N MET P 80 14.22 48.61 10.50
CA MET P 80 13.05 48.47 9.65
C MET P 80 12.09 49.59 10.00
N ASN P 81 11.55 50.23 8.98
CA ASN P 81 10.54 51.27 9.16
C ASN P 81 9.43 51.02 8.17
N SER P 82 8.25 50.71 8.66
CA SER P 82 7.06 50.57 7.85
C SER P 82 6.13 51.71 8.23
N GLU P 83 5.40 52.23 7.25
CA GLU P 83 4.48 53.32 7.49
C GLU P 83 3.34 53.22 6.48
N VAL P 84 2.14 52.96 6.97
CA VAL P 84 0.97 52.81 6.13
C VAL P 84 0.03 53.96 6.43
N LEU P 85 -0.43 54.66 5.40
CA LEU P 85 -1.40 55.73 5.55
C LEU P 85 -2.53 55.47 4.58
N GLU P 86 -3.73 55.26 5.09
CA GLU P 86 -4.90 55.13 4.25
C GLU P 86 -5.85 56.26 4.55
N SER P 87 -6.55 56.70 3.52
CA SER P 87 -7.63 57.66 3.67
C SER P 87 -8.81 57.15 2.86
N TRP P 88 -10.01 57.34 3.38
CA TRP P 88 -11.20 56.95 2.66
C TRP P 88 -12.24 58.03 2.91
N MET P 89 -12.82 58.55 1.84
CA MET P 89 -13.92 59.48 1.96
C MET P 89 -15.06 59.00 1.06
N ASN P 90 -16.20 58.73 1.67
CA ASN P 90 -17.40 58.30 0.97
C ASN P 90 -18.45 59.39 1.13
N TYR P 91 -19.25 59.59 0.09
CA TYR P 91 -20.28 60.62 0.14
C TYR P 91 -21.44 60.20 -0.73
N GLN P 92 -22.66 60.37 -0.24
CA GLN P 92 -23.85 60.11 -1.03
C GLN P 92 -24.81 61.28 -0.85
N SER P 93 -25.73 61.43 -1.79
CA SER P 93 -26.70 62.51 -1.74
C SER P 93 -27.89 62.14 -2.59
N THR P 94 -29.02 61.87 -1.95
CA THR P 94 -30.26 61.55 -2.65
C THR P 94 -31.27 62.64 -2.36
N THR P 95 -31.76 63.30 -3.41
CA THR P 95 -32.78 64.32 -3.26
C THR P 95 -33.93 64.01 -4.21
N SER P 96 -35.13 63.94 -3.68
CA SER P 96 -36.32 63.68 -4.47
C SER P 96 -37.25 64.87 -4.40
N LEU P 97 -38.23 64.91 -5.29
CA LEU P 97 -39.23 65.98 -5.29
C LEU P 97 -40.42 65.50 -6.10
N SER P 98 -41.56 65.30 -5.44
CA SER P 98 -42.76 64.84 -6.12
C SER P 98 -43.85 65.90 -5.98
N ILE P 99 -44.53 66.18 -7.09
CA ILE P 99 -45.61 67.16 -7.12
C ILE P 99 -46.80 66.50 -7.78
N ASN P 100 -47.96 66.57 -7.14
CA ASN P 100 -49.19 66.08 -7.73
C ASN P 100 -50.25 67.17 -7.69
N THR P 101 -50.87 67.42 -8.83
CA THR P 101 -51.98 68.35 -8.94
C THR P 101 -53.16 67.59 -9.51
N GLU P 102 -54.33 67.78 -8.92
CA GLU P 102 -55.56 67.19 -9.45
C GLU P 102 -56.66 68.22 -9.36
N LEU P 103 -57.31 68.48 -10.49
CA LEU P 103 -58.36 69.48 -10.59
C LEU P 103 -59.60 68.83 -11.13
N ALA P 104 -60.73 69.02 -10.45
CA ALA P 104 -62.01 68.50 -10.89
C ALA P 104 -63.02 69.63 -10.95
N LEU P 105 -63.51 69.94 -12.14
CA LEU P 105 -64.45 71.02 -12.35
C LEU P 105 -65.79 70.44 -12.79
N PHE P 106 -66.85 70.89 -12.12
CA PHE P 106 -68.24 70.60 -12.48
C PHE P 106 -68.53 69.11 -12.50
N SER P 107 -67.70 68.32 -11.83
CA SER P 107 -67.77 66.86 -11.83
C SER P 107 -67.68 66.27 -13.23
N ARG P 108 -67.10 66.99 -14.18
CA ARG P 108 -66.92 66.49 -15.54
C ARG P 108 -65.50 66.62 -16.04
N VAL P 109 -64.81 67.71 -15.73
CA VAL P 109 -63.46 67.94 -16.24
C VAL P 109 -62.48 67.52 -15.16
N ASN P 110 -61.53 66.65 -15.50
CA ASN P 110 -60.54 66.15 -14.57
C ASN P 110 -59.15 66.32 -15.16
N GLY P 111 -58.33 67.14 -14.53
CA GLY P 111 -56.96 67.31 -14.96
C GLY P 111 -55.94 66.97 -13.90
N LYS P 112 -55.13 65.93 -14.16
CA LYS P 112 -54.09 65.50 -13.24
C LYS P 112 -52.73 65.82 -13.83
N PHE P 113 -51.76 66.10 -12.96
CA PHE P 113 -50.43 66.53 -13.37
C PHE P 113 -49.47 66.13 -12.27
N SER P 114 -48.72 65.05 -12.50
CA SER P 114 -47.87 64.47 -11.46
C SER P 114 -46.45 64.36 -11.98
N THR P 115 -45.54 65.10 -11.38
CA THR P 115 -44.14 65.08 -11.76
C THR P 115 -43.31 64.58 -10.59
N GLU P 116 -42.11 64.10 -10.90
CA GLU P 116 -41.21 63.56 -9.90
C GLU P 116 -39.79 63.67 -10.40
N PHE P 117 -38.94 64.32 -9.63
CA PHE P 117 -37.53 64.45 -9.93
C PHE P 117 -36.73 63.73 -8.86
N GLN P 118 -35.61 63.15 -9.24
CA GLN P 118 -34.84 62.34 -8.31
C GLN P 118 -33.38 62.35 -8.72
N ARG P 119 -32.52 62.90 -7.87
CA ARG P 119 -31.10 63.01 -8.16
C ARG P 119 -30.30 62.29 -7.09
N MET P 120 -29.54 61.28 -7.49
CA MET P 120 -28.65 60.55 -6.60
C MET P 120 -27.21 60.83 -7.03
N LYS P 121 -26.34 61.05 -6.05
CA LYS P 121 -24.94 61.31 -6.32
C LYS P 121 -24.09 60.51 -5.36
N THR P 122 -22.98 60.00 -5.83
CA THR P 122 -22.07 59.20 -5.02
C THR P 122 -20.63 59.56 -5.37
N LEU P 123 -19.80 59.70 -4.35
CA LEU P 123 -18.37 59.92 -4.54
C LEU P 123 -17.62 59.03 -3.59
N GLN P 124 -16.54 58.42 -4.06
CA GLN P 124 -15.66 57.65 -3.22
C GLN P 124 -14.23 58.00 -3.58
N VAL P 125 -13.42 58.24 -2.57
CA VAL P 125 -11.99 58.46 -2.75
C VAL P 125 -11.26 57.57 -1.77
N LYS P 126 -10.28 56.83 -2.25
CA LYS P 126 -9.54 55.89 -1.43
C LYS P 126 -8.06 56.03 -1.73
N ASP P 127 -7.27 56.40 -0.74
CA ASP P 127 -5.85 56.60 -0.91
C ASP P 127 -5.08 55.67 -0.01
N GLN P 128 -3.99 55.12 -0.51
CA GLN P 128 -3.06 54.34 0.29
C GLN P 128 -1.65 54.80 -0.02
N ALA P 129 -0.82 54.87 1.00
CA ALA P 129 0.59 55.17 0.85
C ALA P 129 1.35 54.27 1.80
N VAL P 130 2.05 53.29 1.26
CA VAL P 130 2.86 52.36 2.03
C VAL P 130 4.31 52.70 1.79
N THR P 131 5.08 52.82 2.86
CA THR P 131 6.50 53.08 2.74
C THR P 131 7.25 52.10 3.62
N THR P 132 8.26 51.46 3.04
CA THR P 132 9.03 50.47 3.77
C THR P 132 10.51 50.76 3.56
N ARG P 133 11.29 50.66 4.61
CA ARG P 133 12.73 50.83 4.52
C ARG P 133 13.40 49.81 5.41
N VAL P 134 14.30 49.03 4.83
CA VAL P 134 15.09 48.04 5.57
C VAL P 134 16.55 48.40 5.40
N GLN P 135 17.32 48.32 6.47
CA GLN P 135 18.71 48.72 6.43
C GLN P 135 19.53 47.77 7.28
N VAL P 136 20.33 46.93 6.63
CA VAL P 136 21.17 45.94 7.29
C VAL P 136 22.60 46.38 7.14
N ARG P 137 23.38 46.23 8.20
CA ARG P 137 24.79 46.59 8.15
C ARG P 137 25.57 45.64 9.04
N ASN P 138 26.30 44.72 8.45
CA ASN P 138 27.17 43.81 9.17
C ASN P 138 28.59 44.31 9.11
N ARG P 139 29.25 44.33 10.26
CA ARG P 139 30.68 44.53 10.33
C ARG P 139 31.25 43.28 10.96
N ILE P 140 32.31 42.73 10.37
CA ILE P 140 32.77 41.44 10.84
C ILE P 140 34.14 41.56 11.47
N TYR P 141 35.10 42.07 10.71
CA TYR P 141 36.46 42.21 11.16
C TYR P 141 36.90 43.65 11.01
N THR P 142 37.96 43.99 11.72
CA THR P 142 38.73 45.18 11.44
C THR P 142 40.14 44.71 11.13
N VAL P 143 40.57 44.91 9.89
CA VAL P 143 41.88 44.44 9.45
C VAL P 143 42.85 45.61 9.52
N LYS P 144 43.95 45.43 10.23
CA LYS P 144 44.94 46.49 10.37
C LYS P 144 46.30 45.97 9.95
N THR P 145 47.13 46.87 9.42
CA THR P 145 48.50 46.49 9.07
C THR P 145 49.36 46.40 10.32
N THR P 146 50.17 45.38 10.39
CA THR P 146 51.13 45.26 11.47
C THR P 146 52.09 46.45 11.42
N PRO P 147 52.40 47.05 12.56
CA PRO P 147 53.29 48.23 12.54
C PRO P 147 54.67 47.93 11.98
N THR P 148 55.06 46.66 11.89
CA THR P 148 56.36 46.26 11.35
C THR P 148 56.29 45.86 9.88
N SER P 149 55.35 46.43 9.13
CA SER P 149 55.20 46.02 7.75
C SER P 149 56.21 46.76 6.86
N GLU P 150 56.48 46.17 5.71
CA GLU P 150 57.45 46.69 4.75
C GLU P 150 56.76 47.14 3.48
N LEU P 151 57.40 48.08 2.79
CA LEU P 151 56.85 48.56 1.54
C LEU P 151 56.92 47.48 0.47
N SER P 152 55.98 47.54 -0.47
CA SER P 152 55.96 46.56 -1.53
C SER P 152 57.15 46.77 -2.46
N LEU P 153 57.40 45.77 -3.30
CA LEU P 153 58.53 45.85 -4.22
C LEU P 153 58.36 47.02 -5.18
N GLY P 154 57.18 47.14 -5.80
CA GLY P 154 56.99 48.16 -6.81
C GLY P 154 57.06 49.57 -6.25
N PHE P 155 56.49 49.78 -5.07
CA PHE P 155 56.56 51.10 -4.46
C PHE P 155 57.99 51.47 -4.15
N THR P 156 58.77 50.53 -3.62
CA THR P 156 60.18 50.78 -3.38
C THR P 156 60.89 51.11 -4.69
N LYS P 157 60.59 50.38 -5.75
CA LYS P 157 61.27 50.61 -7.02
C LYS P 157 60.99 52.01 -7.54
N ALA P 158 59.73 52.43 -7.49
CA ALA P 158 59.40 53.78 -7.95
C ALA P 158 60.08 54.83 -7.09
N LEU P 159 60.11 54.61 -5.77
CA LEU P 159 60.78 55.57 -4.90
C LEU P 159 62.26 55.67 -5.22
N MET P 160 62.91 54.52 -5.45
CA MET P 160 64.33 54.53 -5.79
C MET P 160 64.55 55.24 -7.11
N ASP P 161 63.65 55.06 -8.07
CA ASP P 161 63.81 55.76 -9.34
C ASP P 161 63.72 57.26 -9.15
N ILE P 162 62.79 57.72 -8.32
CA ILE P 162 62.71 59.15 -8.05
C ILE P 162 63.98 59.64 -7.36
N CYS P 163 64.49 58.85 -6.42
CA CYS P 163 65.72 59.24 -5.73
C CYS P 163 66.88 59.35 -6.71
N ASP P 164 67.00 58.40 -7.63
CA ASP P 164 68.07 58.46 -8.61
C ASP P 164 67.92 59.66 -9.53
N GLN P 165 66.69 59.95 -9.95
CA GLN P 165 66.48 61.11 -10.79
C GLN P 165 66.84 62.40 -10.07
N LEU P 166 66.52 62.50 -8.79
CA LEU P 166 66.96 63.65 -8.01
C LEU P 166 68.48 63.69 -7.89
N GLU P 167 69.10 62.52 -7.74
CA GLU P 167 70.55 62.45 -7.65
C GLU P 167 71.22 62.96 -8.90
N LYS P 168 70.64 62.66 -10.07
CA LYS P 168 71.18 63.19 -11.32
C LYS P 168 70.89 64.68 -11.50
N ASN P 169 70.39 65.35 -10.47
CA ASN P 169 70.13 66.79 -10.52
C ASN P 169 69.23 67.15 -11.70
N GLN P 170 68.24 66.30 -11.94
CA GLN P 170 67.30 66.50 -13.03
C GLN P 170 65.90 66.57 -12.42
N THR P 171 65.52 67.75 -11.97
CA THR P 171 64.23 67.96 -11.34
C THR P 171 63.07 67.82 -12.32
N LYS P 172 63.36 67.78 -13.61
CA LYS P 172 62.28 67.71 -14.59
C LYS P 172 61.56 66.37 -14.51
N MET P 173 62.26 65.28 -14.78
CA MET P 173 61.63 63.98 -14.63
C MET P 173 61.52 63.53 -13.18
N ALA P 174 62.16 64.23 -12.25
CA ALA P 174 61.89 63.96 -10.84
C ALA P 174 60.44 64.27 -10.51
N THR P 175 59.98 65.47 -10.85
CA THR P 175 58.59 65.83 -10.58
C THR P 175 57.63 64.99 -11.38
N TYR P 176 57.97 64.70 -12.64
CA TYR P 176 57.12 63.84 -13.45
C TYR P 176 57.00 62.45 -12.83
N LEU P 177 58.11 61.90 -12.38
CA LEU P 177 58.08 60.57 -11.79
C LEU P 177 57.30 60.58 -10.48
N ALA P 178 57.41 61.66 -9.70
CA ALA P 178 56.61 61.78 -8.50
C ALA P 178 55.12 61.83 -8.83
N GLU P 179 54.75 62.56 -9.87
CA GLU P 179 53.35 62.61 -10.26
C GLU P 179 52.86 61.25 -10.73
N LEU P 180 53.71 60.50 -11.42
CA LEU P 180 53.36 59.14 -11.79
C LEU P 180 53.16 58.28 -10.56
N LEU P 181 54.00 58.46 -9.55
CA LEU P 181 53.84 57.74 -8.30
C LEU P 181 52.50 58.06 -7.67
N ILE P 182 52.12 59.33 -7.66
CA ILE P 182 50.83 59.73 -7.12
C ILE P 182 49.71 59.06 -7.89
N LEU P 183 49.81 59.05 -9.21
CA LEU P 183 48.77 58.45 -10.03
C LEU P 183 48.63 56.96 -9.75
N ASN P 184 49.75 56.25 -9.62
CA ASN P 184 49.66 54.81 -9.44
C ASN P 184 49.25 54.41 -8.04
N TYR P 185 49.69 55.16 -7.03
CA TYR P 185 49.49 54.73 -5.65
C TYR P 185 48.59 55.68 -4.86
N GLY P 186 47.99 56.65 -5.52
CA GLY P 186 47.06 57.48 -4.79
C GLY P 186 47.76 58.41 -3.81
N THR P 187 46.96 58.97 -2.92
CA THR P 187 47.44 59.98 -1.97
C THR P 187 47.73 59.41 -0.59
N HIS P 188 46.86 58.56 -0.08
CA HIS P 188 47.03 57.98 1.24
C HIS P 188 47.30 56.49 1.13
N VAL P 189 47.62 55.88 2.26
CA VAL P 189 47.76 54.44 2.38
C VAL P 189 46.78 53.97 3.43
N ILE P 190 46.02 52.94 3.11
CA ILE P 190 45.02 52.44 4.03
C ILE P 190 45.68 51.55 5.07
N THR P 191 45.53 51.90 6.34
CA THR P 191 46.10 51.11 7.42
C THR P 191 45.05 50.27 8.15
N SER P 192 43.77 50.56 7.97
CA SER P 192 42.75 49.77 8.63
C SER P 192 41.46 49.86 7.82
N VAL P 193 40.80 48.72 7.67
CA VAL P 193 39.53 48.62 6.98
C VAL P 193 38.56 47.86 7.86
N ASP P 194 37.32 47.79 7.43
CA ASP P 194 36.30 47.00 8.11
C ASP P 194 35.65 46.07 7.09
N ALA P 195 35.94 44.79 7.17
CA ALA P 195 35.23 43.82 6.36
C ALA P 195 33.78 43.81 6.79
N GLY P 196 32.87 43.69 5.84
CA GLY P 196 31.47 43.66 6.22
C GLY P 196 30.56 43.61 5.02
N ALA P 197 29.32 44.01 5.24
CA ALA P 197 28.31 44.03 4.20
C ALA P 197 27.25 45.03 4.60
N ALA P 198 26.48 45.46 3.62
CA ALA P 198 25.41 46.41 3.85
C ALA P 198 24.31 46.20 2.83
N LEU P 199 23.11 46.63 3.19
CA LEU P 199 21.94 46.41 2.36
C LEU P 199 20.91 47.47 2.71
N VAL P 200 20.28 48.04 1.71
CA VAL P 200 19.22 49.01 1.90
C VAL P 200 18.10 48.69 0.93
N GLN P 201 16.87 48.60 1.43
CA GLN P 201 15.71 48.43 0.58
C GLN P 201 14.72 49.54 0.89
N GLU P 202 14.09 50.06 -0.14
CA GLU P 202 13.02 51.05 0.00
C GLU P 202 11.88 50.65 -0.92
N ASP P 203 10.66 50.68 -0.39
CA ASP P 203 9.46 50.50 -1.20
C ASP P 203 8.53 51.67 -0.96
N HIS P 204 7.90 52.16 -2.02
CA HIS P 204 6.83 53.13 -1.93
C HIS P 204 5.69 52.65 -2.80
N VAL P 205 4.55 52.41 -2.19
CA VAL P 205 3.33 52.07 -2.92
C VAL P 205 2.35 53.21 -2.72
N ARG P 206 1.77 53.70 -3.82
CA ARG P 206 0.76 54.75 -3.76
C ARG P 206 -0.43 54.29 -4.58
N SER P 207 -1.58 54.18 -3.93
CA SER P 207 -2.81 53.82 -4.62
C SER P 207 -3.81 54.96 -4.46
N SER P 208 -4.43 55.35 -5.56
CA SER P 208 -5.50 56.33 -5.56
C SER P 208 -6.67 55.76 -6.31
N PHE P 209 -7.84 55.83 -5.72
CA PHE P 209 -9.06 55.31 -6.33
C PHE P 209 -10.13 56.37 -6.21
N LEU P 210 -10.76 56.68 -7.32
CA LEU P 210 -11.82 57.67 -7.34
C LEU P 210 -13.01 57.09 -8.08
N LEU P 211 -14.18 57.19 -7.47
CA LEU P 211 -15.41 56.73 -8.09
C LEU P 211 -16.42 57.86 -8.01
N ASP P 212 -17.10 58.12 -9.10
CA ASP P 212 -18.12 59.14 -9.17
C ASP P 212 -19.35 58.52 -9.81
N ASN P 213 -20.52 58.92 -9.36
CA ASN P 213 -21.73 58.30 -9.86
C ASN P 213 -22.89 59.26 -9.74
N GLN P 214 -23.71 59.33 -10.78
CA GLN P 214 -24.87 60.22 -10.80
C GLN P 214 -26.04 59.48 -11.41
N ASN P 215 -27.20 59.57 -10.77
CA ASN P 215 -28.43 59.04 -11.33
C ASN P 215 -29.45 60.17 -11.34
N SER P 216 -30.10 60.36 -12.47
CA SER P 216 -31.11 61.41 -12.61
C SER P 216 -32.35 60.78 -13.19
N GLN P 217 -33.48 60.94 -12.52
CA GLN P 217 -34.73 60.35 -12.95
C GLN P 217 -35.83 61.41 -12.92
N ASN P 218 -36.56 61.52 -14.01
CA ASN P 218 -37.67 62.45 -14.11
C ASN P 218 -38.89 61.69 -14.60
N THR P 219 -40.04 62.00 -14.03
CA THR P 219 -41.30 61.37 -14.40
C THR P 219 -42.37 62.44 -14.50
N VAL P 220 -43.18 62.38 -15.54
CA VAL P 220 -44.28 63.31 -15.74
C VAL P 220 -45.48 62.51 -16.21
N THR P 221 -46.64 62.77 -15.62
CA THR P 221 -47.89 62.12 -16.01
C THR P 221 -48.99 63.15 -16.01
N ALA P 222 -49.54 63.45 -17.19
CA ALA P 222 -50.55 64.49 -17.33
C ALA P 222 -51.80 63.87 -17.92
N SER P 223 -52.90 63.90 -17.18
CA SER P 223 -54.17 63.34 -17.61
C SER P 223 -55.21 64.43 -17.72
N ALA P 224 -56.15 64.27 -18.63
CA ALA P 224 -57.24 65.20 -18.83
C ALA P 224 -58.43 64.44 -19.38
N GLY P 225 -59.47 64.32 -18.58
CA GLY P 225 -60.67 63.63 -19.00
C GLY P 225 -61.92 64.46 -18.80
N ILE P 226 -62.63 64.75 -19.88
CA ILE P 226 -63.88 65.47 -19.83
C ILE P 226 -64.98 64.47 -20.12
N ALA P 227 -66.08 64.53 -19.37
CA ALA P 227 -67.14 63.54 -19.47
C ALA P 227 -68.47 64.25 -19.26
N PHE P 228 -69.18 64.51 -20.36
CA PHE P 228 -70.53 65.06 -20.29
C PHE P 228 -71.47 63.97 -19.81
N LEU P 229 -72.78 64.24 -19.88
CA LEU P 229 -73.79 63.29 -19.43
C LEU P 229 -74.12 62.33 -20.57
N ASN P 230 -73.25 61.32 -20.71
CA ASN P 230 -73.48 60.20 -21.64
C ASN P 230 -73.67 60.68 -23.08
N ILE P 231 -72.92 61.69 -23.48
CA ILE P 231 -72.92 62.17 -24.86
C ILE P 231 -71.50 62.20 -25.44
N VAL P 232 -70.57 62.84 -24.73
CA VAL P 232 -69.18 62.92 -25.16
C VAL P 232 -68.29 62.51 -24.00
N ASN P 233 -67.28 61.69 -24.29
CA ASN P 233 -66.30 61.28 -23.29
C ASN P 233 -64.93 61.30 -23.94
N PHE P 234 -64.02 62.11 -23.39
CA PHE P 234 -62.74 62.40 -24.01
C PHE P 234 -61.65 62.32 -22.95
N LYS P 235 -60.76 61.34 -23.07
CA LYS P 235 -59.72 61.14 -22.07
C LYS P 235 -58.36 61.09 -22.74
N VAL P 236 -57.41 61.85 -22.20
CA VAL P 236 -56.06 61.96 -22.76
C VAL P 236 -55.07 61.87 -21.62
N GLU P 237 -54.23 60.84 -21.62
CA GLU P 237 -53.19 60.72 -20.60
C GLU P 237 -51.84 60.52 -21.26
N THR P 238 -50.90 61.38 -20.92
CA THR P 238 -49.55 61.32 -21.46
C THR P 238 -48.60 60.99 -20.32
N ASP P 239 -47.58 60.21 -20.63
CA ASP P 239 -46.57 59.82 -19.67
C ASP P 239 -45.19 60.14 -20.24
N TYR P 240 -44.22 60.29 -19.35
CA TYR P 240 -42.86 60.59 -19.75
C TYR P 240 -41.94 60.13 -18.64
N ILE P 241 -40.97 59.30 -18.96
CA ILE P 241 -39.94 58.88 -18.02
C ILE P 241 -38.58 59.17 -18.63
N SER P 242 -37.63 59.53 -17.79
CA SER P 242 -36.27 59.80 -18.25
C SER P 242 -35.32 59.38 -17.16
N GLN P 243 -34.60 58.29 -17.36
CA GLN P 243 -33.70 57.74 -16.36
C GLN P 243 -32.31 57.68 -16.95
N THR P 244 -31.35 58.35 -16.30
CA THR P 244 -29.98 58.41 -16.78
C THR P 244 -29.04 58.04 -15.65
N SER P 245 -28.01 57.27 -15.97
CA SER P 245 -26.96 56.94 -15.02
C SER P 245 -25.61 57.30 -15.62
N LEU P 246 -24.63 57.57 -14.76
CA LEU P 246 -23.30 57.90 -15.23
C LEU P 246 -22.31 57.64 -14.12
N THR P 247 -21.45 56.64 -14.30
CA THR P 247 -20.43 56.31 -13.33
C THR P 247 -19.06 56.45 -13.97
N LYS P 248 -18.13 57.00 -13.23
CA LYS P 248 -16.77 57.24 -13.72
C LYS P 248 -15.79 56.77 -12.66
N ASP P 249 -14.95 55.81 -13.01
CA ASP P 249 -13.92 55.33 -12.09
C ASP P 249 -12.57 55.88 -12.50
N TYR P 250 -11.60 55.68 -11.62
CA TYR P 250 -10.24 56.06 -11.91
C TYR P 250 -9.36 55.37 -10.88
N LEU P 251 -8.35 54.65 -11.33
CA LEU P 251 -7.48 53.91 -10.44
C LEU P 251 -6.04 54.21 -10.79
N SER P 252 -5.17 54.24 -9.79
CA SER P 252 -3.77 54.60 -10.01
C SER P 252 -2.91 53.89 -8.99
N ASN P 253 -2.08 52.97 -9.44
CA ASN P 253 -1.07 52.32 -8.62
C ASN P 253 0.31 52.80 -9.03
N ARG P 254 1.17 53.05 -8.06
CA ARG P 254 2.54 53.43 -8.37
C ARG P 254 3.44 52.83 -7.32
N THR P 255 4.26 51.85 -7.70
CA THR P 255 5.18 51.21 -6.78
C THR P 255 6.60 51.47 -7.23
N ASN P 256 7.46 51.88 -6.31
CA ASN P 256 8.87 52.04 -6.57
C ASN P 256 9.64 51.25 -5.54
N SER P 257 10.47 50.31 -5.99
CA SER P 257 11.36 49.58 -5.11
C SER P 257 12.78 49.92 -5.51
N ARG P 258 13.64 50.12 -4.53
CA ARG P 258 15.04 50.38 -4.80
C ARG P 258 15.87 49.64 -3.77
N VAL P 259 16.78 48.80 -4.24
CA VAL P 259 17.64 48.00 -3.39
C VAL P 259 19.08 48.34 -3.72
N GLN P 260 19.90 48.49 -2.70
CA GLN P 260 21.31 48.81 -2.88
C GLN P 260 22.10 47.97 -1.90
N SER P 261 23.01 47.16 -2.42
CA SER P 261 23.72 46.17 -1.63
C SER P 261 25.22 46.36 -1.80
N PHE P 262 25.97 46.23 -0.71
CA PHE P 262 27.42 46.22 -0.76
C PHE P 262 27.88 44.93 -0.10
N GLY P 263 28.63 44.13 -0.84
CA GLY P 263 29.05 42.86 -0.29
C GLY P 263 27.92 41.86 -0.35
N GLY P 264 28.24 40.60 -0.19
CA GLY P 264 27.22 39.58 -0.13
C GLY P 264 26.85 39.08 -1.51
N VAL P 265 25.94 38.11 -1.52
CA VAL P 265 25.48 37.49 -2.76
C VAL P 265 24.78 38.55 -3.60
N PRO P 266 24.86 38.49 -4.93
CA PRO P 266 24.04 39.39 -5.74
C PRO P 266 22.58 39.32 -5.37
N PHE P 267 21.98 40.48 -5.14
CA PHE P 267 20.63 40.53 -4.61
C PHE P 267 19.61 40.24 -5.69
N TYR P 268 18.57 39.49 -5.34
CA TYR P 268 17.41 39.33 -6.19
C TYR P 268 16.16 39.50 -5.33
N PRO P 269 15.05 39.97 -5.92
CA PRO P 269 13.93 40.44 -5.09
C PRO P 269 13.36 39.40 -4.16
N GLY P 270 13.35 38.12 -4.53
CA GLY P 270 12.68 37.15 -3.71
C GLY P 270 13.51 36.64 -2.56
N ILE P 271 14.70 37.19 -2.38
CA ILE P 271 15.63 36.70 -1.37
C ILE P 271 15.14 37.12 -0.01
N THR P 272 15.41 36.28 0.97
CA THR P 272 15.11 36.57 2.35
C THR P 272 16.36 37.10 3.03
N LEU P 273 16.18 37.95 4.03
CA LEU P 273 17.33 38.42 4.76
C LEU P 273 18.11 37.28 5.39
N GLU P 274 17.46 36.17 5.70
CA GLU P 274 18.21 35.02 6.21
C GLU P 274 19.20 34.52 5.18
N THR P 275 18.73 34.29 3.96
CA THR P 275 19.62 33.79 2.91
C THR P 275 20.73 34.78 2.62
N TRP P 276 20.42 36.06 2.58
CA TRP P 276 21.44 37.05 2.32
C TRP P 276 22.46 37.09 3.45
N GLN P 277 22.00 37.05 4.70
CA GLN P 277 22.93 37.11 5.82
C GLN P 277 23.82 35.89 5.89
N LYS P 278 23.30 34.72 5.53
CA LYS P 278 24.12 33.53 5.51
C LYS P 278 25.01 33.47 4.28
N GLY P 279 24.90 34.42 3.37
CA GLY P 279 25.65 34.37 2.13
C GLY P 279 26.84 35.29 2.07
N ILE P 280 27.11 36.03 3.14
CA ILE P 280 28.23 36.95 3.18
C ILE P 280 29.51 36.23 3.59
N THR P 281 29.48 34.90 3.69
CA THR P 281 30.57 34.18 4.31
C THR P 281 31.87 34.33 3.52
N ASN P 282 31.79 34.71 2.26
CA ASN P 282 32.98 34.90 1.45
C ASN P 282 32.98 36.21 0.70
N HIS P 283 31.85 36.89 0.60
CA HIS P 283 31.72 38.12 -0.15
C HIS P 283 31.69 39.28 0.82
N LEU P 284 32.84 39.64 1.37
CA LEU P 284 32.93 40.73 2.33
C LEU P 284 33.69 41.87 1.66
N VAL P 285 33.22 43.09 1.86
CA VAL P 285 33.83 44.25 1.22
C VAL P 285 34.15 45.27 2.29
N ALA P 286 34.93 46.27 1.89
CA ALA P 286 35.37 47.29 2.82
C ALA P 286 34.26 48.29 3.05
N ILE P 287 33.69 48.31 4.24
CA ILE P 287 32.64 49.27 4.54
C ILE P 287 33.17 50.52 5.22
N ASP P 288 34.43 50.52 5.64
CA ASP P 288 35.02 51.70 6.25
C ASP P 288 36.52 51.53 6.22
N ARG P 289 37.24 52.64 6.08
CA ARG P 289 38.69 52.58 5.94
C ARG P 289 39.31 53.85 6.49
N ALA P 290 40.50 53.68 7.06
CA ALA P 290 41.28 54.78 7.59
C ALA P 290 42.72 54.61 7.15
N GLY P 291 43.42 55.72 6.94
CA GLY P 291 44.76 55.65 6.40
C GLY P 291 45.60 56.84 6.82
N LEU P 292 46.79 56.90 6.23
CA LEU P 292 47.79 57.91 6.55
C LEU P 292 48.31 58.54 5.27
N PRO P 293 48.77 59.78 5.34
CA PRO P 293 49.29 60.44 4.13
C PRO P 293 50.52 59.72 3.60
N LEU P 294 50.75 59.90 2.30
CA LEU P 294 51.83 59.16 1.64
C LEU P 294 53.19 59.53 2.21
N HIS P 295 53.45 60.82 2.43
CA HIS P 295 54.77 61.22 2.90
C HIS P 295 55.11 60.63 4.24
N PHE P 296 54.10 60.16 4.98
CA PHE P 296 54.34 59.59 6.29
C PHE P 296 55.09 58.28 6.21
N PHE P 297 55.07 57.62 5.07
CA PHE P 297 55.75 56.33 4.92
C PHE P 297 57.12 56.44 4.29
N ILE P 298 57.50 57.61 3.82
CA ILE P 298 58.82 57.81 3.21
C ILE P 298 59.75 58.23 4.35
N LYS P 299 60.25 57.25 5.08
CA LYS P 299 61.03 57.47 6.28
C LYS P 299 62.36 56.74 6.14
N PRO P 300 63.41 57.27 6.76
CA PRO P 300 64.73 56.63 6.61
C PRO P 300 64.74 55.18 7.06
N ASP P 301 64.04 54.87 8.14
CA ASP P 301 63.99 53.51 8.66
C ASP P 301 63.16 52.58 7.79
N LYS P 302 62.39 53.12 6.86
CA LYS P 302 61.54 52.32 6.00
C LYS P 302 62.20 51.96 4.68
N LEU P 303 63.23 52.70 4.28
CA LEU P 303 63.95 52.48 3.03
C LEU P 303 65.40 52.18 3.35
N PRO P 304 65.79 50.92 3.53
CA PRO P 304 67.18 50.62 3.86
C PRO P 304 68.17 51.05 2.79
N GLY P 305 67.79 50.98 1.51
CA GLY P 305 68.73 51.26 0.45
C GLY P 305 69.20 52.69 0.42
N LEU P 306 68.35 53.62 0.84
CA LEU P 306 68.83 54.97 0.58
C LEU P 306 69.31 55.64 1.86
N PRO P 307 70.22 56.59 1.74
CA PRO P 307 70.68 57.35 2.93
C PRO P 307 69.60 58.29 3.44
N GLY P 308 69.73 58.64 4.72
CA GLY P 308 68.77 59.48 5.40
C GLY P 308 68.56 60.85 4.79
N PRO P 309 69.64 61.60 4.56
CA PRO P 309 69.48 62.91 3.92
C PRO P 309 68.81 62.82 2.56
N LEU P 310 69.02 61.74 1.82
CA LEU P 310 68.33 61.56 0.56
C LEU P 310 66.85 61.30 0.74
N VAL P 311 66.47 60.44 1.68
CA VAL P 311 65.05 60.15 1.84
C VAL P 311 64.33 61.37 2.39
N LYS P 312 65.03 62.25 3.11
CA LYS P 312 64.39 63.49 3.55
C LYS P 312 63.96 64.33 2.34
N LYS P 313 64.87 64.51 1.39
CA LYS P 313 64.54 65.24 0.17
C LYS P 313 63.48 64.52 -0.65
N LEU P 314 63.55 63.18 -0.68
CA LEU P 314 62.54 62.41 -1.41
C LEU P 314 61.16 62.61 -0.82
N SER P 315 61.06 62.59 0.51
CA SER P 315 59.78 62.85 1.15
C SER P 315 59.31 64.27 0.85
N LYS P 316 60.23 65.23 0.86
CA LYS P 316 59.83 66.61 0.57
C LYS P 316 59.26 66.73 -0.83
N THR P 317 59.92 66.12 -1.82
CA THR P 317 59.42 66.25 -3.17
C THR P 317 58.13 65.49 -3.37
N VAL P 318 57.97 64.33 -2.73
CA VAL P 318 56.71 63.62 -2.85
C VAL P 318 55.58 64.44 -2.24
N GLU P 319 55.82 65.03 -1.08
CA GLU P 319 54.78 65.81 -0.43
C GLU P 319 54.43 67.05 -1.24
N THR P 320 55.43 67.70 -1.84
CA THR P 320 55.12 68.86 -2.66
C THR P 320 54.37 68.44 -3.93
N ALA P 321 54.66 67.26 -4.46
CA ALA P 321 53.88 66.75 -5.58
C ALA P 321 52.43 66.53 -5.16
N VAL P 322 52.22 65.97 -3.97
CA VAL P 322 50.87 65.75 -3.48
C VAL P 322 50.15 67.08 -3.31
N ARG P 323 50.85 68.08 -2.78
CA ARG P 323 50.24 69.39 -2.62
C ARG P 323 49.85 69.98 -3.96
N HIS P 324 50.73 69.84 -4.95
CA HIS P 324 50.42 70.33 -6.29
C HIS P 324 49.21 69.61 -6.87
N TYR P 325 49.15 68.30 -6.68
CA TYR P 325 48.01 67.50 -7.12
C TYR P 325 46.71 67.97 -6.48
N TYR P 326 46.75 68.24 -5.17
CA TYR P 326 45.57 68.76 -4.50
C TYR P 326 45.17 70.12 -5.04
N THR P 327 46.14 71.02 -5.20
CA THR P 327 45.82 72.38 -5.62
C THR P 327 45.24 72.42 -7.02
N PHE P 328 45.77 71.60 -7.93
CA PHE P 328 45.24 71.58 -9.29
C PHE P 328 43.76 71.19 -9.29
N ASN P 329 43.33 70.43 -8.29
CA ASN P 329 41.97 69.94 -8.29
C ASN P 329 41.14 70.58 -7.18
N PHE P 360 33.76 82.45 -17.21
CA PHE P 360 32.62 83.27 -16.84
C PHE P 360 32.01 82.78 -15.54
N THR P 361 31.18 83.61 -14.91
CA THR P 361 30.57 83.28 -13.64
C THR P 361 29.08 83.02 -13.84
N PHE P 362 28.61 81.91 -13.29
CA PHE P 362 27.21 81.48 -13.40
C PHE P 362 26.59 81.60 -12.01
N GLY P 363 25.75 82.61 -11.83
CA GLY P 363 25.19 82.91 -10.53
C GLY P 363 23.91 82.19 -10.16
N GLY P 364 23.44 81.28 -11.00
CA GLY P 364 22.26 80.49 -10.68
C GLY P 364 21.12 80.74 -11.66
N VAL P 365 20.04 80.00 -11.42
CA VAL P 365 18.85 80.05 -12.25
C VAL P 365 17.62 80.14 -11.37
N TYR P 366 16.51 80.54 -11.97
CA TYR P 366 15.22 80.55 -11.28
C TYR P 366 14.12 80.46 -12.33
N GLN P 367 13.08 79.69 -12.02
CA GLN P 367 11.97 79.47 -12.92
C GLN P 367 10.71 80.10 -12.32
N GLU P 368 10.32 81.25 -12.86
CA GLU P 368 9.10 81.91 -12.42
C GLU P 368 7.88 81.17 -12.95
N CYS P 369 6.87 81.04 -12.10
CA CYS P 369 5.64 80.34 -12.45
C CYS P 369 4.47 81.29 -12.22
N THR P 370 3.67 81.50 -13.27
CA THR P 370 2.48 82.34 -13.19
C THR P 370 1.25 81.45 -13.38
N GLU P 371 0.33 81.52 -12.43
CA GLU P 371 -0.91 80.75 -12.52
C GLU P 371 -1.91 81.50 -13.39
N LEU P 372 -2.37 80.85 -14.44
CA LEU P 372 -3.39 81.42 -15.31
C LEU P 372 -4.79 80.90 -14.99
N SER P 373 -4.89 79.74 -14.33
CA SER P 373 -6.18 79.18 -13.96
C SER P 373 -5.95 78.19 -12.82
N GLY P 374 -6.54 78.46 -11.67
CA GLY P 374 -6.32 77.63 -10.50
C GLY P 374 -4.99 77.91 -9.84
N ASP P 375 -4.73 77.14 -8.79
CA ASP P 375 -3.49 77.24 -8.03
C ASP P 375 -2.91 75.87 -7.77
N VAL P 376 -2.82 75.04 -8.80
CA VAL P 376 -2.30 73.69 -8.67
C VAL P 376 -0.96 73.49 -9.36
N LEU P 377 -0.75 74.11 -10.53
CA LEU P 377 0.45 73.83 -11.31
C LEU P 377 1.69 74.47 -10.68
N CYS P 378 1.59 75.70 -10.20
CA CYS P 378 2.75 76.44 -9.74
C CYS P 378 3.23 76.02 -8.36
N GLN P 379 2.74 74.89 -7.84
CA GLN P 379 3.22 74.41 -6.56
C GLN P 379 4.47 73.54 -6.69
N ASN P 380 4.83 73.16 -7.90
CA ASN P 380 6.07 72.44 -8.15
C ASN P 380 6.84 72.94 -9.36
N LEU P 381 6.25 73.80 -10.19
CA LEU P 381 6.94 74.32 -11.37
C LEU P 381 7.74 75.57 -11.08
N GLU P 382 7.67 76.10 -9.86
CA GLU P 382 8.40 77.31 -9.50
C GLU P 382 9.70 76.94 -8.82
N GLN P 383 10.73 77.72 -9.10
CA GLN P 383 12.06 77.45 -8.55
C GLN P 383 12.71 78.76 -8.15
N LYS P 384 12.91 78.97 -6.85
CA LYS P 384 13.63 80.14 -6.39
C LYS P 384 15.11 80.02 -6.74
N ASN P 385 15.78 81.16 -6.85
CA ASN P 385 17.22 81.14 -6.99
C ASN P 385 17.86 80.71 -5.66
N LEU P 386 18.87 79.85 -5.77
CA LEU P 386 19.49 79.30 -4.58
C LEU P 386 20.15 80.39 -3.72
N LEU P 387 20.88 81.31 -4.35
CA LEU P 387 21.65 82.31 -3.63
C LEU P 387 20.78 83.38 -3.01
N THR P 388 19.68 83.75 -3.67
CA THR P 388 18.83 84.84 -3.19
C THR P 388 17.59 84.38 -2.44
N GLY P 389 17.21 83.12 -2.56
CA GLY P 389 15.98 82.66 -1.95
C GLY P 389 14.74 83.24 -2.60
N ASP P 390 14.86 83.77 -3.81
CA ASP P 390 13.74 84.41 -4.49
C ASP P 390 14.00 84.35 -5.99
N PHE P 391 12.93 84.55 -6.76
CA PHE P 391 12.98 84.47 -8.21
C PHE P 391 13.73 85.69 -8.76
N SER P 392 15.04 85.66 -8.60
CA SER P 392 15.88 86.80 -8.92
C SER P 392 17.31 86.31 -9.12
N CYS P 393 18.23 87.26 -9.21
CA CYS P 393 19.65 86.96 -9.34
C CYS P 393 20.45 87.69 -8.27
N PRO P 394 21.61 87.15 -7.90
CA PRO P 394 22.43 87.77 -6.87
C PRO P 394 23.01 89.09 -7.34
N PRO P 395 23.45 89.95 -6.42
CA PRO P 395 24.03 91.24 -6.82
C PRO P 395 25.23 91.04 -7.74
N GLY P 396 25.35 91.91 -8.73
CA GLY P 396 26.37 91.78 -9.74
C GLY P 396 26.01 90.87 -10.89
N TYR P 397 24.84 90.25 -10.86
CA TYR P 397 24.39 89.34 -11.90
C TYR P 397 23.16 89.91 -12.60
N SER P 398 23.13 89.72 -13.91
CA SER P 398 22.03 90.19 -14.73
C SER P 398 21.16 89.01 -15.12
N PRO P 399 19.90 88.95 -14.69
CA PRO P 399 19.03 87.85 -15.12
C PRO P 399 18.91 87.82 -16.64
N VAL P 400 19.01 86.62 -17.20
CA VAL P 400 18.92 86.42 -18.64
C VAL P 400 17.67 85.58 -18.91
N HIS P 401 16.78 86.12 -19.73
CA HIS P 401 15.57 85.37 -20.07
C HIS P 401 15.96 84.14 -20.87
N LEU P 402 15.78 82.97 -20.28
CA LEU P 402 16.09 81.74 -21.01
C LEU P 402 14.91 81.32 -21.87
N LEU P 403 13.77 81.04 -21.25
CA LEU P 403 12.60 80.60 -22.01
C LEU P 403 11.31 80.67 -21.21
N SER P 404 10.22 81.10 -21.85
CA SER P 404 8.91 81.16 -21.22
C SER P 404 7.95 80.30 -22.03
N GLN P 405 7.27 79.38 -21.36
CA GLN P 405 6.33 78.48 -22.03
C GLN P 405 5.16 78.18 -21.11
N THR P 406 4.04 77.80 -21.73
CA THR P 406 2.81 77.51 -21.01
C THR P 406 2.59 76.00 -20.93
N HIS P 407 1.94 75.57 -19.85
CA HIS P 407 1.70 74.17 -19.58
C HIS P 407 0.30 74.00 -19.02
N GLU P 408 -0.43 73.01 -19.50
CA GLU P 408 -1.80 72.76 -19.09
C GLU P 408 -1.93 71.34 -18.54
N GLU P 409 -2.80 71.17 -17.56
CA GLU P 409 -3.01 69.86 -16.94
C GLU P 409 -4.40 69.80 -16.33
N GLY P 410 -5.07 68.68 -16.52
CA GLY P 410 -6.39 68.45 -15.96
C GLY P 410 -6.31 67.76 -14.62
N TYR P 411 -7.17 68.18 -13.70
CA TYR P 411 -7.20 67.63 -12.35
C TYR P 411 -8.62 67.66 -11.82
N SER P 412 -8.97 66.63 -11.06
CA SER P 412 -10.27 66.52 -10.42
C SER P 412 -10.13 66.91 -8.96
N ARG P 413 -10.57 68.12 -8.63
CA ARG P 413 -10.51 68.63 -7.26
C ARG P 413 -11.83 68.35 -6.56
N LEU P 414 -11.76 67.75 -5.39
CA LEU P 414 -12.93 67.45 -4.59
C LEU P 414 -13.07 68.54 -3.53
N GLU P 415 -14.28 69.07 -3.36
CA GLU P 415 -14.53 70.06 -2.33
C GLU P 415 -15.89 69.80 -1.70
N CYS P 416 -15.97 70.03 -0.40
CA CYS P 416 -17.21 69.89 0.35
C CYS P 416 -17.61 71.25 0.93
N LYS P 417 -18.89 71.59 0.76
CA LYS P 417 -19.42 72.89 1.18
C LYS P 417 -20.70 72.66 1.96
N LYS P 418 -20.94 73.51 2.96
CA LYS P 418 -22.15 73.44 3.77
C LYS P 418 -23.13 74.48 3.24
N LYS P 419 -24.11 74.04 2.44
CA LYS P 419 -25.14 74.93 1.93
C LYS P 419 -26.33 74.93 2.86
N CYS P 420 -26.79 76.12 3.23
CA CYS P 420 -27.96 76.29 4.08
C CYS P 420 -29.00 77.10 3.32
N THR P 421 -30.10 76.47 2.96
CA THR P 421 -31.23 77.15 2.34
C THR P 421 -32.26 77.48 3.41
N LEU P 422 -32.78 78.71 3.36
CA LEU P 422 -33.81 79.20 4.27
C LEU P 422 -33.33 79.20 5.72
N LYS P 423 -32.02 79.15 5.93
CA LYS P 423 -31.38 79.14 7.25
C LYS P 423 -31.82 77.97 8.10
N ILE P 424 -32.57 77.02 7.54
CA ILE P 424 -33.00 75.84 8.27
C ILE P 424 -32.61 74.54 7.58
N PHE P 425 -32.51 74.51 6.26
CA PHE P 425 -32.12 73.31 5.54
C PHE P 425 -30.62 73.39 5.27
N CYS P 426 -29.84 72.91 6.23
CA CYS P 426 -28.39 72.88 6.11
C CYS P 426 -27.94 71.47 5.76
N LYS P 427 -27.11 71.39 4.73
CA LYS P 427 -26.60 70.09 4.27
C LYS P 427 -25.19 70.31 3.73
N THR P 428 -24.34 69.32 3.95
CA THR P 428 -23.00 69.31 3.38
C THR P 428 -23.06 68.57 2.05
N VAL P 429 -22.65 69.24 0.99
CA VAL P 429 -22.59 68.66 -0.36
C VAL P 429 -21.14 68.62 -0.80
N CYS P 430 -20.69 67.45 -1.23
CA CYS P 430 -19.35 67.27 -1.74
C CYS P 430 -19.43 67.05 -3.24
N GLU P 431 -18.65 67.80 -3.99
CA GLU P 431 -18.63 67.69 -5.44
C GLU P 431 -17.21 67.78 -5.94
N ASP P 432 -16.95 67.09 -7.04
CA ASP P 432 -15.64 67.08 -7.68
C ASP P 432 -15.72 67.80 -9.02
N VAL P 433 -14.72 68.63 -9.30
CA VAL P 433 -14.69 69.43 -10.51
C VAL P 433 -13.42 69.10 -11.28
N PHE P 434 -13.57 68.79 -12.56
CA PHE P 434 -12.44 68.51 -13.44
C PHE P 434 -12.05 69.82 -14.13
N ARG P 435 -10.97 70.43 -13.67
CA ARG P 435 -10.50 71.70 -14.22
C ARG P 435 -9.18 71.51 -14.93
N VAL P 436 -9.01 72.24 -16.02
CA VAL P 436 -7.76 72.25 -16.78
C VAL P 436 -6.98 73.49 -16.34
N ALA P 437 -6.10 73.30 -15.37
CA ALA P 437 -5.26 74.39 -14.92
C ALA P 437 -4.16 74.67 -15.94
N LYS P 438 -3.93 75.96 -16.20
CA LYS P 438 -2.93 76.40 -17.16
C LYS P 438 -2.01 77.38 -16.45
N ALA P 439 -0.71 77.19 -16.61
CA ALA P 439 0.29 78.05 -15.97
C ALA P 439 1.43 78.31 -16.94
N GLU P 440 1.91 79.54 -16.96
CA GLU P 440 3.06 79.91 -17.77
C GLU P 440 4.29 79.98 -16.87
N PHE P 441 5.30 79.19 -17.18
CA PHE P 441 6.56 79.24 -16.46
C PHE P 441 7.59 79.97 -17.30
N ARG P 442 8.32 80.89 -16.66
CA ARG P 442 9.40 81.63 -17.28
C ARG P 442 10.68 81.30 -16.53
N ALA P 443 11.61 80.63 -17.20
CA ALA P 443 12.89 80.24 -16.63
C ALA P 443 13.97 81.18 -17.13
N TYR P 444 14.82 81.63 -16.21
CA TYR P 444 15.91 82.56 -16.49
C TYR P 444 17.23 81.95 -16.03
N TRP P 445 18.33 82.67 -16.21
CA TRP P 445 19.61 82.26 -15.65
C TRP P 445 20.45 83.49 -15.40
N CYS P 446 21.28 83.43 -14.36
CA CYS P 446 22.04 84.57 -13.90
C CYS P 446 23.46 84.48 -14.47
N VAL P 447 23.80 85.40 -15.35
CA VAL P 447 25.14 85.51 -15.90
C VAL P 447 25.84 86.67 -15.21
N ALA P 448 27.17 86.62 -15.23
CA ALA P 448 27.95 87.70 -14.64
C ALA P 448 27.78 88.97 -15.46
N ALA P 449 27.43 90.06 -14.78
CA ALA P 449 27.26 91.34 -15.47
C ALA P 449 28.59 91.93 -15.91
N GLY P 450 29.60 91.87 -15.05
CA GLY P 450 30.91 92.42 -15.37
C GLY P 450 32.01 91.67 -14.66
N GLN P 451 33.00 92.39 -14.14
CA GLN P 451 34.10 91.77 -13.42
C GLN P 451 33.62 91.46 -12.01
N VAL P 452 32.77 90.46 -11.91
CA VAL P 452 32.19 90.02 -10.65
C VAL P 452 33.30 89.45 -9.77
N PRO P 453 33.18 89.51 -8.45
CA PRO P 453 34.23 88.93 -7.59
C PRO P 453 34.37 87.43 -7.83
N ASP P 454 35.61 86.97 -7.82
CA ASP P 454 35.93 85.56 -8.01
C ASP P 454 36.44 84.98 -6.70
N ASN P 455 36.02 83.76 -6.39
CA ASN P 455 35.15 82.95 -7.23
C ASN P 455 33.73 82.86 -6.67
N SER P 456 33.27 83.97 -6.08
CA SER P 456 31.94 84.00 -5.48
C SER P 456 30.87 83.77 -6.53
N GLY P 457 30.05 82.74 -6.33
CA GLY P 457 29.04 82.36 -7.31
C GLY P 457 28.67 80.90 -7.12
N LEU P 458 28.33 80.25 -8.23
CA LEU P 458 27.99 78.84 -8.25
C LEU P 458 28.69 78.15 -9.41
N LEU P 459 28.80 76.83 -9.31
CA LEU P 459 29.47 76.04 -10.33
C LEU P 459 28.48 75.09 -11.00
N PHE P 460 28.75 74.82 -12.26
CA PHE P 460 27.84 74.08 -13.14
C PHE P 460 28.33 72.64 -13.21
N GLY P 461 27.52 71.72 -12.70
CA GLY P 461 27.82 70.31 -12.71
C GLY P 461 27.12 69.50 -13.76
N GLY P 462 26.61 70.14 -14.81
CA GLY P 462 25.88 69.43 -15.84
C GLY P 462 24.39 69.35 -15.52
N VAL P 463 23.61 69.06 -16.55
CA VAL P 463 22.17 68.95 -16.42
C VAL P 463 21.73 67.62 -17.02
N PHE P 464 20.54 67.19 -16.61
CA PHE P 464 20.01 65.90 -17.04
C PHE P 464 18.50 65.97 -16.98
N THR P 465 17.86 65.15 -17.79
CA THR P 465 16.42 64.96 -17.74
C THR P 465 16.10 63.50 -17.44
N ASP P 466 14.83 63.24 -17.17
CA ASP P 466 14.38 61.88 -16.89
C ASP P 466 14.53 60.95 -18.08
N LYS P 467 14.76 61.49 -19.28
CA LYS P 467 14.97 60.68 -20.46
C LYS P 467 16.38 60.75 -21.00
N THR P 468 17.22 61.64 -20.48
CA THR P 468 18.59 61.81 -20.93
C THR P 468 19.55 61.48 -19.81
N ILE P 469 20.84 61.64 -20.09
CA ILE P 469 21.91 61.32 -19.16
C ILE P 469 22.72 62.57 -18.91
N ASN P 470 23.41 62.60 -17.78
CA ASN P 470 24.36 63.68 -17.52
C ASN P 470 25.75 63.20 -17.88
N PRO P 471 26.29 63.59 -19.04
CA PRO P 471 27.55 62.99 -19.50
C PRO P 471 28.73 63.24 -18.58
N MET P 472 28.70 64.29 -17.75
CA MET P 472 29.82 64.50 -16.84
C MET P 472 29.87 63.40 -15.79
N THR P 473 28.72 62.97 -15.30
CA THR P 473 28.66 61.87 -14.33
C THR P 473 28.10 60.59 -14.93
N ASN P 474 27.66 60.60 -16.19
CA ASN P 474 27.09 59.43 -16.85
C ASN P 474 25.94 58.83 -16.06
N ALA P 475 25.20 59.68 -15.35
CA ALA P 475 24.09 59.22 -14.52
C ALA P 475 23.02 60.29 -14.52
N GLN P 476 21.79 59.86 -14.24
CA GLN P 476 20.66 60.79 -14.14
C GLN P 476 20.54 61.33 -12.72
N SER P 477 21.62 61.92 -12.23
CA SER P 477 21.66 62.46 -10.88
C SER P 477 22.79 63.48 -10.82
N CYS P 478 22.87 64.19 -9.70
CA CYS P 478 23.90 65.19 -9.51
C CYS P 478 25.02 64.64 -8.65
N PRO P 479 26.26 65.09 -8.87
CA PRO P 479 27.39 64.56 -8.08
C PRO P 479 27.28 64.89 -6.60
N ALA P 480 28.20 64.36 -5.80
CA ALA P 480 28.19 64.63 -4.37
C ALA P 480 28.43 66.11 -4.12
N GLY P 481 27.74 66.65 -3.13
CA GLY P 481 27.84 68.07 -2.83
C GLY P 481 27.12 68.96 -3.82
N TYR P 482 26.29 68.39 -4.69
CA TYR P 482 25.55 69.13 -5.69
C TYR P 482 24.07 69.09 -5.34
N ILE P 483 23.36 70.14 -5.74
CA ILE P 483 21.93 70.27 -5.50
C ILE P 483 21.25 70.35 -6.87
N PRO P 484 20.17 69.60 -7.09
CA PRO P 484 19.41 69.74 -8.34
C PRO P 484 18.35 70.83 -8.18
N LEU P 485 18.32 71.75 -9.14
CA LEU P 485 17.30 72.77 -9.20
C LEU P 485 16.43 72.52 -10.44
N ASN P 486 15.12 72.64 -10.25
CA ASN P 486 14.18 72.44 -11.34
C ASN P 486 14.27 73.64 -12.27
N LEU P 487 14.41 73.39 -13.57
CA LEU P 487 14.52 74.48 -14.53
C LEU P 487 13.44 74.41 -15.60
N PHE P 488 13.07 73.22 -16.03
CA PHE P 488 11.92 73.04 -16.90
C PHE P 488 10.95 72.05 -16.29
N GLU P 489 9.99 71.57 -17.07
CA GLU P 489 9.12 70.50 -16.59
C GLU P 489 9.91 69.24 -16.28
N SER P 490 10.99 68.98 -17.02
CA SER P 490 11.77 67.77 -16.86
C SER P 490 13.27 67.98 -16.78
N LEU P 491 13.75 69.22 -16.65
CA LEU P 491 15.17 69.49 -16.63
C LEU P 491 15.62 69.89 -15.22
N LYS P 492 16.70 69.24 -14.77
CA LYS P 492 17.31 69.53 -13.48
C LYS P 492 18.74 69.96 -13.69
N VAL P 493 19.17 70.97 -12.93
CA VAL P 493 20.52 71.50 -13.03
C VAL P 493 21.28 71.16 -11.74
N CYS P 494 22.51 70.72 -11.89
CA CYS P 494 23.35 70.36 -10.75
C CYS P 494 24.25 71.53 -10.39
N VAL P 495 24.00 72.14 -9.24
CA VAL P 495 24.70 73.35 -8.82
C VAL P 495 25.53 73.01 -7.58
N SER P 496 26.75 73.53 -7.54
CA SER P 496 27.67 73.27 -6.45
C SER P 496 27.83 74.49 -5.58
N LEU P 497 27.63 74.31 -4.27
CA LEU P 497 27.88 75.39 -3.33
C LEU P 497 29.34 75.43 -2.88
N ASP P 498 29.90 74.28 -2.51
CA ASP P 498 31.29 74.24 -2.09
C ASP P 498 32.21 74.52 -3.28
N TYR P 499 33.23 75.34 -3.04
CA TYR P 499 34.13 75.74 -4.10
C TYR P 499 35.11 74.64 -4.48
N GLU P 500 35.66 73.95 -3.49
CA GLU P 500 36.59 72.87 -3.77
C GLU P 500 35.89 71.68 -4.41
N LEU P 501 34.75 71.27 -3.86
CA LEU P 501 34.01 70.14 -4.41
C LEU P 501 33.53 70.44 -5.82
N GLY P 502 33.08 71.66 -6.07
CA GLY P 502 32.73 72.04 -7.43
C GLY P 502 33.94 72.01 -8.35
N PHE P 503 35.04 72.61 -7.90
CA PHE P 503 36.22 72.72 -8.75
C PHE P 503 36.77 71.35 -9.12
N LYS P 504 36.56 70.36 -8.25
CA LYS P 504 36.89 68.99 -8.59
C LYS P 504 35.75 68.26 -9.28
N PHE P 505 34.56 68.86 -9.34
CA PHE P 505 33.40 68.21 -9.96
C PHE P 505 32.64 69.11 -10.92
N SER P 506 33.29 70.10 -11.53
CA SER P 506 32.60 70.99 -12.45
C SER P 506 33.34 71.09 -13.77
N VAL P 507 32.70 71.76 -14.71
CA VAL P 507 33.25 72.02 -16.03
C VAL P 507 33.06 73.52 -16.29
N PRO P 508 34.01 74.18 -16.95
CA PRO P 508 33.80 75.60 -17.27
C PRO P 508 32.54 75.80 -18.10
N PHE P 509 31.81 76.86 -17.77
CA PHE P 509 30.51 77.15 -18.34
C PHE P 509 30.57 78.41 -19.19
N GLY P 510 29.81 78.42 -20.27
CA GLY P 510 29.84 79.53 -21.20
C GLY P 510 28.55 80.31 -21.26
N GLY P 511 27.43 79.65 -21.06
CA GLY P 511 26.14 80.32 -21.05
C GLY P 511 25.05 79.44 -21.64
N PHE P 512 23.82 79.89 -21.45
CA PHE P 512 22.65 79.23 -21.99
C PHE P 512 22.05 80.04 -23.13
N PHE P 513 21.27 79.34 -23.95
CA PHE P 513 20.50 80.00 -25.00
C PHE P 513 19.36 79.09 -25.43
N SER P 514 18.35 79.68 -26.07
CA SER P 514 17.16 78.93 -26.47
C SER P 514 16.99 78.97 -27.98
N CYS P 515 15.88 78.41 -28.47
CA CYS P 515 15.60 78.45 -29.91
C CYS P 515 15.12 79.83 -30.33
N ILE P 516 14.72 80.67 -29.38
CA ILE P 516 14.21 82.00 -29.68
C ILE P 516 15.16 83.09 -29.21
N MET P 517 15.92 82.87 -28.14
CA MET P 517 16.87 83.86 -27.66
C MET P 517 18.25 83.21 -27.61
N GLY P 518 19.21 83.82 -28.31
CA GLY P 518 20.55 83.28 -28.39
C GLY P 518 21.41 83.70 -27.21
N ASN P 519 22.66 83.27 -27.26
CA ASN P 519 23.61 83.55 -26.20
C ASN P 519 24.13 84.97 -26.31
N PRO P 520 24.02 85.79 -25.27
CA PRO P 520 24.51 87.18 -25.35
C PRO P 520 26.03 87.29 -25.36
N LEU P 521 26.76 86.23 -25.02
CA LEU P 521 28.21 86.29 -24.91
C LEU P 521 28.89 85.95 -26.23
N VAL P 522 28.16 85.95 -27.34
CA VAL P 522 28.77 85.72 -28.64
C VAL P 522 29.66 86.91 -29.00
N ASN P 523 30.60 86.68 -29.91
CA ASN P 523 31.54 87.71 -30.33
C ASN P 523 31.59 87.83 -31.84
N ALA P 532 24.18 94.80 -27.92
CA ALA P 532 25.02 93.62 -28.08
C ALA P 532 24.26 92.48 -28.71
N PRO P 533 24.76 91.98 -29.84
CA PRO P 533 24.08 90.85 -30.51
C PRO P 533 24.07 89.61 -29.63
N SER P 534 22.99 88.83 -29.73
CA SER P 534 22.83 87.59 -29.00
C SER P 534 22.59 86.47 -30.03
N LEU P 535 23.66 85.81 -30.44
CA LEU P 535 23.57 84.73 -31.41
C LEU P 535 23.52 83.38 -30.69
N LYS P 536 23.08 82.37 -31.42
CA LYS P 536 22.99 81.01 -30.91
C LYS P 536 24.30 80.31 -31.22
N LYS P 537 25.32 80.64 -30.45
CA LYS P 537 26.66 80.09 -30.65
C LYS P 537 27.43 80.15 -29.34
N CYS P 538 28.19 79.12 -29.06
CA CYS P 538 29.01 79.10 -27.86
C CYS P 538 30.28 79.93 -28.08
N PRO P 539 30.56 80.88 -27.20
CA PRO P 539 31.75 81.72 -27.38
C PRO P 539 33.03 80.96 -27.14
N GLY P 540 34.09 81.40 -27.81
CA GLY P 540 35.39 80.80 -27.61
C GLY P 540 35.41 79.33 -28.03
N GLY P 541 36.18 78.55 -27.29
CA GLY P 541 36.31 77.13 -27.59
C GLY P 541 35.26 76.29 -26.91
N PHE P 542 34.28 76.94 -26.28
CA PHE P 542 33.18 76.24 -25.64
C PHE P 542 32.40 75.46 -26.68
N SER P 543 32.11 74.20 -26.38
CA SER P 543 31.34 73.36 -27.28
C SER P 543 29.85 73.52 -27.03
N GLN P 544 29.06 73.12 -28.02
CA GLN P 544 27.61 73.25 -27.97
C GLN P 544 26.98 71.86 -27.92
N HIS P 545 26.29 71.55 -26.83
CA HIS P 545 25.56 70.32 -26.70
C HIS P 545 24.12 70.62 -26.30
N LEU P 546 23.20 69.80 -26.79
CA LEU P 546 21.79 69.95 -26.45
C LEU P 546 21.58 69.74 -24.95
N ALA P 547 20.71 70.56 -24.36
CA ALA P 547 20.30 70.37 -22.98
C ALA P 547 18.91 69.78 -22.87
N VAL P 548 17.93 70.31 -23.61
CA VAL P 548 16.56 69.84 -23.52
C VAL P 548 15.79 70.32 -24.74
N ILE P 549 14.65 69.68 -25.01
CA ILE P 549 13.72 70.11 -26.04
C ILE P 549 12.38 70.34 -25.35
N SER P 550 11.92 71.57 -25.34
CA SER P 550 10.65 71.95 -24.72
C SER P 550 9.70 72.42 -25.82
N ASP P 551 8.73 71.57 -26.14
CA ASP P 551 7.70 71.89 -27.13
C ASP P 551 8.32 72.29 -28.47
N GLY P 552 9.36 71.55 -28.87
CA GLY P 552 10.05 71.82 -30.11
C GLY P 552 11.08 72.92 -30.04
N CYS P 553 11.23 73.58 -28.90
CA CYS P 553 12.25 74.61 -28.73
C CYS P 553 13.50 73.97 -28.13
N GLN P 554 14.64 74.21 -28.76
CA GLN P 554 15.90 73.63 -28.29
C GLN P 554 16.49 74.55 -27.23
N VAL P 555 16.96 73.96 -26.14
CA VAL P 555 17.74 74.66 -25.13
C VAL P 555 19.06 73.92 -25.00
N SER P 556 20.17 74.67 -25.06
CA SER P 556 21.49 74.10 -25.04
C SER P 556 22.36 74.85 -24.04
N TYR P 557 23.55 74.30 -23.79
CA TYR P 557 24.54 74.91 -22.92
C TYR P 557 25.89 74.91 -23.62
N CYS P 558 26.85 75.58 -22.99
CA CYS P 558 28.19 75.74 -23.56
C CYS P 558 29.22 75.30 -22.53
N VAL P 559 30.05 74.33 -22.90
CA VAL P 559 31.16 73.90 -22.07
C VAL P 559 32.38 73.74 -22.97
N LYS P 560 33.56 73.82 -22.34
CA LYS P 560 34.81 73.73 -23.08
C LYS P 560 34.92 72.38 -23.78
N ALA P 561 35.31 72.41 -25.05
CA ALA P 561 35.32 71.21 -25.88
C ALA P 561 36.36 70.19 -25.43
N GLY P 562 37.40 70.62 -24.70
CA GLY P 562 38.46 69.71 -24.33
C GLY P 562 38.06 68.68 -23.29
N ILE P 563 37.10 69.01 -22.43
CA ILE P 563 36.69 68.11 -21.36
C ILE P 563 35.74 67.04 -21.87
N PHE P 564 34.92 67.36 -22.86
CA PHE P 564 34.05 66.35 -23.43
C PHE P 564 34.79 65.51 -24.46
N THR P 565 34.38 64.26 -24.57
CA THR P 565 35.03 63.27 -25.43
C THR P 565 33.96 62.27 -25.88
N GLY P 566 34.41 61.10 -26.33
CA GLY P 566 33.46 60.05 -26.67
C GLY P 566 32.57 59.65 -25.51
N GLY P 567 33.14 59.59 -24.29
CA GLY P 567 32.38 59.40 -23.09
C GLY P 567 32.25 57.96 -22.62
N SER P 568 32.48 56.99 -23.50
CA SER P 568 32.43 55.59 -23.07
C SER P 568 33.59 55.26 -22.15
N LEU P 569 34.75 55.83 -22.42
CA LEU P 569 35.93 55.66 -21.58
C LEU P 569 36.18 56.96 -20.85
N LEU P 570 36.05 56.94 -19.52
CA LEU P 570 36.34 58.10 -18.71
C LEU P 570 37.85 58.22 -18.53
N PRO P 571 38.51 59.15 -19.22
CA PRO P 571 39.97 59.23 -19.11
C PRO P 571 40.38 59.59 -17.68
N VAL P 572 41.50 59.02 -17.24
CA VAL P 572 42.03 59.36 -15.93
C VAL P 572 42.92 60.58 -16.12
N ARG P 573 42.30 61.76 -16.18
CA ARG P 573 43.03 63.01 -16.39
C ARG P 573 43.19 63.68 -15.03
N LEU P 574 44.26 63.30 -14.35
CA LEU P 574 44.64 63.94 -13.10
C LEU P 574 46.14 64.26 -13.26
N PRO P 575 47.13 63.44 -12.88
CA PRO P 575 48.49 63.75 -13.31
C PRO P 575 48.82 63.04 -14.61
N PRO P 576 49.83 63.50 -15.33
CA PRO P 576 50.73 64.63 -15.09
C PRO P 576 50.15 65.96 -15.54
N TYR P 577 50.77 67.04 -15.08
CA TYR P 577 50.40 68.37 -15.50
C TYR P 577 51.39 68.95 -16.50
N THR P 578 52.26 68.10 -17.03
CA THR P 578 53.23 68.48 -18.03
C THR P 578 53.61 67.24 -18.82
N LYS P 579 53.91 67.44 -20.11
CA LYS P 579 54.38 66.36 -20.95
C LYS P 579 55.77 65.94 -20.47
N PRO P 580 56.20 64.72 -20.81
CA PRO P 580 57.50 64.22 -20.34
C PRO P 580 58.61 65.22 -20.62
N PRO P 581 59.21 65.78 -19.58
CA PRO P 581 60.24 66.81 -19.80
C PRO P 581 61.51 66.19 -20.36
N LEU P 582 62.02 66.82 -21.42
CA LEU P 582 63.20 66.29 -22.09
C LEU P 582 64.45 66.47 -21.24
N MET P 583 65.43 65.61 -21.46
CA MET P 583 66.70 65.69 -20.74
C MET P 583 67.41 67.00 -21.04
#